data_9PD8
#
_entry.id   9PD8
#
_cell.length_a   1.00
_cell.length_b   1.00
_cell.length_c   1.00
_cell.angle_alpha   90.00
_cell.angle_beta   90.00
_cell.angle_gamma   90.00
#
_symmetry.space_group_name_H-M   'P 1'
#
loop_
_entity.id
_entity.type
_entity.pdbx_description
1 polymer 'Vesicle-fusing ATPase'
2 polymer 'Synaptosomal-associated protein 25,Synaptosomal-associated protein 25,Synaptosomal-associated protein 25,Alpha-soluble NSF attachment protein'
3 polymer Syntaxin-1A
4 polymer 'Alpha-soluble NSF attachment protein isoform X2'
5 polymer 'unknown sequence'
6 non-polymer "ADENOSINE-5'-DIPHOSPHATE"
7 non-polymer "ADENOSINE-5'-TRIPHOSPHATE"
#
loop_
_entity_poly.entity_id
_entity_poly.type
_entity_poly.pdbx_seq_one_letter_code
_entity_poly.pdbx_strand_id
1 'polypeptide(L)'
;GANMAGRSMQAARCPTDELSLSNCAVVSEKDYQSGQHVIVRTSPNHKYIFTLRTHPSVVPGSVAFSLPQRKWAGLSIGQE
IEVALYSFDKAKQCIGTMTIEIDFLQKKNIDSNPYDTDKMAAEFIQQFNNQAFSVGQQLVFSFNDKLFGLLVKDIEAMDP
SILKGEPASGKRQKIEVGLVVGNSQVAFEKAENSSLNLIGKAKTKENRQSIINPDWNFEKMGIGGLDKEFSDIFRRAFAS
RVFPPEIVEQMGCKHVKGILLYGPPGCGKTLLARQIGKMLNAREPKVVNGPEILNKYVGESEANIRKLFADAEEEQRRLG
ANSGLHIIIFDEIDAICKQRGSMAGSTGVHDTVVNQLLSKIDGVEQLNNILVIGMTNRPDLIDEALLRPGRLEVKMEIGL
PDEKGRLQILHIHTARMRGHQLLSADVDIKELAVETKNFSGAELEGLVRAAQSTAMNRHIKASTKVEVDMEKAESLQVTR
GDFLASLENDIKPAFGTNQEDYASYIMNGIIKWGDPVTRVLDDGELLVQQTKNSDRTPLVSVLLEGPPHSGKTALAAKIA
EESNFPFIKICSPDKMIGFSETAKCQAMKKIFDDAYKSQLSCVVVDDIERLLDYVPIGPRFSNLVLQALLVLLKKAPPQG
RKLLIIGTTSRKDVLQEMEMLNAFSTTIHVPNIATGEQLLEALELLGNFKDKERTTIAQQVKGKKVWIGIKKLLMLIEMS
LQMDPEYRVRKFLALLREEGASPLDFD
;
A,B,C,D,E,F
2 'polypeptide(L)'
;MGSSHHHHHHSQDPNSMAEDADMRNELEEMQRRADQLADESLESTRRMLQLVEESKDAGIRTLVMLDEQGEQLERIEEGM
DQINKDMKEAEKNLTDLGKFAGLAVAPANKLKSSDAYKKAWGNNQDGVVASQPARVVDEREQMAISGGFIRRVTNDAREN
EMDENLEQVSGIIGNLRHMALDMGNEIDTQNRQIDRIMEKADSNKTRIDEANQRATKMLGSGGMDTSGKQAEAMALLAEA
ERKVKNSQSFFSGLFGGSSKIEEACEIYARAANMFKMAKNWSAAGNAFCQAAQLHLQLQSKHDAATCFVDAGNAFKKADP
QEAINCLMRAIEIYTDMGRFTIAAKHHISIAEIYETELVDVEKAIAHYEQSADYYKGEESNSSANKCLLKVAGYAAQLEQ
YQKAIDIYEQVGTSAMDSPLLKYSAKDYFFKAALCHFCIDMLNAKLAVQKYEELFPAFSDSRECKLMKKLLEAHEEQNVD
SYTESVKEYDSISRLDQWLTTMLLRIKKTIQGDEEDLR
;
J,I
3 'polypeptide(L)'
;MKDRTQELRTAKDSDDDDDVTVTVDRDRFMDEFFEQVEEIRGFIDKIAENVEEVKRKHSAILASPNPDEKTKEELEELMS
DIKKTANKVRSKLKSIEQSIEQEEGLNRSSADLRIRKTQHSTLSRKFVEVMSEYNATQSDYRERCKGRIQRQLEITGRTT
TSEELEDMLESGNPAIFASGIIMDSSISKQALSEIETRHSEIIKLENSIRELHDMFMDMAMLVESQGEMIDRIEYNVEHA
VDYVERAVSDTKKAVKYQSKARRKKIM
;
G,H
4 'polypeptide(L)'
;GMDTSGKQAEAMALLAEAERKVKNSQSFFSGLFGGSSKIEEACEIYARAANMFKMAKNWSAAGNAFCQAAQLHLQLQSKH
DAATCFVDAGNAFKKADPQEAINCLMRAIEIYTDMGRFTIAAKHHISIAEIYETELVDVEKAIAHYEQSADYYKGEESNS
SANKCLLKVAGYAAQLEQYQKAIDIYEQVGTSAMDSPLLKYSAKDYFFKAALCHFCIDMLNAKLAVQKYEELFPAFSDSR
ECKLMKKLLEAHEEQNVDSYTESVKEYDSISRLDQWLTTMLLRIKKTIQGDEEDLR
;
K,L,M,N
5 'polypeptide(L)' (UNK)(UNK)(UNK)(UNK)(UNK)(UNK)(UNK)(UNK)(UNK)(UNK)(UNK)(UNK)(UNK) O
#
# COMPACT_ATOMS: atom_id res chain seq x y z
N ASN A 3 38.09 33.24 54.87
CA ASN A 3 38.81 31.97 54.60
C ASN A 3 38.37 30.87 55.57
N MET A 4 38.98 30.82 56.75
CA MET A 4 38.67 29.77 57.71
C MET A 4 37.17 29.74 58.01
N ALA A 5 36.62 30.87 58.47
CA ALA A 5 35.21 30.98 58.78
C ALA A 5 34.37 31.39 57.57
N GLY A 6 35.01 31.63 56.43
CA GLY A 6 34.29 31.97 55.21
C GLY A 6 34.59 33.36 54.71
N ARG A 7 34.38 33.56 53.40
CA ARG A 7 34.58 34.85 52.77
C ARG A 7 33.74 34.88 51.51
N SER A 8 33.02 35.99 51.29
CA SER A 8 32.13 36.09 50.14
C SER A 8 32.95 36.08 48.86
N MET A 9 32.89 34.99 48.11
CA MET A 9 33.64 34.82 46.87
C MET A 9 32.67 34.74 45.70
N GLN A 10 33.23 34.86 44.50
CA GLN A 10 32.46 34.79 43.26
C GLN A 10 32.88 33.57 42.45
N ALA A 11 31.89 32.87 41.91
CA ALA A 11 32.17 31.72 41.04
C ALA A 11 32.80 32.21 39.74
N ALA A 12 33.78 31.45 39.25
CA ALA A 12 34.50 31.81 38.03
C ALA A 12 34.70 30.57 37.17
N ARG A 13 34.93 30.80 35.88
CA ARG A 13 35.20 29.72 34.96
C ARG A 13 36.62 29.21 35.12
N CYS A 14 36.79 27.90 34.94
CA CYS A 14 38.12 27.31 35.03
C CYS A 14 39.01 27.91 33.95
N PRO A 15 40.26 28.29 34.28
CA PRO A 15 41.09 28.97 33.28
C PRO A 15 41.76 28.06 32.26
N THR A 16 42.14 26.85 32.67
CA THR A 16 42.94 25.98 31.82
C THR A 16 42.38 24.57 31.79
N ASP A 17 42.72 23.85 30.71
CA ASP A 17 42.33 22.45 30.60
C ASP A 17 42.97 21.60 31.68
N GLU A 18 44.26 21.85 31.98
CA GLU A 18 44.94 21.07 32.99
C GLU A 18 44.28 21.23 34.35
N LEU A 19 43.90 22.46 34.71
CA LEU A 19 43.13 22.64 35.94
C LEU A 19 41.73 22.06 35.81
N SER A 20 41.18 22.02 34.59
CA SER A 20 39.86 21.43 34.40
C SER A 20 39.87 19.93 34.73
N LEU A 21 40.91 19.22 34.32
CA LEU A 21 40.99 17.80 34.58
C LEU A 21 41.36 17.47 36.03
N SER A 22 41.89 18.44 36.77
CA SER A 22 42.29 18.19 38.15
C SER A 22 41.11 18.06 39.09
N ASN A 23 39.90 18.41 38.66
CA ASN A 23 38.70 18.37 39.50
C ASN A 23 38.88 19.22 40.77
N CYS A 24 39.74 20.22 40.72
CA CYS A 24 40.03 21.07 41.87
C CYS A 24 39.51 22.48 41.62
N ALA A 25 39.12 23.16 42.70
CA ALA A 25 38.69 24.54 42.59
C ALA A 25 39.92 25.42 42.35
N VAL A 26 39.90 26.18 41.26
CA VAL A 26 41.04 27.02 40.89
C VAL A 26 40.88 28.37 41.58
N VAL A 27 41.88 28.75 42.37
CA VAL A 27 41.82 29.96 43.18
C VAL A 27 43.02 30.84 42.94
N SER A 28 42.85 32.14 43.21
CA SER A 28 43.94 33.10 43.06
C SER A 28 44.98 32.90 44.16
N GLU A 29 46.24 33.12 43.80
CA GLU A 29 47.34 32.95 44.76
C GLU A 29 47.31 33.97 45.89
N LYS A 30 46.54 35.05 45.75
CA LYS A 30 46.45 36.07 46.79
C LYS A 30 45.47 35.71 47.89
N ASP A 31 44.62 34.69 47.67
CA ASP A 31 43.54 34.33 48.63
C ASP A 31 43.81 32.98 49.31
N TYR A 32 44.31 31.98 48.58
CA TYR A 32 44.46 30.63 49.11
C TYR A 32 45.78 30.04 48.64
N GLN A 33 46.06 28.82 49.10
CA GLN A 33 47.24 28.07 48.73
C GLN A 33 46.82 26.73 48.13
N SER A 34 47.64 26.22 47.21
CA SER A 34 47.32 24.97 46.52
C SER A 34 47.22 23.83 47.53
N GLY A 35 46.18 23.01 47.39
CA GLY A 35 46.02 21.81 48.17
C GLY A 35 45.01 21.92 49.30
N GLN A 36 44.61 23.12 49.64
CA GLN A 36 43.67 23.32 50.75
C GLN A 36 42.35 22.63 50.43
N HIS A 37 41.44 22.59 51.35
CA HIS A 37 40.06 22.17 51.14
C HIS A 37 39.11 23.30 51.54
N VAL A 38 38.17 23.61 50.66
CA VAL A 38 37.20 24.67 50.90
C VAL A 38 35.80 24.10 50.75
N ILE A 39 34.86 24.71 51.47
CA ILE A 39 33.46 24.37 51.44
C ILE A 39 32.72 25.57 50.86
N VAL A 40 31.98 25.32 49.79
CA VAL A 40 31.23 26.33 49.07
C VAL A 40 29.77 26.15 49.42
N ARG A 41 29.12 27.26 49.79
CA ARG A 41 27.72 27.25 50.20
C ARG A 41 26.97 28.34 49.46
N THR A 42 25.98 27.92 48.66
CA THR A 42 25.01 28.81 48.03
C THR A 42 23.66 28.81 48.74
N SER A 43 23.46 27.93 49.73
CA SER A 43 22.20 27.83 50.46
C SER A 43 22.46 27.14 51.80
N PRO A 44 21.47 26.98 52.68
CA PRO A 44 21.75 26.39 54.00
C PRO A 44 21.73 24.87 54.06
N ASN A 45 21.45 24.18 52.96
CA ASN A 45 21.51 22.73 52.94
C ASN A 45 22.40 22.18 51.84
N HIS A 46 23.06 23.03 51.07
CA HIS A 46 23.91 22.61 49.95
C HIS A 46 25.33 23.10 50.21
N LYS A 47 26.17 22.23 50.73
CA LYS A 47 27.59 22.50 50.93
C LYS A 47 28.38 21.55 50.04
N TYR A 48 29.47 22.05 49.47
CA TYR A 48 30.32 21.21 48.63
C TYR A 48 31.78 21.45 48.97
N ILE A 49 32.56 20.38 49.03
CA ILE A 49 33.97 20.44 49.44
C ILE A 49 34.85 20.19 48.23
N PHE A 50 35.81 21.09 47.99
CA PHE A 50 36.72 20.99 46.87
C PHE A 50 38.15 21.20 47.37
N THR A 51 39.09 20.56 46.69
CA THR A 51 40.51 20.73 46.97
C THR A 51 41.07 21.85 46.11
N LEU A 52 41.64 22.85 46.77
CA LEU A 52 42.08 24.05 46.03
C LEU A 52 43.28 23.78 45.15
N ARG A 53 43.43 24.57 44.12
CA ARG A 53 44.63 24.63 43.28
C ARG A 53 44.82 26.08 42.82
N THR A 54 45.93 26.70 43.21
CA THR A 54 46.14 28.09 42.86
C THR A 54 46.50 28.23 41.38
N HIS A 55 46.24 29.42 40.84
CA HIS A 55 46.56 29.73 39.45
C HIS A 55 46.84 31.22 39.33
N PRO A 56 47.87 31.62 38.55
CA PRO A 56 48.19 33.05 38.47
C PRO A 56 47.10 33.94 37.90
N SER A 57 46.29 33.45 36.97
CA SER A 57 45.31 34.28 36.29
C SER A 57 44.00 34.45 37.05
N VAL A 58 43.82 33.77 38.17
CA VAL A 58 42.57 33.84 38.92
C VAL A 58 42.49 35.17 39.64
N VAL A 59 41.36 35.85 39.49
CA VAL A 59 41.18 37.17 40.12
C VAL A 59 41.03 36.99 41.63
N PRO A 60 41.67 37.82 42.46
CA PRO A 60 41.44 37.72 43.90
C PRO A 60 39.98 37.92 44.26
N GLY A 61 39.54 37.19 45.28
CA GLY A 61 38.15 37.23 45.71
C GLY A 61 37.21 36.38 44.87
N SER A 62 37.71 35.64 43.89
CA SER A 62 36.90 34.80 43.02
C SER A 62 37.52 33.42 42.94
N VAL A 63 36.67 32.41 42.75
CA VAL A 63 37.09 31.02 42.64
C VAL A 63 36.62 30.47 41.30
N ALA A 64 37.51 29.78 40.62
CA ALA A 64 37.22 29.19 39.31
C ALA A 64 36.77 27.75 39.48
N PHE A 65 35.62 27.42 38.92
CA PHE A 65 35.05 26.07 39.00
C PHE A 65 34.81 25.55 37.59
N SER A 66 35.26 24.32 37.33
CA SER A 66 35.12 23.73 36.00
C SER A 66 33.66 23.39 35.73
N LEU A 67 33.38 23.06 34.48
CA LEU A 67 32.01 22.72 34.09
C LEU A 67 31.44 21.58 34.90
N PRO A 68 32.10 20.42 35.04
CA PRO A 68 31.52 19.36 35.89
C PRO A 68 31.30 19.80 37.32
N GLN A 69 32.22 20.61 37.86
CA GLN A 69 32.05 21.14 39.20
C GLN A 69 30.80 22.02 39.30
N ARG A 70 30.57 22.87 38.29
CA ARG A 70 29.39 23.72 38.31
C ARG A 70 28.12 22.89 38.20
N LYS A 71 28.14 21.85 37.36
CA LYS A 71 26.96 20.99 37.24
C LYS A 71 26.64 20.29 38.55
N TRP A 72 27.66 19.77 39.25
CA TRP A 72 27.38 19.06 40.50
C TRP A 72 27.03 20.02 41.63
N ALA A 73 27.75 21.14 41.73
CA ALA A 73 27.59 22.07 42.83
C ALA A 73 26.42 23.03 42.64
N GLY A 74 25.74 22.98 41.51
CA GLY A 74 24.68 23.94 41.24
C GLY A 74 25.17 25.36 41.18
N LEU A 75 26.34 25.58 40.59
CA LEU A 75 26.97 26.89 40.53
C LEU A 75 26.53 27.64 39.28
N SER A 76 26.52 28.96 39.38
CA SER A 76 26.21 29.85 38.26
C SER A 76 27.38 30.80 38.08
N ILE A 77 27.82 30.96 36.83
CA ILE A 77 28.94 31.84 36.56
C ILE A 77 28.54 33.27 36.93
N GLY A 78 29.38 33.92 37.75
CA GLY A 78 29.07 35.22 38.29
C GLY A 78 28.26 35.22 39.57
N GLN A 79 27.80 34.06 40.04
CA GLN A 79 27.04 33.99 41.28
C GLN A 79 27.96 34.12 42.50
N GLU A 80 27.40 34.61 43.59
CA GLU A 80 28.12 34.76 44.84
C GLU A 80 27.94 33.50 45.69
N ILE A 81 29.03 33.06 46.31
CA ILE A 81 29.05 31.90 47.19
C ILE A 81 29.83 32.27 48.44
N GLU A 82 29.64 31.49 49.52
CA GLU A 82 30.50 31.66 50.70
C GLU A 82 31.48 30.50 50.72
N VAL A 83 32.76 30.82 50.84
CA VAL A 83 33.83 29.82 50.75
C VAL A 83 34.55 29.71 52.09
N ALA A 84 34.02 28.90 53.00
CA ALA A 84 34.71 28.61 54.25
C ALA A 84 35.79 27.55 54.02
N LEU A 85 36.83 27.57 54.85
CA LEU A 85 37.78 26.48 54.71
C LEU A 85 37.27 25.25 55.46
N TYR A 86 37.85 24.10 55.15
CA TYR A 86 37.41 22.84 55.74
C TYR A 86 38.63 21.96 55.96
N SER A 87 38.60 21.19 57.05
CA SER A 87 39.71 20.31 57.43
C SER A 87 39.20 18.88 57.56
N PHE A 88 39.92 17.93 56.96
CA PHE A 88 39.56 16.54 57.04
C PHE A 88 40.25 15.89 58.23
N ASP A 89 39.60 14.89 58.82
CA ASP A 89 40.21 14.07 59.89
C ASP A 89 40.78 12.91 59.12
N LYS A 90 42.08 12.69 59.13
CA LYS A 90 42.71 11.57 58.43
C LYS A 90 42.58 10.25 59.18
N ALA A 91 42.21 10.29 60.47
CA ALA A 91 42.00 9.06 61.21
C ALA A 91 40.70 8.36 60.82
N LYS A 92 39.73 9.09 60.26
CA LYS A 92 38.44 8.49 59.93
C LYS A 92 38.04 8.71 58.47
N GLN A 93 38.45 9.83 57.87
CA GLN A 93 38.01 10.18 56.52
C GLN A 93 39.08 9.94 55.45
N CYS A 94 40.09 9.13 55.72
CA CYS A 94 40.99 8.69 54.65
C CYS A 94 40.36 7.49 53.94
N ILE A 95 40.14 7.64 52.63
CA ILE A 95 39.39 6.64 51.88
C ILE A 95 40.21 5.36 51.76
N GLY A 96 39.57 4.23 52.02
CA GLY A 96 40.13 2.93 51.78
C GLY A 96 39.65 2.43 50.45
N THR A 97 38.34 2.56 50.20
CA THR A 97 37.79 2.20 48.91
C THR A 97 36.62 3.11 48.56
N MET A 98 36.59 3.54 47.29
CA MET A 98 35.49 4.33 46.75
C MET A 98 35.00 3.62 45.51
N THR A 99 33.69 3.46 45.38
CA THR A 99 33.09 2.87 44.19
C THR A 99 32.70 3.99 43.24
N ILE A 100 33.23 3.95 42.01
CA ILE A 100 33.01 4.99 41.03
C ILE A 100 32.37 4.38 39.79
N GLU A 101 31.37 5.06 39.25
CA GLU A 101 30.74 4.68 37.99
C GLU A 101 31.40 5.45 36.86
N ILE A 102 31.87 4.73 35.84
CA ILE A 102 32.65 5.29 34.75
C ILE A 102 31.91 5.05 33.44
N ASP A 103 31.85 6.09 32.61
CA ASP A 103 31.25 5.97 31.28
C ASP A 103 31.99 6.89 30.32
N PHE A 104 31.93 6.56 29.04
CA PHE A 104 32.56 7.41 28.04
C PHE A 104 31.96 8.82 28.12
N LEU A 105 32.83 9.82 28.24
CA LEU A 105 32.34 11.20 28.38
C LEU A 105 31.63 11.66 27.11
N GLN A 106 32.15 11.29 25.94
CA GLN A 106 31.61 11.71 24.66
C GLN A 106 31.04 10.50 23.93
N LYS A 107 29.79 10.64 23.47
CA LYS A 107 29.21 9.60 22.62
C LYS A 107 29.98 9.45 21.32
N LYS A 108 30.52 10.56 20.80
CA LYS A 108 31.27 10.50 19.55
C LYS A 108 32.54 9.69 19.68
N ASN A 109 32.99 9.40 20.91
CA ASN A 109 34.22 8.64 21.15
C ASN A 109 33.93 7.32 21.85
N ILE A 110 32.77 6.72 21.60
CA ILE A 110 32.43 5.43 22.19
C ILE A 110 33.15 4.34 21.41
N ASP A 111 33.82 3.44 22.13
CA ASP A 111 34.59 2.37 21.51
C ASP A 111 34.43 1.09 22.30
N SER A 112 34.67 -0.03 21.63
CA SER A 112 34.68 -1.34 22.25
C SER A 112 36.08 -1.77 22.67
N ASN A 113 37.06 -0.88 22.53
CA ASN A 113 38.43 -1.21 22.88
C ASN A 113 38.52 -1.57 24.37
N PRO A 114 39.01 -2.75 24.79
CA PRO A 114 39.01 -3.10 26.22
C PRO A 114 39.67 -2.05 27.12
N TYR A 115 39.04 -1.68 28.25
CA TYR A 115 39.59 -0.72 29.24
C TYR A 115 39.67 -1.41 30.61
N ASP A 116 40.67 -1.10 31.42
CA ASP A 116 40.88 -1.76 32.75
C ASP A 116 40.51 -0.84 33.89
N THR A 117 39.84 -1.33 34.93
CA THR A 117 39.54 -0.60 36.14
C THR A 117 40.80 -0.28 36.94
N ASP A 118 41.72 -1.24 37.06
CA ASP A 118 42.96 -0.97 37.77
C ASP A 118 43.80 0.08 37.04
N LYS A 119 43.82 0.02 35.71
CA LYS A 119 44.50 1.04 34.93
C LYS A 119 43.92 2.41 35.24
N MET A 120 42.60 2.51 35.34
CA MET A 120 41.97 3.77 35.73
C MET A 120 42.38 4.13 37.15
N ALA A 121 42.38 3.15 38.05
CA ALA A 121 42.70 3.35 39.45
C ALA A 121 44.04 4.05 39.64
N ALA A 122 45.09 3.50 39.05
CA ALA A 122 46.43 4.06 39.27
C ALA A 122 46.52 5.51 38.82
N GLU A 123 45.99 5.80 37.62
CA GLU A 123 46.00 7.18 37.13
C GLU A 123 45.13 8.06 38.02
N PHE A 124 44.02 7.51 38.52
CA PHE A 124 43.15 8.27 39.41
C PHE A 124 43.90 8.65 40.68
N ILE A 125 44.62 7.70 41.26
CA ILE A 125 45.35 7.96 42.50
C ILE A 125 46.41 9.02 42.27
N GLN A 126 47.18 8.90 41.18
CA GLN A 126 48.22 9.89 40.93
C GLN A 126 47.62 11.27 40.65
N GLN A 127 46.51 11.32 39.92
CA GLN A 127 45.91 12.60 39.54
C GLN A 127 45.23 13.28 40.73
N PHE A 128 44.50 12.51 41.54
CA PHE A 128 43.62 13.06 42.56
C PHE A 128 44.09 12.78 43.99
N ASN A 129 45.32 12.31 44.18
CA ASN A 129 45.81 12.10 45.54
C ASN A 129 45.79 13.41 46.31
N ASN A 130 45.31 13.34 47.56
CA ASN A 130 45.18 14.52 48.40
C ASN A 130 44.09 15.46 47.89
N GLN A 131 42.97 14.89 47.46
CA GLN A 131 41.84 15.68 46.98
C GLN A 131 40.55 15.16 47.61
N ALA A 132 39.62 16.08 47.85
CA ALA A 132 38.36 15.73 48.50
C ALA A 132 37.37 15.13 47.52
N PHE A 133 36.74 14.04 47.92
CA PHE A 133 35.72 13.37 47.11
C PHE A 133 34.53 13.03 47.98
N SER A 134 33.33 13.32 47.49
CA SER A 134 32.09 13.10 48.22
C SER A 134 31.20 12.15 47.43
N VAL A 135 30.34 11.42 48.16
CA VAL A 135 29.44 10.49 47.51
C VAL A 135 28.49 11.26 46.60
N GLY A 136 28.28 10.75 45.39
CA GLY A 136 27.44 11.40 44.42
C GLY A 136 28.12 12.48 43.61
N GLN A 137 29.44 12.59 43.70
CA GLN A 137 30.17 13.65 43.01
C GLN A 137 30.43 13.24 41.56
N GLN A 138 30.50 14.23 40.69
CA GLN A 138 30.69 14.02 39.26
C GLN A 138 31.92 14.76 38.77
N LEU A 139 32.72 14.09 37.93
CA LEU A 139 33.95 14.71 37.43
C LEU A 139 34.35 14.03 36.13
N VAL A 140 35.35 14.62 35.48
CA VAL A 140 35.90 14.11 34.21
C VAL A 140 37.28 13.54 34.49
N PHE A 141 37.49 12.30 34.08
CA PHE A 141 38.74 11.56 34.27
C PHE A 141 39.41 11.40 32.93
N SER A 142 40.61 11.96 32.79
CA SER A 142 41.39 11.86 31.56
C SER A 142 42.31 10.64 31.67
N PHE A 143 41.99 9.59 30.91
CA PHE A 143 42.75 8.34 30.92
C PHE A 143 43.25 8.07 29.51
N ASN A 144 44.57 8.10 29.34
CA ASN A 144 45.19 7.89 28.03
C ASN A 144 44.53 8.78 26.97
N ASP A 145 44.40 10.06 27.31
CA ASP A 145 43.77 11.04 26.42
C ASP A 145 42.36 10.60 26.02
N LYS A 146 41.64 10.00 26.96
CA LYS A 146 40.24 9.62 26.77
C LYS A 146 39.44 10.17 27.94
N LEU A 147 38.45 11.00 27.64
CA LEU A 147 37.62 11.63 28.65
C LEU A 147 36.50 10.68 29.10
N PHE A 148 36.47 10.36 30.39
CA PHE A 148 35.43 9.50 30.95
C PHE A 148 34.71 10.25 32.06
N GLY A 149 33.38 10.29 31.99
CA GLY A 149 32.61 10.87 33.06
C GLY A 149 32.52 9.86 34.20
N LEU A 150 32.76 10.35 35.43
CA LEU A 150 32.80 9.51 36.61
C LEU A 150 31.88 10.07 37.68
N LEU A 151 31.24 9.15 38.40
CA LEU A 151 30.36 9.48 39.52
C LEU A 151 30.84 8.73 40.76
N VAL A 152 30.94 9.44 41.87
CA VAL A 152 31.37 8.85 43.14
C VAL A 152 30.17 8.12 43.75
N LYS A 153 30.21 6.77 43.72
CA LYS A 153 29.09 5.96 44.19
C LYS A 153 29.16 5.68 45.69
N ASP A 154 30.32 5.29 46.20
CA ASP A 154 30.45 4.94 47.61
C ASP A 154 31.84 5.31 48.11
N ILE A 155 31.94 5.56 49.42
CA ILE A 155 33.19 5.87 50.08
C ILE A 155 33.23 5.13 51.42
N GLU A 156 34.38 4.52 51.72
CA GLU A 156 34.58 3.76 52.94
C GLU A 156 35.90 4.16 53.59
N ALA A 157 35.89 4.35 54.91
CA ALA A 157 37.10 4.77 55.62
C ALA A 157 38.22 3.74 55.43
N MET A 158 39.46 4.24 55.36
CA MET A 158 40.62 3.36 55.24
C MET A 158 40.69 2.41 56.43
N ARG A 172 35.74 -1.98 59.36
CA ARG A 172 35.52 -1.31 58.08
C ARG A 172 34.42 -0.27 58.22
N GLN A 173 34.78 0.90 58.72
CA GLN A 173 33.80 1.95 58.99
C GLN A 173 33.29 2.57 57.69
N LYS A 174 31.97 2.72 57.59
CA LYS A 174 31.35 3.37 56.45
C LYS A 174 31.40 4.89 56.64
N ILE A 175 31.82 5.61 55.61
CA ILE A 175 31.93 7.06 55.65
C ILE A 175 31.23 7.66 54.43
N GLU A 176 30.50 8.75 54.65
CA GLU A 176 29.83 9.43 53.56
C GLU A 176 30.79 10.26 52.72
N VAL A 177 31.88 10.75 53.31
CA VAL A 177 32.88 11.54 52.60
C VAL A 177 34.26 11.19 53.14
N GLY A 178 35.25 11.15 52.26
CA GLY A 178 36.60 10.81 52.63
C GLY A 178 37.62 11.52 51.76
N LEU A 179 38.89 11.26 52.04
CA LEU A 179 40.01 11.83 51.29
C LEU A 179 40.77 10.71 50.58
N VAL A 180 41.02 10.90 49.29
CA VAL A 180 41.72 9.89 48.50
C VAL A 180 43.20 9.89 48.86
N VAL A 181 43.75 8.70 49.13
CA VAL A 181 45.14 8.54 49.52
C VAL A 181 45.82 7.55 48.58
N GLY A 182 47.14 7.42 48.75
CA GLY A 182 47.92 6.59 47.85
C GLY A 182 47.49 5.13 47.87
N ASN A 183 47.20 4.59 49.04
CA ASN A 183 46.83 3.19 49.19
C ASN A 183 45.34 2.94 49.01
N SER A 184 44.58 3.96 48.63
CA SER A 184 43.15 3.79 48.40
C SER A 184 42.91 2.72 47.34
N GLN A 185 41.92 1.87 47.59
CA GLN A 185 41.54 0.80 46.69
C GLN A 185 40.30 1.23 45.91
N VAL A 186 40.22 0.85 44.65
CA VAL A 186 39.12 1.26 43.78
C VAL A 186 38.42 0.02 43.24
N ALA A 187 37.11 -0.03 43.42
CA ALA A 187 36.26 -1.08 42.85
C ALA A 187 35.21 -0.45 41.95
N PHE A 188 35.20 -0.84 40.68
CA PHE A 188 34.28 -0.30 39.70
C PHE A 188 33.16 -1.28 39.41
N GLU A 189 32.01 -0.75 39.00
CA GLU A 189 30.86 -1.55 38.60
C GLU A 189 30.16 -0.84 37.45
N LYS A 190 29.76 -1.63 36.44
CA LYS A 190 29.09 -1.04 35.29
C LYS A 190 27.68 -0.58 35.64
N ALA A 191 27.21 0.42 34.91
CA ALA A 191 25.85 0.89 35.10
C ALA A 191 24.86 -0.09 34.49
N GLU A 192 23.63 -0.04 34.96
CA GLU A 192 22.59 -0.89 34.42
C GLU A 192 22.31 -0.49 32.97
N ASN A 193 22.15 -1.50 32.11
CA ASN A 193 21.99 -1.33 30.67
C ASN A 193 23.25 -0.79 30.00
N SER A 194 24.40 -0.88 30.68
CA SER A 194 25.65 -0.40 30.11
C SER A 194 26.29 -1.49 29.26
N SER A 195 26.87 -1.07 28.13
CA SER A 195 27.57 -1.97 27.23
C SER A 195 29.09 -2.00 27.46
N LEU A 196 29.58 -1.27 28.46
CA LEU A 196 31.01 -1.21 28.71
C LEU A 196 31.56 -2.57 29.11
N ASN A 197 32.78 -2.87 28.66
CA ASN A 197 33.50 -4.07 29.04
C ASN A 197 34.68 -3.70 29.93
N LEU A 198 34.58 -4.02 31.22
CA LEU A 198 35.61 -3.65 32.19
C LEU A 198 36.35 -4.91 32.64
N ILE A 199 37.66 -4.84 32.66
CA ILE A 199 38.53 -5.92 33.11
C ILE A 199 39.22 -5.47 34.37
N GLY A 200 39.63 -6.42 35.21
CA GLY A 200 40.37 -6.07 36.39
C GLY A 200 39.72 -6.58 37.67
N LYS A 201 40.46 -7.32 38.47
CA LYS A 201 39.98 -7.75 39.78
C LYS A 201 39.38 -6.61 40.59
N ALA A 202 39.59 -5.36 40.15
CA ALA A 202 39.00 -4.19 40.79
C ALA A 202 37.62 -3.88 40.19
N LYS A 203 36.71 -4.82 40.36
CA LYS A 203 35.35 -4.71 39.82
C LYS A 203 34.32 -4.93 40.91
N THR A 204 33.05 -5.07 40.53
CA THR A 204 31.98 -5.34 41.48
C THR A 204 31.93 -4.27 42.57
N SER A 210 23.60 -20.13 36.35
CA SER A 210 22.79 -20.99 37.19
C SER A 210 21.47 -20.32 37.56
N ILE A 211 20.37 -20.86 37.06
CA ILE A 211 19.04 -20.31 37.32
C ILE A 211 18.11 -21.43 37.77
N ILE A 212 18.68 -22.60 38.08
CA ILE A 212 17.90 -23.76 38.44
C ILE A 212 18.79 -24.67 39.28
N ASN A 213 18.17 -25.55 40.08
CA ASN A 213 18.94 -26.40 40.97
C ASN A 213 19.81 -27.37 40.18
N PRO A 214 20.96 -27.76 40.72
CA PRO A 214 21.94 -28.50 39.92
C PRO A 214 21.42 -29.80 39.34
N ASP A 215 20.52 -30.49 40.02
CA ASP A 215 19.95 -31.74 39.52
C ASP A 215 18.58 -31.55 38.90
N TRP A 216 18.07 -30.32 38.87
CA TRP A 216 16.78 -30.01 38.26
C TRP A 216 15.65 -30.78 38.93
N ASN A 217 14.42 -30.55 38.47
CA ASN A 217 13.24 -31.20 39.04
C ASN A 217 12.17 -31.23 37.97
N PHE A 218 11.65 -32.42 37.68
CA PHE A 218 10.59 -32.60 36.68
C PHE A 218 9.64 -33.66 37.22
N GLU A 219 8.61 -33.19 37.93
CA GLU A 219 7.65 -34.06 38.59
C GLU A 219 6.44 -33.25 39.00
N LYS A 220 5.24 -33.76 38.71
CA LYS A 220 4.00 -33.07 39.08
C LYS A 220 3.99 -31.64 38.55
N MET A 221 4.66 -31.40 37.43
CA MET A 221 4.64 -30.13 36.73
C MET A 221 4.26 -30.33 35.28
N GLY A 222 3.20 -31.10 35.06
CA GLY A 222 2.81 -31.46 33.71
C GLY A 222 3.45 -32.77 33.26
N ILE A 223 4.57 -32.66 32.55
CA ILE A 223 5.28 -33.82 32.04
C ILE A 223 5.56 -34.81 33.16
N GLY A 224 5.14 -36.06 32.98
CA GLY A 224 5.43 -37.11 33.93
C GLY A 224 6.11 -38.32 33.30
N GLY A 225 5.88 -38.53 32.01
CA GLY A 225 6.41 -39.70 31.33
C GLY A 225 7.89 -39.64 31.03
N LEU A 226 8.38 -38.45 30.71
CA LEU A 226 9.77 -38.24 30.33
C LEU A 226 10.52 -37.65 31.53
N ASP A 227 11.51 -38.38 32.03
CA ASP A 227 12.34 -37.90 33.13
C ASP A 227 13.83 -37.92 32.82
N LYS A 228 14.33 -38.98 32.20
CA LYS A 228 15.76 -39.06 31.89
C LYS A 228 16.11 -38.19 30.69
N GLU A 229 15.13 -37.89 29.83
CA GLU A 229 15.39 -37.08 28.66
C GLU A 229 15.87 -35.68 29.05
N PHE A 230 15.27 -35.11 30.10
CA PHE A 230 15.72 -33.80 30.56
C PHE A 230 17.19 -33.84 30.96
N SER A 231 17.58 -34.85 31.73
CA SER A 231 18.97 -34.96 32.16
C SER A 231 19.89 -35.10 30.97
N ASP A 232 19.55 -35.98 30.03
CA ASP A 232 20.41 -36.20 28.88
C ASP A 232 20.58 -34.92 28.08
N ILE A 233 19.47 -34.23 27.80
CA ILE A 233 19.53 -33.04 26.96
C ILE A 233 20.30 -31.93 27.66
N PHE A 234 20.08 -31.75 28.97
CA PHE A 234 20.82 -30.73 29.70
C PHE A 234 22.31 -31.02 29.68
N ARG A 235 22.68 -32.28 29.89
CA ARG A 235 24.09 -32.63 29.84
C ARG A 235 24.69 -32.34 28.47
N ARG A 236 23.96 -32.69 27.41
CA ARG A 236 24.53 -32.56 26.07
C ARG A 236 24.63 -31.10 25.62
N ALA A 237 23.57 -30.33 25.84
CA ALA A 237 23.44 -29.03 25.19
C ALA A 237 23.50 -27.84 26.15
N PHE A 238 22.72 -27.86 27.23
CA PHE A 238 22.51 -26.69 28.06
C PHE A 238 23.43 -26.64 29.28
N ALA A 239 24.65 -27.17 29.13
CA ALA A 239 25.63 -27.07 30.22
C ALA A 239 26.21 -25.67 30.31
N SER A 240 26.31 -24.96 29.18
CA SER A 240 27.00 -23.66 29.19
C SER A 240 26.23 -22.61 29.98
N ARG A 241 24.92 -22.74 30.09
CA ARG A 241 24.09 -21.72 30.71
C ARG A 241 23.81 -21.98 32.19
N VAL A 242 24.38 -23.04 32.77
CA VAL A 242 24.23 -23.28 34.19
C VAL A 242 25.53 -22.99 34.96
N PHE A 243 26.68 -23.07 34.31
CA PHE A 243 27.96 -22.79 34.94
C PHE A 243 28.14 -21.27 35.08
N PRO A 244 28.81 -20.80 36.14
CA PRO A 244 28.81 -19.35 36.43
C PRO A 244 29.36 -18.55 35.26
N PRO A 245 28.75 -17.39 34.96
CA PRO A 245 29.13 -16.66 33.73
C PRO A 245 30.57 -16.20 33.66
N GLU A 246 31.19 -15.84 34.79
CA GLU A 246 32.50 -15.18 34.73
C GLU A 246 33.54 -16.08 34.07
N ILE A 247 33.67 -17.31 34.57
CA ILE A 247 34.67 -18.22 34.02
C ILE A 247 34.32 -18.59 32.59
N VAL A 248 33.05 -18.49 32.20
CA VAL A 248 32.68 -18.73 30.81
C VAL A 248 33.17 -17.58 29.93
N GLU A 249 32.97 -16.34 30.39
CA GLU A 249 33.47 -15.19 29.63
C GLU A 249 34.97 -15.28 29.46
N GLN A 250 35.68 -15.66 30.52
CA GLN A 250 37.10 -15.99 30.35
C GLN A 250 37.27 -17.13 29.36
N MET A 251 36.33 -18.07 29.36
CA MET A 251 36.37 -19.24 28.49
C MET A 251 36.21 -18.85 27.02
N GLY A 252 35.33 -17.89 26.73
CA GLY A 252 35.11 -17.46 25.36
C GLY A 252 34.52 -18.52 24.47
N CYS A 253 33.29 -18.95 24.76
CA CYS A 253 32.60 -19.98 24.00
C CYS A 253 31.18 -19.56 23.69
N LYS A 254 30.64 -20.11 22.60
CA LYS A 254 29.30 -19.77 22.13
C LYS A 254 28.33 -20.88 22.47
N HIS A 255 27.10 -20.50 22.80
CA HIS A 255 26.06 -21.46 23.15
C HIS A 255 25.55 -22.17 21.91
N VAL A 256 24.90 -23.31 22.13
CA VAL A 256 24.25 -24.04 21.04
C VAL A 256 23.07 -23.21 20.54
N LYS A 257 22.90 -23.17 19.22
CA LYS A 257 21.89 -22.34 18.58
C LYS A 257 20.69 -23.14 18.09
N GLY A 258 20.27 -24.16 18.83
CA GLY A 258 19.02 -24.84 18.55
C GLY A 258 19.11 -26.33 18.80
N ILE A 259 17.93 -26.94 18.96
CA ILE A 259 17.82 -28.38 19.19
C ILE A 259 16.71 -28.91 18.28
N LEU A 260 16.81 -30.18 17.91
CA LEU A 260 15.85 -30.82 17.02
C LEU A 260 15.25 -32.04 17.69
N LEU A 261 13.92 -32.21 17.53
CA LEU A 261 13.20 -33.34 18.08
C LEU A 261 12.34 -33.99 17.01
N TYR A 262 12.09 -35.28 17.19
CA TYR A 262 11.28 -36.05 16.26
C TYR A 262 10.72 -37.26 17.01
N GLY A 263 9.80 -37.96 16.35
CA GLY A 263 9.23 -39.16 16.88
C GLY A 263 7.78 -39.30 16.48
N PRO A 264 7.09 -40.31 17.02
CA PRO A 264 5.70 -40.53 16.63
C PRO A 264 4.85 -39.35 17.04
N PRO A 265 3.83 -39.02 16.25
CA PRO A 265 3.02 -37.84 16.57
C PRO A 265 2.27 -38.02 17.88
N GLY A 266 1.72 -36.91 18.37
CA GLY A 266 0.90 -36.95 19.57
C GLY A 266 1.53 -37.68 20.72
N CYS A 267 2.84 -37.56 20.88
CA CYS A 267 3.56 -38.10 22.02
C CYS A 267 3.91 -37.03 23.05
N GLY A 268 3.49 -35.79 22.82
CA GLY A 268 3.70 -34.71 23.77
C GLY A 268 4.96 -33.92 23.49
N LYS A 269 5.28 -33.75 22.21
CA LYS A 269 6.49 -33.02 21.82
C LYS A 269 6.31 -31.50 21.95
N THR A 270 5.18 -31.07 22.50
CA THR A 270 4.89 -29.66 22.76
C THR A 270 5.11 -29.30 24.22
N LEU A 271 4.52 -30.07 25.12
CA LEU A 271 4.69 -29.84 26.55
C LEU A 271 6.17 -29.70 26.92
N LEU A 272 7.01 -30.55 26.36
CA LEU A 272 8.44 -30.49 26.65
C LEU A 272 9.02 -29.14 26.26
N ALA A 273 8.68 -28.64 25.07
CA ALA A 273 9.20 -27.36 24.62
C ALA A 273 8.77 -26.24 25.56
N ARG A 274 7.49 -26.23 25.96
CA ARG A 274 7.01 -25.17 26.84
C ARG A 274 7.69 -25.24 28.20
N GLN A 275 7.86 -26.45 28.75
CA GLN A 275 8.53 -26.57 30.03
C GLN A 275 9.98 -26.09 29.95
N ILE A 276 10.67 -26.46 28.87
CA ILE A 276 12.05 -26.02 28.69
C ILE A 276 12.10 -24.49 28.60
N GLY A 277 11.18 -23.90 27.84
CA GLY A 277 11.15 -22.46 27.75
C GLY A 277 10.92 -21.79 29.10
N LYS A 278 9.94 -22.30 29.85
CA LYS A 278 9.65 -21.72 31.16
C LYS A 278 10.86 -21.79 32.08
N MET A 279 11.44 -22.98 32.23
CA MET A 279 12.50 -23.16 33.22
C MET A 279 13.71 -22.29 32.92
N LEU A 280 14.02 -22.07 31.64
CA LEU A 280 15.16 -21.23 31.28
C LEU A 280 14.89 -19.75 31.48
N ASN A 281 13.73 -19.38 32.03
CA ASN A 281 13.40 -17.98 32.28
C ASN A 281 13.48 -17.16 31.01
N ALA A 282 13.09 -17.76 29.89
CA ALA A 282 13.06 -17.07 28.61
C ALA A 282 11.71 -16.38 28.42
N ARG A 283 11.62 -15.61 27.34
CA ARG A 283 10.40 -14.87 27.07
C ARG A 283 9.32 -15.82 26.56
N GLU A 284 8.18 -15.26 26.20
CA GLU A 284 7.07 -16.08 25.73
C GLU A 284 7.42 -16.67 24.36
N PRO A 285 7.32 -17.99 24.18
CA PRO A 285 7.69 -18.57 22.88
C PRO A 285 6.77 -18.10 21.76
N LYS A 286 7.35 -17.93 20.58
CA LYS A 286 6.60 -17.48 19.40
C LYS A 286 6.31 -18.70 18.54
N VAL A 287 5.14 -19.30 18.76
CA VAL A 287 4.79 -20.51 18.03
C VAL A 287 4.50 -20.17 16.57
N VAL A 288 4.59 -21.20 15.73
CA VAL A 288 4.31 -21.06 14.31
C VAL A 288 4.04 -22.45 13.75
N ASN A 289 3.33 -22.52 12.64
CA ASN A 289 2.93 -23.78 12.02
C ASN A 289 3.53 -23.87 10.62
N GLY A 290 4.01 -25.06 10.27
CA GLY A 290 4.72 -25.26 9.03
C GLY A 290 3.88 -24.93 7.82
N PRO A 291 2.82 -25.71 7.58
CA PRO A 291 1.97 -25.45 6.41
C PRO A 291 1.41 -24.04 6.37
N GLU A 292 1.43 -23.31 7.48
CA GLU A 292 0.99 -21.92 7.46
C GLU A 292 1.86 -21.06 6.57
N ILE A 293 3.09 -21.51 6.23
CA ILE A 293 4.06 -20.67 5.47
C ILE A 293 4.09 -20.96 3.97
N LEU A 294 3.70 -22.14 3.50
CA LEU A 294 3.61 -22.37 2.03
C LEU A 294 2.81 -21.20 1.49
N ASN A 295 3.32 -20.46 0.50
CA ASN A 295 2.66 -19.20 0.04
C ASN A 295 2.11 -19.32 -1.37
N LYS A 296 1.88 -18.20 -2.05
CA LYS A 296 1.28 -18.18 -3.40
C LYS A 296 2.07 -17.28 -4.34
N TYR A 297 1.85 -15.96 -4.29
CA TYR A 297 2.46 -15.01 -5.25
C TYR A 297 3.98 -15.01 -5.06
N VAL A 298 4.74 -14.52 -6.04
CA VAL A 298 6.23 -14.54 -6.01
C VAL A 298 6.78 -13.77 -4.80
N GLY A 299 7.90 -14.21 -4.24
CA GLY A 299 8.56 -13.51 -3.12
C GLY A 299 7.59 -13.12 -2.03
N GLU A 300 6.72 -14.04 -1.60
CA GLU A 300 5.75 -13.78 -0.51
C GLU A 300 6.15 -14.56 0.74
N SER A 301 6.57 -15.82 0.59
CA SER A 301 6.94 -16.69 1.74
C SER A 301 8.14 -16.12 2.49
N GLU A 302 9.17 -15.66 1.82
CA GLU A 302 10.36 -15.10 2.45
C GLU A 302 9.96 -14.06 3.48
N ALA A 303 8.98 -13.22 3.16
CA ALA A 303 8.52 -12.22 4.11
C ALA A 303 8.12 -12.89 5.42
N ASN A 304 7.37 -13.99 5.31
CA ASN A 304 6.96 -14.73 6.51
C ASN A 304 8.18 -15.16 7.29
N ILE A 305 9.15 -15.79 6.62
CA ILE A 305 10.32 -16.30 7.33
C ILE A 305 11.04 -15.16 8.02
N ARG A 306 11.09 -13.99 7.38
CA ARG A 306 11.88 -12.88 7.90
C ARG A 306 11.20 -12.16 9.06
N LYS A 307 9.86 -12.10 9.07
CA LYS A 307 9.18 -11.31 10.09
C LYS A 307 9.48 -11.80 11.51
N LEU A 308 9.87 -13.06 11.68
CA LEU A 308 9.96 -13.63 13.02
C LEU A 308 11.10 -13.02 13.84
N PHE A 309 12.22 -12.67 13.21
CA PHE A 309 13.43 -12.32 13.93
C PHE A 309 13.54 -10.84 14.27
N ALA A 310 12.51 -10.04 13.97
CA ALA A 310 12.62 -8.60 14.17
C ALA A 310 12.85 -8.26 15.65
N ASP A 311 12.12 -8.90 16.55
CA ASP A 311 12.24 -8.58 17.97
C ASP A 311 13.64 -8.93 18.48
N ALA A 312 14.17 -10.09 18.08
CA ALA A 312 15.51 -10.46 18.51
C ALA A 312 16.55 -9.47 17.97
N GLU A 313 16.41 -9.08 16.70
CA GLU A 313 17.32 -8.08 16.15
C GLU A 313 17.26 -6.78 16.93
N GLU A 314 16.05 -6.33 17.25
CA GLU A 314 15.89 -5.07 17.98
C GLU A 314 16.51 -5.16 19.37
N GLU A 315 16.27 -6.27 20.07
CA GLU A 315 16.80 -6.40 21.42
C GLU A 315 18.32 -6.46 21.40
N GLN A 316 18.91 -7.18 20.44
CA GLN A 316 20.36 -7.18 20.33
C GLN A 316 20.86 -5.77 20.05
N ARG A 317 20.31 -5.12 19.02
CA ARG A 317 20.77 -3.79 18.66
C ARG A 317 20.75 -2.85 19.85
N ARG A 318 19.73 -2.96 20.69
CA ARG A 318 19.61 -2.04 21.83
C ARG A 318 20.53 -2.43 22.98
N LEU A 319 20.33 -3.62 23.54
CA LEU A 319 21.03 -4.01 24.77
C LEU A 319 22.46 -4.50 24.54
N GLY A 320 22.93 -4.61 23.31
CA GLY A 320 24.29 -5.07 23.08
C GLY A 320 24.47 -6.51 23.48
N ALA A 321 25.41 -6.78 24.39
CA ALA A 321 25.72 -8.13 24.83
C ALA A 321 25.05 -8.49 26.15
N ASN A 322 23.89 -7.89 26.44
CA ASN A 322 23.17 -8.17 27.67
C ASN A 322 21.70 -8.52 27.42
N SER A 323 21.31 -8.80 26.18
CA SER A 323 19.91 -9.11 25.90
C SER A 323 19.55 -10.49 26.43
N GLY A 324 18.25 -10.69 26.66
CA GLY A 324 17.75 -11.97 27.13
C GLY A 324 17.79 -13.04 26.06
N LEU A 325 16.95 -14.06 26.22
CA LEU A 325 16.90 -15.18 25.28
C LEU A 325 15.52 -15.24 24.63
N HIS A 326 15.51 -15.32 23.30
CA HIS A 326 14.29 -15.47 22.53
C HIS A 326 14.26 -16.87 21.94
N ILE A 327 13.15 -17.58 22.13
CA ILE A 327 12.99 -18.95 21.65
C ILE A 327 11.86 -18.97 20.62
N ILE A 328 12.12 -19.56 19.47
CA ILE A 328 11.15 -19.71 18.40
C ILE A 328 11.01 -21.20 18.10
N ILE A 329 9.80 -21.72 18.23
CA ILE A 329 9.51 -23.13 17.96
C ILE A 329 8.84 -23.25 16.62
N PHE A 330 9.41 -24.08 15.74
CA PHE A 330 8.80 -24.41 14.46
C PHE A 330 7.89 -25.63 14.67
N ASP A 331 7.47 -26.24 13.57
CA ASP A 331 6.82 -27.54 13.63
C ASP A 331 6.79 -28.13 12.23
N GLU A 332 6.92 -29.46 12.15
CA GLU A 332 7.02 -30.16 10.87
C GLU A 332 7.86 -29.37 9.88
N ILE A 333 9.06 -28.99 10.34
CA ILE A 333 9.99 -28.19 9.55
C ILE A 333 10.20 -28.82 8.17
N ASP A 334 9.90 -30.13 8.05
CA ASP A 334 10.02 -30.86 6.77
C ASP A 334 9.20 -30.13 5.68
N ALA A 335 8.16 -29.39 6.08
CA ALA A 335 7.30 -28.64 5.14
C ALA A 335 8.13 -27.59 4.40
N ILE A 336 9.10 -26.99 5.07
CA ILE A 336 10.01 -26.00 4.42
C ILE A 336 11.22 -26.77 3.89
N CYS A 337 10.99 -27.89 3.17
CA CYS A 337 12.07 -28.69 2.56
C CYS A 337 11.73 -28.96 1.09
N LYS A 338 12.72 -29.18 0.24
CA LYS A 338 12.52 -29.42 -1.21
C LYS A 338 13.21 -30.72 -1.58
N GLN A 339 13.88 -31.37 -0.62
CA GLN A 339 14.58 -32.66 -0.83
C GLN A 339 13.62 -33.81 -0.53
N ARG A 340 12.32 -33.63 -0.75
CA ARG A 340 11.30 -34.66 -0.46
C ARG A 340 10.55 -35.03 -1.75
N GLY A 341 11.09 -34.67 -2.92
CA GLY A 341 10.46 -34.93 -4.22
C GLY A 341 11.04 -36.16 -4.90
N SER A 342 11.95 -36.89 -4.22
CA SER A 342 12.61 -38.10 -4.79
C SER A 342 11.55 -39.14 -5.16
N MET A 343 10.53 -39.34 -4.30
CA MET A 343 9.45 -40.33 -4.54
C MET A 343 8.21 -39.61 -5.08
N ALA A 344 8.35 -38.84 -6.16
CA ALA A 344 7.23 -38.09 -6.79
C ALA A 344 6.57 -37.17 -5.75
N GLY A 345 7.34 -36.65 -4.79
CA GLY A 345 6.82 -35.73 -3.75
C GLY A 345 6.47 -34.38 -4.34
N SER A 346 7.26 -33.83 -5.25
CA SER A 346 7.04 -32.45 -5.78
C SER A 346 6.50 -31.55 -4.67
N THR A 347 7.06 -31.66 -3.51
CA THR A 347 6.69 -30.79 -2.40
C THR A 347 7.79 -29.79 -2.08
N GLY A 348 8.66 -29.53 -3.06
CA GLY A 348 9.69 -28.53 -2.90
C GLY A 348 9.47 -27.34 -3.80
N VAL A 349 9.11 -26.22 -3.18
CA VAL A 349 9.04 -24.95 -3.87
C VAL A 349 10.50 -24.50 -4.06
N HIS A 350 10.70 -23.50 -4.92
CA HIS A 350 12.04 -22.92 -5.11
C HIS A 350 12.83 -22.92 -3.81
N ASP A 351 14.09 -23.37 -3.88
CA ASP A 351 14.93 -23.42 -2.67
C ASP A 351 15.17 -22.05 -2.08
N THR A 352 14.88 -21.00 -2.84
CA THR A 352 15.02 -19.64 -2.33
C THR A 352 14.46 -19.52 -0.91
N VAL A 353 13.19 -19.93 -0.73
CA VAL A 353 12.55 -19.73 0.56
C VAL A 353 13.32 -20.42 1.67
N VAL A 354 13.82 -21.62 1.38
CA VAL A 354 14.55 -22.42 2.37
C VAL A 354 15.95 -21.87 2.57
N ASN A 355 16.48 -21.15 1.58
CA ASN A 355 17.77 -20.53 1.77
C ASN A 355 17.66 -19.41 2.78
N GLN A 356 16.65 -18.56 2.60
CA GLN A 356 16.44 -17.41 3.49
C GLN A 356 16.42 -17.80 4.96
N LEU A 357 15.55 -18.74 5.35
CA LEU A 357 15.46 -19.14 6.75
C LEU A 357 16.82 -19.62 7.27
N LEU A 358 17.55 -20.37 6.44
CA LEU A 358 18.85 -20.86 6.86
C LEU A 358 19.78 -19.71 7.15
N SER A 359 19.75 -18.69 6.29
CA SER A 359 20.64 -17.54 6.43
C SER A 359 20.12 -16.56 7.47
N LYS A 360 19.08 -16.94 8.21
CA LYS A 360 18.67 -16.26 9.43
C LYS A 360 19.22 -16.93 10.68
N ILE A 361 19.76 -18.16 10.57
CA ILE A 361 20.49 -18.77 11.68
C ILE A 361 22.00 -18.64 11.50
N ASP A 362 22.45 -17.95 10.47
CA ASP A 362 23.86 -17.64 10.29
C ASP A 362 23.95 -16.66 9.14
N GLY A 363 25.14 -16.11 8.96
CA GLY A 363 25.41 -15.21 7.88
C GLY A 363 26.37 -14.14 8.35
N VAL A 364 26.48 -13.10 7.53
CA VAL A 364 27.34 -11.98 7.90
C VAL A 364 26.89 -11.39 9.24
N GLU A 365 25.58 -11.29 9.46
CA GLU A 365 25.09 -10.94 10.78
C GLU A 365 25.33 -12.10 11.73
N GLN A 366 25.51 -11.76 13.12
CA GLN A 366 25.84 -12.76 14.16
C GLN A 366 24.91 -12.60 15.36
N LEU A 367 23.64 -12.94 15.21
CA LEU A 367 22.68 -12.91 16.34
C LEU A 367 23.21 -13.83 17.44
N ASN A 368 23.17 -13.43 18.72
CA ASN A 368 23.74 -14.17 19.83
C ASN A 368 22.75 -14.34 20.98
N ASN A 369 21.46 -14.13 20.74
CA ASN A 369 20.46 -14.19 21.80
C ASN A 369 19.21 -14.92 21.33
N ILE A 370 19.37 -16.05 20.65
CA ILE A 370 18.26 -16.84 20.15
C ILE A 370 18.49 -18.31 20.45
N LEU A 371 17.40 -19.06 20.45
CA LEU A 371 17.45 -20.52 20.55
C LEU A 371 16.27 -21.07 19.75
N VAL A 372 16.56 -21.90 18.76
CA VAL A 372 15.55 -22.42 17.85
C VAL A 372 15.36 -23.91 18.12
N ILE A 373 14.13 -24.30 18.43
CA ILE A 373 13.78 -25.69 18.66
C ILE A 373 12.90 -26.14 17.50
N GLY A 374 13.31 -27.19 16.80
CA GLY A 374 12.60 -27.72 15.66
C GLY A 374 11.97 -29.05 16.03
N MET A 375 10.83 -29.34 15.41
CA MET A 375 10.11 -30.58 15.66
C MET A 375 9.68 -31.16 14.33
N THR A 376 9.72 -32.49 14.22
CA THR A 376 9.36 -33.13 12.97
C THR A 376 8.80 -34.52 13.26
N ASN A 377 8.39 -35.20 12.18
CA ASN A 377 7.91 -36.57 12.28
C ASN A 377 8.60 -37.47 11.26
N ARG A 378 9.08 -36.89 10.16
CA ARG A 378 9.81 -37.62 9.13
C ARG A 378 11.27 -37.20 9.14
N PRO A 379 12.12 -37.82 9.96
CA PRO A 379 13.52 -37.37 10.04
C PRO A 379 14.32 -37.60 8.76
N ASP A 380 13.81 -38.39 7.82
CA ASP A 380 14.57 -38.75 6.63
C ASP A 380 14.50 -37.70 5.53
N LEU A 381 13.57 -36.74 5.60
CA LEU A 381 13.36 -35.77 4.55
C LEU A 381 13.86 -34.37 4.93
N ILE A 382 14.68 -34.26 5.97
CA ILE A 382 15.23 -32.97 6.38
C ILE A 382 16.39 -32.60 5.46
N ASP A 383 16.38 -31.36 4.99
CA ASP A 383 17.47 -30.87 4.15
C ASP A 383 18.79 -31.01 4.90
N GLU A 384 19.82 -31.44 4.19
CA GLU A 384 21.09 -31.79 4.83
C GLU A 384 21.85 -30.55 5.28
N ALA A 385 21.69 -29.43 4.58
CA ALA A 385 22.41 -28.21 4.95
C ALA A 385 22.01 -27.68 6.32
N LEU A 386 20.97 -28.22 6.93
CA LEU A 386 20.49 -27.76 8.24
C LEU A 386 21.01 -28.60 9.40
N LEU A 387 21.88 -29.56 9.10
CA LEU A 387 22.42 -30.49 10.12
C LEU A 387 23.94 -30.45 10.05
N ARG A 388 24.54 -29.30 10.31
CA ARG A 388 26.01 -29.13 10.27
C ARG A 388 26.41 -28.35 11.51
N PRO A 389 27.68 -28.33 11.93
CA PRO A 389 28.08 -27.49 13.06
C PRO A 389 27.65 -26.03 12.86
N GLY A 390 27.40 -25.30 13.95
CA GLY A 390 26.96 -23.93 13.91
C GLY A 390 25.49 -23.75 13.57
N ARG A 391 24.80 -24.81 13.21
CA ARG A 391 23.37 -24.81 12.95
C ARG A 391 22.72 -25.82 13.89
N LEU A 392 21.44 -26.11 13.66
CA LEU A 392 20.76 -27.14 14.42
C LEU A 392 21.64 -28.38 14.44
N GLU A 393 22.16 -28.75 15.62
CA GLU A 393 23.22 -29.74 15.70
C GLU A 393 23.02 -30.71 16.86
N VAL A 394 21.77 -31.00 17.20
CA VAL A 394 21.48 -31.99 18.24
C VAL A 394 20.18 -32.70 17.88
N LYS A 395 20.24 -34.02 17.75
CA LYS A 395 19.07 -34.82 17.46
C LYS A 395 18.73 -35.69 18.67
N MET A 396 17.44 -35.98 18.83
CA MET A 396 16.98 -36.76 19.96
C MET A 396 15.62 -37.35 19.62
N GLU A 397 15.33 -38.51 20.20
CA GLU A 397 14.13 -39.27 19.87
C GLU A 397 13.20 -39.34 21.07
N ILE A 398 11.90 -39.28 20.79
CA ILE A 398 10.87 -39.32 21.81
C ILE A 398 9.97 -40.50 21.45
N GLY A 399 10.25 -41.66 22.05
CA GLY A 399 9.56 -42.88 21.70
C GLY A 399 8.21 -43.02 22.39
N LEU A 400 7.59 -44.16 22.15
CA LEU A 400 6.27 -44.42 22.70
C LEU A 400 6.36 -44.64 24.21
N PRO A 401 5.30 -44.34 24.96
CA PRO A 401 5.34 -44.55 26.41
C PRO A 401 5.31 -46.03 26.77
N ASP A 402 5.71 -46.31 28.00
CA ASP A 402 5.75 -47.66 28.52
C ASP A 402 4.81 -47.77 29.71
N GLU A 403 4.85 -48.92 30.39
CA GLU A 403 3.92 -49.19 31.48
C GLU A 403 4.00 -48.11 32.55
N LYS A 404 5.20 -47.83 33.04
CA LYS A 404 5.36 -46.84 34.10
C LYS A 404 4.92 -45.46 33.62
N GLY A 405 5.29 -45.09 32.39
CA GLY A 405 4.85 -43.82 31.86
C GLY A 405 3.35 -43.73 31.76
N ARG A 406 2.70 -44.82 31.34
CA ARG A 406 1.24 -44.80 31.23
C ARG A 406 0.61 -44.65 32.60
N LEU A 407 1.14 -45.36 33.60
CA LEU A 407 0.61 -45.24 34.96
C LEU A 407 0.73 -43.81 35.45
N GLN A 408 1.92 -43.21 35.30
CA GLN A 408 2.13 -41.87 35.80
C GLN A 408 1.22 -40.87 35.09
N ILE A 409 1.06 -41.01 33.77
CA ILE A 409 0.23 -40.09 33.02
C ILE A 409 -1.23 -40.19 33.45
N LEU A 410 -1.74 -41.41 33.62
CA LEU A 410 -3.11 -41.54 34.13
C LEU A 410 -3.25 -40.90 35.51
N HIS A 411 -2.28 -41.14 36.39
CA HIS A 411 -2.35 -40.53 37.72
C HIS A 411 -2.41 -39.02 37.59
N ILE A 412 -1.60 -38.46 36.70
CA ILE A 412 -1.57 -37.01 36.53
C ILE A 412 -2.94 -36.53 36.05
N HIS A 413 -3.47 -37.15 35.01
CA HIS A 413 -4.70 -36.69 34.40
C HIS A 413 -5.92 -36.88 35.31
N THR A 414 -5.83 -37.72 36.34
CA THR A 414 -6.99 -38.04 37.16
C THR A 414 -6.93 -37.42 38.55
N ALA A 415 -6.06 -36.43 38.76
CA ALA A 415 -5.94 -35.83 40.08
C ALA A 415 -7.20 -35.05 40.50
N ARG A 416 -7.96 -34.53 39.55
CA ARG A 416 -9.08 -33.65 39.89
C ARG A 416 -10.19 -34.41 40.63
N MET A 417 -10.63 -35.53 40.05
CA MET A 417 -11.73 -36.28 40.65
C MET A 417 -11.33 -36.81 42.03
N ARG A 418 -10.07 -37.24 42.17
CA ARG A 418 -9.58 -37.63 43.48
C ARG A 418 -9.61 -36.44 44.44
N GLY A 419 -9.21 -35.25 43.98
CA GLY A 419 -9.25 -34.08 44.83
C GLY A 419 -10.65 -33.70 45.26
N HIS A 420 -11.67 -34.17 44.53
CA HIS A 420 -13.05 -33.86 44.88
C HIS A 420 -13.86 -35.11 45.23
N GLN A 421 -13.20 -36.27 45.37
CA GLN A 421 -13.85 -37.54 45.67
C GLN A 421 -14.88 -37.94 44.62
N LEU A 422 -14.94 -37.21 43.50
CA LEU A 422 -15.93 -37.51 42.47
C LEU A 422 -15.67 -38.87 41.85
N LEU A 423 -14.42 -39.33 41.84
CA LEU A 423 -14.10 -40.66 41.34
C LEU A 423 -14.61 -41.72 42.31
N SER A 424 -15.13 -42.81 41.75
CA SER A 424 -15.54 -43.94 42.57
C SER A 424 -14.33 -44.61 43.21
N ALA A 425 -14.49 -45.07 44.45
CA ALA A 425 -13.45 -45.84 45.10
C ALA A 425 -13.22 -47.19 44.43
N ASP A 426 -14.18 -47.66 43.65
CA ASP A 426 -14.05 -48.97 43.02
C ASP A 426 -12.88 -49.02 42.05
N VAL A 427 -12.71 -47.97 41.26
CA VAL A 427 -11.72 -48.01 40.19
C VAL A 427 -10.31 -48.15 40.75
N ASP A 428 -9.45 -48.81 39.99
CA ASP A 428 -8.02 -48.88 40.26
C ASP A 428 -7.28 -48.14 39.14
N ILE A 429 -5.95 -48.11 39.25
CA ILE A 429 -5.14 -47.47 38.22
C ILE A 429 -4.09 -48.43 37.68
N LYS A 430 -3.69 -49.41 38.48
CA LYS A 430 -2.77 -50.42 37.96
C LYS A 430 -3.43 -51.25 36.87
N GLU A 431 -4.69 -51.62 37.07
CA GLU A 431 -5.40 -52.43 36.08
C GLU A 431 -5.53 -51.68 34.76
N LEU A 432 -6.05 -50.47 34.80
CA LEU A 432 -6.19 -49.70 33.57
C LEU A 432 -4.84 -49.39 32.95
N ALA A 433 -3.81 -49.21 33.78
CA ALA A 433 -2.47 -48.97 33.25
C ALA A 433 -1.98 -50.17 32.45
N VAL A 434 -2.16 -51.39 32.98
CA VAL A 434 -1.70 -52.57 32.27
C VAL A 434 -2.56 -52.87 31.06
N GLU A 435 -3.86 -52.56 31.13
CA GLU A 435 -4.76 -52.89 30.01
C GLU A 435 -4.32 -52.19 28.74
N THR A 436 -4.05 -50.89 28.81
CA THR A 436 -3.61 -50.15 27.64
C THR A 436 -2.16 -50.51 27.32
N LYS A 437 -1.92 -50.94 26.07
CA LYS A 437 -0.60 -51.43 25.68
C LYS A 437 0.15 -50.39 24.85
N ASN A 438 -0.29 -50.14 23.61
CA ASN A 438 0.46 -49.25 22.70
C ASN A 438 -0.14 -47.84 22.69
N PHE A 439 -1.08 -47.52 23.58
CA PHE A 439 -1.67 -46.18 23.62
C PHE A 439 -0.58 -45.13 23.82
N SER A 440 -0.93 -43.89 23.48
CA SER A 440 -0.07 -42.73 23.68
C SER A 440 -0.70 -41.82 24.73
N GLY A 441 -0.03 -40.69 25.00
CA GLY A 441 -0.52 -39.80 26.03
C GLY A 441 -1.86 -39.18 25.68
N ALA A 442 -1.94 -38.63 24.46
CA ALA A 442 -3.21 -38.08 23.98
C ALA A 442 -4.32 -39.11 24.14
N GLU A 443 -4.05 -40.35 23.73
CA GLU A 443 -5.07 -41.39 23.78
C GLU A 443 -5.53 -41.64 25.21
N LEU A 444 -4.59 -41.71 26.15
CA LEU A 444 -4.95 -41.94 27.54
C LEU A 444 -5.81 -40.80 28.09
N GLU A 445 -5.41 -39.58 27.76
CA GLU A 445 -6.14 -38.38 28.21
C GLU A 445 -7.56 -38.47 27.64
N GLY A 446 -7.71 -38.85 26.37
CA GLY A 446 -9.00 -38.96 25.72
C GLY A 446 -9.84 -40.05 26.36
N LEU A 447 -9.18 -41.14 26.77
CA LEU A 447 -9.88 -42.21 27.47
C LEU A 447 -10.48 -41.69 28.76
N VAL A 448 -9.69 -40.94 29.54
CA VAL A 448 -10.22 -40.33 30.75
C VAL A 448 -11.46 -39.49 30.44
N ARG A 449 -11.37 -38.68 29.38
CA ARG A 449 -12.50 -37.82 29.00
C ARG A 449 -13.73 -38.66 28.67
N ALA A 450 -13.55 -39.70 27.84
CA ALA A 450 -14.65 -40.57 27.47
C ALA A 450 -15.29 -41.19 28.70
N ALA A 451 -14.45 -41.73 29.59
CA ALA A 451 -14.95 -42.32 30.82
C ALA A 451 -15.87 -41.34 31.54
N GLN A 452 -15.35 -40.15 31.83
CA GLN A 452 -16.15 -39.14 32.53
C GLN A 452 -17.49 -38.94 31.83
N SER A 453 -17.44 -38.65 30.53
CA SER A 453 -18.65 -38.34 29.78
C SER A 453 -19.66 -39.46 29.88
N THR A 454 -19.23 -40.70 29.65
CA THR A 454 -20.17 -41.81 29.62
C THR A 454 -20.73 -42.11 31.01
N ALA A 455 -19.91 -41.99 32.05
CA ALA A 455 -20.43 -42.15 33.41
C ALA A 455 -21.52 -41.14 33.68
N MET A 456 -21.28 -39.88 33.33
CA MET A 456 -22.28 -38.85 33.55
C MET A 456 -23.54 -39.13 32.73
N ASN A 457 -23.38 -39.64 31.51
CA ASN A 457 -24.55 -39.95 30.69
C ASN A 457 -25.36 -41.07 31.34
N ARG A 458 -24.67 -42.06 31.91
CA ARG A 458 -25.38 -43.16 32.57
C ARG A 458 -26.14 -42.63 33.77
N HIS A 459 -25.52 -41.72 34.52
CA HIS A 459 -26.14 -41.23 35.74
C HIS A 459 -27.37 -40.40 35.42
N ILE A 460 -27.27 -39.52 34.42
CA ILE A 460 -28.43 -38.70 34.05
C ILE A 460 -29.54 -39.58 33.51
N LYS A 461 -29.21 -40.59 32.68
CA LYS A 461 -30.25 -41.47 32.17
C LYS A 461 -30.95 -42.21 33.30
N ALA A 462 -30.18 -42.72 34.27
CA ALA A 462 -30.79 -43.44 35.39
C ALA A 462 -31.66 -42.51 36.22
N SER A 463 -31.18 -41.28 36.48
CA SER A 463 -31.96 -40.35 37.28
C SER A 463 -33.26 -39.99 36.57
N THR A 464 -33.20 -39.78 35.25
CA THR A 464 -34.43 -39.52 34.50
C THR A 464 -35.38 -40.71 34.59
N LYS A 465 -34.86 -41.93 34.44
CA LYS A 465 -35.72 -43.11 34.48
C LYS A 465 -36.27 -43.35 35.89
N VAL A 466 -35.39 -43.26 36.89
CA VAL A 466 -35.77 -43.54 38.28
C VAL A 466 -35.73 -42.23 39.07
N GLU A 467 -36.83 -41.94 39.77
CA GLU A 467 -36.89 -40.75 40.61
C GLU A 467 -36.13 -41.02 41.90
N VAL A 468 -34.83 -41.30 41.78
CA VAL A 468 -34.04 -41.68 42.95
C VAL A 468 -34.04 -40.55 43.97
N ASP A 469 -33.85 -40.92 45.24
CA ASP A 469 -33.70 -39.92 46.29
C ASP A 469 -32.49 -39.05 45.98
N MET A 470 -32.45 -37.84 46.55
CA MET A 470 -31.36 -36.93 46.27
C MET A 470 -30.02 -37.57 46.60
N GLU A 471 -29.97 -38.35 47.69
CA GLU A 471 -28.74 -38.93 48.20
C GLU A 471 -27.84 -39.49 47.10
N LYS A 472 -28.42 -40.22 46.13
CA LYS A 472 -27.63 -40.68 45.00
C LYS A 472 -27.59 -39.65 43.88
N ALA A 473 -28.54 -38.72 43.85
CA ALA A 473 -28.54 -37.68 42.82
C ALA A 473 -27.27 -36.85 42.92
N GLU A 474 -26.95 -36.35 44.11
CA GLU A 474 -25.68 -35.63 44.28
C GLU A 474 -24.49 -36.56 44.07
N SER A 475 -24.69 -37.88 44.16
CA SER A 475 -23.62 -38.82 43.91
C SER A 475 -23.43 -38.97 42.40
N LEU A 476 -22.25 -38.58 41.92
CA LEU A 476 -21.89 -38.67 40.51
C LEU A 476 -20.60 -39.46 40.35
N GLN A 477 -20.45 -40.51 41.17
CA GLN A 477 -19.29 -41.38 41.04
C GLN A 477 -19.29 -42.04 39.67
N VAL A 478 -18.13 -42.04 39.01
CA VAL A 478 -18.04 -42.58 37.66
C VAL A 478 -17.97 -44.10 37.64
N THR A 479 -17.58 -44.73 38.74
CA THR A 479 -17.47 -46.19 38.80
C THR A 479 -16.39 -46.68 37.84
N ARG A 480 -16.29 -48.00 37.67
CA ARG A 480 -15.29 -48.58 36.78
C ARG A 480 -15.88 -49.08 35.46
N GLY A 481 -17.14 -49.49 35.45
CA GLY A 481 -17.72 -50.01 34.23
C GLY A 481 -17.61 -49.04 33.06
N ASP A 482 -17.69 -47.75 33.34
CA ASP A 482 -17.59 -46.76 32.28
C ASP A 482 -16.23 -46.80 31.60
N PHE A 483 -15.15 -46.91 32.40
CA PHE A 483 -13.82 -46.96 31.82
C PHE A 483 -13.68 -48.15 30.88
N LEU A 484 -14.08 -49.34 31.34
CA LEU A 484 -13.97 -50.53 30.50
C LEU A 484 -14.83 -50.40 29.25
N ALA A 485 -16.07 -49.92 29.41
CA ALA A 485 -16.96 -49.79 28.26
C ALA A 485 -16.37 -48.87 27.22
N SER A 486 -15.93 -47.68 27.64
CA SER A 486 -15.36 -46.72 26.69
C SER A 486 -14.09 -47.28 26.05
N LEU A 487 -13.24 -47.93 26.84
CA LEU A 487 -12.00 -48.48 26.29
C LEU A 487 -12.30 -49.54 25.23
N GLU A 488 -13.34 -50.34 25.45
CA GLU A 488 -13.67 -51.40 24.52
C GLU A 488 -14.57 -50.94 23.37
N ASN A 489 -15.10 -49.72 23.42
CA ASN A 489 -16.09 -49.31 22.44
C ASN A 489 -15.79 -47.98 21.77
N ASP A 490 -15.03 -47.10 22.43
CA ASP A 490 -14.88 -45.72 21.95
C ASP A 490 -13.53 -45.47 21.30
N ILE A 491 -12.44 -45.75 22.01
CA ILE A 491 -11.10 -45.35 21.56
C ILE A 491 -10.52 -46.43 20.65
N LYS A 492 -9.91 -45.99 19.56
CA LYS A 492 -9.25 -46.88 18.60
C LYS A 492 -7.77 -46.54 18.52
N PRO A 493 -6.87 -47.37 19.06
CA PRO A 493 -5.45 -47.05 19.07
C PRO A 493 -4.90 -46.84 17.66
N ALA A 494 -4.06 -45.83 17.44
CA ALA A 494 -3.44 -45.64 16.13
C ALA A 494 -2.28 -46.59 15.92
N PHE A 495 -1.39 -46.73 16.89
CA PHE A 495 -0.20 -47.54 16.78
C PHE A 495 -0.28 -48.81 17.60
N GLY A 496 -1.49 -49.37 17.70
CA GLY A 496 -1.70 -50.59 18.45
C GLY A 496 -2.65 -51.52 17.73
N THR A 497 -2.86 -52.68 18.34
CA THR A 497 -3.76 -53.67 17.78
C THR A 497 -5.12 -53.07 17.49
N ASN A 498 -5.65 -53.40 16.32
CA ASN A 498 -7.02 -53.10 15.99
C ASN A 498 -7.93 -54.24 16.46
N GLN A 499 -9.23 -54.02 16.35
CA GLN A 499 -10.19 -55.07 16.68
C GLN A 499 -11.45 -54.82 15.88
N GLU A 500 -12.11 -55.92 15.54
CA GLU A 500 -13.28 -55.92 14.67
C GLU A 500 -12.80 -55.72 13.24
N ASP A 501 -11.49 -55.56 13.08
CA ASP A 501 -10.90 -55.71 11.75
C ASP A 501 -10.82 -57.17 11.35
N TYR A 502 -10.77 -58.07 12.33
CA TYR A 502 -10.83 -59.49 12.02
C TYR A 502 -12.17 -59.85 11.41
N ALA A 503 -13.22 -59.08 11.72
CA ALA A 503 -14.53 -59.34 11.15
C ALA A 503 -14.56 -59.12 9.64
N SER A 504 -13.65 -58.29 9.12
CA SER A 504 -13.50 -58.17 7.67
C SER A 504 -13.05 -59.48 7.05
N TYR A 505 -12.57 -60.41 7.87
CA TYR A 505 -12.24 -61.75 7.43
C TYR A 505 -12.90 -62.71 8.40
N ILE A 506 -12.56 -64.00 8.28
CA ILE A 506 -13.15 -65.03 9.13
C ILE A 506 -14.66 -64.81 9.20
N MET A 507 -15.30 -64.44 8.15
CA MET A 507 -16.74 -64.08 8.09
C MET A 507 -17.61 -65.25 8.49
N ASN A 508 -17.09 -66.47 8.44
CA ASN A 508 -17.90 -67.68 8.74
C ASN A 508 -17.13 -68.65 9.63
N GLY A 509 -15.98 -68.26 10.17
CA GLY A 509 -15.24 -69.11 11.12
C GLY A 509 -14.30 -70.09 10.45
N ILE A 510 -13.75 -71.05 11.20
CA ILE A 510 -12.77 -72.05 10.70
C ILE A 510 -13.22 -73.44 11.17
N ILE A 511 -14.01 -74.16 10.37
CA ILE A 511 -14.54 -75.50 10.76
C ILE A 511 -13.48 -76.56 10.43
N LYS A 512 -12.90 -77.22 11.44
CA LYS A 512 -11.80 -78.20 11.23
C LYS A 512 -12.33 -79.44 10.49
N TRP A 513 -12.13 -79.53 9.19
CA TRP A 513 -12.62 -80.63 8.36
C TRP A 513 -11.53 -81.63 7.99
N GLY A 514 -10.27 -81.34 8.27
CA GLY A 514 -9.21 -82.24 7.86
C GLY A 514 -7.93 -81.99 8.63
N ASP A 515 -6.92 -82.78 8.29
CA ASP A 515 -5.63 -82.77 8.97
C ASP A 515 -4.76 -81.58 8.59
N PRO A 516 -4.73 -81.16 7.32
CA PRO A 516 -3.81 -80.08 6.95
C PRO A 516 -4.01 -78.81 7.76
N VAL A 517 -5.24 -78.53 8.19
CA VAL A 517 -5.48 -77.31 8.97
C VAL A 517 -4.60 -77.29 10.22
N THR A 518 -4.58 -78.41 10.95
CA THR A 518 -3.78 -78.48 12.16
C THR A 518 -2.29 -78.32 11.85
N ARG A 519 -1.83 -78.93 10.76
CA ARG A 519 -0.43 -78.79 10.38
C ARG A 519 -0.08 -77.33 10.12
N VAL A 520 -0.94 -76.63 9.37
CA VAL A 520 -0.68 -75.23 9.07
C VAL A 520 -0.65 -74.41 10.35
N LEU A 521 -1.61 -74.64 11.24
CA LEU A 521 -1.67 -73.86 12.48
C LEU A 521 -0.43 -74.11 13.33
N ASP A 522 0.00 -75.36 13.44
CA ASP A 522 1.21 -75.66 14.20
C ASP A 522 2.43 -74.98 13.58
N ASP A 523 2.55 -75.02 12.26
CA ASP A 523 3.68 -74.36 11.61
C ASP A 523 3.65 -72.86 11.89
N GLY A 524 2.48 -72.25 11.84
CA GLY A 524 2.38 -70.83 12.15
C GLY A 524 2.81 -70.54 13.58
N GLU A 525 2.38 -71.37 14.53
CA GLU A 525 2.80 -71.17 15.91
C GLU A 525 4.32 -71.30 16.04
N LEU A 526 4.91 -72.27 15.35
CA LEU A 526 6.35 -72.43 15.37
C LEU A 526 7.05 -71.19 14.84
N LEU A 527 6.55 -70.63 13.74
CA LEU A 527 7.15 -69.42 13.19
C LEU A 527 7.03 -68.25 14.16
N VAL A 528 5.87 -68.12 14.80
CA VAL A 528 5.68 -67.04 15.77
C VAL A 528 6.67 -67.19 16.91
N GLN A 529 6.83 -68.41 17.41
N GLN A 529 6.83 -68.41 17.41
CA GLN A 529 7.79 -68.66 18.48
CA GLN A 529 7.80 -68.64 18.49
C GLN A 529 9.21 -68.31 18.02
C GLN A 529 9.21 -68.32 18.03
N GLN A 530 9.58 -68.71 16.81
CA GLN A 530 10.91 -68.44 16.31
C GLN A 530 11.17 -66.94 16.25
N THR A 531 10.21 -66.17 15.75
CA THR A 531 10.42 -64.73 15.65
C THR A 531 10.45 -64.07 17.02
N LYS A 532 9.66 -64.59 17.98
CA LYS A 532 9.60 -63.97 19.30
C LYS A 532 10.96 -63.94 19.98
N ASN A 533 11.49 -65.13 20.30
CA ASN A 533 12.70 -65.25 21.11
C ASN A 533 13.79 -65.90 20.27
N SER A 534 14.62 -65.06 19.64
CA SER A 534 15.78 -65.54 18.90
C SER A 534 16.62 -64.35 18.49
N ASP A 535 17.94 -64.53 18.52
CA ASP A 535 18.89 -63.53 18.10
C ASP A 535 19.68 -64.04 16.91
N ARG A 536 20.33 -63.12 16.20
CA ARG A 536 21.04 -63.36 14.95
C ARG A 536 20.08 -63.47 13.79
N THR A 537 18.78 -63.28 14.01
CA THR A 537 17.77 -63.40 12.96
C THR A 537 16.53 -62.63 13.39
N PRO A 538 16.53 -61.30 13.28
CA PRO A 538 15.38 -60.50 13.70
C PRO A 538 14.31 -60.32 12.63
N LEU A 539 14.46 -60.93 11.46
CA LEU A 539 13.51 -60.79 10.36
C LEU A 539 13.18 -62.17 9.82
N VAL A 540 11.89 -62.46 9.67
CA VAL A 540 11.41 -63.75 9.20
C VAL A 540 10.24 -63.54 8.25
N SER A 541 10.24 -64.31 7.17
CA SER A 541 9.22 -64.21 6.13
C SER A 541 8.58 -65.56 5.90
N VAL A 542 7.27 -65.58 5.65
CA VAL A 542 6.55 -66.81 5.36
C VAL A 542 5.51 -66.52 4.28
N LEU A 543 5.28 -67.52 3.43
CA LEU A 543 4.38 -67.39 2.29
C LEU A 543 3.45 -68.59 2.22
N LEU A 544 2.15 -68.31 2.11
CA LEU A 544 1.14 -69.33 1.92
C LEU A 544 0.86 -69.50 0.42
N GLU A 545 0.34 -70.67 0.05
CA GLU A 545 0.01 -70.93 -1.33
C GLU A 545 -1.15 -71.90 -1.41
N GLY A 546 -1.96 -71.74 -2.46
CA GLY A 546 -3.05 -72.63 -2.73
C GLY A 546 -3.89 -72.16 -3.90
N PRO A 547 -4.69 -73.05 -4.48
CA PRO A 547 -5.52 -72.67 -5.62
C PRO A 547 -6.61 -71.70 -5.20
N PRO A 548 -7.26 -71.04 -6.15
CA PRO A 548 -8.26 -70.03 -5.80
C PRO A 548 -9.40 -70.62 -4.98
N HIS A 549 -9.92 -69.80 -4.07
CA HIS A 549 -11.04 -70.15 -3.19
C HIS A 549 -10.66 -71.16 -2.11
N SER A 550 -9.38 -71.48 -1.97
CA SER A 550 -8.95 -72.40 -0.91
C SER A 550 -9.09 -71.79 0.47
N GLY A 551 -9.32 -70.48 0.58
CA GLY A 551 -9.47 -69.83 1.87
C GLY A 551 -8.15 -69.57 2.56
N LYS A 552 -7.24 -68.87 1.88
CA LYS A 552 -5.95 -68.54 2.47
C LYS A 552 -6.06 -67.34 3.40
N THR A 553 -6.92 -66.37 3.07
CA THR A 553 -7.09 -65.13 3.88
C THR A 553 -7.53 -65.49 5.31
N ALA A 554 -8.59 -66.28 5.45
CA ALA A 554 -9.14 -66.66 6.78
C ALA A 554 -8.05 -67.27 7.66
N LEU A 555 -7.18 -68.12 7.12
CA LEU A 555 -6.13 -68.78 7.87
C LEU A 555 -5.01 -67.81 8.24
N ALA A 556 -4.60 -66.97 7.28
CA ALA A 556 -3.56 -65.99 7.60
C ALA A 556 -4.03 -65.06 8.71
N ALA A 557 -5.30 -64.63 8.65
CA ALA A 557 -5.89 -63.71 9.63
C ALA A 557 -5.97 -64.36 11.01
N LYS A 558 -6.22 -65.68 11.07
CA LYS A 558 -6.26 -66.40 12.34
C LYS A 558 -4.86 -66.54 12.94
N ILE A 559 -3.89 -66.91 12.11
CA ILE A 559 -2.51 -67.02 12.60
C ILE A 559 -2.03 -65.68 13.14
N ALA A 560 -2.32 -64.61 12.41
CA ALA A 560 -1.91 -63.28 12.89
C ALA A 560 -2.56 -62.96 14.23
N GLU A 561 -3.85 -63.27 14.37
CA GLU A 561 -4.55 -63.00 15.63
C GLU A 561 -3.92 -63.75 16.78
N GLU A 562 -3.60 -65.03 16.58
CA GLU A 562 -3.20 -65.86 17.72
C GLU A 562 -1.84 -65.48 18.29
N SER A 563 -1.10 -64.57 17.65
CA SER A 563 0.23 -64.24 18.13
C SER A 563 0.21 -63.36 19.38
N ASN A 564 -0.89 -62.64 19.64
CA ASN A 564 -0.97 -61.73 20.77
C ASN A 564 0.13 -60.67 20.72
N PHE A 565 0.63 -60.36 19.53
CA PHE A 565 1.74 -59.41 19.39
C PHE A 565 1.26 -57.99 19.78
N PRO A 566 2.18 -57.03 19.99
CA PRO A 566 1.79 -55.67 20.30
C PRO A 566 1.14 -55.00 19.11
N PHE A 567 1.78 -55.02 17.94
CA PHE A 567 1.26 -54.34 16.72
C PHE A 567 0.86 -55.36 15.67
N ILE A 568 -0.34 -55.23 15.11
CA ILE A 568 -0.81 -56.10 13.99
C ILE A 568 -1.35 -55.16 12.93
N LYS A 569 -1.02 -55.38 11.65
CA LYS A 569 -1.55 -54.55 10.58
C LYS A 569 -1.72 -55.37 9.31
N ILE A 570 -2.82 -55.13 8.59
CA ILE A 570 -3.12 -55.86 7.33
C ILE A 570 -3.23 -54.86 6.18
N CYS A 571 -2.40 -55.02 5.14
CA CYS A 571 -2.36 -54.17 3.96
C CYS A 571 -2.96 -54.95 2.80
N SER A 572 -4.20 -54.62 2.45
CA SER A 572 -4.94 -55.31 1.36
C SER A 572 -5.21 -54.31 0.24
N PRO A 573 -5.50 -54.76 -0.99
CA PRO A 573 -5.85 -53.85 -2.09
C PRO A 573 -7.19 -53.17 -1.92
N ASP A 574 -8.03 -53.64 -1.00
CA ASP A 574 -9.37 -53.08 -0.85
C ASP A 574 -9.38 -51.60 -0.52
N LYS A 575 -8.22 -51.03 -0.18
CA LYS A 575 -8.10 -49.60 0.25
C LYS A 575 -7.19 -48.82 -0.70
N MET A 576 -7.04 -49.24 -1.96
CA MET A 576 -6.13 -48.57 -2.89
C MET A 576 -6.76 -48.42 -4.27
N ILE A 577 -8.07 -48.60 -4.39
CA ILE A 577 -8.72 -48.60 -5.69
C ILE A 577 -8.41 -47.33 -6.45
N GLY A 578 -8.17 -47.46 -7.75
CA GLY A 578 -7.93 -46.31 -8.60
C GLY A 578 -6.66 -45.54 -8.30
N PHE A 579 -5.77 -46.09 -7.48
CA PHE A 579 -4.53 -45.40 -7.16
C PHE A 579 -3.54 -45.50 -8.32
N SER A 580 -2.74 -44.45 -8.49
CA SER A 580 -1.55 -44.56 -9.29
C SER A 580 -0.47 -45.28 -8.51
N GLU A 581 0.35 -46.05 -9.22
CA GLU A 581 1.30 -46.96 -8.56
C GLU A 581 2.16 -46.24 -7.53
N THR A 582 2.52 -44.99 -7.79
CA THR A 582 3.33 -44.24 -6.84
C THR A 582 2.63 -44.12 -5.50
N ALA A 583 1.31 -43.88 -5.52
CA ALA A 583 0.56 -43.81 -4.26
C ALA A 583 0.59 -45.16 -3.55
N LYS A 584 0.52 -46.26 -4.29
CA LYS A 584 0.59 -47.57 -3.66
C LYS A 584 1.94 -47.76 -2.98
N CYS A 585 3.02 -47.36 -3.63
CA CYS A 585 4.32 -47.44 -3.01
C CYS A 585 4.37 -46.59 -1.75
N GLN A 586 3.78 -45.40 -1.80
CA GLN A 586 3.74 -44.53 -0.62
C GLN A 586 3.04 -45.23 0.54
N ALA A 587 1.87 -45.83 0.27
CA ALA A 587 1.12 -46.47 1.33
C ALA A 587 1.89 -47.65 1.92
N MET A 588 2.50 -48.46 1.07
CA MET A 588 3.27 -49.60 1.56
C MET A 588 4.43 -49.14 2.43
N LYS A 589 5.15 -48.12 1.96
CA LYS A 589 6.26 -47.58 2.73
C LYS A 589 5.79 -47.04 4.07
N LYS A 590 4.64 -46.36 4.08
N LYS A 590 4.64 -46.36 4.08
CA LYS A 590 4.11 -45.83 5.34
CA LYS A 590 4.10 -45.83 5.33
C LYS A 590 3.79 -46.95 6.32
C LYS A 590 3.79 -46.94 6.31
N ILE A 591 3.16 -48.02 5.83
CA ILE A 591 2.79 -49.11 6.71
C ILE A 591 4.05 -49.74 7.31
N PHE A 592 5.05 -50.01 6.48
CA PHE A 592 6.28 -50.60 7.01
C PHE A 592 6.99 -49.65 7.97
N ASP A 593 7.02 -48.35 7.64
CA ASP A 593 7.65 -47.38 8.53
C ASP A 593 6.98 -47.39 9.89
N ASP A 594 5.65 -47.38 9.92
CA ASP A 594 4.95 -47.43 11.20
C ASP A 594 5.26 -48.72 11.94
N ALA A 595 5.29 -49.84 11.22
CA ALA A 595 5.63 -51.10 11.87
C ALA A 595 7.02 -51.06 12.48
N TYR A 596 7.93 -50.28 11.91
CA TYR A 596 9.30 -50.24 12.40
C TYR A 596 9.42 -49.63 13.80
N LYS A 597 8.37 -49.00 14.32
CA LYS A 597 8.46 -48.20 15.54
C LYS A 597 7.94 -48.95 16.76
N SER A 598 8.22 -50.25 16.88
CA SER A 598 7.75 -51.02 18.02
C SER A 598 8.67 -52.22 18.22
N GLN A 599 8.53 -52.85 19.39
CA GLN A 599 9.37 -54.00 19.72
C GLN A 599 8.99 -55.22 18.87
N LEU A 600 7.69 -55.48 18.75
CA LEU A 600 7.20 -56.64 18.00
C LEU A 600 6.08 -56.19 17.07
N SER A 601 5.94 -56.90 15.96
CA SER A 601 4.96 -56.50 14.96
C SER A 601 4.64 -57.68 14.06
N CYS A 602 3.47 -57.59 13.42
CA CYS A 602 3.04 -58.60 12.45
C CYS A 602 2.26 -57.89 11.36
N VAL A 603 2.74 -58.01 10.12
CA VAL A 603 2.15 -57.34 8.97
C VAL A 603 1.74 -58.39 7.96
N VAL A 604 0.55 -58.22 7.37
CA VAL A 604 0.01 -59.16 6.41
C VAL A 604 -0.17 -58.44 5.08
N VAL A 605 0.28 -59.08 3.99
CA VAL A 605 0.02 -58.62 2.63
C VAL A 605 -0.94 -59.62 2.01
N ASP A 606 -2.22 -59.26 1.93
CA ASP A 606 -3.32 -60.19 1.53
C ASP A 606 -3.19 -60.82 0.15
N ASP A 607 -3.06 -60.04 -0.92
CA ASP A 607 -3.14 -60.58 -2.28
C ASP A 607 -2.06 -59.92 -3.15
N ILE A 608 -0.92 -60.60 -3.30
CA ILE A 608 0.24 -60.05 -4.07
C ILE A 608 -0.14 -59.89 -5.54
N GLU A 609 -0.82 -60.87 -6.11
CA GLU A 609 -1.14 -60.84 -7.54
C GLU A 609 -1.94 -59.59 -7.90
N ARG A 610 -3.14 -59.39 -7.38
CA ARG A 610 -4.03 -58.27 -7.79
C ARG A 610 -3.39 -56.95 -7.40
N LEU A 611 -2.32 -56.95 -6.63
CA LEU A 611 -1.59 -55.71 -6.31
C LEU A 611 -0.64 -55.47 -7.48
N LEU A 612 0.34 -56.35 -7.68
CA LEU A 612 1.35 -56.12 -8.72
C LEU A 612 0.64 -55.87 -10.05
N ASP A 613 -0.58 -56.37 -10.23
CA ASP A 613 -1.43 -56.10 -11.42
C ASP A 613 -1.32 -57.18 -12.52
N TYR A 614 -0.48 -58.21 -12.40
CA TYR A 614 -0.28 -59.22 -13.46
C TYR A 614 -1.59 -59.55 -14.14
N VAL A 615 -1.70 -59.35 -15.46
CA VAL A 615 -2.87 -59.77 -16.27
C VAL A 615 -2.28 -60.75 -17.27
N PRO A 616 -2.85 -61.94 -17.47
CA PRO A 616 -2.20 -62.96 -18.32
C PRO A 616 -1.74 -62.46 -19.69
N ILE A 617 -2.63 -61.83 -20.46
CA ILE A 617 -2.21 -61.34 -21.77
C ILE A 617 -1.01 -60.41 -21.59
N GLY A 618 -0.10 -60.44 -22.56
CA GLY A 618 1.15 -59.72 -22.43
C GLY A 618 2.30 -60.65 -22.08
N PRO A 619 2.65 -60.75 -20.80
CA PRO A 619 1.98 -60.19 -19.61
C PRO A 619 2.24 -58.71 -19.41
N ARG A 620 1.54 -58.07 -18.48
CA ARG A 620 1.73 -56.63 -18.15
C ARG A 620 1.85 -56.47 -16.64
N PHE A 621 2.93 -55.82 -16.18
CA PHE A 621 3.01 -55.58 -14.71
C PHE A 621 3.40 -54.13 -14.48
N SER A 622 3.56 -53.67 -13.24
CA SER A 622 4.01 -52.30 -12.93
C SER A 622 5.35 -52.43 -12.21
N ASN A 623 6.46 -52.40 -12.92
CA ASN A 623 7.77 -52.69 -12.35
C ASN A 623 8.02 -52.00 -11.01
N LEU A 624 7.52 -50.78 -10.85
CA LEU A 624 7.81 -50.00 -9.66
C LEU A 624 7.43 -50.74 -8.38
N VAL A 625 6.18 -51.21 -8.30
CA VAL A 625 5.73 -51.86 -7.08
C VAL A 625 6.60 -53.08 -6.79
N LEU A 626 6.91 -53.86 -7.84
CA LEU A 626 7.71 -55.06 -7.65
C LEU A 626 9.06 -54.69 -7.05
N GLN A 627 9.76 -53.75 -7.69
CA GLN A 627 11.05 -53.31 -7.18
C GLN A 627 10.92 -52.95 -5.71
N ALA A 628 9.95 -52.11 -5.38
CA ALA A 628 9.78 -51.64 -4.01
C ALA A 628 9.65 -52.82 -3.05
N LEU A 629 8.71 -53.72 -3.33
CA LEU A 629 8.47 -54.83 -2.41
C LEU A 629 9.72 -55.68 -2.25
N LEU A 630 10.35 -56.04 -3.38
CA LEU A 630 11.52 -56.92 -3.30
C LEU A 630 12.62 -56.27 -2.47
N VAL A 631 12.79 -54.96 -2.61
CA VAL A 631 13.79 -54.23 -1.82
C VAL A 631 13.44 -54.33 -0.34
N LEU A 632 12.19 -53.98 0.00
CA LEU A 632 11.81 -53.88 1.41
C LEU A 632 11.88 -55.23 2.11
N LEU A 633 11.52 -56.31 1.42
CA LEU A 633 11.46 -57.62 2.06
C LEU A 633 12.81 -58.12 2.57
N LYS A 634 13.88 -57.34 2.40
CA LYS A 634 15.19 -57.70 2.94
C LYS A 634 15.84 -56.51 3.64
N LYS A 635 15.08 -55.83 4.51
CA LYS A 635 15.61 -54.72 5.30
C LYS A 635 15.35 -54.99 6.77
N ALA A 636 16.42 -55.16 7.54
CA ALA A 636 16.29 -55.41 8.96
C ALA A 636 15.79 -54.14 9.67
N PRO A 637 14.94 -54.28 10.68
CA PRO A 637 14.51 -53.11 11.45
C PRO A 637 15.68 -52.50 12.20
N PRO A 638 15.48 -51.38 12.89
CA PRO A 638 16.50 -50.88 13.81
C PRO A 638 16.83 -51.91 14.87
N GLN A 639 17.90 -51.63 15.62
CA GLN A 639 18.45 -52.62 16.53
C GLN A 639 17.45 -52.98 17.63
N GLY A 640 17.49 -54.23 18.06
CA GLY A 640 16.71 -54.69 19.19
C GLY A 640 15.24 -54.90 18.92
N ARG A 641 14.79 -54.77 17.67
CA ARG A 641 13.40 -54.94 17.32
C ARG A 641 13.25 -56.08 16.32
N LYS A 642 12.13 -56.77 16.39
CA LYS A 642 11.85 -57.94 15.56
C LYS A 642 10.75 -57.61 14.57
N LEU A 643 10.50 -58.56 13.67
CA LEU A 643 9.49 -58.37 12.63
C LEU A 643 9.06 -59.74 12.11
N LEU A 644 7.92 -59.75 11.44
CA LEU A 644 7.41 -60.94 10.79
C LEU A 644 6.52 -60.53 9.64
N ILE A 645 6.59 -61.26 8.55
CA ILE A 645 5.82 -60.95 7.34
C ILE A 645 5.17 -62.23 6.83
N ILE A 646 3.90 -62.11 6.46
CA ILE A 646 3.09 -63.23 5.98
C ILE A 646 2.50 -62.84 4.64
N GLY A 647 2.71 -63.68 3.62
CA GLY A 647 2.21 -63.42 2.30
C GLY A 647 1.23 -64.49 1.84
N THR A 648 0.58 -64.21 0.72
CA THR A 648 -0.47 -65.08 0.21
C THR A 648 -0.66 -64.81 -1.27
N THR A 649 -0.98 -65.88 -2.02
CA THR A 649 -1.16 -65.79 -3.45
C THR A 649 -1.86 -67.07 -3.92
N SER A 650 -2.23 -67.08 -5.19
CA SER A 650 -2.86 -68.25 -5.79
C SER A 650 -2.11 -68.79 -7.00
N ARG A 651 -1.09 -68.08 -7.50
CA ARG A 651 -0.36 -68.45 -8.70
C ARG A 651 1.13 -68.43 -8.36
N LYS A 652 1.65 -69.56 -7.88
CA LYS A 652 3.03 -69.63 -7.45
C LYS A 652 4.00 -69.62 -8.62
N ASP A 653 3.60 -70.20 -9.76
CA ASP A 653 4.53 -70.34 -10.89
C ASP A 653 5.01 -68.98 -11.37
N VAL A 654 4.09 -68.02 -11.53
CA VAL A 654 4.50 -66.70 -12.01
C VAL A 654 5.47 -66.06 -11.03
N LEU A 655 5.19 -66.17 -9.73
CA LEU A 655 6.10 -65.59 -8.74
C LEU A 655 7.47 -66.24 -8.82
N GLN A 656 7.51 -67.57 -8.99
CA GLN A 656 8.79 -68.25 -9.20
C GLN A 656 9.53 -67.69 -10.39
N GLU A 657 8.81 -67.46 -11.50
CA GLU A 657 9.47 -66.95 -12.70
C GLU A 657 10.06 -65.56 -12.45
N MET A 658 9.42 -64.75 -11.60
CA MET A 658 9.90 -63.40 -11.32
C MET A 658 10.99 -63.36 -10.25
N GLU A 659 11.65 -64.49 -10.00
CA GLU A 659 12.75 -64.58 -9.03
C GLU A 659 12.39 -63.91 -7.69
N MET A 660 11.09 -63.85 -7.37
CA MET A 660 10.67 -63.27 -6.11
C MET A 660 10.64 -64.30 -4.98
N LEU A 661 10.26 -65.54 -5.30
CA LEU A 661 10.22 -66.58 -4.28
C LEU A 661 11.56 -66.72 -3.57
N ASN A 662 12.66 -66.48 -4.28
CA ASN A 662 13.98 -66.55 -3.65
C ASN A 662 14.13 -65.56 -2.51
N ALA A 663 13.30 -64.51 -2.47
CA ALA A 663 13.38 -63.55 -1.38
C ALA A 663 12.72 -64.09 -0.11
N PHE A 664 11.56 -64.73 -0.24
CA PHE A 664 10.91 -65.31 0.93
C PHE A 664 11.80 -66.40 1.55
N SER A 665 11.41 -66.86 2.73
CA SER A 665 12.22 -67.79 3.50
C SER A 665 11.53 -69.11 3.80
N THR A 666 10.24 -69.25 3.49
CA THR A 666 9.53 -70.49 3.77
C THR A 666 8.27 -70.52 2.92
N THR A 667 7.71 -71.72 2.77
CA THR A 667 6.51 -71.93 1.98
C THR A 667 5.54 -72.82 2.73
N ILE A 668 4.25 -72.65 2.47
CA ILE A 668 3.22 -73.51 3.02
C ILE A 668 2.16 -73.77 1.95
N HIS A 669 1.52 -74.92 2.05
CA HIS A 669 0.50 -75.36 1.10
C HIS A 669 -0.87 -75.40 1.78
N VAL A 670 -1.90 -75.09 1.00
CA VAL A 670 -3.28 -75.12 1.47
C VAL A 670 -4.13 -75.90 0.48
N PRO A 671 -4.24 -77.22 0.60
CA PRO A 671 -4.96 -77.99 -0.41
C PRO A 671 -6.47 -77.84 -0.28
N ASN A 672 -7.16 -78.21 -1.35
CA ASN A 672 -8.61 -78.21 -1.37
C ASN A 672 -9.15 -79.54 -0.86
N ILE A 673 -10.42 -79.52 -0.47
CA ILE A 673 -11.10 -80.77 -0.12
C ILE A 673 -11.11 -81.67 -1.34
N ALA A 674 -10.79 -82.96 -1.12
CA ALA A 674 -10.57 -83.87 -2.24
C ALA A 674 -11.17 -85.26 -2.04
N THR A 675 -11.90 -85.50 -0.95
CA THR A 675 -12.44 -86.82 -0.67
C THR A 675 -13.88 -86.71 -0.22
N GLY A 676 -14.67 -87.74 -0.52
CA GLY A 676 -16.09 -87.71 -0.20
C GLY A 676 -16.34 -87.65 1.30
N GLU A 677 -15.70 -88.54 2.06
CA GLU A 677 -15.87 -88.54 3.51
C GLU A 677 -15.56 -87.17 4.09
N GLN A 678 -14.56 -86.48 3.55
CA GLN A 678 -14.29 -85.12 4.00
C GLN A 678 -15.48 -84.21 3.73
N LEU A 679 -16.11 -84.34 2.57
CA LEU A 679 -17.28 -83.52 2.25
C LEU A 679 -18.41 -83.81 3.24
N LEU A 680 -18.63 -85.09 3.55
CA LEU A 680 -19.67 -85.43 4.51
C LEU A 680 -19.36 -84.85 5.89
N GLU A 681 -18.09 -84.90 6.30
CA GLU A 681 -17.71 -84.33 7.59
C GLU A 681 -17.97 -82.83 7.61
N ALA A 682 -17.59 -82.13 6.54
CA ALA A 682 -17.82 -80.69 6.49
C ALA A 682 -19.31 -80.37 6.53
N LEU A 683 -20.12 -81.11 5.77
CA LEU A 683 -21.56 -80.90 5.80
C LEU A 683 -22.10 -81.12 7.21
N GLU A 684 -21.64 -82.19 7.88
CA GLU A 684 -22.07 -82.46 9.24
C GLU A 684 -21.73 -81.30 10.16
N LEU A 685 -20.50 -80.81 10.07
CA LEU A 685 -20.08 -79.70 10.92
C LEU A 685 -20.95 -78.48 10.68
N LEU A 686 -21.21 -78.15 9.41
CA LEU A 686 -22.12 -77.04 9.12
C LEU A 686 -23.52 -77.34 9.61
N GLY A 687 -23.98 -78.58 9.41
CA GLY A 687 -25.30 -78.98 9.88
C GLY A 687 -26.43 -78.34 9.11
N ASN A 688 -26.57 -78.69 7.83
CA ASN A 688 -27.63 -78.17 6.99
C ASN A 688 -28.39 -79.25 6.23
N PHE A 689 -28.00 -80.52 6.34
CA PHE A 689 -28.57 -81.60 5.56
C PHE A 689 -29.09 -82.69 6.48
N LYS A 690 -30.20 -83.30 6.09
CA LYS A 690 -30.92 -84.22 6.96
C LYS A 690 -30.30 -85.62 6.91
N ASP A 691 -30.90 -86.54 7.66
CA ASP A 691 -30.32 -87.88 7.81
C ASP A 691 -30.44 -88.67 6.51
N LYS A 692 -31.67 -88.89 6.03
CA LYS A 692 -31.84 -89.54 4.74
C LYS A 692 -31.18 -88.71 3.63
N GLU A 693 -31.23 -87.38 3.76
CA GLU A 693 -30.53 -86.51 2.82
C GLU A 693 -29.04 -86.83 2.80
N ARG A 694 -28.44 -86.92 3.98
CA ARG A 694 -27.01 -87.21 4.06
C ARG A 694 -26.69 -88.59 3.52
N THR A 695 -27.55 -89.57 3.79
CA THR A 695 -27.33 -90.92 3.28
C THR A 695 -27.37 -90.94 1.76
N THR A 696 -28.36 -90.26 1.17
CA THR A 696 -28.44 -90.20 -0.29
C THR A 696 -27.22 -89.49 -0.86
N ILE A 697 -26.79 -88.39 -0.24
CA ILE A 697 -25.61 -87.69 -0.72
C ILE A 697 -24.39 -88.60 -0.68
N ALA A 698 -24.20 -89.31 0.43
CA ALA A 698 -23.06 -90.21 0.54
C ALA A 698 -23.13 -91.31 -0.52
N GLN A 699 -24.32 -91.85 -0.74
CA GLN A 699 -24.47 -92.88 -1.77
C GLN A 699 -24.07 -92.36 -3.13
N GLN A 700 -24.54 -91.16 -3.48
CA GLN A 700 -24.30 -90.62 -4.82
C GLN A 700 -22.86 -90.11 -5.00
N VAL A 701 -22.22 -89.66 -3.92
CA VAL A 701 -20.90 -89.05 -4.01
C VAL A 701 -19.78 -90.02 -3.68
N LYS A 702 -20.08 -91.31 -3.53
CA LYS A 702 -19.04 -92.29 -3.24
C LYS A 702 -18.08 -92.49 -4.40
N GLY A 703 -18.40 -91.97 -5.59
CA GLY A 703 -17.50 -92.12 -6.73
C GLY A 703 -16.12 -91.55 -6.51
N LYS A 704 -15.97 -90.63 -5.54
CA LYS A 704 -14.71 -90.04 -5.12
C LYS A 704 -14.23 -88.95 -6.08
N LYS A 705 -14.95 -88.67 -7.15
CA LYS A 705 -14.56 -87.61 -8.09
C LYS A 705 -15.04 -86.26 -7.53
N VAL A 706 -14.40 -85.86 -6.44
CA VAL A 706 -14.77 -84.64 -5.72
C VAL A 706 -13.55 -83.73 -5.62
N TRP A 707 -13.73 -82.46 -5.98
CA TRP A 707 -12.66 -81.47 -5.89
C TRP A 707 -13.32 -80.10 -5.97
N ILE A 708 -13.34 -79.37 -4.85
CA ILE A 708 -14.04 -78.09 -4.76
C ILE A 708 -13.33 -77.22 -3.73
N GLY A 709 -13.64 -75.91 -3.72
CA GLY A 709 -13.05 -74.97 -2.74
C GLY A 709 -14.10 -74.54 -1.73
N ILE A 710 -13.78 -74.55 -0.45
CA ILE A 710 -14.78 -74.28 0.62
C ILE A 710 -15.65 -73.12 0.16
N LYS A 711 -15.06 -72.03 -0.33
CA LYS A 711 -15.85 -70.83 -0.66
C LYS A 711 -16.99 -71.23 -1.58
N LYS A 712 -16.67 -71.84 -2.72
CA LYS A 712 -17.62 -72.24 -3.74
C LYS A 712 -18.59 -73.26 -3.17
N LEU A 713 -18.15 -74.07 -2.20
CA LEU A 713 -19.07 -75.00 -1.55
C LEU A 713 -20.17 -74.23 -0.83
N LEU A 714 -19.80 -73.16 -0.13
CA LEU A 714 -20.82 -72.35 0.55
C LEU A 714 -21.80 -71.77 -0.46
N MET A 715 -21.28 -71.25 -1.57
CA MET A 715 -22.15 -70.62 -2.55
C MET A 715 -23.10 -71.63 -3.17
N LEU A 716 -22.61 -72.83 -3.48
CA LEU A 716 -23.47 -73.89 -3.99
C LEU A 716 -24.53 -74.28 -2.96
N ILE A 717 -24.14 -74.37 -1.69
CA ILE A 717 -25.12 -74.73 -0.67
C ILE A 717 -26.24 -73.71 -0.64
N GLU A 718 -25.86 -72.44 -0.73
CA GLU A 718 -26.87 -71.37 -0.71
C GLU A 718 -27.80 -71.58 -1.89
N MET A 719 -27.23 -71.67 -3.08
CA MET A 719 -28.05 -71.85 -4.29
C MET A 719 -29.02 -73.02 -4.12
N SER A 720 -28.51 -74.16 -3.65
CA SER A 720 -29.33 -75.36 -3.56
C SER A 720 -30.48 -75.18 -2.57
N LEU A 721 -30.22 -74.55 -1.42
CA LEU A 721 -31.21 -74.55 -0.35
C LEU A 721 -32.51 -73.85 -0.74
N GLN A 722 -32.52 -73.06 -1.81
CA GLN A 722 -33.66 -72.21 -2.11
C GLN A 722 -34.81 -72.94 -2.80
N MET A 723 -34.59 -74.19 -3.19
CA MET A 723 -35.63 -75.01 -3.85
C MET A 723 -36.65 -75.47 -2.83
N ASP A 724 -37.68 -76.21 -3.25
CA ASP A 724 -38.59 -76.88 -2.34
C ASP A 724 -37.90 -78.08 -1.71
N PRO A 725 -38.41 -78.56 -0.57
CA PRO A 725 -37.70 -79.64 0.14
C PRO A 725 -37.50 -80.88 -0.71
N GLU A 726 -38.37 -81.14 -1.68
CA GLU A 726 -38.26 -82.38 -2.44
C GLU A 726 -37.08 -82.36 -3.41
N TYR A 727 -36.86 -81.24 -4.09
CA TYR A 727 -35.87 -81.16 -5.16
C TYR A 727 -34.53 -80.57 -4.72
N ARG A 728 -34.36 -80.27 -3.43
CA ARG A 728 -33.12 -79.66 -2.98
C ARG A 728 -31.92 -80.57 -3.24
N VAL A 729 -32.01 -81.82 -2.80
CA VAL A 729 -30.88 -82.73 -2.91
C VAL A 729 -30.54 -82.97 -4.38
N ARG A 730 -31.55 -83.19 -5.22
CA ARG A 730 -31.30 -83.47 -6.62
C ARG A 730 -30.60 -82.28 -7.29
N LYS A 731 -31.11 -81.07 -7.07
CA LYS A 731 -30.50 -79.90 -7.68
C LYS A 731 -29.08 -79.71 -7.18
N PHE A 732 -28.85 -79.90 -5.88
CA PHE A 732 -27.49 -79.74 -5.35
C PHE A 732 -26.54 -80.75 -5.98
N LEU A 733 -26.98 -82.00 -6.11
CA LEU A 733 -26.12 -83.01 -6.71
C LEU A 733 -25.82 -82.68 -8.17
N ALA A 734 -26.83 -82.10 -8.82
CA ALA A 734 -26.73 -81.71 -10.24
C ALA A 734 -25.63 -80.66 -10.38
N LEU A 735 -25.63 -79.63 -9.54
CA LEU A 735 -24.64 -78.53 -9.64
C LEU A 735 -23.27 -79.15 -9.34
N LEU A 736 -23.21 -79.95 -8.29
CA LEU A 736 -21.94 -80.59 -7.89
C LEU A 736 -21.40 -81.31 -9.12
N ARG A 737 -22.24 -82.08 -9.81
CA ARG A 737 -21.80 -82.85 -10.96
C ARG A 737 -21.32 -81.93 -12.07
N GLU A 738 -22.00 -80.79 -12.26
CA GLU A 738 -21.58 -79.85 -13.29
C GLU A 738 -20.12 -79.43 -13.11
N GLU A 739 -19.72 -79.15 -11.87
CA GLU A 739 -18.38 -78.66 -11.58
C GLU A 739 -17.39 -79.83 -11.42
N GLY A 740 -17.33 -80.66 -12.45
CA GLY A 740 -16.49 -81.84 -12.40
C GLY A 740 -15.04 -81.54 -12.75
N ALA A 741 -14.34 -80.90 -11.82
CA ALA A 741 -12.92 -80.62 -12.00
C ALA A 741 -12.10 -81.91 -11.88
N SER A 742 -10.91 -81.88 -12.46
CA SER A 742 -10.01 -83.04 -12.46
C SER A 742 -8.57 -82.56 -12.53
N PRO A 743 -8.01 -82.12 -11.38
CA PRO A 743 -6.60 -81.71 -11.32
C PRO A 743 -5.65 -82.79 -11.85
N ASN B 3 63.31 52.65 21.52
CA ASN B 3 62.66 51.48 20.85
C ASN B 3 63.66 50.35 20.62
N MET B 4 64.91 50.57 21.03
CA MET B 4 65.98 49.58 20.85
C MET B 4 66.24 48.76 22.09
N ALA B 5 66.19 49.37 23.28
CA ALA B 5 66.46 48.65 24.52
C ALA B 5 65.30 47.74 24.90
N GLY B 6 64.09 48.12 24.56
CA GLY B 6 62.90 47.38 24.90
C GLY B 6 62.11 48.07 25.99
N ARG B 7 60.78 47.88 25.96
CA ARG B 7 59.89 48.55 26.88
C ARG B 7 58.79 47.60 27.32
N SER B 8 58.40 47.71 28.60
CA SER B 8 57.24 47.01 29.12
C SER B 8 55.97 47.53 28.46
N MET B 9 55.12 46.61 28.00
CA MET B 9 53.97 47.02 27.21
C MET B 9 52.93 45.91 27.32
N GLN B 10 51.65 46.29 27.27
CA GLN B 10 50.57 45.36 27.60
C GLN B 10 50.03 44.67 26.34
N ALA B 11 49.53 43.46 26.53
CA ALA B 11 48.94 42.71 25.43
C ALA B 11 47.54 43.22 25.10
N ALA B 12 47.22 43.28 23.81
CA ALA B 12 45.93 43.75 23.33
C ALA B 12 45.41 42.81 22.25
N ARG B 13 44.13 42.97 21.93
CA ARG B 13 43.47 42.16 20.90
C ARG B 13 43.50 42.91 19.57
N CYS B 14 43.72 42.16 18.49
CA CYS B 14 43.85 42.78 17.17
C CYS B 14 42.58 43.54 16.81
N PRO B 15 42.69 44.77 16.29
CA PRO B 15 41.48 45.60 16.13
C PRO B 15 40.62 45.24 14.94
N THR B 16 41.16 44.58 13.92
CA THR B 16 40.40 44.28 12.72
C THR B 16 40.80 42.91 12.19
N ASP B 17 39.87 42.28 11.48
CA ASP B 17 40.16 40.99 10.85
C ASP B 17 41.23 41.13 9.78
N GLU B 18 41.19 42.22 9.01
CA GLU B 18 42.16 42.40 7.93
C GLU B 18 43.58 42.41 8.47
N LEU B 19 43.82 43.13 9.57
CA LEU B 19 45.15 43.12 10.18
C LEU B 19 45.45 41.76 10.80
N SER B 20 44.41 41.03 11.23
CA SER B 20 44.61 39.71 11.78
C SER B 20 45.17 38.77 10.72
N LEU B 21 44.65 38.86 9.50
CA LEU B 21 45.11 37.99 8.42
C LEU B 21 46.56 38.31 8.02
N SER B 22 46.98 39.57 8.18
CA SER B 22 48.32 39.96 7.79
C SER B 22 49.38 39.31 8.66
N ASN B 23 49.00 38.71 9.78
CA ASN B 23 49.94 38.06 10.70
C ASN B 23 50.97 39.06 11.24
N CYS B 24 50.52 40.30 11.45
CA CYS B 24 51.38 41.36 11.97
C CYS B 24 50.87 41.81 13.33
N ALA B 25 51.78 42.42 14.10
CA ALA B 25 51.43 42.98 15.40
C ALA B 25 51.02 44.43 15.19
N VAL B 26 49.83 44.79 15.67
CA VAL B 26 49.27 46.11 15.44
C VAL B 26 49.62 46.99 16.63
N VAL B 27 50.32 48.09 16.36
CA VAL B 27 50.75 49.02 17.39
C VAL B 27 50.46 50.46 16.98
N SER B 28 50.44 51.35 17.96
CA SER B 28 50.20 52.76 17.74
C SER B 28 51.37 53.42 17.03
N GLU B 29 51.05 54.44 16.22
CA GLU B 29 52.09 55.16 15.47
C GLU B 29 53.06 55.89 16.39
N LYS B 30 52.63 56.25 17.60
CA LYS B 30 53.52 56.98 18.50
C LYS B 30 54.56 56.08 19.15
N ASP B 31 54.36 54.76 19.12
CA ASP B 31 55.30 53.82 19.70
C ASP B 31 56.24 53.23 18.66
N TYR B 32 55.69 52.70 17.57
CA TYR B 32 56.48 52.03 16.54
C TYR B 32 55.94 52.43 15.17
N GLN B 33 56.71 52.11 14.14
CA GLN B 33 56.41 52.45 12.77
C GLN B 33 56.06 51.22 11.95
N SER B 34 55.19 51.40 10.96
CA SER B 34 54.79 50.31 10.08
C SER B 34 56.02 49.69 9.41
N GLY B 35 56.05 48.35 9.38
CA GLY B 35 57.15 47.62 8.80
C GLY B 35 58.27 47.30 9.75
N GLN B 36 58.21 47.79 10.99
CA GLN B 36 59.22 47.48 11.98
C GLN B 36 59.05 46.06 12.49
N HIS B 37 60.16 45.36 12.68
CA HIS B 37 60.15 44.03 13.25
C HIS B 37 60.49 44.15 14.73
N VAL B 38 59.69 43.51 15.58
CA VAL B 38 59.90 43.58 17.02
C VAL B 38 59.97 42.17 17.57
N ILE B 39 60.69 42.03 18.68
CA ILE B 39 60.79 40.77 19.40
C ILE B 39 60.18 40.98 20.78
N VAL B 40 59.17 40.17 21.08
CA VAL B 40 58.41 40.19 22.32
C VAL B 40 59.01 39.16 23.27
N ARG B 41 59.16 39.58 24.52
CA ARG B 41 59.69 38.77 25.61
C ARG B 41 58.54 38.47 26.55
N THR B 42 58.34 37.17 26.84
CA THR B 42 57.36 36.76 27.84
C THR B 42 57.98 36.02 29.02
N SER B 43 59.21 35.54 28.89
CA SER B 43 59.94 34.86 29.95
C SER B 43 61.38 34.77 29.49
N PRO B 44 62.31 34.31 30.33
CA PRO B 44 63.70 34.22 29.87
C PRO B 44 63.86 33.35 28.64
N ASN B 45 63.06 32.30 28.48
CA ASN B 45 63.18 31.37 27.36
C ASN B 45 62.06 31.50 26.33
N HIS B 46 61.23 32.54 26.41
CA HIS B 46 60.14 32.73 25.46
C HIS B 46 60.29 34.10 24.79
N LYS B 47 60.67 34.08 23.51
CA LYS B 47 60.81 35.26 22.68
C LYS B 47 60.20 34.98 21.31
N TYR B 48 59.39 35.92 20.82
CA TYR B 48 58.72 35.76 19.53
C TYR B 48 59.00 36.98 18.66
N ILE B 49 59.15 36.77 17.36
CA ILE B 49 59.45 37.84 16.42
C ILE B 49 58.22 38.11 15.55
N PHE B 50 57.71 39.35 15.62
CA PHE B 50 56.51 39.74 14.89
C PHE B 50 56.77 41.02 14.10
N THR B 51 56.35 41.01 12.84
CA THR B 51 56.37 42.22 12.02
C THR B 51 55.30 43.18 12.54
N LEU B 52 55.58 44.48 12.44
CA LEU B 52 54.67 45.47 13.00
C LEU B 52 53.81 46.10 11.90
N ARG B 53 52.71 46.70 12.36
CA ARG B 53 51.79 47.39 11.48
C ARG B 53 51.04 48.43 12.31
N THR B 54 50.93 49.65 11.79
CA THR B 54 50.34 50.75 12.53
C THR B 54 48.82 50.78 12.31
N HIS B 55 48.11 51.24 13.35
CA HIS B 55 46.67 51.46 13.23
C HIS B 55 46.26 52.44 14.32
N PRO B 56 45.45 53.46 14.02
CA PRO B 56 45.16 54.48 15.03
C PRO B 56 44.47 53.95 16.27
N SER B 57 43.61 52.93 16.13
CA SER B 57 42.77 52.50 17.25
C SER B 57 43.55 51.88 18.40
N VAL B 58 44.81 51.52 18.18
CA VAL B 58 45.61 50.86 19.22
C VAL B 58 45.80 51.83 20.38
N VAL B 59 45.23 51.48 21.53
CA VAL B 59 45.45 52.30 22.73
C VAL B 59 46.94 52.31 23.04
N PRO B 60 47.53 53.43 23.47
CA PRO B 60 48.98 53.45 23.66
C PRO B 60 49.42 52.47 24.73
N GLY B 61 50.61 51.91 24.54
CA GLY B 61 51.16 50.97 25.49
C GLY B 61 50.65 49.56 25.38
N SER B 62 50.02 49.20 24.26
CA SER B 62 49.52 47.85 24.07
C SER B 62 49.81 47.38 22.65
N VAL B 63 49.98 46.07 22.49
CA VAL B 63 50.21 45.45 21.19
C VAL B 63 49.02 44.54 20.89
N ALA B 64 48.39 44.76 19.75
CA ALA B 64 47.22 43.98 19.35
C ALA B 64 47.68 42.69 18.67
N PHE B 65 47.46 41.55 19.34
CA PHE B 65 47.82 40.24 18.81
C PHE B 65 46.57 39.48 18.43
N SER B 66 46.53 38.99 17.19
CA SER B 66 45.41 38.17 16.74
C SER B 66 45.40 36.84 17.46
N LEU B 67 44.25 36.17 17.43
CA LEU B 67 44.10 34.88 18.11
C LEU B 67 45.16 33.87 17.70
N PRO B 68 45.43 33.62 16.41
CA PRO B 68 46.54 32.71 16.07
C PRO B 68 47.88 33.18 16.62
N GLN B 69 48.13 34.49 16.58
CA GLN B 69 49.37 35.02 17.12
C GLN B 69 49.46 34.81 18.63
N ARG B 70 48.38 35.09 19.34
CA ARG B 70 48.39 34.90 20.78
C ARG B 70 48.58 33.44 21.14
N LYS B 71 47.93 32.54 20.41
CA LYS B 71 48.08 31.11 20.69
C LYS B 71 49.50 30.64 20.39
N TRP B 72 50.12 31.16 19.33
CA TRP B 72 51.50 30.75 19.03
C TRP B 72 52.48 31.31 20.05
N ALA B 73 52.33 32.58 20.42
CA ALA B 73 53.21 33.23 21.36
C ALA B 73 52.78 33.03 22.81
N GLY B 74 51.66 32.35 23.05
CA GLY B 74 51.21 32.15 24.42
C GLY B 74 50.93 33.43 25.15
N LEU B 75 50.29 34.39 24.48
CA LEU B 75 50.01 35.70 25.05
C LEU B 75 48.56 35.76 25.52
N SER B 76 48.37 36.34 26.70
CA SER B 76 47.06 36.53 27.29
C SER B 76 46.70 38.00 27.24
N ILE B 77 45.46 38.29 26.84
CA ILE B 77 45.03 39.68 26.73
C ILE B 77 45.21 40.38 28.07
N GLY B 78 45.84 41.54 28.04
CA GLY B 78 46.15 42.27 29.24
C GLY B 78 47.45 41.89 29.91
N GLN B 79 48.15 40.88 29.41
CA GLN B 79 49.41 40.44 29.99
C GLN B 79 50.53 41.42 29.62
N GLU B 80 51.53 41.49 30.49
CA GLU B 80 52.68 42.36 30.27
C GLU B 80 53.79 41.61 29.55
N ILE B 81 54.38 42.28 28.55
CA ILE B 81 55.45 41.73 27.73
C ILE B 81 56.51 42.81 27.60
N GLU B 82 57.72 42.40 27.22
CA GLU B 82 58.78 43.35 26.94
C GLU B 82 59.05 43.34 25.44
N VAL B 83 58.93 44.49 24.79
CA VAL B 83 59.01 44.54 23.33
C VAL B 83 60.21 45.39 22.95
N ALA B 84 61.08 44.83 22.09
CA ALA B 84 62.25 45.55 21.62
C ALA B 84 62.40 45.40 20.11
N LEU B 85 62.88 46.46 19.46
CA LEU B 85 63.07 46.41 18.02
C LEU B 85 64.07 45.32 17.65
N TYR B 86 63.74 44.57 16.60
CA TYR B 86 64.58 43.46 16.12
C TYR B 86 65.05 43.80 14.71
N SER B 87 66.36 43.68 14.49
CA SER B 87 66.97 43.97 13.21
C SER B 87 67.35 42.67 12.52
N PHE B 88 67.00 42.56 11.24
CA PHE B 88 67.22 41.35 10.47
C PHE B 88 68.49 41.46 9.64
N ASP B 89 69.34 40.42 9.72
CA ASP B 89 70.55 40.33 8.91
C ASP B 89 70.15 39.91 7.49
N LYS B 90 69.71 40.91 6.71
CA LYS B 90 69.19 40.63 5.38
C LYS B 90 70.18 39.83 4.54
N ALA B 91 71.48 40.01 4.76
CA ALA B 91 72.47 39.23 4.03
C ALA B 91 72.38 37.75 4.37
N LYS B 92 71.79 37.39 5.51
CA LYS B 92 71.76 36.00 5.96
C LYS B 92 70.37 35.47 6.31
N GLN B 93 69.36 36.32 6.49
CA GLN B 93 68.04 35.87 6.93
C GLN B 93 66.96 35.95 5.85
N CYS B 94 67.30 36.41 4.64
CA CYS B 94 66.32 36.51 3.52
C CYS B 94 65.78 35.10 3.21
N ILE B 95 64.46 34.90 3.21
CA ILE B 95 63.85 33.56 2.97
C ILE B 95 63.86 33.25 1.47
N GLY B 96 64.64 32.26 1.03
CA GLY B 96 64.66 31.82 -0.35
C GLY B 96 63.56 30.81 -0.59
N THR B 97 63.58 29.71 0.15
CA THR B 97 62.58 28.66 0.02
C THR B 97 62.07 28.26 1.40
N MET B 98 60.75 28.13 1.52
CA MET B 98 60.18 27.69 2.79
C MET B 98 58.99 26.76 2.56
N THR B 99 58.91 25.70 3.35
CA THR B 99 57.81 24.75 3.29
C THR B 99 56.82 24.99 4.43
N ILE B 100 55.55 25.18 4.07
CA ILE B 100 54.48 25.51 5.00
C ILE B 100 53.41 24.42 4.95
N GLU B 101 53.00 23.96 6.12
CA GLU B 101 51.90 23.01 6.24
C GLU B 101 50.59 23.79 6.31
N ILE B 102 49.64 23.43 5.46
CA ILE B 102 48.39 24.18 5.32
C ILE B 102 47.22 23.23 5.53
N ASP B 103 46.18 23.73 6.19
CA ASP B 103 44.96 22.93 6.34
C ASP B 103 43.77 23.87 6.43
N PHE B 104 42.58 23.32 6.22
CA PHE B 104 41.37 24.13 6.33
C PHE B 104 41.29 24.75 7.72
N LEU B 105 41.10 26.07 7.77
CA LEU B 105 40.99 26.73 9.07
C LEU B 105 39.76 26.28 9.83
N GLN B 106 38.62 26.15 9.14
CA GLN B 106 37.38 25.68 9.74
C GLN B 106 36.98 24.37 9.06
N LYS B 107 36.76 23.34 9.87
CA LYS B 107 36.43 22.03 9.33
C LYS B 107 35.04 22.01 8.71
N LYS B 108 34.13 22.88 9.19
CA LYS B 108 32.78 22.89 8.66
C LYS B 108 32.74 23.28 7.18
N ASN B 109 33.74 24.03 6.70
CA ASN B 109 33.82 24.46 5.31
C ASN B 109 34.73 23.60 4.46
N ILE B 110 35.19 22.45 4.99
CA ILE B 110 36.05 21.58 4.20
C ILE B 110 35.34 21.18 2.91
N ASP B 111 36.03 21.34 1.79
CA ASP B 111 35.47 21.09 0.48
C ASP B 111 36.49 20.33 -0.37
N SER B 112 35.98 19.68 -1.41
CA SER B 112 36.81 18.90 -2.32
C SER B 112 37.37 19.72 -3.47
N ASN B 113 37.03 21.00 -3.57
CA ASN B 113 37.49 21.80 -4.68
C ASN B 113 39.01 21.89 -4.69
N PRO B 114 39.68 21.54 -5.79
CA PRO B 114 41.13 21.72 -5.83
C PRO B 114 41.54 23.18 -5.71
N TYR B 115 42.67 23.39 -5.04
CA TYR B 115 43.23 24.73 -4.85
C TYR B 115 44.63 24.71 -5.43
N ASP B 116 44.97 25.72 -6.22
CA ASP B 116 46.23 25.76 -6.95
C ASP B 116 47.32 26.31 -6.03
N THR B 117 48.38 25.53 -5.84
CA THR B 117 49.48 25.97 -5.00
C THR B 117 50.25 27.15 -5.59
N ASP B 118 50.38 27.24 -6.91
CA ASP B 118 51.09 28.36 -7.53
C ASP B 118 50.44 29.70 -7.19
N LYS B 119 49.13 29.82 -7.42
CA LYS B 119 48.42 31.07 -7.11
C LYS B 119 48.45 31.39 -5.63
N MET B 120 48.22 30.41 -4.78
CA MET B 120 48.22 30.67 -3.34
C MET B 120 49.62 31.05 -2.86
N ALA B 121 50.65 30.44 -3.43
CA ALA B 121 52.02 30.85 -3.11
C ALA B 121 52.27 32.29 -3.52
N ALA B 122 51.79 32.69 -4.70
CA ALA B 122 51.92 34.08 -5.11
C ALA B 122 51.17 35.00 -4.15
N GLU B 123 49.98 34.58 -3.72
CA GLU B 123 49.22 35.37 -2.77
C GLU B 123 49.96 35.50 -1.45
N PHE B 124 50.59 34.41 -0.99
CA PHE B 124 51.37 34.45 0.23
C PHE B 124 52.52 35.43 0.09
N ILE B 125 53.20 35.38 -1.05
CA ILE B 125 54.37 36.27 -1.30
C ILE B 125 53.89 37.73 -1.29
N GLN B 126 52.76 38.03 -1.93
CA GLN B 126 52.26 39.40 -2.01
C GLN B 126 51.78 39.92 -0.65
N GLN B 127 51.03 39.10 0.07
CA GLN B 127 50.45 39.54 1.35
C GLN B 127 51.48 39.59 2.47
N PHE B 128 52.35 38.58 2.54
CA PHE B 128 53.24 38.39 3.68
C PHE B 128 54.68 38.75 3.37
N ASN B 129 54.93 39.48 2.27
CA ASN B 129 56.30 39.95 1.93
C ASN B 129 56.77 40.90 3.04
N ASN B 130 58.08 41.13 3.16
CA ASN B 130 58.67 41.98 4.24
C ASN B 130 58.03 41.61 5.58
N GLN B 131 57.95 40.32 5.91
CA GLN B 131 57.42 39.87 7.19
C GLN B 131 58.34 38.79 7.76
N ALA B 132 58.54 38.84 9.07
CA ALA B 132 59.33 37.84 9.77
C ALA B 132 58.51 36.57 9.97
N PHE B 133 59.14 35.43 9.73
CA PHE B 133 58.52 34.13 9.96
C PHE B 133 59.52 33.20 10.62
N SER B 134 59.04 32.46 11.61
CA SER B 134 59.85 31.55 12.40
C SER B 134 59.33 30.12 12.24
N VAL B 135 60.24 29.15 12.33
CA VAL B 135 59.84 27.76 12.25
C VAL B 135 58.87 27.43 13.37
N GLY B 136 57.77 26.79 13.02
CA GLY B 136 56.71 26.52 13.98
C GLY B 136 55.69 27.62 14.15
N GLN B 137 55.86 28.77 13.49
CA GLN B 137 54.89 29.84 13.59
C GLN B 137 53.59 29.47 12.90
N GLN B 138 52.47 29.82 13.54
CA GLN B 138 51.14 29.54 13.02
C GLN B 138 50.42 30.84 12.70
N LEU B 139 49.77 30.87 11.54
CA LEU B 139 49.03 32.04 11.09
C LEU B 139 47.78 31.59 10.33
N VAL B 140 46.90 32.55 10.06
CA VAL B 140 45.68 32.32 9.31
C VAL B 140 45.81 33.05 7.98
N PHE B 141 45.66 32.31 6.88
CA PHE B 141 45.80 32.85 5.53
C PHE B 141 44.49 32.73 4.76
N SER B 142 44.04 33.83 4.17
CA SER B 142 42.84 33.85 3.35
C SER B 142 43.19 33.78 1.87
N PHE B 143 42.69 32.75 1.20
CA PHE B 143 42.92 32.50 -0.22
C PHE B 143 41.57 32.35 -0.92
N ASN B 144 41.26 33.28 -1.81
CA ASN B 144 40.01 33.26 -2.57
C ASN B 144 38.80 33.09 -1.67
N ASP B 145 38.80 33.81 -0.55
CA ASP B 145 37.69 33.80 0.41
C ASP B 145 37.60 32.48 1.17
N LYS B 146 38.71 31.77 1.32
CA LYS B 146 38.76 30.56 2.12
C LYS B 146 39.88 30.73 3.14
N LEU B 147 39.66 30.25 4.36
CA LEU B 147 40.58 30.47 5.45
C LEU B 147 41.34 29.19 5.77
N PHE B 148 42.67 29.29 5.83
CA PHE B 148 43.53 28.14 6.07
C PHE B 148 44.49 28.40 7.24
N GLY B 149 44.66 27.37 8.06
CA GLY B 149 45.62 27.35 9.14
C GLY B 149 46.99 26.95 8.63
N LEU B 150 47.90 27.91 8.61
CA LEU B 150 49.26 27.75 8.12
C LEU B 150 50.21 27.55 9.29
N LEU B 151 51.10 26.57 9.16
CA LEU B 151 52.19 26.32 10.11
C LEU B 151 53.49 26.25 9.33
N VAL B 152 54.42 27.15 9.62
CA VAL B 152 55.68 27.14 8.89
C VAL B 152 56.48 25.89 9.30
N LYS B 153 56.69 25.00 8.34
CA LYS B 153 57.38 23.73 8.63
C LYS B 153 58.89 23.90 8.59
N ASP B 154 59.41 24.72 7.68
CA ASP B 154 60.84 24.96 7.62
C ASP B 154 61.09 26.29 6.92
N ILE B 155 62.28 26.84 7.13
CA ILE B 155 62.69 28.10 6.53
C ILE B 155 64.11 27.95 6.01
N GLU B 156 64.35 28.39 4.78
CA GLU B 156 65.65 28.29 4.13
C GLU B 156 66.13 29.67 3.72
N ALA B 157 67.39 29.98 4.06
CA ALA B 157 67.97 31.27 3.70
C ALA B 157 68.36 31.28 2.22
N MET B 158 68.37 32.47 1.62
CA MET B 158 68.73 32.63 0.18
C MET B 158 70.22 32.36 -0.01
N ARG B 172 72.79 27.00 0.03
CA ARG B 172 71.42 26.94 0.50
C ARG B 172 71.41 26.86 2.03
N GLN B 173 71.77 27.98 2.67
CA GLN B 173 71.91 28.01 4.11
C GLN B 173 70.56 27.89 4.80
N LYS B 174 70.51 27.12 5.88
CA LYS B 174 69.32 26.98 6.70
C LYS B 174 69.28 28.06 7.76
N ILE B 175 68.07 28.55 8.05
CA ILE B 175 67.87 29.59 9.06
C ILE B 175 66.65 29.24 9.90
N GLU B 176 66.62 29.78 11.12
CA GLU B 176 65.49 29.62 12.02
C GLU B 176 64.40 30.67 11.80
N VAL B 177 64.80 31.89 11.48
CA VAL B 177 63.87 32.99 11.23
C VAL B 177 64.25 33.63 9.89
N GLY B 178 63.25 34.19 9.21
CA GLY B 178 63.52 34.78 7.91
C GLY B 178 62.54 35.89 7.58
N LEU B 179 62.81 36.62 6.48
CA LEU B 179 61.91 37.70 6.00
C LEU B 179 61.28 37.26 4.68
N VAL B 180 60.03 36.80 4.71
CA VAL B 180 59.30 36.44 3.46
C VAL B 180 59.31 37.71 2.61
N VAL B 181 59.58 37.61 1.30
CA VAL B 181 59.69 38.80 0.41
C VAL B 181 59.24 38.41 -1.01
N GLY B 182 59.15 39.39 -1.91
CA GLY B 182 58.73 39.14 -3.32
C GLY B 182 59.58 38.09 -3.99
N ASN B 183 60.88 38.03 -3.70
CA ASN B 183 61.83 37.09 -4.35
C ASN B 183 62.01 35.85 -3.47
N SER B 184 60.92 35.16 -3.11
CA SER B 184 60.96 33.94 -2.25
C SER B 184 60.06 32.85 -2.83
N GLN B 185 60.49 31.58 -2.79
CA GLN B 185 59.67 30.45 -3.23
C GLN B 185 59.11 29.69 -2.03
N VAL B 186 57.82 29.41 -2.07
CA VAL B 186 57.14 28.76 -0.95
C VAL B 186 56.53 27.45 -1.46
N ALA B 187 56.81 26.38 -0.73
CA ALA B 187 56.25 25.05 -0.99
C ALA B 187 55.28 24.74 0.13
N PHE B 188 54.31 23.87 -0.14
CA PHE B 188 53.32 23.53 0.87
C PHE B 188 53.12 22.02 0.96
N GLU B 189 53.02 21.54 2.20
CA GLU B 189 52.83 20.12 2.50
C GLU B 189 51.66 19.90 3.44
N LYS B 190 50.83 18.91 3.11
CA LYS B 190 49.65 18.62 3.91
C LYS B 190 50.07 18.13 5.30
N ALA B 191 49.23 18.45 6.29
CA ALA B 191 49.50 18.00 7.65
C ALA B 191 49.39 16.49 7.72
N GLU B 192 50.10 15.90 8.68
CA GLU B 192 50.06 14.46 8.86
C GLU B 192 48.62 13.99 9.05
N ASN B 193 48.21 13.01 8.25
CA ASN B 193 46.88 12.43 8.26
C ASN B 193 45.81 13.41 7.79
N SER B 194 46.20 14.53 7.18
CA SER B 194 45.25 15.49 6.65
C SER B 194 44.71 15.03 5.30
N SER B 195 43.41 15.23 5.10
CA SER B 195 42.74 14.88 3.85
C SER B 195 42.84 15.98 2.80
N LEU B 196 43.50 17.10 3.13
CA LEU B 196 43.55 18.23 2.21
C LEU B 196 44.35 17.85 0.96
N ASN B 197 43.80 18.18 -0.21
CA ASN B 197 44.30 17.68 -1.49
C ASN B 197 45.11 18.79 -2.15
N LEU B 198 46.44 18.65 -2.10
CA LEU B 198 47.35 19.64 -2.66
C LEU B 198 47.65 19.31 -4.11
N ILE B 199 47.58 20.31 -4.98
CA ILE B 199 47.94 20.17 -6.39
C ILE B 199 48.90 21.30 -6.76
N GLY B 200 49.66 21.06 -7.83
CA GLY B 200 50.59 22.03 -8.35
C GLY B 200 52.03 21.60 -8.20
N LYS B 201 52.93 22.56 -8.43
CA LYS B 201 54.37 22.33 -8.34
C LYS B 201 54.99 22.74 -7.02
N ALA B 202 54.28 23.54 -6.21
CA ALA B 202 54.82 24.00 -4.92
C ALA B 202 54.46 22.97 -3.84
N LYS B 203 55.16 21.84 -3.90
CA LYS B 203 54.98 20.76 -2.95
C LYS B 203 56.32 20.04 -2.78
N THR B 204 56.32 18.81 -2.24
CA THR B 204 57.56 18.00 -2.06
C THR B 204 57.21 16.51 -2.23
N SER B 210 46.85 6.38 4.28
CA SER B 210 46.60 5.58 3.08
C SER B 210 45.20 4.99 3.10
N ILE B 211 44.78 4.40 1.99
CA ILE B 211 43.46 3.78 1.92
C ILE B 211 43.35 2.69 2.98
N ILE B 212 44.41 1.91 3.17
CA ILE B 212 44.39 0.88 4.21
C ILE B 212 44.43 1.53 5.59
N ASN B 213 44.04 0.75 6.60
CA ASN B 213 44.17 1.21 7.97
C ASN B 213 45.65 1.33 8.35
N PRO B 214 45.98 2.28 9.21
CA PRO B 214 47.40 2.42 9.60
C PRO B 214 47.97 1.19 10.26
N ASP B 215 47.18 0.46 11.03
CA ASP B 215 47.62 -0.73 11.75
C ASP B 215 46.90 -1.94 11.20
N TRP B 216 47.65 -2.90 10.66
CA TRP B 216 47.08 -4.15 10.18
C TRP B 216 48.18 -5.16 9.89
N ASN B 217 48.01 -6.39 10.41
CA ASN B 217 48.94 -7.48 10.14
C ASN B 217 48.14 -8.73 9.84
N PHE B 218 48.70 -9.57 8.95
CA PHE B 218 47.98 -10.76 8.51
C PHE B 218 47.69 -11.69 9.69
N GLU B 219 48.66 -11.90 10.58
CA GLU B 219 48.50 -12.87 11.65
C GLU B 219 47.36 -12.50 12.59
N LYS B 220 46.96 -11.23 12.63
CA LYS B 220 45.84 -10.82 13.47
C LYS B 220 44.50 -11.14 12.82
N MET B 221 44.46 -11.38 11.51
CA MET B 221 43.20 -11.60 10.83
C MET B 221 42.47 -12.83 11.36
N GLY B 222 43.22 -13.77 11.93
CA GLY B 222 42.64 -14.98 12.47
C GLY B 222 42.46 -16.10 11.46
N ILE B 223 42.60 -15.80 10.16
CA ILE B 223 42.49 -16.82 9.13
C ILE B 223 43.76 -17.66 9.12
N GLY B 224 43.59 -18.98 9.04
CA GLY B 224 44.72 -19.88 9.11
C GLY B 224 44.81 -20.86 7.96
N GLY B 225 45.86 -20.72 7.15
CA GLY B 225 46.13 -21.68 6.09
C GLY B 225 46.10 -21.08 4.71
N LEU B 226 45.15 -20.20 4.45
CA LEU B 226 45.00 -19.58 3.13
C LEU B 226 46.09 -18.50 3.00
N ASP B 227 47.21 -18.87 2.39
CA ASP B 227 48.36 -17.98 2.28
C ASP B 227 48.63 -17.58 0.83
N LYS B 228 48.81 -18.56 -0.07
CA LYS B 228 49.03 -18.23 -1.47
C LYS B 228 47.83 -17.49 -2.06
N GLU B 229 46.62 -17.95 -1.71
CA GLU B 229 45.42 -17.33 -2.26
C GLU B 229 45.31 -15.87 -1.86
N PHE B 230 45.58 -15.57 -0.59
CA PHE B 230 45.52 -14.18 -0.12
C PHE B 230 46.56 -13.32 -0.84
N SER B 231 47.78 -13.84 -0.99
CA SER B 231 48.82 -13.08 -1.67
C SER B 231 48.43 -12.78 -3.10
N ASP B 232 47.93 -13.78 -3.82
CA ASP B 232 47.54 -13.56 -5.21
C ASP B 232 46.35 -12.61 -5.30
N ILE B 233 45.40 -12.73 -4.37
CA ILE B 233 44.25 -11.84 -4.36
C ILE B 233 44.71 -10.40 -4.19
N PHE B 234 45.64 -10.17 -3.27
CA PHE B 234 46.22 -8.83 -3.14
C PHE B 234 46.85 -8.40 -4.44
N ARG B 235 47.69 -9.27 -5.03
CA ARG B 235 48.38 -8.91 -6.26
C ARG B 235 47.44 -8.52 -7.37
N ARG B 236 46.28 -9.14 -7.44
CA ARG B 236 45.38 -8.90 -8.56
C ARG B 236 44.43 -7.73 -8.30
N ALA B 237 43.88 -7.63 -7.09
CA ALA B 237 42.81 -6.70 -6.81
C ALA B 237 43.23 -5.49 -5.98
N PHE B 238 44.50 -5.40 -5.56
CA PHE B 238 44.91 -4.30 -4.70
C PHE B 238 46.26 -3.69 -5.03
N ALA B 239 46.98 -4.22 -6.02
CA ALA B 239 48.31 -3.67 -6.32
C ALA B 239 48.22 -2.22 -6.75
N SER B 240 47.29 -1.91 -7.65
CA SER B 240 47.17 -0.55 -8.18
C SER B 240 46.71 0.46 -7.13
N ARG B 241 46.04 0.00 -6.07
CA ARG B 241 45.44 0.90 -5.09
C ARG B 241 46.39 1.28 -3.96
N VAL B 242 47.65 0.84 -4.01
CA VAL B 242 48.65 1.25 -3.02
C VAL B 242 49.81 2.01 -3.65
N PHE B 243 49.97 1.97 -4.97
CA PHE B 243 51.07 2.65 -5.64
C PHE B 243 50.78 4.15 -5.72
N PRO B 244 51.78 5.00 -5.52
CA PRO B 244 51.50 6.41 -5.26
C PRO B 244 50.71 7.03 -6.40
N PRO B 245 49.85 7.99 -6.11
CA PRO B 245 48.86 8.43 -7.13
C PRO B 245 49.46 8.97 -8.41
N GLU B 246 50.60 9.67 -8.35
CA GLU B 246 51.09 10.34 -9.55
C GLU B 246 51.43 9.35 -10.65
N ILE B 247 52.07 8.24 -10.30
CA ILE B 247 52.48 7.29 -11.34
C ILE B 247 51.26 6.60 -11.91
N VAL B 248 50.23 6.36 -11.10
CA VAL B 248 49.04 5.71 -11.61
C VAL B 248 48.20 6.69 -12.44
N GLU B 249 48.30 7.98 -12.15
CA GLU B 249 47.65 8.97 -13.01
C GLU B 249 48.31 9.01 -14.38
N GLN B 250 49.64 9.12 -14.41
CA GLN B 250 50.35 8.97 -15.67
C GLN B 250 50.12 7.59 -16.28
N MET B 251 49.68 6.62 -15.47
CA MET B 251 49.67 5.22 -15.88
C MET B 251 48.50 4.93 -16.83
N GLY B 252 47.32 5.49 -16.54
CA GLY B 252 46.17 5.33 -17.40
C GLY B 252 45.37 4.05 -17.22
N CYS B 253 45.75 3.18 -16.29
CA CYS B 253 45.04 1.92 -16.11
C CYS B 253 43.74 2.13 -15.33
N LYS B 254 43.02 1.04 -15.09
CA LYS B 254 41.77 1.06 -14.35
C LYS B 254 41.70 -0.13 -13.41
N HIS B 255 41.26 0.11 -12.19
CA HIS B 255 41.22 -0.91 -11.15
C HIS B 255 40.19 -2.00 -11.48
N VAL B 256 40.50 -3.22 -11.06
CA VAL B 256 39.56 -4.34 -11.23
C VAL B 256 38.34 -4.10 -10.35
N LYS B 257 37.19 -4.62 -10.78
CA LYS B 257 35.91 -4.38 -10.13
C LYS B 257 35.13 -5.68 -9.96
N GLY B 258 35.77 -6.74 -9.49
CA GLY B 258 35.07 -7.98 -9.25
C GLY B 258 35.93 -9.13 -8.77
N ILE B 259 35.44 -9.87 -7.77
CA ILE B 259 36.13 -11.05 -7.27
C ILE B 259 35.10 -12.14 -7.03
N LEU B 260 35.52 -13.40 -7.26
CA LEU B 260 34.66 -14.59 -7.10
C LEU B 260 35.36 -15.56 -6.15
N LEU B 261 34.64 -16.24 -5.27
CA LEU B 261 35.22 -17.26 -4.35
C LEU B 261 34.34 -18.51 -4.45
N TYR B 262 34.90 -19.67 -4.84
CA TYR B 262 34.14 -20.95 -4.91
C TYR B 262 34.94 -22.03 -4.19
N GLY B 263 34.35 -23.18 -3.89
CA GLY B 263 35.01 -24.25 -3.11
C GLY B 263 34.03 -24.98 -2.21
N PRO B 264 34.38 -26.14 -1.63
CA PRO B 264 33.43 -26.90 -0.84
C PRO B 264 32.78 -26.03 0.22
N PRO B 265 31.57 -26.36 0.68
CA PRO B 265 30.86 -25.53 1.63
C PRO B 265 31.40 -25.68 3.06
N GLY B 266 31.66 -24.57 3.75
CA GLY B 266 32.09 -24.60 5.15
C GLY B 266 33.59 -24.71 5.28
N CYS B 267 34.34 -23.74 4.74
CA CYS B 267 35.81 -23.71 4.89
C CYS B 267 36.30 -22.25 4.95
N GLY B 268 35.41 -21.31 5.25
CA GLY B 268 35.77 -19.89 5.41
C GLY B 268 35.32 -19.06 4.24
N LYS B 269 34.38 -19.55 3.46
CA LYS B 269 33.93 -18.84 2.25
C LYS B 269 33.45 -17.47 2.69
N THR B 270 32.98 -17.31 3.92
CA THR B 270 32.48 -16.01 4.44
C THR B 270 33.53 -15.31 5.28
N LEU B 271 34.43 -16.04 5.94
CA LEU B 271 35.37 -15.35 6.86
C LEU B 271 36.27 -14.45 6.04
N LEU B 272 36.97 -15.00 5.06
CA LEU B 272 37.87 -14.21 4.21
C LEU B 272 37.14 -12.96 3.76
N ALA B 273 35.82 -13.01 3.59
CA ALA B 273 35.08 -11.87 3.06
C ALA B 273 35.09 -10.72 4.06
N ARG B 274 34.68 -11.02 5.29
CA ARG B 274 34.57 -9.96 6.29
C ARG B 274 35.95 -9.38 6.60
N GLN B 275 36.97 -10.23 6.65
CA GLN B 275 38.30 -9.74 7.00
C GLN B 275 38.82 -8.79 5.93
N ILE B 276 38.63 -9.13 4.65
CA ILE B 276 39.05 -8.21 3.60
C ILE B 276 38.19 -6.95 3.64
N GLY B 277 36.93 -7.08 4.04
CA GLY B 277 36.09 -5.89 4.12
C GLY B 277 36.57 -4.91 5.18
N LYS B 278 36.90 -5.41 6.36
CA LYS B 278 37.25 -4.53 7.48
C LYS B 278 38.75 -4.28 7.61
N MET B 279 39.58 -4.86 6.75
CA MET B 279 41.02 -4.56 6.82
C MET B 279 41.31 -3.17 6.26
N LEU B 280 40.55 -2.73 5.26
CA LEU B 280 40.74 -1.41 4.68
C LEU B 280 40.15 -0.34 5.59
N ASN B 281 40.31 0.92 5.19
CA ASN B 281 39.69 2.06 5.85
C ASN B 281 38.51 2.61 5.05
N ALA B 282 37.97 1.82 4.14
CA ALA B 282 36.85 2.26 3.31
C ALA B 282 35.57 2.29 4.15
N ARG B 283 34.46 2.61 3.48
CA ARG B 283 33.19 2.71 4.17
C ARG B 283 32.70 1.33 4.58
N GLU B 284 31.75 1.31 5.51
CA GLU B 284 31.21 0.05 6.00
C GLU B 284 30.54 -0.71 4.85
N PRO B 285 30.81 -2.00 4.68
CA PRO B 285 30.26 -2.72 3.53
C PRO B 285 28.77 -2.96 3.67
N LYS B 286 28.05 -2.76 2.57
CA LYS B 286 26.65 -3.15 2.50
C LYS B 286 26.55 -4.65 2.22
N VAL B 287 25.43 -5.30 2.56
CA VAL B 287 25.33 -6.78 2.37
C VAL B 287 23.91 -7.15 1.97
N VAL B 288 23.77 -8.11 1.04
CA VAL B 288 22.44 -8.59 0.56
C VAL B 288 22.52 -10.09 0.34
N ASN B 289 21.60 -10.84 0.95
CA ASN B 289 21.52 -12.30 0.75
C ASN B 289 20.95 -12.50 -0.66
N GLY B 290 21.21 -13.65 -1.28
CA GLY B 290 20.75 -13.93 -2.65
C GLY B 290 19.24 -13.82 -2.82
N PRO B 291 18.40 -14.29 -1.88
CA PRO B 291 16.96 -14.31 -2.09
C PRO B 291 16.21 -13.08 -1.59
N GLU B 292 16.90 -12.15 -0.92
CA GLU B 292 16.23 -10.96 -0.32
C GLU B 292 16.25 -9.80 -1.30
N ILE B 293 15.69 -9.96 -2.51
CA ILE B 293 15.61 -8.87 -3.53
C ILE B 293 14.36 -9.06 -4.40
N LEU B 294 13.36 -9.81 -3.98
CA LEU B 294 12.19 -10.14 -4.84
C LEU B 294 10.86 -9.89 -4.13
N ASN B 295 9.89 -9.24 -4.79
CA ASN B 295 8.52 -9.01 -4.26
C ASN B 295 7.52 -9.60 -5.26
N LYS B 296 6.48 -8.88 -5.67
CA LYS B 296 5.54 -9.36 -6.72
C LYS B 296 5.10 -8.19 -7.60
N TYR B 297 4.70 -7.06 -7.03
CA TYR B 297 4.20 -5.89 -7.79
C TYR B 297 5.22 -5.59 -8.88
N VAL B 298 4.77 -5.46 -10.14
CA VAL B 298 5.68 -5.27 -11.31
C VAL B 298 6.63 -4.11 -11.07
N GLY B 299 7.94 -4.34 -11.14
CA GLY B 299 8.95 -3.27 -11.06
C GLY B 299 9.71 -3.23 -9.74
N GLU B 300 9.19 -3.81 -8.65
CA GLU B 300 9.82 -3.71 -7.34
C GLU B 300 11.23 -4.31 -7.39
N SER B 301 11.33 -5.56 -7.84
CA SER B 301 12.62 -6.25 -7.84
C SER B 301 13.68 -5.41 -8.55
N GLU B 302 13.30 -4.72 -9.61
CA GLU B 302 14.27 -3.94 -10.37
C GLU B 302 14.80 -2.79 -9.52
N ALA B 303 13.89 -1.95 -9.01
CA ALA B 303 14.32 -0.82 -8.18
C ALA B 303 15.20 -1.29 -7.04
N ASN B 304 14.93 -2.49 -6.51
CA ASN B 304 15.70 -2.97 -5.37
C ASN B 304 17.19 -2.93 -5.68
N ILE B 305 17.60 -3.55 -6.79
CA ILE B 305 19.02 -3.59 -7.10
C ILE B 305 19.54 -2.19 -7.31
N ARG B 306 18.73 -1.32 -7.93
CA ARG B 306 19.22 0.01 -8.28
C ARG B 306 19.57 0.81 -7.04
N LYS B 307 18.84 0.61 -5.95
CA LYS B 307 19.10 1.44 -4.77
C LYS B 307 20.53 1.30 -4.27
N LEU B 308 21.21 0.20 -4.62
CA LEU B 308 22.54 -0.06 -4.09
C LEU B 308 23.56 0.99 -4.52
N PHE B 309 23.54 1.39 -5.79
CA PHE B 309 24.59 2.22 -6.37
C PHE B 309 24.34 3.72 -6.22
N ALA B 310 23.25 4.12 -5.55
CA ALA B 310 22.93 5.53 -5.45
C ALA B 310 24.06 6.31 -4.78
N ASP B 311 24.55 5.82 -3.64
CA ASP B 311 25.60 6.53 -2.92
C ASP B 311 26.89 6.60 -3.72
N ALA B 312 27.25 5.50 -4.38
CA ALA B 312 28.47 5.50 -5.19
C ALA B 312 28.37 6.52 -6.32
N GLU B 313 27.22 6.55 -7.01
CA GLU B 313 27.03 7.53 -8.08
C GLU B 313 27.09 8.95 -7.53
N GLU B 314 26.39 9.16 -6.42
CA GLU B 314 26.32 10.49 -5.81
C GLU B 314 27.75 10.99 -5.66
N GLU B 315 28.54 10.32 -4.81
CA GLU B 315 29.91 10.78 -4.51
C GLU B 315 30.73 10.74 -5.80
N GLN B 316 30.50 9.75 -6.65
CA GLN B 316 31.36 9.56 -7.83
C GLN B 316 31.66 10.93 -8.43
N ARG B 317 30.63 11.68 -8.80
CA ARG B 317 30.81 13.00 -9.46
C ARG B 317 31.10 14.05 -8.40
N ARG B 318 30.49 13.96 -7.22
CA ARG B 318 30.65 14.99 -6.17
C ARG B 318 32.15 15.29 -5.98
N LEU B 319 32.99 14.26 -5.85
CA LEU B 319 34.44 14.47 -5.59
C LEU B 319 35.24 14.20 -6.86
N GLY B 320 34.56 13.83 -7.94
CA GLY B 320 35.22 13.47 -9.19
C GLY B 320 36.13 12.27 -8.98
N ALA B 321 37.45 12.47 -8.98
CA ALA B 321 38.43 11.38 -8.80
C ALA B 321 38.90 11.37 -7.34
N ASN B 322 38.30 12.22 -6.49
CA ASN B 322 38.68 12.31 -5.06
C ASN B 322 37.68 11.48 -4.25
N SER B 323 36.81 10.71 -4.90
CA SER B 323 35.76 9.90 -4.24
C SER B 323 36.38 8.67 -3.55
N GLY B 324 35.65 7.98 -2.66
CA GLY B 324 36.18 6.87 -1.85
C GLY B 324 35.72 5.49 -2.30
N LEU B 325 36.28 4.42 -1.74
CA LEU B 325 35.98 3.02 -2.16
C LEU B 325 34.65 2.54 -1.61
N HIS B 326 34.01 1.57 -2.28
CA HIS B 326 32.75 0.99 -1.84
C HIS B 326 32.80 -0.51 -2.07
N ILE B 327 32.24 -1.27 -1.14
CA ILE B 327 32.29 -2.72 -1.16
C ILE B 327 30.87 -3.25 -1.14
N ILE B 328 30.55 -4.16 -2.05
CA ILE B 328 29.28 -4.87 -2.05
C ILE B 328 29.58 -6.37 -2.00
N ILE B 329 28.86 -7.08 -1.13
CA ILE B 329 29.11 -8.50 -0.87
C ILE B 329 27.88 -9.31 -1.27
N PHE B 330 28.11 -10.36 -2.05
CA PHE B 330 27.05 -11.22 -2.59
C PHE B 330 27.32 -12.64 -2.11
N ASP B 331 26.42 -13.15 -1.28
CA ASP B 331 26.50 -14.52 -0.80
C ASP B 331 25.46 -15.35 -1.54
N GLU B 332 25.92 -16.42 -2.19
CA GLU B 332 25.03 -17.30 -2.95
C GLU B 332 24.38 -16.57 -4.11
N ILE B 333 25.20 -15.83 -4.87
CA ILE B 333 24.67 -15.21 -6.08
C ILE B 333 24.07 -16.29 -6.97
N ASP B 334 24.72 -17.44 -6.96
CA ASP B 334 24.18 -18.60 -7.69
C ASP B 334 22.78 -18.85 -7.16
N ALA B 335 21.83 -19.17 -8.02
CA ALA B 335 20.44 -19.50 -7.71
C ALA B 335 19.53 -18.31 -8.02
N ILE B 336 20.08 -17.10 -8.06
CA ILE B 336 19.33 -15.94 -8.51
C ILE B 336 19.84 -15.43 -9.85
N CYS B 337 21.08 -15.75 -10.24
CA CYS B 337 21.63 -15.37 -11.53
C CYS B 337 22.26 -16.63 -12.14
N LYS B 338 21.43 -17.53 -12.65
CA LYS B 338 21.92 -18.73 -13.30
C LYS B 338 22.23 -18.47 -14.77
N GLN B 339 21.21 -18.18 -15.57
CA GLN B 339 21.37 -18.01 -17.00
C GLN B 339 20.14 -17.31 -17.55
N ARG B 340 20.36 -16.46 -18.55
CA ARG B 340 19.30 -15.63 -19.11
C ARG B 340 18.55 -16.34 -20.24
N GLY B 341 18.13 -17.58 -19.99
CA GLY B 341 17.41 -18.35 -20.99
C GLY B 341 18.28 -18.62 -22.20
N SER B 342 17.83 -19.51 -23.10
CA SER B 342 18.56 -19.75 -24.34
C SER B 342 18.02 -18.94 -25.50
N MET B 343 16.78 -19.21 -25.93
CA MET B 343 16.19 -18.43 -27.03
C MET B 343 14.70 -18.16 -26.89
N ALA B 344 14.03 -18.61 -25.83
CA ALA B 344 12.60 -18.38 -25.70
C ALA B 344 12.18 -18.70 -24.26
N GLY B 345 10.87 -18.75 -24.04
CA GLY B 345 10.34 -18.97 -22.70
C GLY B 345 10.49 -17.74 -21.83
N SER B 346 10.19 -17.93 -20.55
CA SER B 346 10.36 -16.88 -19.55
C SER B 346 10.79 -17.48 -18.23
N THR B 347 11.89 -16.98 -17.68
CA THR B 347 12.38 -17.39 -16.37
C THR B 347 11.87 -16.44 -15.29
N GLY B 348 10.86 -15.63 -15.61
CA GLY B 348 10.28 -14.72 -14.65
C GLY B 348 11.19 -13.54 -14.37
N VAL B 349 11.06 -13.00 -13.15
CA VAL B 349 11.88 -11.87 -12.76
C VAL B 349 13.36 -12.19 -12.88
N HIS B 350 13.70 -13.47 -12.90
CA HIS B 350 15.11 -13.87 -13.00
C HIS B 350 15.73 -13.31 -14.26
N ASP B 351 14.94 -13.13 -15.32
CA ASP B 351 15.49 -12.61 -16.56
C ASP B 351 15.52 -11.09 -16.57
N THR B 352 14.59 -10.44 -15.86
CA THR B 352 14.58 -8.98 -15.82
C THR B 352 15.67 -8.41 -14.91
N VAL B 353 16.09 -9.16 -13.89
CA VAL B 353 17.02 -8.58 -12.92
C VAL B 353 18.46 -8.71 -13.39
N VAL B 354 18.82 -9.83 -14.04
CA VAL B 354 20.21 -10.05 -14.40
C VAL B 354 20.69 -8.95 -15.33
N ASN B 355 19.89 -8.64 -16.36
CA ASN B 355 20.27 -7.55 -17.26
C ASN B 355 20.37 -6.25 -16.47
N GLN B 356 19.40 -6.02 -15.58
CA GLN B 356 19.46 -4.82 -14.77
C GLN B 356 20.75 -4.77 -13.98
N LEU B 357 21.17 -5.91 -13.43
CA LEU B 357 22.46 -5.96 -12.75
C LEU B 357 23.60 -5.64 -13.71
N LEU B 358 23.64 -6.32 -14.85
CA LEU B 358 24.77 -6.16 -15.75
C LEU B 358 24.90 -4.71 -16.21
N SER B 359 23.78 -4.08 -16.56
CA SER B 359 23.83 -2.70 -17.03
C SER B 359 24.51 -1.80 -16.01
N LYS B 360 24.40 -2.13 -14.73
CA LYS B 360 24.99 -1.27 -13.71
C LYS B 360 26.48 -1.58 -13.51
N ILE B 361 26.87 -2.85 -13.66
CA ILE B 361 28.28 -3.19 -13.48
C ILE B 361 29.13 -2.46 -14.51
N ASP B 362 28.62 -2.32 -15.74
CA ASP B 362 29.35 -1.65 -16.81
C ASP B 362 28.32 -1.06 -17.76
N GLY B 363 28.08 0.25 -17.65
CA GLY B 363 27.11 0.92 -18.49
C GLY B 363 27.69 2.09 -19.25
N VAL B 364 26.82 2.93 -19.80
CA VAL B 364 27.29 4.10 -20.56
C VAL B 364 28.12 5.00 -19.67
N GLU B 365 27.60 5.34 -18.49
CA GLU B 365 28.36 6.09 -17.51
C GLU B 365 29.40 5.19 -16.85
N GLN B 366 30.54 5.78 -16.50
CA GLN B 366 31.67 5.04 -15.95
C GLN B 366 31.78 5.27 -14.45
N LEU B 367 32.15 4.20 -13.74
CA LEU B 367 32.41 4.26 -12.31
C LEU B 367 33.82 3.76 -12.05
N ASN B 368 34.46 4.32 -11.02
CA ASN B 368 35.85 3.97 -10.73
C ASN B 368 36.14 3.80 -9.25
N ASN B 369 35.11 3.68 -8.40
CA ASN B 369 35.31 3.55 -6.95
C ASN B 369 34.37 2.51 -6.38
N ILE B 370 34.24 1.36 -7.05
CA ILE B 370 33.34 0.31 -6.60
C ILE B 370 34.06 -1.02 -6.65
N LEU B 371 33.55 -1.97 -5.86
CA LEU B 371 34.12 -3.30 -5.80
C LEU B 371 33.04 -4.29 -5.39
N VAL B 372 33.01 -5.43 -6.09
CA VAL B 372 31.99 -6.43 -5.93
C VAL B 372 32.66 -7.76 -5.57
N ILE B 373 32.13 -8.42 -4.54
CA ILE B 373 32.62 -9.70 -4.08
C ILE B 373 31.47 -10.67 -4.21
N GLY B 374 31.74 -11.84 -4.76
CA GLY B 374 30.72 -12.86 -4.94
C GLY B 374 31.22 -14.19 -4.45
N MET B 375 30.33 -14.96 -3.86
CA MET B 375 30.71 -16.27 -3.32
C MET B 375 29.60 -17.28 -3.54
N THR B 376 29.97 -18.46 -4.03
CA THR B 376 29.01 -19.54 -4.26
C THR B 376 29.66 -20.89 -4.02
N ASN B 377 28.85 -21.95 -4.15
CA ASN B 377 29.28 -23.32 -3.97
C ASN B 377 29.23 -24.14 -5.25
N ARG B 378 28.75 -23.55 -6.35
CA ARG B 378 28.68 -24.24 -7.66
C ARG B 378 29.19 -23.28 -8.73
N PRO B 379 30.44 -23.36 -9.19
CA PRO B 379 30.98 -22.38 -10.13
C PRO B 379 30.69 -22.78 -11.58
N ASP B 380 29.45 -23.17 -11.88
CA ASP B 380 29.11 -23.68 -13.23
C ASP B 380 27.83 -23.08 -13.76
N LEU B 381 26.95 -22.60 -12.90
CA LEU B 381 25.62 -22.16 -13.37
C LEU B 381 25.56 -20.64 -13.47
N ILE B 382 26.67 -19.93 -13.31
CA ILE B 382 26.68 -18.43 -13.33
C ILE B 382 26.68 -17.97 -14.78
N ASP B 383 25.78 -17.05 -15.18
CA ASP B 383 25.69 -16.63 -16.57
C ASP B 383 27.08 -16.24 -17.09
N GLU B 384 27.32 -16.59 -18.36
CA GLU B 384 28.65 -16.36 -18.94
C GLU B 384 28.96 -14.87 -19.04
N ALA B 385 27.98 -14.06 -19.44
CA ALA B 385 28.23 -12.64 -19.63
C ALA B 385 28.90 -12.01 -18.42
N LEU B 386 28.40 -12.31 -17.23
CA LEU B 386 28.89 -11.67 -16.01
C LEU B 386 30.27 -12.16 -15.60
N LEU B 387 30.80 -13.17 -16.28
CA LEU B 387 32.14 -13.71 -15.96
C LEU B 387 33.04 -13.61 -17.19
N ARG B 388 32.95 -12.51 -17.95
CA ARG B 388 33.83 -12.27 -19.13
C ARG B 388 34.88 -11.25 -18.73
N PRO B 389 36.10 -11.30 -19.26
CA PRO B 389 37.13 -10.39 -18.82
C PRO B 389 36.50 -9.00 -18.75
N GLY B 390 36.56 -8.34 -17.59
CA GLY B 390 36.03 -6.98 -17.41
C GLY B 390 35.18 -6.87 -16.17
N ARG B 391 34.27 -7.81 -15.94
CA ARG B 391 33.39 -7.84 -14.74
C ARG B 391 33.63 -9.17 -14.03
N LEU B 392 33.71 -9.21 -12.70
CA LEU B 392 34.06 -10.48 -12.05
C LEU B 392 35.14 -11.21 -12.85
N GLU B 393 36.31 -10.59 -12.95
CA GLU B 393 37.41 -11.14 -13.78
C GLU B 393 38.24 -12.15 -12.99
N VAL B 394 38.52 -11.91 -11.71
CA VAL B 394 39.38 -12.78 -10.93
C VAL B 394 38.51 -13.74 -10.11
N LYS B 395 38.85 -15.02 -10.17
CA LYS B 395 38.14 -16.05 -9.42
C LYS B 395 39.15 -16.87 -8.63
N MET B 396 38.70 -17.43 -7.51
CA MET B 396 39.57 -18.19 -6.63
C MET B 396 38.81 -19.34 -6.01
N GLU B 397 39.56 -20.34 -5.54
CA GLU B 397 39.00 -21.53 -4.92
C GLU B 397 39.59 -21.70 -3.53
N ILE B 398 38.77 -22.20 -2.61
CA ILE B 398 39.18 -22.44 -1.23
C ILE B 398 38.97 -23.92 -0.96
N GLY B 399 40.03 -24.71 -1.15
CA GLY B 399 39.96 -26.15 -1.00
C GLY B 399 40.14 -26.59 0.44
N LEU B 400 39.84 -27.87 0.69
CA LEU B 400 39.88 -28.44 2.06
C LEU B 400 41.25 -28.18 2.66
N PRO B 401 41.37 -28.12 4.00
CA PRO B 401 42.63 -27.76 4.61
C PRO B 401 43.66 -28.89 4.56
N ASP B 402 44.94 -28.56 4.57
CA ASP B 402 46.04 -29.55 4.62
C ASP B 402 46.43 -29.70 6.10
N GLU B 403 47.38 -30.57 6.46
CA GLU B 403 47.72 -30.77 7.87
C GLU B 403 48.22 -29.47 8.50
N LYS B 404 49.05 -28.72 7.78
CA LYS B 404 49.58 -27.48 8.34
C LYS B 404 48.47 -26.49 8.64
N GLY B 405 47.47 -26.41 7.76
CA GLY B 405 46.33 -25.56 8.04
C GLY B 405 45.57 -26.00 9.28
N ARG B 406 45.41 -27.31 9.46
CA ARG B 406 44.78 -27.82 10.68
C ARG B 406 45.57 -27.40 11.91
N LEU B 407 46.89 -27.54 11.85
CA LEU B 407 47.74 -27.12 12.96
C LEU B 407 47.52 -25.65 13.28
N GLN B 408 47.60 -24.79 12.27
CA GLN B 408 47.47 -23.36 12.51
C GLN B 408 46.09 -23.01 13.05
N ILE B 409 45.05 -23.65 12.53
CA ILE B 409 43.69 -23.35 13.00
C ILE B 409 43.55 -23.75 14.46
N LEU B 410 44.02 -24.94 14.82
CA LEU B 410 43.94 -25.38 16.20
C LEU B 410 44.73 -24.44 17.11
N HIS B 411 45.92 -24.02 16.67
CA HIS B 411 46.71 -23.10 17.47
C HIS B 411 45.98 -21.78 17.69
N ILE B 412 45.37 -21.24 16.63
CA ILE B 412 44.65 -19.97 16.74
C ILE B 412 43.50 -20.10 17.72
N HIS B 413 42.73 -21.19 17.61
CA HIS B 413 41.54 -21.33 18.45
C HIS B 413 41.85 -21.89 19.83
N THR B 414 43.10 -22.24 20.12
CA THR B 414 43.48 -22.65 21.47
C THR B 414 44.40 -21.65 22.16
N ALA B 415 44.83 -20.59 21.46
CA ALA B 415 45.69 -19.59 22.08
C ALA B 415 45.04 -18.98 23.31
N ARG B 416 43.73 -18.70 23.24
CA ARG B 416 43.06 -18.02 24.35
C ARG B 416 43.21 -18.82 25.64
N MET B 417 43.02 -20.13 25.57
CA MET B 417 43.22 -20.96 26.75
C MET B 417 44.69 -21.18 27.06
N ARG B 418 45.56 -21.17 26.04
CA ARG B 418 46.98 -21.22 26.32
C ARG B 418 47.47 -19.99 27.08
N GLY B 419 46.67 -18.93 27.08
CA GLY B 419 47.00 -17.74 27.84
C GLY B 419 46.68 -17.86 29.32
N HIS B 420 45.44 -18.20 29.65
CA HIS B 420 44.98 -18.24 31.04
C HIS B 420 45.33 -19.54 31.75
N GLN B 421 46.27 -20.33 31.21
CA GLN B 421 46.70 -21.58 31.83
C GLN B 421 45.53 -22.52 32.12
N LEU B 422 44.43 -22.37 31.38
CA LEU B 422 43.26 -23.19 31.55
C LEU B 422 43.34 -24.50 30.78
N LEU B 423 44.41 -24.71 30.02
CA LEU B 423 44.61 -25.91 29.23
C LEU B 423 45.64 -26.80 29.91
N SER B 424 45.28 -28.06 30.13
CA SER B 424 46.21 -29.00 30.72
C SER B 424 47.40 -29.23 29.80
N ALA B 425 48.59 -29.30 30.39
CA ALA B 425 49.81 -29.57 29.60
C ALA B 425 49.77 -30.93 28.94
N ASP B 426 48.84 -31.81 29.34
CA ASP B 426 48.75 -33.13 28.74
C ASP B 426 48.52 -33.07 27.23
N VAL B 427 47.61 -32.20 26.78
CA VAL B 427 47.24 -32.18 25.37
C VAL B 427 48.43 -31.79 24.51
N ASP B 428 48.50 -32.40 23.32
CA ASP B 428 49.56 -32.13 22.35
C ASP B 428 48.93 -31.74 21.02
N ILE B 429 49.08 -30.47 20.64
CA ILE B 429 48.46 -29.97 19.41
C ILE B 429 48.79 -30.88 18.23
N LYS B 430 50.08 -31.19 18.06
CA LYS B 430 50.51 -31.92 16.87
C LYS B 430 49.80 -33.26 16.75
N GLU B 431 49.71 -34.00 17.86
CA GLU B 431 49.06 -35.32 17.81
C GLU B 431 47.62 -35.18 17.32
N LEU B 432 46.88 -34.23 17.90
CA LEU B 432 45.49 -34.05 17.51
C LEU B 432 45.39 -33.67 16.04
N ALA B 433 46.30 -32.81 15.57
CA ALA B 433 46.33 -32.45 14.16
C ALA B 433 46.50 -33.70 13.30
N VAL B 434 47.46 -34.54 13.67
CA VAL B 434 47.68 -35.79 12.94
C VAL B 434 46.40 -36.60 12.88
N GLU B 435 45.73 -36.76 14.03
CA GLU B 435 44.54 -37.60 14.07
C GLU B 435 43.45 -37.11 13.13
N THR B 436 43.35 -35.79 12.93
CA THR B 436 42.24 -35.20 12.19
C THR B 436 42.56 -35.17 10.70
N LYS B 437 41.72 -35.82 9.90
CA LYS B 437 41.89 -35.89 8.47
C LYS B 437 40.60 -35.49 7.76
N ASN B 438 40.74 -34.75 6.67
CA ASN B 438 39.62 -34.33 5.83
C ASN B 438 38.57 -33.58 6.64
N PHE B 439 38.94 -33.03 7.77
CA PHE B 439 37.94 -32.39 8.67
C PHE B 439 37.61 -31.02 8.11
N SER B 440 36.33 -30.67 8.09
CA SER B 440 35.87 -29.36 7.60
C SER B 440 36.52 -28.28 8.45
N GLY B 441 37.15 -27.31 7.83
CA GLY B 441 37.76 -26.20 8.58
C GLY B 441 36.89 -25.84 9.76
N ALA B 442 35.60 -25.59 9.55
CA ALA B 442 34.70 -25.13 10.63
C ALA B 442 34.49 -26.26 11.62
N GLU B 443 34.33 -27.47 11.12
CA GLU B 443 34.04 -28.60 12.00
C GLU B 443 35.07 -28.61 13.13
N LEU B 444 36.31 -28.16 12.89
CA LEU B 444 37.38 -28.24 13.91
C LEU B 444 36.91 -27.52 15.16
N GLU B 445 36.38 -26.32 15.04
CA GLU B 445 35.81 -25.52 16.14
C GLU B 445 34.76 -26.31 16.89
N GLY B 446 33.92 -27.06 16.17
CA GLY B 446 32.93 -27.89 16.83
C GLY B 446 33.55 -28.94 17.73
N LEU B 447 34.65 -29.55 17.27
CA LEU B 447 35.35 -30.53 18.09
C LEU B 447 35.91 -29.89 19.35
N VAL B 448 36.53 -28.71 19.20
CA VAL B 448 37.04 -28.00 20.37
C VAL B 448 35.91 -27.73 21.35
N ARG B 449 34.77 -27.27 20.83
CA ARG B 449 33.64 -26.96 21.69
C ARG B 449 33.10 -28.22 22.38
N ALA B 450 33.07 -29.34 21.66
CA ALA B 450 32.57 -30.58 22.24
C ALA B 450 33.46 -31.05 23.38
N ALA B 451 34.79 -31.03 23.15
CA ALA B 451 35.71 -31.40 24.22
C ALA B 451 35.56 -30.47 25.40
N GLN B 452 35.42 -29.17 25.13
CA GLN B 452 35.19 -28.19 26.19
C GLN B 452 33.97 -28.53 27.02
N SER B 453 32.84 -28.76 26.35
CA SER B 453 31.59 -29.01 27.06
C SER B 453 31.68 -30.29 27.88
N THR B 454 32.29 -31.33 27.31
CA THR B 454 32.45 -32.57 28.05
C THR B 454 33.29 -32.34 29.30
N ALA B 455 34.44 -31.68 29.15
CA ALA B 455 35.31 -31.44 30.30
C ALA B 455 34.60 -30.63 31.37
N MET B 456 33.87 -29.58 30.96
CA MET B 456 33.24 -28.72 31.95
C MET B 456 32.04 -29.42 32.60
N ASN B 457 31.37 -30.31 31.86
CA ASN B 457 30.34 -31.16 32.46
C ASN B 457 30.94 -32.13 33.46
N ARG B 458 32.20 -32.51 33.26
CA ARG B 458 32.87 -33.42 34.18
C ARG B 458 32.69 -32.96 35.62
N HIS B 459 32.78 -31.65 35.86
CA HIS B 459 32.71 -31.11 37.20
C HIS B 459 31.28 -30.81 37.65
N ILE B 460 30.31 -30.79 36.73
CA ILE B 460 28.93 -30.45 37.08
C ILE B 460 28.31 -31.55 37.95
N LYS B 461 29.04 -32.65 38.16
CA LYS B 461 28.54 -33.73 39.00
C LYS B 461 29.41 -33.97 40.23
N ALA B 462 30.34 -33.07 40.52
CA ALA B 462 31.23 -33.25 41.66
C ALA B 462 31.37 -31.96 42.46
N SER B 463 31.40 -30.82 41.78
CA SER B 463 31.73 -29.55 42.42
C SER B 463 30.49 -28.70 42.69
N THR B 464 29.77 -28.31 41.63
CA THR B 464 28.58 -27.51 41.78
C THR B 464 27.32 -28.35 41.97
N LYS B 465 27.41 -29.67 41.77
CA LYS B 465 26.30 -30.54 42.08
C LYS B 465 26.01 -30.54 43.57
N VAL B 466 27.06 -30.55 44.39
CA VAL B 466 26.92 -30.60 45.85
C VAL B 466 27.21 -29.26 46.52
N GLU B 467 27.58 -28.24 45.74
CA GLU B 467 27.88 -26.92 46.29
C GLU B 467 28.97 -27.00 47.35
N VAL B 468 29.88 -27.96 47.18
CA VAL B 468 31.03 -28.13 48.07
C VAL B 468 32.17 -28.63 47.21
N ASP B 469 33.41 -28.52 47.70
CA ASP B 469 34.60 -28.85 46.93
C ASP B 469 34.52 -28.24 45.53
N MET B 470 34.07 -26.98 45.49
CA MET B 470 33.93 -26.28 44.22
C MET B 470 35.25 -26.22 43.47
N GLU B 471 36.37 -26.27 44.20
CA GLU B 471 37.71 -26.22 43.60
C GLU B 471 37.81 -27.11 42.37
N LYS B 472 37.20 -28.30 42.42
CA LYS B 472 37.19 -29.21 41.28
C LYS B 472 36.90 -28.43 40.00
N ALA B 473 35.72 -27.80 39.93
CA ALA B 473 35.37 -27.01 38.77
C ALA B 473 36.17 -25.71 38.72
N GLU B 474 36.48 -25.13 39.89
CA GLU B 474 37.20 -23.86 39.89
C GLU B 474 38.55 -24.01 39.21
N SER B 475 39.15 -25.19 39.30
CA SER B 475 40.45 -25.48 38.72
C SER B 475 40.31 -26.31 37.45
N LEU B 476 39.12 -26.26 36.82
CA LEU B 476 38.85 -27.05 35.62
C LEU B 476 39.97 -26.89 34.60
N GLN B 477 40.51 -28.03 34.17
CA GLN B 477 41.50 -28.06 33.10
C GLN B 477 41.10 -29.18 32.14
N VAL B 478 41.04 -28.85 30.85
CA VAL B 478 40.69 -29.84 29.83
C VAL B 478 41.91 -30.69 29.53
N THR B 479 41.73 -32.00 29.55
CA THR B 479 42.81 -32.96 29.36
C THR B 479 42.60 -33.75 28.07
N ARG B 480 43.70 -34.34 27.60
CA ARG B 480 43.66 -35.15 26.38
C ARG B 480 42.45 -36.08 26.39
N GLY B 481 42.14 -36.66 27.55
CA GLY B 481 41.03 -37.58 27.70
C GLY B 481 39.77 -37.04 27.06
N ASP B 482 39.32 -35.88 27.53
CA ASP B 482 38.06 -35.31 27.05
C ASP B 482 38.10 -35.12 25.53
N PHE B 483 39.20 -34.57 25.02
CA PHE B 483 39.30 -34.35 23.59
C PHE B 483 39.09 -35.64 22.82
N LEU B 484 39.84 -36.69 23.18
CA LEU B 484 39.72 -37.95 22.46
C LEU B 484 38.30 -38.51 22.59
N ALA B 485 37.74 -38.46 23.80
CA ALA B 485 36.40 -39.00 24.01
C ALA B 485 35.41 -38.31 23.10
N SER B 486 35.46 -36.99 23.04
CA SER B 486 34.51 -36.27 22.20
C SER B 486 34.76 -36.56 20.73
N LEU B 487 36.04 -36.65 20.35
CA LEU B 487 36.38 -36.94 18.96
C LEU B 487 35.79 -38.28 18.54
N GLU B 488 35.58 -39.18 19.48
CA GLU B 488 35.12 -40.51 19.11
C GLU B 488 33.61 -40.56 18.88
N ASN B 489 32.83 -39.73 19.59
CA ASN B 489 31.37 -39.91 19.58
C ASN B 489 30.59 -38.60 19.44
N ASP B 490 31.21 -37.51 18.99
CA ASP B 490 30.51 -36.23 18.93
C ASP B 490 30.55 -35.54 17.57
N ILE B 491 31.51 -35.84 16.70
CA ILE B 491 31.68 -35.15 15.43
C ILE B 491 31.62 -36.17 14.31
N LYS B 492 30.84 -35.87 13.27
CA LYS B 492 30.66 -36.74 12.11
C LYS B 492 31.03 -35.96 10.86
N PRO B 493 32.31 -35.92 10.49
CA PRO B 493 32.70 -35.13 9.33
C PRO B 493 32.02 -35.64 8.06
N ALA B 494 31.61 -34.70 7.21
CA ALA B 494 30.94 -35.07 5.97
C ALA B 494 31.90 -35.73 4.99
N PHE B 495 33.11 -35.19 4.87
CA PHE B 495 34.09 -35.66 3.89
C PHE B 495 35.02 -36.72 4.48
N GLY B 496 34.59 -37.45 5.51
CA GLY B 496 35.42 -38.41 6.18
C GLY B 496 34.71 -39.74 6.37
N THR B 497 35.45 -40.69 6.93
CA THR B 497 34.92 -42.02 7.17
C THR B 497 33.79 -41.96 8.21
N ASN B 498 33.18 -43.12 8.45
CA ASN B 498 32.07 -43.21 9.39
C ASN B 498 31.97 -44.65 9.88
N GLN B 499 32.17 -44.86 11.17
CA GLN B 499 32.31 -46.20 11.74
C GLN B 499 30.99 -46.75 12.26
N GLU B 500 29.96 -46.75 11.41
CA GLU B 500 28.70 -47.42 11.75
C GLU B 500 28.24 -48.32 10.62
N ASP B 501 28.55 -47.93 9.38
CA ASP B 501 28.15 -48.75 8.24
C ASP B 501 28.81 -50.12 8.29
N TYR B 502 30.11 -50.17 8.62
CA TYR B 502 30.81 -51.44 8.67
C TYR B 502 30.22 -52.35 9.75
N ALA B 503 29.90 -51.79 10.92
CA ALA B 503 29.20 -52.55 11.93
C ALA B 503 27.76 -52.86 11.53
N SER B 504 27.24 -52.21 10.49
CA SER B 504 25.89 -52.49 10.02
C SER B 504 25.89 -53.71 9.10
N TYR B 505 26.68 -53.66 8.03
CA TYR B 505 26.64 -54.72 7.02
C TYR B 505 27.13 -56.04 7.58
N ILE B 506 28.36 -56.07 8.10
CA ILE B 506 28.95 -57.32 8.57
C ILE B 506 28.33 -57.68 9.92
N MET B 507 27.19 -58.37 9.88
CA MET B 507 26.44 -58.67 11.10
C MET B 507 27.15 -59.67 12.00
N ASN B 508 27.86 -60.64 11.42
CA ASN B 508 28.42 -61.75 12.19
C ASN B 508 29.90 -61.97 11.89
N GLY B 509 30.62 -60.90 11.59
CA GLY B 509 32.05 -61.04 11.38
C GLY B 509 32.37 -61.80 10.11
N ILE B 510 33.61 -62.27 10.05
CA ILE B 510 34.13 -63.03 8.91
C ILE B 510 34.86 -64.25 9.47
N ILE B 511 34.18 -65.39 9.51
CA ILE B 511 34.77 -66.63 9.98
C ILE B 511 35.49 -67.29 8.81
N LYS B 512 36.73 -67.71 9.05
CA LYS B 512 37.52 -68.36 7.99
C LYS B 512 37.12 -69.84 7.95
N TRP B 513 36.26 -70.18 6.99
CA TRP B 513 35.78 -71.54 6.83
C TRP B 513 36.52 -72.31 5.75
N GLY B 514 37.52 -71.72 5.12
CA GLY B 514 38.25 -72.41 4.07
C GLY B 514 39.30 -71.51 3.46
N ASP B 515 40.12 -72.12 2.62
CA ASP B 515 41.20 -71.39 1.97
C ASP B 515 40.70 -70.21 1.13
N PRO B 516 39.63 -70.32 0.35
CA PRO B 516 39.32 -69.25 -0.62
C PRO B 516 39.26 -67.87 0.00
N VAL B 517 38.79 -67.75 1.25
CA VAL B 517 38.63 -66.42 1.83
C VAL B 517 39.96 -65.70 1.86
N THR B 518 41.03 -66.41 2.28
CA THR B 518 42.33 -65.77 2.33
C THR B 518 42.72 -65.25 0.95
N ARG B 519 42.50 -66.07 -0.09
CA ARG B 519 42.84 -65.62 -1.43
C ARG B 519 42.15 -64.30 -1.71
N VAL B 520 40.84 -64.25 -1.45
CA VAL B 520 40.10 -63.04 -1.78
C VAL B 520 40.71 -61.86 -1.06
N LEU B 521 40.98 -62.03 0.24
CA LEU B 521 41.46 -60.90 1.00
C LEU B 521 42.83 -60.47 0.48
N ASP B 522 43.68 -61.43 0.16
CA ASP B 522 44.99 -61.04 -0.36
C ASP B 522 44.84 -60.27 -1.65
N ASP B 523 43.94 -60.72 -2.52
CA ASP B 523 43.75 -60.00 -3.78
C ASP B 523 43.31 -58.57 -3.50
N GLY B 524 42.37 -58.40 -2.56
CA GLY B 524 41.94 -57.06 -2.25
C GLY B 524 43.08 -56.20 -1.78
N GLU B 525 43.94 -56.75 -0.93
CA GLU B 525 45.05 -55.95 -0.44
C GLU B 525 45.93 -55.51 -1.59
N LEU B 526 46.20 -56.41 -2.53
CA LEU B 526 47.04 -56.03 -3.65
C LEU B 526 46.41 -54.88 -4.41
N LEU B 527 45.09 -54.96 -4.65
CA LEU B 527 44.44 -53.89 -5.39
C LEU B 527 44.67 -52.57 -4.67
N VAL B 528 44.50 -52.55 -3.35
CA VAL B 528 44.66 -51.30 -2.63
C VAL B 528 46.07 -50.77 -2.86
N GLN B 529 47.06 -51.62 -2.61
CA GLN B 529 48.43 -51.15 -2.77
C GLN B 529 48.62 -50.56 -4.15
N GLN B 530 48.10 -51.24 -5.18
CA GLN B 530 48.32 -50.78 -6.53
C GLN B 530 47.81 -49.36 -6.69
N THR B 531 46.55 -49.11 -6.32
CA THR B 531 45.99 -47.79 -6.54
C THR B 531 46.76 -46.74 -5.77
N LYS B 532 47.33 -47.12 -4.62
CA LYS B 532 48.08 -46.15 -3.85
C LYS B 532 49.41 -45.83 -4.52
N ASN B 533 50.11 -46.84 -5.03
CA ASN B 533 51.48 -46.66 -5.47
C ASN B 533 51.61 -46.31 -6.94
N SER B 534 50.54 -46.38 -7.72
CA SER B 534 50.67 -46.08 -9.13
C SER B 534 50.69 -44.57 -9.36
N ASP B 535 51.17 -44.19 -10.54
CA ASP B 535 51.25 -42.79 -10.92
C ASP B 535 50.66 -42.57 -12.31
N ARG B 536 50.69 -43.61 -13.13
CA ARG B 536 50.17 -43.57 -14.49
C ARG B 536 48.85 -44.31 -14.63
N THR B 537 48.14 -44.53 -13.52
CA THR B 537 46.87 -45.25 -13.53
C THR B 537 46.02 -44.77 -12.36
N PRO B 538 45.54 -43.53 -12.43
CA PRO B 538 44.84 -42.96 -11.27
C PRO B 538 43.51 -43.64 -10.97
N LEU B 539 42.99 -44.45 -11.88
CA LEU B 539 41.71 -45.12 -11.70
C LEU B 539 41.91 -46.63 -11.74
N VAL B 540 41.09 -47.35 -10.97
CA VAL B 540 41.11 -48.81 -10.93
C VAL B 540 39.68 -49.28 -10.71
N SER B 541 39.42 -50.54 -11.06
CA SER B 541 38.08 -51.08 -10.94
C SER B 541 38.18 -52.58 -10.67
N VAL B 542 37.12 -53.12 -10.08
CA VAL B 542 37.02 -54.55 -9.81
C VAL B 542 35.56 -54.88 -9.57
N LEU B 543 35.14 -56.04 -10.06
CA LEU B 543 33.76 -56.51 -9.93
C LEU B 543 33.76 -57.87 -9.25
N LEU B 544 33.17 -57.93 -8.07
CA LEU B 544 33.02 -59.18 -7.34
C LEU B 544 31.72 -59.85 -7.75
N GLU B 545 31.74 -61.18 -7.78
CA GLU B 545 30.59 -61.95 -8.22
C GLU B 545 30.54 -63.27 -7.48
N GLY B 546 29.36 -63.87 -7.45
CA GLY B 546 29.16 -65.17 -6.87
C GLY B 546 27.70 -65.55 -6.82
N PRO B 547 27.41 -66.84 -6.62
CA PRO B 547 26.02 -67.28 -6.53
C PRO B 547 25.30 -66.58 -5.38
N PRO B 548 23.98 -66.66 -5.33
CA PRO B 548 23.23 -65.94 -4.28
C PRO B 548 23.63 -66.40 -2.89
N HIS B 549 23.64 -65.45 -1.95
CA HIS B 549 23.78 -65.73 -0.52
C HIS B 549 25.18 -66.20 -0.14
N SER B 550 26.18 -65.90 -0.94
CA SER B 550 27.56 -66.27 -0.62
C SER B 550 28.28 -65.22 0.22
N GLY B 551 27.67 -64.06 0.45
CA GLY B 551 28.25 -63.05 1.31
C GLY B 551 29.20 -62.10 0.60
N LYS B 552 28.90 -61.76 -0.64
CA LYS B 552 29.72 -60.80 -1.36
C LYS B 552 29.79 -59.47 -0.63
N THR B 553 28.63 -58.98 -0.17
CA THR B 553 28.58 -57.66 0.45
C THR B 553 29.51 -57.57 1.65
N ALA B 554 29.52 -58.59 2.51
CA ALA B 554 30.36 -58.55 3.70
C ALA B 554 31.83 -58.47 3.34
N LEU B 555 32.27 -59.29 2.38
CA LEU B 555 33.67 -59.27 1.98
C LEU B 555 34.04 -57.92 1.38
N ALA B 556 33.15 -57.36 0.55
CA ALA B 556 33.40 -56.03 0.00
C ALA B 556 33.57 -55.00 1.11
N ALA B 557 32.68 -55.06 2.10
CA ALA B 557 32.76 -54.12 3.21
C ALA B 557 34.08 -54.27 3.97
N LYS B 558 34.50 -55.52 4.21
CA LYS B 558 35.74 -55.74 4.93
C LYS B 558 36.94 -55.19 4.16
N ILE B 559 36.98 -55.47 2.84
CA ILE B 559 38.07 -54.95 2.03
C ILE B 559 38.09 -53.43 2.07
N ALA B 560 36.93 -52.80 1.94
CA ALA B 560 36.87 -51.35 2.00
C ALA B 560 37.36 -50.84 3.34
N GLU B 561 36.95 -51.49 4.43
CA GLU B 561 37.31 -51.01 5.76
C GLU B 561 38.81 -51.12 6.00
N GLU B 562 39.44 -52.18 5.50
CA GLU B 562 40.86 -52.40 5.77
C GLU B 562 41.78 -51.59 4.86
N SER B 563 41.27 -50.51 4.23
CA SER B 563 42.10 -49.68 3.38
C SER B 563 42.81 -48.56 4.12
N ASN B 564 42.28 -48.13 5.27
CA ASN B 564 42.78 -46.99 6.01
C ASN B 564 42.66 -45.68 5.21
N PHE B 565 41.85 -45.70 4.16
CA PHE B 565 41.67 -44.49 3.36
C PHE B 565 40.86 -43.45 4.13
N PRO B 566 41.03 -42.16 3.81
CA PRO B 566 40.31 -41.12 4.55
C PRO B 566 38.86 -40.96 4.13
N PHE B 567 38.47 -41.37 2.94
CA PHE B 567 37.13 -41.09 2.40
C PHE B 567 36.52 -42.38 1.89
N ILE B 568 35.47 -42.85 2.55
CA ILE B 568 34.80 -44.10 2.20
C ILE B 568 33.31 -43.84 2.12
N LYS B 569 32.63 -44.55 1.22
CA LYS B 569 31.18 -44.49 1.17
C LYS B 569 30.62 -45.81 0.65
N ILE B 570 29.32 -46.00 0.87
CA ILE B 570 28.60 -47.18 0.40
C ILE B 570 27.23 -46.74 -0.08
N CYS B 571 27.02 -46.74 -1.40
CA CYS B 571 25.74 -46.38 -2.00
C CYS B 571 24.89 -47.65 -2.07
N SER B 572 23.96 -47.81 -1.13
CA SER B 572 23.16 -49.05 -1.05
C SER B 572 21.75 -48.80 -1.56
N PRO B 573 21.16 -49.72 -2.33
CA PRO B 573 19.83 -49.49 -2.91
C PRO B 573 18.78 -49.12 -1.88
N ASP B 574 18.82 -49.76 -0.70
CA ASP B 574 17.78 -49.55 0.31
C ASP B 574 17.46 -48.08 0.51
N LYS B 575 18.47 -47.22 0.43
CA LYS B 575 18.27 -45.79 0.72
C LYS B 575 17.76 -45.02 -0.49
N MET B 576 16.95 -45.66 -1.34
CA MET B 576 16.34 -44.98 -2.48
C MET B 576 14.95 -45.53 -2.78
N ILE B 577 14.35 -46.27 -1.86
CA ILE B 577 13.07 -46.93 -2.11
C ILE B 577 12.07 -45.95 -2.68
N GLY B 578 11.36 -46.38 -3.73
CA GLY B 578 10.30 -45.58 -4.31
C GLY B 578 10.75 -44.38 -5.10
N PHE B 579 12.04 -44.26 -5.39
CA PHE B 579 12.56 -43.11 -6.11
C PHE B 579 12.16 -43.18 -7.58
N SER B 580 12.47 -42.11 -8.30
CA SER B 580 12.37 -42.06 -9.75
C SER B 580 13.78 -41.98 -10.33
N GLU B 581 13.96 -42.61 -11.50
CA GLU B 581 15.28 -42.75 -12.10
C GLU B 581 16.09 -41.46 -12.01
N THR B 582 15.41 -40.31 -12.15
CA THR B 582 16.11 -39.05 -12.04
C THR B 582 16.70 -38.87 -10.64
N ALA B 583 15.96 -39.26 -9.61
CA ALA B 583 16.48 -39.14 -8.25
C ALA B 583 17.70 -40.02 -8.05
N LYS B 584 17.66 -41.25 -8.56
CA LYS B 584 18.81 -42.14 -8.49
C LYS B 584 20.01 -41.48 -9.14
N CYS B 585 19.84 -41.04 -10.39
CA CYS B 585 20.93 -40.41 -11.13
C CYS B 585 21.53 -39.25 -10.35
N GLN B 586 20.67 -38.38 -9.81
CA GLN B 586 21.16 -37.22 -9.07
C GLN B 586 21.93 -37.65 -7.82
N ALA B 587 21.43 -38.65 -7.10
CA ALA B 587 22.11 -39.11 -5.90
C ALA B 587 23.51 -39.62 -6.24
N MET B 588 23.62 -40.44 -7.28
CA MET B 588 24.93 -40.95 -7.67
C MET B 588 25.85 -39.82 -8.11
N LYS B 589 25.31 -38.87 -8.88
CA LYS B 589 26.07 -37.69 -9.26
C LYS B 589 26.66 -37.01 -8.03
N LYS B 590 25.82 -36.79 -7.02
CA LYS B 590 26.30 -36.09 -5.82
C LYS B 590 27.38 -36.89 -5.10
N ILE B 591 27.17 -38.21 -4.97
CA ILE B 591 28.15 -39.03 -4.25
C ILE B 591 29.51 -38.94 -4.95
N PHE B 592 29.52 -39.15 -6.27
CA PHE B 592 30.80 -39.12 -6.98
C PHE B 592 31.41 -37.72 -6.96
N ASP B 593 30.58 -36.68 -7.07
CA ASP B 593 31.09 -35.32 -7.01
C ASP B 593 31.81 -35.07 -5.69
N ASP B 594 31.19 -35.46 -4.58
CA ASP B 594 31.84 -35.31 -3.29
C ASP B 594 33.13 -36.13 -3.24
N ALA B 595 33.08 -37.36 -3.75
CA ALA B 595 34.29 -38.20 -3.73
C ALA B 595 35.44 -37.54 -4.47
N TYR B 596 35.14 -36.77 -5.52
CA TYR B 596 36.20 -36.15 -6.31
C TYR B 596 37.07 -35.21 -5.47
N LYS B 597 36.58 -34.69 -4.35
CA LYS B 597 37.22 -33.58 -3.66
C LYS B 597 38.34 -34.00 -2.71
N SER B 598 38.62 -35.29 -2.56
CA SER B 598 39.65 -35.74 -1.64
C SER B 598 40.93 -36.10 -2.41
N GLN B 599 41.90 -36.65 -1.70
CA GLN B 599 43.13 -37.15 -2.31
C GLN B 599 43.15 -38.66 -2.44
N LEU B 600 42.36 -39.36 -1.64
CA LEU B 600 42.18 -40.80 -1.73
C LEU B 600 40.75 -41.10 -1.29
N SER B 601 40.21 -42.21 -1.77
CA SER B 601 38.80 -42.49 -1.51
C SER B 601 38.50 -43.94 -1.83
N CYS B 602 37.26 -44.34 -1.56
CA CYS B 602 36.77 -45.67 -1.87
C CYS B 602 35.25 -45.63 -1.82
N VAL B 603 34.61 -46.03 -2.92
CA VAL B 603 33.16 -45.98 -3.05
C VAL B 603 32.68 -47.38 -3.38
N VAL B 604 31.74 -47.92 -2.61
CA VAL B 604 31.26 -49.32 -2.77
C VAL B 604 29.81 -49.29 -3.23
N VAL B 605 29.56 -49.32 -4.53
CA VAL B 605 28.19 -49.35 -5.09
C VAL B 605 27.67 -50.78 -4.95
N ASP B 606 26.85 -51.09 -3.96
CA ASP B 606 26.43 -52.50 -3.70
C ASP B 606 25.19 -52.91 -4.45
N ASP B 607 25.03 -54.20 -4.73
CA ASP B 607 23.84 -54.75 -5.43
C ASP B 607 23.59 -53.94 -6.71
N ILE B 608 24.48 -54.05 -7.70
CA ILE B 608 24.33 -53.30 -8.97
C ILE B 608 23.11 -53.86 -9.71
N GLU B 609 22.87 -55.16 -9.62
CA GLU B 609 21.78 -55.78 -10.38
C GLU B 609 20.48 -55.08 -10.02
N ARG B 610 20.06 -55.13 -8.76
CA ARG B 610 18.75 -54.57 -8.35
C ARG B 610 18.76 -53.09 -8.70
N LEU B 611 19.85 -52.41 -8.42
CA LEU B 611 19.91 -50.97 -8.65
C LEU B 611 19.35 -50.62 -10.02
N LEU B 612 19.68 -51.42 -11.03
CA LEU B 612 19.22 -51.10 -12.38
C LEU B 612 17.87 -51.74 -12.70
N ASP B 613 16.92 -51.59 -11.78
CA ASP B 613 15.56 -52.12 -11.89
C ASP B 613 15.46 -53.28 -12.88
N TYR B 614 16.04 -54.43 -12.55
CA TYR B 614 15.97 -55.56 -13.47
C TYR B 614 14.72 -56.39 -13.21
N VAL B 615 14.44 -57.30 -14.15
CA VAL B 615 13.37 -58.28 -14.04
C VAL B 615 13.55 -59.26 -15.20
N PRO B 616 13.33 -60.56 -15.01
CA PRO B 616 13.65 -61.50 -16.10
C PRO B 616 12.70 -61.36 -17.27
N ILE B 617 11.40 -61.42 -17.01
CA ILE B 617 10.39 -61.26 -18.05
C ILE B 617 10.68 -59.95 -18.77
N GLY B 618 10.40 -59.90 -20.07
CA GLY B 618 10.77 -58.75 -20.87
C GLY B 618 11.98 -59.02 -21.74
N PRO B 619 13.17 -58.59 -21.30
CA PRO B 619 13.51 -57.93 -20.02
C PRO B 619 13.08 -56.47 -19.96
N ARG B 620 13.26 -55.83 -18.81
CA ARG B 620 12.99 -54.41 -18.65
C ARG B 620 14.04 -53.80 -17.75
N PHE B 621 14.25 -52.50 -17.91
CA PHE B 621 15.19 -51.75 -17.08
C PHE B 621 15.11 -50.27 -17.40
N SER B 622 16.02 -49.48 -16.85
CA SER B 622 16.07 -48.04 -17.09
C SER B 622 17.39 -47.71 -17.79
N ASN B 623 17.34 -47.55 -19.12
CA ASN B 623 18.56 -47.27 -19.91
C ASN B 623 19.31 -46.07 -19.32
N LEU B 624 18.62 -45.11 -18.70
CA LEU B 624 19.28 -43.91 -18.19
C LEU B 624 20.37 -44.28 -17.19
N VAL B 625 20.00 -45.06 -16.16
CA VAL B 625 20.95 -45.39 -15.12
C VAL B 625 22.13 -46.13 -15.72
N LEU B 626 21.87 -47.05 -16.65
CA LEU B 626 22.94 -47.81 -17.27
C LEU B 626 23.93 -46.88 -17.94
N GLN B 627 23.41 -46.00 -18.81
CA GLN B 627 24.24 -45.03 -19.56
C GLN B 627 25.05 -44.22 -18.54
N ALA B 628 24.43 -43.83 -17.42
CA ALA B 628 25.09 -43.05 -16.37
C ALA B 628 26.29 -43.81 -15.82
N LEU B 629 26.05 -44.98 -15.24
CA LEU B 629 27.14 -45.72 -14.61
C LEU B 629 28.24 -46.02 -15.61
N LEU B 630 27.87 -46.32 -16.86
CA LEU B 630 28.88 -46.73 -17.82
C LEU B 630 29.81 -45.55 -18.15
N VAL B 631 29.25 -44.35 -18.28
CA VAL B 631 30.09 -43.19 -18.52
C VAL B 631 30.92 -42.87 -17.27
N LEU B 632 30.32 -43.05 -16.08
CA LEU B 632 31.01 -42.65 -14.85
C LEU B 632 32.18 -43.57 -14.53
N LEU B 633 32.07 -44.85 -14.84
CA LEU B 633 33.13 -45.79 -14.45
C LEU B 633 34.44 -45.57 -15.21
N LYS B 634 34.51 -44.58 -16.10
CA LYS B 634 35.70 -44.33 -16.90
C LYS B 634 36.26 -42.93 -16.73
N LYS B 635 35.56 -42.04 -16.03
CA LYS B 635 35.98 -40.66 -15.90
C LYS B 635 37.10 -40.55 -14.87
N ALA B 636 38.26 -40.05 -15.29
CA ALA B 636 39.33 -39.81 -14.35
C ALA B 636 39.06 -38.55 -13.52
N PRO B 637 39.55 -38.49 -12.28
CA PRO B 637 39.35 -37.27 -11.48
C PRO B 637 40.29 -36.18 -11.94
N PRO B 638 40.18 -34.97 -11.37
CA PRO B 638 41.15 -33.93 -11.69
C PRO B 638 42.57 -34.38 -11.40
N GLN B 639 43.52 -33.65 -11.96
CA GLN B 639 44.92 -34.06 -11.91
C GLN B 639 45.39 -34.23 -10.47
N GLY B 640 46.21 -35.25 -10.24
CA GLY B 640 46.83 -35.45 -8.95
C GLY B 640 45.94 -36.04 -7.88
N ARG B 641 44.98 -36.88 -8.24
CA ARG B 641 44.13 -37.55 -7.27
C ARG B 641 43.84 -38.97 -7.75
N LYS B 642 43.48 -39.83 -6.81
CA LYS B 642 43.31 -41.25 -7.06
C LYS B 642 41.85 -41.63 -6.83
N LEU B 643 41.56 -42.93 -6.95
CA LEU B 643 40.21 -43.44 -6.74
C LEU B 643 40.26 -44.96 -6.77
N LEU B 644 39.14 -45.56 -6.37
CA LEU B 644 38.96 -47.01 -6.44
C LEU B 644 37.47 -47.30 -6.35
N ILE B 645 36.98 -48.19 -7.21
CA ILE B 645 35.56 -48.51 -7.28
C ILE B 645 35.41 -50.03 -7.30
N ILE B 646 34.61 -50.54 -6.37
CA ILE B 646 34.29 -51.96 -6.29
C ILE B 646 32.82 -52.15 -6.58
N GLY B 647 32.48 -53.27 -7.20
CA GLY B 647 31.10 -53.59 -7.51
C GLY B 647 30.77 -55.01 -7.12
N THR B 648 29.50 -55.21 -6.77
CA THR B 648 29.00 -56.52 -6.36
C THR B 648 27.72 -56.82 -7.11
N THR B 649 27.62 -58.03 -7.64
CA THR B 649 26.46 -58.45 -8.41
C THR B 649 26.23 -59.94 -8.19
N SER B 650 25.22 -60.48 -8.86
CA SER B 650 24.92 -61.90 -8.74
C SER B 650 24.53 -62.52 -10.09
N ARG B 651 24.66 -61.80 -11.19
CA ARG B 651 24.19 -62.26 -12.49
C ARG B 651 25.20 -61.90 -13.59
N LYS B 652 26.47 -62.19 -13.34
CA LYS B 652 27.54 -61.74 -14.21
C LYS B 652 27.19 -61.91 -15.69
N ASP B 653 26.42 -62.95 -16.01
CA ASP B 653 26.04 -63.21 -17.40
C ASP B 653 25.31 -62.00 -17.99
N VAL B 654 24.27 -61.52 -17.31
CA VAL B 654 23.47 -60.46 -17.89
C VAL B 654 24.30 -59.19 -18.01
N LEU B 655 25.07 -58.84 -16.98
CA LEU B 655 25.94 -57.67 -17.07
C LEU B 655 26.94 -57.82 -18.20
N GLN B 656 27.36 -59.05 -18.52
CA GLN B 656 28.17 -59.26 -19.70
C GLN B 656 27.37 -58.94 -20.97
N GLU B 657 26.11 -59.36 -21.01
CA GLU B 657 25.30 -59.11 -22.21
C GLU B 657 25.07 -57.62 -22.43
N MET B 658 25.16 -56.80 -21.37
CA MET B 658 25.01 -55.36 -21.50
C MET B 658 26.34 -54.65 -21.71
N GLU B 659 27.44 -55.40 -21.86
CA GLU B 659 28.74 -54.86 -22.21
C GLU B 659 29.36 -54.05 -21.09
N MET B 660 28.97 -54.31 -19.85
CA MET B 660 29.61 -53.63 -18.73
C MET B 660 30.93 -54.28 -18.37
N LEU B 661 31.06 -55.59 -18.60
CA LEU B 661 32.30 -56.28 -18.28
C LEU B 661 33.47 -55.70 -19.06
N ASN B 662 33.19 -55.13 -20.24
CA ASN B 662 34.24 -54.56 -21.07
C ASN B 662 35.01 -53.47 -20.32
N ALA B 663 34.34 -52.75 -19.41
CA ALA B 663 34.96 -51.62 -18.74
C ALA B 663 35.77 -52.06 -17.53
N PHE B 664 35.15 -52.79 -16.61
CA PHE B 664 35.84 -53.22 -15.40
C PHE B 664 37.18 -53.85 -15.77
N SER B 665 38.20 -53.57 -14.96
CA SER B 665 39.55 -54.02 -15.28
C SER B 665 39.84 -55.45 -14.84
N THR B 666 38.99 -56.06 -14.02
CA THR B 666 39.21 -57.43 -13.58
C THR B 666 37.99 -57.88 -12.78
N THR B 667 37.99 -59.14 -12.37
CA THR B 667 36.91 -59.70 -11.58
C THR B 667 37.47 -60.75 -10.63
N ILE B 668 36.73 -61.01 -9.56
CA ILE B 668 37.08 -62.03 -8.59
C ILE B 668 35.84 -62.84 -8.28
N HIS B 669 36.05 -64.11 -7.94
CA HIS B 669 34.96 -65.05 -7.68
C HIS B 669 34.96 -65.48 -6.22
N VAL B 670 33.77 -65.54 -5.64
CA VAL B 670 33.56 -66.06 -4.29
C VAL B 670 32.74 -67.34 -4.43
N PRO B 671 33.27 -68.51 -4.04
CA PRO B 671 32.52 -69.75 -4.21
C PRO B 671 31.56 -70.03 -3.06
N ASN B 672 30.87 -71.17 -3.14
CA ASN B 672 29.97 -71.61 -2.08
C ASN B 672 30.73 -72.52 -1.13
N ILE B 673 30.02 -73.10 -0.17
CA ILE B 673 30.57 -74.07 0.75
C ILE B 673 29.99 -75.42 0.35
N ALA B 674 30.77 -76.19 -0.41
CA ALA B 674 30.32 -77.49 -0.90
C ALA B 674 31.12 -78.67 -0.39
N THR B 675 32.32 -78.44 0.15
CA THR B 675 33.10 -79.51 0.73
C THR B 675 32.52 -79.91 2.08
N GLY B 676 32.26 -81.21 2.27
CA GLY B 676 31.75 -81.66 3.56
C GLY B 676 32.71 -81.34 4.68
N GLU B 677 34.02 -81.46 4.41
CA GLU B 677 35.02 -81.11 5.42
C GLU B 677 34.88 -79.65 5.81
N GLN B 678 34.78 -78.78 4.80
CA GLN B 678 34.57 -77.36 5.07
C GLN B 678 33.30 -77.14 5.86
N LEU B 679 32.23 -77.87 5.51
CA LEU B 679 30.97 -77.71 6.22
C LEU B 679 31.15 -78.00 7.71
N LEU B 680 31.79 -79.14 7.99
CA LEU B 680 32.02 -79.47 9.40
C LEU B 680 32.92 -78.43 10.06
N GLU B 681 33.95 -77.97 9.35
CA GLU B 681 34.84 -76.96 9.91
C GLU B 681 34.11 -75.66 10.19
N ALA B 682 33.19 -75.26 9.30
CA ALA B 682 32.40 -74.08 9.54
C ALA B 682 31.46 -74.26 10.72
N LEU B 683 30.84 -75.45 10.83
CA LEU B 683 29.96 -75.69 11.96
C LEU B 683 30.73 -75.65 13.27
N GLU B 684 31.98 -76.11 13.24
CA GLU B 684 32.82 -76.06 14.43
C GLU B 684 33.26 -74.63 14.74
N LEU B 685 33.61 -73.87 13.70
CA LEU B 685 34.02 -72.47 13.90
C LEU B 685 32.89 -71.67 14.52
N LEU B 686 31.67 -71.81 13.98
CA LEU B 686 30.47 -71.19 14.57
C LEU B 686 30.46 -71.63 16.02
N GLY B 687 30.72 -72.92 16.25
CA GLY B 687 30.82 -73.46 17.62
C GLY B 687 29.55 -74.13 18.06
N ASN B 688 28.46 -73.96 17.32
CA ASN B 688 27.15 -74.52 17.73
C ASN B 688 27.24 -76.05 17.66
N PHE B 689 26.27 -76.77 18.24
CA PHE B 689 26.19 -78.25 18.22
C PHE B 689 27.24 -78.89 19.11
N LYS B 690 26.87 -79.94 19.84
CA LYS B 690 27.76 -80.63 20.75
C LYS B 690 28.66 -81.61 20.01
N ASP B 691 29.66 -82.13 20.73
CA ASP B 691 30.60 -83.07 20.13
C ASP B 691 29.87 -84.28 19.58
N LYS B 692 29.05 -84.94 20.41
CA LYS B 692 28.33 -86.12 19.97
C LYS B 692 27.46 -85.79 18.75
N GLU B 693 26.75 -84.66 18.81
CA GLU B 693 25.87 -84.27 17.73
C GLU B 693 26.67 -84.05 16.46
N ARG B 694 27.76 -83.29 16.58
CA ARG B 694 28.61 -83.02 15.43
C ARG B 694 29.10 -84.33 14.81
N THR B 695 29.55 -85.27 15.65
CA THR B 695 30.09 -86.52 15.11
C THR B 695 29.02 -87.31 14.39
N THR B 696 27.82 -87.37 14.96
CA THR B 696 26.73 -88.09 14.28
C THR B 696 26.44 -87.44 12.94
N ILE B 697 26.30 -86.11 12.93
CA ILE B 697 26.00 -85.42 11.68
C ILE B 697 27.13 -85.67 10.69
N ALA B 698 28.36 -85.72 11.20
CA ALA B 698 29.52 -85.95 10.34
C ALA B 698 29.39 -87.27 9.62
N GLN B 699 29.17 -88.35 10.38
CA GLN B 699 29.04 -89.65 9.73
C GLN B 699 27.85 -89.64 8.78
N GLN B 700 26.87 -88.78 9.06
CA GLN B 700 25.66 -88.71 8.24
C GLN B 700 25.89 -87.99 6.92
N VAL B 701 26.82 -87.04 6.89
CA VAL B 701 26.98 -86.14 5.74
C VAL B 701 28.11 -86.59 4.82
N LYS B 702 29.26 -86.99 5.37
CA LYS B 702 30.43 -87.34 4.58
C LYS B 702 30.05 -88.09 3.32
N GLY B 703 29.12 -89.05 3.45
CA GLY B 703 28.68 -89.85 2.34
C GLY B 703 28.53 -89.09 1.04
N LYS B 704 27.84 -87.95 1.08
CA LYS B 704 27.53 -87.17 -0.10
C LYS B 704 28.24 -85.82 -0.05
N LYS B 705 27.92 -84.96 -1.02
CA LYS B 705 28.48 -83.64 -1.15
C LYS B 705 27.38 -82.59 -1.03
N VAL B 706 27.72 -81.44 -0.45
CA VAL B 706 26.77 -80.35 -0.28
C VAL B 706 27.15 -79.20 -1.22
N TRP B 707 26.26 -78.22 -1.30
CA TRP B 707 26.55 -77.00 -2.07
C TRP B 707 25.60 -75.88 -1.64
N ILE B 708 25.93 -75.18 -0.55
CA ILE B 708 25.05 -74.15 -0.01
C ILE B 708 25.85 -72.89 0.32
N GLY B 709 25.13 -71.78 0.39
CA GLY B 709 25.75 -70.53 0.82
C GLY B 709 25.78 -70.38 2.34
N ILE B 710 26.74 -69.60 2.81
CA ILE B 710 26.97 -69.46 4.25
C ILE B 710 25.73 -68.88 4.94
N LYS B 711 25.17 -67.81 4.36
CA LYS B 711 24.03 -67.16 4.98
C LYS B 711 22.89 -68.15 5.17
N LYS B 712 22.56 -68.88 4.11
CA LYS B 712 21.48 -69.85 4.22
C LYS B 712 21.83 -70.91 5.26
N LEU B 713 23.12 -71.20 5.44
CA LEU B 713 23.52 -72.12 6.50
C LEU B 713 23.13 -71.56 7.86
N LEU B 714 23.37 -70.26 8.07
CA LEU B 714 22.98 -69.65 9.34
C LEU B 714 21.47 -69.74 9.54
N MET B 715 20.71 -69.46 8.48
CA MET B 715 19.25 -69.47 8.62
C MET B 715 18.74 -70.87 8.94
N LEU B 716 19.30 -71.88 8.27
CA LEU B 716 18.94 -73.27 8.57
C LEU B 716 19.30 -73.63 9.99
N ILE B 717 20.47 -73.20 10.46
CA ILE B 717 20.86 -73.52 11.84
C ILE B 717 19.85 -72.94 12.81
N GLU B 718 19.43 -71.70 12.57
CA GLU B 718 18.45 -71.09 13.46
C GLU B 718 17.14 -71.84 13.43
N MET B 719 16.65 -72.19 12.24
CA MET B 719 15.43 -72.97 12.14
C MET B 719 15.54 -74.27 12.93
N SER B 720 16.65 -74.99 12.73
CA SER B 720 16.82 -76.30 13.35
C SER B 720 16.85 -76.20 14.87
N LEU B 721 17.55 -75.20 15.41
CA LEU B 721 17.81 -75.18 16.85
C LEU B 721 16.54 -75.08 17.68
N GLN B 722 15.40 -74.70 17.09
CA GLN B 722 14.22 -74.39 17.87
C GLN B 722 13.42 -75.62 18.30
N MET B 723 13.76 -76.81 17.82
CA MET B 723 13.05 -78.01 18.24
C MET B 723 13.64 -78.55 19.55
N ASP B 724 13.02 -79.60 20.07
CA ASP B 724 13.48 -80.21 21.30
C ASP B 724 14.84 -80.88 21.06
N PRO B 725 15.62 -81.11 22.12
CA PRO B 725 16.97 -81.64 21.92
C PRO B 725 17.00 -82.95 21.16
N GLU B 726 15.95 -83.76 21.24
CA GLU B 726 15.98 -85.07 20.61
C GLU B 726 15.89 -84.98 19.08
N TYR B 727 15.02 -84.11 18.57
CA TYR B 727 14.72 -84.06 17.14
C TYR B 727 15.50 -82.98 16.39
N ARG B 728 16.40 -82.26 17.07
CA ARG B 728 17.11 -81.17 16.40
C ARG B 728 17.95 -81.70 15.23
N VAL B 729 18.77 -82.72 15.49
CA VAL B 729 19.68 -83.20 14.46
C VAL B 729 18.90 -83.76 13.28
N ARG B 730 17.84 -84.54 13.55
CA ARG B 730 17.06 -85.14 12.48
C ARG B 730 16.42 -84.07 11.60
N LYS B 731 15.80 -83.08 12.23
CA LYS B 731 15.16 -82.01 11.45
C LYS B 731 16.20 -81.24 10.65
N PHE B 732 17.35 -80.94 11.24
CA PHE B 732 18.37 -80.20 10.51
C PHE B 732 18.85 -81.00 9.30
N LEU B 733 19.07 -82.30 9.48
CA LEU B 733 19.52 -83.13 8.37
C LEU B 733 18.48 -83.19 7.27
N ALA B 734 17.21 -83.33 7.64
CA ALA B 734 16.14 -83.34 6.64
C ALA B 734 16.11 -82.03 5.87
N LEU B 735 16.19 -80.90 6.57
CA LEU B 735 16.19 -79.61 5.91
C LEU B 735 17.38 -79.49 4.96
N LEU B 736 18.57 -79.87 5.42
CA LEU B 736 19.75 -79.75 4.59
C LEU B 736 19.61 -80.59 3.32
N ARG B 737 19.14 -81.84 3.47
CA ARG B 737 18.98 -82.69 2.31
C ARG B 737 17.97 -82.11 1.33
N GLU B 738 16.85 -81.59 1.85
CA GLU B 738 15.83 -81.03 0.97
C GLU B 738 16.39 -79.86 0.16
N GLU B 739 17.11 -78.96 0.82
CA GLU B 739 17.67 -77.78 0.17
C GLU B 739 19.03 -78.08 -0.45
N GLY B 740 19.08 -79.12 -1.28
CA GLY B 740 20.31 -79.52 -1.91
C GLY B 740 20.18 -79.58 -3.42
N ALA B 741 21.29 -79.34 -4.10
CA ALA B 741 21.36 -79.37 -5.55
C ALA B 741 22.83 -79.30 -5.93
N SER B 742 23.09 -79.27 -7.24
CA SER B 742 24.44 -79.21 -7.77
C SER B 742 24.48 -78.20 -8.90
N PRO B 743 25.68 -77.67 -9.22
CA PRO B 743 25.84 -76.72 -10.33
C PRO B 743 25.12 -77.14 -11.61
N ASN C 3 12.99 75.80 -21.16
CA ASN C 3 13.22 74.76 -22.21
C ASN C 3 14.66 74.28 -22.20
N MET C 4 15.59 75.22 -22.39
CA MET C 4 17.01 74.86 -22.44
C MET C 4 17.46 74.27 -21.11
N ALA C 5 17.08 74.90 -20.01
CA ALA C 5 17.41 74.40 -18.68
C ALA C 5 16.53 73.21 -18.28
N GLY C 6 15.34 73.11 -18.84
CA GLY C 6 14.41 72.05 -18.50
C GLY C 6 13.28 72.54 -17.62
N ARG C 7 12.12 71.90 -17.76
CA ARG C 7 10.93 72.27 -17.01
C ARG C 7 10.22 71.00 -16.53
N SER C 8 9.59 71.12 -15.37
CA SER C 8 8.76 70.03 -14.86
C SER C 8 7.52 69.89 -15.72
N MET C 9 7.12 68.65 -15.98
CA MET C 9 6.01 68.38 -16.89
C MET C 9 5.32 67.09 -16.46
N GLN C 10 4.07 66.94 -16.88
CA GLN C 10 3.26 65.77 -16.57
C GLN C 10 3.18 64.85 -17.78
N ALA C 11 3.31 63.55 -17.54
CA ALA C 11 3.23 62.57 -18.61
C ALA C 11 1.80 62.42 -19.11
N ALA C 12 1.64 62.21 -20.41
CA ALA C 12 0.34 62.04 -21.03
C ALA C 12 0.35 60.84 -21.96
N ARG C 13 -0.83 60.37 -22.31
CA ARG C 13 -0.99 59.23 -23.21
C ARG C 13 -1.00 59.70 -24.66
N CYS C 14 -0.45 58.87 -25.54
CA CYS C 14 -0.36 59.22 -26.95
C CYS C 14 -1.77 59.41 -27.53
N PRO C 15 -2.01 60.50 -28.28
CA PRO C 15 -3.38 60.78 -28.74
C PRO C 15 -3.82 59.98 -29.96
N THR C 16 -2.90 59.70 -30.89
CA THR C 16 -3.24 59.09 -32.16
C THR C 16 -2.33 57.91 -32.45
N ASP C 17 -2.87 56.95 -33.22
CA ASP C 17 -2.12 55.75 -33.57
C ASP C 17 -0.92 56.07 -34.44
N GLU C 18 -1.08 56.98 -35.41
CA GLU C 18 0.03 57.29 -36.30
C GLU C 18 1.22 57.85 -35.53
N LEU C 19 0.97 58.76 -34.58
CA LEU C 19 2.06 59.29 -33.77
C LEU C 19 2.70 58.20 -32.93
N SER C 20 1.88 57.30 -32.37
CA SER C 20 2.44 56.20 -31.59
C SER C 20 3.35 55.34 -32.46
N LEU C 21 2.96 55.11 -33.71
CA LEU C 21 3.80 54.37 -34.65
C LEU C 21 5.02 55.18 -35.07
N SER C 22 4.99 56.50 -34.90
CA SER C 22 6.11 57.34 -35.29
C SER C 22 7.26 57.31 -34.30
N ASN C 23 7.04 56.78 -33.09
CA ASN C 23 8.04 56.73 -32.03
C ASN C 23 8.46 58.13 -31.57
N CYS C 24 7.65 59.13 -31.86
CA CYS C 24 7.94 60.51 -31.51
C CYS C 24 7.12 60.92 -30.29
N ALA C 25 7.78 61.55 -29.32
CA ALA C 25 7.11 62.04 -28.13
C ALA C 25 6.19 63.20 -28.52
N VAL C 26 4.87 62.95 -28.47
CA VAL C 26 3.92 63.96 -28.89
C VAL C 26 3.90 65.09 -27.86
N VAL C 27 4.01 66.33 -28.34
CA VAL C 27 4.14 67.51 -27.48
C VAL C 27 3.13 68.58 -27.92
N SER C 28 2.98 69.59 -27.07
CA SER C 28 2.15 70.76 -27.34
C SER C 28 2.95 71.81 -28.12
N GLU C 29 2.33 72.37 -29.16
CA GLU C 29 3.02 73.35 -30.00
C GLU C 29 3.54 74.53 -29.20
N LYS C 30 2.83 74.95 -28.16
CA LYS C 30 3.28 76.08 -27.34
C LYS C 30 4.44 75.74 -26.42
N ASP C 31 4.81 74.47 -26.30
CA ASP C 31 5.92 74.06 -25.45
C ASP C 31 7.15 73.68 -26.25
N TYR C 32 6.99 72.89 -27.31
CA TYR C 32 8.09 72.45 -28.14
C TYR C 32 7.67 72.49 -29.59
N GLN C 33 8.64 72.28 -30.49
CA GLN C 33 8.41 72.24 -31.92
C GLN C 33 8.75 70.87 -32.48
N SER C 34 8.06 70.49 -33.55
CA SER C 34 8.24 69.17 -34.14
C SER C 34 9.71 68.96 -34.51
N GLY C 35 10.24 67.78 -34.17
CA GLY C 35 11.61 67.43 -34.47
C GLY C 35 12.58 67.70 -33.35
N GLN C 36 12.21 68.52 -32.37
CA GLN C 36 13.11 68.83 -31.27
C GLN C 36 13.37 67.60 -30.42
N HIS C 37 14.60 67.49 -29.92
CA HIS C 37 15.00 66.37 -29.08
C HIS C 37 15.06 66.85 -27.63
N VAL C 38 14.39 66.11 -26.74
CA VAL C 38 14.33 66.48 -25.33
C VAL C 38 14.70 65.29 -24.47
N ILE C 39 15.44 65.57 -23.40
CA ILE C 39 15.86 64.57 -22.43
C ILE C 39 14.88 64.61 -21.27
N VAL C 40 14.26 63.46 -21.01
CA VAL C 40 13.32 63.26 -19.92
C VAL C 40 14.09 62.65 -18.75
N ARG C 41 14.13 63.41 -17.65
CA ARG C 41 14.80 63.00 -16.41
C ARG C 41 13.69 62.50 -15.49
N THR C 42 13.62 61.18 -15.33
CA THR C 42 12.72 60.55 -14.37
C THR C 42 13.35 60.41 -13.00
N SER C 43 14.66 60.58 -12.90
CA SER C 43 15.42 60.46 -11.66
C SER C 43 16.82 61.00 -11.91
N PRO C 44 17.66 61.14 -10.89
CA PRO C 44 19.04 61.60 -11.14
C PRO C 44 19.82 60.70 -12.08
N ASN C 45 19.57 59.40 -12.05
CA ASN C 45 20.30 58.44 -12.86
C ASN C 45 19.50 57.92 -14.05
N HIS C 46 18.28 58.41 -14.26
CA HIS C 46 17.40 57.91 -15.31
C HIS C 46 17.05 59.03 -16.27
N LYS C 47 17.78 59.08 -17.39
CA LYS C 47 17.57 60.07 -18.43
C LYS C 47 17.30 59.34 -19.74
N TYR C 48 16.31 59.82 -20.50
CA TYR C 48 15.93 59.23 -21.77
C TYR C 48 15.83 60.32 -22.82
N ILE C 49 16.13 59.99 -24.07
CA ILE C 49 16.11 60.96 -25.16
C ILE C 49 14.94 60.65 -26.08
N PHE C 50 14.09 61.66 -26.33
CA PHE C 50 12.92 61.51 -27.18
C PHE C 50 12.91 62.59 -28.25
N THR C 51 12.34 62.25 -29.40
CA THR C 51 12.11 63.19 -30.49
C THR C 51 10.68 63.70 -30.42
N LEU C 52 10.53 65.03 -30.47
CA LEU C 52 9.24 65.67 -30.22
C LEU C 52 8.48 65.91 -31.51
N ARG C 53 7.19 65.57 -31.50
CA ARG C 53 6.28 65.80 -32.61
C ARG C 53 5.02 66.50 -32.08
N THR C 54 4.67 67.62 -32.70
CA THR C 54 3.54 68.40 -32.20
C THR C 54 2.20 67.79 -32.61
N HIS C 55 1.15 68.13 -31.85
CA HIS C 55 -0.22 67.70 -32.13
C HIS C 55 -1.18 68.67 -31.47
N PRO C 56 -2.29 69.03 -32.12
CA PRO C 56 -3.21 70.02 -31.52
C PRO C 56 -3.83 69.61 -30.19
N SER C 57 -4.11 68.33 -29.98
CA SER C 57 -4.82 67.88 -28.78
C SER C 57 -3.95 67.87 -27.53
N VAL C 58 -2.64 68.05 -27.67
CA VAL C 58 -1.75 67.97 -26.52
C VAL C 58 -2.02 69.14 -25.59
N VAL C 59 -2.43 68.84 -24.36
CA VAL C 59 -2.71 69.87 -23.36
C VAL C 59 -1.38 70.52 -22.98
N PRO C 60 -1.35 71.82 -22.68
CA PRO C 60 -0.08 72.44 -22.30
C PRO C 60 0.50 71.80 -21.05
N GLY C 61 1.84 71.73 -21.02
CA GLY C 61 2.50 71.21 -19.84
C GLY C 61 2.57 69.70 -19.78
N SER C 62 2.37 69.01 -20.90
CA SER C 62 2.45 67.56 -20.92
C SER C 62 2.94 67.09 -22.28
N VAL C 63 3.54 65.90 -22.28
CA VAL C 63 3.99 65.24 -23.51
C VAL C 63 3.27 63.90 -23.59
N ALA C 64 2.64 63.64 -24.73
CA ALA C 64 1.98 62.37 -24.96
C ALA C 64 3.01 61.31 -25.32
N PHE C 65 3.05 60.22 -24.56
CA PHE C 65 3.97 59.12 -24.77
C PHE C 65 3.17 57.86 -25.13
N SER C 66 3.60 57.17 -26.18
CA SER C 66 2.96 55.90 -26.52
C SER C 66 3.31 54.84 -25.48
N LEU C 67 2.50 53.77 -25.44
CA LEU C 67 2.72 52.71 -24.46
C LEU C 67 4.13 52.14 -24.53
N PRO C 68 4.68 51.78 -25.70
CA PRO C 68 6.07 51.29 -25.71
C PRO C 68 7.04 52.31 -25.12
N GLN C 69 6.92 53.57 -25.53
CA GLN C 69 7.83 54.60 -25.04
C GLN C 69 7.74 54.70 -23.53
N ARG C 70 6.54 54.95 -23.00
CA ARG C 70 6.36 55.04 -21.56
C ARG C 70 7.01 53.87 -20.85
N LYS C 71 6.66 52.64 -21.24
CA LYS C 71 7.18 51.48 -20.53
C LYS C 71 8.70 51.43 -20.59
N TRP C 72 9.27 51.39 -21.80
CA TRP C 72 10.73 51.46 -21.95
C TRP C 72 11.37 52.46 -20.99
N ALA C 73 10.79 53.65 -20.89
CA ALA C 73 11.32 54.71 -20.04
C ALA C 73 10.65 54.75 -18.67
N GLY C 74 9.74 53.81 -18.39
CA GLY C 74 9.05 53.81 -17.11
C GLY C 74 8.27 55.07 -16.83
N LEU C 75 7.54 55.56 -17.82
CA LEU C 75 6.78 56.79 -17.67
C LEU C 75 5.35 56.45 -17.26
N SER C 76 4.88 57.09 -16.20
CA SER C 76 3.54 56.87 -15.67
C SER C 76 2.66 58.05 -16.08
N ILE C 77 1.48 57.75 -16.63
CA ILE C 77 0.56 58.82 -17.02
C ILE C 77 0.15 59.60 -15.78
N GLY C 78 0.25 60.92 -15.86
CA GLY C 78 0.05 61.79 -14.72
C GLY C 78 1.26 61.97 -13.82
N GLN C 79 2.40 61.35 -14.16
CA GLN C 79 3.61 61.48 -13.37
C GLN C 79 4.37 62.75 -13.78
N GLU C 80 5.22 63.22 -12.87
CA GLU C 80 6.05 64.40 -13.11
C GLU C 80 7.45 63.98 -13.51
N ILE C 81 7.94 64.57 -14.60
CA ILE C 81 9.28 64.32 -15.14
C ILE C 81 9.89 65.68 -15.49
N GLU C 82 11.21 65.73 -15.55
CA GLU C 82 11.89 66.97 -15.92
C GLU C 82 12.35 66.84 -17.37
N VAL C 83 11.85 67.70 -18.25
CA VAL C 83 12.15 67.60 -19.67
C VAL C 83 12.94 68.84 -20.07
N ALA C 84 14.13 68.61 -20.64
CA ALA C 84 15.00 69.70 -21.07
C ALA C 84 15.49 69.47 -22.50
N LEU C 85 15.67 70.56 -23.24
CA LEU C 85 16.12 70.42 -24.62
C LEU C 85 17.46 69.70 -24.65
N TYR C 86 17.57 68.73 -25.56
CA TYR C 86 18.79 67.95 -25.76
C TYR C 86 19.24 68.14 -27.20
N SER C 87 20.53 68.39 -27.39
CA SER C 87 21.10 68.65 -28.71
C SER C 87 22.06 67.52 -29.08
N PHE C 88 21.86 66.95 -30.27
CA PHE C 88 22.72 65.89 -30.75
C PHE C 88 24.01 66.47 -31.32
N ASP C 89 25.09 65.69 -31.20
CA ASP C 89 26.36 66.00 -31.83
C ASP C 89 26.42 65.22 -33.14
N LYS C 90 25.83 65.80 -34.18
CA LYS C 90 25.65 65.08 -35.44
C LYS C 90 26.99 64.60 -36.01
N ALA C 91 28.06 65.37 -35.82
CA ALA C 91 29.36 64.95 -36.33
C ALA C 91 29.82 63.65 -35.69
N LYS C 92 29.26 63.28 -34.54
CA LYS C 92 29.61 62.04 -33.84
C LYS C 92 28.42 61.15 -33.51
N GLN C 93 27.19 61.68 -33.49
CA GLN C 93 26.02 60.93 -33.04
C GLN C 93 25.04 60.61 -34.17
N CYS C 94 25.48 60.71 -35.42
CA CYS C 94 24.65 60.31 -36.56
C CYS C 94 24.84 58.81 -36.78
N ILE C 95 23.80 58.03 -36.46
CA ILE C 95 23.91 56.58 -36.50
C ILE C 95 24.21 56.12 -37.91
N GLY C 96 25.37 55.48 -38.09
CA GLY C 96 25.74 54.89 -39.35
C GLY C 96 25.23 53.47 -39.50
N THR C 97 25.36 52.67 -38.43
CA THR C 97 24.90 51.29 -38.44
C THR C 97 24.21 50.96 -37.11
N MET C 98 22.91 50.69 -37.15
CA MET C 98 22.16 50.27 -35.96
C MET C 98 21.65 48.85 -36.15
N THR C 99 21.87 48.01 -35.16
CA THR C 99 21.41 46.63 -35.16
C THR C 99 20.11 46.57 -34.35
N ILE C 100 19.03 46.15 -35.00
CA ILE C 100 17.69 46.18 -34.41
C ILE C 100 17.15 44.76 -34.35
N GLU C 101 16.65 44.37 -33.18
CA GLU C 101 16.02 43.07 -32.99
C GLU C 101 14.54 43.21 -33.30
N ILE C 102 14.02 42.30 -34.12
CA ILE C 102 12.65 42.34 -34.62
C ILE C 102 11.94 41.08 -34.20
N ASP C 103 10.74 41.23 -33.65
CA ASP C 103 9.89 40.08 -33.36
C ASP C 103 8.44 40.49 -33.55
N PHE C 104 7.58 39.52 -33.85
CA PHE C 104 6.18 39.86 -34.03
C PHE C 104 5.64 40.53 -32.78
N LEU C 105 4.97 41.66 -32.95
CA LEU C 105 4.51 42.42 -31.79
C LEU C 105 3.38 41.71 -31.05
N GLN C 106 2.59 40.91 -31.77
CA GLN C 106 1.45 40.20 -31.19
C GLN C 106 1.49 38.76 -31.68
N LYS C 107 1.29 37.82 -30.76
CA LYS C 107 1.33 36.41 -31.12
C LYS C 107 0.18 36.03 -32.04
N LYS C 108 -0.97 36.68 -31.88
CA LYS C 108 -2.15 36.30 -32.67
C LYS C 108 -1.90 36.42 -34.16
N ASN C 109 -1.01 37.32 -34.58
CA ASN C 109 -0.76 37.56 -36.00
C ASN C 109 0.61 37.03 -36.45
N ILE C 110 1.21 36.10 -35.70
CA ILE C 110 2.46 35.50 -36.11
C ILE C 110 2.25 34.68 -37.37
N ASP C 111 3.14 34.84 -38.34
CA ASP C 111 2.99 34.18 -39.63
C ASP C 111 4.37 33.82 -40.16
N SER C 112 4.38 32.89 -41.11
CA SER C 112 5.61 32.41 -41.73
C SER C 112 5.97 33.16 -43.00
N ASN C 113 5.19 34.15 -43.38
CA ASN C 113 5.45 34.87 -44.62
C ASN C 113 6.82 35.56 -44.55
N PRO C 114 7.59 35.56 -45.64
CA PRO C 114 8.88 36.26 -45.62
C PRO C 114 8.70 37.77 -45.54
N TYR C 115 9.70 38.43 -44.95
CA TYR C 115 9.72 39.88 -44.83
C TYR C 115 11.05 40.38 -45.38
N ASP C 116 10.99 41.14 -46.46
CA ASP C 116 12.21 41.60 -47.12
C ASP C 116 12.89 42.64 -46.26
N THR C 117 14.13 42.36 -45.83
CA THR C 117 14.85 43.29 -44.99
C THR C 117 15.19 44.57 -45.73
N ASP C 118 15.48 44.50 -47.02
CA ASP C 118 15.84 45.71 -47.77
C ASP C 118 14.72 46.74 -47.72
N LYS C 119 13.49 46.32 -48.08
CA LYS C 119 12.37 47.26 -48.11
C LYS C 119 11.98 47.71 -46.71
N MET C 120 12.08 46.81 -45.73
CA MET C 120 11.71 47.19 -44.38
C MET C 120 12.72 48.15 -43.77
N ALA C 121 14.00 47.96 -44.07
CA ALA C 121 15.03 48.91 -43.64
C ALA C 121 14.83 50.26 -44.30
N ALA C 122 14.53 50.27 -45.61
CA ALA C 122 14.31 51.54 -46.28
C ALA C 122 13.12 52.27 -45.69
N GLU C 123 12.02 51.56 -45.45
CA GLU C 123 10.86 52.18 -44.81
C GLU C 123 11.19 52.64 -43.40
N PHE C 124 12.02 51.87 -42.68
CA PHE C 124 12.41 52.26 -41.33
C PHE C 124 13.14 53.59 -41.35
N ILE C 125 14.11 53.73 -42.25
CA ILE C 125 14.85 54.99 -42.36
C ILE C 125 13.91 56.11 -42.78
N GLN C 126 12.97 55.82 -43.68
CA GLN C 126 12.02 56.83 -44.13
C GLN C 126 11.17 57.34 -42.97
N GLN C 127 10.68 56.43 -42.13
CA GLN C 127 9.78 56.80 -41.03
C GLN C 127 10.54 57.46 -39.89
N PHE C 128 11.75 56.98 -39.59
CA PHE C 128 12.48 57.38 -38.40
C PHE C 128 13.68 58.26 -38.69
N ASN C 129 13.73 58.87 -39.89
CA ASN C 129 14.83 59.77 -40.19
C ASN C 129 14.82 60.96 -39.22
N ASN C 130 16.01 61.32 -38.75
CA ASN C 130 16.17 62.43 -37.82
C ASN C 130 15.38 62.20 -36.53
N GLN C 131 15.30 60.95 -36.09
CA GLN C 131 14.61 60.58 -34.86
C GLN C 131 15.59 59.89 -33.91
N ALA C 132 15.50 60.24 -32.63
CA ALA C 132 16.42 59.72 -31.63
C ALA C 132 16.24 58.22 -31.44
N PHE C 133 17.36 57.49 -31.38
CA PHE C 133 17.33 56.07 -31.09
C PHE C 133 18.47 55.73 -30.14
N SER C 134 18.19 54.86 -29.17
CA SER C 134 19.16 54.51 -28.14
C SER C 134 19.24 53.00 -28.01
N VAL C 135 20.41 52.53 -27.58
CA VAL C 135 20.60 51.11 -27.33
C VAL C 135 19.67 50.69 -26.21
N GLY C 136 18.93 49.61 -26.44
CA GLY C 136 17.95 49.14 -25.48
C GLY C 136 16.56 49.73 -25.65
N GLN C 137 16.39 50.71 -26.54
CA GLN C 137 15.07 51.28 -26.75
C GLN C 137 14.14 50.25 -27.39
N GLN C 138 12.88 50.29 -26.98
CA GLN C 138 11.84 49.41 -27.52
C GLN C 138 10.80 50.25 -28.22
N LEU C 139 10.33 49.78 -29.37
CA LEU C 139 9.35 50.55 -30.13
C LEU C 139 8.54 49.61 -31.00
N VAL C 140 7.42 50.13 -31.51
CA VAL C 140 6.51 49.40 -32.37
C VAL C 140 6.66 49.94 -33.79
N PHE C 141 6.99 49.07 -34.73
CA PHE C 141 7.21 49.44 -36.12
C PHE C 141 6.12 48.85 -37.00
N SER C 142 5.58 49.65 -37.90
CA SER C 142 4.56 49.20 -38.84
C SER C 142 5.22 48.90 -40.18
N PHE C 143 5.18 47.63 -40.59
CA PHE C 143 5.76 47.19 -41.85
C PHE C 143 4.80 46.23 -42.53
N ASN C 144 4.49 46.49 -43.80
CA ASN C 144 3.50 45.71 -44.55
C ASN C 144 2.18 45.65 -43.78
N ASP C 145 1.80 46.77 -43.18
CA ASP C 145 0.59 46.88 -42.40
C ASP C 145 0.56 45.81 -41.30
N LYS C 146 1.73 45.56 -40.71
CA LYS C 146 1.86 44.61 -39.62
C LYS C 146 2.64 45.28 -38.49
N LEU C 147 2.32 44.91 -37.25
CA LEU C 147 2.92 45.50 -36.06
C LEU C 147 4.05 44.62 -35.55
N PHE C 148 5.25 45.18 -35.48
CA PHE C 148 6.44 44.49 -35.02
C PHE C 148 6.99 45.19 -33.79
N GLY C 149 7.73 44.43 -32.99
CA GLY C 149 8.44 44.95 -31.85
C GLY C 149 9.91 45.01 -32.18
N LEU C 150 10.50 46.20 -32.07
CA LEU C 150 11.88 46.45 -32.42
C LEU C 150 12.65 46.92 -31.19
N LEU C 151 13.91 46.52 -31.13
CA LEU C 151 14.79 46.87 -30.01
C LEU C 151 16.20 47.15 -30.55
N VAL C 152 16.62 48.41 -30.46
CA VAL C 152 17.97 48.76 -30.89
C VAL C 152 18.99 48.06 -30.00
N LYS C 153 19.94 47.37 -30.62
CA LYS C 153 20.95 46.60 -29.90
C LYS C 153 22.36 47.17 -30.01
N ASP C 154 22.76 47.63 -31.19
CA ASP C 154 24.07 48.20 -31.41
C ASP C 154 23.93 49.50 -32.18
N ILE C 155 24.79 50.47 -31.87
CA ILE C 155 24.78 51.77 -32.52
C ILE C 155 26.22 52.17 -32.81
N GLU C 156 26.49 52.53 -34.05
CA GLU C 156 27.80 53.02 -34.47
C GLU C 156 27.64 54.43 -35.02
N ALA C 157 28.67 55.25 -34.80
CA ALA C 157 28.67 56.60 -35.35
C ALA C 157 29.10 56.56 -36.81
N MET C 158 28.89 57.68 -37.51
CA MET C 158 29.31 57.83 -38.89
C MET C 158 30.71 57.30 -39.12
N ARG C 172 34.69 52.73 -36.46
CA ARG C 172 33.30 52.49 -36.12
C ARG C 172 33.08 52.64 -34.60
N GLN C 173 33.02 53.89 -34.15
CA GLN C 173 32.81 54.15 -32.74
C GLN C 173 31.42 53.71 -32.31
N LYS C 174 31.31 53.26 -31.06
CA LYS C 174 30.05 52.83 -30.48
C LYS C 174 29.53 53.91 -29.54
N ILE C 175 28.23 54.22 -29.66
CA ILE C 175 27.61 55.28 -28.88
C ILE C 175 26.37 54.71 -28.17
N GLU C 176 26.02 55.34 -27.05
CA GLU C 176 24.83 54.91 -26.31
C GLU C 176 23.55 55.35 -27.02
N VAL C 177 23.53 56.56 -27.58
CA VAL C 177 22.36 57.09 -28.27
C VAL C 177 22.82 57.84 -29.51
N GLY C 178 22.03 57.73 -30.58
CA GLY C 178 22.35 58.40 -31.83
C GLY C 178 21.10 58.87 -32.55
N LEU C 179 21.34 59.60 -33.64
CA LEU C 179 20.28 60.12 -34.50
C LEU C 179 20.28 59.35 -35.82
N VAL C 180 19.11 58.86 -36.21
CA VAL C 180 18.97 58.15 -37.48
C VAL C 180 19.06 59.15 -38.63
N VAL C 181 19.91 58.86 -39.61
CA VAL C 181 20.10 59.71 -40.78
C VAL C 181 19.76 58.90 -42.04
N GLY C 182 19.69 59.61 -43.16
CA GLY C 182 19.29 58.98 -44.41
C GLY C 182 20.20 57.83 -44.82
N ASN C 183 21.50 57.98 -44.61
CA ASN C 183 22.45 56.94 -44.99
C ASN C 183 22.68 55.92 -43.89
N SER C 184 21.97 56.02 -42.77
CA SER C 184 22.09 55.05 -41.69
C SER C 184 21.77 53.64 -42.18
N GLN C 185 22.63 52.70 -41.85
CA GLN C 185 22.48 51.30 -42.22
C GLN C 185 21.76 50.55 -41.10
N VAL C 186 20.62 49.95 -41.41
CA VAL C 186 19.78 49.29 -40.41
C VAL C 186 19.87 47.79 -40.67
N ALA C 187 20.30 47.04 -39.65
CA ALA C 187 20.46 45.60 -39.76
C ALA C 187 19.46 44.90 -38.85
N PHE C 188 18.72 43.94 -39.38
CA PHE C 188 17.69 43.22 -38.62
C PHE C 188 18.01 41.73 -38.59
N GLU C 189 17.97 41.14 -37.40
CA GLU C 189 18.11 39.71 -37.22
C GLU C 189 16.99 39.23 -36.31
N LYS C 190 16.41 38.08 -36.64
CA LYS C 190 15.21 37.63 -35.97
C LYS C 190 15.47 37.30 -34.51
N ALA C 191 14.43 37.44 -33.70
CA ALA C 191 14.53 37.20 -32.27
C ALA C 191 14.65 35.70 -31.99
N GLU C 192 15.04 35.39 -30.75
CA GLU C 192 15.24 34.00 -30.34
C GLU C 192 13.94 33.21 -30.48
N ASN C 193 14.03 32.07 -31.15
CA ASN C 193 12.93 31.11 -31.25
C ASN C 193 11.73 31.66 -32.00
N SER C 194 11.80 32.90 -32.49
CA SER C 194 10.68 33.46 -33.22
C SER C 194 10.55 32.81 -34.59
N SER C 195 9.31 32.76 -35.09
CA SER C 195 9.04 32.21 -36.41
C SER C 195 9.08 33.27 -37.50
N LEU C 196 9.42 34.51 -37.15
CA LEU C 196 9.52 35.59 -38.13
C LEU C 196 10.46 35.20 -39.27
N ASN C 197 9.91 35.15 -40.47
CA ASN C 197 10.67 34.75 -41.67
C ASN C 197 11.29 36.00 -42.30
N LEU C 198 12.62 36.11 -42.19
CA LEU C 198 13.36 37.27 -42.69
C LEU C 198 14.31 36.84 -43.78
N ILE C 199 14.30 37.56 -44.90
CA ILE C 199 15.18 37.28 -46.03
C ILE C 199 16.02 38.52 -46.35
N GLY C 200 16.84 38.43 -47.38
CA GLY C 200 17.65 39.55 -47.82
C GLY C 200 19.01 39.60 -47.16
N LYS C 201 19.79 40.60 -47.58
CA LYS C 201 21.15 40.79 -47.08
C LYS C 201 21.21 41.69 -45.86
N ALA C 202 20.19 42.52 -45.61
CA ALA C 202 20.18 43.41 -44.46
C ALA C 202 19.82 42.63 -43.20
N LYS C 203 20.66 41.64 -42.90
CA LYS C 203 20.48 40.78 -41.73
C LYS C 203 21.83 40.60 -41.05
N THR C 204 21.78 40.01 -39.85
CA THR C 204 22.97 39.75 -39.06
C THR C 204 23.57 41.05 -38.53
N GLN C 209 24.98 26.33 -39.02
CA GLN C 209 25.28 25.75 -37.71
C GLN C 209 25.22 24.22 -37.80
N SER C 210 26.29 23.62 -38.32
CA SER C 210 26.32 22.18 -38.48
C SER C 210 26.16 21.48 -37.13
N ILE C 211 25.35 20.41 -37.13
CA ILE C 211 25.16 19.64 -35.91
C ILE C 211 26.47 19.00 -35.46
N ILE C 212 27.38 18.75 -36.40
CA ILE C 212 28.66 18.14 -36.07
C ILE C 212 29.42 19.06 -35.11
N ASN C 213 30.17 18.44 -34.21
CA ASN C 213 31.06 19.20 -33.35
C ASN C 213 32.14 19.87 -34.21
N PRO C 214 32.39 21.18 -34.04
CA PRO C 214 33.41 21.82 -34.87
C PRO C 214 34.78 21.17 -34.80
N ASP C 215 35.13 20.55 -33.68
CA ASP C 215 36.43 19.89 -33.52
C ASP C 215 36.20 18.43 -33.17
N TRP C 216 36.21 17.56 -34.19
CA TRP C 216 36.16 16.12 -33.98
C TRP C 216 36.98 15.45 -35.08
N ASN C 217 37.59 14.30 -34.75
CA ASN C 217 38.35 13.49 -35.74
C ASN C 217 38.12 12.02 -35.40
N PHE C 218 38.41 11.10 -36.32
CA PHE C 218 38.12 9.65 -36.14
C PHE C 218 39.22 8.98 -35.34
N GLU C 219 40.38 9.61 -35.25
CA GLU C 219 41.53 8.99 -34.56
C GLU C 219 41.37 9.30 -33.08
N LYS C 220 40.89 10.49 -32.76
CA LYS C 220 40.75 10.93 -31.35
C LYS C 220 39.92 9.91 -30.59
N MET C 221 38.74 9.57 -31.09
CA MET C 221 37.82 8.66 -30.39
C MET C 221 38.65 7.52 -29.80
N GLY C 222 39.44 6.83 -30.62
CA GLY C 222 40.33 5.75 -30.16
C GLY C 222 39.76 4.36 -30.43
N ILE C 223 38.63 4.25 -31.12
CA ILE C 223 38.06 2.94 -31.50
C ILE C 223 38.72 2.51 -32.80
N GLY C 224 39.58 1.50 -32.77
CA GLY C 224 40.35 1.09 -33.97
C GLY C 224 39.96 -0.26 -34.50
N GLY C 225 39.67 -0.39 -35.80
CA GLY C 225 39.41 -1.70 -36.44
C GLY C 225 38.00 -1.88 -36.94
N LEU C 226 37.15 -0.85 -36.86
CA LEU C 226 35.75 -0.93 -37.27
C LEU C 226 35.47 0.11 -38.35
N ASP C 227 36.47 0.39 -39.19
CA ASP C 227 36.39 1.49 -40.13
C ASP C 227 35.19 1.36 -41.06
N LYS C 228 34.99 0.16 -41.64
CA LYS C 228 33.94 -0.01 -42.64
C LYS C 228 32.57 0.24 -42.03
N GLU C 229 32.34 -0.31 -40.83
CA GLU C 229 31.02 -0.16 -40.21
C GLU C 229 30.74 1.30 -39.90
N PHE C 230 31.74 2.02 -39.38
CA PHE C 230 31.56 3.44 -39.08
C PHE C 230 31.31 4.23 -40.36
N SER C 231 32.04 3.92 -41.42
CA SER C 231 31.83 4.59 -42.70
C SER C 231 30.40 4.41 -43.17
N ASP C 232 29.90 3.17 -43.12
CA ASP C 232 28.54 2.92 -43.60
C ASP C 232 27.51 3.63 -42.72
N ILE C 233 27.72 3.62 -41.40
CA ILE C 233 26.76 4.28 -40.51
C ILE C 233 26.74 5.78 -40.77
N PHE C 234 27.93 6.39 -40.93
CA PHE C 234 27.99 7.81 -41.27
C PHE C 234 27.28 8.09 -42.59
N ARG C 235 27.48 7.22 -43.59
CA ARG C 235 26.87 7.43 -44.89
C ARG C 235 25.35 7.33 -44.82
N ARG C 236 24.83 6.44 -43.97
CA ARG C 236 23.40 6.13 -43.99
C ARG C 236 22.59 6.90 -42.95
N ALA C 237 23.22 7.49 -41.93
CA ALA C 237 22.50 8.12 -40.85
C ALA C 237 22.88 9.57 -40.59
N PHE C 238 24.05 10.03 -41.06
CA PHE C 238 24.46 11.42 -40.90
C PHE C 238 24.77 12.07 -42.25
N ALA C 239 24.13 11.60 -43.33
CA ALA C 239 24.41 12.18 -44.64
C ALA C 239 23.47 13.34 -44.96
N SER C 240 22.16 13.11 -44.81
CA SER C 240 21.19 14.17 -45.12
C SER C 240 21.30 15.35 -44.15
N ARG C 241 21.91 15.15 -42.98
CA ARG C 241 22.10 16.25 -42.04
C ARG C 241 23.36 17.07 -42.32
N VAL C 242 24.26 16.60 -43.18
CA VAL C 242 25.51 17.29 -43.50
C VAL C 242 25.41 18.05 -44.83
N PHE C 243 24.83 17.44 -45.84
CA PHE C 243 24.69 18.08 -47.14
C PHE C 243 23.82 19.33 -47.01
N PRO C 244 24.09 20.38 -47.79
CA PRO C 244 23.41 21.65 -47.58
C PRO C 244 21.90 21.48 -47.66
N PRO C 245 21.14 22.16 -46.79
CA PRO C 245 19.69 21.96 -46.79
C PRO C 245 18.98 22.46 -48.04
N GLU C 246 19.66 23.13 -48.99
CA GLU C 246 18.98 23.55 -50.21
C GLU C 246 18.69 22.33 -51.10
N ILE C 247 19.70 21.45 -51.27
CA ILE C 247 19.46 20.23 -52.05
C ILE C 247 18.47 19.34 -51.36
N VAL C 248 18.50 19.30 -50.02
CA VAL C 248 17.53 18.50 -49.28
C VAL C 248 16.13 19.06 -49.43
N GLU C 249 16.01 20.40 -49.48
CA GLU C 249 14.69 21.00 -49.73
C GLU C 249 14.18 20.58 -51.11
N GLN C 250 15.00 20.77 -52.16
CA GLN C 250 14.58 20.33 -53.48
C GLN C 250 14.33 18.83 -53.52
N MET C 251 14.98 18.07 -52.65
CA MET C 251 14.71 16.65 -52.50
C MET C 251 13.58 16.42 -51.48
N GLY C 252 13.26 15.14 -51.27
CA GLY C 252 12.31 14.77 -50.25
C GLY C 252 12.85 13.71 -49.32
N CYS C 253 14.15 13.81 -48.99
CA CYS C 253 14.87 12.79 -48.22
C CYS C 253 14.55 12.91 -46.73
N LYS C 254 13.41 12.32 -46.36
CA LYS C 254 13.06 12.23 -44.96
C LYS C 254 14.14 11.47 -44.22
N HIS C 255 14.57 12.01 -43.09
CA HIS C 255 15.75 11.49 -42.42
C HIS C 255 15.40 10.23 -41.63
N VAL C 256 16.41 9.38 -41.45
CA VAL C 256 16.22 8.05 -40.89
C VAL C 256 16.18 8.15 -39.37
N LYS C 257 15.42 7.25 -38.77
CA LYS C 257 15.08 7.33 -37.35
C LYS C 257 15.22 5.95 -36.70
N GLY C 258 16.28 5.14 -37.00
CA GLY C 258 16.49 3.89 -36.29
C GLY C 258 17.80 3.21 -36.63
N ILE C 259 18.51 2.77 -35.59
CA ILE C 259 19.79 2.06 -35.75
C ILE C 259 19.83 0.94 -34.72
N LEU C 260 20.29 -0.24 -35.15
CA LEU C 260 20.38 -1.40 -34.29
C LEU C 260 21.75 -2.04 -34.41
N LEU C 261 22.29 -2.52 -33.28
CA LEU C 261 23.59 -3.13 -33.20
C LEU C 261 23.49 -4.48 -32.51
N TYR C 262 24.24 -5.46 -32.99
CA TYR C 262 24.20 -6.80 -32.44
C TYR C 262 25.52 -7.49 -32.76
N GLY C 263 25.84 -8.52 -31.97
CA GLY C 263 27.09 -9.22 -32.13
C GLY C 263 27.56 -9.88 -30.85
N PRO C 264 28.47 -10.84 -30.97
CA PRO C 264 28.88 -11.61 -29.79
C PRO C 264 29.52 -10.69 -28.76
N PRO C 265 29.38 -11.04 -27.48
CA PRO C 265 30.02 -10.21 -26.43
C PRO C 265 31.51 -10.06 -26.67
N GLY C 266 32.06 -8.98 -26.13
CA GLY C 266 33.49 -8.72 -26.18
C GLY C 266 33.95 -7.85 -27.32
N CYS C 267 33.05 -7.32 -28.13
CA CYS C 267 33.38 -6.36 -29.18
C CYS C 267 33.00 -4.93 -28.80
N GLY C 268 32.57 -4.71 -27.56
CA GLY C 268 32.27 -3.38 -27.05
C GLY C 268 31.29 -2.59 -27.89
N LYS C 269 30.07 -3.12 -28.01
CA LYS C 269 29.00 -2.41 -28.74
C LYS C 269 28.76 -1.07 -28.06
N THR C 270 28.93 -1.00 -26.73
CA THR C 270 28.62 0.23 -26.00
C THR C 270 29.58 1.35 -26.37
N LEU C 271 30.90 1.08 -26.31
CA LEU C 271 31.89 2.11 -26.60
C LEU C 271 31.51 2.88 -27.87
N LEU C 272 31.26 2.13 -28.95
CA LEU C 272 30.80 2.73 -30.20
C LEU C 272 29.76 3.81 -29.93
N ALA C 273 28.66 3.40 -29.28
CA ALA C 273 27.55 4.31 -29.02
C ALA C 273 28.02 5.54 -28.24
N ARG C 274 28.76 5.31 -27.17
CA ARG C 274 29.25 6.42 -26.34
C ARG C 274 29.98 7.44 -27.21
N GLN C 275 30.95 6.97 -27.98
CA GLN C 275 31.77 7.89 -28.77
C GLN C 275 30.94 8.59 -29.83
N ILE C 276 30.07 7.87 -30.54
CA ILE C 276 29.29 8.50 -31.59
C ILE C 276 28.38 9.57 -30.98
N GLY C 277 27.85 9.30 -29.79
CA GLY C 277 27.05 10.31 -29.11
C GLY C 277 27.85 11.55 -28.82
N LYS C 278 29.03 11.37 -28.22
CA LYS C 278 29.93 12.50 -27.99
C LYS C 278 30.14 13.30 -29.27
N MET C 279 30.44 12.62 -30.38
CA MET C 279 30.82 13.31 -31.65
C MET C 279 29.82 14.40 -32.02
N LEU C 280 28.53 14.21 -31.72
CA LEU C 280 27.47 15.17 -32.11
C LEU C 280 27.71 16.52 -31.43
N ASN C 281 26.96 17.54 -31.85
CA ASN C 281 27.06 18.89 -31.22
C ASN C 281 25.65 19.48 -31.15
N ALA C 282 24.70 18.76 -30.55
CA ALA C 282 23.31 19.24 -30.38
C ALA C 282 22.66 18.58 -29.17
N ARG C 283 23.03 18.97 -27.95
CA ARG C 283 22.42 18.48 -26.68
C ARG C 283 22.93 17.09 -26.31
N GLU C 284 23.09 16.81 -25.01
CA GLU C 284 23.56 15.50 -24.49
C GLU C 284 22.45 14.47 -24.67
N PRO C 285 22.74 13.16 -24.64
CA PRO C 285 21.71 12.18 -24.90
C PRO C 285 20.91 11.83 -23.65
N LYS C 286 19.73 11.25 -23.83
CA LYS C 286 18.89 10.77 -22.71
C LYS C 286 19.13 9.27 -22.63
N VAL C 287 19.37 8.72 -21.44
CA VAL C 287 19.75 7.31 -21.30
C VAL C 287 18.65 6.56 -20.56
N VAL C 288 18.40 5.33 -20.99
CA VAL C 288 17.52 4.39 -20.29
C VAL C 288 18.35 3.15 -19.99
N ASN C 289 18.40 2.77 -18.73
CA ASN C 289 19.23 1.65 -18.28
C ASN C 289 18.33 0.43 -18.10
N GLY C 290 18.35 -0.46 -19.09
CA GLY C 290 17.58 -1.69 -19.01
C GLY C 290 16.11 -1.42 -18.85
N PRO C 291 15.41 -2.22 -18.02
CA PRO C 291 13.98 -2.00 -17.77
C PRO C 291 13.74 -0.98 -16.65
N GLU C 292 14.43 0.16 -16.73
CA GLU C 292 14.27 1.20 -15.70
C GLU C 292 12.85 1.75 -15.72
N ILE C 293 12.24 1.88 -16.89
CA ILE C 293 10.91 2.48 -16.99
C ILE C 293 9.87 1.41 -16.74
N LEU C 294 9.60 1.15 -15.45
CA LEU C 294 8.60 0.17 -15.05
C LEU C 294 8.06 0.57 -13.69
N ASN C 295 6.75 0.37 -13.51
CA ASN C 295 6.10 0.73 -12.26
C ASN C 295 4.98 -0.26 -11.99
N LYS C 296 4.46 -0.23 -10.77
CA LYS C 296 3.37 -1.11 -10.36
C LYS C 296 1.99 -0.45 -10.48
N TYR C 297 1.93 0.88 -10.41
CA TYR C 297 0.68 1.56 -10.67
C TYR C 297 0.32 1.46 -12.16
N VAL C 298 -0.96 1.22 -12.43
CA VAL C 298 -1.42 1.09 -13.81
C VAL C 298 -1.16 2.38 -14.56
N GLY C 299 -0.80 2.25 -15.84
CA GLY C 299 -0.65 3.41 -16.69
C GLY C 299 0.44 4.37 -16.28
N GLU C 300 1.62 3.85 -15.97
CA GLU C 300 2.76 4.70 -15.60
C GLU C 300 3.98 4.49 -16.49
N SER C 301 4.29 3.24 -16.85
CA SER C 301 5.41 3.01 -17.75
C SER C 301 5.22 3.76 -19.07
N GLU C 302 3.99 3.74 -19.59
CA GLU C 302 3.71 4.47 -20.82
C GLU C 302 3.92 5.97 -20.63
N ALA C 303 3.55 6.49 -19.45
CA ALA C 303 3.80 7.89 -19.16
C ALA C 303 5.29 8.21 -19.20
N ASN C 304 6.11 7.36 -18.58
CA ASN C 304 7.55 7.57 -18.62
C ASN C 304 8.06 7.52 -20.05
N ILE C 305 7.52 6.61 -20.86
CA ILE C 305 7.91 6.53 -22.27
C ILE C 305 7.58 7.85 -22.98
N ARG C 306 6.37 8.36 -22.75
CA ARG C 306 5.94 9.59 -23.42
C ARG C 306 6.77 10.79 -22.99
N LYS C 307 7.21 10.83 -21.73
CA LYS C 307 8.01 11.95 -21.26
C LYS C 307 9.29 12.12 -22.07
N LEU C 308 9.75 11.07 -22.75
CA LEU C 308 11.02 11.14 -23.47
C LEU C 308 10.96 12.11 -24.64
N PHE C 309 9.83 12.18 -25.34
CA PHE C 309 9.75 12.89 -26.61
C PHE C 309 9.17 14.29 -26.48
N ALA C 310 8.84 14.73 -25.26
CA ALA C 310 8.16 16.01 -25.09
C ALA C 310 9.04 17.17 -25.58
N ASP C 311 10.31 17.16 -25.18
CA ASP C 311 11.19 18.27 -25.53
C ASP C 311 11.36 18.36 -27.05
N ALA C 312 11.54 17.22 -27.70
CA ALA C 312 11.67 17.21 -29.16
C ALA C 312 10.40 17.74 -29.81
N GLU C 313 9.23 17.31 -29.32
CA GLU C 313 7.98 17.81 -29.89
C GLU C 313 7.87 19.32 -29.74
N GLU C 314 8.20 19.83 -28.55
CA GLU C 314 8.10 21.26 -28.29
C GLU C 314 9.04 22.05 -29.20
N GLU C 315 10.26 21.54 -29.36
CA GLU C 315 11.30 22.21 -30.17
C GLU C 315 10.87 22.20 -31.63
N GLN C 316 10.27 21.10 -32.09
CA GLN C 316 9.76 21.03 -33.45
C GLN C 316 8.63 22.02 -33.66
N ARG C 317 7.71 22.10 -32.70
N ARG C 317 7.71 22.11 -32.70
CA ARG C 317 6.59 23.03 -32.83
CA ARG C 317 6.58 23.03 -32.86
C ARG C 317 7.07 24.47 -32.89
C ARG C 317 7.05 24.48 -32.88
N ARG C 318 8.00 24.83 -32.01
CA ARG C 318 8.43 26.23 -31.94
C ARG C 318 9.28 26.63 -33.14
N LEU C 319 10.18 25.76 -33.58
CA LEU C 319 11.09 26.11 -34.67
C LEU C 319 10.82 25.37 -35.97
N GLY C 320 10.36 24.13 -35.91
CA GLY C 320 10.10 23.38 -37.12
C GLY C 320 11.36 22.83 -37.75
N ALA C 321 11.80 23.45 -38.85
CA ALA C 321 12.92 22.94 -39.62
C ALA C 321 14.27 23.41 -39.09
N ASN C 322 14.29 24.18 -38.01
CA ASN C 322 15.52 24.70 -37.42
C ASN C 322 15.73 24.14 -36.02
N SER C 323 15.49 22.85 -35.85
CA SER C 323 15.68 22.16 -34.58
C SER C 323 17.00 21.40 -34.58
N GLY C 324 17.54 21.12 -33.40
CA GLY C 324 18.80 20.36 -33.25
C GLY C 324 18.48 18.90 -33.13
N LEU C 325 19.49 18.03 -33.07
CA LEU C 325 19.26 16.56 -33.06
C LEU C 325 19.03 16.07 -31.64
N HIS C 326 18.06 15.18 -31.45
CA HIS C 326 17.79 14.55 -30.14
C HIS C 326 18.25 13.09 -30.23
N ILE C 327 18.92 12.56 -29.21
CA ILE C 327 19.46 11.21 -29.22
C ILE C 327 18.84 10.42 -28.08
N ILE C 328 18.52 9.15 -28.35
CA ILE C 328 18.02 8.22 -27.35
C ILE C 328 18.80 6.92 -27.49
N ILE C 329 19.23 6.36 -26.37
CA ILE C 329 20.02 5.15 -26.34
C ILE C 329 19.29 4.12 -25.50
N PHE C 330 19.17 2.90 -26.02
CA PHE C 330 18.47 1.80 -25.36
C PHE C 330 19.45 0.65 -25.17
N ASP C 331 20.16 0.65 -24.04
CA ASP C 331 20.95 -0.51 -23.68
C ASP C 331 20.04 -1.72 -23.46
N GLU C 332 20.50 -2.88 -23.92
CA GLU C 332 19.74 -4.13 -23.84
C GLU C 332 18.27 -3.90 -24.17
N ILE C 333 18.04 -3.47 -25.43
CA ILE C 333 16.68 -3.23 -25.89
C ILE C 333 15.81 -4.48 -25.71
N ASP C 334 16.40 -5.64 -25.98
CA ASP C 334 15.67 -6.93 -25.89
C ASP C 334 15.00 -7.07 -24.54
N ALA C 335 15.58 -6.49 -23.49
CA ALA C 335 15.07 -6.71 -22.14
C ALA C 335 13.59 -6.35 -22.05
N ILE C 336 13.20 -5.21 -22.63
CA ILE C 336 11.81 -4.77 -22.60
C ILE C 336 11.10 -5.09 -23.90
N CYS C 337 11.73 -4.84 -25.03
CA CYS C 337 11.12 -5.11 -26.33
C CYS C 337 11.28 -6.58 -26.69
N LYS C 338 10.17 -7.24 -26.98
CA LYS C 338 10.18 -8.66 -27.35
C LYS C 338 8.98 -8.95 -28.22
N GLN C 339 9.00 -10.13 -28.85
CA GLN C 339 7.94 -10.51 -29.77
C GLN C 339 6.58 -10.48 -29.06
N ARG C 340 5.59 -9.87 -29.72
CA ARG C 340 4.25 -9.82 -29.18
C ARG C 340 3.52 -11.15 -29.43
N GLY C 341 2.55 -11.42 -28.56
CA GLY C 341 1.71 -12.59 -28.71
C GLY C 341 2.32 -13.89 -28.23
N SER C 342 3.54 -13.86 -27.70
CA SER C 342 4.22 -15.07 -27.25
C SER C 342 4.45 -15.07 -25.76
N MET C 343 5.10 -14.04 -25.21
CA MET C 343 5.44 -14.03 -23.80
C MET C 343 4.19 -13.87 -22.94
N ALA C 344 4.23 -14.48 -21.75
CA ALA C 344 3.05 -14.52 -20.87
C ALA C 344 2.97 -13.22 -20.09
N GLY C 345 2.39 -12.21 -20.73
CA GLY C 345 2.14 -10.94 -20.07
C GLY C 345 0.97 -11.04 -19.12
N SER C 346 1.16 -11.77 -18.02
CA SER C 346 0.08 -11.91 -17.04
C SER C 346 -0.48 -10.55 -16.64
N THR C 347 0.41 -9.61 -16.34
CA THR C 347 -0.03 -8.23 -16.12
C THR C 347 -0.31 -7.53 -17.43
N GLY C 348 0.49 -7.81 -18.47
CA GLY C 348 0.30 -7.23 -19.77
C GLY C 348 1.12 -5.99 -20.05
N VAL C 349 2.04 -5.64 -19.16
CA VAL C 349 2.83 -4.42 -19.36
C VAL C 349 3.70 -4.52 -20.60
N HIS C 350 4.20 -5.72 -20.91
CA HIS C 350 5.15 -5.85 -22.03
C HIS C 350 4.49 -5.49 -23.36
N ASP C 351 3.35 -6.12 -23.65
CA ASP C 351 2.66 -5.83 -24.90
C ASP C 351 2.22 -4.37 -24.97
N THR C 352 1.74 -3.83 -23.84
CA THR C 352 1.32 -2.43 -23.82
C THR C 352 2.49 -1.51 -24.14
N VAL C 353 3.66 -1.77 -23.55
CA VAL C 353 4.83 -0.95 -23.82
C VAL C 353 5.26 -1.08 -25.27
N VAL C 354 5.22 -2.30 -25.81
CA VAL C 354 5.59 -2.49 -27.21
C VAL C 354 4.67 -1.65 -28.10
N ASN C 355 3.37 -1.73 -27.85
CA ASN C 355 2.41 -0.98 -28.65
C ASN C 355 2.65 0.52 -28.52
N GLN C 356 2.91 0.99 -27.29
CA GLN C 356 3.11 2.42 -27.07
C GLN C 356 4.34 2.91 -27.85
N LEU C 357 5.44 2.17 -27.78
CA LEU C 357 6.62 2.53 -28.54
C LEU C 357 6.33 2.53 -30.03
N LEU C 358 5.67 1.48 -30.52
CA LEU C 358 5.42 1.39 -31.95
C LEU C 358 4.58 2.57 -32.44
N SER C 359 3.55 2.94 -31.69
CA SER C 359 2.73 4.07 -32.08
C SER C 359 3.51 5.39 -31.97
N LYS C 360 4.25 5.59 -30.88
CA LYS C 360 4.95 6.85 -30.69
C LYS C 360 6.01 7.07 -31.76
N ILE C 361 6.78 6.03 -32.09
CA ILE C 361 7.87 6.18 -33.05
C ILE C 361 7.34 6.65 -34.40
N ASP C 362 6.34 5.94 -34.93
CA ASP C 362 5.71 6.29 -36.21
C ASP C 362 4.20 6.26 -36.02
N GLY C 363 3.62 7.41 -35.67
CA GLY C 363 2.20 7.54 -35.49
C GLY C 363 1.63 8.52 -36.51
N VAL C 364 0.38 8.95 -36.32
CA VAL C 364 -0.22 9.88 -37.27
C VAL C 364 0.64 11.14 -37.39
N GLU C 365 1.17 11.62 -36.27
CA GLU C 365 2.06 12.77 -36.28
C GLU C 365 3.46 12.32 -36.71
N GLN C 366 4.17 13.21 -37.38
CA GLN C 366 5.46 12.90 -37.99
C GLN C 366 6.56 13.70 -37.33
N LEU C 367 7.72 13.06 -37.14
CA LEU C 367 8.88 13.69 -36.54
C LEU C 367 10.08 13.52 -37.47
N ASN C 368 11.06 14.40 -37.32
CA ASN C 368 12.23 14.39 -38.19
C ASN C 368 13.55 14.66 -37.46
N ASN C 369 13.54 14.79 -36.14
CA ASN C 369 14.72 15.22 -35.39
C ASN C 369 14.99 14.29 -34.21
N ILE C 370 14.79 12.99 -34.40
CA ILE C 370 15.07 12.00 -33.38
C ILE C 370 15.85 10.85 -34.01
N LEU C 371 16.65 10.17 -33.20
CA LEU C 371 17.49 9.08 -33.66
C LEU C 371 17.69 8.11 -32.51
N VAL C 372 17.26 6.87 -32.71
CA VAL C 372 17.27 5.85 -31.66
C VAL C 372 18.32 4.81 -32.02
N ILE C 373 19.13 4.44 -31.03
CA ILE C 373 20.16 3.42 -31.19
C ILE C 373 19.89 2.33 -30.18
N GLY C 374 19.76 1.09 -30.65
CA GLY C 374 19.51 -0.05 -29.80
C GLY C 374 20.62 -1.08 -29.92
N MET C 375 20.84 -1.81 -28.84
CA MET C 375 21.91 -2.81 -28.78
C MET C 375 21.41 -4.06 -28.07
N THR C 376 21.74 -5.22 -28.62
CA THR C 376 21.27 -6.48 -28.06
C THR C 376 22.09 -7.63 -28.60
N ASN C 377 22.34 -8.62 -27.74
CA ASN C 377 23.11 -9.80 -28.11
C ASN C 377 22.23 -10.93 -28.62
N ARG C 378 20.91 -10.75 -28.60
CA ARG C 378 19.95 -11.76 -29.04
C ARG C 378 19.07 -11.13 -30.11
N PRO C 379 19.47 -11.21 -31.38
CA PRO C 379 18.70 -10.51 -32.44
C PRO C 379 17.58 -11.35 -33.04
N ASP C 380 16.83 -12.05 -32.21
CA ASP C 380 15.63 -12.73 -32.70
C ASP C 380 14.38 -12.39 -31.90
N LEU C 381 14.51 -12.21 -30.58
CA LEU C 381 13.34 -11.89 -29.78
C LEU C 381 12.76 -10.52 -30.11
N ILE C 382 13.56 -9.65 -30.74
CA ILE C 382 13.04 -8.36 -31.18
C ILE C 382 11.85 -8.59 -32.10
N ASP C 383 10.79 -7.81 -31.89
CA ASP C 383 9.58 -8.00 -32.68
C ASP C 383 9.77 -7.46 -34.09
N GLU C 384 9.23 -8.19 -35.06
CA GLU C 384 9.44 -7.84 -36.45
C GLU C 384 8.87 -6.47 -36.79
N ALA C 385 7.77 -6.09 -36.13
CA ALA C 385 7.11 -4.83 -36.47
C ALA C 385 8.02 -3.63 -36.29
N LEU C 386 9.07 -3.75 -35.47
CA LEU C 386 9.96 -2.64 -35.19
C LEU C 386 11.14 -2.55 -36.16
N LEU C 387 11.39 -3.60 -36.95
CA LEU C 387 12.58 -3.67 -37.80
C LEU C 387 12.23 -3.54 -39.28
N ARG C 388 11.11 -2.91 -39.59
CA ARG C 388 10.79 -2.59 -40.98
C ARG C 388 11.43 -1.26 -41.36
N PRO C 389 11.54 -0.96 -42.65
CA PRO C 389 12.26 0.25 -43.05
C PRO C 389 11.72 1.52 -42.42
N GLY C 390 10.42 1.56 -42.12
CA GLY C 390 9.85 2.78 -41.55
C GLY C 390 10.49 3.15 -40.22
N ARG C 391 10.66 2.18 -39.33
CA ARG C 391 11.09 2.44 -37.97
C ARG C 391 12.60 2.28 -37.79
N LEU C 392 13.14 1.10 -38.07
CA LEU C 392 14.57 0.84 -37.92
C LEU C 392 15.11 0.27 -39.24
N GLU C 393 15.98 1.04 -39.89
CA GLU C 393 16.56 0.65 -41.18
C GLU C 393 17.92 -0.02 -41.01
N VAL C 394 18.89 0.69 -40.43
CA VAL C 394 20.26 0.22 -40.39
C VAL C 394 20.43 -0.72 -39.21
N LYS C 395 20.81 -1.96 -39.49
CA LYS C 395 21.13 -2.94 -38.47
C LYS C 395 22.51 -3.50 -38.77
N MET C 396 23.38 -3.53 -37.76
CA MET C 396 24.77 -3.93 -38.00
C MET C 396 25.19 -5.02 -37.02
N GLU C 397 25.94 -5.98 -37.57
CA GLU C 397 26.65 -6.98 -36.80
C GLU C 397 28.08 -6.52 -36.55
N ILE C 398 28.54 -6.66 -35.31
CA ILE C 398 29.93 -6.46 -34.94
C ILE C 398 30.52 -7.80 -34.56
N GLY C 399 31.58 -8.21 -35.24
CA GLY C 399 32.19 -9.50 -35.04
C GLY C 399 33.57 -9.41 -34.41
N LEU C 400 34.26 -10.55 -34.43
CA LEU C 400 35.60 -10.61 -33.86
C LEU C 400 36.56 -9.81 -34.73
N PRO C 401 37.71 -9.43 -34.17
CA PRO C 401 38.67 -8.62 -34.92
C PRO C 401 39.66 -9.46 -35.71
N ASP C 402 40.32 -8.81 -36.66
CA ASP C 402 41.35 -9.42 -37.47
C ASP C 402 42.73 -8.99 -36.97
N GLU C 403 43.76 -9.59 -37.54
CA GLU C 403 45.13 -9.29 -37.13
C GLU C 403 45.37 -7.79 -37.13
N LYS C 404 44.97 -7.11 -38.21
CA LYS C 404 45.18 -5.67 -38.29
C LYS C 404 44.42 -4.93 -37.20
N GLY C 405 43.18 -5.36 -36.94
CA GLY C 405 42.43 -4.76 -35.85
C GLY C 405 43.11 -4.97 -34.51
N ARG C 406 43.67 -6.16 -34.29
CA ARG C 406 44.39 -6.42 -33.06
C ARG C 406 45.59 -5.48 -32.92
N LEU C 407 46.34 -5.31 -34.01
CA LEU C 407 47.46 -4.38 -33.98
C LEU C 407 46.99 -2.97 -33.66
N GLN C 408 45.90 -2.53 -34.30
CA GLN C 408 45.38 -1.20 -34.05
C GLN C 408 45.01 -1.01 -32.59
N ILE C 409 44.30 -1.99 -32.02
CA ILE C 409 43.86 -1.88 -30.63
C ILE C 409 45.07 -1.82 -29.71
N LEU C 410 46.00 -2.76 -29.87
CA LEU C 410 47.17 -2.77 -29.01
C LEU C 410 47.91 -1.43 -29.10
N HIS C 411 48.02 -0.89 -30.30
CA HIS C 411 48.67 0.42 -30.47
C HIS C 411 47.95 1.41 -29.56
N ILE C 412 46.64 1.53 -29.68
CA ILE C 412 45.86 2.56 -28.93
C ILE C 412 46.07 2.35 -27.44
N HIS C 413 45.62 1.23 -26.89
CA HIS C 413 45.66 1.00 -25.42
C HIS C 413 47.04 1.35 -24.89
N THR C 414 48.10 1.13 -25.65
CA THR C 414 49.45 1.37 -25.14
C THR C 414 50.06 2.59 -25.82
N ALA C 415 49.51 3.76 -25.48
CA ALA C 415 49.95 5.03 -26.03
C ALA C 415 50.56 5.93 -24.96
N ARG C 416 49.81 6.25 -23.90
CA ARG C 416 50.35 7.04 -22.81
C ARG C 416 51.62 6.38 -22.27
N MET C 417 51.62 5.05 -22.23
CA MET C 417 52.74 4.32 -21.68
C MET C 417 54.00 4.63 -22.46
N ARG C 418 53.90 4.61 -23.79
N ARG C 418 53.90 4.60 -23.79
CA ARG C 418 55.03 5.00 -24.63
CA ARG C 418 55.01 5.00 -24.65
C ARG C 418 55.36 6.47 -24.50
C ARG C 418 55.36 6.47 -24.49
N GLY C 419 54.35 7.31 -24.24
CA GLY C 419 54.61 8.74 -24.10
C GLY C 419 55.53 9.05 -22.94
N HIS C 420 55.44 8.29 -21.86
CA HIS C 420 56.22 8.54 -20.65
C HIS C 420 57.41 7.59 -20.52
N GLN C 421 57.81 6.93 -21.60
CA GLN C 421 58.99 6.08 -21.61
C GLN C 421 58.89 4.97 -20.58
N LEU C 422 57.67 4.54 -20.26
CA LEU C 422 57.44 3.50 -19.27
C LEU C 422 57.60 2.10 -19.83
N LEU C 423 57.83 1.95 -21.12
CA LEU C 423 57.85 0.65 -21.78
C LEU C 423 59.24 0.33 -22.30
N SER C 424 59.73 -0.86 -21.94
CA SER C 424 61.02 -1.30 -22.44
C SER C 424 60.92 -1.63 -23.93
N ALA C 425 62.01 -1.36 -24.65
CA ALA C 425 62.12 -1.80 -26.04
C ALA C 425 62.18 -3.32 -26.14
N ASP C 426 62.40 -4.00 -25.02
CA ASP C 426 62.46 -5.47 -25.02
C ASP C 426 61.20 -6.08 -25.61
N VAL C 427 60.04 -5.41 -25.46
CA VAL C 427 58.75 -5.93 -25.92
C VAL C 427 58.49 -5.44 -27.34
N ASP C 428 57.93 -6.33 -28.17
CA ASP C 428 57.55 -6.01 -29.55
C ASP C 428 56.06 -6.21 -29.73
N ILE C 429 55.45 -5.35 -30.57
CA ILE C 429 54.00 -5.38 -30.75
C ILE C 429 53.58 -6.41 -31.80
N LYS C 430 54.39 -6.63 -32.84
CA LYS C 430 54.02 -7.57 -33.88
C LYS C 430 53.90 -8.98 -33.32
N GLU C 431 54.84 -9.35 -32.44
CA GLU C 431 54.75 -10.66 -31.80
C GLU C 431 53.48 -10.78 -30.97
N LEU C 432 53.11 -9.70 -30.26
CA LEU C 432 51.88 -9.74 -29.48
C LEU C 432 50.67 -9.96 -30.39
N ALA C 433 50.62 -9.24 -31.51
CA ALA C 433 49.49 -9.39 -32.43
C ALA C 433 49.42 -10.80 -32.99
N VAL C 434 50.55 -11.33 -33.45
CA VAL C 434 50.54 -12.65 -34.10
C VAL C 434 50.22 -13.75 -33.08
N GLU C 435 50.91 -13.73 -31.94
CA GLU C 435 50.78 -14.82 -30.98
C GLU C 435 49.36 -14.98 -30.45
N THR C 436 48.57 -13.92 -30.51
CA THR C 436 47.20 -13.94 -29.98
C THR C 436 46.23 -14.06 -31.14
N LYS C 437 45.36 -15.06 -31.09
CA LYS C 437 44.45 -15.36 -32.19
C LYS C 437 43.05 -15.54 -31.64
N ASN C 438 42.06 -15.29 -32.51
CA ASN C 438 40.66 -15.26 -32.12
C ASN C 438 40.53 -14.69 -30.71
N PHE C 439 41.32 -13.65 -30.42
CA PHE C 439 41.38 -13.03 -29.12
C PHE C 439 40.53 -11.76 -29.14
N SER C 440 39.36 -11.81 -28.51
CA SER C 440 38.46 -10.66 -28.48
C SER C 440 39.22 -9.41 -28.04
N GLY C 441 38.93 -8.28 -28.69
CA GLY C 441 39.67 -7.04 -28.40
C GLY C 441 39.63 -6.69 -26.92
N ALA C 442 38.43 -6.66 -26.34
CA ALA C 442 38.32 -6.45 -24.91
C ALA C 442 39.36 -7.28 -24.17
N GLU C 443 39.54 -8.50 -24.65
CA GLU C 443 40.49 -9.41 -23.97
C GLU C 443 41.89 -8.87 -24.18
N LEU C 444 42.22 -8.21 -25.29
CA LEU C 444 43.52 -7.60 -25.49
C LEU C 444 43.76 -6.53 -24.43
N GLU C 445 42.75 -5.67 -24.23
CA GLU C 445 42.87 -4.64 -23.21
C GLU C 445 43.07 -5.28 -21.83
N GLY C 446 42.30 -6.31 -21.58
CA GLY C 446 42.38 -7.01 -20.28
C GLY C 446 43.78 -7.49 -20.08
N LEU C 447 44.34 -8.20 -21.05
CA LEU C 447 45.69 -8.74 -20.97
C LEU C 447 46.70 -7.63 -20.67
N VAL C 448 46.66 -6.55 -21.46
CA VAL C 448 47.60 -5.46 -21.26
C VAL C 448 47.56 -5.02 -19.80
N ARG C 449 46.34 -4.79 -19.29
CA ARG C 449 46.19 -4.29 -17.93
C ARG C 449 46.75 -5.27 -16.90
N ALA C 450 46.44 -6.55 -17.07
CA ALA C 450 46.90 -7.56 -16.12
C ALA C 450 48.42 -7.62 -16.08
N ALA C 451 49.05 -7.68 -17.26
CA ALA C 451 50.51 -7.78 -17.31
C ALA C 451 51.12 -6.55 -16.66
N GLN C 452 50.57 -5.37 -16.95
CA GLN C 452 51.04 -4.15 -16.33
C GLN C 452 50.99 -4.26 -14.81
N SER C 453 49.85 -4.71 -14.28
CA SER C 453 49.70 -4.83 -12.83
C SER C 453 50.77 -5.74 -12.26
N THR C 454 50.99 -6.90 -12.89
CA THR C 454 52.02 -7.81 -12.42
C THR C 454 53.36 -7.09 -12.33
N ALA C 455 53.73 -6.43 -13.43
CA ALA C 455 55.01 -5.74 -13.50
C ALA C 455 55.13 -4.77 -12.33
N MET C 456 54.12 -3.93 -12.12
CA MET C 456 54.25 -2.90 -11.10
C MET C 456 54.26 -3.51 -9.71
N ASN C 457 53.62 -4.68 -9.53
CA ASN C 457 53.66 -5.34 -8.23
C ASN C 457 55.08 -5.78 -7.89
N ARG C 458 55.78 -6.34 -8.88
CA ARG C 458 57.14 -6.83 -8.64
C ARG C 458 57.92 -5.91 -7.70
N HIS C 459 57.74 -4.59 -7.83
CA HIS C 459 58.50 -3.65 -7.03
C HIS C 459 58.07 -3.64 -5.56
N ILE C 460 56.77 -3.82 -5.30
CA ILE C 460 56.26 -3.79 -3.93
C ILE C 460 56.72 -5.03 -3.17
N LYS C 461 57.22 -4.81 -1.94
CA LYS C 461 57.67 -5.89 -1.06
C LYS C 461 56.97 -5.72 0.29
N ALA C 462 55.89 -6.47 0.50
CA ALA C 462 55.14 -6.40 1.75
C ALA C 462 54.22 -7.60 1.84
N SER C 463 54.28 -8.31 2.97
CA SER C 463 53.48 -9.50 3.19
C SER C 463 52.42 -9.31 4.28
N THR C 464 52.85 -8.93 5.48
CA THR C 464 51.93 -8.70 6.59
C THR C 464 51.62 -7.22 6.79
N LYS C 465 52.65 -6.38 6.85
CA LYS C 465 52.48 -4.94 6.97
C LYS C 465 52.73 -4.32 5.59
N VAL C 466 51.74 -3.60 5.08
CA VAL C 466 51.86 -3.01 3.76
C VAL C 466 53.03 -2.04 3.73
N GLU C 467 53.80 -2.09 2.63
CA GLU C 467 54.96 -1.24 2.47
C GLU C 467 55.20 -1.04 0.98
N VAL C 468 55.59 0.19 0.62
CA VAL C 468 55.89 0.55 -0.76
C VAL C 468 57.36 0.93 -0.83
N ASP C 469 58.09 0.28 -1.73
CA ASP C 469 59.53 0.55 -1.90
C ASP C 469 59.68 1.66 -2.93
N MET C 470 59.59 2.90 -2.44
CA MET C 470 59.73 4.06 -3.32
C MET C 470 61.06 4.03 -4.04
N GLU C 471 62.13 3.59 -3.36
CA GLU C 471 63.44 3.54 -3.97
C GLU C 471 63.40 2.78 -5.30
N LYS C 472 62.81 1.58 -5.29
CA LYS C 472 62.70 0.80 -6.52
C LYS C 472 61.66 1.39 -7.46
N ALA C 473 60.80 2.29 -6.98
CA ALA C 473 59.78 2.91 -7.83
C ALA C 473 60.32 4.08 -8.64
N GLU C 474 61.58 4.49 -8.42
CA GLU C 474 62.13 5.58 -9.21
C GLU C 474 62.20 5.22 -10.68
N SER C 475 62.53 3.96 -10.98
CA SER C 475 62.58 3.45 -12.34
C SER C 475 61.56 2.33 -12.48
N LEU C 476 60.68 2.44 -13.47
CA LEU C 476 59.65 1.44 -13.71
C LEU C 476 59.52 1.18 -15.20
N GLN C 477 59.60 -0.09 -15.58
CA GLN C 477 59.37 -0.49 -16.96
C GLN C 477 58.85 -1.93 -16.98
N VAL C 478 58.21 -2.29 -18.09
CA VAL C 478 57.57 -3.60 -18.26
C VAL C 478 58.32 -4.39 -19.32
N THR C 479 58.53 -5.66 -19.05
CA THR C 479 59.28 -6.55 -19.94
C THR C 479 58.38 -7.65 -20.50
N ARG C 480 58.92 -8.37 -21.47
CA ARG C 480 58.17 -9.44 -22.11
C ARG C 480 57.71 -10.48 -21.10
N GLY C 481 58.56 -10.78 -20.12
CA GLY C 481 58.24 -11.87 -19.20
C GLY C 481 56.89 -11.68 -18.53
N ASP C 482 56.57 -10.44 -18.16
CA ASP C 482 55.26 -10.17 -17.57
C ASP C 482 54.14 -10.52 -18.54
N PHE C 483 54.29 -10.13 -19.80
CA PHE C 483 53.26 -10.44 -20.80
C PHE C 483 53.12 -11.94 -20.99
N LEU C 484 54.25 -12.65 -21.06
CA LEU C 484 54.19 -14.10 -21.23
C LEU C 484 53.49 -14.76 -20.05
N ALA C 485 53.84 -14.34 -18.83
CA ALA C 485 53.19 -14.90 -17.64
C ALA C 485 51.69 -14.62 -17.67
N SER C 486 51.31 -13.39 -18.02
CA SER C 486 49.90 -13.06 -18.06
C SER C 486 49.17 -13.92 -19.09
N LEU C 487 49.75 -14.11 -20.26
CA LEU C 487 49.14 -14.98 -21.26
C LEU C 487 48.98 -16.39 -20.73
N GLU C 488 50.02 -16.93 -20.10
CA GLU C 488 49.97 -18.32 -19.64
C GLU C 488 48.92 -18.49 -18.55
N ASN C 489 48.87 -17.59 -17.58
CA ASN C 489 48.14 -17.83 -16.34
C ASN C 489 46.85 -17.02 -16.19
N ASP C 490 46.86 -15.75 -16.56
CA ASP C 490 45.78 -14.85 -16.14
C ASP C 490 44.57 -14.90 -17.05
N ILE C 491 44.75 -14.50 -18.31
CA ILE C 491 43.61 -14.38 -19.27
C ILE C 491 43.33 -15.71 -19.93
N LYS C 492 42.06 -16.02 -20.15
CA LYS C 492 41.61 -17.23 -20.82
C LYS C 492 40.52 -16.86 -21.83
N PRO C 493 40.88 -16.75 -23.12
CA PRO C 493 39.86 -16.43 -24.12
C PRO C 493 38.73 -17.45 -24.13
N ALA C 494 37.63 -17.07 -24.78
CA ALA C 494 36.45 -17.93 -24.90
C ALA C 494 36.30 -18.48 -26.30
N PHE C 495 36.36 -17.63 -27.32
CA PHE C 495 36.35 -18.08 -28.70
C PHE C 495 37.74 -18.47 -29.17
N GLY C 496 38.69 -18.60 -28.25
CA GLY C 496 40.04 -19.04 -28.54
C GLY C 496 40.22 -20.50 -28.23
N THR C 497 41.47 -20.88 -27.98
CA THR C 497 41.81 -22.26 -27.65
C THR C 497 42.48 -22.34 -26.28
N ASN C 498 42.21 -23.44 -25.59
CA ASN C 498 42.70 -23.68 -24.24
C ASN C 498 43.56 -24.93 -24.22
N GLN C 499 44.63 -24.91 -23.42
CA GLN C 499 45.57 -26.01 -23.35
C GLN C 499 45.14 -27.13 -22.41
N GLU C 500 44.13 -26.91 -21.57
CA GLU C 500 43.75 -27.91 -20.58
C GLU C 500 43.28 -29.20 -21.22
N ASP C 501 42.38 -29.10 -22.22
CA ASP C 501 41.78 -30.30 -22.79
C ASP C 501 42.83 -31.25 -23.35
N TYR C 502 43.80 -30.70 -24.10
CA TYR C 502 44.85 -31.55 -24.65
C TYR C 502 45.60 -32.26 -23.53
N ALA C 503 45.79 -31.59 -22.40
CA ALA C 503 46.48 -32.24 -21.29
C ALA C 503 45.62 -33.33 -20.67
N SER C 504 44.30 -33.12 -20.65
CA SER C 504 43.39 -34.04 -20.00
C SER C 504 43.05 -35.25 -20.86
N TYR C 505 43.33 -35.21 -22.17
CA TYR C 505 42.97 -36.32 -23.05
C TYR C 505 44.16 -37.17 -23.47
N ILE C 506 45.24 -36.58 -23.97
CA ILE C 506 46.43 -37.37 -24.32
C ILE C 506 47.27 -37.50 -23.06
N MET C 507 46.98 -38.54 -22.27
CA MET C 507 47.52 -38.64 -20.92
C MET C 507 48.98 -39.08 -20.93
N ASN C 508 49.26 -40.27 -21.47
CA ASN C 508 50.60 -40.83 -21.48
C ASN C 508 51.35 -40.53 -22.78
N GLY C 509 50.94 -39.48 -23.48
CA GLY C 509 51.64 -39.12 -24.70
C GLY C 509 51.39 -40.11 -25.83
N ILE C 510 52.28 -40.07 -26.82
CA ILE C 510 52.17 -40.89 -28.01
C ILE C 510 53.52 -41.57 -28.23
N ILE C 511 53.50 -42.87 -28.50
CA ILE C 511 54.70 -43.63 -28.82
C ILE C 511 54.46 -44.39 -30.10
N LYS C 512 55.46 -44.39 -30.99
CA LYS C 512 55.37 -45.08 -32.27
C LYS C 512 55.83 -46.52 -32.09
N TRP C 513 54.87 -47.44 -32.07
CA TRP C 513 55.14 -48.85 -31.86
C TRP C 513 55.07 -49.65 -33.14
N GLY C 514 54.77 -49.02 -34.26
CA GLY C 514 54.63 -49.72 -35.52
C GLY C 514 54.30 -48.74 -36.63
N ASP C 515 54.33 -49.25 -37.85
CA ASP C 515 54.08 -48.38 -39.01
C ASP C 515 52.71 -47.72 -38.98
N PRO C 516 51.61 -48.40 -38.62
CA PRO C 516 50.29 -47.82 -38.84
C PRO C 516 50.13 -46.41 -38.30
N VAL C 517 50.76 -46.10 -37.16
CA VAL C 517 50.54 -44.80 -36.55
C VAL C 517 50.94 -43.70 -37.53
N THR C 518 52.11 -43.85 -38.15
CA THR C 518 52.54 -42.81 -39.08
C THR C 518 51.54 -42.67 -40.20
N ARG C 519 51.07 -43.79 -40.75
CA ARG C 519 50.09 -43.70 -41.82
C ARG C 519 48.91 -42.87 -41.36
N VAL C 520 48.37 -43.19 -40.18
CA VAL C 520 47.18 -42.50 -39.73
C VAL C 520 47.47 -41.02 -39.63
N LEU C 521 48.59 -40.67 -39.01
CA LEU C 521 48.89 -39.26 -38.84
C LEU C 521 49.02 -38.59 -40.20
N ASP C 522 49.68 -39.26 -41.14
CA ASP C 522 49.83 -38.65 -42.46
C ASP C 522 48.46 -38.42 -43.08
N ASP C 523 47.58 -39.42 -43.00
CA ASP C 523 46.27 -39.23 -43.60
C ASP C 523 45.58 -38.04 -42.96
N GLY C 524 45.69 -37.92 -41.63
CA GLY C 524 45.03 -36.81 -40.98
C GLY C 524 45.48 -35.48 -41.54
N GLU C 525 46.80 -35.29 -41.70
CA GLU C 525 47.23 -33.97 -42.12
C GLU C 525 46.83 -33.72 -43.56
N LEU C 526 46.76 -34.77 -44.38
CA LEU C 526 46.26 -34.56 -45.74
C LEU C 526 44.88 -33.92 -45.68
N LEU C 527 43.99 -34.49 -44.89
CA LEU C 527 42.64 -33.94 -44.83
C LEU C 527 42.70 -32.49 -44.35
N VAL C 528 43.55 -32.23 -43.36
CA VAL C 528 43.64 -30.86 -42.85
C VAL C 528 44.00 -29.94 -44.00
N GLN C 529 45.04 -30.30 -44.76
N GLN C 529 45.04 -30.30 -44.76
CA GLN C 529 45.45 -29.44 -45.85
CA GLN C 529 45.46 -29.46 -45.87
C GLN C 529 44.28 -29.17 -46.79
C GLN C 529 44.28 -29.18 -46.78
N GLN C 530 43.54 -30.22 -47.14
CA GLN C 530 42.45 -30.05 -48.09
C GLN C 530 41.45 -29.04 -47.58
N THR C 531 41.11 -29.10 -46.29
CA THR C 531 40.12 -28.14 -45.80
C THR C 531 40.67 -26.73 -45.81
N LYS C 532 41.99 -26.56 -45.59
CA LYS C 532 42.52 -25.21 -45.51
C LYS C 532 42.71 -24.56 -46.88
N ASN C 533 42.98 -25.34 -47.92
CA ASN C 533 43.43 -24.82 -49.21
C ASN C 533 42.56 -25.32 -50.34
N SER C 534 41.24 -25.23 -50.18
CA SER C 534 40.35 -25.63 -51.27
C SER C 534 39.02 -24.90 -51.14
N ASP C 535 38.37 -24.70 -52.29
CA ASP C 535 37.00 -24.24 -52.37
C ASP C 535 36.16 -25.33 -53.04
N ARG C 536 34.87 -25.05 -53.21
CA ARG C 536 33.89 -26.00 -53.73
C ARG C 536 33.60 -27.12 -52.75
N THR C 537 34.29 -27.17 -51.61
CA THR C 537 34.14 -28.24 -50.63
C THR C 537 34.44 -27.68 -49.25
N PRO C 538 33.70 -26.67 -48.81
CA PRO C 538 34.02 -26.01 -47.53
C PRO C 538 33.86 -26.91 -46.33
N LEU C 539 33.22 -28.08 -46.48
CA LEU C 539 32.97 -29.00 -45.38
C LEU C 539 33.54 -30.37 -45.72
N VAL C 540 34.27 -30.96 -44.78
CA VAL C 540 34.79 -32.32 -44.92
C VAL C 540 34.73 -33.00 -43.56
N SER C 541 34.36 -34.27 -43.56
CA SER C 541 34.19 -35.04 -42.33
C SER C 541 34.85 -36.40 -42.49
N VAL C 542 35.52 -36.84 -41.43
CA VAL C 542 36.25 -38.11 -41.42
C VAL C 542 35.88 -38.89 -40.17
N LEU C 543 35.76 -40.20 -40.31
CA LEU C 543 35.36 -41.09 -39.23
C LEU C 543 36.49 -42.05 -38.91
N LEU C 544 36.78 -42.21 -37.62
CA LEU C 544 37.79 -43.14 -37.13
C LEU C 544 37.08 -44.28 -36.40
N GLU C 545 37.60 -45.49 -36.56
CA GLU C 545 36.98 -46.66 -35.94
C GLU C 545 38.06 -47.70 -35.65
N GLY C 546 37.72 -48.61 -34.75
CA GLY C 546 38.60 -49.69 -34.37
C GLY C 546 37.94 -50.57 -33.33
N PRO C 547 38.65 -51.58 -32.85
CA PRO C 547 38.13 -52.41 -31.77
C PRO C 547 38.24 -51.68 -30.44
N PRO C 548 37.72 -52.23 -29.36
CA PRO C 548 37.68 -51.48 -28.09
C PRO C 548 39.02 -51.49 -27.38
N HIS C 549 39.16 -50.55 -26.45
CA HIS C 549 40.37 -50.43 -25.64
C HIS C 549 41.62 -50.44 -26.51
N SER C 550 41.56 -49.75 -27.65
CA SER C 550 42.64 -49.77 -28.62
C SER C 550 43.42 -48.47 -28.68
N GLY C 551 42.83 -47.34 -28.28
CA GLY C 551 43.52 -46.08 -28.29
C GLY C 551 43.02 -45.16 -29.39
N LYS C 552 41.77 -45.34 -29.79
CA LYS C 552 41.16 -44.55 -30.86
C LYS C 552 40.50 -43.28 -30.34
N THR C 553 41.07 -42.66 -29.30
CA THR C 553 40.56 -41.40 -28.78
C THR C 553 41.64 -40.32 -28.81
N ALA C 554 42.73 -40.55 -28.09
CA ALA C 554 43.81 -39.56 -28.03
C ALA C 554 44.29 -39.13 -29.40
N LEU C 555 44.40 -40.09 -30.33
CA LEU C 555 44.96 -39.79 -31.64
C LEU C 555 44.20 -38.65 -32.32
N ALA C 556 42.88 -38.61 -32.15
CA ALA C 556 42.09 -37.54 -32.74
C ALA C 556 42.50 -36.20 -32.16
N ALA C 557 42.67 -36.15 -30.84
CA ALA C 557 43.11 -34.92 -30.20
C ALA C 557 44.47 -34.49 -30.72
N LYS C 558 45.39 -35.45 -30.91
CA LYS C 558 46.70 -35.11 -31.45
C LYS C 558 46.57 -34.51 -32.85
N ILE C 559 45.72 -35.11 -33.69
CA ILE C 559 45.49 -34.55 -35.02
C ILE C 559 45.00 -33.10 -34.90
N ALA C 560 44.03 -32.88 -34.02
CA ALA C 560 43.47 -31.54 -33.89
C ALA C 560 44.56 -30.57 -33.46
N GLU C 561 45.37 -30.97 -32.48
CA GLU C 561 46.42 -30.07 -32.01
C GLU C 561 47.42 -29.79 -33.12
N GLU C 562 47.55 -30.72 -34.07
CA GLU C 562 48.49 -30.53 -35.18
C GLU C 562 47.87 -29.74 -36.32
N SER C 563 46.56 -29.49 -36.29
CA SER C 563 45.94 -28.71 -37.35
C SER C 563 46.20 -27.21 -37.22
N ASN C 564 46.70 -26.75 -36.08
CA ASN C 564 47.08 -25.35 -35.85
C ASN C 564 45.94 -24.36 -36.14
N PHE C 565 44.70 -24.81 -36.13
CA PHE C 565 43.58 -23.90 -36.36
C PHE C 565 43.41 -22.96 -35.18
N PRO C 566 42.97 -21.73 -35.42
CA PRO C 566 42.75 -20.80 -34.30
C PRO C 566 41.74 -21.30 -33.29
N PHE C 567 40.73 -22.05 -33.72
CA PHE C 567 39.61 -22.44 -32.88
C PHE C 567 39.48 -23.96 -32.89
N ILE C 568 39.53 -24.56 -31.71
CA ILE C 568 39.39 -26.00 -31.54
C ILE C 568 38.40 -26.25 -30.41
N LYS C 569 37.66 -27.35 -30.52
CA LYS C 569 36.74 -27.68 -29.43
C LYS C 569 36.44 -29.16 -29.45
N ILE C 570 36.26 -29.71 -28.25
CA ILE C 570 35.96 -31.12 -28.03
C ILE C 570 34.65 -31.23 -27.29
N CYS C 571 33.71 -32.02 -27.83
CA CYS C 571 32.44 -32.29 -27.18
C CYS C 571 32.38 -33.75 -26.79
N SER C 572 32.08 -34.01 -25.52
CA SER C 572 32.11 -35.35 -24.96
C SER C 572 30.82 -35.61 -24.20
N PRO C 573 30.44 -36.88 -24.03
CA PRO C 573 29.35 -37.20 -23.09
C PRO C 573 29.72 -36.94 -21.64
N ASP C 574 31.00 -36.70 -21.35
CA ASP C 574 31.44 -36.54 -19.96
C ASP C 574 30.73 -35.38 -19.26
N LYS C 575 30.41 -34.31 -20.00
CA LYS C 575 29.83 -33.11 -19.42
C LYS C 575 28.34 -33.05 -19.61
N MET C 576 27.70 -34.21 -19.80
CA MET C 576 26.27 -34.24 -20.06
C MET C 576 25.60 -35.38 -19.32
N ILE C 577 26.30 -36.05 -18.42
CA ILE C 577 25.81 -37.27 -17.80
C ILE C 577 24.57 -36.97 -16.96
N GLY C 578 23.51 -37.72 -17.21
CA GLY C 578 22.24 -37.49 -16.56
C GLY C 578 21.32 -36.53 -17.29
N PHE C 579 21.80 -35.86 -18.32
CA PHE C 579 20.95 -34.96 -19.08
C PHE C 579 19.81 -35.75 -19.74
N SER C 580 18.86 -35.02 -20.31
CA SER C 580 17.80 -35.59 -21.10
C SER C 580 17.95 -35.16 -22.56
N GLU C 581 17.10 -35.73 -23.42
CA GLU C 581 17.26 -35.56 -24.86
C GLU C 581 17.37 -34.09 -25.25
N THR C 582 16.34 -33.31 -24.91
CA THR C 582 16.34 -31.91 -25.32
C THR C 582 17.61 -31.21 -24.90
N ALA C 583 18.10 -31.52 -23.69
CA ALA C 583 19.34 -30.91 -23.22
C ALA C 583 20.49 -31.27 -24.14
N LYS C 584 20.54 -32.54 -24.55
CA LYS C 584 21.62 -33.05 -25.43
C LYS C 584 21.58 -32.34 -26.78
N CYS C 585 20.39 -32.16 -27.37
CA CYS C 585 20.25 -31.47 -28.64
C CYS C 585 20.66 -30.01 -28.50
N GLN C 586 20.23 -29.34 -27.43
N GLN C 586 20.24 -29.34 -27.42
CA GLN C 586 20.58 -27.94 -27.22
CA GLN C 586 20.59 -27.94 -27.25
C GLN C 586 22.09 -27.76 -27.08
C GLN C 586 22.09 -27.74 -27.06
N ALA C 587 22.74 -28.63 -26.31
CA ALA C 587 24.18 -28.52 -26.14
C ALA C 587 24.91 -28.66 -27.46
N MET C 588 24.52 -29.66 -28.26
CA MET C 588 25.13 -29.84 -29.57
C MET C 588 24.94 -28.61 -30.43
N LYS C 589 23.71 -28.10 -30.48
CA LYS C 589 23.42 -26.93 -31.30
C LYS C 589 24.26 -25.74 -30.86
N LYS C 590 24.39 -25.54 -29.54
CA LYS C 590 25.17 -24.41 -29.05
C LYS C 590 26.63 -24.53 -29.45
N ILE C 591 27.21 -25.71 -29.29
CA ILE C 591 28.62 -25.87 -29.63
C ILE C 591 28.85 -25.57 -31.10
N PHE C 592 28.00 -26.12 -31.97
CA PHE C 592 28.21 -25.89 -33.40
C PHE C 592 27.93 -24.44 -33.77
N ASP C 593 26.94 -23.82 -33.13
CA ASP C 593 26.66 -22.41 -33.38
C ASP C 593 27.88 -21.56 -33.06
N ASP C 594 28.51 -21.82 -31.91
CA ASP C 594 29.72 -21.08 -31.56
C ASP C 594 30.83 -21.36 -32.56
N ALA C 595 30.97 -22.61 -32.99
CA ALA C 595 32.01 -22.92 -33.97
C ALA C 595 31.78 -22.19 -35.30
N TYR C 596 30.54 -21.88 -35.64
CA TYR C 596 30.22 -21.28 -36.93
C TYR C 596 30.79 -19.87 -37.13
N LYS C 597 31.37 -19.24 -36.10
CA LYS C 597 31.67 -17.82 -36.17
C LYS C 597 33.12 -17.51 -36.55
N SER C 598 33.91 -18.51 -36.94
CA SER C 598 35.32 -18.28 -37.26
C SER C 598 35.61 -18.71 -38.69
N GLN C 599 36.73 -18.21 -39.22
CA GLN C 599 37.13 -18.58 -40.57
C GLN C 599 37.40 -20.08 -40.65
N LEU C 600 38.10 -20.62 -39.68
CA LEU C 600 38.43 -22.03 -39.62
C LEU C 600 38.05 -22.57 -38.25
N SER C 601 37.97 -23.89 -38.13
CA SER C 601 37.59 -24.51 -36.87
C SER C 601 37.91 -26.00 -36.95
N CYS C 602 37.88 -26.63 -35.78
CA CYS C 602 38.04 -28.08 -35.69
C CYS C 602 37.27 -28.56 -34.47
N VAL C 603 36.29 -29.41 -34.71
CA VAL C 603 35.39 -29.89 -33.67
C VAL C 603 35.53 -31.40 -33.59
N VAL C 604 35.64 -31.93 -32.38
CA VAL C 604 35.80 -33.36 -32.15
C VAL C 604 34.58 -33.86 -31.40
N VAL C 605 34.04 -34.98 -31.84
CA VAL C 605 32.95 -35.67 -31.15
C VAL C 605 33.47 -37.06 -30.80
N ASP C 606 33.45 -37.39 -29.52
CA ASP C 606 34.07 -38.61 -29.01
C ASP C 606 32.99 -39.60 -28.60
N ASP C 607 33.11 -40.83 -29.09
CA ASP C 607 32.18 -41.91 -28.76
C ASP C 607 30.76 -41.54 -29.17
N ILE C 608 30.56 -41.34 -30.46
CA ILE C 608 29.20 -41.05 -30.98
C ILE C 608 28.28 -42.08 -30.34
N GLU C 609 28.75 -43.29 -30.18
CA GLU C 609 27.86 -44.36 -29.68
C GLU C 609 27.17 -43.87 -28.41
N ARG C 610 27.91 -43.54 -27.37
CA ARG C 610 27.27 -43.21 -26.07
C ARG C 610 26.43 -41.95 -26.23
N LEU C 611 26.83 -41.05 -27.11
CA LEU C 611 26.09 -39.78 -27.32
C LEU C 611 24.67 -40.13 -27.75
N LEU C 612 24.45 -41.33 -28.30
CA LEU C 612 23.12 -41.75 -28.82
C LEU C 612 22.49 -42.76 -27.89
N ASP C 613 23.30 -43.50 -27.14
CA ASP C 613 22.81 -44.60 -26.26
C ASP C 613 22.44 -45.78 -27.15
N TYR C 614 23.10 -46.93 -27.01
CA TYR C 614 22.79 -48.14 -27.83
C TYR C 614 23.02 -49.43 -27.06
N VAL C 615 22.33 -49.67 -25.94
CA VAL C 615 22.45 -50.97 -25.22
C VAL C 615 21.91 -52.04 -26.15
N PRO C 616 22.66 -53.08 -26.54
CA PRO C 616 22.19 -54.03 -27.57
C PRO C 616 20.79 -54.64 -27.39
N ILE C 617 20.35 -54.94 -26.17
CA ILE C 617 19.02 -55.50 -26.02
C ILE C 617 17.98 -54.60 -26.66
N GLY C 618 16.98 -55.22 -27.28
CA GLY C 618 15.97 -54.52 -28.05
C GLY C 618 16.21 -54.49 -29.56
N PRO C 619 17.17 -53.67 -30.03
CA PRO C 619 17.97 -52.65 -29.34
C PRO C 619 17.13 -51.48 -28.87
N ARG C 620 17.69 -50.55 -28.13
CA ARG C 620 16.94 -49.39 -27.59
C ARG C 620 17.82 -48.17 -27.76
N PHE C 621 17.36 -47.16 -28.51
CA PHE C 621 18.17 -45.90 -28.64
C PHE C 621 17.25 -44.70 -28.85
N SER C 622 17.72 -43.48 -28.58
CA SER C 622 16.94 -42.23 -28.79
C SER C 622 17.09 -41.82 -30.25
N ASN C 623 16.02 -41.35 -30.91
CA ASN C 623 16.06 -41.02 -32.35
C ASN C 623 16.38 -39.54 -32.47
N LEU C 624 15.86 -38.71 -31.58
CA LEU C 624 16.02 -37.24 -31.70
C LEU C 624 17.49 -36.88 -31.89
N VAL C 625 18.42 -37.43 -31.12
CA VAL C 625 19.84 -37.13 -31.20
C VAL C 625 20.39 -37.56 -32.55
N LEU C 626 20.00 -38.74 -33.02
CA LEU C 626 20.47 -39.23 -34.31
C LEU C 626 20.07 -38.28 -35.43
N GLN C 627 18.79 -37.90 -35.46
CA GLN C 627 18.31 -36.97 -36.50
C GLN C 627 19.20 -35.75 -36.41
N ALA C 628 19.32 -35.16 -35.26
CA ALA C 628 20.06 -33.92 -35.10
C ALA C 628 21.44 -34.07 -35.74
N LEU C 629 22.21 -35.04 -35.25
CA LEU C 629 23.57 -35.21 -35.74
C LEU C 629 23.58 -35.38 -37.26
N LEU C 630 22.63 -36.14 -37.79
CA LEU C 630 22.59 -36.41 -39.22
C LEU C 630 22.43 -35.08 -39.95
N VAL C 631 21.26 -34.44 -39.80
CA VAL C 631 21.04 -33.18 -40.50
C VAL C 631 22.25 -32.27 -40.32
N LEU C 632 22.77 -32.21 -39.10
CA LEU C 632 23.84 -31.29 -38.76
C LEU C 632 25.05 -31.48 -39.67
N LEU C 633 25.55 -32.72 -39.77
CA LEU C 633 26.78 -32.95 -40.53
C LEU C 633 26.74 -32.37 -41.93
N LYS C 634 25.55 -32.10 -42.48
CA LYS C 634 25.40 -31.59 -43.84
C LYS C 634 24.85 -30.16 -43.84
N LYS C 635 25.39 -29.29 -42.99
CA LYS C 635 24.96 -27.87 -42.93
C LYS C 635 26.12 -26.98 -43.35
N ALA C 636 25.96 -26.17 -44.38
CA ALA C 636 27.04 -25.30 -44.90
C ALA C 636 27.42 -24.27 -43.84
N PRO C 637 28.70 -23.87 -43.71
CA PRO C 637 29.03 -22.80 -42.79
C PRO C 637 28.51 -21.49 -43.35
N PRO C 638 28.48 -20.38 -42.61
CA PRO C 638 28.09 -19.10 -43.18
C PRO C 638 29.01 -18.89 -44.38
N GLN C 639 28.45 -18.66 -45.56
CA GLN C 639 29.27 -18.55 -46.79
C GLN C 639 30.56 -17.82 -46.50
N GLY C 640 31.69 -18.40 -46.89
CA GLY C 640 33.00 -17.73 -46.77
C GLY C 640 33.95 -18.39 -45.81
N ARG C 641 33.56 -19.49 -45.17
CA ARG C 641 34.42 -20.12 -44.13
C ARG C 641 34.34 -21.64 -44.26
N LYS C 642 35.13 -22.39 -43.49
CA LYS C 642 35.21 -23.86 -43.61
C LYS C 642 35.10 -24.51 -42.24
N LEU C 643 34.86 -25.82 -42.20
CA LEU C 643 34.73 -26.57 -40.95
C LEU C 643 35.24 -27.98 -41.15
N LEU C 644 35.79 -28.60 -40.12
CA LEU C 644 36.28 -29.97 -40.12
C LEU C 644 35.71 -30.71 -38.92
N ILE C 645 35.19 -31.92 -39.17
CA ILE C 645 34.57 -32.73 -38.14
C ILE C 645 35.30 -34.06 -38.07
N ILE C 646 35.73 -34.43 -36.86
CA ILE C 646 36.41 -35.71 -36.61
C ILE C 646 35.60 -36.46 -35.56
N GLY C 647 35.11 -37.63 -35.93
CA GLY C 647 34.32 -38.45 -35.03
C GLY C 647 34.98 -39.80 -34.80
N THR C 648 34.77 -40.34 -33.60
CA THR C 648 35.28 -41.65 -33.23
C THR C 648 34.13 -42.54 -32.77
N THR C 649 34.25 -43.84 -33.04
CA THR C 649 33.23 -44.80 -32.69
C THR C 649 33.91 -46.11 -32.30
N SER C 650 33.09 -47.10 -31.92
CA SER C 650 33.62 -48.38 -31.50
C SER C 650 32.79 -49.56 -32.02
N ARG C 651 31.81 -49.32 -32.87
CA ARG C 651 31.03 -50.41 -33.47
C ARG C 651 30.62 -49.94 -34.87
N LYS C 652 31.45 -50.26 -35.86
CA LYS C 652 31.21 -49.74 -37.21
C LYS C 652 29.95 -50.34 -37.83
N ASP C 653 29.76 -51.65 -37.68
CA ASP C 653 28.63 -52.31 -38.32
C ASP C 653 27.32 -51.65 -37.95
N VAL C 654 27.13 -51.32 -36.66
CA VAL C 654 25.90 -50.68 -36.23
C VAL C 654 25.68 -49.37 -36.98
N LEU C 655 26.72 -48.54 -37.06
CA LEU C 655 26.59 -47.28 -37.78
C LEU C 655 26.23 -47.52 -39.24
N GLN C 656 26.93 -48.45 -39.90
CA GLN C 656 26.60 -48.78 -41.28
C GLN C 656 25.12 -49.15 -41.39
N GLU C 657 24.61 -49.90 -40.42
CA GLU C 657 23.23 -50.35 -40.49
C GLU C 657 22.26 -49.20 -40.21
N MET C 658 22.74 -48.15 -39.56
CA MET C 658 21.93 -46.97 -39.30
C MET C 658 22.05 -45.92 -40.40
N GLU C 659 22.77 -46.20 -41.48
CA GLU C 659 22.84 -45.36 -42.67
C GLU C 659 23.60 -44.07 -42.44
N MET C 660 24.47 -44.04 -41.42
CA MET C 660 25.21 -42.82 -41.13
C MET C 660 26.48 -42.70 -41.97
N LEU C 661 27.05 -43.82 -42.39
CA LEU C 661 28.33 -43.78 -43.11
C LEU C 661 28.26 -42.95 -44.39
N ASN C 662 27.07 -42.78 -44.98
CA ASN C 662 26.98 -41.95 -46.17
C ASN C 662 27.26 -40.49 -45.85
N ALA C 663 26.85 -40.02 -44.67
CA ALA C 663 27.15 -38.65 -44.27
C ALA C 663 28.65 -38.41 -44.29
N PHE C 664 29.41 -39.26 -43.59
CA PHE C 664 30.84 -39.07 -43.50
C PHE C 664 31.49 -39.23 -44.86
N SER C 665 32.63 -38.56 -45.05
CA SER C 665 33.26 -38.48 -46.36
C SER C 665 34.33 -39.53 -46.59
N THR C 666 34.88 -40.14 -45.54
CA THR C 666 35.88 -41.18 -45.69
C THR C 666 36.09 -41.81 -44.32
N THR C 667 37.02 -42.76 -44.25
CA THR C 667 37.24 -43.51 -43.03
C THR C 667 38.69 -43.96 -42.95
N ILE C 668 39.12 -44.29 -41.73
CA ILE C 668 40.46 -44.78 -41.46
C ILE C 668 40.36 -45.92 -40.46
N HIS C 669 41.28 -46.87 -40.58
CA HIS C 669 41.30 -48.06 -39.72
C HIS C 669 42.54 -48.00 -38.83
N VAL C 670 42.33 -48.04 -37.52
CA VAL C 670 43.42 -48.06 -36.54
C VAL C 670 43.48 -49.45 -35.92
N PRO C 671 44.53 -50.23 -36.17
CA PRO C 671 44.57 -51.60 -35.67
C PRO C 671 45.26 -51.70 -34.31
N ASN C 672 45.22 -52.90 -33.76
CA ASN C 672 45.84 -53.19 -32.47
C ASN C 672 47.30 -53.58 -32.71
N ILE C 673 47.95 -54.11 -31.68
CA ILE C 673 49.28 -54.69 -31.84
C ILE C 673 49.09 -56.20 -31.92
N ALA C 674 49.82 -56.84 -32.85
CA ALA C 674 49.61 -58.27 -33.06
C ALA C 674 50.93 -59.03 -33.17
N THR C 675 51.91 -58.45 -33.86
CA THR C 675 53.18 -59.11 -34.08
C THR C 675 54.04 -59.04 -32.82
N GLY C 676 54.57 -60.19 -32.40
CA GLY C 676 55.43 -60.26 -31.24
C GLY C 676 56.44 -59.12 -31.21
N GLU C 677 57.06 -58.84 -32.36
CA GLU C 677 58.08 -57.80 -32.42
C GLU C 677 57.50 -56.46 -32.02
N GLN C 678 56.24 -56.20 -32.39
CA GLN C 678 55.58 -54.97 -31.97
C GLN C 678 55.57 -54.89 -30.45
N LEU C 679 55.14 -55.96 -29.78
CA LEU C 679 55.07 -55.97 -28.33
C LEU C 679 56.46 -55.76 -27.73
N LEU C 680 57.49 -56.40 -28.30
CA LEU C 680 58.84 -56.22 -27.79
C LEU C 680 59.28 -54.76 -27.91
N GLU C 681 59.00 -54.13 -29.06
CA GLU C 681 59.37 -52.73 -29.24
C GLU C 681 58.63 -51.85 -28.24
N ALA C 682 57.35 -52.10 -28.07
CA ALA C 682 56.53 -51.30 -27.17
C ALA C 682 57.13 -51.44 -25.79
N LEU C 683 57.46 -52.65 -25.40
CA LEU C 683 58.00 -52.91 -24.05
C LEU C 683 59.29 -52.10 -23.91
N GLU C 684 60.18 -52.23 -24.87
CA GLU C 684 61.48 -51.54 -24.81
C GLU C 684 61.20 -50.06 -24.56
N LEU C 685 60.27 -49.43 -25.40
CA LEU C 685 60.00 -47.99 -25.31
C LEU C 685 59.44 -47.61 -23.95
N LEU C 686 58.58 -48.46 -23.36
CA LEU C 686 57.92 -48.10 -22.12
C LEU C 686 58.91 -48.01 -20.96
N GLY C 687 59.92 -48.88 -20.96
CA GLY C 687 60.91 -48.84 -19.90
C GLY C 687 60.57 -49.66 -18.68
N ASN C 688 60.26 -50.94 -18.89
CA ASN C 688 60.03 -51.85 -17.79
C ASN C 688 60.50 -53.21 -18.24
N PHE C 689 60.73 -54.07 -17.24
CA PHE C 689 61.08 -55.45 -17.49
C PHE C 689 62.14 -55.60 -18.58
N LYS C 690 63.32 -55.04 -18.34
CA LYS C 690 64.40 -55.03 -19.32
C LYS C 690 65.42 -56.12 -18.99
N ASP C 691 66.43 -56.23 -19.85
CA ASP C 691 67.52 -57.20 -19.69
C ASP C 691 66.93 -58.60 -19.61
N LYS C 692 67.12 -59.34 -18.53
CA LYS C 692 66.75 -60.74 -18.50
C LYS C 692 65.26 -60.94 -18.76
N GLU C 693 64.41 -60.13 -18.12
CA GLU C 693 62.97 -60.24 -18.36
C GLU C 693 62.64 -60.00 -19.82
N ARG C 694 63.24 -58.96 -20.41
CA ARG C 694 62.99 -58.71 -21.82
C ARG C 694 63.36 -59.95 -22.62
N THR C 695 64.50 -60.56 -22.32
CA THR C 695 64.96 -61.67 -23.15
C THR C 695 64.02 -62.85 -23.02
N THR C 696 63.65 -63.20 -21.79
CA THR C 696 62.83 -64.38 -21.63
C THR C 696 61.43 -64.16 -22.19
N ILE C 697 60.88 -62.94 -22.05
CA ILE C 697 59.57 -62.62 -22.64
C ILE C 697 59.65 -62.69 -24.17
N ALA C 698 60.73 -62.16 -24.74
CA ALA C 698 60.99 -62.24 -26.19
C ALA C 698 61.00 -63.69 -26.64
N GLN C 699 61.76 -64.54 -25.94
CA GLN C 699 61.73 -65.97 -26.20
C GLN C 699 60.29 -66.49 -26.23
N GLN C 700 59.55 -66.26 -25.16
CA GLN C 700 58.22 -66.85 -25.03
C GLN C 700 57.30 -66.43 -26.18
N VAL C 701 57.11 -65.12 -26.36
CA VAL C 701 56.12 -64.65 -27.35
C VAL C 701 56.56 -64.96 -28.78
N LYS C 702 57.85 -65.23 -29.00
CA LYS C 702 58.34 -65.36 -30.36
C LYS C 702 57.56 -66.39 -31.17
N GLY C 703 56.99 -67.39 -30.52
CA GLY C 703 56.43 -68.51 -31.24
C GLY C 703 54.92 -68.56 -31.28
N LYS C 704 54.25 -67.42 -31.41
CA LYS C 704 52.79 -67.39 -31.51
C LYS C 704 52.34 -65.99 -31.92
N LYS C 705 51.03 -65.83 -32.06
CA LYS C 705 50.41 -64.58 -32.47
C LYS C 705 49.54 -64.05 -31.34
N VAL C 706 49.60 -62.75 -31.13
CA VAL C 706 48.89 -62.10 -30.02
C VAL C 706 47.93 -61.07 -30.56
N TRP C 707 46.99 -60.66 -29.71
CA TRP C 707 46.02 -59.62 -30.06
C TRP C 707 45.70 -58.84 -28.79
N ILE C 708 46.28 -57.65 -28.64
CA ILE C 708 46.02 -56.80 -27.48
C ILE C 708 46.14 -55.34 -27.89
N GLY C 709 45.49 -54.47 -27.12
CA GLY C 709 45.49 -53.04 -27.37
C GLY C 709 46.31 -52.31 -26.32
N ILE C 710 46.91 -51.18 -26.72
CA ILE C 710 47.81 -50.45 -25.83
C ILE C 710 47.13 -50.13 -24.51
N LYS C 711 45.87 -49.67 -24.58
CA LYS C 711 45.15 -49.26 -23.39
C LYS C 711 45.27 -50.33 -22.32
N LYS C 712 45.00 -51.58 -22.69
CA LYS C 712 45.02 -52.66 -21.73
C LYS C 712 46.46 -53.04 -21.41
N LEU C 713 47.35 -52.95 -22.41
CA LEU C 713 48.75 -53.27 -22.20
C LEU C 713 49.29 -52.57 -20.97
N LEU C 714 49.08 -51.25 -20.89
CA LEU C 714 49.63 -50.49 -19.76
C LEU C 714 49.06 -50.99 -18.45
N MET C 715 47.75 -51.28 -18.41
CA MET C 715 47.14 -51.79 -17.20
C MET C 715 47.77 -53.12 -16.79
N LEU C 716 48.09 -53.93 -17.78
CA LEU C 716 48.72 -55.24 -17.51
C LEU C 716 50.07 -54.95 -16.83
N ILE C 717 50.93 -54.23 -17.51
CA ILE C 717 52.29 -53.97 -16.96
C ILE C 717 52.09 -53.57 -15.51
N GLU C 718 51.26 -52.57 -15.26
CA GLU C 718 51.11 -52.05 -13.89
C GLU C 718 50.72 -53.18 -12.95
N MET C 719 49.67 -53.91 -13.27
CA MET C 719 49.14 -54.95 -12.35
C MET C 719 50.25 -55.91 -11.97
N SER C 720 51.26 -56.08 -12.81
CA SER C 720 52.33 -57.07 -12.56
C SER C 720 53.46 -56.44 -11.74
N LEU C 721 53.62 -55.13 -11.79
CA LEU C 721 54.70 -54.43 -11.06
C LEU C 721 54.27 -54.19 -9.61
N GLN C 722 53.93 -55.26 -8.88
CA GLN C 722 53.48 -55.16 -7.47
C GLN C 722 54.01 -56.34 -6.65
N MET C 723 54.20 -57.51 -7.25
CA MET C 723 54.73 -58.69 -6.56
C MET C 723 56.24 -58.53 -6.34
N ASP C 724 56.85 -59.55 -5.76
CA ASP C 724 58.28 -59.55 -5.53
C ASP C 724 59.02 -59.66 -6.86
N PRO C 725 60.31 -59.21 -6.91
CA PRO C 725 61.09 -59.32 -8.15
C PRO C 725 61.60 -60.73 -8.42
N GLU C 726 60.70 -61.71 -8.29
CA GLU C 726 61.02 -63.11 -8.56
C GLU C 726 59.97 -63.83 -9.37
N TYR C 727 58.78 -63.23 -9.52
CA TYR C 727 57.67 -63.84 -10.28
C TYR C 727 57.00 -62.78 -11.15
N ARG C 728 57.61 -61.61 -11.25
CA ARG C 728 57.02 -60.50 -12.04
C ARG C 728 56.87 -61.01 -13.48
N VAL C 729 57.96 -61.43 -14.10
CA VAL C 729 57.93 -61.92 -15.51
C VAL C 729 56.88 -63.01 -15.56
N ARG C 730 56.91 -63.93 -14.60
CA ARG C 730 55.96 -65.06 -14.59
C ARG C 730 54.55 -64.50 -14.67
N LYS C 731 54.22 -63.54 -13.83
CA LYS C 731 52.86 -62.97 -13.79
C LYS C 731 52.56 -62.39 -15.15
N PHE C 732 53.40 -61.48 -15.62
CA PHE C 732 53.15 -60.78 -16.90
C PHE C 732 52.66 -61.78 -17.92
N LEU C 733 53.31 -62.94 -17.98
CA LEU C 733 52.97 -63.96 -19.01
C LEU C 733 51.56 -64.48 -18.78
N ALA C 734 51.24 -65.05 -17.63
CA ALA C 734 49.94 -65.68 -17.37
C ALA C 734 48.80 -64.71 -17.67
N LEU C 735 48.95 -63.45 -17.29
CA LEU C 735 47.92 -62.46 -17.57
C LEU C 735 47.74 -62.29 -19.08
N LEU C 736 48.86 -62.21 -19.82
CA LEU C 736 48.75 -62.10 -21.26
C LEU C 736 48.05 -63.31 -21.85
N ARG C 737 48.40 -64.51 -21.36
CA ARG C 737 47.74 -65.72 -21.82
C ARG C 737 46.24 -65.64 -21.58
N GLU C 738 45.86 -65.08 -20.43
CA GLU C 738 44.43 -64.89 -20.12
C GLU C 738 43.75 -64.31 -21.35
N GLU C 739 44.36 -63.31 -21.97
CA GLU C 739 43.83 -62.75 -23.24
C GLU C 739 43.89 -63.89 -24.25
N GLY C 740 42.76 -64.25 -24.88
CA GLY C 740 42.71 -65.42 -25.77
C GLY C 740 43.24 -65.19 -27.16
N ALA C 741 43.06 -66.15 -28.08
CA ALA C 741 43.53 -66.08 -29.48
C ALA C 741 42.36 -65.74 -30.42
N SER C 742 41.70 -64.61 -30.21
CA SER C 742 40.52 -64.17 -31.02
C SER C 742 40.91 -64.01 -32.49
N PRO C 743 39.94 -63.95 -33.43
CA PRO C 743 40.26 -63.87 -34.87
C PRO C 743 40.93 -62.53 -35.24
N ARG D 208 -26.44 23.14 -45.98
CA ARG D 208 -26.20 23.52 -47.38
C ARG D 208 -24.70 23.45 -47.69
N GLN D 209 -23.88 23.85 -46.72
CA GLN D 209 -22.44 23.83 -46.92
C GLN D 209 -21.96 22.44 -47.27
N SER D 210 -21.09 22.36 -48.27
CA SER D 210 -20.58 21.06 -48.71
C SER D 210 -19.67 20.47 -47.65
N ILE D 211 -19.79 19.15 -47.46
CA ILE D 211 -18.94 18.44 -46.51
C ILE D 211 -17.53 18.22 -47.02
N ILE D 212 -17.29 18.45 -48.31
CA ILE D 212 -15.98 18.29 -48.92
C ILE D 212 -15.36 19.66 -49.11
N ASN D 213 -14.04 19.74 -48.95
CA ASN D 213 -13.36 21.01 -49.19
C ASN D 213 -13.57 21.42 -50.65
N PRO D 214 -13.83 22.71 -50.91
CA PRO D 214 -14.06 23.13 -52.29
C PRO D 214 -12.89 22.79 -53.21
N ASP D 215 -11.66 22.85 -52.70
CA ASP D 215 -10.48 22.45 -53.45
C ASP D 215 -9.98 21.12 -52.91
N TRP D 216 -10.10 20.07 -53.71
CA TRP D 216 -9.56 18.77 -53.37
C TRP D 216 -9.24 18.03 -54.66
N ASN D 217 -8.36 17.04 -54.56
CA ASN D 217 -7.99 16.23 -55.72
C ASN D 217 -7.51 14.86 -55.24
N PHE D 218 -7.88 13.83 -56.01
CA PHE D 218 -7.42 12.49 -55.69
C PHE D 218 -5.93 12.32 -55.97
N GLU D 219 -5.40 13.03 -56.95
CA GLU D 219 -3.96 12.98 -57.21
C GLU D 219 -3.19 13.78 -56.17
N LYS D 220 -3.81 14.81 -55.59
CA LYS D 220 -3.12 15.65 -54.61
C LYS D 220 -2.72 14.85 -53.37
N MET D 221 -3.60 13.98 -52.91
CA MET D 221 -3.35 13.27 -51.65
C MET D 221 -2.11 12.39 -51.76
N GLY D 222 -1.88 11.80 -52.93
CA GLY D 222 -0.68 11.04 -53.18
C GLY D 222 -0.73 9.60 -52.69
N ILE D 223 -1.76 8.86 -53.10
CA ILE D 223 -1.87 7.44 -52.83
C ILE D 223 -2.14 6.73 -54.14
N GLY D 224 -1.49 5.58 -54.33
CA GLY D 224 -1.60 4.85 -55.58
C GLY D 224 -1.81 3.37 -55.34
N GLY D 225 -2.51 2.74 -56.29
CA GLY D 225 -2.71 1.31 -56.29
C GLY D 225 -3.84 0.81 -55.41
N LEU D 226 -4.59 1.68 -54.77
CA LEU D 226 -5.70 1.30 -53.90
C LEU D 226 -7.00 1.94 -54.36
N ASP D 227 -7.16 2.08 -55.68
CA ASP D 227 -8.32 2.79 -56.22
C ASP D 227 -9.62 2.06 -55.89
N LYS D 228 -9.65 0.74 -56.03
CA LYS D 228 -10.86 -0.01 -55.76
C LYS D 228 -11.27 0.15 -54.30
N GLU D 229 -10.29 0.07 -53.39
CA GLU D 229 -10.59 0.16 -51.97
C GLU D 229 -11.14 1.54 -51.61
N PHE D 230 -10.52 2.60 -52.15
CA PHE D 230 -11.01 3.94 -51.91
C PHE D 230 -12.41 4.12 -52.47
N SER D 231 -12.66 3.60 -53.66
CA SER D 231 -13.99 3.69 -54.25
C SER D 231 -15.03 3.00 -53.36
N ASP D 232 -14.70 1.80 -52.88
CA ASP D 232 -15.65 0.97 -52.11
C ASP D 232 -16.11 1.69 -50.85
N ILE D 233 -15.18 2.05 -49.98
CA ILE D 233 -15.56 2.65 -48.68
C ILE D 233 -16.51 3.81 -48.97
N PHE D 234 -16.10 4.74 -49.82
CA PHE D 234 -16.92 5.95 -50.11
C PHE D 234 -18.32 5.45 -50.42
N ARG D 235 -18.44 4.44 -51.27
CA ARG D 235 -19.77 3.94 -51.71
C ARG D 235 -20.59 3.56 -50.48
N ARG D 236 -19.98 2.89 -49.52
CA ARG D 236 -20.72 2.41 -48.34
C ARG D 236 -20.53 3.39 -47.19
N ALA D 237 -19.99 4.57 -47.44
CA ALA D 237 -19.66 5.53 -46.35
C ALA D 237 -20.12 6.95 -46.66
N PHE D 238 -19.45 7.66 -47.55
CA PHE D 238 -19.71 9.11 -47.78
C PHE D 238 -20.84 9.34 -48.78
N ALA D 239 -21.43 8.29 -49.35
CA ALA D 239 -22.46 8.45 -50.37
C ALA D 239 -23.66 9.21 -49.84
N SER D 240 -23.97 9.06 -48.55
CA SER D 240 -25.15 9.67 -47.97
C SER D 240 -24.95 11.12 -47.54
N ARG D 241 -23.71 11.60 -47.48
CA ARG D 241 -23.41 12.90 -46.90
C ARG D 241 -23.14 13.97 -47.95
N VAL D 242 -23.40 13.71 -49.22
CA VAL D 242 -23.12 14.68 -50.27
C VAL D 242 -24.38 14.96 -51.09
N PHE D 243 -25.29 13.99 -51.11
CA PHE D 243 -26.51 14.12 -51.91
C PHE D 243 -27.45 15.13 -51.23
N PRO D 244 -28.34 15.76 -52.00
CA PRO D 244 -29.32 16.66 -51.40
C PRO D 244 -30.03 16.01 -50.22
N PRO D 245 -30.10 16.69 -49.07
CA PRO D 245 -30.63 16.04 -47.85
C PRO D 245 -32.05 15.53 -47.99
N GLU D 246 -32.84 16.09 -48.92
CA GLU D 246 -34.28 15.82 -48.91
C GLU D 246 -34.57 14.33 -49.09
N ILE D 247 -33.97 13.71 -50.10
CA ILE D 247 -34.24 12.29 -50.34
C ILE D 247 -33.76 11.45 -49.17
N VAL D 248 -32.59 11.80 -48.60
CA VAL D 248 -32.06 11.04 -47.48
C VAL D 248 -33.01 11.12 -46.29
N GLU D 249 -33.60 12.29 -46.06
CA GLU D 249 -34.61 12.41 -45.00
C GLU D 249 -35.84 11.58 -45.31
N GLN D 250 -36.25 11.54 -46.57
CA GLN D 250 -37.27 10.60 -47.01
C GLN D 250 -36.78 9.16 -46.97
N MET D 251 -35.47 8.95 -46.79
CA MET D 251 -34.89 7.64 -47.00
C MET D 251 -35.09 6.73 -45.78
N GLY D 252 -35.23 7.30 -44.59
CA GLY D 252 -35.38 6.49 -43.39
C GLY D 252 -34.16 5.64 -43.11
N CYS D 253 -32.97 6.25 -43.20
CA CYS D 253 -31.71 5.52 -43.07
C CYS D 253 -30.81 6.21 -42.06
N LYS D 254 -29.93 5.43 -41.45
CA LYS D 254 -28.91 5.93 -40.52
C LYS D 254 -27.54 5.74 -41.14
N HIS D 255 -26.72 6.78 -41.16
CA HIS D 255 -25.35 6.71 -41.74
C HIS D 255 -24.58 5.57 -41.07
N VAL D 256 -23.56 5.02 -41.72
CA VAL D 256 -22.77 3.88 -41.19
C VAL D 256 -21.81 4.39 -40.11
N LYS D 257 -21.53 3.60 -39.06
CA LYS D 257 -20.64 4.00 -37.93
C LYS D 257 -19.61 2.91 -37.64
N GLY D 258 -18.35 3.10 -38.03
CA GLY D 258 -17.25 2.14 -37.72
C GLY D 258 -16.63 1.44 -38.93
N ILE D 259 -15.31 1.45 -39.06
CA ILE D 259 -14.56 0.80 -40.18
C ILE D 259 -13.29 0.19 -39.62
N LEU D 260 -12.95 -1.05 -39.98
CA LEU D 260 -11.74 -1.76 -39.49
C LEU D 260 -10.76 -1.99 -40.64
N LEU D 261 -9.48 -1.64 -40.46
CA LEU D 261 -8.44 -1.85 -41.49
C LEU D 261 -7.40 -2.79 -40.90
N TYR D 262 -7.22 -3.98 -41.48
CA TYR D 262 -6.28 -5.01 -40.97
C TYR D 262 -5.41 -5.51 -42.11
N GLY D 263 -4.10 -5.72 -41.89
CA GLY D 263 -3.28 -6.31 -42.97
C GLY D 263 -1.81 -6.43 -42.58
N PRO D 264 -0.89 -6.73 -43.52
CA PRO D 264 0.52 -6.93 -43.18
C PRO D 264 1.14 -5.61 -42.70
N PRO D 265 2.29 -5.65 -42.02
CA PRO D 265 2.86 -4.43 -41.44
C PRO D 265 3.34 -3.40 -42.45
N GLY D 266 3.41 -2.14 -42.05
CA GLY D 266 3.98 -1.07 -42.89
C GLY D 266 3.39 -0.99 -44.29
N CYS D 267 2.14 -1.38 -44.51
CA CYS D 267 1.56 -1.46 -45.87
C CYS D 267 0.83 -0.15 -46.23
N GLY D 268 1.13 0.94 -45.52
CA GLY D 268 0.49 2.25 -45.79
C GLY D 268 -0.85 2.37 -45.08
N LYS D 269 -1.23 1.38 -44.28
CA LYS D 269 -2.54 1.35 -43.59
C LYS D 269 -2.81 2.73 -43.00
N THR D 270 -1.83 3.31 -42.34
CA THR D 270 -2.01 4.61 -41.64
C THR D 270 -2.17 5.74 -42.64
N LEU D 271 -1.42 5.75 -43.73
CA LEU D 271 -1.45 6.87 -44.71
C LEU D 271 -2.90 7.20 -45.00
N LEU D 272 -3.73 6.20 -45.25
CA LEU D 272 -5.15 6.34 -45.55
C LEU D 272 -5.83 7.18 -44.50
N ALA D 273 -5.66 6.81 -43.22
CA ALA D 273 -6.30 7.55 -42.15
C ALA D 273 -5.92 9.02 -42.19
N ARG D 274 -4.65 9.30 -42.49
CA ARG D 274 -4.17 10.68 -42.47
C ARG D 274 -4.84 11.48 -43.58
N GLN D 275 -4.89 10.92 -44.78
CA GLN D 275 -5.41 11.69 -45.91
C GLN D 275 -6.93 11.70 -45.95
N ILE D 276 -7.59 10.79 -45.22
CA ILE D 276 -9.03 10.87 -45.11
C ILE D 276 -9.39 11.92 -44.07
N GLY D 277 -8.60 12.01 -43.00
CA GLY D 277 -8.82 13.08 -42.04
C GLY D 277 -8.59 14.43 -42.70
N LYS D 278 -7.55 14.53 -43.52
CA LYS D 278 -7.24 15.80 -44.17
C LYS D 278 -8.30 16.16 -45.22
N MET D 279 -8.80 15.18 -45.97
CA MET D 279 -9.72 15.51 -47.05
C MET D 279 -10.98 16.18 -46.54
N LEU D 280 -11.55 15.67 -45.45
CA LEU D 280 -12.87 16.12 -45.02
C LEU D 280 -12.86 17.59 -44.65
N ASN D 281 -13.96 18.27 -44.98
CA ASN D 281 -14.17 19.68 -44.62
C ASN D 281 -14.82 19.82 -43.25
N ALA D 282 -14.22 19.18 -42.24
CA ALA D 282 -14.79 19.18 -40.90
C ALA D 282 -13.73 19.51 -39.85
N ARG D 283 -14.10 19.40 -38.58
CA ARG D 283 -13.15 19.65 -37.50
C ARG D 283 -11.99 18.66 -37.57
N GLU D 284 -10.85 19.09 -37.06
CA GLU D 284 -9.70 18.19 -36.97
C GLU D 284 -10.05 17.00 -36.08
N PRO D 285 -9.79 15.77 -36.51
CA PRO D 285 -10.24 14.61 -35.74
C PRO D 285 -9.49 14.50 -34.43
N LYS D 286 -9.98 13.61 -33.57
CA LYS D 286 -9.31 13.31 -32.31
C LYS D 286 -8.61 11.97 -32.44
N VAL D 287 -7.38 11.89 -31.95
CA VAL D 287 -6.54 10.71 -32.09
C VAL D 287 -6.21 10.12 -30.73
N VAL D 288 -6.16 8.79 -30.66
CA VAL D 288 -5.75 8.07 -29.45
C VAL D 288 -4.58 7.18 -29.85
N ASN D 289 -3.36 7.60 -29.50
CA ASN D 289 -2.15 6.85 -29.86
C ASN D 289 -2.07 5.61 -28.98
N GLY D 290 -2.86 4.60 -29.33
CA GLY D 290 -2.87 3.35 -28.59
C GLY D 290 -3.43 3.52 -27.20
N PRO D 291 -3.02 2.67 -26.27
CA PRO D 291 -3.58 2.73 -24.90
C PRO D 291 -3.02 3.90 -24.11
N GLU D 292 -3.49 5.12 -24.42
CA GLU D 292 -3.12 6.32 -23.70
C GLU D 292 -4.21 6.80 -22.77
N ILE D 293 -5.24 5.98 -22.54
CA ILE D 293 -6.43 6.41 -21.81
C ILE D 293 -6.56 5.61 -20.52
N LEU D 294 -5.43 5.20 -19.95
CA LEU D 294 -5.41 4.41 -18.73
C LEU D 294 -4.95 5.28 -17.56
N ASN D 295 -5.63 5.16 -16.43
CA ASN D 295 -5.33 5.94 -15.24
C ASN D 295 -5.25 5.01 -14.05
N LYS D 296 -4.43 5.41 -13.06
CA LYS D 296 -4.21 4.56 -11.90
C LYS D 296 -5.44 4.52 -11.01
N TYR D 297 -6.12 5.66 -10.85
CA TYR D 297 -7.27 5.74 -9.96
C TYR D 297 -8.40 4.86 -10.46
N VAL D 298 -9.23 4.39 -9.53
CA VAL D 298 -10.33 3.49 -9.87
C VAL D 298 -11.46 4.30 -10.49
N GLY D 299 -11.89 3.89 -11.68
CA GLY D 299 -13.00 4.53 -12.35
C GLY D 299 -12.66 5.70 -13.24
N GLU D 300 -11.39 5.90 -13.56
CA GLU D 300 -10.98 7.01 -14.42
C GLU D 300 -10.70 6.59 -15.85
N SER D 301 -10.39 5.32 -16.10
CA SER D 301 -10.31 4.84 -17.48
C SER D 301 -11.65 4.98 -18.18
N GLU D 302 -12.72 4.67 -17.45
CA GLU D 302 -14.08 4.73 -18.00
C GLU D 302 -14.44 6.21 -18.19
N ALA D 303 -14.03 7.07 -17.27
CA ALA D 303 -14.26 8.50 -17.42
C ALA D 303 -13.52 9.07 -18.63
N ASN D 304 -12.30 8.59 -18.87
CA ASN D 304 -11.54 9.07 -20.01
C ASN D 304 -12.17 8.63 -21.32
N ILE D 305 -12.47 7.33 -21.32
CA ILE D 305 -13.03 6.86 -22.58
C ILE D 305 -14.40 7.49 -22.84
N ARG D 306 -15.16 7.83 -21.78
CA ARG D 306 -16.47 8.45 -21.98
C ARG D 306 -16.32 9.92 -22.35
N LYS D 307 -15.36 10.60 -21.75
CA LYS D 307 -15.03 11.96 -22.17
C LYS D 307 -14.50 11.96 -23.60
N LEU D 308 -14.73 13.07 -24.28
CA LEU D 308 -14.41 13.24 -25.72
C LEU D 308 -15.41 12.50 -26.60
N PHE D 309 -16.30 11.69 -26.05
CA PHE D 309 -17.37 11.05 -26.81
C PHE D 309 -18.67 11.84 -26.70
N ALA D 310 -18.65 13.01 -26.05
CA ALA D 310 -19.86 13.72 -25.71
C ALA D 310 -19.94 15.10 -26.34
N ASP D 311 -18.91 15.54 -27.06
CA ASP D 311 -19.09 16.74 -27.88
C ASP D 311 -20.12 16.48 -28.97
N ALA D 312 -20.13 15.25 -29.50
CA ALA D 312 -21.16 14.87 -30.45
C ALA D 312 -22.53 14.87 -29.81
N GLU D 313 -22.65 14.36 -28.58
CA GLU D 313 -23.92 14.40 -27.86
C GLU D 313 -24.40 15.83 -27.71
N GLU D 314 -23.51 16.72 -27.27
CA GLU D 314 -23.89 18.11 -27.06
C GLU D 314 -24.34 18.77 -28.37
N GLU D 315 -23.65 18.59 -29.43
CA GLU D 315 -23.99 19.25 -30.68
C GLU D 315 -25.23 18.63 -31.32
N GLN D 316 -25.45 17.32 -31.12
CA GLN D 316 -26.67 16.70 -31.61
C GLN D 316 -27.87 17.22 -30.83
N ARG D 317 -27.78 17.25 -29.50
CA ARG D 317 -28.86 17.78 -28.68
C ARG D 317 -29.07 19.27 -28.90
N ARG D 318 -28.09 19.97 -29.47
CA ARG D 318 -28.20 21.41 -29.70
C ARG D 318 -28.89 21.70 -31.04
N LEU D 319 -28.31 21.24 -32.14
CA LEU D 319 -28.88 21.47 -33.46
C LEU D 319 -29.78 20.30 -33.89
N GLY D 320 -29.18 19.12 -34.06
CA GLY D 320 -29.91 17.95 -34.47
C GLY D 320 -30.02 17.85 -35.98
N ALA D 321 -29.58 16.73 -36.54
CA ALA D 321 -29.71 16.45 -37.97
C ALA D 321 -28.96 17.45 -38.85
N ASN D 322 -28.21 18.38 -38.24
CA ASN D 322 -27.47 19.38 -39.01
C ASN D 322 -26.07 19.60 -38.46
N SER D 323 -25.57 18.70 -37.62
CA SER D 323 -24.29 18.89 -36.96
C SER D 323 -23.14 18.43 -37.84
N GLY D 324 -21.98 19.06 -37.66
CA GLY D 324 -20.81 18.70 -38.44
C GLY D 324 -20.25 17.36 -38.01
N LEU D 325 -19.75 16.61 -38.98
CA LEU D 325 -19.27 15.26 -38.71
C LEU D 325 -18.12 15.28 -37.72
N HIS D 326 -18.16 14.36 -36.75
CA HIS D 326 -17.08 14.16 -35.81
C HIS D 326 -16.25 12.96 -36.22
N ILE D 327 -14.97 12.96 -35.86
CA ILE D 327 -14.05 11.91 -36.29
C ILE D 327 -13.13 11.51 -35.13
N ILE D 328 -12.96 10.19 -34.97
CA ILE D 328 -12.14 9.63 -33.89
C ILE D 328 -11.24 8.55 -34.47
N ILE D 329 -10.03 8.46 -33.93
CA ILE D 329 -9.00 7.54 -34.37
C ILE D 329 -8.52 6.72 -33.17
N PHE D 330 -8.38 5.41 -33.36
CA PHE D 330 -7.91 4.51 -32.31
C PHE D 330 -6.80 3.61 -32.85
N ASP D 331 -5.60 4.18 -32.96
CA ASP D 331 -4.46 3.41 -33.45
C ASP D 331 -4.28 2.14 -32.64
N GLU D 332 -4.06 1.04 -33.34
CA GLU D 332 -3.82 -0.26 -32.75
C GLU D 332 -4.84 -0.50 -31.62
N ILE D 333 -6.09 -0.66 -32.05
CA ILE D 333 -7.17 -0.93 -31.10
C ILE D 333 -6.87 -2.14 -30.23
N ASP D 334 -6.02 -3.06 -30.72
CA ASP D 334 -5.80 -4.34 -30.05
C ASP D 334 -5.21 -4.21 -28.66
N ALA D 335 -4.55 -3.10 -28.33
CA ALA D 335 -4.00 -2.94 -26.99
C ALA D 335 -5.11 -2.90 -25.94
N ILE D 336 -6.21 -2.21 -26.24
CA ILE D 336 -7.26 -1.98 -25.26
C ILE D 336 -8.35 -3.03 -25.41
N CYS D 337 -8.96 -3.09 -26.58
CA CYS D 337 -10.07 -4.02 -26.81
C CYS D 337 -9.53 -5.43 -26.99
N LYS D 338 -9.99 -6.35 -26.15
CA LYS D 338 -9.62 -7.75 -26.26
C LYS D 338 -10.74 -8.60 -25.68
N GLN D 339 -10.58 -9.92 -25.79
CA GLN D 339 -11.65 -10.85 -25.42
C GLN D 339 -12.08 -10.64 -23.97
N ARG D 340 -13.40 -10.58 -23.77
CA ARG D 340 -13.95 -10.51 -22.42
C ARG D 340 -13.98 -11.90 -21.81
N GLY D 341 -13.56 -11.99 -20.56
CA GLY D 341 -13.32 -13.25 -19.91
C GLY D 341 -11.90 -13.76 -20.08
N SER D 342 -11.16 -13.22 -21.04
CA SER D 342 -9.74 -13.48 -21.18
C SER D 342 -8.96 -12.49 -20.32
N MET D 343 -7.63 -12.60 -20.37
CA MET D 343 -6.75 -11.71 -19.61
C MET D 343 -7.19 -11.69 -18.14
N ALA D 344 -7.20 -12.89 -17.54
CA ALA D 344 -7.59 -13.03 -16.14
C ALA D 344 -6.39 -12.68 -15.27
N GLY D 345 -6.03 -11.40 -15.30
CA GLY D 345 -4.90 -10.89 -14.55
C GLY D 345 -5.33 -10.24 -13.26
N SER D 346 -5.32 -8.91 -13.22
CA SER D 346 -5.73 -8.20 -12.02
C SER D 346 -6.32 -6.85 -12.40
N THR D 347 -7.24 -6.38 -11.57
CA THR D 347 -7.91 -5.09 -11.67
C THR D 347 -8.94 -5.04 -12.79
N GLY D 348 -8.97 -6.05 -13.67
CA GLY D 348 -10.06 -6.25 -14.59
C GLY D 348 -10.54 -5.00 -15.32
N VAL D 349 -9.71 -3.96 -15.35
CA VAL D 349 -10.16 -2.67 -15.88
C VAL D 349 -10.55 -2.78 -17.35
N HIS D 350 -9.82 -3.60 -18.11
CA HIS D 350 -10.08 -3.71 -19.54
C HIS D 350 -11.49 -4.23 -19.83
N ASP D 351 -11.92 -5.24 -19.07
CA ASP D 351 -13.27 -5.76 -19.27
C ASP D 351 -14.33 -4.72 -18.97
N THR D 352 -14.03 -3.77 -18.08
CA THR D 352 -14.96 -2.67 -17.84
C THR D 352 -14.93 -1.68 -19.00
N VAL D 353 -13.73 -1.33 -19.47
CA VAL D 353 -13.61 -0.31 -20.51
C VAL D 353 -14.26 -0.77 -21.80
N VAL D 354 -14.15 -2.06 -22.12
CA VAL D 354 -14.76 -2.55 -23.36
C VAL D 354 -16.27 -2.39 -23.29
N ASN D 355 -16.87 -2.71 -22.15
CA ASN D 355 -18.32 -2.52 -21.99
C ASN D 355 -18.67 -1.05 -22.10
N GLN D 356 -17.88 -0.19 -21.46
CA GLN D 356 -18.12 1.25 -21.55
C GLN D 356 -18.17 1.67 -23.01
N LEU D 357 -17.16 1.26 -23.79
CA LEU D 357 -17.10 1.63 -25.19
C LEU D 357 -18.34 1.14 -25.91
N LEU D 358 -18.54 -0.18 -25.94
CA LEU D 358 -19.72 -0.77 -26.58
C LEU D 358 -20.95 0.09 -26.33
N SER D 359 -21.25 0.36 -25.06
CA SER D 359 -22.47 1.10 -24.75
C SER D 359 -22.40 2.52 -25.29
N LYS D 360 -21.25 3.19 -25.11
CA LYS D 360 -21.11 4.61 -25.49
C LYS D 360 -21.40 4.78 -26.97
N ILE D 361 -20.83 3.94 -27.83
CA ILE D 361 -20.98 4.15 -29.27
C ILE D 361 -22.36 3.74 -29.74
N ASP D 362 -23.01 2.79 -29.06
CA ASP D 362 -24.37 2.39 -29.43
C ASP D 362 -25.09 1.92 -28.18
N GLY D 363 -26.22 2.53 -27.90
CA GLY D 363 -27.02 2.13 -26.76
C GLY D 363 -28.37 2.79 -26.78
N VAL D 364 -29.02 2.81 -25.60
CA VAL D 364 -30.30 3.48 -25.47
C VAL D 364 -30.27 4.86 -26.13
N GLU D 365 -29.11 5.52 -26.02
CA GLU D 365 -28.92 6.86 -26.58
C GLU D 365 -28.48 6.74 -28.04
N GLN D 366 -28.92 7.65 -28.91
CA GLN D 366 -28.61 7.61 -30.33
C GLN D 366 -27.69 8.75 -30.71
N LEU D 367 -26.80 8.48 -31.66
CA LEU D 367 -25.86 9.47 -32.16
C LEU D 367 -25.65 9.23 -33.65
N ASN D 368 -25.61 10.32 -34.42
CA ASN D 368 -25.54 10.22 -35.87
C ASN D 368 -24.57 11.24 -36.47
N ASN D 369 -23.52 11.60 -35.73
CA ASN D 369 -22.54 12.56 -36.22
C ASN D 369 -21.11 12.16 -35.83
N ILE D 370 -20.84 10.88 -35.67
CA ILE D 370 -19.55 10.39 -35.21
C ILE D 370 -19.07 9.28 -36.14
N LEU D 371 -17.81 9.35 -36.55
CA LEU D 371 -17.19 8.32 -37.37
C LEU D 371 -15.89 7.87 -36.71
N VAL D 372 -15.76 6.57 -36.48
CA VAL D 372 -14.60 5.99 -35.81
C VAL D 372 -13.76 5.23 -36.83
N ILE D 373 -12.45 5.26 -36.63
CA ILE D 373 -11.54 4.50 -37.48
C ILE D 373 -10.46 3.86 -36.62
N GLY D 374 -10.22 2.58 -36.85
CA GLY D 374 -9.22 1.82 -36.13
C GLY D 374 -8.39 0.93 -37.03
N MET D 375 -7.09 0.88 -36.78
CA MET D 375 -6.15 0.07 -37.51
C MET D 375 -5.55 -0.97 -36.58
N THR D 376 -5.22 -2.14 -37.10
CA THR D 376 -4.66 -3.19 -36.27
C THR D 376 -3.86 -4.16 -37.12
N ASN D 377 -3.13 -5.04 -36.43
CA ASN D 377 -2.28 -6.05 -37.06
C ASN D 377 -2.70 -7.47 -36.71
N ARG D 378 -3.66 -7.64 -35.81
CA ARG D 378 -4.11 -8.96 -35.36
C ARG D 378 -5.63 -8.95 -35.29
N PRO D 379 -6.30 -8.94 -36.45
CA PRO D 379 -7.77 -8.85 -36.45
C PRO D 379 -8.47 -10.06 -35.86
N ASP D 380 -7.75 -11.09 -35.42
CA ASP D 380 -8.34 -12.28 -34.85
C ASP D 380 -8.51 -12.20 -33.34
N LEU D 381 -8.18 -11.07 -32.72
CA LEU D 381 -8.20 -10.93 -31.27
C LEU D 381 -9.26 -9.96 -30.77
N ILE D 382 -10.02 -9.34 -31.66
CA ILE D 382 -10.99 -8.33 -31.25
C ILE D 382 -12.27 -9.01 -30.77
N ASP D 383 -13.02 -8.29 -29.94
CA ASP D 383 -14.31 -8.80 -29.46
C ASP D 383 -15.30 -8.93 -30.62
N GLU D 384 -15.97 -10.08 -30.68
CA GLU D 384 -16.94 -10.33 -31.75
C GLU D 384 -17.95 -9.20 -31.82
N ALA D 385 -18.67 -8.96 -30.72
CA ALA D 385 -19.70 -7.93 -30.68
C ALA D 385 -19.28 -6.67 -31.42
N LEU D 386 -18.18 -6.06 -30.97
CA LEU D 386 -17.73 -4.79 -31.55
C LEU D 386 -17.78 -4.84 -33.08
N LEU D 387 -17.24 -5.92 -33.66
CA LEU D 387 -17.16 -6.06 -35.11
C LEU D 387 -18.46 -6.70 -35.59
N ARG D 388 -19.50 -5.89 -35.70
CA ARG D 388 -20.80 -6.38 -36.15
C ARG D 388 -21.60 -5.20 -36.70
N PRO D 389 -22.75 -5.45 -37.30
CA PRO D 389 -23.59 -4.36 -37.80
C PRO D 389 -23.94 -3.36 -36.70
N GLY D 390 -23.98 -2.08 -37.08
CA GLY D 390 -24.23 -1.01 -36.13
C GLY D 390 -22.93 -0.52 -35.54
N ARG D 391 -22.18 -1.42 -34.89
CA ARG D 391 -20.85 -1.08 -34.37
C ARG D 391 -19.87 -1.16 -35.54
N LEU D 392 -18.57 -1.08 -35.28
CA LEU D 392 -17.54 -1.22 -36.35
C LEU D 392 -18.12 -2.14 -37.42
N GLU D 393 -18.20 -1.66 -38.65
CA GLU D 393 -18.85 -2.40 -39.76
C GLU D 393 -18.00 -2.36 -41.03
N VAL D 394 -18.47 -3.01 -42.09
CA VAL D 394 -17.76 -3.03 -43.41
C VAL D 394 -16.29 -3.30 -43.16
N LYS D 395 -15.95 -4.48 -42.65
CA LYS D 395 -14.54 -4.86 -42.35
C LYS D 395 -13.74 -4.80 -43.67
N MET D 396 -12.56 -4.19 -43.66
CA MET D 396 -11.75 -3.99 -44.89
C MET D 396 -10.35 -4.54 -44.68
N GLU D 397 -9.73 -5.13 -45.72
CA GLU D 397 -8.39 -5.75 -45.61
C GLU D 397 -7.40 -5.15 -46.62
N ILE D 398 -6.30 -4.59 -46.15
CA ILE D 398 -5.24 -4.01 -46.98
C ILE D 398 -4.26 -5.13 -47.32
N GLY D 399 -4.05 -5.36 -48.62
CA GLY D 399 -3.20 -6.43 -49.09
C GLY D 399 -1.92 -5.91 -49.72
N LEU D 400 -1.04 -6.85 -50.06
CA LEU D 400 0.21 -6.49 -50.70
C LEU D 400 -0.03 -6.05 -52.14
N PRO D 401 0.84 -5.20 -52.68
CA PRO D 401 0.61 -4.66 -54.02
C PRO D 401 1.06 -5.62 -55.12
N ASP D 402 0.61 -5.34 -56.33
CA ASP D 402 1.08 -6.01 -57.53
C ASP D 402 2.15 -5.15 -58.21
N GLU D 403 2.70 -5.66 -59.31
CA GLU D 403 3.79 -4.95 -59.97
C GLU D 403 3.32 -3.59 -60.49
N LYS D 404 2.09 -3.52 -61.00
CA LYS D 404 1.56 -2.23 -61.43
C LYS D 404 1.48 -1.25 -60.26
N GLY D 405 1.06 -1.74 -59.09
CA GLY D 405 1.07 -0.89 -57.91
C GLY D 405 2.47 -0.44 -57.54
N ARG D 406 3.45 -1.33 -57.71
CA ARG D 406 4.83 -0.95 -57.44
C ARG D 406 5.27 0.17 -58.36
N LEU D 407 4.93 0.06 -59.65
CA LEU D 407 5.26 1.12 -60.60
C LEU D 407 4.59 2.43 -60.19
N GLN D 408 3.31 2.36 -59.82
CA GLN D 408 2.60 3.57 -59.40
C GLN D 408 3.28 4.21 -58.20
N ILE D 409 3.63 3.40 -57.20
CA ILE D 409 4.27 3.93 -56.00
C ILE D 409 5.61 4.58 -56.35
N LEU D 410 6.40 3.89 -57.18
CA LEU D 410 7.71 4.42 -57.55
C LEU D 410 7.56 5.76 -58.27
N HIS D 411 6.62 5.85 -59.21
N HIS D 411 6.62 5.84 -59.21
CA HIS D 411 6.41 7.11 -59.91
CA HIS D 411 6.39 7.09 -59.92
C HIS D 411 5.93 8.21 -58.98
C HIS D 411 5.95 8.19 -58.97
N ILE D 412 5.06 7.85 -58.03
CA ILE D 412 4.59 8.85 -57.07
C ILE D 412 5.75 9.39 -56.25
N HIS D 413 6.62 8.49 -55.77
CA HIS D 413 7.73 8.89 -54.93
C HIS D 413 8.88 9.51 -55.71
N THR D 414 8.88 9.41 -57.03
CA THR D 414 9.96 9.93 -57.86
C THR D 414 9.45 11.04 -58.77
N ALA D 415 8.63 11.94 -58.23
CA ALA D 415 8.07 13.05 -58.99
C ALA D 415 8.76 14.38 -58.72
N ARG D 416 9.29 14.59 -57.52
CA ARG D 416 9.93 15.85 -57.18
C ARG D 416 11.38 15.91 -57.64
N MET D 417 11.95 14.82 -58.13
CA MET D 417 13.33 14.79 -58.61
C MET D 417 13.44 15.01 -60.11
N ARG D 418 12.56 14.38 -60.89
CA ARG D 418 12.55 14.59 -62.33
C ARG D 418 12.18 16.02 -62.70
N GLY D 419 11.48 16.73 -61.80
CA GLY D 419 11.02 18.08 -62.05
C GLY D 419 12.06 19.16 -61.88
N HIS D 420 13.32 18.79 -61.65
CA HIS D 420 14.39 19.76 -61.52
C HIS D 420 15.67 19.31 -62.25
N GLN D 421 15.55 18.38 -63.19
CA GLN D 421 16.69 17.84 -63.91
C GLN D 421 17.77 17.37 -62.94
N LEU D 422 17.36 16.42 -62.08
CA LEU D 422 18.27 15.82 -61.10
C LEU D 422 18.54 14.35 -61.36
N LEU D 423 17.86 13.74 -62.32
CA LEU D 423 17.93 12.30 -62.56
C LEU D 423 18.47 12.05 -63.97
N SER D 424 19.44 11.14 -64.08
CA SER D 424 19.97 10.77 -65.38
C SER D 424 18.89 10.06 -66.19
N ALA D 425 18.92 10.29 -67.51
CA ALA D 425 18.03 9.58 -68.41
C ALA D 425 18.32 8.09 -68.48
N ASP D 426 19.48 7.64 -67.97
CA ASP D 426 19.81 6.23 -68.02
C ASP D 426 18.78 5.38 -67.28
N VAL D 427 18.38 5.82 -66.09
CA VAL D 427 17.48 5.03 -65.27
C VAL D 427 16.13 4.86 -65.95
N ASP D 428 15.58 3.65 -65.83
CA ASP D 428 14.23 3.35 -66.30
C ASP D 428 13.49 2.60 -65.20
N ILE D 429 12.17 2.81 -65.16
CA ILE D 429 11.38 2.31 -64.03
C ILE D 429 10.89 0.89 -64.24
N LYS D 430 10.78 0.43 -65.49
CA LYS D 430 10.24 -0.91 -65.74
C LYS D 430 11.11 -1.98 -65.08
N GLU D 431 12.43 -1.87 -65.24
CA GLU D 431 13.32 -2.80 -64.57
C GLU D 431 13.09 -2.77 -63.07
N LEU D 432 13.14 -1.58 -62.48
CA LEU D 432 12.97 -1.45 -61.03
C LEU D 432 11.71 -2.18 -60.58
N ALA D 433 10.60 -2.00 -61.31
CA ALA D 433 9.39 -2.71 -60.98
C ALA D 433 9.57 -4.22 -61.14
N VAL D 434 10.43 -4.65 -62.08
CA VAL D 434 10.60 -6.08 -62.32
C VAL D 434 11.39 -6.72 -61.19
N GLU D 435 12.62 -6.25 -60.94
CA GLU D 435 13.44 -6.87 -59.90
C GLU D 435 12.74 -6.82 -58.55
N THR D 436 12.10 -5.69 -58.23
CA THR D 436 11.45 -5.53 -56.93
C THR D 436 10.31 -6.52 -56.83
N LYS D 437 10.52 -7.59 -56.05
CA LYS D 437 9.56 -8.65 -55.87
C LYS D 437 9.29 -8.84 -54.38
N ASN D 438 8.01 -8.99 -54.02
CA ASN D 438 7.61 -9.10 -52.63
C ASN D 438 8.04 -7.87 -51.85
N PHE D 439 7.69 -6.69 -52.37
CA PHE D 439 8.10 -5.41 -51.82
C PHE D 439 6.89 -4.65 -51.31
N SER D 440 7.09 -3.92 -50.22
CA SER D 440 6.07 -3.04 -49.65
C SER D 440 6.43 -1.59 -49.94
N GLY D 441 5.41 -0.73 -49.95
CA GLY D 441 5.64 0.66 -50.28
C GLY D 441 6.74 1.27 -49.44
N ALA D 442 6.76 0.95 -48.13
CA ALA D 442 7.84 1.43 -47.28
C ALA D 442 9.19 0.95 -47.79
N GLU D 443 9.26 -0.30 -48.27
CA GLU D 443 10.52 -0.82 -48.80
C GLU D 443 10.95 -0.02 -50.02
N LEU D 444 10.02 0.29 -50.92
CA LEU D 444 10.36 1.08 -52.11
C LEU D 444 10.87 2.46 -51.70
N GLU D 445 10.19 3.11 -50.75
CA GLU D 445 10.62 4.42 -50.29
C GLU D 445 12.02 4.33 -49.69
N GLY D 446 12.28 3.29 -48.90
CA GLY D 446 13.60 3.11 -48.32
C GLY D 446 14.67 2.90 -49.38
N LEU D 447 14.33 2.15 -50.44
CA LEU D 447 15.27 1.96 -51.54
C LEU D 447 15.60 3.29 -52.20
N VAL D 448 14.58 4.11 -52.45
CA VAL D 448 14.82 5.42 -53.05
C VAL D 448 15.70 6.27 -52.13
N ARG D 449 15.41 6.24 -50.84
CA ARG D 449 16.20 7.01 -49.89
C ARG D 449 17.66 6.56 -49.87
N ALA D 450 17.88 5.25 -49.89
CA ALA D 450 19.24 4.73 -49.91
C ALA D 450 19.98 5.15 -51.17
N ALA D 451 19.28 5.11 -52.32
CA ALA D 451 19.90 5.55 -53.56
C ALA D 451 20.30 7.02 -53.47
N GLN D 452 19.40 7.86 -52.94
CA GLN D 452 19.74 9.28 -52.78
C GLN D 452 20.93 9.46 -51.86
N SER D 453 20.95 8.74 -50.74
CA SER D 453 22.04 8.89 -49.78
C SER D 453 23.37 8.51 -50.41
N THR D 454 23.43 7.34 -51.07
CA THR D 454 24.69 6.92 -51.68
C THR D 454 25.12 7.87 -52.78
N ALA D 455 24.16 8.37 -53.58
CA ALA D 455 24.51 9.33 -54.62
C ALA D 455 25.13 10.58 -54.01
N MET D 456 24.53 11.09 -52.93
CA MET D 456 25.05 12.30 -52.30
C MET D 456 26.41 12.06 -51.67
N ASN D 457 26.62 10.88 -51.09
CA ASN D 457 27.84 10.65 -50.33
C ASN D 457 29.10 10.87 -51.15
N ARG D 458 29.00 10.76 -52.48
CA ARG D 458 30.20 10.85 -53.32
C ARG D 458 30.88 12.20 -53.16
N HIS D 459 30.14 13.23 -52.77
CA HIS D 459 30.67 14.60 -52.72
C HIS D 459 31.23 14.97 -51.35
N ILE D 460 31.26 14.03 -50.40
CA ILE D 460 31.69 14.32 -49.04
C ILE D 460 33.02 13.62 -48.78
N LYS D 461 33.78 14.19 -47.85
CA LYS D 461 35.09 13.69 -47.45
C LYS D 461 35.11 13.52 -45.94
N ALA D 462 35.70 12.43 -45.48
CA ALA D 462 35.70 12.08 -44.06
C ALA D 462 37.12 11.76 -43.61
N SER D 463 37.25 11.45 -42.32
CA SER D 463 38.49 11.06 -41.65
C SER D 463 39.44 12.23 -41.44
N THR D 464 39.12 13.42 -41.95
CA THR D 464 39.91 14.62 -41.75
C THR D 464 38.98 15.78 -41.44
N LYS D 465 38.05 15.55 -40.49
CA LYS D 465 36.90 16.41 -40.26
C LYS D 465 35.95 16.30 -41.45
N VAL D 466 34.86 17.07 -41.42
CA VAL D 466 33.83 16.99 -42.45
C VAL D 466 34.07 18.05 -43.51
N GLU D 467 34.13 17.61 -44.78
CA GLU D 467 34.30 18.49 -45.92
C GLU D 467 33.25 18.15 -46.97
N VAL D 468 32.70 19.20 -47.59
CA VAL D 468 31.73 19.03 -48.68
C VAL D 468 32.05 20.05 -49.76
N ASP D 469 32.51 19.58 -50.92
CA ASP D 469 32.85 20.47 -52.02
C ASP D 469 31.59 21.14 -52.55
N MET D 470 31.71 22.43 -52.87
CA MET D 470 30.60 23.20 -53.42
C MET D 470 30.78 23.44 -54.91
N GLU D 471 31.38 22.45 -55.59
CA GLU D 471 31.62 22.52 -57.03
C GLU D 471 30.96 21.32 -57.68
N LYS D 472 31.37 20.12 -57.26
CA LYS D 472 30.66 18.92 -57.69
C LYS D 472 29.22 18.94 -57.21
N ALA D 473 28.95 19.67 -56.13
CA ALA D 473 27.59 19.79 -55.60
C ALA D 473 26.61 20.19 -56.69
N GLU D 474 27.00 21.17 -57.50
CA GLU D 474 26.08 21.73 -58.49
C GLU D 474 25.87 20.80 -59.67
N SER D 475 26.64 19.72 -59.77
CA SER D 475 26.49 18.73 -60.84
C SER D 475 26.00 17.40 -60.29
N LEU D 476 25.25 17.43 -59.19
CA LEU D 476 24.77 16.20 -58.58
C LEU D 476 23.85 15.44 -59.52
N GLN D 477 24.07 14.13 -59.60
CA GLN D 477 23.28 13.25 -60.45
C GLN D 477 23.25 11.87 -59.83
N VAL D 478 22.18 11.13 -60.11
CA VAL D 478 22.00 9.77 -59.59
C VAL D 478 22.08 8.81 -60.77
N THR D 479 22.64 7.63 -60.50
CA THR D 479 22.92 6.64 -61.52
C THR D 479 22.05 5.40 -61.33
N ARG D 480 21.60 4.84 -62.46
CA ARG D 480 20.84 3.59 -62.41
C ARG D 480 21.67 2.47 -61.80
N GLY D 481 22.96 2.42 -62.16
CA GLY D 481 23.84 1.40 -61.60
C GLY D 481 23.96 1.53 -60.09
N ASP D 482 24.04 2.77 -59.61
CA ASP D 482 24.06 3.00 -58.17
C ASP D 482 22.79 2.44 -57.53
N PHE D 483 21.64 2.71 -58.15
CA PHE D 483 20.39 2.15 -57.65
C PHE D 483 20.49 0.63 -57.55
N LEU D 484 20.99 -0.01 -58.62
CA LEU D 484 21.09 -1.47 -58.62
C LEU D 484 22.00 -1.97 -57.50
N ALA D 485 23.15 -1.31 -57.33
CA ALA D 485 24.08 -1.71 -56.29
C ALA D 485 23.43 -1.61 -54.92
N SER D 486 22.74 -0.50 -54.67
CA SER D 486 22.06 -0.33 -53.38
C SER D 486 21.01 -1.42 -53.21
N LEU D 487 20.25 -1.70 -54.27
CA LEU D 487 19.20 -2.70 -54.21
C LEU D 487 19.77 -4.04 -53.77
N GLU D 488 20.91 -4.42 -54.36
CA GLU D 488 21.48 -5.73 -54.07
C GLU D 488 22.24 -5.76 -52.75
N ASN D 489 22.64 -4.60 -52.21
CA ASN D 489 23.52 -4.57 -51.05
C ASN D 489 22.79 -4.41 -49.71
N ASP D 490 21.89 -3.45 -49.58
CA ASP D 490 21.31 -3.12 -48.28
C ASP D 490 19.86 -3.54 -48.12
N ILE D 491 18.96 -3.09 -49.00
CA ILE D 491 17.54 -3.37 -48.81
C ILE D 491 17.27 -4.85 -49.06
N LYS D 492 16.45 -5.45 -48.19
CA LYS D 492 16.19 -6.88 -48.23
C LYS D 492 14.76 -7.15 -47.76
N PRO D 493 13.87 -7.63 -48.63
CA PRO D 493 12.49 -7.89 -48.21
C PRO D 493 12.41 -9.02 -47.20
N ALA D 494 11.26 -9.10 -46.54
CA ALA D 494 11.00 -10.09 -45.50
C ALA D 494 9.71 -10.84 -45.79
N PHE D 495 9.51 -11.21 -47.06
CA PHE D 495 8.33 -11.97 -47.46
C PHE D 495 8.72 -12.76 -48.70
N GLY D 496 8.90 -14.07 -48.53
CA GLY D 496 9.36 -14.92 -49.60
C GLY D 496 10.84 -15.22 -49.50
N THR D 497 11.41 -15.64 -50.63
CA THR D 497 12.81 -16.02 -50.72
C THR D 497 13.59 -14.95 -51.46
N ASN D 498 14.92 -15.07 -51.40
CA ASN D 498 15.84 -14.14 -52.02
C ASN D 498 16.89 -14.91 -52.81
N GLN D 499 17.61 -14.18 -53.66
CA GLN D 499 18.62 -14.81 -54.50
C GLN D 499 19.65 -15.58 -53.68
N GLU D 500 19.95 -15.09 -52.47
CA GLU D 500 20.95 -15.74 -51.63
C GLU D 500 20.59 -17.19 -51.34
N ASP D 501 19.32 -17.46 -51.08
CA ASP D 501 18.90 -18.83 -50.80
C ASP D 501 19.27 -19.76 -51.95
N TYR D 502 18.93 -19.37 -53.18
CA TYR D 502 19.30 -20.18 -54.34
C TYR D 502 20.81 -20.27 -54.48
N ALA D 503 21.53 -19.17 -54.30
CA ALA D 503 22.98 -19.20 -54.37
C ALA D 503 23.58 -20.14 -53.34
N SER D 504 22.86 -20.39 -52.24
CA SER D 504 23.34 -21.33 -51.24
C SER D 504 23.00 -22.77 -51.62
N TYR D 505 21.80 -23.00 -52.11
CA TYR D 505 21.39 -24.36 -52.47
C TYR D 505 22.20 -24.86 -53.67
N ILE D 506 22.10 -24.17 -54.80
CA ILE D 506 22.80 -24.56 -56.03
C ILE D 506 24.19 -23.94 -55.93
N MET D 507 25.11 -24.66 -55.28
CA MET D 507 26.41 -24.09 -54.96
C MET D 507 27.30 -24.02 -56.19
N ASN D 508 27.61 -25.16 -56.80
CA ASN D 508 28.52 -25.22 -57.94
C ASN D 508 27.78 -25.25 -59.27
N GLY D 509 26.57 -24.69 -59.32
CA GLY D 509 25.87 -24.56 -60.59
C GLY D 509 25.45 -25.91 -61.15
N ILE D 510 25.23 -25.91 -62.47
CA ILE D 510 24.72 -27.06 -63.19
C ILE D 510 25.61 -27.29 -64.41
N ILE D 511 25.84 -28.56 -64.74
CA ILE D 511 26.59 -28.95 -65.93
C ILE D 511 25.81 -30.06 -66.64
N LYS D 512 25.80 -30.00 -67.98
CA LYS D 512 25.10 -30.98 -68.80
C LYS D 512 26.12 -32.03 -69.24
N TRP D 513 26.15 -33.15 -68.52
CA TRP D 513 26.99 -34.28 -68.87
C TRP D 513 26.25 -35.35 -69.67
N GLY D 514 24.96 -35.13 -69.96
CA GLY D 514 24.18 -36.10 -70.70
C GLY D 514 22.79 -35.58 -70.95
N ASP D 515 22.02 -36.35 -71.70
CA ASP D 515 20.65 -35.99 -72.03
C ASP D 515 19.66 -36.08 -70.87
N PRO D 516 19.87 -36.93 -69.85
CA PRO D 516 18.82 -37.05 -68.82
C PRO D 516 18.47 -35.74 -68.14
N VAL D 517 19.48 -34.89 -67.90
CA VAL D 517 19.22 -33.61 -67.27
C VAL D 517 18.33 -32.75 -68.14
N THR D 518 18.61 -32.72 -69.45
CA THR D 518 17.77 -31.97 -70.36
C THR D 518 16.34 -32.52 -70.37
N ARG D 519 16.21 -33.85 -70.35
CA ARG D 519 14.87 -34.44 -70.30
C ARG D 519 14.13 -34.01 -69.04
N VAL D 520 14.81 -34.03 -67.90
CA VAL D 520 14.18 -33.63 -66.64
C VAL D 520 13.75 -32.17 -66.72
N LEU D 521 14.62 -31.31 -67.25
CA LEU D 521 14.28 -29.89 -67.35
C LEU D 521 13.07 -29.68 -68.25
N ASP D 522 13.02 -30.40 -69.37
CA ASP D 522 11.87 -30.30 -70.26
C ASP D 522 10.59 -30.73 -69.56
N ASP D 523 10.65 -31.84 -68.82
CA ASP D 523 9.46 -32.30 -68.11
C ASP D 523 9.00 -31.26 -67.09
N GLY D 524 9.95 -30.68 -66.35
CA GLY D 524 9.58 -29.63 -65.40
C GLY D 524 8.96 -28.43 -66.08
N GLU D 525 9.50 -28.03 -67.24
CA GLU D 525 8.94 -26.92 -67.98
C GLU D 525 7.50 -27.21 -68.38
N LEU D 526 7.25 -28.43 -68.88
CA LEU D 526 5.89 -28.80 -69.25
C LEU D 526 4.97 -28.74 -68.05
N LEU D 527 5.43 -29.25 -66.90
CA LEU D 527 4.60 -29.23 -65.69
C LEU D 527 4.24 -27.80 -65.29
N VAL D 528 5.23 -26.92 -65.26
CA VAL D 528 4.98 -25.54 -64.84
C VAL D 528 4.04 -24.84 -65.82
N GLN D 529 4.24 -25.08 -67.12
CA GLN D 529 3.35 -24.48 -68.12
C GLN D 529 1.92 -24.94 -67.91
N GLN D 530 1.73 -26.26 -67.74
CA GLN D 530 0.39 -26.79 -67.52
C GLN D 530 -0.26 -26.15 -66.31
N THR D 531 0.42 -26.16 -65.16
CA THR D 531 -0.19 -25.59 -63.96
C THR D 531 -0.50 -24.12 -64.17
N LYS D 532 0.36 -23.40 -64.91
CA LYS D 532 0.10 -21.99 -65.15
C LYS D 532 -1.15 -21.78 -65.98
N ASN D 533 -1.36 -22.58 -67.02
N ASN D 533 -1.36 -22.58 -67.02
CA ASN D 533 -2.46 -22.36 -67.95
CA ASN D 533 -2.46 -22.37 -67.94
C ASN D 533 -3.67 -23.23 -67.69
C ASN D 533 -3.67 -23.24 -67.68
N SER D 534 -3.51 -24.38 -67.02
CA SER D 534 -4.64 -25.27 -66.79
C SER D 534 -5.66 -24.63 -65.85
N ASP D 535 -6.92 -25.04 -66.01
CA ASP D 535 -8.01 -24.53 -65.19
C ASP D 535 -8.89 -25.61 -64.57
N ARG D 536 -8.89 -26.83 -65.10
CA ARG D 536 -9.62 -27.91 -64.45
C ARG D 536 -8.92 -28.39 -63.18
N THR D 537 -7.61 -28.25 -63.11
CA THR D 537 -6.79 -28.81 -62.04
C THR D 537 -6.03 -27.69 -61.35
N PRO D 538 -6.59 -27.07 -60.30
CA PRO D 538 -5.88 -26.00 -59.60
C PRO D 538 -4.69 -26.47 -58.81
N LEU D 539 -4.45 -27.78 -58.69
CA LEU D 539 -3.38 -28.34 -57.89
C LEU D 539 -2.61 -29.37 -58.69
N VAL D 540 -1.29 -29.43 -58.46
CA VAL D 540 -0.42 -30.40 -59.11
C VAL D 540 0.67 -30.79 -58.12
N SER D 541 1.31 -31.93 -58.38
CA SER D 541 2.38 -32.40 -57.52
C SER D 541 3.27 -33.36 -58.30
N VAL D 542 4.57 -33.30 -58.05
CA VAL D 542 5.54 -34.13 -58.76
C VAL D 542 6.55 -34.63 -57.74
N LEU D 543 6.82 -35.94 -57.78
CA LEU D 543 7.80 -36.56 -56.88
C LEU D 543 9.05 -36.92 -57.68
N LEU D 544 10.19 -36.42 -57.22
CA LEU D 544 11.47 -36.77 -57.81
C LEU D 544 12.05 -37.97 -57.07
N GLU D 545 12.77 -38.81 -57.79
CA GLU D 545 13.38 -40.00 -57.22
C GLU D 545 14.79 -40.16 -57.77
N GLY D 546 15.65 -40.76 -56.96
CA GLY D 546 16.99 -41.08 -57.37
C GLY D 546 17.83 -41.62 -56.23
N PRO D 547 18.93 -42.31 -56.55
CA PRO D 547 19.82 -42.80 -55.49
C PRO D 547 20.54 -41.64 -54.82
N PRO D 548 21.12 -41.87 -53.64
CA PRO D 548 21.77 -40.76 -52.93
C PRO D 548 22.94 -40.19 -53.70
N HIS D 549 23.18 -38.89 -53.50
CA HIS D 549 24.29 -38.18 -54.11
C HIS D 549 24.11 -38.01 -55.62
N SER D 550 22.86 -37.89 -56.07
CA SER D 550 22.58 -37.60 -57.47
C SER D 550 22.38 -36.12 -57.74
N GLY D 551 22.03 -35.34 -56.72
CA GLY D 551 21.84 -33.91 -56.85
C GLY D 551 20.41 -33.48 -57.04
N LYS D 552 19.46 -34.24 -56.50
CA LYS D 552 18.04 -33.88 -56.64
C LYS D 552 17.80 -32.45 -56.18
N THR D 553 18.41 -32.06 -55.06
CA THR D 553 18.19 -30.73 -54.51
C THR D 553 18.43 -29.64 -55.55
N ALA D 554 19.59 -29.69 -56.21
CA ALA D 554 19.94 -28.62 -57.14
C ALA D 554 18.97 -28.56 -58.30
N LEU D 555 18.59 -29.72 -58.86
CA LEU D 555 17.67 -29.73 -59.98
C LEU D 555 16.31 -29.16 -59.57
N ALA D 556 15.82 -29.57 -58.40
CA ALA D 556 14.59 -29.00 -57.88
C ALA D 556 14.70 -27.48 -57.82
N ALA D 557 15.74 -27.00 -57.12
CA ALA D 557 15.89 -25.56 -56.93
C ALA D 557 15.90 -24.84 -58.26
N LYS D 558 16.61 -25.38 -59.26
CA LYS D 558 16.71 -24.72 -60.56
C LYS D 558 15.34 -24.66 -61.23
N ILE D 559 14.64 -25.79 -61.29
CA ILE D 559 13.34 -25.78 -61.96
C ILE D 559 12.42 -24.79 -61.25
N ALA D 560 12.53 -24.72 -59.92
CA ALA D 560 11.70 -23.80 -59.16
C ALA D 560 12.01 -22.36 -59.57
N GLU D 561 13.29 -22.00 -59.57
CA GLU D 561 13.69 -20.64 -59.90
C GLU D 561 13.21 -20.26 -61.29
N GLU D 562 13.22 -21.21 -62.23
CA GLU D 562 12.93 -20.86 -63.61
C GLU D 562 11.45 -20.57 -63.84
N SER D 563 10.59 -20.78 -62.85
CA SER D 563 9.15 -20.65 -63.06
C SER D 563 8.71 -19.21 -63.25
N ASN D 564 9.49 -18.24 -62.77
CA ASN D 564 9.10 -16.82 -62.82
C ASN D 564 7.79 -16.57 -62.08
N PHE D 565 7.56 -17.32 -61.00
CA PHE D 565 6.37 -17.12 -60.20
C PHE D 565 6.56 -15.99 -59.20
N PRO D 566 5.45 -15.41 -58.71
CA PRO D 566 5.57 -14.34 -57.71
C PRO D 566 6.07 -14.84 -56.36
N PHE D 567 5.48 -15.91 -55.85
CA PHE D 567 5.73 -16.39 -54.49
C PHE D 567 6.43 -17.74 -54.56
N ILE D 568 7.71 -17.76 -54.20
CA ILE D 568 8.49 -18.99 -54.09
C ILE D 568 8.88 -19.14 -52.63
N LYS D 569 9.26 -20.37 -52.26
CA LYS D 569 9.69 -20.66 -50.91
C LYS D 569 10.34 -22.04 -50.91
N ILE D 570 11.31 -22.23 -50.03
CA ILE D 570 12.01 -23.50 -49.90
C ILE D 570 11.96 -23.92 -48.43
N CYS D 571 11.30 -25.03 -48.15
CA CYS D 571 11.20 -25.60 -46.81
C CYS D 571 12.17 -26.77 -46.70
N SER D 572 13.30 -26.54 -46.02
CA SER D 572 14.33 -27.57 -45.90
C SER D 572 14.39 -28.10 -44.47
N PRO D 573 14.72 -29.37 -44.27
CA PRO D 573 14.72 -29.91 -42.90
C PRO D 573 15.63 -29.17 -41.95
N ASP D 574 16.73 -28.61 -42.46
CA ASP D 574 17.75 -27.99 -41.61
C ASP D 574 17.38 -26.57 -41.18
N LYS D 575 16.13 -26.35 -40.80
CA LYS D 575 15.68 -25.08 -40.26
C LYS D 575 14.83 -25.29 -39.01
N MET D 576 14.82 -26.51 -38.46
CA MET D 576 14.01 -26.83 -37.31
C MET D 576 14.73 -27.88 -36.47
N ILE D 577 16.04 -27.75 -36.33
CA ILE D 577 16.84 -28.73 -35.60
C ILE D 577 16.32 -28.84 -34.17
N GLY D 578 16.16 -30.07 -33.71
CA GLY D 578 15.81 -30.34 -32.33
C GLY D 578 14.37 -30.05 -31.96
N PHE D 579 13.55 -29.60 -32.90
CA PHE D 579 12.16 -29.28 -32.58
C PHE D 579 11.40 -30.56 -32.23
N SER D 580 10.17 -30.36 -31.78
CA SER D 580 9.25 -31.46 -31.53
C SER D 580 8.27 -31.56 -32.69
N GLU D 581 7.41 -32.59 -32.65
CA GLU D 581 6.49 -32.82 -33.75
C GLU D 581 5.53 -31.64 -33.91
N THR D 582 5.00 -31.13 -32.81
CA THR D 582 4.03 -30.04 -32.89
C THR D 582 4.63 -28.81 -33.56
N ALA D 583 5.86 -28.44 -33.20
CA ALA D 583 6.49 -27.28 -33.81
C ALA D 583 6.65 -27.47 -35.31
N LYS D 584 7.06 -28.67 -35.73
CA LYS D 584 7.22 -28.93 -37.15
C LYS D 584 5.88 -28.81 -37.86
N CYS D 585 4.82 -29.35 -37.27
CA CYS D 585 3.49 -29.23 -37.88
C CYS D 585 3.07 -27.78 -38.01
N GLN D 586 3.28 -26.98 -36.95
CA GLN D 586 2.88 -25.58 -37.01
C GLN D 586 3.68 -24.83 -38.08
N ALA D 587 4.96 -25.15 -38.21
CA ALA D 587 5.77 -24.50 -39.24
C ALA D 587 5.23 -24.84 -40.63
N MET D 588 4.93 -26.12 -40.86
CA MET D 588 4.35 -26.51 -42.13
C MET D 588 3.06 -25.74 -42.39
N LYS D 589 2.22 -25.66 -41.36
CA LYS D 589 0.94 -24.96 -41.49
C LYS D 589 1.15 -23.52 -41.91
N LYS D 590 2.05 -22.81 -41.22
CA LYS D 590 2.27 -21.39 -41.53
C LYS D 590 2.81 -21.21 -42.95
N ILE D 591 3.77 -22.06 -43.35
CA ILE D 591 4.34 -21.92 -44.68
C ILE D 591 3.29 -22.14 -45.74
N PHE D 592 2.48 -23.19 -45.60
CA PHE D 592 1.43 -23.41 -46.59
C PHE D 592 0.37 -22.30 -46.50
N ASP D 593 0.15 -21.74 -45.32
CA ASP D 593 -0.86 -20.71 -45.16
C ASP D 593 -0.50 -19.49 -45.97
N ASP D 594 0.77 -19.10 -45.95
CA ASP D 594 1.18 -17.89 -46.67
C ASP D 594 0.89 -18.03 -48.17
N ALA D 595 1.20 -19.19 -48.74
CA ALA D 595 0.98 -19.41 -50.17
C ALA D 595 -0.45 -19.11 -50.60
N TYR D 596 -1.43 -19.50 -49.78
CA TYR D 596 -2.83 -19.33 -50.18
C TYR D 596 -3.20 -17.88 -50.47
N LYS D 597 -2.47 -16.91 -49.93
CA LYS D 597 -2.81 -15.51 -50.10
C LYS D 597 -2.20 -14.90 -51.35
N SER D 598 -1.74 -15.73 -52.28
CA SER D 598 -1.23 -15.29 -53.57
C SER D 598 -2.09 -15.93 -54.67
N GLN D 599 -1.63 -15.80 -55.92
CA GLN D 599 -2.36 -16.32 -57.07
C GLN D 599 -1.73 -17.55 -57.68
N LEU D 600 -0.40 -17.61 -57.74
CA LEU D 600 0.30 -18.81 -58.20
C LEU D 600 1.63 -18.92 -57.46
N SER D 601 1.96 -20.14 -57.04
CA SER D 601 3.18 -20.33 -56.23
C SER D 601 3.67 -21.76 -56.37
N CYS D 602 4.91 -21.98 -55.92
CA CYS D 602 5.51 -23.31 -55.92
C CYS D 602 6.42 -23.50 -54.73
N VAL D 603 6.13 -24.51 -53.92
CA VAL D 603 6.88 -24.85 -52.71
C VAL D 603 7.60 -26.16 -52.94
N VAL D 604 8.90 -26.19 -52.66
CA VAL D 604 9.73 -27.37 -52.89
C VAL D 604 10.11 -27.97 -51.54
N VAL D 605 9.35 -28.97 -51.09
CA VAL D 605 9.67 -29.68 -49.86
C VAL D 605 10.79 -30.68 -50.16
N ASP D 606 11.89 -30.59 -49.41
CA ASP D 606 13.07 -31.40 -49.68
C ASP D 606 13.37 -32.34 -48.52
N ASP D 607 13.89 -33.52 -48.86
CA ASP D 607 14.30 -34.54 -47.88
C ASP D 607 13.14 -35.01 -47.02
N ILE D 608 12.16 -35.64 -47.67
CA ILE D 608 10.97 -36.08 -46.95
C ILE D 608 11.32 -37.10 -45.89
N GLU D 609 12.22 -38.02 -46.26
CA GLU D 609 12.63 -39.13 -45.39
C GLU D 609 13.38 -38.58 -44.18
N ARG D 610 13.55 -37.27 -44.05
CA ARG D 610 14.13 -36.67 -42.83
C ARG D 610 13.00 -35.95 -42.11
N LEU D 611 12.26 -35.09 -42.81
CA LEU D 611 11.10 -34.42 -42.17
C LEU D 611 10.49 -35.49 -41.30
N LEU D 612 10.29 -36.71 -41.81
CA LEU D 612 9.84 -37.85 -40.98
C LEU D 612 11.05 -38.75 -40.91
N ASP D 613 11.32 -39.40 -39.77
CA ASP D 613 12.55 -40.22 -39.57
C ASP D 613 12.27 -41.70 -39.81
N TYR D 614 12.97 -42.36 -40.72
CA TYR D 614 12.72 -43.80 -41.05
C TYR D 614 13.93 -44.65 -40.67
N VAL D 615 14.51 -44.42 -39.50
CA VAL D 615 15.59 -45.31 -39.01
C VAL D 615 15.13 -46.75 -39.25
N PRO D 616 15.77 -47.52 -40.16
CA PRO D 616 15.35 -48.88 -40.51
C PRO D 616 15.06 -49.76 -39.30
N ILE D 617 15.82 -49.62 -38.21
CA ILE D 617 15.55 -50.42 -37.03
C ILE D 617 14.11 -50.17 -36.60
N GLY D 618 13.44 -51.22 -36.15
CA GLY D 618 12.02 -51.14 -35.89
C GLY D 618 11.20 -51.74 -37.01
N PRO D 619 10.72 -50.91 -37.95
CA PRO D 619 11.06 -49.50 -38.16
C PRO D 619 10.44 -48.56 -37.14
N ARG D 620 10.94 -47.33 -37.07
CA ARG D 620 10.39 -46.30 -36.15
C ARG D 620 10.15 -45.02 -36.92
N PHE D 621 8.87 -44.66 -37.13
CA PHE D 621 8.68 -43.34 -37.83
C PHE D 621 7.57 -42.56 -37.17
N SER D 622 7.83 -41.32 -36.81
CA SER D 622 6.81 -40.44 -36.21
C SER D 622 5.53 -40.57 -37.03
N ASN D 623 4.35 -40.33 -36.45
CA ASN D 623 3.13 -40.55 -37.20
C ASN D 623 2.39 -39.25 -37.51
N LEU D 624 2.52 -38.25 -36.63
CA LEU D 624 1.81 -37.00 -36.81
C LEU D 624 2.21 -36.34 -38.12
N VAL D 625 3.52 -36.19 -38.35
CA VAL D 625 4.02 -35.51 -39.53
C VAL D 625 3.47 -36.16 -40.79
N LEU D 626 3.50 -37.50 -40.82
CA LEU D 626 3.08 -38.23 -42.01
C LEU D 626 1.64 -37.86 -42.37
N GLN D 627 0.73 -37.98 -41.41
CA GLN D 627 -0.66 -37.69 -41.69
C GLN D 627 -0.84 -36.24 -42.09
N ALA D 628 -0.15 -35.33 -41.39
CA ALA D 628 -0.26 -33.92 -41.72
C ALA D 628 0.02 -33.73 -43.20
N LEU D 629 1.13 -34.29 -43.68
CA LEU D 629 1.50 -34.11 -45.08
C LEU D 629 0.51 -34.81 -46.01
N LEU D 630 0.14 -36.05 -45.70
CA LEU D 630 -0.75 -36.80 -46.58
C LEU D 630 -2.08 -36.10 -46.73
N VAL D 631 -2.48 -35.31 -45.73
CA VAL D 631 -3.69 -34.50 -45.84
C VAL D 631 -3.41 -33.25 -46.64
N LEU D 632 -2.42 -32.47 -46.20
CA LEU D 632 -2.09 -31.20 -46.85
C LEU D 632 -1.98 -31.36 -48.36
N LEU D 633 -1.50 -32.50 -48.83
CA LEU D 633 -1.26 -32.66 -50.26
C LEU D 633 -2.53 -32.95 -51.07
N LYS D 634 -3.71 -32.76 -50.49
CA LYS D 634 -4.95 -32.89 -51.23
C LYS D 634 -5.95 -31.78 -50.94
N LYS D 635 -5.50 -30.68 -50.31
CA LYS D 635 -6.39 -29.57 -49.94
C LYS D 635 -6.24 -28.48 -50.99
N ALA D 636 -7.24 -28.38 -51.87
CA ALA D 636 -7.20 -27.36 -52.90
C ALA D 636 -7.28 -25.97 -52.26
N PRO D 637 -6.62 -24.98 -52.85
CA PRO D 637 -6.61 -23.64 -52.27
C PRO D 637 -7.91 -22.92 -52.54
N PRO D 638 -8.05 -21.68 -52.06
CA PRO D 638 -9.25 -20.90 -52.39
C PRO D 638 -9.44 -20.77 -53.89
N GLN D 639 -10.61 -20.26 -54.27
CA GLN D 639 -10.99 -20.23 -55.68
C GLN D 639 -10.02 -19.38 -56.48
N GLY D 640 -9.77 -19.81 -57.72
CA GLY D 640 -8.95 -19.04 -58.63
C GLY D 640 -7.51 -18.84 -58.20
N ARG D 641 -6.86 -19.88 -57.69
CA ARG D 641 -5.48 -19.80 -57.25
C ARG D 641 -4.78 -21.11 -57.59
N LYS D 642 -3.45 -21.05 -57.71
CA LYS D 642 -2.69 -22.18 -58.25
C LYS D 642 -1.41 -22.41 -57.46
N LEU D 643 -1.11 -23.69 -57.21
CA LEU D 643 0.03 -24.08 -56.41
C LEU D 643 0.70 -25.29 -57.03
N LEU D 644 2.01 -25.38 -56.81
CA LEU D 644 2.79 -26.55 -57.21
C LEU D 644 3.65 -26.98 -56.03
N ILE D 645 3.68 -28.28 -55.77
CA ILE D 645 4.38 -28.85 -54.63
C ILE D 645 5.40 -29.86 -55.17
N ILE D 646 6.67 -29.46 -55.21
CA ILE D 646 7.74 -30.30 -55.75
C ILE D 646 8.48 -30.95 -54.59
N GLY D 647 8.45 -32.29 -54.53
CA GLY D 647 9.10 -33.02 -53.46
C GLY D 647 10.29 -33.83 -53.93
N THR D 648 11.23 -34.10 -53.03
CA THR D 648 12.37 -34.95 -53.29
C THR D 648 12.45 -36.07 -52.26
N THR D 649 13.18 -37.12 -52.61
CA THR D 649 13.37 -38.26 -51.72
C THR D 649 14.50 -39.11 -52.27
N SER D 650 14.87 -40.15 -51.52
CA SER D 650 15.91 -41.08 -51.96
C SER D 650 15.58 -42.53 -51.63
N ARG D 651 14.40 -42.82 -51.09
CA ARG D 651 14.00 -44.20 -50.76
C ARG D 651 12.55 -44.39 -51.21
N LYS D 652 12.39 -44.82 -52.47
CA LYS D 652 11.05 -44.94 -53.03
C LYS D 652 10.24 -46.04 -52.35
N ASP D 653 10.86 -47.19 -52.11
CA ASP D 653 10.10 -48.36 -51.66
C ASP D 653 9.40 -48.07 -50.34
N VAL D 654 10.08 -47.42 -49.40
CA VAL D 654 9.46 -47.08 -48.13
C VAL D 654 8.19 -46.26 -48.39
N LEU D 655 8.30 -45.23 -49.22
CA LEU D 655 7.13 -44.43 -49.56
C LEU D 655 6.04 -45.29 -50.18
N GLN D 656 6.42 -46.30 -50.95
CA GLN D 656 5.44 -47.22 -51.50
C GLN D 656 4.68 -47.93 -50.38
N GLU D 657 5.40 -48.39 -49.36
CA GLU D 657 4.74 -49.09 -48.26
C GLU D 657 3.78 -48.17 -47.52
N MET D 658 4.16 -46.90 -47.32
CA MET D 658 3.34 -45.96 -46.57
C MET D 658 2.12 -45.47 -47.33
N GLU D 659 1.83 -46.06 -48.50
CA GLU D 659 0.67 -45.69 -49.33
C GLU D 659 0.65 -44.19 -49.60
N MET D 660 1.83 -43.58 -49.71
CA MET D 660 1.95 -42.18 -50.10
C MET D 660 2.15 -42.02 -51.60
N LEU D 661 2.62 -43.05 -52.30
CA LEU D 661 2.99 -42.91 -53.70
C LEU D 661 1.79 -42.66 -54.60
N ASN D 662 0.57 -42.90 -54.13
CA ASN D 662 -0.61 -42.62 -54.93
C ASN D 662 -1.18 -41.23 -54.71
N ALA D 663 -0.69 -40.50 -53.70
CA ALA D 663 -1.12 -39.12 -53.51
C ALA D 663 -0.45 -38.18 -54.50
N PHE D 664 0.82 -38.43 -54.82
CA PHE D 664 1.51 -37.61 -55.80
C PHE D 664 0.96 -37.86 -57.20
N SER D 665 0.92 -36.81 -58.02
CA SER D 665 0.27 -36.91 -59.31
C SER D 665 1.09 -37.73 -60.31
N THR D 666 2.41 -37.63 -60.22
CA THR D 666 3.30 -38.30 -61.18
C THR D 666 4.65 -38.51 -60.52
N THR D 667 5.65 -38.86 -61.32
CA THR D 667 6.97 -39.15 -60.79
C THR D 667 8.02 -38.87 -61.86
N ILE D 668 9.25 -38.65 -61.40
CA ILE D 668 10.39 -38.43 -62.28
C ILE D 668 11.59 -39.16 -61.69
N HIS D 669 12.43 -39.72 -62.56
CA HIS D 669 13.57 -40.52 -62.17
C HIS D 669 14.86 -39.84 -62.59
N VAL D 670 15.81 -39.76 -61.68
CA VAL D 670 17.12 -39.16 -61.93
C VAL D 670 18.17 -40.26 -61.85
N PRO D 671 18.91 -40.53 -62.93
CA PRO D 671 19.90 -41.62 -62.89
C PRO D 671 21.27 -41.17 -62.42
N ASN D 672 22.20 -42.10 -62.32
CA ASN D 672 23.60 -41.81 -62.03
C ASN D 672 24.41 -41.82 -63.32
N ILE D 673 25.66 -41.41 -63.21
CA ILE D 673 26.59 -41.50 -64.33
C ILE D 673 27.06 -42.95 -64.43
N ALA D 674 26.85 -43.55 -65.60
CA ALA D 674 27.12 -44.98 -65.75
C ALA D 674 27.74 -45.31 -67.11
N THR D 675 28.58 -44.41 -67.63
CA THR D 675 29.24 -44.66 -68.91
C THR D 675 30.55 -43.89 -68.97
N GLY D 676 31.56 -44.53 -69.54
CA GLY D 676 32.86 -43.89 -69.64
C GLY D 676 32.81 -42.58 -70.41
N GLU D 677 32.08 -42.56 -71.52
CA GLU D 677 31.98 -41.34 -72.32
C GLU D 677 31.41 -40.20 -71.49
N GLN D 678 30.37 -40.49 -70.70
CA GLN D 678 29.79 -39.45 -69.85
C GLN D 678 30.79 -38.95 -68.83
N LEU D 679 31.58 -39.85 -68.24
CA LEU D 679 32.59 -39.44 -67.29
C LEU D 679 33.64 -38.54 -67.94
N LEU D 680 34.07 -38.90 -69.15
CA LEU D 680 35.03 -38.06 -69.87
C LEU D 680 34.43 -36.69 -70.15
N GLU D 681 33.16 -36.65 -70.56
CA GLU D 681 32.50 -35.37 -70.81
C GLU D 681 32.46 -34.52 -69.54
N ALA D 682 32.12 -35.14 -68.41
CA ALA D 682 32.08 -34.40 -67.16
C ALA D 682 33.45 -33.86 -66.79
N LEU D 683 34.49 -34.69 -66.92
CA LEU D 683 35.84 -34.23 -66.61
C LEU D 683 36.24 -33.08 -67.50
N GLU D 684 35.92 -33.16 -68.79
CA GLU D 684 36.21 -32.04 -69.69
C GLU D 684 35.49 -30.78 -69.24
N LEU D 685 34.22 -30.89 -68.90
CA LEU D 685 33.46 -29.71 -68.49
C LEU D 685 34.05 -29.09 -67.23
N LEU D 686 34.41 -29.92 -66.26
CA LEU D 686 35.01 -29.39 -65.03
C LEU D 686 36.35 -28.73 -65.31
N GLY D 687 37.15 -29.33 -66.19
CA GLY D 687 38.45 -28.77 -66.54
C GLY D 687 39.56 -29.20 -65.61
N ASN D 688 39.70 -30.51 -65.36
CA ASN D 688 40.73 -31.01 -64.41
C ASN D 688 41.28 -32.32 -64.94
N PHE D 689 42.44 -32.74 -64.44
CA PHE D 689 43.09 -33.99 -64.92
C PHE D 689 42.94 -34.04 -66.43
N LYS D 690 43.35 -32.99 -67.14
CA LYS D 690 43.16 -32.90 -68.62
C LYS D 690 44.47 -33.23 -69.34
N ASP D 691 44.52 -33.04 -70.66
CA ASP D 691 45.73 -33.31 -71.49
C ASP D 691 46.23 -34.72 -71.19
N LYS D 692 47.56 -34.92 -71.09
CA LYS D 692 48.17 -36.25 -70.82
C LYS D 692 47.29 -36.99 -69.83
N GLU D 693 46.99 -36.36 -68.70
CA GLU D 693 46.18 -37.02 -67.64
C GLU D 693 44.97 -37.62 -68.34
N ARG D 694 44.19 -36.81 -69.06
CA ARG D 694 42.98 -37.28 -69.75
C ARG D 694 43.37 -38.43 -70.68
N THR D 695 44.52 -38.33 -71.32
CA THR D 695 44.96 -39.34 -72.31
C THR D 695 45.01 -40.72 -71.66
N THR D 696 45.48 -40.82 -70.42
CA THR D 696 45.66 -42.13 -69.75
C THR D 696 44.35 -42.60 -69.12
N ILE D 697 43.56 -41.67 -68.62
CA ILE D 697 42.29 -42.01 -67.97
C ILE D 697 41.36 -42.67 -68.96
N ALA D 698 41.21 -42.08 -70.15
CA ALA D 698 40.37 -42.69 -71.17
C ALA D 698 40.91 -44.06 -71.55
N GLN D 699 42.23 -44.25 -71.46
CA GLN D 699 42.82 -45.52 -71.85
C GLN D 699 42.35 -46.64 -70.93
N GLN D 700 42.29 -46.37 -69.63
CA GLN D 700 42.07 -47.43 -68.65
C GLN D 700 40.63 -47.52 -68.14
N VAL D 701 39.69 -46.80 -68.75
CA VAL D 701 38.32 -46.73 -68.25
C VAL D 701 37.30 -47.26 -69.24
N LYS D 702 37.46 -46.94 -70.53
CA LYS D 702 36.42 -47.25 -71.52
C LYS D 702 36.09 -48.73 -71.59
N GLY D 703 37.00 -49.61 -71.18
CA GLY D 703 36.76 -51.03 -71.33
C GLY D 703 35.96 -51.65 -70.19
N LYS D 704 35.10 -50.87 -69.57
CA LYS D 704 34.24 -51.36 -68.50
C LYS D 704 33.20 -50.28 -68.20
N LYS D 705 32.33 -50.56 -67.23
CA LYS D 705 31.23 -49.69 -66.88
C LYS D 705 31.47 -49.03 -65.51
N VAL D 706 30.74 -47.94 -65.27
CA VAL D 706 30.90 -47.13 -64.08
C VAL D 706 29.53 -46.88 -63.46
N TRP D 707 29.53 -46.42 -62.21
CA TRP D 707 28.29 -46.10 -61.50
C TRP D 707 28.66 -45.19 -60.34
N ILE D 708 28.25 -43.93 -60.39
CA ILE D 708 28.62 -42.96 -59.36
C ILE D 708 27.74 -41.73 -59.50
N GLY D 709 27.61 -40.97 -58.40
CA GLY D 709 26.92 -39.70 -58.42
C GLY D 709 27.89 -38.53 -58.55
N ILE D 710 27.37 -37.40 -59.03
CA ILE D 710 28.22 -36.26 -59.35
C ILE D 710 28.97 -35.77 -58.11
N LYS D 711 28.25 -35.69 -57.00
CA LYS D 711 28.86 -35.17 -55.75
C LYS D 711 30.09 -36.00 -55.48
N LYS D 712 29.91 -37.31 -55.42
CA LYS D 712 31.03 -38.19 -55.08
C LYS D 712 32.19 -37.85 -56.00
N LEU D 713 31.94 -37.74 -57.30
CA LEU D 713 33.01 -37.51 -58.28
C LEU D 713 33.73 -36.23 -57.88
N LEU D 714 32.99 -35.20 -57.48
CA LEU D 714 33.60 -33.89 -57.18
C LEU D 714 34.60 -34.07 -56.04
N MET D 715 34.16 -34.68 -54.94
CA MET D 715 35.04 -34.83 -53.76
C MET D 715 36.24 -35.67 -54.15
N LEU D 716 36.00 -36.70 -54.95
CA LEU D 716 37.21 -37.54 -55.23
C LEU D 716 38.21 -36.72 -56.04
N ILE D 717 37.74 -36.00 -57.05
CA ILE D 717 38.62 -35.18 -57.92
C ILE D 717 39.42 -34.29 -56.99
N GLU D 718 38.72 -33.65 -56.06
CA GLU D 718 39.41 -32.71 -55.15
C GLU D 718 40.51 -33.45 -54.43
N MET D 719 40.17 -34.51 -53.71
CA MET D 719 41.17 -35.28 -52.93
C MET D 719 42.36 -35.61 -53.81
N SER D 720 42.14 -36.05 -55.04
CA SER D 720 43.23 -36.49 -55.94
C SER D 720 44.24 -35.38 -56.13
N LEU D 721 43.78 -34.18 -56.48
CA LEU D 721 44.66 -33.02 -56.72
C LEU D 721 45.52 -32.75 -55.49
N GLN D 722 45.00 -32.96 -54.28
CA GLN D 722 45.74 -32.61 -53.03
C GLN D 722 47.02 -33.44 -52.86
N MET D 723 47.21 -34.52 -53.62
CA MET D 723 48.43 -35.36 -53.63
C MET D 723 49.46 -34.65 -54.52
N ASP D 724 50.64 -35.24 -54.75
CA ASP D 724 51.73 -34.60 -55.53
C ASP D 724 51.43 -34.68 -57.03
N PRO D 725 52.09 -33.86 -57.88
CA PRO D 725 51.80 -33.83 -59.30
C PRO D 725 52.57 -34.94 -60.01
N GLU D 726 53.26 -35.80 -59.26
CA GLU D 726 54.07 -36.90 -59.84
C GLU D 726 53.26 -38.19 -59.80
N TYR D 727 52.10 -38.22 -59.08
CA TYR D 727 51.26 -39.43 -58.89
C TYR D 727 49.74 -39.18 -58.81
N ARG D 728 49.28 -38.00 -59.18
CA ARG D 728 47.84 -37.63 -59.03
C ARG D 728 46.91 -38.58 -59.80
N VAL D 729 47.23 -38.87 -61.05
CA VAL D 729 46.33 -39.71 -61.88
C VAL D 729 46.22 -41.05 -61.19
N ARG D 730 47.36 -41.58 -60.74
CA ARG D 730 47.38 -42.89 -60.04
C ARG D 730 46.38 -42.79 -58.90
N LYS D 731 46.58 -41.84 -58.00
CA LYS D 731 45.66 -41.68 -56.86
C LYS D 731 44.21 -41.76 -57.33
N PHE D 732 43.80 -40.89 -58.25
CA PHE D 732 42.37 -40.81 -58.68
C PHE D 732 41.85 -42.15 -59.19
N LEU D 733 42.59 -42.77 -60.09
CA LEU D 733 42.12 -44.03 -60.72
C LEU D 733 41.98 -45.06 -59.62
N ALA D 734 42.95 -45.13 -58.73
CA ALA D 734 42.94 -46.09 -57.62
C ALA D 734 41.65 -45.91 -56.84
N LEU D 735 41.37 -44.67 -56.47
CA LEU D 735 40.14 -44.38 -55.69
C LEU D 735 38.91 -44.88 -56.44
N LEU D 736 38.77 -44.56 -57.72
CA LEU D 736 37.53 -44.91 -58.46
C LEU D 736 37.21 -46.41 -58.32
N ARG D 737 38.20 -47.29 -58.28
CA ARG D 737 38.05 -48.75 -58.15
C ARG D 737 37.44 -49.06 -56.78
N GLU D 738 37.97 -48.45 -55.73
CA GLU D 738 37.50 -48.72 -54.36
C GLU D 738 35.99 -48.61 -54.34
N GLU D 739 35.43 -47.56 -54.95
CA GLU D 739 33.96 -47.40 -55.05
C GLU D 739 33.51 -48.22 -56.25
N GLY D 740 33.41 -49.55 -56.10
CA GLY D 740 32.95 -50.43 -57.15
C GLY D 740 31.69 -51.16 -56.77
N ALA D 741 30.61 -50.94 -57.53
CA ALA D 741 29.33 -51.55 -57.24
C ALA D 741 28.45 -51.44 -58.49
N SER D 742 27.22 -51.93 -58.38
CA SER D 742 26.27 -51.90 -59.48
C SER D 742 24.89 -52.17 -58.92
N PRO D 743 23.83 -51.84 -59.66
CA PRO D 743 22.46 -52.17 -59.23
C PRO D 743 22.27 -53.65 -58.96
N GLN E 209 -57.88 -0.95 -13.27
CA GLN E 209 -57.15 0.28 -13.55
C GLN E 209 -56.42 0.18 -14.89
N SER E 210 -55.88 1.30 -15.39
CA SER E 210 -55.06 1.30 -16.64
C SER E 210 -53.59 1.09 -16.26
N ILE E 211 -53.20 -0.12 -15.80
CA ILE E 211 -51.81 -0.42 -15.34
C ILE E 211 -50.85 -0.32 -16.53
N ILE E 212 -51.34 -0.43 -17.76
CA ILE E 212 -50.50 -0.37 -18.99
C ILE E 212 -50.86 0.89 -19.77
N ASN E 213 -49.93 1.39 -20.59
CA ASN E 213 -50.20 2.57 -21.45
C ASN E 213 -51.20 2.15 -22.53
N PRO E 214 -51.90 3.08 -23.22
CA PRO E 214 -52.95 2.72 -24.18
C PRO E 214 -52.43 2.10 -25.48
N ASP E 215 -51.25 2.49 -25.95
CA ASP E 215 -50.70 2.01 -27.24
C ASP E 215 -50.14 0.60 -27.06
N TRP E 216 -50.95 -0.45 -27.29
CA TRP E 216 -50.49 -1.86 -27.19
C TRP E 216 -50.32 -2.44 -28.59
N ASN E 217 -49.97 -1.61 -29.56
CA ASN E 217 -49.68 -2.08 -30.94
C ASN E 217 -48.24 -2.61 -30.93
N PHE E 218 -48.01 -3.77 -30.32
CA PHE E 218 -46.66 -4.38 -30.25
C PHE E 218 -46.12 -4.40 -31.67
N GLU E 219 -47.01 -4.73 -32.59
CA GLU E 219 -46.52 -4.66 -34.01
C GLU E 219 -45.94 -3.27 -34.27
N LYS E 220 -46.68 -2.21 -33.95
CA LYS E 220 -46.24 -0.82 -34.25
C LYS E 220 -44.82 -0.63 -33.73
N MET E 221 -44.49 -1.23 -32.59
CA MET E 221 -43.15 -1.05 -31.97
C MET E 221 -42.09 -1.47 -32.99
N GLY E 222 -42.40 -2.43 -33.86
CA GLY E 222 -41.48 -2.84 -34.94
C GLY E 222 -40.85 -4.20 -34.69
N ILE E 223 -41.01 -4.75 -33.48
CA ILE E 223 -40.53 -6.11 -33.15
C ILE E 223 -41.51 -7.09 -33.79
N GLY E 224 -41.15 -7.75 -34.89
CA GLY E 224 -42.06 -8.59 -35.64
C GLY E 224 -41.97 -10.06 -35.31
N GLY E 225 -40.77 -10.61 -35.32
CA GLY E 225 -40.56 -12.02 -35.09
C GLY E 225 -40.48 -12.45 -33.64
N LEU E 226 -40.88 -11.58 -32.72
CA LEU E 226 -40.82 -11.89 -31.28
C LEU E 226 -42.20 -11.64 -30.66
N ASP E 227 -43.08 -12.64 -30.70
CA ASP E 227 -44.44 -12.55 -30.10
C ASP E 227 -44.55 -13.61 -29.00
N LYS E 228 -44.00 -14.81 -29.19
CA LYS E 228 -44.02 -15.81 -28.14
C LYS E 228 -43.33 -15.31 -26.89
N GLU E 229 -42.22 -14.58 -27.06
CA GLU E 229 -41.47 -14.11 -25.90
C GLU E 229 -42.32 -13.20 -25.03
N PHE E 230 -43.14 -12.34 -25.64
CA PHE E 230 -44.03 -11.42 -24.90
C PHE E 230 -45.16 -12.23 -24.27
N SER E 231 -45.51 -13.37 -24.86
CA SER E 231 -46.50 -14.25 -24.24
C SER E 231 -45.95 -14.85 -22.95
N ASP E 232 -44.73 -15.38 -23.01
CA ASP E 232 -44.14 -16.01 -21.83
C ASP E 232 -43.79 -14.99 -20.77
N ILE E 233 -43.40 -13.78 -21.17
CA ILE E 233 -43.15 -12.73 -20.18
C ILE E 233 -44.43 -12.34 -19.47
N PHE E 234 -45.50 -12.09 -20.23
CA PHE E 234 -46.78 -11.73 -19.63
C PHE E 234 -47.34 -12.87 -18.78
N ARG E 235 -46.95 -14.10 -19.08
CA ARG E 235 -47.41 -15.22 -18.27
C ARG E 235 -46.61 -15.32 -16.98
N ARG E 236 -45.27 -15.30 -17.09
CA ARG E 236 -44.40 -15.33 -15.91
C ARG E 236 -44.55 -14.06 -15.08
N ALA E 237 -44.68 -12.91 -15.75
CA ALA E 237 -44.78 -11.62 -15.08
C ALA E 237 -45.89 -10.82 -15.73
N PHE E 238 -46.22 -9.68 -15.13
CA PHE E 238 -47.35 -8.85 -15.53
C PHE E 238 -48.68 -9.55 -15.27
N ALA E 239 -48.67 -10.72 -14.62
CA ALA E 239 -49.89 -11.43 -14.29
C ALA E 239 -50.32 -11.23 -12.84
N SER E 240 -49.43 -11.47 -11.88
CA SER E 240 -49.80 -11.24 -10.48
C SER E 240 -50.15 -9.78 -10.23
N ARG E 241 -49.68 -8.88 -11.10
CA ARG E 241 -49.93 -7.45 -10.97
C ARG E 241 -51.29 -7.02 -11.53
N VAL E 242 -52.04 -7.92 -12.15
CA VAL E 242 -53.29 -7.53 -12.80
C VAL E 242 -54.51 -8.29 -12.31
N PHE E 243 -54.55 -8.66 -11.04
CA PHE E 243 -55.66 -9.47 -10.56
C PHE E 243 -56.33 -8.80 -9.35
N PRO E 244 -57.52 -9.23 -8.96
CA PRO E 244 -58.20 -8.64 -7.82
C PRO E 244 -57.37 -8.82 -6.55
N PRO E 245 -57.02 -7.73 -5.86
CA PRO E 245 -56.19 -7.89 -4.65
C PRO E 245 -56.81 -8.81 -3.63
N GLU E 246 -58.14 -8.89 -3.54
CA GLU E 246 -58.75 -9.81 -2.60
C GLU E 246 -58.36 -11.24 -2.91
N ILE E 247 -58.38 -11.61 -4.19
CA ILE E 247 -58.01 -12.97 -4.59
C ILE E 247 -56.55 -13.24 -4.27
N VAL E 248 -55.67 -12.28 -4.57
CA VAL E 248 -54.25 -12.45 -4.29
C VAL E 248 -54.05 -12.64 -2.79
N GLU E 249 -54.76 -11.86 -1.97
CA GLU E 249 -54.66 -12.03 -0.52
C GLU E 249 -55.11 -13.42 -0.10
N GLN E 250 -56.24 -13.88 -0.66
CA GLN E 250 -56.69 -15.23 -0.36
C GLN E 250 -55.60 -16.25 -0.68
N MET E 251 -54.95 -16.08 -1.84
CA MET E 251 -53.82 -16.93 -2.18
C MET E 251 -52.58 -16.58 -1.34
N GLY E 252 -52.43 -15.31 -0.98
CA GLY E 252 -51.31 -14.89 -0.16
C GLY E 252 -49.97 -15.17 -0.79
N CYS E 253 -49.83 -14.87 -2.08
CA CYS E 253 -48.59 -15.10 -2.82
C CYS E 253 -47.95 -13.77 -3.18
N LYS E 254 -46.64 -13.68 -2.98
CA LYS E 254 -45.90 -12.47 -3.29
C LYS E 254 -45.54 -12.42 -4.77
N HIS E 255 -45.24 -11.21 -5.26
CA HIS E 255 -44.98 -10.99 -6.67
C HIS E 255 -43.56 -11.43 -7.01
N VAL E 256 -43.14 -11.15 -8.24
CA VAL E 256 -41.80 -11.45 -8.73
C VAL E 256 -41.21 -10.17 -9.30
N LYS E 257 -39.94 -9.90 -8.98
CA LYS E 257 -39.30 -8.63 -9.32
C LYS E 257 -37.92 -8.88 -9.93
N GLY E 258 -37.85 -9.79 -10.90
CA GLY E 258 -36.59 -10.06 -11.57
C GLY E 258 -36.73 -10.65 -12.94
N ILE E 259 -36.07 -10.05 -13.93
CA ILE E 259 -36.09 -10.54 -15.31
C ILE E 259 -34.68 -10.40 -15.88
N LEU E 260 -34.25 -11.43 -16.61
CA LEU E 260 -32.94 -11.43 -17.27
C LEU E 260 -33.13 -11.79 -18.74
N LEU E 261 -32.56 -10.98 -19.63
CA LEU E 261 -32.57 -11.25 -21.06
C LEU E 261 -31.14 -11.46 -21.52
N TYR E 262 -30.89 -12.61 -22.16
CA TYR E 262 -29.56 -12.90 -22.68
C TYR E 262 -29.67 -13.51 -24.07
N GLY E 263 -28.64 -13.30 -24.87
CA GLY E 263 -28.60 -13.84 -26.22
C GLY E 263 -27.43 -13.30 -27.01
N PRO E 264 -27.37 -13.65 -28.30
CA PRO E 264 -26.25 -13.21 -29.13
C PRO E 264 -26.33 -11.73 -29.41
N PRO E 265 -25.20 -11.03 -29.45
CA PRO E 265 -25.23 -9.58 -29.62
C PRO E 265 -26.04 -9.16 -30.84
N GLY E 266 -26.78 -8.07 -30.70
CA GLY E 266 -27.56 -7.53 -31.80
C GLY E 266 -28.85 -8.29 -32.06
N CYS E 267 -29.80 -8.19 -31.14
CA CYS E 267 -31.10 -8.85 -31.30
C CYS E 267 -32.25 -7.87 -31.11
N GLY E 268 -32.01 -6.80 -30.35
CA GLY E 268 -33.05 -5.84 -30.05
C GLY E 268 -33.31 -5.68 -28.57
N LYS E 269 -32.38 -6.21 -27.74
CA LYS E 269 -32.54 -6.10 -26.30
C LYS E 269 -32.64 -4.64 -25.87
N THR E 270 -31.71 -3.81 -26.35
CA THR E 270 -31.78 -2.39 -26.05
C THR E 270 -33.07 -1.77 -26.59
N LEU E 271 -33.46 -2.15 -27.81
CA LEU E 271 -34.70 -1.66 -28.38
C LEU E 271 -35.90 -2.08 -27.53
N LEU E 272 -35.93 -3.33 -27.09
CA LEU E 272 -37.02 -3.80 -26.24
C LEU E 272 -37.08 -3.01 -24.95
N ALA E 273 -35.92 -2.81 -24.31
CA ALA E 273 -35.89 -2.03 -23.07
C ALA E 273 -36.38 -0.60 -23.30
N ARG E 274 -35.96 0.00 -24.41
CA ARG E 274 -36.42 1.36 -24.73
C ARG E 274 -37.93 1.39 -24.90
N GLN E 275 -38.48 0.41 -25.62
CA GLN E 275 -39.90 0.44 -25.95
C GLN E 275 -40.76 0.13 -24.74
N ILE E 276 -40.33 -0.78 -23.87
CA ILE E 276 -41.14 -1.11 -22.70
C ILE E 276 -41.31 0.13 -21.82
N GLY E 277 -40.30 1.01 -21.80
CA GLY E 277 -40.45 2.25 -21.06
C GLY E 277 -41.64 3.07 -21.51
N LYS E 278 -42.08 2.87 -22.75
CA LYS E 278 -43.25 3.55 -23.27
C LYS E 278 -44.53 2.77 -22.96
N MET E 279 -44.47 1.46 -23.14
CA MET E 279 -45.65 0.60 -22.94
C MET E 279 -45.88 0.38 -21.45
N LEU E 280 -46.26 1.42 -20.69
CA LEU E 280 -46.60 1.26 -19.28
C LEU E 280 -47.16 2.57 -18.74
N ASN E 281 -48.18 2.47 -17.89
CA ASN E 281 -48.82 3.66 -17.32
C ASN E 281 -48.18 4.08 -16.00
N ALA E 282 -46.91 3.73 -15.79
CA ALA E 282 -46.17 4.11 -14.60
C ALA E 282 -45.03 5.04 -15.01
N ARG E 283 -44.50 5.76 -14.03
CA ARG E 283 -43.44 6.73 -14.30
C ARG E 283 -42.33 6.07 -15.14
N GLU E 284 -41.65 6.89 -15.92
CA GLU E 284 -40.67 6.37 -16.87
C GLU E 284 -39.59 5.59 -16.12
N PRO E 285 -39.23 4.39 -16.57
CA PRO E 285 -38.22 3.61 -15.85
C PRO E 285 -36.85 4.27 -15.90
N LYS E 286 -36.05 3.99 -14.87
CA LYS E 286 -34.71 4.56 -14.75
C LYS E 286 -33.70 3.58 -15.33
N VAL E 287 -32.80 4.10 -16.16
CA VAL E 287 -31.79 3.30 -16.85
C VAL E 287 -30.41 3.82 -16.46
N VAL E 288 -29.48 2.90 -16.25
CA VAL E 288 -28.07 3.22 -16.04
C VAL E 288 -27.29 2.69 -17.23
N ASN E 289 -26.51 3.57 -17.86
CA ASN E 289 -25.80 3.23 -19.09
C ASN E 289 -24.41 2.71 -18.74
N GLY E 290 -24.31 1.40 -18.57
CA GLY E 290 -23.04 0.76 -18.34
C GLY E 290 -22.41 1.16 -17.03
N PRO E 291 -21.08 1.02 -16.92
CA PRO E 291 -20.37 1.31 -15.66
C PRO E 291 -20.09 2.80 -15.42
N GLU E 292 -21.11 3.50 -14.91
CA GLU E 292 -20.96 4.86 -14.44
C GLU E 292 -20.99 4.97 -12.92
N ILE E 293 -21.19 3.85 -12.22
CA ILE E 293 -21.43 3.91 -10.78
C ILE E 293 -20.15 4.05 -9.96
N LEU E 294 -18.99 3.74 -10.54
CA LEU E 294 -17.75 3.74 -9.79
C LEU E 294 -17.15 5.14 -9.77
N ASN E 295 -16.90 5.66 -8.58
CA ASN E 295 -16.42 7.02 -8.36
C ASN E 295 -14.97 7.01 -7.88
N LYS E 296 -14.43 8.21 -7.69
CA LYS E 296 -13.04 8.38 -7.26
C LYS E 296 -12.97 8.82 -5.81
N TYR E 297 -13.76 8.20 -4.94
CA TYR E 297 -13.72 8.54 -3.51
C TYR E 297 -14.32 7.39 -2.72
N VAL E 298 -13.70 7.08 -1.58
CA VAL E 298 -14.12 5.94 -0.78
C VAL E 298 -15.56 6.13 -0.33
N GLY E 299 -16.35 5.06 -0.44
CA GLY E 299 -17.71 5.05 0.05
C GLY E 299 -18.74 5.69 -0.86
N GLU E 300 -18.34 6.19 -2.03
CA GLU E 300 -19.29 6.83 -2.93
C GLU E 300 -20.11 5.81 -3.72
N SER E 301 -19.54 4.63 -4.00
CA SER E 301 -20.27 3.64 -4.79
C SER E 301 -21.56 3.21 -4.09
N GLU E 302 -21.49 2.96 -2.79
CA GLU E 302 -22.68 2.54 -2.06
C GLU E 302 -23.71 3.65 -2.01
N ALA E 303 -23.27 4.90 -1.89
CA ALA E 303 -24.20 6.03 -1.96
C ALA E 303 -24.87 6.09 -3.33
N ASN E 304 -24.10 5.86 -4.40
CA ASN E 304 -24.68 5.86 -5.74
C ASN E 304 -25.73 4.77 -5.87
N ILE E 305 -25.44 3.58 -5.35
CA ILE E 305 -26.43 2.51 -5.35
C ILE E 305 -27.66 2.93 -4.57
N ARG E 306 -27.46 3.58 -3.42
CA ARG E 306 -28.58 4.00 -2.59
C ARG E 306 -29.48 5.00 -3.33
N LYS E 307 -28.87 5.93 -4.05
CA LYS E 307 -29.61 6.98 -4.73
C LYS E 307 -30.61 6.41 -5.75
N LEU E 308 -30.52 5.11 -6.03
CA LEU E 308 -31.41 4.48 -6.98
C LEU E 308 -32.73 4.03 -6.36
N PHE E 309 -32.70 3.57 -5.11
CA PHE E 309 -33.88 3.01 -4.46
C PHE E 309 -34.62 4.02 -3.59
N ALA E 310 -34.18 5.27 -3.55
CA ALA E 310 -34.84 6.25 -2.68
C ALA E 310 -36.31 6.40 -3.04
N ASP E 311 -36.62 6.46 -4.33
CA ASP E 311 -38.00 6.61 -4.77
C ASP E 311 -38.85 5.45 -4.28
N ALA E 312 -38.36 4.22 -4.44
CA ALA E 312 -39.13 3.06 -4.02
C ALA E 312 -39.35 3.05 -2.51
N GLU E 313 -38.31 3.36 -1.74
CA GLU E 313 -38.46 3.40 -0.29
C GLU E 313 -39.50 4.44 0.13
N GLU E 314 -39.38 5.65 -0.43
CA GLU E 314 -40.34 6.71 -0.09
C GLU E 314 -41.76 6.29 -0.47
N GLU E 315 -41.92 5.70 -1.66
CA GLU E 315 -43.25 5.33 -2.10
C GLU E 315 -43.84 4.25 -1.21
N GLN E 316 -43.05 3.25 -0.83
CA GLN E 316 -43.56 2.20 0.05
C GLN E 316 -43.93 2.77 1.42
N ARG E 317 -43.10 3.66 1.96
CA ARG E 317 -43.44 4.27 3.24
C ARG E 317 -44.73 5.08 3.14
N ARG E 318 -44.83 5.93 2.11
CA ARG E 318 -45.99 6.80 1.98
C ARG E 318 -47.27 6.01 1.82
N LEU E 319 -47.28 5.06 0.91
CA LEU E 319 -48.47 4.29 0.58
C LEU E 319 -48.09 2.83 0.43
N GLY E 320 -48.95 1.95 0.94
CA GLY E 320 -48.68 0.52 0.93
C GLY E 320 -49.75 -0.27 0.18
N ALA E 321 -49.31 -1.33 -0.51
CA ALA E 321 -50.19 -2.26 -1.19
C ALA E 321 -50.81 -1.69 -2.45
N ASN E 322 -50.63 -0.40 -2.70
CA ASN E 322 -51.12 0.22 -3.93
C ASN E 322 -50.12 1.24 -4.46
N SER E 323 -48.84 1.05 -4.14
CA SER E 323 -47.84 2.07 -4.46
C SER E 323 -47.73 2.29 -5.96
N GLY E 324 -47.53 1.21 -6.71
CA GLY E 324 -47.25 1.28 -8.12
C GLY E 324 -46.01 0.47 -8.45
N LEU E 325 -45.37 0.81 -9.56
CA LEU E 325 -44.21 0.08 -10.05
C LEU E 325 -43.05 1.04 -10.27
N HIS E 326 -41.85 0.60 -9.86
CA HIS E 326 -40.61 1.27 -10.18
C HIS E 326 -39.70 0.28 -10.88
N ILE E 327 -39.34 0.59 -12.12
CA ILE E 327 -38.58 -0.32 -12.98
C ILE E 327 -37.22 0.29 -13.25
N ILE E 328 -36.16 -0.42 -12.87
CA ILE E 328 -34.79 0.02 -13.08
C ILE E 328 -34.10 -0.99 -13.99
N ILE E 329 -33.30 -0.47 -14.92
CA ILE E 329 -32.63 -1.30 -15.93
C ILE E 329 -31.13 -1.13 -15.76
N PHE E 330 -30.42 -2.25 -15.68
CA PHE E 330 -28.97 -2.28 -15.55
C PHE E 330 -28.39 -2.74 -16.89
N ASP E 331 -28.17 -1.78 -17.79
CA ASP E 331 -27.54 -2.08 -19.06
C ASP E 331 -26.15 -2.66 -18.83
N GLU E 332 -25.82 -3.71 -19.57
CA GLU E 332 -24.53 -4.38 -19.43
C GLU E 332 -24.25 -4.70 -17.97
N ILE E 333 -25.20 -5.42 -17.35
CA ILE E 333 -25.08 -5.77 -15.95
C ILE E 333 -23.76 -6.47 -15.67
N ASP E 334 -23.22 -7.18 -16.66
CA ASP E 334 -21.95 -7.88 -16.46
C ASP E 334 -20.80 -6.93 -16.20
N ALA E 335 -20.97 -5.63 -16.47
CA ALA E 335 -19.90 -4.68 -16.27
C ALA E 335 -19.47 -4.62 -14.81
N ILE E 336 -20.43 -4.67 -13.89
CA ILE E 336 -20.17 -4.42 -12.47
C ILE E 336 -20.29 -5.67 -11.61
N CYS E 337 -20.89 -6.74 -12.11
CA CYS E 337 -21.15 -7.94 -11.30
C CYS E 337 -20.25 -9.07 -11.77
N LYS E 338 -19.36 -9.52 -10.89
CA LYS E 338 -18.48 -10.64 -11.16
C LYS E 338 -18.33 -11.45 -9.89
N GLN E 339 -17.44 -12.45 -9.92
CA GLN E 339 -17.18 -13.27 -8.75
C GLN E 339 -16.61 -12.41 -7.62
N ARG E 340 -17.17 -12.58 -6.42
CA ARG E 340 -16.78 -11.73 -5.29
C ARG E 340 -15.34 -11.99 -4.88
N GLY E 341 -14.96 -13.25 -4.68
CA GLY E 341 -13.66 -13.57 -4.16
C GLY E 341 -12.58 -13.80 -5.19
N SER E 342 -12.96 -13.93 -6.46
CA SER E 342 -11.98 -14.18 -7.50
C SER E 342 -11.00 -13.02 -7.63
N MET E 343 -11.49 -11.80 -7.47
CA MET E 343 -10.68 -10.62 -7.76
C MET E 343 -9.62 -10.42 -6.67
N ALA E 344 -8.39 -10.18 -7.10
CA ALA E 344 -7.26 -10.00 -6.19
C ALA E 344 -6.85 -8.53 -6.05
N GLY E 345 -7.59 -7.61 -6.64
CA GLY E 345 -7.24 -6.21 -6.52
C GLY E 345 -7.29 -5.75 -5.08
N SER E 346 -6.37 -4.85 -4.72
CA SER E 346 -6.31 -4.36 -3.35
C SER E 346 -7.65 -3.76 -2.93
N THR E 347 -8.19 -2.87 -3.76
CA THR E 347 -9.50 -2.28 -3.49
C THR E 347 -10.60 -3.27 -3.84
N GLY E 348 -11.64 -3.31 -2.99
CA GLY E 348 -12.73 -4.25 -3.17
C GLY E 348 -14.03 -3.57 -3.56
N VAL E 349 -13.95 -2.61 -4.49
CA VAL E 349 -15.14 -1.84 -4.85
C VAL E 349 -16.20 -2.76 -5.44
N HIS E 350 -15.80 -3.68 -6.32
CA HIS E 350 -16.77 -4.57 -6.95
C HIS E 350 -17.51 -5.40 -5.90
N ASP E 351 -16.76 -5.96 -4.95
CA ASP E 351 -17.39 -6.77 -3.91
C ASP E 351 -18.35 -5.93 -3.07
N THR E 352 -17.95 -4.69 -2.76
CA THR E 352 -18.80 -3.84 -1.93
C THR E 352 -20.10 -3.50 -2.66
N VAL E 353 -20.02 -3.16 -3.94
CA VAL E 353 -21.23 -2.83 -4.69
C VAL E 353 -22.12 -4.07 -4.81
N VAL E 354 -21.52 -5.24 -5.02
CA VAL E 354 -22.30 -6.47 -5.09
C VAL E 354 -23.02 -6.70 -3.77
N ASN E 355 -22.31 -6.54 -2.66
CA ASN E 355 -22.91 -6.72 -1.34
C ASN E 355 -24.07 -5.75 -1.15
N GLN E 356 -23.86 -4.47 -1.49
CA GLN E 356 -24.90 -3.47 -1.27
C GLN E 356 -26.13 -3.78 -2.10
N LEU E 357 -25.95 -4.12 -3.38
CA LEU E 357 -27.09 -4.42 -4.23
C LEU E 357 -27.81 -5.68 -3.75
N LEU E 358 -27.07 -6.71 -3.34
CA LEU E 358 -27.71 -7.92 -2.86
C LEU E 358 -28.51 -7.64 -1.60
N SER E 359 -27.97 -6.82 -0.70
CA SER E 359 -28.71 -6.46 0.50
C SER E 359 -29.98 -5.69 0.14
N LYS E 360 -29.87 -4.74 -0.79
CA LYS E 360 -31.03 -3.94 -1.17
C LYS E 360 -32.12 -4.81 -1.78
N ILE E 361 -31.76 -5.64 -2.76
CA ILE E 361 -32.76 -6.48 -3.43
C ILE E 361 -33.34 -7.49 -2.45
N ASP E 362 -32.46 -8.20 -1.73
CA ASP E 362 -32.87 -9.24 -0.80
C ASP E 362 -32.27 -8.95 0.56
N GLY E 363 -33.10 -9.04 1.60
CA GLY E 363 -32.65 -8.75 2.94
C GLY E 363 -33.83 -8.71 3.90
N VAL E 364 -33.55 -8.25 5.11
CA VAL E 364 -34.61 -8.14 6.11
C VAL E 364 -35.69 -7.19 5.63
N GLU E 365 -35.29 -6.04 5.08
CA GLU E 365 -36.26 -5.10 4.55
C GLU E 365 -36.98 -5.71 3.35
N GLN E 366 -38.26 -5.39 3.22
CA GLN E 366 -39.13 -6.00 2.22
C GLN E 366 -39.55 -4.95 1.18
N LEU E 367 -39.49 -5.34 -0.09
CA LEU E 367 -39.92 -4.49 -1.19
C LEU E 367 -40.93 -5.24 -2.04
N ASN E 368 -41.96 -4.53 -2.49
CA ASN E 368 -43.03 -5.13 -3.27
C ASN E 368 -43.49 -4.28 -4.44
N ASN E 369 -42.83 -3.15 -4.71
CA ASN E 369 -43.25 -2.22 -5.76
C ASN E 369 -42.09 -1.90 -6.69
N ILE E 370 -41.18 -2.85 -6.88
CA ILE E 370 -40.00 -2.65 -7.71
C ILE E 370 -39.86 -3.81 -8.68
N LEU E 371 -39.21 -3.55 -9.81
CA LEU E 371 -38.93 -4.58 -10.80
C LEU E 371 -37.57 -4.26 -11.42
N VAL E 372 -36.58 -5.12 -11.17
CA VAL E 372 -35.23 -4.93 -11.68
C VAL E 372 -35.03 -5.87 -12.86
N ILE E 373 -34.50 -5.33 -13.95
CA ILE E 373 -34.21 -6.10 -15.15
C ILE E 373 -32.81 -5.74 -15.62
N GLY E 374 -32.02 -6.76 -15.93
CA GLY E 374 -30.66 -6.54 -16.39
C GLY E 374 -30.40 -7.28 -17.69
N MET E 375 -29.47 -6.74 -18.47
CA MET E 375 -29.11 -7.32 -19.76
C MET E 375 -27.61 -7.50 -19.84
N THR E 376 -27.18 -8.68 -20.23
CA THR E 376 -25.78 -9.01 -20.43
C THR E 376 -25.59 -9.58 -21.83
N ASN E 377 -24.35 -9.58 -22.30
CA ASN E 377 -24.02 -10.20 -23.59
C ASN E 377 -23.25 -11.50 -23.41
N ARG E 378 -23.29 -12.09 -22.21
CA ARG E 378 -22.67 -13.36 -21.84
C ARG E 378 -23.06 -13.65 -20.40
N PRO E 379 -23.86 -14.69 -20.13
CA PRO E 379 -24.16 -15.05 -18.74
C PRO E 379 -22.99 -15.65 -17.98
N ASP E 380 -21.85 -15.86 -18.64
CA ASP E 380 -20.73 -16.55 -18.00
C ASP E 380 -20.20 -15.78 -16.80
N LEU E 381 -20.05 -14.46 -16.92
CA LEU E 381 -19.46 -13.64 -15.86
C LEU E 381 -20.55 -13.09 -14.95
N ILE E 382 -21.31 -14.00 -14.34
CA ILE E 382 -22.36 -13.65 -13.39
C ILE E 382 -22.18 -14.51 -12.15
N ASP E 383 -22.05 -13.88 -10.99
CA ASP E 383 -21.93 -14.62 -9.74
C ASP E 383 -23.25 -15.28 -9.38
N GLU E 384 -23.17 -16.50 -8.85
CA GLU E 384 -24.38 -17.27 -8.60
C GLU E 384 -25.30 -16.58 -7.59
N ALA E 385 -24.73 -15.80 -6.67
CA ALA E 385 -25.55 -15.16 -5.64
C ALA E 385 -26.66 -14.31 -6.25
N LEU E 386 -26.40 -13.72 -7.42
CA LEU E 386 -27.39 -12.88 -8.07
C LEU E 386 -28.48 -13.71 -8.75
N LEU E 387 -28.17 -14.94 -9.13
CA LEU E 387 -29.14 -15.83 -9.74
C LEU E 387 -30.00 -16.55 -8.71
N ARG E 388 -29.75 -16.34 -7.43
CA ARG E 388 -30.48 -17.07 -6.40
C ARG E 388 -31.98 -16.84 -6.55
N PRO E 389 -32.81 -17.87 -6.41
CA PRO E 389 -34.26 -17.67 -6.53
C PRO E 389 -34.75 -16.65 -5.52
N GLY E 390 -35.74 -15.86 -5.94
CA GLY E 390 -36.25 -14.76 -5.15
C GLY E 390 -35.60 -13.43 -5.44
N ARG E 391 -34.51 -13.41 -6.21
CA ARG E 391 -33.85 -12.18 -6.64
C ARG E 391 -33.90 -12.01 -8.14
N LEU E 392 -33.43 -12.99 -8.90
CA LEU E 392 -33.52 -13.00 -10.36
C LEU E 392 -33.89 -14.38 -10.86
N GLU E 393 -34.89 -15.01 -10.20
CA GLU E 393 -35.26 -16.37 -10.53
C GLU E 393 -35.58 -16.52 -12.01
N VAL E 394 -36.29 -15.55 -12.59
CA VAL E 394 -36.71 -15.64 -13.98
C VAL E 394 -35.53 -15.38 -14.89
N LYS E 395 -35.53 -16.07 -16.05
CA LYS E 395 -34.48 -15.93 -17.04
C LYS E 395 -35.11 -16.11 -18.41
N MET E 396 -34.45 -15.57 -19.43
CA MET E 396 -34.97 -15.71 -20.79
C MET E 396 -33.85 -15.51 -21.80
N GLU E 397 -33.90 -16.32 -22.86
CA GLU E 397 -32.98 -16.25 -23.98
C GLU E 397 -33.69 -15.66 -25.19
N ILE E 398 -32.94 -14.93 -26.00
CA ILE E 398 -33.44 -14.33 -27.23
C ILE E 398 -32.69 -14.97 -28.38
N GLY E 399 -33.32 -15.95 -29.02
CA GLY E 399 -32.68 -16.71 -30.08
C GLY E 399 -32.78 -15.99 -31.42
N LEU E 400 -32.62 -16.79 -32.51
CA LEU E 400 -32.67 -16.22 -33.83
C LEU E 400 -34.10 -16.21 -34.38
N PRO E 401 -34.43 -15.24 -35.23
CA PRO E 401 -35.78 -15.20 -35.81
C PRO E 401 -36.00 -16.33 -36.80
N ASP E 402 -37.27 -16.72 -36.94
CA ASP E 402 -37.65 -17.73 -37.92
C ASP E 402 -37.89 -17.07 -39.28
N GLU E 403 -38.16 -17.89 -40.29
CA GLU E 403 -38.41 -17.37 -41.63
C GLU E 403 -39.58 -16.40 -41.62
N LYS E 404 -40.67 -16.77 -40.96
CA LYS E 404 -41.83 -15.89 -40.90
C LYS E 404 -41.47 -14.58 -40.21
N GLY E 405 -40.71 -14.68 -39.11
CA GLY E 405 -40.23 -13.49 -38.46
C GLY E 405 -39.31 -12.68 -39.36
N ARG E 406 -38.55 -13.37 -40.23
CA ARG E 406 -37.71 -12.65 -41.18
C ARG E 406 -38.56 -11.83 -42.14
N LEU E 407 -39.65 -12.43 -42.63
CA LEU E 407 -40.56 -11.71 -43.52
C LEU E 407 -41.15 -10.49 -42.82
N GLN E 408 -41.61 -10.66 -41.59
CA GLN E 408 -42.20 -9.54 -40.86
C GLN E 408 -41.16 -8.45 -40.63
N ILE E 409 -39.94 -8.85 -40.26
CA ILE E 409 -38.86 -7.89 -40.05
C ILE E 409 -38.62 -7.07 -41.31
N LEU E 410 -38.50 -7.74 -42.46
CA LEU E 410 -38.26 -7.02 -43.72
C LEU E 410 -39.42 -6.08 -44.03
N HIS E 411 -40.66 -6.55 -43.85
CA HIS E 411 -41.82 -5.68 -44.06
C HIS E 411 -41.70 -4.41 -43.23
N ILE E 412 -41.36 -4.56 -41.96
CA ILE E 412 -41.21 -3.39 -41.09
C ILE E 412 -40.07 -2.51 -41.60
N HIS E 413 -38.94 -3.12 -41.97
CA HIS E 413 -37.78 -2.37 -42.42
C HIS E 413 -37.98 -1.67 -43.74
N THR E 414 -39.05 -2.00 -44.48
CA THR E 414 -39.23 -1.45 -45.82
C THR E 414 -40.60 -0.79 -46.00
N ALA E 415 -41.37 -0.64 -44.91
CA ALA E 415 -42.67 0.00 -45.03
C ALA E 415 -42.54 1.43 -45.53
N ARG E 416 -41.59 2.19 -45.00
CA ARG E 416 -41.40 3.57 -45.45
C ARG E 416 -41.10 3.61 -46.95
N MET E 417 -40.16 2.76 -47.39
CA MET E 417 -39.74 2.79 -48.78
C MET E 417 -40.92 2.48 -49.70
N ARG E 418 -41.70 1.46 -49.36
CA ARG E 418 -42.91 1.21 -50.14
C ARG E 418 -43.91 2.34 -49.98
N GLY E 419 -43.81 3.11 -48.88
CA GLY E 419 -44.70 4.24 -48.68
C GLY E 419 -44.46 5.35 -49.69
N HIS E 420 -43.20 5.57 -50.05
CA HIS E 420 -42.86 6.66 -50.96
C HIS E 420 -42.66 6.19 -52.39
N GLN E 421 -42.99 4.95 -52.71
CA GLN E 421 -42.87 4.41 -54.07
C GLN E 421 -41.42 4.56 -54.56
N LEU E 422 -40.53 3.85 -53.86
CA LEU E 422 -39.13 3.82 -54.23
C LEU E 422 -38.60 2.40 -54.32
N LEU E 423 -39.47 1.39 -54.32
CA LEU E 423 -39.09 0.00 -54.40
C LEU E 423 -39.56 -0.58 -55.73
N SER E 424 -38.64 -1.13 -56.50
CA SER E 424 -38.99 -1.72 -57.79
C SER E 424 -39.82 -2.98 -57.60
N ALA E 425 -40.85 -3.15 -58.43
CA ALA E 425 -41.70 -4.32 -58.33
C ALA E 425 -40.93 -5.62 -58.52
N ASP E 426 -39.75 -5.57 -59.14
CA ASP E 426 -38.96 -6.78 -59.32
C ASP E 426 -38.71 -7.48 -58.00
N VAL E 427 -38.32 -6.72 -56.98
CA VAL E 427 -37.94 -7.32 -55.70
C VAL E 427 -39.13 -8.04 -55.09
N ASP E 428 -38.89 -9.27 -54.64
CA ASP E 428 -39.91 -10.06 -53.94
C ASP E 428 -39.44 -10.27 -52.50
N ILE E 429 -40.27 -9.83 -51.55
CA ILE E 429 -39.92 -9.99 -50.14
C ILE E 429 -39.85 -11.47 -49.78
N LYS E 430 -40.79 -12.26 -50.27
CA LYS E 430 -40.82 -13.68 -49.92
C LYS E 430 -39.56 -14.40 -50.38
N GLU E 431 -39.09 -14.10 -51.59
CA GLU E 431 -37.89 -14.73 -52.10
C GLU E 431 -36.68 -14.40 -51.23
N LEU E 432 -36.53 -13.14 -50.85
CA LEU E 432 -35.41 -12.75 -49.99
C LEU E 432 -35.52 -13.43 -48.62
N ALA E 433 -36.73 -13.50 -48.07
CA ALA E 433 -36.90 -14.15 -46.78
C ALA E 433 -36.51 -15.62 -46.86
N VAL E 434 -36.92 -16.31 -47.93
CA VAL E 434 -36.51 -17.69 -48.11
C VAL E 434 -35.00 -17.80 -48.24
N GLU E 435 -34.40 -16.90 -49.02
CA GLU E 435 -32.96 -16.97 -49.26
C GLU E 435 -32.18 -16.75 -47.97
N THR E 436 -32.53 -15.72 -47.22
CA THR E 436 -31.77 -15.36 -46.02
C THR E 436 -32.14 -16.30 -44.88
N LYS E 437 -31.17 -17.08 -44.41
CA LYS E 437 -31.34 -17.97 -43.28
C LYS E 437 -30.14 -17.84 -42.37
N ASN E 438 -30.35 -18.13 -41.08
CA ASN E 438 -29.32 -17.88 -40.06
C ASN E 438 -29.00 -16.39 -40.00
N PHE E 439 -30.02 -15.56 -40.15
CA PHE E 439 -29.87 -14.12 -40.24
C PHE E 439 -30.50 -13.44 -39.03
N SER E 440 -29.81 -12.46 -38.48
CA SER E 440 -30.32 -11.64 -37.39
C SER E 440 -30.89 -10.34 -37.92
N GLY E 441 -31.72 -9.70 -37.09
CA GLY E 441 -32.36 -8.46 -37.52
C GLY E 441 -31.34 -7.40 -37.93
N ALA E 442 -30.26 -7.27 -37.16
CA ALA E 442 -29.22 -6.32 -37.52
C ALA E 442 -28.62 -6.65 -38.89
N GLU E 443 -28.42 -7.94 -39.16
CA GLU E 443 -27.88 -8.34 -40.46
C GLU E 443 -28.84 -8.00 -41.59
N LEU E 444 -30.14 -8.21 -41.38
CA LEU E 444 -31.12 -7.85 -42.40
C LEU E 444 -31.12 -6.35 -42.64
N GLU E 445 -31.05 -5.56 -41.58
CA GLU E 445 -30.99 -4.10 -41.73
C GLU E 445 -29.71 -3.71 -42.46
N GLY E 446 -28.61 -4.39 -42.18
CA GLY E 446 -27.37 -4.12 -42.90
C GLY E 446 -27.50 -4.42 -44.38
N LEU E 447 -28.15 -5.54 -44.73
CA LEU E 447 -28.40 -5.84 -46.12
C LEU E 447 -29.22 -4.74 -46.79
N VAL E 448 -30.29 -4.31 -46.11
CA VAL E 448 -31.14 -3.27 -46.67
C VAL E 448 -30.33 -1.99 -46.88
N ARG E 449 -29.52 -1.62 -45.90
CA ARG E 449 -28.72 -0.40 -45.99
C ARG E 449 -27.66 -0.51 -47.08
N ALA E 450 -27.09 -1.69 -47.29
CA ALA E 450 -26.09 -1.87 -48.33
C ALA E 450 -26.73 -1.74 -49.71
N ALA E 451 -27.91 -2.34 -49.88
CA ALA E 451 -28.63 -2.17 -51.15
C ALA E 451 -28.95 -0.70 -51.37
N GLN E 452 -29.42 -0.02 -50.32
CA GLN E 452 -29.64 1.43 -50.40
C GLN E 452 -28.39 2.14 -50.89
N SER E 453 -27.24 1.84 -50.27
CA SER E 453 -26.02 2.56 -50.58
C SER E 453 -25.57 2.31 -52.00
N THR E 454 -25.67 1.08 -52.48
CA THR E 454 -25.23 0.80 -53.85
C THR E 454 -26.17 1.46 -54.86
N ALA E 455 -27.48 1.38 -54.64
CA ALA E 455 -28.40 2.08 -55.53
C ALA E 455 -28.12 3.57 -55.52
N MET E 456 -27.85 4.13 -54.34
CA MET E 456 -27.50 5.54 -54.24
C MET E 456 -26.26 5.87 -55.05
N ASN E 457 -25.22 5.04 -54.90
CA ASN E 457 -23.98 5.27 -55.63
C ASN E 457 -24.21 5.17 -57.14
N ARG E 458 -25.23 4.42 -57.55
CA ARG E 458 -25.50 4.28 -58.98
C ARG E 458 -25.62 5.64 -59.66
N HIS E 459 -26.16 6.64 -58.95
CA HIS E 459 -26.46 7.94 -59.54
C HIS E 459 -25.51 9.04 -59.08
N ILE E 460 -24.37 8.68 -58.48
CA ILE E 460 -23.39 9.66 -58.04
C ILE E 460 -22.01 9.05 -58.28
N LYS E 461 -21.25 9.64 -59.20
CA LYS E 461 -19.94 9.12 -59.56
C LYS E 461 -19.04 10.25 -60.03
N ALA E 462 -17.83 10.29 -59.50
CA ALA E 462 -16.80 11.23 -59.92
C ALA E 462 -15.49 10.85 -59.23
N SER E 463 -14.38 11.08 -59.93
CA SER E 463 -13.06 10.70 -59.42
C SER E 463 -12.19 11.91 -59.13
N THR E 464 -11.95 12.77 -60.12
CA THR E 464 -11.14 13.96 -59.88
C THR E 464 -11.82 14.87 -58.85
N LYS E 465 -13.13 15.05 -58.97
CA LYS E 465 -13.90 15.83 -58.02
C LYS E 465 -15.07 14.98 -57.54
N VAL E 466 -15.98 15.57 -56.76
CA VAL E 466 -17.21 14.91 -56.34
C VAL E 466 -18.37 15.77 -56.79
N GLU E 467 -19.24 15.20 -57.62
CA GLU E 467 -20.39 15.93 -58.15
C GLU E 467 -21.52 14.95 -58.40
N VAL E 468 -22.67 15.17 -57.75
CA VAL E 468 -23.81 14.22 -57.90
C VAL E 468 -24.20 14.21 -59.38
N ASP E 469 -24.93 13.20 -59.86
CA ASP E 469 -25.35 13.10 -61.29
C ASP E 469 -26.56 14.00 -61.51
N MET E 470 -26.50 15.27 -61.08
CA MET E 470 -27.59 16.26 -61.27
C MET E 470 -28.87 15.76 -60.61
N GLU E 471 -28.79 14.69 -59.82
CA GLU E 471 -29.99 14.09 -59.21
C GLU E 471 -31.06 13.97 -60.30
N LYS E 472 -30.63 13.76 -61.55
CA LYS E 472 -31.54 13.64 -62.69
C LYS E 472 -32.32 12.35 -62.54
N ALA E 473 -31.75 11.36 -61.85
CA ALA E 473 -32.44 10.09 -61.57
C ALA E 473 -33.40 10.31 -60.41
N GLU E 474 -34.33 11.26 -60.55
CA GLU E 474 -35.33 11.57 -59.50
C GLU E 474 -36.18 10.31 -59.28
N SER E 475 -36.32 9.47 -60.30
CA SER E 475 -37.12 8.24 -60.23
C SER E 475 -36.27 7.09 -59.70
N LEU E 476 -35.22 7.38 -58.92
CA LEU E 476 -34.33 6.33 -58.46
C LEU E 476 -35.13 5.14 -57.92
N GLN E 477 -34.71 3.94 -58.28
CA GLN E 477 -35.38 2.72 -57.88
C GLN E 477 -34.32 1.67 -57.53
N VAL E 478 -34.68 0.77 -56.63
CA VAL E 478 -33.79 -0.29 -56.19
C VAL E 478 -34.13 -1.56 -56.95
N THR E 479 -33.13 -2.14 -57.61
CA THR E 479 -33.32 -3.34 -58.40
C THR E 479 -32.88 -4.57 -57.61
N ARG E 480 -33.54 -5.69 -57.91
CA ARG E 480 -33.20 -6.95 -57.25
C ARG E 480 -31.73 -7.30 -57.44
N GLY E 481 -31.16 -6.94 -58.59
CA GLY E 481 -29.75 -7.22 -58.82
C GLY E 481 -28.86 -6.55 -57.78
N ASP E 482 -29.23 -5.36 -57.33
CA ASP E 482 -28.50 -4.73 -56.23
C ASP E 482 -28.52 -5.61 -55.00
N PHE E 483 -29.69 -6.17 -54.67
CA PHE E 483 -29.78 -7.05 -53.51
C PHE E 483 -28.93 -8.30 -53.69
N LEU E 484 -28.93 -8.89 -54.88
CA LEU E 484 -28.10 -10.06 -55.13
C LEU E 484 -26.62 -9.72 -54.95
N ALA E 485 -26.18 -8.60 -55.51
CA ALA E 485 -24.80 -8.19 -55.38
C ALA E 485 -24.44 -8.01 -53.91
N SER E 486 -25.29 -7.30 -53.16
CA SER E 486 -25.04 -7.10 -51.74
C SER E 486 -24.93 -8.44 -51.02
N LEU E 487 -25.89 -9.33 -51.27
CA LEU E 487 -25.90 -10.63 -50.62
C LEU E 487 -24.63 -11.43 -50.92
N GLU E 488 -24.06 -11.25 -52.11
CA GLU E 488 -22.90 -12.05 -52.48
C GLU E 488 -21.56 -11.39 -52.16
N ASN E 489 -21.53 -10.07 -51.88
CA ASN E 489 -20.25 -9.40 -51.66
C ASN E 489 -20.20 -8.49 -50.45
N ASP E 490 -21.32 -8.14 -49.81
CA ASP E 490 -21.34 -7.12 -48.77
C ASP E 490 -21.58 -7.69 -47.38
N ILE E 491 -22.67 -8.43 -47.19
CA ILE E 491 -23.09 -8.88 -45.87
C ILE E 491 -22.87 -10.38 -45.81
N LYS E 492 -22.17 -10.83 -44.77
CA LYS E 492 -21.88 -12.25 -44.52
C LYS E 492 -22.36 -12.57 -43.11
N PRO E 493 -23.30 -13.51 -42.94
CA PRO E 493 -23.83 -13.79 -41.61
C PRO E 493 -22.76 -14.36 -40.69
N ALA E 494 -23.16 -14.79 -39.50
CA ALA E 494 -22.21 -15.42 -38.59
C ALA E 494 -21.82 -16.80 -39.09
N PHE E 495 -22.80 -17.67 -39.31
CA PHE E 495 -22.56 -19.00 -39.84
C PHE E 495 -23.86 -19.76 -40.07
N GLY E 496 -23.76 -21.01 -40.52
CA GLY E 496 -24.91 -21.81 -40.86
C GLY E 496 -25.21 -21.92 -42.34
N THR E 497 -24.38 -21.36 -43.22
CA THR E 497 -24.64 -21.44 -44.66
C THR E 497 -24.01 -22.72 -45.23
N ASN E 498 -22.68 -22.83 -45.17
CA ASN E 498 -21.93 -23.96 -45.71
C ASN E 498 -21.97 -24.07 -47.23
N GLN E 499 -22.51 -23.07 -47.93
CA GLN E 499 -22.64 -23.19 -49.38
C GLN E 499 -21.29 -23.39 -50.05
N GLU E 500 -20.25 -22.71 -49.55
CA GLU E 500 -18.93 -22.81 -50.18
C GLU E 500 -18.46 -24.25 -50.22
N ASP E 501 -18.66 -25.01 -49.14
CA ASP E 501 -18.22 -26.40 -49.11
C ASP E 501 -19.00 -27.23 -50.11
N TYR E 502 -20.32 -27.04 -50.18
CA TYR E 502 -21.13 -27.81 -51.12
C TYR E 502 -20.67 -27.55 -52.56
N ALA E 503 -20.38 -26.30 -52.89
CA ALA E 503 -19.87 -25.99 -54.22
C ALA E 503 -18.49 -26.60 -54.45
N SER E 504 -17.60 -26.51 -53.46
CA SER E 504 -16.23 -26.97 -53.64
C SER E 504 -16.14 -28.48 -53.80
N TYR E 505 -16.81 -29.23 -52.92
CA TYR E 505 -16.64 -30.68 -52.94
C TYR E 505 -17.28 -31.34 -54.15
N ILE E 506 -17.95 -30.58 -55.01
CA ILE E 506 -18.48 -31.06 -56.28
C ILE E 506 -17.77 -30.33 -57.41
N MET E 507 -16.50 -30.00 -57.20
CA MET E 507 -15.70 -29.16 -58.09
C MET E 507 -16.07 -29.29 -59.56
N ASN E 508 -16.33 -30.51 -60.03
CA ASN E 508 -16.61 -30.73 -61.45
C ASN E 508 -17.99 -31.31 -61.68
N GLY E 509 -18.95 -31.00 -60.80
CA GLY E 509 -20.29 -31.49 -61.02
C GLY E 509 -20.38 -33.01 -60.93
N ILE E 510 -21.44 -33.53 -61.52
CA ILE E 510 -21.66 -34.98 -61.60
C ILE E 510 -22.20 -35.29 -62.99
N ILE E 511 -21.50 -36.15 -63.71
CA ILE E 511 -21.91 -36.58 -65.04
C ILE E 511 -22.38 -38.03 -64.95
N LYS E 512 -22.96 -38.52 -66.05
CA LYS E 512 -23.53 -39.86 -66.10
C LYS E 512 -22.85 -40.63 -67.23
N TRP E 513 -22.09 -41.67 -66.86
CA TRP E 513 -21.51 -42.59 -67.82
C TRP E 513 -22.00 -44.02 -67.67
N GLY E 514 -22.56 -44.38 -66.52
CA GLY E 514 -23.02 -45.75 -66.31
C GLY E 514 -24.17 -45.78 -65.33
N ASP E 515 -24.95 -46.86 -65.43
CA ASP E 515 -26.11 -47.03 -64.54
C ASP E 515 -25.75 -46.97 -63.06
N PRO E 516 -24.63 -47.55 -62.60
CA PRO E 516 -24.34 -47.52 -61.16
C PRO E 516 -24.53 -46.16 -60.51
N VAL E 517 -24.28 -45.07 -61.23
CA VAL E 517 -24.52 -43.74 -60.68
C VAL E 517 -26.00 -43.58 -60.34
N THR E 518 -26.87 -43.93 -61.29
CA THR E 518 -28.30 -43.83 -61.05
C THR E 518 -28.72 -44.76 -59.93
N ARG E 519 -28.14 -45.96 -59.88
CA ARG E 519 -28.47 -46.89 -58.81
C ARG E 519 -28.14 -46.29 -57.45
N VAL E 520 -26.96 -45.70 -57.32
CA VAL E 520 -26.54 -45.09 -56.06
C VAL E 520 -27.47 -43.96 -55.69
N LEU E 521 -27.80 -43.10 -56.65
CA LEU E 521 -28.69 -41.98 -56.35
C LEU E 521 -30.06 -42.47 -55.90
N ASP E 522 -30.61 -43.47 -56.57
CA ASP E 522 -31.91 -44.00 -56.19
C ASP E 522 -31.87 -44.61 -54.80
N ASP E 523 -30.79 -45.35 -54.48
CA ASP E 523 -30.68 -45.93 -53.15
C ASP E 523 -30.61 -44.85 -52.09
N GLY E 524 -29.85 -43.78 -52.35
CA GLY E 524 -29.82 -42.66 -51.42
C GLY E 524 -31.18 -42.02 -51.23
N GLU E 525 -31.94 -41.88 -52.32
CA GLU E 525 -33.28 -41.33 -52.22
C GLU E 525 -34.17 -42.21 -51.35
N LEU E 526 -34.10 -43.53 -51.56
CA LEU E 526 -34.90 -44.44 -50.74
C LEU E 526 -34.52 -44.32 -49.27
N LEU E 527 -33.22 -44.24 -48.99
CA LEU E 527 -32.76 -44.16 -47.60
C LEU E 527 -33.26 -42.88 -46.94
N VAL E 528 -33.13 -41.75 -47.64
CA VAL E 528 -33.56 -40.48 -47.06
C VAL E 528 -35.07 -40.50 -46.82
N GLN E 529 -35.84 -41.05 -47.76
CA GLN E 529 -37.28 -41.14 -47.57
C GLN E 529 -37.60 -41.99 -46.34
N GLN E 530 -36.94 -43.14 -46.21
CA GLN E 530 -37.22 -44.02 -45.09
C GLN E 530 -36.94 -43.32 -43.77
N THR E 531 -35.75 -42.72 -43.63
CA THR E 531 -35.47 -42.01 -42.39
C THR E 531 -36.42 -40.85 -42.19
N LYS E 532 -36.92 -40.27 -43.28
CA LYS E 532 -37.87 -39.16 -43.16
C LYS E 532 -39.18 -39.63 -42.54
N ASN E 533 -39.63 -40.84 -42.89
CA ASN E 533 -40.95 -41.29 -42.45
C ASN E 533 -40.87 -42.60 -41.68
N SER E 534 -39.97 -42.68 -40.71
CA SER E 534 -39.81 -43.86 -39.87
C SER E 534 -40.25 -43.56 -38.44
N ASP E 535 -40.63 -44.61 -37.73
CA ASP E 535 -41.08 -44.51 -36.34
C ASP E 535 -40.22 -45.33 -35.38
N ARG E 536 -39.94 -46.59 -35.73
CA ARG E 536 -39.28 -47.51 -34.81
C ARG E 536 -37.76 -47.47 -34.87
N THR E 537 -37.19 -46.74 -35.83
CA THR E 537 -35.74 -46.65 -36.00
C THR E 537 -35.37 -45.18 -36.20
N PRO E 538 -35.47 -44.37 -35.14
CA PRO E 538 -35.13 -42.94 -35.27
C PRO E 538 -33.67 -42.70 -35.62
N LEU E 539 -32.87 -43.76 -35.69
CA LEU E 539 -31.48 -43.68 -36.11
C LEU E 539 -31.28 -44.54 -37.35
N VAL E 540 -30.52 -44.02 -38.31
CA VAL E 540 -30.26 -44.72 -39.57
C VAL E 540 -28.86 -44.36 -40.04
N SER E 541 -28.18 -45.33 -40.65
CA SER E 541 -26.79 -45.13 -41.05
C SER E 541 -26.52 -45.93 -42.31
N VAL E 542 -25.46 -45.54 -43.01
CA VAL E 542 -25.02 -46.24 -44.22
C VAL E 542 -23.56 -45.89 -44.46
N LEU E 543 -22.81 -46.85 -44.99
CA LEU E 543 -21.38 -46.69 -45.22
C LEU E 543 -21.09 -46.83 -46.70
N LEU E 544 -20.41 -45.84 -47.27
CA LEU E 544 -19.92 -45.92 -48.64
C LEU E 544 -18.56 -46.61 -48.67
N GLU E 545 -18.36 -47.45 -49.67
CA GLU E 545 -17.12 -48.21 -49.81
C GLU E 545 -16.73 -48.25 -51.27
N GLY E 546 -15.42 -48.38 -51.51
CA GLY E 546 -14.91 -48.49 -52.86
C GLY E 546 -13.42 -48.24 -52.95
N PRO E 547 -12.86 -48.42 -54.14
CA PRO E 547 -11.43 -48.19 -54.34
C PRO E 547 -11.13 -46.69 -54.42
N PRO E 548 -9.86 -46.31 -54.30
CA PRO E 548 -9.53 -44.88 -54.35
C PRO E 548 -9.81 -44.29 -55.73
N HIS E 549 -10.07 -42.98 -55.73
CA HIS E 549 -10.32 -42.23 -56.96
C HIS E 549 -11.61 -42.71 -57.64
N SER E 550 -12.69 -42.77 -56.85
CA SER E 550 -13.99 -43.19 -57.34
C SER E 550 -15.07 -42.14 -57.13
N GLY E 551 -14.71 -40.95 -56.66
CA GLY E 551 -15.69 -39.90 -56.48
C GLY E 551 -16.71 -40.18 -55.40
N LYS E 552 -16.29 -40.85 -54.33
CA LYS E 552 -17.19 -41.14 -53.22
C LYS E 552 -17.66 -39.87 -52.54
N THR E 553 -16.74 -38.94 -52.28
CA THR E 553 -17.09 -37.73 -51.54
C THR E 553 -18.14 -36.93 -52.29
N ALA E 554 -17.97 -36.76 -53.60
CA ALA E 554 -18.93 -35.96 -54.36
C ALA E 554 -20.31 -36.60 -54.35
N LEU E 555 -20.37 -37.92 -54.51
CA LEU E 555 -21.65 -38.61 -54.45
C LEU E 555 -22.32 -38.44 -53.10
N ALA E 556 -21.54 -38.56 -52.02
CA ALA E 556 -22.10 -38.38 -50.69
C ALA E 556 -22.64 -36.97 -50.52
N ALA E 557 -21.88 -35.97 -50.96
CA ALA E 557 -22.32 -34.59 -50.83
C ALA E 557 -23.60 -34.35 -51.63
N LYS E 558 -23.68 -34.90 -52.84
CA LYS E 558 -24.88 -34.72 -53.65
C LYS E 558 -26.09 -35.37 -52.99
N ILE E 559 -25.93 -36.58 -52.46
CA ILE E 559 -27.04 -37.24 -51.80
C ILE E 559 -27.48 -36.43 -50.58
N ALA E 560 -26.52 -35.91 -49.82
CA ALA E 560 -26.88 -35.08 -48.67
C ALA E 560 -27.64 -33.84 -49.10
N GLU E 561 -27.17 -33.17 -50.15
CA GLU E 561 -27.82 -31.93 -50.60
C GLU E 561 -29.22 -32.20 -51.13
N GLU E 562 -29.42 -33.32 -51.81
CA GLU E 562 -30.73 -33.62 -52.39
C GLU E 562 -31.82 -33.55 -51.33
N SER E 563 -31.54 -34.06 -50.13
CA SER E 563 -32.48 -33.91 -49.04
C SER E 563 -32.62 -32.44 -48.65
N ASN E 564 -33.84 -32.07 -48.24
CA ASN E 564 -34.14 -30.70 -47.85
C ASN E 564 -34.17 -30.53 -46.34
N PHE E 565 -33.34 -31.28 -45.63
CA PHE E 565 -33.37 -31.26 -44.18
C PHE E 565 -32.89 -29.91 -43.66
N PRO E 566 -33.47 -29.41 -42.56
CA PRO E 566 -33.03 -28.11 -42.04
C PRO E 566 -31.56 -28.07 -41.65
N PHE E 567 -31.02 -29.16 -41.14
CA PHE E 567 -29.66 -29.21 -40.61
C PHE E 567 -28.84 -30.20 -41.42
N ILE E 568 -27.75 -29.71 -42.02
CA ILE E 568 -26.82 -30.54 -42.79
C ILE E 568 -25.41 -30.09 -42.45
N LYS E 569 -24.49 -31.03 -42.29
CA LYS E 569 -23.12 -30.67 -41.99
C LYS E 569 -22.17 -31.77 -42.47
N ILE E 570 -20.98 -31.34 -42.90
CA ILE E 570 -19.91 -32.21 -43.34
C ILE E 570 -18.71 -31.97 -42.44
N CYS E 571 -18.17 -33.04 -41.86
CA CYS E 571 -16.99 -32.99 -41.02
C CYS E 571 -15.86 -33.72 -41.74
N SER E 572 -14.77 -33.02 -41.99
CA SER E 572 -13.64 -33.56 -42.73
C SER E 572 -12.36 -33.31 -41.95
N PRO E 573 -11.33 -34.13 -42.18
CA PRO E 573 -10.05 -33.91 -41.47
C PRO E 573 -9.40 -32.58 -41.81
N ASP E 574 -9.77 -31.97 -42.93
CA ASP E 574 -9.10 -30.75 -43.39
C ASP E 574 -8.90 -29.74 -42.26
N LYS E 575 -9.86 -29.65 -41.35
CA LYS E 575 -9.79 -28.66 -40.28
C LYS E 575 -9.09 -29.17 -39.03
N MET E 576 -8.72 -30.45 -38.97
CA MET E 576 -8.10 -31.04 -37.79
C MET E 576 -6.63 -31.30 -38.02
N ILE E 577 -6.00 -30.57 -38.93
CA ILE E 577 -4.61 -30.81 -39.28
C ILE E 577 -3.71 -30.32 -38.15
N GLY E 578 -2.81 -31.18 -37.70
CA GLY E 578 -1.89 -30.86 -36.64
C GLY E 578 -2.45 -31.02 -35.24
N PHE E 579 -3.73 -31.39 -35.11
CA PHE E 579 -4.35 -31.51 -33.81
C PHE E 579 -3.88 -32.78 -33.10
N SER E 580 -4.16 -32.84 -31.80
CA SER E 580 -4.06 -34.07 -31.04
C SER E 580 -5.44 -34.73 -30.98
N GLU E 581 -5.44 -36.04 -30.68
CA GLU E 581 -6.69 -36.79 -30.67
C GLU E 581 -7.72 -36.14 -29.76
N THR E 582 -7.28 -35.52 -28.66
CA THR E 582 -8.21 -34.87 -27.75
C THR E 582 -9.04 -33.82 -28.48
N ALA E 583 -8.38 -32.97 -29.28
CA ALA E 583 -9.11 -31.95 -30.02
C ALA E 583 -10.10 -32.60 -31.00
N LYS E 584 -9.71 -33.72 -31.60
CA LYS E 584 -10.57 -34.38 -32.56
C LYS E 584 -11.85 -34.85 -31.88
N CYS E 585 -11.71 -35.60 -30.78
CA CYS E 585 -12.88 -36.11 -30.09
C CYS E 585 -13.74 -34.96 -29.58
N GLN E 586 -13.12 -33.90 -29.07
CA GLN E 586 -13.87 -32.73 -28.63
C GLN E 586 -14.71 -32.17 -29.76
N ALA E 587 -14.10 -32.01 -30.95
CA ALA E 587 -14.82 -31.42 -32.07
C ALA E 587 -15.98 -32.31 -32.51
N MET E 588 -15.75 -33.62 -32.57
CA MET E 588 -16.83 -34.53 -32.96
C MET E 588 -17.97 -34.49 -31.96
N LYS E 589 -17.65 -34.46 -30.66
CA LYS E 589 -18.70 -34.37 -29.66
C LYS E 589 -19.48 -33.08 -29.83
N LYS E 590 -18.78 -31.96 -30.07
CA LYS E 590 -19.47 -30.68 -30.26
C LYS E 590 -20.38 -30.73 -31.47
N ILE E 591 -19.89 -31.27 -32.59
CA ILE E 591 -20.68 -31.31 -33.80
C ILE E 591 -21.94 -32.14 -33.59
N PHE E 592 -21.79 -33.31 -32.97
CA PHE E 592 -22.95 -34.15 -32.72
C PHE E 592 -23.92 -33.46 -31.76
N ASP E 593 -23.40 -32.79 -30.74
CA ASP E 593 -24.25 -32.05 -29.80
C ASP E 593 -25.08 -31.01 -30.54
N ASP E 594 -24.43 -30.24 -31.41
CA ASP E 594 -25.17 -29.25 -32.19
C ASP E 594 -26.22 -29.91 -33.08
N ALA E 595 -25.85 -31.03 -33.72
CA ALA E 595 -26.80 -31.74 -34.57
C ALA E 595 -27.96 -32.31 -33.78
N TYR E 596 -27.81 -32.46 -32.46
CA TYR E 596 -28.86 -33.03 -31.62
C TYR E 596 -30.01 -32.07 -31.36
N LYS E 597 -29.99 -30.86 -31.92
CA LYS E 597 -30.93 -29.80 -31.56
C LYS E 597 -31.86 -29.44 -32.71
N SER E 598 -32.39 -30.46 -33.40
CA SER E 598 -33.36 -30.23 -34.46
C SER E 598 -34.17 -31.50 -34.67
N GLN E 599 -35.35 -31.32 -35.26
CA GLN E 599 -36.19 -32.46 -35.63
C GLN E 599 -35.58 -33.25 -36.78
N LEU E 600 -34.56 -32.72 -37.44
CA LEU E 600 -33.94 -33.37 -38.58
C LEU E 600 -32.50 -32.91 -38.69
N SER E 601 -31.60 -33.82 -39.07
CA SER E 601 -30.21 -33.49 -39.25
C SER E 601 -29.56 -34.54 -40.14
N CYS E 602 -28.45 -34.17 -40.76
CA CYS E 602 -27.71 -35.09 -41.61
C CYS E 602 -26.23 -34.73 -41.53
N VAL E 603 -25.40 -35.72 -41.19
CA VAL E 603 -23.98 -35.51 -40.95
C VAL E 603 -23.19 -36.41 -41.88
N VAL E 604 -22.10 -35.88 -42.41
CA VAL E 604 -21.24 -36.61 -43.35
C VAL E 604 -19.84 -36.68 -42.75
N VAL E 605 -19.29 -37.89 -42.68
CA VAL E 605 -17.90 -38.11 -42.27
C VAL E 605 -17.18 -38.81 -43.41
N ASP E 606 -16.15 -38.18 -43.94
CA ASP E 606 -15.45 -38.68 -45.11
C ASP E 606 -13.99 -38.95 -44.77
N ASP E 607 -13.42 -39.95 -45.45
CA ASP E 607 -12.05 -40.39 -45.20
C ASP E 607 -11.89 -40.86 -43.76
N ILE E 608 -12.69 -41.86 -43.39
CA ILE E 608 -12.65 -42.42 -42.04
C ILE E 608 -11.22 -42.81 -41.69
N GLU E 609 -10.61 -43.66 -42.52
CA GLU E 609 -9.29 -44.18 -42.20
C GLU E 609 -8.31 -43.06 -41.90
N ARG E 610 -8.46 -41.90 -42.55
CA ARG E 610 -7.61 -40.77 -42.21
C ARG E 610 -7.92 -40.27 -40.81
N LEU E 611 -9.21 -40.20 -40.46
CA LEU E 611 -9.59 -39.79 -39.12
C LEU E 611 -8.95 -40.69 -38.07
N LEU E 612 -9.10 -42.01 -38.24
CA LEU E 612 -8.48 -42.96 -37.32
C LEU E 612 -6.96 -42.93 -37.39
N ASP E 613 -6.39 -42.42 -38.47
CA ASP E 613 -4.94 -42.49 -38.69
C ASP E 613 -4.45 -43.93 -38.70
N TYR E 614 -4.60 -44.61 -39.83
CA TYR E 614 -4.28 -46.04 -39.95
C TYR E 614 -3.11 -46.24 -40.90
N VAL E 615 -1.90 -46.27 -40.35
CA VAL E 615 -0.69 -46.59 -41.11
C VAL E 615 -0.49 -48.09 -41.05
N PRO E 616 -0.28 -48.78 -42.18
CA PRO E 616 -0.19 -50.25 -42.15
C PRO E 616 1.11 -50.84 -41.63
N ILE E 617 1.95 -50.05 -40.95
CA ILE E 617 3.18 -50.59 -40.36
C ILE E 617 2.93 -50.79 -38.88
N GLY E 618 2.60 -52.04 -38.51
CA GLY E 618 2.47 -52.44 -37.14
C GLY E 618 1.19 -53.19 -36.84
N PRO E 619 0.01 -52.73 -37.36
CA PRO E 619 -0.25 -51.32 -37.71
C PRO E 619 -0.32 -50.38 -36.50
N ARG E 620 -0.60 -49.08 -36.72
CA ARG E 620 -0.68 -48.06 -35.65
C ARG E 620 -2.01 -47.32 -35.74
N PHE E 621 -2.73 -47.20 -34.62
CA PHE E 621 -4.00 -46.39 -34.70
C PHE E 621 -4.25 -45.67 -33.37
N SER E 622 -5.10 -44.64 -33.36
CA SER E 622 -5.49 -43.91 -32.13
C SER E 622 -6.71 -44.58 -31.52
N ASN E 623 -6.56 -45.34 -30.44
CA ASN E 623 -7.67 -46.10 -29.87
C ASN E 623 -8.80 -45.20 -29.41
N LEU E 624 -8.47 -44.00 -28.91
CA LEU E 624 -9.51 -43.12 -28.39
C LEU E 624 -10.54 -42.80 -29.46
N VAL E 625 -10.07 -42.38 -30.64
CA VAL E 625 -10.98 -42.01 -31.72
C VAL E 625 -11.86 -43.20 -32.09
N LEU E 626 -11.26 -44.38 -32.20
CA LEU E 626 -12.03 -45.56 -32.58
C LEU E 626 -13.19 -45.77 -31.63
N GLN E 627 -12.90 -45.78 -30.33
CA GLN E 627 -13.96 -46.05 -29.34
C GLN E 627 -15.01 -44.95 -29.40
N ALA E 628 -14.57 -43.70 -29.54
CA ALA E 628 -15.50 -42.59 -29.67
C ALA E 628 -16.50 -42.86 -30.79
N LEU E 629 -15.99 -43.08 -32.00
CA LEU E 629 -16.88 -43.25 -33.15
C LEU E 629 -17.77 -44.46 -32.96
N LEU E 630 -17.20 -45.58 -32.50
CA LEU E 630 -17.97 -46.81 -32.40
C LEU E 630 -19.08 -46.65 -31.38
N VAL E 631 -18.89 -45.75 -30.41
CA VAL E 631 -19.94 -45.46 -29.45
C VAL E 631 -21.00 -44.58 -30.11
N LEU E 632 -20.59 -43.47 -30.71
CA LEU E 632 -21.56 -42.51 -31.25
C LEU E 632 -22.38 -43.11 -32.39
N LEU E 633 -21.99 -44.25 -32.95
CA LEU E 633 -22.81 -44.89 -33.98
C LEU E 633 -23.91 -45.78 -33.40
N LYS E 634 -24.26 -45.63 -32.12
CA LYS E 634 -25.32 -46.45 -31.54
C LYS E 634 -26.37 -45.69 -30.72
N LYS E 635 -26.07 -44.51 -30.19
CA LYS E 635 -27.01 -43.84 -29.31
C LYS E 635 -28.08 -43.13 -30.12
N ALA E 636 -29.33 -43.25 -29.67
CA ALA E 636 -30.44 -42.54 -30.29
C ALA E 636 -30.50 -41.10 -29.80
N PRO E 637 -31.04 -40.20 -30.60
CA PRO E 637 -31.17 -38.79 -30.18
C PRO E 637 -32.30 -38.64 -29.19
N PRO E 638 -32.58 -37.41 -28.75
CA PRO E 638 -33.75 -37.20 -27.89
C PRO E 638 -35.04 -37.60 -28.60
N GLN E 639 -36.02 -38.04 -27.80
CA GLN E 639 -37.26 -38.57 -28.33
C GLN E 639 -37.83 -37.65 -29.40
N GLY E 640 -38.57 -38.24 -30.34
CA GLY E 640 -39.23 -37.46 -31.37
C GLY E 640 -38.27 -36.69 -32.26
N ARG E 641 -37.16 -37.31 -32.65
CA ARG E 641 -36.20 -36.68 -33.53
C ARG E 641 -35.56 -37.76 -34.41
N LYS E 642 -35.01 -37.32 -35.53
CA LYS E 642 -34.45 -38.22 -36.53
C LYS E 642 -33.08 -37.72 -36.95
N LEU E 643 -32.17 -38.66 -37.21
CA LEU E 643 -30.80 -38.33 -37.59
C LEU E 643 -30.33 -39.29 -38.66
N LEU E 644 -29.43 -38.81 -39.51
CA LEU E 644 -28.82 -39.64 -40.55
C LEU E 644 -27.33 -39.34 -40.60
N ILE E 645 -26.51 -40.39 -40.59
CA ILE E 645 -25.06 -40.29 -40.63
C ILE E 645 -24.58 -41.06 -41.85
N ILE E 646 -23.76 -40.42 -42.68
CA ILE E 646 -23.23 -41.04 -43.89
C ILE E 646 -21.72 -40.99 -43.83
N GLY E 647 -21.07 -42.14 -44.04
CA GLY E 647 -19.63 -42.23 -43.94
C GLY E 647 -18.96 -42.68 -45.22
N THR E 648 -17.65 -42.45 -45.31
CA THR E 648 -16.88 -42.82 -46.50
C THR E 648 -15.55 -43.42 -46.08
N THR E 649 -15.08 -44.37 -46.89
CA THR E 649 -13.82 -45.06 -46.61
C THR E 649 -13.29 -45.63 -47.92
N SER E 650 -12.14 -46.30 -47.83
CA SER E 650 -11.50 -46.88 -49.02
C SER E 650 -10.99 -48.30 -48.83
N ARG E 651 -10.94 -48.84 -47.61
CA ARG E 651 -10.32 -50.15 -47.37
C ARG E 651 -11.24 -50.92 -46.41
N LYS E 652 -12.17 -51.69 -46.98
CA LYS E 652 -13.21 -52.34 -46.17
C LYS E 652 -12.63 -53.39 -45.23
N ASP E 653 -11.68 -54.21 -45.72
CA ASP E 653 -11.18 -55.32 -44.91
C ASP E 653 -10.66 -54.83 -43.56
N VAL E 654 -9.88 -53.75 -43.57
CA VAL E 654 -9.35 -53.21 -42.33
C VAL E 654 -10.49 -52.87 -41.38
N LEU E 655 -11.47 -52.13 -41.89
CA LEU E 655 -12.59 -51.73 -41.04
C LEU E 655 -13.28 -52.95 -40.48
N GLN E 656 -13.40 -54.00 -41.28
CA GLN E 656 -14.06 -55.21 -40.81
C GLN E 656 -13.29 -55.77 -39.62
N GLU E 657 -11.97 -55.87 -39.77
CA GLU E 657 -11.16 -56.40 -38.67
C GLU E 657 -11.36 -55.55 -37.42
N MET E 658 -11.48 -54.23 -37.61
CA MET E 658 -11.68 -53.34 -36.46
C MET E 658 -13.07 -53.49 -35.84
N GLU E 659 -13.96 -54.25 -36.51
CA GLU E 659 -15.29 -54.60 -36.01
C GLU E 659 -16.35 -53.55 -36.33
N MET E 660 -15.94 -52.32 -36.65
CA MET E 660 -16.92 -51.25 -36.88
C MET E 660 -17.98 -51.71 -37.87
N LEU E 661 -17.56 -52.37 -38.95
CA LEU E 661 -18.46 -52.76 -40.04
C LEU E 661 -19.86 -53.15 -39.56
N ASN E 662 -19.94 -54.08 -38.61
CA ASN E 662 -21.25 -54.60 -38.20
C ASN E 662 -22.22 -53.49 -37.86
N ALA E 663 -21.75 -52.44 -37.18
CA ALA E 663 -22.61 -51.36 -36.69
C ALA E 663 -23.45 -50.79 -37.82
N PHE E 664 -22.82 -50.37 -38.91
CA PHE E 664 -23.55 -49.72 -40.00
C PHE E 664 -24.70 -50.61 -40.46
N SER E 665 -25.84 -49.96 -40.75
CA SER E 665 -27.00 -50.71 -41.21
C SER E 665 -26.74 -51.39 -42.55
N THR E 666 -26.25 -50.64 -43.53
CA THR E 666 -26.02 -51.18 -44.87
C THR E 666 -24.88 -50.42 -45.53
N THR E 667 -24.36 -51.02 -46.60
CA THR E 667 -23.32 -50.40 -47.41
C THR E 667 -23.67 -50.59 -48.88
N ILE E 668 -23.14 -49.70 -49.72
CA ILE E 668 -23.37 -49.75 -51.17
C ILE E 668 -22.03 -49.57 -51.87
N HIS E 669 -21.76 -50.43 -52.85
CA HIS E 669 -20.50 -50.40 -53.57
C HIS E 669 -20.50 -49.28 -54.61
N VAL E 670 -19.30 -48.80 -54.92
CA VAL E 670 -19.12 -47.74 -55.92
C VAL E 670 -18.04 -48.18 -56.91
N PRO E 671 -18.40 -48.87 -58.00
CA PRO E 671 -17.39 -49.34 -58.94
C PRO E 671 -16.89 -48.22 -59.84
N ASN E 672 -15.75 -48.49 -60.48
CA ASN E 672 -15.13 -47.55 -61.39
C ASN E 672 -15.29 -48.03 -62.83
N ILE E 673 -14.85 -47.20 -63.77
CA ILE E 673 -15.06 -47.48 -65.19
C ILE E 673 -14.23 -48.68 -65.60
N ALA E 674 -14.88 -49.65 -66.27
CA ALA E 674 -14.20 -50.88 -66.65
C ALA E 674 -14.61 -51.38 -68.03
N THR E 675 -15.08 -50.51 -68.88
CA THR E 675 -15.54 -50.92 -70.20
C THR E 675 -15.20 -49.87 -71.23
N GLY E 676 -14.87 -50.33 -72.44
CA GLY E 676 -14.51 -49.41 -73.51
C GLY E 676 -15.68 -48.54 -73.95
N GLU E 677 -16.88 -49.12 -74.01
CA GLU E 677 -18.05 -48.32 -74.35
C GLU E 677 -18.30 -47.23 -73.31
N GLN E 678 -18.14 -47.57 -72.03
CA GLN E 678 -18.29 -46.58 -70.96
C GLN E 678 -17.27 -45.44 -71.10
N LEU E 679 -16.00 -45.79 -71.36
CA LEU E 679 -14.97 -44.78 -71.52
C LEU E 679 -15.20 -43.93 -72.77
N LEU E 680 -15.74 -44.53 -73.83
CA LEU E 680 -16.07 -43.77 -75.03
C LEU E 680 -17.21 -42.80 -74.77
N GLU E 681 -18.23 -43.25 -74.04
CA GLU E 681 -19.28 -42.33 -73.62
C GLU E 681 -18.70 -41.18 -72.79
N ALA E 682 -17.73 -41.47 -71.91
CA ALA E 682 -17.13 -40.42 -71.11
C ALA E 682 -16.38 -39.43 -71.99
N LEU E 683 -15.56 -39.93 -72.93
CA LEU E 683 -14.81 -39.03 -73.79
C LEU E 683 -15.76 -38.15 -74.60
N GLU E 684 -16.86 -38.74 -75.08
CA GLU E 684 -17.82 -37.94 -75.85
C GLU E 684 -18.46 -36.87 -74.97
N LEU E 685 -18.90 -37.25 -73.76
CA LEU E 685 -19.54 -36.28 -72.88
C LEU E 685 -18.58 -35.15 -72.52
N LEU E 686 -17.32 -35.48 -72.26
CA LEU E 686 -16.33 -34.45 -71.94
C LEU E 686 -16.13 -33.51 -73.11
N GLY E 687 -16.10 -34.04 -74.32
CA GLY E 687 -15.95 -33.22 -75.50
C GLY E 687 -14.51 -32.92 -75.85
N ASN E 688 -13.68 -34.01 -76.00
CA ASN E 688 -12.24 -33.79 -76.26
C ASN E 688 -11.73 -34.94 -77.12
N PHE E 689 -10.57 -34.76 -77.75
CA PHE E 689 -10.00 -35.79 -78.65
C PHE E 689 -11.15 -36.37 -79.47
N LYS E 690 -11.93 -35.53 -80.15
CA LYS E 690 -13.12 -35.99 -80.90
C LYS E 690 -12.81 -36.07 -82.39
N ASP E 691 -13.82 -36.31 -83.23
CA ASP E 691 -13.67 -36.40 -84.72
C ASP E 691 -12.54 -37.38 -85.03
N LYS E 692 -11.70 -37.09 -86.03
CA LYS E 692 -10.57 -37.96 -86.45
C LYS E 692 -9.97 -38.60 -85.20
N GLU E 693 -9.60 -37.78 -84.22
CA GLU E 693 -8.97 -38.30 -82.99
C GLU E 693 -9.82 -39.47 -82.52
N ARG E 694 -11.11 -39.25 -82.29
CA ARG E 694 -12.02 -40.30 -81.80
C ARG E 694 -11.96 -41.47 -82.76
N THR E 695 -11.88 -41.20 -84.06
CA THR E 695 -11.89 -42.26 -85.09
C THR E 695 -10.77 -43.25 -84.83
N THR E 696 -9.62 -42.79 -84.34
CA THR E 696 -8.46 -43.65 -84.08
C THR E 696 -8.52 -44.15 -82.65
N ILE E 697 -8.73 -43.24 -81.70
CA ILE E 697 -8.74 -43.60 -80.26
C ILE E 697 -9.64 -44.83 -80.12
N ALA E 698 -10.91 -44.68 -80.46
CA ALA E 698 -11.87 -45.79 -80.34
C ALA E 698 -11.31 -46.99 -81.09
N GLN E 699 -10.88 -46.78 -82.32
CA GLN E 699 -10.38 -47.89 -83.17
C GLN E 699 -9.31 -48.65 -82.39
N GLN E 700 -8.46 -47.95 -81.64
CA GLN E 700 -7.32 -48.58 -80.95
C GLN E 700 -7.78 -49.24 -79.67
N VAL E 701 -8.37 -48.48 -78.76
CA VAL E 701 -8.76 -49.02 -77.43
C VAL E 701 -9.49 -50.33 -77.65
N LYS E 702 -10.34 -50.40 -78.66
CA LYS E 702 -11.16 -51.61 -78.91
C LYS E 702 -10.34 -52.87 -78.68
N GLY E 703 -10.83 -53.81 -77.86
CA GLY E 703 -10.16 -55.10 -77.64
C GLY E 703 -9.99 -55.47 -76.18
N LYS E 704 -10.19 -54.55 -75.24
CA LYS E 704 -9.93 -54.82 -73.80
C LYS E 704 -10.81 -53.95 -72.90
N LYS E 705 -10.53 -53.94 -71.60
CA LYS E 705 -11.28 -53.12 -70.61
C LYS E 705 -10.27 -52.28 -69.83
N VAL E 706 -10.73 -51.53 -68.83
CA VAL E 706 -9.84 -50.66 -68.02
C VAL E 706 -10.16 -50.86 -66.55
N TRP E 707 -9.36 -50.30 -65.66
CA TRP E 707 -9.64 -50.35 -64.21
C TRP E 707 -9.38 -48.94 -63.71
N ILE E 708 -9.62 -47.95 -64.56
CA ILE E 708 -9.23 -46.55 -64.17
C ILE E 708 -10.38 -45.85 -63.46
N GLY E 709 -10.08 -44.84 -62.64
CA GLY E 709 -11.08 -44.03 -61.98
C GLY E 709 -11.26 -42.68 -62.65
N ILE E 710 -12.37 -42.01 -62.27
CA ILE E 710 -12.76 -40.77 -62.93
C ILE E 710 -11.70 -39.69 -62.71
N LYS E 711 -11.24 -39.53 -61.47
CA LYS E 711 -10.27 -38.48 -61.17
C LYS E 711 -8.98 -38.69 -61.94
N LYS E 712 -8.47 -39.92 -61.95
CA LYS E 712 -7.25 -40.21 -62.69
C LYS E 712 -7.46 -39.98 -64.18
N LEU E 713 -8.65 -40.31 -64.69
CA LEU E 713 -8.95 -40.07 -66.09
C LEU E 713 -8.89 -38.58 -66.41
N LEU E 714 -9.48 -37.75 -65.57
CA LEU E 714 -9.43 -36.30 -65.79
C LEU E 714 -7.99 -35.81 -65.77
N MET E 715 -7.21 -36.28 -64.79
CA MET E 715 -5.82 -35.85 -64.68
C MET E 715 -5.04 -36.24 -65.93
N LEU E 716 -5.24 -37.46 -66.42
CA LEU E 716 -4.52 -37.91 -67.60
C LEU E 716 -4.94 -37.11 -68.83
N ILE E 717 -6.22 -36.80 -68.97
CA ILE E 717 -6.68 -36.01 -70.11
C ILE E 717 -6.01 -34.64 -70.11
N GLU E 718 -5.99 -33.99 -68.96
CA GLU E 718 -5.36 -32.68 -68.88
C GLU E 718 -3.88 -32.79 -69.19
N MET E 719 -3.23 -33.84 -68.68
CA MET E 719 -1.82 -34.08 -69.02
C MET E 719 -1.64 -34.18 -70.52
N SER E 720 -2.50 -34.99 -71.17
CA SER E 720 -2.33 -35.25 -72.60
C SER E 720 -2.48 -33.99 -73.41
N LEU E 721 -3.30 -33.04 -72.94
CA LEU E 721 -3.60 -31.87 -73.77
C LEU E 721 -2.47 -30.84 -73.79
N GLN E 722 -1.28 -31.17 -73.32
CA GLN E 722 -0.17 -30.23 -73.26
C GLN E 722 0.86 -30.42 -74.38
N MET E 723 0.56 -31.21 -75.39
CA MET E 723 1.50 -31.49 -76.47
C MET E 723 0.94 -30.97 -77.81
N ASP E 724 1.71 -31.23 -78.87
CA ASP E 724 1.30 -30.80 -80.20
C ASP E 724 0.05 -31.56 -80.63
N PRO E 725 -0.77 -30.97 -81.51
CA PRO E 725 -2.01 -31.66 -81.91
C PRO E 725 -1.76 -33.03 -82.51
N GLU E 726 -0.61 -33.24 -83.16
CA GLU E 726 -0.36 -34.53 -83.80
C GLU E 726 -0.06 -35.62 -82.78
N TYR E 727 0.61 -35.28 -81.67
CA TYR E 727 1.08 -36.27 -80.73
C TYR E 727 0.17 -36.44 -79.51
N ARG E 728 -0.93 -35.69 -79.43
CA ARG E 728 -1.80 -35.79 -78.27
C ARG E 728 -2.42 -37.19 -78.17
N VAL E 729 -2.87 -37.74 -79.29
CA VAL E 729 -3.51 -39.05 -79.28
C VAL E 729 -2.52 -40.10 -78.82
N ARG E 730 -1.35 -40.07 -79.47
CA ARG E 730 -0.26 -41.01 -79.16
C ARG E 730 0.03 -40.84 -77.68
N LYS E 731 0.32 -39.63 -77.24
CA LYS E 731 0.67 -39.35 -75.83
C LYS E 731 -0.44 -39.90 -74.95
N PHE E 732 -1.67 -39.60 -75.29
CA PHE E 732 -2.83 -40.04 -74.48
C PHE E 732 -2.73 -41.55 -74.38
N LEU E 733 -2.77 -42.25 -75.51
CA LEU E 733 -2.75 -43.73 -75.53
C LEU E 733 -1.59 -44.23 -74.68
N ALA E 734 -0.40 -43.65 -74.86
CA ALA E 734 0.82 -44.07 -74.16
C ALA E 734 0.59 -44.02 -72.67
N LEU E 735 0.25 -42.88 -72.10
CA LEU E 735 0.10 -42.79 -70.63
C LEU E 735 -1.01 -43.73 -70.21
N LEU E 736 -2.09 -43.80 -70.98
CA LEU E 736 -3.25 -44.63 -70.57
C LEU E 736 -2.80 -46.07 -70.51
N ARG E 737 -1.98 -46.57 -71.59
CA ARG E 737 -1.47 -47.94 -71.55
C ARG E 737 -0.55 -48.14 -70.36
N GLU E 738 0.32 -47.16 -70.07
CA GLU E 738 1.15 -47.26 -68.88
C GLU E 738 0.32 -47.31 -67.61
N GLU E 739 -0.82 -46.61 -67.60
CA GLU E 739 -1.67 -46.62 -66.42
C GLU E 739 -2.41 -47.95 -66.28
N GLY E 740 -2.91 -48.49 -67.39
CA GLY E 740 -3.48 -49.82 -67.38
C GLY E 740 -2.44 -50.91 -67.30
N ALA E 741 -1.20 -50.58 -67.61
CA ALA E 741 -0.09 -51.47 -67.30
C ALA E 741 0.48 -51.22 -65.92
N SER E 742 0.09 -50.11 -65.27
CA SER E 742 0.57 -49.84 -63.92
C SER E 742 0.14 -50.93 -62.93
N PRO E 743 -1.12 -51.38 -62.92
CA PRO E 743 -1.54 -52.48 -62.03
C PRO E 743 -0.52 -53.59 -61.93
N ASN F 3 -44.40 13.86 68.97
CA ASN F 3 -44.25 12.43 68.60
C ASN F 3 -45.52 11.91 67.94
N MET F 4 -46.64 11.93 68.66
CA MET F 4 -47.90 11.48 68.07
C MET F 4 -48.29 12.34 66.88
N ALA F 5 -48.14 13.66 67.00
CA ALA F 5 -48.49 14.59 65.94
C ALA F 5 -47.36 14.80 64.93
N GLY F 6 -46.17 14.25 65.20
CA GLY F 6 -45.04 14.42 64.31
C GLY F 6 -44.16 15.59 64.67
N ARG F 7 -42.84 15.40 64.55
CA ARG F 7 -41.88 16.45 64.87
C ARG F 7 -40.74 16.40 63.87
N SER F 8 -40.00 17.50 63.80
CA SER F 8 -38.87 17.63 62.90
C SER F 8 -37.67 16.88 63.45
N MET F 9 -37.16 15.92 62.67
CA MET F 9 -35.98 15.15 63.03
C MET F 9 -34.97 15.23 61.90
N GLN F 10 -33.74 14.81 62.22
CA GLN F 10 -32.62 14.79 61.28
C GLN F 10 -32.18 13.36 61.04
N ALA F 11 -32.14 12.95 59.77
CA ALA F 11 -31.67 11.61 59.44
C ALA F 11 -30.19 11.48 59.82
N ALA F 12 -29.81 10.27 60.23
CA ALA F 12 -28.46 10.03 60.72
C ALA F 12 -28.04 8.63 60.32
N ARG F 13 -26.83 8.24 60.73
CA ARG F 13 -26.28 6.92 60.46
C ARG F 13 -26.50 6.00 61.65
N CYS F 14 -26.76 4.73 61.38
CA CYS F 14 -26.93 3.75 62.44
C CYS F 14 -25.69 3.76 63.33
N PRO F 15 -25.85 3.72 64.67
CA PRO F 15 -24.68 3.82 65.55
C PRO F 15 -23.94 2.51 65.77
N THR F 16 -24.60 1.36 65.57
CA THR F 16 -23.96 0.07 65.80
C THR F 16 -24.29 -0.87 64.65
N ASP F 17 -23.38 -1.83 64.41
CA ASP F 17 -23.62 -2.84 63.40
C ASP F 17 -24.81 -3.73 63.76
N GLU F 18 -24.95 -4.07 65.05
CA GLU F 18 -26.08 -4.88 65.48
C GLU F 18 -27.41 -4.19 65.17
N LEU F 19 -27.50 -2.89 65.47
CA LEU F 19 -28.73 -2.16 65.14
C LEU F 19 -28.96 -2.13 63.65
N SER F 20 -27.89 -1.94 62.86
CA SER F 20 -28.04 -1.96 61.41
C SER F 20 -28.59 -3.30 60.95
N LEU F 21 -28.18 -4.39 61.61
CA LEU F 21 -28.71 -5.71 61.29
C LEU F 21 -30.15 -5.87 61.77
N SER F 22 -30.54 -5.13 62.81
CA SER F 22 -31.88 -5.27 63.38
C SER F 22 -32.96 -4.66 62.50
N ASN F 23 -32.61 -3.84 61.52
CA ASN F 23 -33.56 -3.19 60.63
C ASN F 23 -34.39 -2.13 61.35
N CYS F 24 -34.06 -1.81 62.60
CA CYS F 24 -34.83 -0.88 63.40
C CYS F 24 -34.19 0.51 63.33
N ALA F 25 -35.04 1.54 63.31
CA ALA F 25 -34.54 2.91 63.29
C ALA F 25 -34.08 3.29 64.68
N VAL F 26 -32.80 3.62 64.80
CA VAL F 26 -32.20 3.92 66.09
C VAL F 26 -32.52 5.36 66.47
N VAL F 27 -33.05 5.55 67.68
CA VAL F 27 -33.46 6.86 68.18
C VAL F 27 -32.94 7.07 69.59
N SER F 28 -32.95 8.33 70.03
CA SER F 28 -32.50 8.66 71.36
C SER F 28 -33.55 8.26 72.40
N GLU F 29 -33.08 7.90 73.60
CA GLU F 29 -34.01 7.57 74.69
C GLU F 29 -34.83 8.77 75.11
N LYS F 30 -34.30 9.99 74.93
CA LYS F 30 -35.06 11.19 75.25
C LYS F 30 -36.08 11.56 74.18
N ASP F 31 -36.09 10.86 73.04
CA ASP F 31 -37.03 11.13 71.97
C ASP F 31 -38.17 10.13 71.93
N TYR F 32 -37.86 8.84 71.92
CA TYR F 32 -38.88 7.80 71.79
C TYR F 32 -38.51 6.63 72.69
N GLN F 33 -39.48 5.72 72.86
CA GLN F 33 -39.32 4.53 73.67
C GLN F 33 -39.11 3.30 72.78
N SER F 34 -38.22 2.42 73.21
CA SER F 34 -37.89 1.23 72.43
C SER F 34 -39.13 0.39 72.15
N GLY F 35 -39.22 -0.12 70.92
CA GLY F 35 -40.35 -0.90 70.48
C GLY F 35 -41.42 -0.13 69.75
N GLN F 36 -41.36 1.20 69.80
CA GLN F 36 -42.36 2.02 69.10
C GLN F 36 -42.12 2.00 67.60
N HIS F 37 -43.22 2.04 66.85
CA HIS F 37 -43.18 2.17 65.40
C HIS F 37 -43.53 3.60 65.02
N VAL F 38 -42.74 4.18 64.12
CA VAL F 38 -42.97 5.56 63.69
C VAL F 38 -43.06 5.62 62.18
N ILE F 39 -43.68 6.69 61.71
CA ILE F 39 -43.84 6.99 60.29
C ILE F 39 -42.96 8.19 59.98
N VAL F 40 -41.94 7.96 59.17
CA VAL F 40 -41.03 9.00 58.70
C VAL F 40 -41.60 9.55 57.40
N ARG F 41 -41.89 10.85 57.42
CA ARG F 41 -42.47 11.57 56.29
C ARG F 41 -41.33 12.36 55.65
N THR F 42 -40.81 11.84 54.54
CA THR F 42 -39.83 12.58 53.76
C THR F 42 -40.48 13.58 52.82
N SER F 43 -41.79 13.47 52.59
CA SER F 43 -42.54 14.35 51.72
C SER F 43 -44.01 13.96 51.82
N PRO F 44 -44.94 14.75 51.28
CA PRO F 44 -46.36 14.38 51.37
C PRO F 44 -46.65 13.00 50.80
N ASN F 45 -45.94 12.58 49.76
CA ASN F 45 -46.18 11.31 49.10
C ASN F 45 -45.24 10.20 49.53
N HIS F 46 -44.30 10.47 50.44
CA HIS F 46 -43.33 9.48 50.88
C HIS F 46 -43.38 9.35 52.40
N LYS F 47 -43.97 8.25 52.86
CA LYS F 47 -44.02 7.87 54.26
C LYS F 47 -43.50 6.46 54.41
N TYR F 48 -42.69 6.23 55.44
CA TYR F 48 -42.09 4.93 55.68
C TYR F 48 -42.31 4.57 57.14
N ILE F 49 -42.40 3.27 57.43
CA ILE F 49 -42.64 2.80 58.79
C ILE F 49 -41.37 2.13 59.29
N PHE F 50 -40.87 2.60 60.44
CA PHE F 50 -39.66 2.08 61.04
C PHE F 50 -39.95 1.66 62.48
N THR F 51 -39.20 0.65 62.94
CA THR F 51 -39.29 0.18 64.31
C THR F 51 -38.23 0.89 65.16
N LEU F 52 -38.69 1.63 66.17
CA LEU F 52 -37.80 2.46 66.97
C LEU F 52 -37.05 1.62 68.00
N ARG F 53 -35.72 1.80 68.04
CA ARG F 53 -34.88 1.18 69.05
C ARG F 53 -33.93 2.24 69.60
N THR F 54 -34.01 2.49 70.91
CA THR F 54 -33.25 3.58 71.48
C THR F 54 -31.80 3.18 71.71
N HIS F 55 -30.91 4.19 71.70
CA HIS F 55 -29.50 3.99 72.01
C HIS F 55 -28.96 5.28 72.61
N PRO F 56 -28.12 5.21 73.65
CA PRO F 56 -27.63 6.45 74.28
C PRO F 56 -26.85 7.37 73.36
N SER F 57 -26.20 6.84 72.33
CA SER F 57 -25.38 7.64 71.43
C SER F 57 -26.18 8.49 70.46
N VAL F 58 -27.49 8.28 70.37
CA VAL F 58 -28.33 9.03 69.44
C VAL F 58 -28.55 10.43 69.95
N VAL F 59 -28.25 11.42 69.10
CA VAL F 59 -28.47 12.81 69.51
C VAL F 59 -29.96 13.10 69.52
N PRO F 60 -30.48 13.82 70.51
CA PRO F 60 -31.91 14.16 70.49
C PRO F 60 -32.27 14.97 69.27
N GLY F 61 -33.49 14.77 68.77
CA GLY F 61 -33.93 15.48 67.60
C GLY F 61 -33.50 14.88 66.28
N SER F 62 -32.81 13.73 66.31
CA SER F 62 -32.37 13.09 65.08
C SER F 62 -32.65 11.59 65.16
N VAL F 63 -32.81 10.99 63.99
CA VAL F 63 -33.08 9.56 63.85
C VAL F 63 -31.96 8.94 63.04
N ALA F 64 -31.37 7.87 63.58
CA ALA F 64 -30.28 7.18 62.92
C ALA F 64 -30.84 6.04 62.06
N PHE F 65 -30.34 5.94 60.84
CA PHE F 65 -30.74 4.88 59.92
C PHE F 65 -29.51 4.21 59.35
N SER F 66 -29.60 2.90 59.15
CA SER F 66 -28.53 2.15 58.54
C SER F 66 -28.57 2.31 57.01
N LEU F 67 -27.49 1.90 56.35
CA LEU F 67 -27.44 1.98 54.90
C LEU F 67 -28.63 1.30 54.24
N PRO F 68 -29.03 0.09 54.63
CA PRO F 68 -30.25 -0.49 54.02
C PRO F 68 -31.47 0.39 54.19
N GLN F 69 -31.63 0.99 55.37
CA GLN F 69 -32.79 1.85 55.60
C GLN F 69 -32.71 3.12 54.76
N ARG F 70 -31.54 3.75 54.72
CA ARG F 70 -31.39 4.96 53.93
C ARG F 70 -31.69 4.68 52.46
N LYS F 71 -31.10 3.61 51.91
CA LYS F 71 -31.31 3.31 50.50
C LYS F 71 -32.76 2.96 50.20
N TRP F 72 -33.41 2.17 51.07
CA TRP F 72 -34.81 1.85 50.84
C TRP F 72 -35.69 3.08 50.93
N ALA F 73 -35.44 3.94 51.92
CA ALA F 73 -36.25 5.12 52.16
C ALA F 73 -35.76 6.36 51.41
N GLY F 74 -34.67 6.24 50.65
CA GLY F 74 -34.13 7.40 49.95
C GLY F 74 -33.74 8.53 50.88
N LEU F 75 -33.09 8.20 51.99
CA LEU F 75 -32.73 9.18 53.02
C LEU F 75 -31.26 9.55 52.90
N SER F 76 -30.98 10.84 52.99
CA SER F 76 -29.62 11.36 52.99
C SER F 76 -29.28 11.80 54.41
N ILE F 77 -28.10 11.41 54.89
CA ILE F 77 -27.71 11.70 56.26
C ILE F 77 -27.78 13.20 56.48
N GLY F 78 -28.39 13.61 57.59
CA GLY F 78 -28.57 15.01 57.90
C GLY F 78 -29.81 15.64 57.30
N GLN F 79 -30.60 14.89 56.53
CA GLN F 79 -31.79 15.44 55.89
C GLN F 79 -32.96 15.50 56.86
N GLU F 80 -33.70 16.60 56.81
CA GLU F 80 -34.83 16.78 57.70
C GLU F 80 -36.00 15.88 57.28
N ILE F 81 -36.67 15.31 58.29
CA ILE F 81 -37.81 14.42 58.11
C ILE F 81 -38.84 14.76 59.17
N GLU F 82 -40.09 14.37 58.93
CA GLU F 82 -41.15 14.54 59.92
C GLU F 82 -41.49 13.16 60.49
N VAL F 83 -41.18 12.93 61.76
CA VAL F 83 -41.35 11.62 62.38
C VAL F 83 -42.55 11.70 63.31
N ALA F 84 -43.53 10.81 63.10
CA ALA F 84 -44.72 10.76 63.93
C ALA F 84 -45.00 9.34 64.38
N LEU F 85 -45.42 9.18 65.64
CA LEU F 85 -45.70 7.84 66.14
C LEU F 85 -46.85 7.21 65.38
N TYR F 86 -46.72 5.91 65.09
CA TYR F 86 -47.69 5.15 64.33
C TYR F 86 -48.16 3.96 65.17
N SER F 87 -49.45 3.65 65.10
CA SER F 87 -50.03 2.54 65.83
C SER F 87 -50.59 1.53 64.85
N PHE F 88 -50.23 0.26 65.05
CA PHE F 88 -50.67 -0.81 64.17
C PHE F 88 -52.05 -1.29 64.55
N ASP F 89 -52.82 -1.72 63.54
CA ASP F 89 -54.09 -2.40 63.74
C ASP F 89 -53.80 -3.91 63.75
N LYS F 90 -53.42 -4.40 64.92
CA LYS F 90 -52.95 -5.79 65.03
C LYS F 90 -54.02 -6.77 64.57
N ALA F 91 -55.30 -6.42 64.72
CA ALA F 91 -56.36 -7.30 64.27
C ALA F 91 -56.36 -7.48 62.75
N LYS F 92 -55.69 -6.58 62.02
CA LYS F 92 -55.64 -6.66 60.57
C LYS F 92 -54.22 -6.64 60.03
N GLN F 93 -53.31 -5.98 60.76
CA GLN F 93 -51.95 -5.77 60.28
C GLN F 93 -50.94 -6.79 60.79
N CYS F 94 -51.38 -7.80 61.54
CA CYS F 94 -50.48 -8.86 61.94
C CYS F 94 -50.23 -9.79 60.75
N ILE F 95 -48.95 -10.00 60.42
CA ILE F 95 -48.57 -10.78 59.25
C ILE F 95 -48.71 -12.27 59.56
N GLY F 96 -49.48 -12.97 58.72
CA GLY F 96 -49.60 -14.42 58.79
C GLY F 96 -48.51 -15.08 57.97
N THR F 97 -48.40 -14.72 56.69
CA THR F 97 -47.35 -15.22 55.82
C THR F 97 -46.74 -14.07 55.03
N MET F 98 -45.43 -14.11 54.86
CA MET F 98 -44.67 -13.07 54.18
C MET F 98 -43.69 -13.72 53.21
N THR F 99 -43.66 -13.23 51.97
CA THR F 99 -42.72 -13.72 50.98
C THR F 99 -41.51 -12.80 50.95
N ILE F 100 -40.31 -13.37 51.09
CA ILE F 100 -39.08 -12.61 51.12
C ILE F 100 -38.16 -13.16 50.03
N GLU F 101 -37.72 -12.27 49.14
CA GLU F 101 -36.73 -12.60 48.13
C GLU F 101 -35.35 -12.42 48.76
N ILE F 102 -34.62 -13.52 48.90
CA ILE F 102 -33.33 -13.54 49.57
C ILE F 102 -32.25 -13.86 48.55
N ASP F 103 -31.14 -13.13 48.61
CA ASP F 103 -30.00 -13.41 47.76
C ASP F 103 -28.73 -12.99 48.49
N PHE F 104 -27.64 -13.70 48.23
CA PHE F 104 -26.38 -13.38 48.87
C PHE F 104 -26.12 -11.87 48.80
N LEU F 105 -26.06 -11.23 49.98
CA LEU F 105 -25.88 -9.79 50.03
C LEU F 105 -24.64 -9.34 49.29
N GLN F 106 -23.55 -10.09 49.41
CA GLN F 106 -22.26 -9.71 48.86
C GLN F 106 -21.80 -10.75 47.85
N LYS F 107 -21.58 -10.31 46.61
CA LYS F 107 -21.16 -11.22 45.56
C LYS F 107 -19.84 -11.90 45.89
N LYS F 108 -18.96 -11.22 46.62
CA LYS F 108 -17.66 -11.79 46.95
C LYS F 108 -17.78 -13.02 47.85
N ASN F 109 -18.89 -13.18 48.58
CA ASN F 109 -19.04 -14.25 49.56
C ASN F 109 -20.13 -15.26 49.17
N ILE F 110 -20.32 -15.48 47.87
CA ILE F 110 -21.31 -16.44 47.41
C ILE F 110 -20.74 -17.84 47.45
N ASP F 111 -21.52 -18.79 47.97
CA ASP F 111 -21.16 -20.19 48.00
C ASP F 111 -22.37 -21.01 47.58
N SER F 112 -22.12 -22.20 47.04
CA SER F 112 -23.17 -23.07 46.56
C SER F 112 -23.67 -24.04 47.62
N ASN F 113 -23.15 -23.96 48.85
CA ASN F 113 -23.54 -24.89 49.89
C ASN F 113 -25.03 -24.73 50.20
N PRO F 114 -25.72 -25.80 50.57
CA PRO F 114 -27.16 -25.72 50.81
C PRO F 114 -27.48 -24.80 51.98
N TYR F 115 -28.64 -24.16 51.90
CA TYR F 115 -29.14 -23.29 52.95
C TYR F 115 -30.54 -23.76 53.33
N ASP F 116 -30.76 -24.00 54.62
CA ASP F 116 -32.04 -24.47 55.13
C ASP F 116 -32.93 -23.28 55.45
N THR F 117 -34.12 -23.26 54.84
CA THR F 117 -35.06 -22.17 55.05
C THR F 117 -35.77 -22.24 56.39
N ASP F 118 -35.96 -23.44 56.95
CA ASP F 118 -36.68 -23.56 58.22
C ASP F 118 -35.95 -22.88 59.37
N LYS F 119 -34.67 -23.23 59.57
CA LYS F 119 -33.88 -22.61 60.63
C LYS F 119 -33.71 -21.11 60.39
N MET F 120 -33.46 -20.72 59.15
CA MET F 120 -33.30 -19.32 58.82
C MET F 120 -34.60 -18.55 59.07
N ALA F 121 -35.75 -19.14 58.75
CA ALA F 121 -37.04 -18.53 59.09
C ALA F 121 -37.21 -18.40 60.59
N ALA F 122 -36.81 -19.42 61.35
CA ALA F 122 -36.91 -19.33 62.80
C ALA F 122 -36.07 -18.17 63.33
N GLU F 123 -34.84 -18.03 62.82
CA GLU F 123 -34.01 -16.91 63.22
C GLU F 123 -34.63 -15.59 62.81
N PHE F 124 -35.24 -15.55 61.63
CA PHE F 124 -35.90 -14.34 61.16
C PHE F 124 -37.00 -13.92 62.11
N ILE F 125 -37.85 -14.87 62.51
CA ILE F 125 -38.93 -14.57 63.44
C ILE F 125 -38.36 -14.13 64.78
N GLN F 126 -37.31 -14.80 65.26
CA GLN F 126 -36.72 -14.41 66.53
C GLN F 126 -36.18 -12.98 66.48
N GLN F 127 -35.53 -12.62 65.38
CA GLN F 127 -34.93 -11.30 65.26
C GLN F 127 -35.98 -10.23 64.97
N PHE F 128 -36.84 -10.46 63.97
CA PHE F 128 -37.77 -9.45 63.48
C PHE F 128 -39.18 -9.64 64.04
N ASN F 129 -39.29 -10.10 65.29
CA ASN F 129 -40.59 -10.29 65.98
C ASN F 129 -41.20 -8.94 66.36
N ASN F 130 -42.52 -8.82 66.35
CA ASN F 130 -43.26 -7.56 66.68
C ASN F 130 -42.66 -6.36 65.93
N GLN F 131 -42.21 -6.49 64.67
CA GLN F 131 -41.60 -5.34 63.97
C GLN F 131 -42.32 -5.03 62.67
N ALA F 132 -42.44 -3.73 62.37
CA ALA F 132 -43.13 -3.31 61.16
C ALA F 132 -42.35 -3.70 59.92
N PHE F 133 -43.06 -4.21 58.91
CA PHE F 133 -42.47 -4.53 57.62
C PHE F 133 -43.45 -4.22 56.50
N SER F 134 -42.91 -3.75 55.38
CA SER F 134 -43.73 -3.30 54.25
C SER F 134 -43.29 -4.03 52.99
N VAL F 135 -44.22 -4.14 52.05
CA VAL F 135 -43.93 -4.77 50.77
C VAL F 135 -42.83 -3.99 50.07
N GLY F 136 -41.82 -4.71 49.56
CA GLY F 136 -40.69 -4.10 48.90
C GLY F 136 -39.58 -3.60 49.81
N GLN F 137 -39.71 -3.78 51.12
CA GLN F 137 -38.66 -3.32 52.02
C GLN F 137 -37.37 -4.09 51.75
N GLN F 138 -36.25 -3.40 51.83
CA GLN F 138 -34.92 -3.98 51.61
C GLN F 138 -34.12 -3.93 52.90
N LEU F 139 -33.41 -5.01 53.19
CA LEU F 139 -32.61 -5.04 54.42
C LEU F 139 -31.56 -6.14 54.34
N VAL F 140 -30.59 -6.06 55.27
CA VAL F 140 -29.52 -7.05 55.39
C VAL F 140 -29.81 -7.92 56.60
N PHE F 141 -29.88 -9.23 56.40
CA PHE F 141 -30.21 -10.18 57.47
C PHE F 141 -28.99 -11.04 57.78
N SER F 142 -28.69 -11.20 59.07
CA SER F 142 -27.58 -12.03 59.52
C SER F 142 -28.08 -13.44 59.83
N PHE F 143 -27.61 -14.42 59.06
CA PHE F 143 -27.98 -15.83 59.21
C PHE F 143 -26.70 -16.65 59.24
N ASN F 144 -26.45 -17.32 60.37
CA ASN F 144 -25.26 -18.14 60.55
C ASN F 144 -23.99 -17.36 60.16
N ASP F 145 -23.92 -16.12 60.64
CA ASP F 145 -22.78 -15.25 60.35
C ASP F 145 -22.60 -15.03 58.85
N LYS F 146 -23.71 -14.93 58.13
CA LYS F 146 -23.71 -14.65 56.71
C LYS F 146 -24.75 -13.57 56.43
N LEU F 147 -24.36 -12.53 55.71
CA LEU F 147 -25.26 -11.42 55.40
C LEU F 147 -26.00 -11.67 54.11
N PHE F 148 -27.34 -11.67 54.17
CA PHE F 148 -28.18 -11.95 53.01
C PHE F 148 -29.06 -10.75 52.72
N GLY F 149 -29.05 -10.29 51.48
CA GLY F 149 -29.93 -9.26 51.00
C GLY F 149 -31.37 -9.76 50.97
N LEU F 150 -32.27 -9.05 51.63
CA LEU F 150 -33.67 -9.42 51.71
C LEU F 150 -34.51 -8.33 51.09
N LEU F 151 -35.63 -8.75 50.49
CA LEU F 151 -36.58 -7.82 49.88
C LEU F 151 -37.98 -8.39 50.04
N VAL F 152 -38.87 -7.59 50.63
CA VAL F 152 -40.23 -8.04 50.89
C VAL F 152 -41.02 -8.05 49.59
N LYS F 153 -41.65 -9.18 49.29
CA LYS F 153 -42.43 -9.35 48.07
C LYS F 153 -43.93 -9.32 48.31
N ASP F 154 -44.42 -10.05 49.31
CA ASP F 154 -45.85 -10.10 49.59
C ASP F 154 -46.05 -10.24 51.09
N ILE F 155 -47.18 -9.70 51.57
CA ILE F 155 -47.57 -9.82 52.97
C ILE F 155 -49.07 -10.08 53.02
N GLU F 156 -49.47 -11.05 53.83
CA GLU F 156 -50.87 -11.41 54.04
C GLU F 156 -51.20 -11.32 55.52
N ALA F 157 -52.35 -10.73 55.84
CA ALA F 157 -52.80 -10.65 57.22
C ALA F 157 -53.10 -12.03 57.78
N MET F 158 -52.86 -12.20 59.08
CA MET F 158 -53.11 -13.49 59.74
C MET F 158 -54.56 -13.89 59.53
N ARG F 172 -58.71 -14.59 53.95
CA ARG F 172 -57.31 -14.20 53.85
C ARG F 172 -57.22 -12.81 53.24
N GLN F 173 -56.95 -11.82 54.08
CA GLN F 173 -56.92 -10.42 53.67
C GLN F 173 -55.52 -9.99 53.29
N LYS F 174 -55.38 -9.43 52.08
CA LYS F 174 -54.11 -8.88 51.65
C LYS F 174 -53.83 -7.55 52.35
N ILE F 175 -52.61 -7.39 52.85
CA ILE F 175 -52.20 -6.18 53.56
C ILE F 175 -50.90 -5.66 52.96
N GLU F 176 -50.85 -4.34 52.73
CA GLU F 176 -49.64 -3.74 52.19
C GLU F 176 -48.52 -3.68 53.22
N VAL F 177 -48.83 -3.27 54.44
CA VAL F 177 -47.85 -3.16 55.53
C VAL F 177 -48.36 -3.98 56.70
N GLY F 178 -47.49 -4.84 57.25
CA GLY F 178 -47.88 -5.71 58.34
C GLY F 178 -46.88 -5.66 59.48
N LEU F 179 -47.33 -6.18 60.62
CA LEU F 179 -46.51 -6.26 61.83
C LEU F 179 -46.06 -7.71 62.02
N VAL F 180 -44.76 -7.95 61.90
CA VAL F 180 -44.20 -9.29 62.07
C VAL F 180 -44.32 -9.69 63.53
N VAL F 181 -44.82 -10.90 63.76
CA VAL F 181 -45.03 -11.46 65.09
C VAL F 181 -44.44 -12.87 65.14
N GLY F 182 -44.46 -13.46 66.33
CA GLY F 182 -43.82 -14.75 66.53
C GLY F 182 -44.39 -15.86 65.66
N ASN F 183 -45.72 -15.93 65.55
CA ASN F 183 -46.35 -17.01 64.79
C ASN F 183 -46.41 -16.70 63.30
N SER F 184 -45.90 -15.56 62.86
CA SER F 184 -45.88 -15.22 61.44
C SER F 184 -45.07 -16.26 60.66
N GLN F 185 -45.56 -16.57 59.46
CA GLN F 185 -44.94 -17.55 58.58
C GLN F 185 -44.19 -16.82 57.47
N VAL F 186 -43.11 -17.45 56.99
CA VAL F 186 -42.30 -16.85 55.94
C VAL F 186 -42.05 -17.90 54.86
N ALA F 187 -42.36 -17.53 53.61
CA ALA F 187 -42.10 -18.38 52.46
C ALA F 187 -41.02 -17.72 51.60
N PHE F 188 -39.96 -18.46 51.31
CA PHE F 188 -38.78 -17.92 50.64
C PHE F 188 -38.71 -18.48 49.22
N GLU F 189 -38.50 -17.59 48.24
CA GLU F 189 -38.39 -17.97 46.84
C GLU F 189 -37.12 -17.36 46.26
N LYS F 190 -36.42 -18.14 45.43
CA LYS F 190 -35.17 -17.68 44.85
C LYS F 190 -35.43 -16.79 43.63
N ALA F 191 -34.51 -15.85 43.42
CA ALA F 191 -34.65 -14.92 42.31
C ALA F 191 -34.39 -15.62 40.98
N GLU F 192 -34.91 -15.01 39.91
CA GLU F 192 -34.73 -15.57 38.58
C GLU F 192 -33.25 -15.64 38.21
N ASN F 193 -32.86 -16.77 37.61
CA ASN F 193 -31.50 -17.06 37.17
C ASN F 193 -30.53 -17.25 38.33
N SER F 194 -30.99 -17.08 39.58
CA SER F 194 -30.10 -17.21 40.73
C SER F 194 -29.59 -18.64 40.86
N SER F 195 -28.38 -18.78 41.39
CA SER F 195 -27.79 -20.08 41.66
C SER F 195 -28.10 -20.57 43.07
N LEU F 196 -28.88 -19.82 43.84
CA LEU F 196 -29.21 -20.20 45.20
C LEU F 196 -29.93 -21.54 45.21
N ASN F 197 -29.43 -22.46 46.04
CA ASN F 197 -30.04 -23.78 46.24
C ASN F 197 -30.87 -23.71 47.53
N LEU F 198 -32.18 -23.61 47.37
CA LEU F 198 -33.10 -23.47 48.49
C LEU F 198 -33.68 -24.83 48.86
N ILE F 199 -33.71 -25.13 50.15
CA ILE F 199 -34.26 -26.39 50.66
C ILE F 199 -35.24 -26.05 51.77
N GLY F 200 -35.97 -27.08 52.22
CA GLY F 200 -36.95 -26.93 53.26
C GLY F 200 -38.35 -26.69 52.72
N LYS F 201 -39.31 -26.69 53.64
CA LYS F 201 -40.72 -26.52 53.30
C LYS F 201 -41.15 -25.07 53.23
N ALA F 202 -40.33 -24.13 53.72
CA ALA F 202 -40.65 -22.71 53.63
C ALA F 202 -40.16 -22.19 52.28
N LYS F 203 -40.82 -22.66 51.23
CA LYS F 203 -40.45 -22.35 49.86
C LYS F 203 -41.72 -22.10 49.04
N THR F 204 -41.52 -21.49 47.87
CA THR F 204 -42.62 -21.19 46.97
C THR F 204 -43.54 -20.13 47.56
N ILE F 212 -34.93 -29.82 31.07
CA ILE F 212 -35.08 -31.06 30.32
C ILE F 212 -36.29 -30.95 29.39
N ASN F 213 -36.06 -31.13 28.09
CA ASN F 213 -37.10 -31.03 27.08
C ASN F 213 -36.87 -32.07 26.00
N PRO F 214 -37.29 -33.31 26.22
CA PRO F 214 -37.21 -34.34 25.17
C PRO F 214 -38.47 -34.35 24.29
N ASP F 215 -38.72 -33.23 23.64
CA ASP F 215 -39.87 -33.06 22.75
C ASP F 215 -39.38 -33.08 21.31
N TRP F 216 -40.00 -33.92 20.48
CA TRP F 216 -39.53 -34.15 19.12
C TRP F 216 -40.71 -34.15 18.14
N ASN F 217 -41.54 -33.13 18.22
CA ASN F 217 -42.49 -32.82 17.17
C ASN F 217 -41.83 -32.13 15.98
N PHE F 218 -40.49 -32.11 15.93
CA PHE F 218 -39.77 -31.41 14.87
C PHE F 218 -40.23 -31.86 13.50
N GLU F 219 -40.35 -33.16 13.29
CA GLU F 219 -40.81 -33.67 11.99
C GLU F 219 -42.15 -33.05 11.62
N LYS F 220 -43.08 -33.01 12.57
CA LYS F 220 -44.38 -32.40 12.36
C LYS F 220 -44.42 -30.92 12.75
N MET F 221 -43.35 -30.41 13.35
CA MET F 221 -43.31 -28.99 13.71
C MET F 221 -43.45 -28.12 12.46
N GLY F 222 -43.02 -28.62 11.31
CA GLY F 222 -43.01 -27.84 10.09
C GLY F 222 -41.84 -28.16 9.19
N ILE F 223 -40.91 -28.98 9.71
CA ILE F 223 -39.73 -29.40 8.97
C ILE F 223 -39.67 -30.92 9.00
N GLY F 224 -39.41 -31.53 7.85
CA GLY F 224 -39.32 -32.98 7.76
C GLY F 224 -38.03 -33.51 8.36
N GLY F 225 -36.91 -33.17 7.75
CA GLY F 225 -35.63 -33.57 8.30
C GLY F 225 -35.52 -35.07 8.43
N LEU F 226 -34.85 -35.50 9.50
CA LEU F 226 -34.65 -36.91 9.80
C LEU F 226 -34.96 -37.17 11.26
N ASP F 227 -35.32 -38.41 11.56
CA ASP F 227 -35.67 -38.83 12.92
C ASP F 227 -34.50 -39.44 13.66
N LYS F 228 -33.27 -39.00 13.37
CA LYS F 228 -32.08 -39.57 14.01
C LYS F 228 -31.21 -38.49 14.63
N GLU F 229 -31.16 -37.32 13.99
CA GLU F 229 -30.28 -36.25 14.45
C GLU F 229 -30.62 -35.81 15.86
N PHE F 230 -31.91 -35.68 16.16
CA PHE F 230 -32.31 -35.06 17.42
C PHE F 230 -31.75 -35.82 18.61
N SER F 231 -31.72 -37.15 18.52
CA SER F 231 -31.19 -37.94 19.63
C SER F 231 -29.77 -37.52 19.97
N ASP F 232 -28.89 -37.49 18.98
CA ASP F 232 -27.51 -37.06 19.21
C ASP F 232 -27.47 -35.63 19.71
N ILE F 233 -28.22 -34.74 19.04
CA ILE F 233 -28.12 -33.31 19.35
C ILE F 233 -28.45 -33.07 20.82
N PHE F 234 -29.60 -33.57 21.27
CA PHE F 234 -30.01 -33.25 22.64
C PHE F 234 -29.41 -34.17 23.68
N ARG F 235 -28.92 -35.36 23.32
CA ARG F 235 -28.11 -36.09 24.29
C ARG F 235 -26.83 -35.33 24.59
N ARG F 236 -26.19 -34.78 23.56
CA ARG F 236 -25.00 -33.95 23.80
C ARG F 236 -25.36 -32.68 24.57
N ALA F 237 -26.47 -32.03 24.20
CA ALA F 237 -26.86 -30.80 24.89
C ALA F 237 -27.14 -31.06 26.37
N PHE F 238 -27.88 -32.14 26.68
CA PHE F 238 -28.14 -32.49 28.07
C PHE F 238 -26.86 -32.85 28.79
N ALA F 239 -25.99 -33.63 28.13
CA ALA F 239 -24.69 -33.95 28.70
C ALA F 239 -23.94 -32.68 29.08
N SER F 240 -24.09 -31.63 28.29
CA SER F 240 -23.35 -30.40 28.54
C SER F 240 -23.98 -29.58 29.66
N ARG F 241 -25.23 -29.16 29.48
CA ARG F 241 -25.77 -28.03 30.23
C ARG F 241 -26.81 -28.40 31.29
N VAL F 242 -27.26 -29.65 31.35
CA VAL F 242 -28.30 -30.01 32.32
C VAL F 242 -27.79 -29.84 33.74
N PHE F 243 -26.57 -30.29 34.02
CA PHE F 243 -26.13 -30.44 35.39
C PHE F 243 -25.84 -29.07 36.03
N PRO F 244 -25.90 -28.99 37.35
CA PRO F 244 -25.64 -27.71 38.01
C PRO F 244 -24.24 -27.24 37.72
N PRO F 245 -24.03 -25.90 37.68
CA PRO F 245 -22.69 -25.40 37.33
C PRO F 245 -21.58 -25.88 38.26
N GLU F 246 -21.85 -25.99 39.56
CA GLU F 246 -20.78 -26.27 40.50
C GLU F 246 -20.18 -27.66 40.28
N ILE F 247 -21.03 -28.67 40.09
CA ILE F 247 -20.51 -30.02 39.89
C ILE F 247 -19.78 -30.12 38.56
N VAL F 248 -20.31 -29.46 37.52
CA VAL F 248 -19.63 -29.44 36.23
C VAL F 248 -18.24 -28.83 36.37
N GLU F 249 -18.15 -27.71 37.11
CA GLU F 249 -16.85 -27.08 37.34
C GLU F 249 -15.92 -28.05 38.08
N GLN F 250 -16.42 -28.68 39.14
CA GLN F 250 -15.59 -29.62 39.89
C GLN F 250 -15.05 -30.71 38.98
N MET F 251 -15.90 -31.29 38.14
CA MET F 251 -15.42 -32.27 37.17
C MET F 251 -14.47 -31.64 36.17
N GLY F 252 -14.60 -30.34 35.93
CA GLY F 252 -13.70 -29.66 35.00
C GLY F 252 -13.84 -30.11 33.57
N CYS F 253 -15.07 -30.41 33.14
CA CYS F 253 -15.34 -30.75 31.75
C CYS F 253 -15.82 -29.51 31.01
N LYS F 254 -15.54 -29.47 29.71
CA LYS F 254 -15.82 -28.30 28.88
C LYS F 254 -17.15 -28.48 28.17
N HIS F 255 -17.99 -27.45 28.23
CA HIS F 255 -19.27 -27.48 27.55
C HIS F 255 -19.06 -27.51 26.04
N VAL F 256 -20.05 -28.07 25.34
CA VAL F 256 -20.01 -28.11 23.88
C VAL F 256 -20.36 -26.73 23.35
N LYS F 257 -19.46 -26.15 22.54
CA LYS F 257 -19.69 -24.83 21.95
C LYS F 257 -19.28 -24.91 20.48
N GLY F 258 -20.25 -25.14 19.60
CA GLY F 258 -20.00 -25.13 18.18
C GLY F 258 -20.69 -26.26 17.44
N ILE F 259 -21.47 -25.90 16.42
CA ILE F 259 -22.17 -26.86 15.57
C ILE F 259 -21.94 -26.46 14.12
N LEU F 260 -21.73 -27.45 13.26
CA LEU F 260 -21.51 -27.24 11.84
C LEU F 260 -22.69 -27.77 11.05
N LEU F 261 -23.25 -26.92 10.18
CA LEU F 261 -24.34 -27.30 9.29
C LEU F 261 -23.93 -26.97 7.86
N TYR F 262 -24.26 -27.87 6.94
CA TYR F 262 -23.96 -27.63 5.53
C TYR F 262 -24.82 -28.54 4.67
N GLY F 263 -25.00 -28.13 3.42
CA GLY F 263 -25.80 -28.87 2.48
C GLY F 263 -26.36 -27.96 1.41
N PRO F 264 -27.08 -28.53 0.43
CA PRO F 264 -27.68 -27.71 -0.60
C PRO F 264 -28.69 -26.75 -0.01
N PRO F 265 -28.88 -25.58 -0.63
CA PRO F 265 -29.86 -24.64 -0.11
C PRO F 265 -31.28 -25.18 -0.27
N GLY F 266 -32.22 -24.46 0.35
CA GLY F 266 -33.63 -24.81 0.24
C GLY F 266 -34.05 -26.03 1.01
N CYS F 267 -33.21 -26.52 1.93
CA CYS F 267 -33.54 -27.69 2.73
C CYS F 267 -34.11 -27.33 4.11
N GLY F 268 -34.18 -26.05 4.44
CA GLY F 268 -34.71 -25.62 5.71
C GLY F 268 -33.68 -25.42 6.80
N LYS F 269 -32.41 -25.27 6.44
CA LYS F 269 -31.37 -25.11 7.45
C LYS F 269 -31.67 -23.93 8.37
N THR F 270 -32.09 -22.80 7.80
CA THR F 270 -32.46 -21.66 8.64
C THR F 270 -33.62 -22.03 9.57
N LEU F 271 -34.61 -22.77 9.03
CA LEU F 271 -35.73 -23.19 9.86
C LEU F 271 -35.27 -24.09 11.00
N LEU F 272 -34.36 -25.02 10.70
CA LEU F 272 -33.82 -25.89 11.76
C LEU F 272 -33.11 -25.06 12.81
N ALA F 273 -32.33 -24.06 12.39
CA ALA F 273 -31.61 -23.22 13.35
C ALA F 273 -32.59 -22.47 14.24
N ARG F 274 -33.62 -21.85 13.66
CA ARG F 274 -34.59 -21.14 14.48
C ARG F 274 -35.30 -22.09 15.43
N GLN F 275 -35.66 -23.27 14.96
CA GLN F 275 -36.40 -24.22 15.79
C GLN F 275 -35.55 -24.69 16.96
N ILE F 276 -34.29 -25.04 16.71
CA ILE F 276 -33.43 -25.49 17.79
C ILE F 276 -33.15 -24.37 18.77
N GLY F 277 -32.97 -23.14 18.27
CA GLY F 277 -32.78 -22.01 19.16
C GLY F 277 -34.00 -21.77 20.04
N LYS F 278 -35.19 -21.97 19.47
CA LYS F 278 -36.41 -21.71 20.24
C LYS F 278 -36.64 -22.78 21.28
N MET F 279 -36.39 -24.05 20.94
CA MET F 279 -36.64 -25.13 21.88
C MET F 279 -35.81 -24.97 23.15
N LEU F 280 -34.53 -24.64 22.99
CA LEU F 280 -33.69 -24.38 24.15
C LEU F 280 -34.04 -23.05 24.79
N ASN F 281 -34.09 -23.04 26.12
CA ASN F 281 -34.42 -21.83 26.87
C ASN F 281 -33.20 -20.92 26.86
N ALA F 282 -33.11 -20.07 25.83
CA ALA F 282 -31.99 -19.18 25.66
C ALA F 282 -32.50 -17.82 25.19
N ARG F 283 -31.58 -16.86 25.02
CA ARG F 283 -31.95 -15.48 24.61
C ARG F 283 -32.37 -15.47 23.13
N GLU F 284 -33.14 -14.48 22.70
CA GLU F 284 -33.55 -14.35 21.28
C GLU F 284 -32.28 -14.47 20.43
N PRO F 285 -32.24 -15.33 19.38
CA PRO F 285 -31.00 -15.55 18.63
C PRO F 285 -30.52 -14.33 17.81
N LYS F 286 -29.24 -13.97 17.93
CA LYS F 286 -28.64 -12.85 17.15
C LYS F 286 -27.94 -13.48 15.94
N VAL F 287 -27.90 -12.80 14.78
CA VAL F 287 -27.38 -13.37 13.51
C VAL F 287 -26.44 -12.39 12.80
N VAL F 288 -25.74 -12.84 11.74
CA VAL F 288 -24.80 -11.99 10.94
C VAL F 288 -24.80 -12.51 9.50
N ASN F 289 -24.40 -11.69 8.52
CA ASN F 289 -24.36 -12.08 7.09
C ASN F 289 -23.17 -13.01 6.84
N GLY F 290 -22.96 -13.46 5.60
CA GLY F 290 -21.89 -14.44 5.28
C GLY F 290 -20.57 -13.77 4.93
N PRO F 291 -20.48 -12.96 3.85
CA PRO F 291 -19.26 -12.23 3.53
C PRO F 291 -19.32 -10.71 3.80
N GLU F 292 -20.43 -10.15 4.31
CA GLU F 292 -20.46 -8.76 4.74
C GLU F 292 -19.43 -8.49 5.83
N ILE F 293 -19.05 -9.54 6.59
CA ILE F 293 -17.99 -9.38 7.57
C ILE F 293 -16.70 -8.91 6.92
N LEU F 294 -16.47 -9.30 5.66
CA LEU F 294 -15.29 -8.88 4.92
C LEU F 294 -15.64 -7.62 4.12
N ASN F 295 -15.64 -6.49 4.82
CA ASN F 295 -15.89 -5.19 4.20
C ASN F 295 -14.64 -4.72 3.46
N LYS F 296 -14.80 -3.65 2.68
CA LYS F 296 -13.67 -3.14 1.90
C LYS F 296 -12.79 -2.26 2.78
N TYR F 297 -12.43 -2.76 3.96
CA TYR F 297 -11.64 -2.00 4.90
C TYR F 297 -10.76 -2.95 5.69
N VAL F 298 -9.63 -2.42 6.17
CA VAL F 298 -8.73 -3.14 7.05
C VAL F 298 -8.91 -2.56 8.45
N GLY F 299 -9.36 -3.40 9.39
CA GLY F 299 -9.73 -2.99 10.73
C GLY F 299 -11.18 -3.19 11.07
N GLU F 300 -12.08 -3.06 10.08
CA GLU F 300 -13.49 -3.37 10.32
C GLU F 300 -13.66 -4.83 10.72
N SER F 301 -12.97 -5.74 10.03
CA SER F 301 -13.00 -7.16 10.36
C SER F 301 -12.53 -7.43 11.78
N GLU F 302 -12.00 -6.42 12.48
CA GLU F 302 -11.62 -6.51 13.87
C GLU F 302 -12.63 -5.83 14.78
N ALA F 303 -12.94 -4.56 14.48
CA ALA F 303 -13.85 -3.80 15.33
C ALA F 303 -15.23 -4.45 15.39
N ASN F 304 -15.81 -4.79 14.24
CA ASN F 304 -17.16 -5.34 14.24
C ASN F 304 -17.22 -6.70 14.95
N ILE F 305 -16.25 -7.57 14.69
CA ILE F 305 -16.25 -8.88 15.34
C ILE F 305 -16.08 -8.72 16.85
N ARG F 306 -15.16 -7.85 17.28
CA ARG F 306 -15.01 -7.61 18.70
C ARG F 306 -16.29 -7.02 19.27
N LYS F 307 -17.00 -6.20 18.49
CA LYS F 307 -18.27 -5.65 18.97
C LYS F 307 -19.26 -6.76 19.24
N LEU F 308 -19.38 -7.69 18.29
CA LEU F 308 -20.35 -8.77 18.45
C LEU F 308 -20.03 -9.60 19.68
N PHE F 309 -18.75 -9.93 19.89
CA PHE F 309 -18.40 -10.73 21.05
C PHE F 309 -18.53 -9.95 22.35
N ALA F 310 -18.12 -8.68 22.35
CA ALA F 310 -18.23 -7.85 23.55
C ALA F 310 -19.67 -7.64 23.94
N ASP F 311 -20.59 -7.66 22.98
CA ASP F 311 -22.00 -7.50 23.29
C ASP F 311 -22.42 -8.51 24.37
N ALA F 312 -22.02 -9.77 24.21
CA ALA F 312 -22.34 -10.79 25.21
C ALA F 312 -21.32 -10.81 26.35
N GLU F 313 -20.09 -10.38 26.09
CA GLU F 313 -19.09 -10.33 27.15
C GLU F 313 -19.50 -9.37 28.26
N GLU F 314 -20.07 -8.23 27.88
CA GLU F 314 -20.56 -7.27 28.87
C GLU F 314 -21.62 -7.91 29.74
N GLU F 315 -22.56 -8.62 29.14
CA GLU F 315 -23.60 -9.30 29.91
C GLU F 315 -22.99 -10.32 30.85
N GLN F 316 -22.02 -11.10 30.36
CA GLN F 316 -21.39 -12.10 31.21
C GLN F 316 -20.71 -11.44 32.41
N ARG F 317 -20.00 -10.34 32.17
CA ARG F 317 -19.35 -9.62 33.26
C ARG F 317 -20.37 -9.10 34.26
N ARG F 318 -21.42 -8.44 33.77
CA ARG F 318 -22.45 -7.90 34.65
C ARG F 318 -23.08 -9.00 35.50
N LEU F 319 -23.75 -9.95 34.84
CA LEU F 319 -24.44 -11.02 35.54
C LEU F 319 -23.48 -12.07 36.11
N GLY F 320 -22.21 -12.03 35.73
CA GLY F 320 -21.24 -12.95 36.25
C GLY F 320 -21.26 -14.29 35.54
N ALA F 321 -20.55 -15.25 36.11
CA ALA F 321 -20.51 -16.59 35.52
C ALA F 321 -21.91 -17.10 35.24
N ASN F 322 -22.77 -17.07 36.26
CA ASN F 322 -24.17 -17.43 36.06
C ASN F 322 -24.78 -16.47 35.05
N SER F 323 -25.28 -17.00 33.95
CA SER F 323 -25.81 -16.17 32.87
C SER F 323 -26.58 -17.05 31.90
N GLY F 324 -27.13 -16.41 30.86
CA GLY F 324 -27.84 -17.10 29.82
C GLY F 324 -26.93 -17.41 28.64
N LEU F 325 -27.40 -18.30 27.78
CA LEU F 325 -26.60 -18.75 26.64
C LEU F 325 -26.86 -17.86 25.44
N HIS F 326 -25.78 -17.42 24.78
CA HIS F 326 -25.84 -16.60 23.59
C HIS F 326 -25.60 -17.47 22.37
N ILE F 327 -26.44 -17.33 21.35
CA ILE F 327 -26.37 -18.13 20.14
C ILE F 327 -25.96 -17.22 18.99
N ILE F 328 -24.84 -17.56 18.35
CA ILE F 328 -24.32 -16.84 17.20
C ILE F 328 -24.37 -17.76 16.00
N ILE F 329 -24.88 -17.26 14.88
CA ILE F 329 -25.01 -18.02 13.64
C ILE F 329 -24.27 -17.26 12.55
N PHE F 330 -23.28 -17.90 11.94
CA PHE F 330 -22.51 -17.29 10.86
C PHE F 330 -22.45 -18.28 9.70
N ASP F 331 -22.52 -17.75 8.48
CA ASP F 331 -22.63 -18.56 7.27
C ASP F 331 -21.44 -18.34 6.36
N GLU F 332 -21.13 -19.36 5.56
CA GLU F 332 -20.07 -19.32 4.56
C GLU F 332 -18.70 -19.08 5.22
N ILE F 333 -18.37 -19.96 6.16
CA ILE F 333 -17.06 -19.89 6.80
C ILE F 333 -15.96 -20.17 5.80
N ASP F 334 -16.21 -21.07 4.84
CA ASP F 334 -15.17 -21.45 3.89
C ASP F 334 -14.60 -20.25 3.14
N ALA F 335 -15.43 -19.24 2.87
CA ALA F 335 -14.95 -18.08 2.13
C ALA F 335 -13.90 -17.32 2.93
N ILE F 336 -14.21 -17.00 4.19
CA ILE F 336 -13.28 -16.23 5.01
C ILE F 336 -12.08 -17.09 5.39
N CYS F 337 -12.31 -18.34 5.76
CA CYS F 337 -11.23 -19.24 6.16
C CYS F 337 -10.49 -19.70 4.91
N LYS F 338 -9.31 -19.13 4.67
CA LYS F 338 -8.50 -19.52 3.53
C LYS F 338 -7.11 -18.90 3.62
N THR F 347 -5.25 -11.75 0.63
CA THR F 347 -4.67 -13.06 0.90
C THR F 347 -4.29 -13.18 2.38
N GLY F 348 -3.83 -12.08 2.96
CA GLY F 348 -3.38 -12.08 4.34
C GLY F 348 -4.50 -11.74 5.31
N VAL F 349 -5.60 -11.17 4.79
CA VAL F 349 -6.73 -10.83 5.65
C VAL F 349 -7.35 -12.10 6.24
N HIS F 350 -7.36 -13.20 5.47
CA HIS F 350 -7.96 -14.44 5.94
C HIS F 350 -7.35 -14.88 7.26
N ASP F 351 -6.03 -14.90 7.34
CA ASP F 351 -5.36 -15.41 8.53
C ASP F 351 -5.68 -14.57 9.76
N THR F 352 -5.52 -13.26 9.65
CA THR F 352 -5.80 -12.39 10.78
C THR F 352 -7.26 -12.49 11.20
N VAL F 353 -8.17 -12.54 10.23
CA VAL F 353 -9.59 -12.62 10.57
C VAL F 353 -9.89 -13.91 11.31
N VAL F 354 -9.37 -15.04 10.81
CA VAL F 354 -9.66 -16.32 11.46
C VAL F 354 -9.04 -16.36 12.86
N ASN F 355 -7.82 -15.83 13.01
CA ASN F 355 -7.22 -15.82 14.34
C ASN F 355 -8.01 -14.96 15.32
N GLN F 356 -8.47 -13.79 14.87
CA GLN F 356 -9.23 -12.92 15.74
C GLN F 356 -10.56 -13.54 16.12
N LEU F 357 -11.21 -14.21 15.18
CA LEU F 357 -12.44 -14.95 15.50
C LEU F 357 -12.16 -16.08 16.48
N LEU F 358 -11.07 -16.81 16.27
CA LEU F 358 -10.75 -17.96 17.11
C LEU F 358 -10.37 -17.56 18.52
N SER F 359 -9.80 -16.36 18.69
CA SER F 359 -9.32 -15.95 20.00
C SER F 359 -10.40 -16.07 21.06
N LYS F 360 -11.62 -15.65 20.75
CA LYS F 360 -12.70 -15.69 21.72
C LYS F 360 -13.01 -17.13 22.14
N ILE F 361 -13.03 -18.05 21.17
CA ILE F 361 -13.38 -19.43 21.47
C ILE F 361 -12.26 -20.14 22.24
N ASP F 362 -11.01 -19.73 22.05
CA ASP F 362 -9.90 -20.41 22.69
C ASP F 362 -10.03 -20.42 24.22
N GLY F 363 -10.74 -19.44 24.78
CA GLY F 363 -10.87 -19.32 26.22
C GLY F 363 -10.05 -18.20 26.82
N VAL F 364 -9.30 -17.45 26.01
CA VAL F 364 -8.59 -16.29 26.53
C VAL F 364 -9.57 -15.30 27.15
N GLU F 365 -10.70 -15.09 26.47
CA GLU F 365 -11.74 -14.18 26.96
C GLU F 365 -12.60 -14.80 28.06
N GLN F 366 -12.49 -16.11 28.27
CA GLN F 366 -13.14 -16.85 29.35
C GLN F 366 -14.65 -16.97 29.16
N LEU F 367 -15.22 -16.37 28.12
CA LEU F 367 -16.66 -16.40 27.94
C LEU F 367 -17.15 -17.85 27.89
N ASN F 368 -18.19 -18.15 28.67
CA ASN F 368 -18.73 -19.50 28.77
C ASN F 368 -20.17 -19.59 28.29
N ASN F 369 -20.63 -18.59 27.53
CA ASN F 369 -21.98 -18.59 26.95
C ASN F 369 -21.86 -18.19 25.48
N ILE F 370 -21.63 -19.18 24.63
CA ILE F 370 -21.52 -18.97 23.18
C ILE F 370 -21.91 -20.25 22.48
N LEU F 371 -22.68 -20.12 21.40
CA LEU F 371 -23.14 -21.24 20.61
C LEU F 371 -22.95 -20.96 19.12
N VAL F 372 -21.73 -20.52 18.76
CA VAL F 372 -21.40 -20.23 17.37
C VAL F 372 -21.78 -21.40 16.49
N ILE F 373 -22.65 -21.16 15.52
CA ILE F 373 -23.07 -22.18 14.56
C ILE F 373 -22.55 -21.77 13.19
N GLY F 374 -21.70 -22.62 12.60
CA GLY F 374 -21.13 -22.37 11.30
C GLY F 374 -21.91 -23.07 10.22
N MET F 375 -22.39 -22.29 9.26
CA MET F 375 -23.17 -22.81 8.13
C MET F 375 -22.35 -22.61 6.86
N THR F 376 -22.11 -23.70 6.14
CA THR F 376 -21.31 -23.62 4.92
C THR F 376 -21.85 -24.63 3.91
N ASN F 377 -21.14 -24.76 2.79
CA ASN F 377 -21.44 -25.76 1.78
C ASN F 377 -20.22 -26.47 1.24
N ARG F 378 -19.00 -26.04 1.58
CA ARG F 378 -17.77 -26.64 1.08
C ARG F 378 -16.96 -27.23 2.23
N PRO F 379 -17.04 -28.54 2.47
CA PRO F 379 -16.19 -29.13 3.52
C PRO F 379 -14.71 -29.18 3.17
N ASP F 380 -14.35 -28.96 1.91
CA ASP F 380 -12.95 -28.99 1.50
C ASP F 380 -12.25 -27.64 1.62
N LEU F 381 -12.99 -26.58 1.94
CA LEU F 381 -12.44 -25.23 2.00
C LEU F 381 -12.57 -24.67 3.41
N ILE F 382 -12.25 -25.47 4.41
CA ILE F 382 -12.34 -25.07 5.81
C ILE F 382 -10.98 -25.33 6.47
N ASP F 383 -10.50 -24.35 7.23
CA ASP F 383 -9.21 -24.48 7.88
C ASP F 383 -9.23 -25.60 8.91
N GLU F 384 -8.18 -26.43 8.88
CA GLU F 384 -8.09 -27.52 9.85
C GLU F 384 -7.93 -27.00 11.27
N ALA F 385 -7.13 -25.95 11.45
CA ALA F 385 -6.86 -25.45 12.80
C ALA F 385 -8.14 -25.03 13.50
N LEU F 386 -9.01 -24.29 12.80
CA LEU F 386 -10.30 -23.94 13.38
C LEU F 386 -11.16 -25.17 13.63
N LEU F 387 -10.88 -26.28 12.95
CA LEU F 387 -11.61 -27.52 13.13
C LEU F 387 -11.01 -28.41 14.20
N ARG F 388 -9.96 -27.95 14.88
CA ARG F 388 -9.25 -28.79 15.83
C ARG F 388 -10.18 -29.20 16.98
N PRO F 389 -9.87 -30.31 17.66
CA PRO F 389 -10.73 -30.75 18.76
C PRO F 389 -10.87 -29.66 19.81
N GLY F 390 -12.07 -29.55 20.37
CA GLY F 390 -12.37 -28.53 21.35
C GLY F 390 -12.80 -27.20 20.78
N ARG F 391 -12.85 -27.08 19.45
CA ARG F 391 -13.27 -25.85 18.79
C ARG F 391 -14.58 -26.04 18.04
N LEU F 392 -14.62 -26.98 17.09
CA LEU F 392 -15.85 -27.44 16.44
C LEU F 392 -15.83 -28.96 16.54
N GLU F 393 -16.29 -29.48 17.68
CA GLU F 393 -16.12 -30.89 17.98
C GLU F 393 -17.06 -31.77 17.16
N VAL F 394 -18.30 -31.35 16.98
CA VAL F 394 -19.32 -32.14 16.31
C VAL F 394 -19.68 -31.47 15.00
N LYS F 395 -20.18 -32.28 14.07
CA LYS F 395 -20.59 -31.79 12.76
C LYS F 395 -21.68 -32.68 12.20
N MET F 396 -22.46 -32.14 11.27
CA MET F 396 -23.53 -32.89 10.64
C MET F 396 -23.81 -32.31 9.27
N GLU F 397 -24.40 -33.14 8.41
CA GLU F 397 -24.72 -32.77 7.04
C GLU F 397 -26.23 -32.75 6.86
N ILE F 398 -26.69 -31.88 5.96
CA ILE F 398 -28.10 -31.80 5.60
C ILE F 398 -28.26 -32.37 4.19
N GLY F 399 -29.14 -33.35 4.06
CA GLY F 399 -29.31 -34.05 2.80
C GLY F 399 -30.52 -33.60 2.01
N LEU F 400 -31.32 -34.56 1.58
CA LEU F 400 -32.47 -34.28 0.72
C LEU F 400 -33.68 -33.89 1.56
N PRO F 401 -34.65 -33.21 0.94
CA PRO F 401 -35.92 -32.95 1.65
C PRO F 401 -36.68 -34.22 1.99
N ASP F 402 -36.38 -35.33 1.31
CA ASP F 402 -36.99 -36.63 1.61
C ASP F 402 -38.44 -36.67 1.17
N GLU F 403 -38.87 -37.81 0.65
CA GLU F 403 -40.24 -37.91 0.13
C GLU F 403 -41.27 -37.72 1.23
N LYS F 404 -40.99 -38.23 2.44
CA LYS F 404 -41.96 -38.06 3.53
C LYS F 404 -41.95 -36.63 4.07
N GLY F 405 -40.77 -36.04 4.24
CA GLY F 405 -40.72 -34.63 4.56
C GLY F 405 -41.29 -33.77 3.45
N ARG F 406 -41.09 -34.20 2.21
CA ARG F 406 -41.72 -33.52 1.08
C ARG F 406 -43.25 -33.58 1.20
N LEU F 407 -43.78 -34.75 1.56
CA LEU F 407 -45.21 -34.88 1.80
C LEU F 407 -45.67 -33.93 2.91
N GLN F 408 -44.87 -33.82 3.96
CA GLN F 408 -45.28 -32.95 5.08
C GLN F 408 -45.31 -31.49 4.65
N ILE F 409 -44.29 -31.02 3.93
CA ILE F 409 -44.28 -29.64 3.47
C ILE F 409 -45.42 -29.39 2.51
N LEU F 410 -45.69 -30.35 1.61
CA LEU F 410 -46.81 -30.18 0.69
C LEU F 410 -48.13 -30.14 1.46
N HIS F 411 -48.28 -30.97 2.49
CA HIS F 411 -49.49 -30.92 3.31
C HIS F 411 -49.63 -29.56 3.98
N ILE F 412 -48.53 -29.00 4.49
CA ILE F 412 -48.59 -27.70 5.14
C ILE F 412 -49.03 -26.64 4.14
N HIS F 413 -48.41 -26.63 2.96
CA HIS F 413 -48.77 -25.64 1.96
C HIS F 413 -50.22 -25.79 1.51
N THR F 414 -50.66 -27.03 1.29
CA THR F 414 -52.02 -27.25 0.83
C THR F 414 -53.03 -26.92 1.92
N ALA F 415 -52.67 -27.09 3.19
CA ALA F 415 -53.55 -26.66 4.26
C ALA F 415 -53.65 -25.15 4.31
N ARG F 416 -52.52 -24.46 4.14
CA ARG F 416 -52.56 -23.00 4.09
C ARG F 416 -53.38 -22.52 2.89
N MET F 417 -53.41 -23.30 1.81
CA MET F 417 -54.26 -22.97 0.67
C MET F 417 -55.73 -23.21 1.00
N ARG F 418 -56.05 -24.40 1.52
CA ARG F 418 -57.43 -24.74 1.84
C ARG F 418 -57.99 -23.86 2.95
N GLY F 419 -57.12 -23.15 3.69
CA GLY F 419 -57.60 -22.17 4.64
C GLY F 419 -58.66 -21.26 4.05
N HIS F 420 -58.61 -21.06 2.73
CA HIS F 420 -59.63 -20.31 2.01
C HIS F 420 -60.43 -21.19 1.06
N GLN F 421 -60.34 -22.51 1.19
CA GLN F 421 -61.08 -23.46 0.36
C GLN F 421 -60.83 -23.26 -1.13
N LEU F 422 -59.76 -22.56 -1.48
CA LEU F 422 -59.50 -22.26 -2.89
C LEU F 422 -59.03 -23.50 -3.64
N LEU F 423 -58.35 -24.43 -2.96
CA LEU F 423 -57.90 -25.65 -3.59
C LEU F 423 -59.10 -26.52 -3.97
N SER F 424 -59.05 -27.10 -5.17
CA SER F 424 -60.13 -27.92 -5.68
C SER F 424 -59.99 -29.36 -5.20
N ALA F 425 -61.14 -30.04 -5.11
CA ALA F 425 -61.13 -31.42 -4.63
C ALA F 425 -60.31 -32.33 -5.52
N ASP F 426 -60.18 -31.98 -6.81
CA ASP F 426 -59.36 -32.78 -7.70
C ASP F 426 -57.90 -32.81 -7.27
N VAL F 427 -57.46 -31.82 -6.48
CA VAL F 427 -56.08 -31.77 -6.03
C VAL F 427 -55.85 -32.85 -4.97
N ASP F 428 -54.86 -33.70 -5.21
CA ASP F 428 -54.48 -34.75 -4.27
C ASP F 428 -52.97 -34.68 -4.06
N ILE F 429 -52.56 -34.63 -2.79
CA ILE F 429 -51.15 -34.42 -2.49
C ILE F 429 -50.32 -35.66 -2.82
N LYS F 430 -50.89 -36.85 -2.60
CA LYS F 430 -50.10 -38.08 -2.72
C LYS F 430 -49.49 -38.21 -4.12
N GLU F 431 -50.31 -38.10 -5.16
CA GLU F 431 -49.81 -38.28 -6.51
C GLU F 431 -48.80 -37.19 -6.86
N LEU F 432 -49.09 -35.94 -6.47
CA LEU F 432 -48.16 -34.85 -6.75
C LEU F 432 -46.80 -35.12 -6.12
N ALA F 433 -46.79 -35.49 -4.83
CA ALA F 433 -45.54 -35.78 -4.15
C ALA F 433 -44.81 -36.94 -4.81
N VAL F 434 -45.56 -37.97 -5.22
CA VAL F 434 -44.93 -39.10 -5.91
C VAL F 434 -44.24 -38.62 -7.19
N GLU F 435 -44.90 -37.77 -7.96
CA GLU F 435 -44.32 -37.30 -9.21
C GLU F 435 -43.07 -36.47 -8.96
N THR F 436 -43.16 -35.46 -8.10
CA THR F 436 -42.02 -34.60 -7.83
C THR F 436 -40.92 -35.36 -7.10
N LYS F 437 -39.69 -35.17 -7.54
CA LYS F 437 -38.54 -35.86 -6.95
C LYS F 437 -37.39 -34.87 -6.76
N ASN F 438 -36.93 -34.75 -5.52
CA ASN F 438 -35.83 -33.86 -5.16
C ASN F 438 -36.11 -32.42 -5.60
N PHE F 439 -37.21 -31.81 -5.13
CA PHE F 439 -37.52 -30.40 -5.29
C PHE F 439 -37.32 -29.75 -3.94
N SER F 440 -36.22 -28.99 -3.80
CA SER F 440 -35.95 -28.31 -2.55
C SER F 440 -37.10 -27.36 -2.22
N GLY F 441 -37.17 -26.97 -0.96
CA GLY F 441 -38.20 -26.02 -0.56
C GLY F 441 -38.33 -24.87 -1.51
N ALA F 442 -37.20 -24.37 -2.03
CA ALA F 442 -37.27 -23.33 -3.04
C ALA F 442 -38.01 -23.82 -4.27
N GLU F 443 -37.68 -25.04 -4.74
CA GLU F 443 -38.33 -25.53 -5.95
C GLU F 443 -39.80 -25.79 -5.74
N LEU F 444 -40.18 -26.35 -4.58
CA LEU F 444 -41.58 -26.62 -4.33
C LEU F 444 -42.36 -25.33 -4.17
N GLU F 445 -41.75 -24.31 -3.56
CA GLU F 445 -42.45 -23.04 -3.47
C GLU F 445 -42.56 -22.40 -4.85
N GLY F 446 -41.53 -22.58 -5.68
CA GLY F 446 -41.60 -22.13 -7.06
C GLY F 446 -42.72 -22.83 -7.81
N LEU F 447 -42.89 -24.13 -7.54
CA LEU F 447 -43.98 -24.88 -8.17
C LEU F 447 -45.34 -24.37 -7.72
N VAL F 448 -45.45 -24.00 -6.43
CA VAL F 448 -46.68 -23.38 -5.92
C VAL F 448 -46.95 -22.07 -6.67
N ARG F 449 -45.91 -21.24 -6.83
CA ARG F 449 -46.06 -20.00 -7.58
C ARG F 449 -46.45 -20.27 -9.03
N ALA F 450 -45.98 -21.39 -9.57
CA ALA F 450 -46.28 -21.83 -10.96
C ALA F 450 -47.76 -22.14 -11.09
N ALA F 451 -48.30 -23.01 -10.24
CA ALA F 451 -49.74 -23.33 -10.25
C ALA F 451 -50.52 -22.02 -10.19
N GLN F 452 -50.22 -21.18 -9.20
CA GLN F 452 -50.97 -19.92 -9.03
C GLN F 452 -51.01 -19.20 -10.36
N SER F 453 -49.84 -18.93 -10.95
CA SER F 453 -49.71 -18.16 -12.22
C SER F 453 -50.53 -18.80 -13.32
N THR F 454 -50.36 -20.10 -13.59
CA THR F 454 -51.06 -20.76 -14.71
C THR F 454 -52.54 -20.52 -14.49
N ALA F 455 -53.05 -20.82 -13.29
CA ALA F 455 -54.50 -20.71 -13.01
C ALA F 455 -54.97 -19.27 -13.22
N MET F 456 -54.26 -18.29 -12.67
CA MET F 456 -54.72 -16.88 -12.75
C MET F 456 -54.73 -16.45 -14.21
N ASN F 457 -53.72 -16.82 -14.99
CA ASN F 457 -53.64 -16.45 -16.42
C ASN F 457 -54.85 -17.03 -17.12
N ARG F 458 -55.11 -18.33 -16.91
CA ARG F 458 -56.28 -19.00 -17.52
C ARG F 458 -57.52 -18.19 -17.18
N HIS F 459 -57.75 -17.88 -15.90
CA HIS F 459 -58.94 -17.15 -15.42
C HIS F 459 -59.07 -15.76 -16.09
N ILE F 460 -57.99 -14.98 -16.18
CA ILE F 460 -58.06 -13.61 -16.75
C ILE F 460 -58.42 -13.76 -18.23
N LYS F 461 -57.86 -14.77 -18.90
CA LYS F 461 -58.18 -15.01 -20.32
C LYS F 461 -59.68 -15.28 -20.38
N ALA F 462 -60.18 -16.20 -19.55
CA ALA F 462 -61.60 -16.59 -19.51
C ALA F 462 -62.47 -15.32 -19.50
N MET F 470 -67.06 -11.16 -13.54
CA MET F 470 -66.48 -11.33 -12.22
C MET F 470 -66.86 -12.71 -11.66
N GLU F 471 -67.87 -13.33 -12.27
CA GLU F 471 -68.26 -14.67 -11.84
C GLU F 471 -67.10 -15.64 -11.91
N LYS F 472 -66.18 -15.43 -12.85
CA LYS F 472 -64.99 -16.28 -12.93
C LYS F 472 -64.14 -16.16 -11.67
N ALA F 473 -64.01 -14.95 -11.13
CA ALA F 473 -63.26 -14.76 -9.90
C ALA F 473 -63.88 -15.56 -8.75
N GLU F 474 -65.21 -15.53 -8.64
CA GLU F 474 -65.88 -16.36 -7.65
C GLU F 474 -65.66 -17.83 -7.93
N SER F 475 -65.61 -18.21 -9.21
CA SER F 475 -65.41 -19.60 -9.60
C SER F 475 -63.95 -19.96 -9.80
N LEU F 476 -63.03 -19.03 -9.53
CA LEU F 476 -61.61 -19.30 -9.71
C LEU F 476 -61.20 -20.50 -8.85
N GLN F 477 -60.87 -21.62 -9.48
CA GLN F 477 -60.41 -22.80 -8.79
C GLN F 477 -59.26 -23.41 -9.59
N VAL F 478 -58.33 -24.03 -8.88
CA VAL F 478 -57.14 -24.62 -9.48
C VAL F 478 -57.36 -26.12 -9.60
N THR F 479 -57.07 -26.65 -10.78
CA THR F 479 -57.29 -28.06 -11.10
C THR F 479 -55.97 -28.77 -11.32
N ARG F 480 -56.05 -30.09 -11.48
CA ARG F 480 -54.86 -30.90 -11.66
C ARG F 480 -54.08 -30.48 -12.91
N GLY F 481 -54.81 -30.08 -13.96
CA GLY F 481 -54.13 -29.66 -15.18
C GLY F 481 -53.19 -28.49 -14.94
N ASP F 482 -53.59 -27.55 -14.09
CA ASP F 482 -52.71 -26.43 -13.75
C ASP F 482 -51.39 -26.93 -13.18
N PHE F 483 -51.46 -27.82 -12.19
CA PHE F 483 -50.24 -28.34 -11.56
C PHE F 483 -49.39 -29.09 -12.57
N LEU F 484 -50.01 -29.94 -13.39
CA LEU F 484 -49.24 -30.72 -14.34
C LEU F 484 -48.54 -29.82 -15.36
N ALA F 485 -49.26 -28.83 -15.89
CA ALA F 485 -48.65 -27.91 -16.84
C ALA F 485 -47.51 -27.14 -16.20
N SER F 486 -47.71 -26.64 -14.98
CA SER F 486 -46.66 -25.89 -14.31
C SER F 486 -45.43 -26.75 -14.07
N LEU F 487 -45.65 -28.00 -13.63
CA LEU F 487 -44.52 -28.90 -13.39
C LEU F 487 -43.77 -29.19 -14.67
N GLU F 488 -44.48 -29.42 -15.77
CA GLU F 488 -43.83 -29.76 -17.03
C GLU F 488 -43.19 -28.56 -17.71
N ASN F 489 -43.62 -27.34 -17.39
CA ASN F 489 -43.16 -26.15 -18.12
C ASN F 489 -42.06 -25.40 -17.37
N ASP F 490 -42.33 -24.96 -16.14
CA ASP F 490 -41.48 -24.00 -15.46
C ASP F 490 -40.46 -24.63 -14.52
N ILE F 491 -40.86 -25.64 -13.75
CA ILE F 491 -39.99 -26.22 -12.74
C ILE F 491 -39.18 -27.34 -13.36
N LYS F 492 -37.92 -27.44 -12.95
CA LYS F 492 -37.02 -28.49 -13.42
C LYS F 492 -36.61 -29.40 -12.27
N PRO F 493 -36.68 -30.71 -12.42
CA PRO F 493 -36.29 -31.60 -11.31
C PRO F 493 -34.79 -31.57 -11.07
N ALA F 494 -34.40 -31.94 -9.85
CA ALA F 494 -33.01 -32.07 -9.49
C ALA F 494 -32.51 -33.51 -9.55
N PHE F 495 -33.38 -34.49 -9.22
CA PHE F 495 -33.01 -35.90 -9.28
C PHE F 495 -34.21 -36.71 -9.77
N GLY F 496 -34.28 -36.89 -11.08
CA GLY F 496 -35.16 -37.89 -11.67
C GLY F 496 -34.47 -38.57 -12.84
N THR F 497 -34.15 -39.85 -12.71
CA THR F 497 -33.39 -40.54 -13.74
C THR F 497 -33.99 -41.88 -14.16
N ASN F 498 -34.58 -42.63 -13.22
CA ASN F 498 -34.92 -44.02 -13.49
C ASN F 498 -35.93 -44.15 -14.63
N GLN F 499 -36.95 -43.30 -14.64
CA GLN F 499 -38.00 -43.43 -15.65
C GLN F 499 -37.44 -43.23 -17.05
N GLU F 500 -36.62 -42.20 -17.25
CA GLU F 500 -36.05 -41.95 -18.57
C GLU F 500 -35.11 -43.08 -18.97
N ASP F 501 -34.34 -43.61 -18.03
CA ASP F 501 -33.45 -44.72 -18.35
C ASP F 501 -34.25 -45.94 -18.81
N TYR F 502 -35.26 -46.33 -18.03
CA TYR F 502 -36.07 -47.48 -18.40
C TYR F 502 -36.72 -47.28 -19.77
N ALA F 503 -37.29 -46.10 -20.01
CA ALA F 503 -37.92 -45.83 -21.29
C ALA F 503 -36.91 -45.93 -22.42
N SER F 504 -35.76 -45.26 -22.28
CA SER F 504 -34.77 -45.22 -23.34
C SER F 504 -34.24 -46.60 -23.68
N TYR F 505 -33.92 -47.40 -22.66
CA TYR F 505 -33.31 -48.70 -22.93
C TYR F 505 -34.36 -49.71 -23.40
N ILE F 506 -35.50 -49.78 -22.72
CA ILE F 506 -36.61 -50.63 -23.16
C ILE F 506 -37.52 -49.76 -24.01
N MET F 507 -37.41 -49.89 -25.33
CA MET F 507 -38.11 -49.02 -26.26
C MET F 507 -39.35 -49.67 -26.87
N ASN F 508 -39.24 -50.91 -27.34
CA ASN F 508 -40.34 -51.59 -28.01
C ASN F 508 -40.98 -52.66 -27.14
N GLY F 509 -40.76 -52.61 -25.83
CA GLY F 509 -41.32 -53.60 -24.94
C GLY F 509 -40.77 -54.98 -25.21
N ILE F 510 -41.11 -55.94 -24.36
CA ILE F 510 -40.65 -57.31 -24.48
C ILE F 510 -41.74 -58.13 -25.16
N ILE F 511 -41.39 -58.78 -26.26
CA ILE F 511 -42.34 -59.55 -27.07
C ILE F 511 -41.94 -61.01 -26.96
N LYS F 512 -42.68 -61.77 -26.16
CA LYS F 512 -42.40 -63.20 -26.02
C LYS F 512 -42.45 -63.90 -27.36
N TRP F 513 -41.44 -64.72 -27.64
CA TRP F 513 -41.41 -65.52 -28.85
C TRP F 513 -40.96 -66.94 -28.60
N GLY F 514 -40.69 -67.33 -27.37
CA GLY F 514 -40.26 -68.69 -27.08
C GLY F 514 -40.00 -68.86 -25.60
N ASP F 515 -39.53 -70.05 -25.27
CA ASP F 515 -39.22 -70.44 -23.89
C ASP F 515 -38.08 -69.61 -23.30
N PRO F 516 -36.99 -69.38 -24.04
CA PRO F 516 -35.80 -68.78 -23.42
C PRO F 516 -36.08 -67.50 -22.66
N VAL F 517 -36.98 -66.66 -23.16
CA VAL F 517 -37.31 -65.43 -22.43
C VAL F 517 -37.88 -65.77 -21.07
N THR F 518 -38.78 -66.75 -21.02
CA THR F 518 -39.40 -67.15 -19.77
C THR F 518 -38.36 -67.75 -18.83
N ARG F 519 -37.45 -68.55 -19.38
CA ARG F 519 -36.38 -69.13 -18.57
C ARG F 519 -35.53 -68.03 -17.93
N VAL F 520 -35.14 -67.05 -18.74
CA VAL F 520 -34.30 -65.97 -18.23
C VAL F 520 -35.04 -65.20 -17.14
N LEU F 521 -36.32 -64.90 -17.38
CA LEU F 521 -37.08 -64.12 -16.42
C LEU F 521 -37.21 -64.87 -15.10
N ASP F 522 -37.53 -66.17 -15.16
CA ASP F 522 -37.68 -66.95 -13.94
C ASP F 522 -36.35 -67.05 -13.19
N ASP F 523 -35.25 -67.29 -13.90
CA ASP F 523 -33.96 -67.36 -13.24
C ASP F 523 -33.60 -66.04 -12.56
N GLY F 524 -33.85 -64.93 -13.26
CA GLY F 524 -33.58 -63.63 -12.65
C GLY F 524 -34.42 -63.40 -11.41
N GLU F 525 -35.70 -63.75 -11.46
CA GLU F 525 -36.55 -63.58 -10.29
C GLU F 525 -36.05 -64.42 -9.12
N LEU F 526 -35.63 -65.66 -9.40
CA LEU F 526 -35.11 -66.51 -8.34
C LEU F 526 -33.83 -65.92 -7.74
N LEU F 527 -32.95 -65.38 -8.57
CA LEU F 527 -31.74 -64.76 -8.06
C LEU F 527 -32.08 -63.55 -7.19
N VAL F 528 -33.03 -62.73 -7.62
CA VAL F 528 -33.44 -61.57 -6.83
C VAL F 528 -33.98 -62.03 -5.49
N GLN F 529 -34.81 -63.08 -5.49
CA GLN F 529 -35.35 -63.58 -4.23
C GLN F 529 -34.23 -64.06 -3.31
N GLN F 530 -33.28 -64.83 -3.85
CA GLN F 530 -32.22 -65.36 -3.01
C GLN F 530 -31.39 -64.24 -2.40
N THR F 531 -31.06 -63.22 -3.19
CA THR F 531 -30.30 -62.10 -2.62
C THR F 531 -31.15 -61.28 -1.65
N LYS F 532 -32.48 -61.30 -1.83
CA LYS F 532 -33.34 -60.45 -1.02
C LYS F 532 -33.28 -60.85 0.46
N ASN F 533 -33.47 -62.13 0.75
CA ASN F 533 -33.54 -62.64 2.12
C ASN F 533 -32.51 -63.76 2.25
N SER F 534 -31.30 -63.40 2.68
CA SER F 534 -30.23 -64.37 2.81
C SER F 534 -29.20 -63.84 3.81
N ASP F 535 -28.39 -64.76 4.33
CA ASP F 535 -27.29 -64.43 5.22
C ASP F 535 -26.02 -65.07 4.67
N ARG F 536 -24.90 -64.80 5.36
CA ARG F 536 -23.61 -65.42 5.07
C ARG F 536 -23.21 -65.27 3.60
N THR F 537 -23.89 -64.41 2.86
CA THR F 537 -23.59 -64.19 1.45
C THR F 537 -24.16 -62.85 1.02
N PRO F 538 -23.48 -61.74 1.31
CA PRO F 538 -24.04 -60.42 0.99
C PRO F 538 -23.86 -60.00 -0.46
N LEU F 539 -23.04 -60.71 -1.23
CA LEU F 539 -22.71 -60.34 -2.60
C LEU F 539 -23.24 -61.40 -3.55
N VAL F 540 -24.01 -60.97 -4.55
CA VAL F 540 -24.51 -61.85 -5.60
C VAL F 540 -24.18 -61.22 -6.95
N SER F 541 -23.67 -62.03 -7.88
CA SER F 541 -23.28 -61.55 -9.19
C SER F 541 -23.76 -62.53 -10.25
N VAL F 542 -24.12 -61.98 -11.42
CA VAL F 542 -24.56 -62.76 -12.56
C VAL F 542 -23.94 -62.17 -13.82
N LEU F 543 -23.90 -62.96 -14.88
CA LEU F 543 -23.40 -62.53 -16.17
C LEU F 543 -24.36 -62.96 -17.26
N LEU F 544 -24.73 -62.02 -18.12
CA LEU F 544 -25.56 -62.30 -19.30
C LEU F 544 -24.70 -62.18 -20.55
N GLU F 545 -24.66 -63.24 -21.33
CA GLU F 545 -23.84 -63.30 -22.54
C GLU F 545 -24.69 -63.74 -23.72
N GLY F 546 -24.28 -63.31 -24.91
CA GLY F 546 -24.95 -63.72 -26.12
C GLY F 546 -24.35 -63.08 -27.36
N PRO F 547 -24.73 -63.59 -28.52
CA PRO F 547 -24.23 -63.04 -29.78
C PRO F 547 -24.72 -61.60 -29.97
N PRO F 548 -24.10 -60.84 -30.86
CA PRO F 548 -24.47 -59.43 -31.00
C PRO F 548 -25.92 -59.27 -31.44
N HIS F 549 -26.54 -58.19 -31.00
CA HIS F 549 -27.92 -57.82 -31.33
C HIS F 549 -28.94 -58.79 -30.79
N SER F 550 -28.55 -59.70 -29.90
CA SER F 550 -29.43 -60.74 -29.39
C SER F 550 -30.42 -60.23 -28.34
N GLY F 551 -30.54 -58.91 -28.15
CA GLY F 551 -31.48 -58.39 -27.19
C GLY F 551 -31.08 -58.73 -25.77
N LYS F 552 -29.91 -58.25 -25.35
CA LYS F 552 -29.37 -58.52 -24.03
C LYS F 552 -29.59 -57.37 -23.04
N THR F 553 -29.38 -56.14 -23.47
CA THR F 553 -29.55 -55.01 -22.56
C THR F 553 -30.98 -54.89 -22.08
N ALA F 554 -31.95 -55.07 -22.98
CA ALA F 554 -33.35 -54.92 -22.61
C ALA F 554 -33.75 -55.95 -21.55
N LEU F 555 -33.28 -57.19 -21.69
CA LEU F 555 -33.61 -58.21 -20.70
C LEU F 555 -33.05 -57.83 -19.33
N ALA F 556 -31.83 -57.30 -19.29
CA ALA F 556 -31.26 -56.87 -18.02
C ALA F 556 -32.08 -55.74 -17.41
N ALA F 557 -32.51 -54.78 -18.23
CA ALA F 557 -33.33 -53.69 -17.72
C ALA F 557 -34.64 -54.22 -17.15
N LYS F 558 -35.28 -55.15 -17.87
CA LYS F 558 -36.53 -55.72 -17.39
C LYS F 558 -36.32 -56.44 -16.07
N ILE F 559 -35.25 -57.23 -15.97
CA ILE F 559 -34.96 -57.93 -14.72
C ILE F 559 -34.78 -56.94 -13.59
N ALA F 560 -34.04 -55.86 -13.84
CA ALA F 560 -33.81 -54.87 -12.80
C ALA F 560 -35.12 -54.24 -12.36
N GLU F 561 -36.00 -53.93 -13.31
CA GLU F 561 -37.26 -53.27 -12.96
C GLU F 561 -38.21 -54.22 -12.24
N GLU F 562 -38.14 -55.52 -12.53
CA GLU F 562 -39.07 -56.46 -11.91
C GLU F 562 -39.01 -56.40 -10.39
N SER F 563 -37.81 -56.29 -9.84
CA SER F 563 -37.68 -56.14 -8.40
C SER F 563 -38.12 -54.74 -7.97
N ASN F 564 -38.39 -54.59 -6.68
CA ASN F 564 -38.83 -53.33 -6.08
C ASN F 564 -37.77 -52.78 -5.14
N PHE F 565 -36.50 -52.89 -5.52
CA PHE F 565 -35.43 -52.38 -4.68
C PHE F 565 -35.53 -50.87 -4.55
N PRO F 566 -35.30 -50.30 -3.36
CA PRO F 566 -35.37 -48.84 -3.24
C PRO F 566 -34.40 -48.10 -4.14
N PHE F 567 -33.20 -48.65 -4.34
CA PHE F 567 -32.14 -47.97 -5.09
C PHE F 567 -31.80 -48.77 -6.34
N ILE F 568 -31.74 -48.06 -7.48
CA ILE F 568 -31.39 -48.66 -8.75
C ILE F 568 -30.57 -47.64 -9.53
N LYS F 569 -29.81 -48.13 -10.50
CA LYS F 569 -29.01 -47.24 -11.34
C LYS F 569 -28.53 -48.03 -12.54
N ILE F 570 -28.22 -47.32 -13.62
CA ILE F 570 -27.67 -47.90 -14.84
C ILE F 570 -26.40 -47.14 -15.20
N CYS F 571 -25.27 -47.86 -15.25
CA CYS F 571 -24.00 -47.31 -15.68
C CYS F 571 -23.68 -47.84 -17.07
N SER F 572 -23.64 -46.94 -18.05
CA SER F 572 -23.40 -47.31 -19.43
C SER F 572 -22.31 -46.43 -20.01
N PRO F 573 -21.58 -46.93 -21.02
CA PRO F 573 -20.47 -46.13 -21.58
C PRO F 573 -20.94 -44.90 -22.33
N ASP F 574 -22.21 -44.81 -22.71
CA ASP F 574 -22.66 -43.74 -23.58
C ASP F 574 -22.50 -42.35 -22.96
N LYS F 575 -22.38 -42.27 -21.64
CA LYS F 575 -22.30 -40.99 -20.94
C LYS F 575 -20.88 -40.61 -20.55
N MET F 576 -19.88 -41.30 -21.12
CA MET F 576 -18.48 -41.05 -20.79
C MET F 576 -17.65 -40.81 -22.06
N ILE F 577 -18.29 -40.37 -23.13
CA ILE F 577 -17.59 -40.22 -24.41
C ILE F 577 -16.40 -39.30 -24.24
N GLY F 578 -15.25 -39.72 -24.75
CA GLY F 578 -14.04 -38.93 -24.72
C GLY F 578 -13.35 -38.88 -23.37
N PHE F 579 -13.85 -39.61 -22.37
CA PHE F 579 -13.23 -39.61 -21.06
C PHE F 579 -11.88 -40.31 -21.12
N SER F 580 -11.13 -40.17 -20.03
CA SER F 580 -9.91 -40.93 -19.80
C SER F 580 -10.17 -41.99 -18.74
N GLU F 581 -9.30 -43.00 -18.69
CA GLU F 581 -9.51 -44.12 -17.79
C GLU F 581 -9.74 -43.65 -16.36
N THR F 582 -9.01 -42.63 -15.91
CA THR F 582 -9.17 -42.15 -14.55
C THR F 582 -10.57 -41.61 -14.31
N ALA F 583 -11.12 -40.87 -15.28
CA ALA F 583 -12.48 -40.39 -15.14
C ALA F 583 -13.46 -41.56 -15.05
N LYS F 584 -13.24 -42.59 -15.87
CA LYS F 584 -14.11 -43.76 -15.84
C LYS F 584 -14.11 -44.39 -14.45
N CYS F 585 -12.90 -44.60 -13.89
CA CYS F 585 -12.82 -45.24 -12.58
C CYS F 585 -13.45 -44.37 -11.51
N GLN F 586 -13.26 -43.05 -11.59
CA GLN F 586 -13.89 -42.15 -10.63
C GLN F 586 -15.42 -42.27 -10.68
N ALA F 587 -15.97 -42.25 -11.90
CA ALA F 587 -17.42 -42.36 -12.04
C ALA F 587 -17.93 -43.68 -11.48
N MET F 588 -17.24 -44.78 -11.81
CA MET F 588 -17.68 -46.08 -11.31
C MET F 588 -17.62 -46.14 -9.80
N LYS F 589 -16.53 -45.63 -9.21
CA LYS F 589 -16.39 -45.63 -7.77
C LYS F 589 -17.51 -44.83 -7.11
N LYS F 590 -17.83 -43.66 -7.65
CA LYS F 590 -18.91 -42.85 -7.09
C LYS F 590 -20.23 -43.59 -7.15
N ILE F 591 -20.56 -44.15 -8.32
CA ILE F 591 -21.81 -44.88 -8.47
C ILE F 591 -21.88 -45.99 -7.42
N PHE F 592 -20.79 -46.75 -7.27
CA PHE F 592 -20.81 -47.85 -6.32
C PHE F 592 -20.98 -47.36 -4.89
N ASP F 593 -20.26 -46.31 -4.49
CA ASP F 593 -20.35 -45.84 -3.13
C ASP F 593 -21.78 -45.42 -2.82
N ASP F 594 -22.47 -44.87 -3.84
CA ASP F 594 -23.82 -44.40 -3.63
C ASP F 594 -24.69 -45.53 -3.13
N ALA F 595 -24.65 -46.67 -3.83
CA ALA F 595 -25.52 -47.77 -3.45
C ALA F 595 -25.02 -48.45 -2.18
N TYR F 596 -23.69 -48.48 -1.97
CA TYR F 596 -23.19 -49.00 -0.69
C TYR F 596 -23.89 -48.29 0.47
N LYS F 597 -24.16 -47.00 0.33
CA LYS F 597 -24.77 -46.26 1.44
C LYS F 597 -26.05 -46.92 1.93
N SER F 598 -26.96 -47.29 1.02
CA SER F 598 -28.27 -47.79 1.41
C SER F 598 -28.22 -49.30 1.66
N GLN F 599 -29.38 -49.92 1.90
CA GLN F 599 -29.43 -51.35 2.21
C GLN F 599 -29.45 -52.20 0.95
N LEU F 600 -30.65 -52.61 0.50
CA LEU F 600 -30.75 -53.47 -0.66
C LEU F 600 -30.76 -52.63 -1.92
N SER F 601 -29.91 -52.98 -2.89
CA SER F 601 -29.84 -52.23 -4.13
C SER F 601 -29.34 -53.13 -5.24
N CYS F 602 -29.57 -52.70 -6.47
CA CYS F 602 -29.16 -53.45 -7.66
C CYS F 602 -28.53 -52.49 -8.65
N VAL F 603 -27.44 -52.93 -9.28
CA VAL F 603 -26.71 -52.13 -10.24
C VAL F 603 -26.55 -52.92 -11.53
N VAL F 604 -26.51 -52.21 -12.65
CA VAL F 604 -26.42 -52.82 -13.96
C VAL F 604 -25.31 -52.13 -14.74
N VAL F 605 -24.47 -52.91 -15.40
CA VAL F 605 -23.46 -52.42 -16.33
C VAL F 605 -23.58 -53.23 -17.61
N ASP F 606 -23.56 -52.56 -18.74
CA ASP F 606 -23.76 -53.23 -20.03
C ASP F 606 -22.60 -52.94 -20.98
N ASP F 607 -22.34 -53.90 -21.85
CA ASP F 607 -21.25 -53.82 -22.82
C ASP F 607 -19.91 -53.64 -22.11
N ILE F 608 -19.57 -54.64 -21.30
CA ILE F 608 -18.31 -54.62 -20.55
C ILE F 608 -17.13 -54.43 -21.50
N GLU F 609 -17.15 -55.14 -22.64
CA GLU F 609 -16.04 -55.04 -23.57
C GLU F 609 -15.85 -53.62 -24.11
N ARG F 610 -16.86 -52.75 -23.97
CA ARG F 610 -16.65 -51.34 -24.30
C ARG F 610 -16.17 -50.56 -23.09
N LEU F 611 -16.75 -50.81 -21.91
CA LEU F 611 -16.41 -50.04 -20.73
C LEU F 611 -14.89 -50.01 -20.56
N LEU F 612 -14.26 -51.18 -20.62
CA LEU F 612 -12.82 -51.28 -20.79
C LEU F 612 -12.54 -51.43 -22.28
N ASP F 613 -11.75 -50.51 -22.83
CA ASP F 613 -11.52 -50.50 -24.27
C ASP F 613 -10.94 -51.82 -24.72
N TYR F 614 -11.44 -52.34 -25.84
CA TYR F 614 -10.89 -53.56 -26.43
C TYR F 614 -10.87 -53.43 -27.94
N VAL F 615 -9.86 -54.06 -28.55
CA VAL F 615 -9.69 -54.06 -29.99
C VAL F 615 -8.96 -55.36 -30.37
N PRO F 616 -9.56 -56.23 -31.21
CA PRO F 616 -8.90 -57.50 -31.50
C PRO F 616 -7.43 -57.37 -31.87
N ILE F 617 -7.07 -56.33 -32.62
CA ILE F 617 -5.68 -56.14 -32.98
C ILE F 617 -4.86 -55.79 -31.74
N GLY F 618 -3.65 -56.33 -31.67
CA GLY F 618 -2.81 -56.25 -30.50
C GLY F 618 -2.88 -57.45 -29.59
N PRO F 619 -3.95 -57.62 -28.80
CA PRO F 619 -5.07 -56.69 -28.51
C PRO F 619 -4.62 -55.51 -27.67
N ARG F 620 -5.51 -54.56 -27.39
CA ARG F 620 -5.21 -53.45 -26.51
C ARG F 620 -6.37 -53.23 -25.55
N PHE F 621 -6.08 -52.67 -24.39
CA PHE F 621 -7.11 -52.37 -23.39
C PHE F 621 -6.47 -51.67 -22.21
N SER F 622 -7.32 -51.02 -21.41
CA SER F 622 -6.87 -50.25 -20.25
C SER F 622 -6.86 -51.16 -19.03
N ASN F 623 -5.66 -51.58 -18.64
CA ASN F 623 -5.50 -52.53 -17.50
C ASN F 623 -6.14 -51.96 -16.25
N LEU F 624 -6.05 -50.66 -16.05
CA LEU F 624 -6.48 -50.05 -14.80
C LEU F 624 -7.96 -50.28 -14.55
N VAL F 625 -8.79 -50.07 -15.58
CA VAL F 625 -10.22 -50.31 -15.44
C VAL F 625 -10.48 -51.78 -15.12
N LEU F 626 -9.72 -52.68 -15.74
CA LEU F 626 -9.90 -54.10 -15.47
C LEU F 626 -9.65 -54.42 -14.01
N GLN F 627 -8.54 -53.87 -13.48
CA GLN F 627 -8.22 -54.07 -12.06
C GLN F 627 -9.40 -53.53 -11.26
N ALA F 628 -9.81 -52.29 -11.49
CA ALA F 628 -10.86 -51.68 -10.69
C ALA F 628 -12.10 -52.56 -10.66
N LEU F 629 -12.54 -53.04 -11.82
CA LEU F 629 -13.73 -53.88 -11.87
C LEU F 629 -13.51 -55.18 -11.11
N LEU F 630 -12.33 -55.79 -11.27
CA LEU F 630 -12.05 -57.03 -10.56
C LEU F 630 -12.17 -56.83 -9.05
N VAL F 631 -11.55 -55.76 -8.53
CA VAL F 631 -11.59 -55.53 -7.09
C VAL F 631 -13.02 -55.26 -6.63
N LEU F 632 -13.73 -54.35 -7.31
CA LEU F 632 -15.07 -54.01 -6.85
C LEU F 632 -16.03 -55.19 -6.91
N LEU F 633 -15.87 -56.10 -7.86
CA LEU F 633 -16.87 -57.14 -8.04
C LEU F 633 -16.92 -58.12 -6.87
N LYS F 634 -15.94 -58.09 -5.97
CA LYS F 634 -15.90 -59.01 -4.82
C LYS F 634 -15.60 -58.26 -3.54
N LYS F 635 -16.27 -57.13 -3.31
CA LYS F 635 -16.10 -56.33 -2.08
C LYS F 635 -17.42 -56.31 -1.31
N ALA F 636 -17.44 -56.85 -0.09
CA ALA F 636 -18.65 -56.91 0.70
C ALA F 636 -19.23 -55.52 0.91
N PRO F 637 -20.55 -55.40 1.03
CA PRO F 637 -21.14 -54.11 1.36
C PRO F 637 -20.96 -53.82 2.84
N PRO F 638 -21.20 -52.59 3.28
CA PRO F 638 -21.16 -52.34 4.73
C PRO F 638 -22.14 -53.27 5.44
N GLN F 639 -21.75 -53.73 6.62
CA GLN F 639 -22.50 -54.75 7.34
C GLN F 639 -24.00 -54.47 7.30
N GLY F 640 -24.77 -55.52 7.06
CA GLY F 640 -26.21 -55.50 7.11
C GLY F 640 -26.88 -55.30 5.75
N ARG F 641 -26.26 -54.54 4.86
CA ARG F 641 -26.86 -54.21 3.59
C ARG F 641 -26.69 -55.37 2.59
N LYS F 642 -27.39 -55.27 1.47
CA LYS F 642 -27.34 -56.26 0.41
C LYS F 642 -27.15 -55.57 -0.93
N LEU F 643 -26.37 -56.19 -1.81
CA LEU F 643 -26.11 -55.66 -3.15
C LEU F 643 -26.22 -56.76 -4.19
N LEU F 644 -26.86 -56.44 -5.31
CA LEU F 644 -26.91 -57.32 -6.48
C LEU F 644 -26.28 -56.60 -7.67
N ILE F 645 -25.56 -57.36 -8.50
CA ILE F 645 -24.85 -56.82 -9.65
C ILE F 645 -25.17 -57.67 -10.86
N ILE F 646 -25.44 -57.02 -11.99
CA ILE F 646 -25.69 -57.70 -13.26
C ILE F 646 -24.85 -57.04 -14.35
N GLY F 647 -24.07 -57.85 -15.05
CA GLY F 647 -23.25 -57.38 -16.16
C GLY F 647 -23.58 -58.14 -17.44
N THR F 648 -23.54 -57.43 -18.57
CA THR F 648 -23.84 -58.02 -19.86
C THR F 648 -22.65 -57.84 -20.80
N THR F 649 -22.50 -58.80 -21.72
CA THR F 649 -21.40 -58.77 -22.68
C THR F 649 -21.81 -59.65 -23.87
N SER F 650 -20.91 -59.75 -24.85
CA SER F 650 -21.16 -60.58 -26.02
C SER F 650 -19.93 -61.34 -26.49
N ARG F 651 -18.83 -61.34 -25.73
CA ARG F 651 -17.59 -61.98 -26.13
C ARG F 651 -17.02 -62.80 -24.98
N LYS F 652 -17.85 -63.69 -24.43
CA LYS F 652 -17.51 -64.48 -23.25
C LYS F 652 -16.08 -65.01 -23.28
N ASP F 653 -15.61 -65.45 -24.45
CA ASP F 653 -14.31 -66.10 -24.52
C ASP F 653 -13.19 -65.17 -24.06
N VAL F 654 -13.21 -63.92 -24.51
CA VAL F 654 -12.16 -62.98 -24.12
C VAL F 654 -12.15 -62.81 -22.60
N LEU F 655 -13.32 -62.58 -22.01
CA LEU F 655 -13.38 -62.41 -20.56
C LEU F 655 -12.85 -63.66 -19.84
N GLN F 656 -13.20 -64.84 -20.36
CA GLN F 656 -12.63 -66.06 -19.79
C GLN F 656 -11.11 -66.02 -19.86
N GLU F 657 -10.56 -65.50 -20.96
CA GLU F 657 -9.11 -65.46 -21.11
C GLU F 657 -8.46 -64.64 -20.01
N MET F 658 -9.06 -63.50 -19.65
CA MET F 658 -8.51 -62.63 -18.63
C MET F 658 -8.79 -63.09 -17.21
N GLU F 659 -9.26 -64.33 -17.02
CA GLU F 659 -9.57 -64.90 -15.72
C GLU F 659 -10.79 -64.23 -15.08
N MET F 660 -11.40 -63.25 -15.75
CA MET F 660 -12.51 -62.51 -15.14
C MET F 660 -13.65 -63.44 -14.74
N LEU F 661 -13.86 -64.53 -15.48
CA LEU F 661 -15.00 -65.39 -15.19
C LEU F 661 -14.98 -65.91 -13.76
N ASN F 662 -13.79 -66.04 -13.17
CA ASN F 662 -13.69 -66.54 -11.80
C ASN F 662 -14.33 -65.61 -10.79
N ALA F 663 -14.62 -64.37 -11.16
CA ALA F 663 -15.27 -63.45 -10.22
C ALA F 663 -16.78 -63.62 -10.22
N PHE F 664 -17.40 -63.63 -11.39
CA PHE F 664 -18.85 -63.74 -11.48
C PHE F 664 -19.33 -65.06 -10.89
N SER F 665 -20.39 -64.99 -10.10
CA SER F 665 -20.86 -66.18 -9.39
C SER F 665 -21.46 -67.20 -10.35
N THR F 666 -22.27 -66.74 -11.31
CA THR F 666 -22.97 -67.64 -12.22
C THR F 666 -23.07 -66.99 -13.59
N THR F 667 -23.72 -67.69 -14.52
CA THR F 667 -23.87 -67.20 -15.88
C THR F 667 -25.20 -67.67 -16.45
N ILE F 668 -25.66 -66.96 -17.48
CA ILE F 668 -26.88 -67.31 -18.19
C ILE F 668 -26.62 -67.15 -19.69
N HIS F 669 -27.40 -67.87 -20.49
CA HIS F 669 -27.28 -67.84 -21.94
C HIS F 669 -28.54 -67.26 -22.56
N VAL F 670 -28.36 -66.34 -23.50
CA VAL F 670 -29.47 -65.76 -24.26
C VAL F 670 -29.30 -66.16 -25.73
N PRO F 671 -30.08 -67.09 -26.25
CA PRO F 671 -29.89 -67.53 -27.64
C PRO F 671 -30.61 -66.61 -28.63
N ASN F 672 -30.33 -66.86 -29.91
CA ASN F 672 -30.99 -66.17 -31.00
C ASN F 672 -32.19 -66.96 -31.51
N ILE F 673 -33.01 -66.30 -32.32
CA ILE F 673 -34.10 -66.99 -33.01
C ILE F 673 -33.49 -67.92 -34.04
N ALA F 674 -33.81 -69.21 -33.96
CA ALA F 674 -33.13 -70.21 -34.77
C ALA F 674 -34.07 -71.26 -35.35
N THR F 675 -35.34 -70.94 -35.53
CA THR F 675 -36.27 -71.86 -36.19
C THR F 675 -37.31 -71.05 -36.95
N GLY F 676 -37.76 -71.61 -38.07
CA GLY F 676 -38.76 -70.93 -38.87
C GLY F 676 -40.05 -70.71 -38.11
N GLU F 677 -40.43 -71.68 -37.26
CA GLU F 677 -41.66 -71.54 -36.48
C GLU F 677 -41.59 -70.34 -35.56
N GLN F 678 -40.47 -70.16 -34.86
CA GLN F 678 -40.32 -69.01 -33.97
C GLN F 678 -40.33 -67.71 -34.77
N LEU F 679 -39.67 -67.69 -35.92
CA LEU F 679 -39.67 -66.48 -36.75
C LEU F 679 -41.08 -66.12 -37.18
N LEU F 680 -41.85 -67.11 -37.63
CA LEU F 680 -43.22 -66.86 -38.06
C LEU F 680 -44.07 -66.37 -36.90
N GLU F 681 -43.91 -66.97 -35.73
CA GLU F 681 -44.69 -66.54 -34.57
C GLU F 681 -44.35 -65.10 -34.20
N ALA F 682 -43.06 -64.75 -34.22
CA ALA F 682 -42.67 -63.38 -33.91
C ALA F 682 -43.23 -62.41 -34.94
N LEU F 683 -43.18 -62.78 -36.22
CA LEU F 683 -43.74 -61.93 -37.26
C LEU F 683 -45.24 -61.73 -37.04
N GLU F 684 -45.95 -62.80 -36.68
CA GLU F 684 -47.37 -62.68 -36.37
C GLU F 684 -47.58 -61.71 -35.21
N LEU F 685 -46.76 -61.82 -34.17
CA LEU F 685 -46.91 -60.92 -33.02
C LEU F 685 -46.71 -59.47 -33.44
N LEU F 686 -45.67 -59.19 -34.24
CA LEU F 686 -45.44 -57.82 -34.66
C LEU F 686 -46.54 -57.34 -35.60
N GLY F 687 -47.04 -58.22 -36.46
CA GLY F 687 -48.06 -57.84 -37.43
C GLY F 687 -47.49 -57.71 -38.82
N ASN F 688 -47.68 -56.55 -39.44
CA ASN F 688 -47.14 -56.30 -40.77
C ASN F 688 -47.67 -57.33 -41.77
N PHE F 689 -46.80 -58.22 -42.24
CA PHE F 689 -47.21 -59.20 -43.24
C PHE F 689 -48.19 -60.19 -42.62
N LYS F 690 -49.05 -60.76 -43.47
CA LYS F 690 -50.12 -61.63 -42.99
C LYS F 690 -50.75 -62.32 -44.20
N ASP F 691 -51.74 -63.16 -43.92
CA ASP F 691 -52.59 -63.84 -44.92
C ASP F 691 -51.68 -64.48 -45.97
N LYS F 692 -51.96 -64.31 -47.27
CA LYS F 692 -51.18 -65.01 -48.29
C LYS F 692 -49.70 -64.70 -48.19
N GLU F 693 -49.34 -63.48 -47.78
CA GLU F 693 -47.93 -63.15 -47.61
C GLU F 693 -47.31 -64.04 -46.54
N ARG F 694 -48.00 -64.20 -45.41
CA ARG F 694 -47.49 -65.08 -44.36
C ARG F 694 -47.41 -66.52 -44.84
N THR F 695 -48.41 -66.97 -45.60
CA THR F 695 -48.39 -68.34 -46.11
C THR F 695 -47.19 -68.56 -47.01
N THR F 696 -46.94 -67.62 -47.93
CA THR F 696 -45.81 -67.74 -48.84
C THR F 696 -44.49 -67.72 -48.08
N ILE F 697 -44.37 -66.82 -47.10
CA ILE F 697 -43.14 -66.73 -46.33
C ILE F 697 -42.88 -68.04 -45.59
N ALA F 698 -43.93 -68.57 -44.94
CA ALA F 698 -43.78 -69.83 -44.22
C ALA F 698 -43.40 -70.96 -45.16
N GLN F 699 -44.07 -71.07 -46.30
CA GLN F 699 -43.75 -72.11 -47.25
C GLN F 699 -42.29 -72.02 -47.69
N GLN F 700 -41.84 -70.82 -48.02
CA GLN F 700 -40.46 -70.65 -48.48
C GLN F 700 -39.47 -71.02 -47.38
N VAL F 701 -39.65 -70.45 -46.18
CA VAL F 701 -38.68 -70.66 -45.11
C VAL F 701 -38.77 -72.08 -44.57
N LYS F 702 -39.97 -72.63 -44.49
CA LYS F 702 -40.16 -73.93 -43.83
C LYS F 702 -39.27 -74.98 -44.47
N GLY F 703 -38.69 -75.83 -43.63
CA GLY F 703 -37.73 -76.82 -44.09
C GLY F 703 -36.34 -76.29 -44.27
N LYS F 704 -36.00 -75.19 -43.59
CA LYS F 704 -34.69 -74.56 -43.73
C LYS F 704 -34.12 -74.24 -42.35
N LYS F 705 -32.98 -73.55 -42.32
CA LYS F 705 -32.33 -73.15 -41.08
C LYS F 705 -32.23 -71.64 -41.03
N VAL F 706 -32.50 -71.07 -39.85
CA VAL F 706 -32.50 -69.62 -39.67
C VAL F 706 -31.60 -69.28 -38.48
N TRP F 707 -31.05 -68.07 -38.51
CA TRP F 707 -30.15 -67.61 -37.45
C TRP F 707 -30.07 -66.09 -37.53
N ILE F 708 -30.71 -65.40 -36.58
CA ILE F 708 -30.82 -63.95 -36.63
C ILE F 708 -31.18 -63.45 -35.24
N GLY F 709 -30.84 -62.18 -34.97
CA GLY F 709 -31.24 -61.51 -33.76
C GLY F 709 -32.46 -60.63 -33.96
N ILE F 710 -33.13 -60.31 -32.85
CA ILE F 710 -34.38 -59.57 -32.93
C ILE F 710 -34.16 -58.19 -33.55
N LYS F 711 -33.09 -57.50 -33.13
CA LYS F 711 -32.87 -56.13 -33.59
C LYS F 711 -32.67 -56.08 -35.11
N LYS F 712 -31.86 -57.00 -35.63
CA LYS F 712 -31.64 -57.03 -37.08
C LYS F 712 -32.94 -57.32 -37.80
N LEU F 713 -33.76 -58.22 -37.25
CA LEU F 713 -35.07 -58.49 -37.83
C LEU F 713 -35.93 -57.23 -37.86
N LEU F 714 -35.94 -56.48 -36.76
CA LEU F 714 -36.72 -55.25 -36.71
C LEU F 714 -36.22 -54.25 -37.73
N MET F 715 -34.94 -54.32 -38.09
CA MET F 715 -34.44 -53.41 -39.12
C MET F 715 -34.80 -53.90 -40.52
N LEU F 716 -34.70 -55.22 -40.75
CA LEU F 716 -35.06 -55.76 -42.05
C LEU F 716 -36.53 -55.52 -42.37
N ILE F 717 -37.41 -55.69 -41.37
CA ILE F 717 -38.84 -55.49 -41.61
C ILE F 717 -39.10 -54.04 -42.03
N GLU F 718 -38.51 -53.10 -41.29
CA GLU F 718 -38.67 -51.69 -41.64
C GLU F 718 -38.18 -51.43 -43.06
N MET F 719 -36.97 -51.93 -43.38
CA MET F 719 -36.41 -51.70 -44.71
C MET F 719 -37.34 -52.27 -45.79
N SER F 720 -37.84 -53.48 -45.58
CA SER F 720 -38.72 -54.10 -46.58
C SER F 720 -40.00 -53.31 -46.76
N LEU F 721 -40.62 -52.87 -45.66
CA LEU F 721 -41.86 -52.11 -45.76
C LEU F 721 -41.68 -50.80 -46.53
N GLN F 722 -40.45 -50.28 -46.59
CA GLN F 722 -40.20 -49.06 -47.35
C GLN F 722 -40.51 -49.20 -48.83
N MET F 723 -40.56 -50.42 -49.36
CA MET F 723 -40.67 -50.59 -50.80
C MET F 723 -42.14 -50.63 -51.22
N ASP F 724 -42.37 -50.42 -52.51
CA ASP F 724 -43.72 -50.40 -53.06
C ASP F 724 -44.50 -51.62 -52.57
N PRO F 725 -45.81 -51.49 -52.34
CA PRO F 725 -46.58 -52.65 -51.84
C PRO F 725 -46.49 -53.88 -52.73
N GLU F 726 -46.44 -53.69 -54.05
CA GLU F 726 -46.40 -54.84 -54.96
C GLU F 726 -45.19 -55.72 -54.68
N TYR F 727 -44.02 -55.11 -54.53
CA TYR F 727 -42.77 -55.83 -54.30
C TYR F 727 -42.35 -55.60 -52.86
N ARG F 728 -42.87 -56.43 -51.96
CA ARG F 728 -42.51 -56.38 -50.55
C ARG F 728 -41.94 -57.71 -50.06
N VAL F 729 -42.62 -58.82 -50.33
CA VAL F 729 -42.16 -60.11 -49.84
C VAL F 729 -40.83 -60.47 -50.50
N ARG F 730 -40.68 -60.14 -51.79
CA ARG F 730 -39.48 -60.51 -52.52
C ARG F 730 -38.24 -59.89 -51.89
N LYS F 731 -38.29 -58.59 -51.60
CA LYS F 731 -37.13 -57.92 -51.01
C LYS F 731 -36.81 -58.49 -49.64
N PHE F 732 -37.84 -58.76 -48.84
CA PHE F 732 -37.61 -59.34 -47.51
C PHE F 732 -36.93 -60.70 -47.62
N LEU F 733 -37.43 -61.56 -48.52
CA LEU F 733 -36.83 -62.88 -48.69
C LEU F 733 -35.39 -62.77 -49.17
N ALA F 734 -35.13 -61.88 -50.13
CA ALA F 734 -33.78 -61.71 -50.63
C ALA F 734 -32.85 -61.25 -49.52
N LEU F 735 -33.28 -60.29 -48.70
CA LEU F 735 -32.46 -59.83 -47.59
C LEU F 735 -32.19 -60.96 -46.61
N LEU F 736 -33.23 -61.72 -46.26
CA LEU F 736 -33.07 -62.79 -45.29
C LEU F 736 -32.09 -63.84 -45.80
N ARG F 737 -32.19 -64.22 -47.08
CA ARG F 737 -31.25 -65.19 -47.62
C ARG F 737 -29.84 -64.61 -47.71
N GLU F 738 -29.73 -63.31 -47.97
CA GLU F 738 -28.43 -62.71 -48.20
C GLU F 738 -27.52 -62.89 -46.99
N GLU F 739 -28.05 -62.71 -45.79
CA GLU F 739 -27.29 -62.89 -44.57
C GLU F 739 -28.18 -63.50 -43.49
N GLY F 740 -27.54 -64.13 -42.52
CA GLY F 740 -28.25 -64.80 -41.44
C GLY F 740 -28.35 -66.30 -41.57
N ALA F 741 -27.90 -66.87 -42.69
CA ALA F 741 -27.94 -68.31 -42.89
C ALA F 741 -26.71 -69.03 -42.36
N SER F 742 -25.77 -68.30 -41.76
CA SER F 742 -24.55 -68.89 -41.23
C SER F 742 -24.69 -69.06 -39.71
N PRO F 743 -24.70 -70.29 -39.17
CA PRO F 743 -24.82 -70.45 -37.72
C PRO F 743 -23.75 -69.70 -36.93
N ASP G 39 -17.14 14.59 1.64
CA ASP G 39 -17.52 15.84 1.00
C ASP G 39 -18.06 16.85 2.02
N GLU G 40 -18.83 16.35 2.98
CA GLU G 40 -19.36 17.22 4.03
C GLU G 40 -18.25 17.90 4.80
N SER G 41 -17.10 17.23 4.93
CA SER G 41 -15.96 17.83 5.62
C SER G 41 -15.49 19.10 4.93
N LEU G 42 -15.50 19.11 3.59
CA LEU G 42 -15.01 20.27 2.85
C LEU G 42 -15.93 21.47 3.04
N GLU G 43 -17.24 21.28 2.92
CA GLU G 43 -18.16 22.39 3.14
C GLU G 43 -18.13 22.85 4.59
N SER G 44 -17.94 21.93 5.53
CA SER G 44 -17.74 22.33 6.92
C SER G 44 -16.50 23.19 7.06
N THR G 45 -15.42 22.84 6.35
CA THR G 45 -14.22 23.66 6.35
C THR G 45 -14.51 25.05 5.80
N ARG G 46 -15.32 25.12 4.74
CA ARG G 46 -15.70 26.43 4.20
C ARG G 46 -16.45 27.26 5.25
N ARG G 47 -17.38 26.62 5.96
CA ARG G 47 -18.12 27.33 7.01
C ARG G 47 -17.17 27.82 8.10
N MET G 48 -16.20 26.98 8.48
CA MET G 48 -15.23 27.38 9.50
C MET G 48 -14.43 28.59 9.04
N LEU G 49 -13.96 28.56 7.79
CA LEU G 49 -13.24 29.71 7.25
C LEU G 49 -14.09 30.97 7.32
N GLN G 50 -15.36 30.87 6.89
CA GLN G 50 -16.23 32.03 6.88
C GLN G 50 -16.40 32.60 8.28
N LEU G 51 -16.73 31.73 9.24
CA LEU G 51 -16.95 32.21 10.61
C LEU G 51 -15.68 32.81 11.19
N VAL G 52 -14.53 32.16 10.96
CA VAL G 52 -13.28 32.65 11.53
C VAL G 52 -12.93 34.02 10.96
N GLU G 53 -13.04 34.17 9.64
CA GLU G 53 -12.68 35.46 9.03
C GLU G 53 -13.65 36.55 9.46
N GLU G 54 -14.95 36.24 9.59
CA GLU G 54 -15.90 37.24 10.08
C GLU G 54 -15.52 37.67 11.50
N SER G 55 -15.23 36.70 12.37
CA SER G 55 -14.88 37.03 13.74
C SER G 55 -13.64 37.90 13.79
N LYS G 56 -12.63 37.58 12.98
CA LYS G 56 -11.41 38.40 12.95
C LYS G 56 -11.69 39.81 12.46
N ASP G 57 -12.44 39.92 11.35
CA ASP G 57 -12.71 41.23 10.77
C ASP G 57 -13.53 42.11 11.69
N ALA G 58 -14.30 41.50 12.61
CA ALA G 58 -15.04 42.31 13.57
C ALA G 58 -14.21 42.58 14.83
N GLY G 59 -13.38 41.63 15.24
CA GLY G 59 -12.52 41.84 16.38
C GLY G 59 -11.52 42.96 16.16
N ILE G 60 -11.06 43.14 14.92
CA ILE G 60 -10.11 44.21 14.64
C ILE G 60 -10.74 45.57 14.98
N ARG G 61 -11.98 45.79 14.54
CA ARG G 61 -12.64 47.05 14.84
C ARG G 61 -13.03 47.12 16.31
N THR G 62 -13.29 45.98 16.94
CA THR G 62 -13.45 45.99 18.40
C THR G 62 -12.21 46.55 19.07
N LEU G 63 -11.03 46.09 18.64
CA LEU G 63 -9.78 46.67 19.14
C LEU G 63 -9.74 48.17 18.92
N VAL G 64 -10.07 48.60 17.72
CA VAL G 64 -10.00 50.02 17.40
C VAL G 64 -10.88 50.83 18.36
N MET G 65 -12.13 50.42 18.51
CA MET G 65 -13.06 51.21 19.31
C MET G 65 -12.71 51.15 20.79
N LEU G 66 -12.17 50.02 21.25
CA LEU G 66 -11.62 49.97 22.60
C LEU G 66 -10.53 51.02 22.76
N ASP G 67 -9.69 51.18 21.73
CA ASP G 67 -8.63 52.18 21.79
C ASP G 67 -9.19 53.60 21.90
N GLU G 68 -10.21 53.94 21.11
CA GLU G 68 -10.75 55.31 21.27
C GLU G 68 -11.38 55.50 22.64
N GLN G 69 -12.06 54.49 23.17
CA GLN G 69 -12.59 54.63 24.53
C GLN G 69 -11.46 54.93 25.51
N GLY G 70 -10.37 54.17 25.43
CA GLY G 70 -9.23 54.46 26.28
C GLY G 70 -8.72 55.87 26.10
N GLU G 71 -8.68 56.34 24.85
CA GLU G 71 -8.22 57.71 24.58
C GLU G 71 -9.12 58.74 25.27
N GLN G 72 -10.44 58.55 25.18
CA GLN G 72 -11.36 59.50 25.79
C GLN G 72 -11.19 59.54 27.30
N LEU G 73 -10.84 58.41 27.91
CA LEU G 73 -10.76 58.34 29.36
C LEU G 73 -9.77 59.36 29.92
N GLU G 74 -8.59 59.48 29.30
CA GLU G 74 -7.58 60.39 29.84
C GLU G 74 -8.06 61.83 29.80
N ARG G 75 -8.69 62.25 28.70
CA ARG G 75 -9.16 63.63 28.60
C ARG G 75 -10.21 63.91 29.65
N ILE G 76 -11.18 62.99 29.83
CA ILE G 76 -12.22 63.24 30.82
C ILE G 76 -11.62 63.31 32.22
N GLU G 77 -10.65 62.44 32.51
CA GLU G 77 -10.02 62.44 33.83
C GLU G 77 -9.26 63.74 34.08
N GLU G 78 -8.54 64.24 33.06
CA GLU G 78 -7.82 65.50 33.22
C GLU G 78 -8.77 66.65 33.47
N GLY G 79 -9.88 66.69 32.72
CA GLY G 79 -10.88 67.72 32.98
C GLY G 79 -11.43 67.66 34.39
N MET G 80 -11.72 66.44 34.87
CA MET G 80 -12.24 66.27 36.21
C MET G 80 -11.24 66.78 37.25
N ASP G 81 -9.97 66.42 37.10
CA ASP G 81 -8.96 66.86 38.06
C ASP G 81 -8.83 68.38 38.05
N GLN G 82 -8.85 68.98 36.85
CA GLN G 82 -8.74 70.43 36.76
C GLN G 82 -9.89 71.12 37.46
N ILE G 83 -11.12 70.64 37.22
CA ILE G 83 -12.28 71.27 37.87
C ILE G 83 -12.18 71.11 39.39
N ASN G 84 -11.75 69.94 39.86
CA ASN G 84 -11.63 69.73 41.29
C ASN G 84 -10.62 70.72 41.90
N LYS G 85 -9.47 70.84 41.24
CA LYS G 85 -8.38 71.74 41.71
C LYS G 85 -8.89 73.17 41.77
N ASP G 86 -9.61 73.63 40.74
CA ASP G 86 -10.10 75.01 40.68
C ASP G 86 -11.18 75.24 41.73
N MET G 87 -12.11 74.31 41.86
CA MET G 87 -13.19 74.46 42.82
C MET G 87 -12.63 74.51 44.24
N LYS G 88 -11.70 73.61 44.57
CA LYS G 88 -11.11 73.61 45.91
C LYS G 88 -10.45 74.95 46.22
N GLU G 89 -9.57 75.42 45.32
CA GLU G 89 -8.89 76.68 45.57
C GLU G 89 -9.90 77.81 45.73
N ALA G 90 -10.90 77.87 44.84
CA ALA G 90 -11.87 78.95 44.87
C ALA G 90 -12.63 78.97 46.18
N GLU G 91 -13.21 77.83 46.57
CA GLU G 91 -14.04 77.81 47.77
C GLU G 91 -13.20 78.10 49.01
N LYS G 92 -11.99 77.54 49.09
CA LYS G 92 -11.17 77.79 50.28
C LYS G 92 -10.78 79.26 50.37
N ASN G 93 -10.39 79.87 49.24
CA ASN G 93 -10.02 81.27 49.27
C ASN G 93 -11.21 82.15 49.65
N LEU G 94 -12.39 81.88 49.11
CA LEU G 94 -13.56 82.67 49.48
C LEU G 94 -13.89 82.52 50.95
N THR G 95 -13.83 81.30 51.48
CA THR G 95 -14.11 81.09 52.90
C THR G 95 -13.09 81.83 53.77
N ASP G 96 -11.82 81.80 53.37
CA ASP G 96 -10.80 82.53 54.12
C ASP G 96 -11.08 84.03 54.09
N LEU G 97 -11.47 84.56 52.93
CA LEU G 97 -11.80 85.98 52.85
C LEU G 97 -13.01 86.33 53.69
N GLY G 98 -13.96 85.39 53.84
CA GLY G 98 -15.15 85.67 54.63
C GLY G 98 -14.82 86.05 56.06
N LYS G 99 -13.81 85.42 56.64
CA LYS G 99 -13.38 85.73 58.01
C LYS G 99 -13.06 87.22 58.16
N THR H 197 -4.42 19.88 -0.55
CA THR H 197 -5.27 21.06 -0.40
C THR H 197 -5.77 21.16 1.04
N ARG H 198 -6.07 20.02 1.65
CA ARG H 198 -6.45 20.00 3.05
C ARG H 198 -5.34 20.56 3.93
N HIS H 199 -4.08 20.21 3.62
CA HIS H 199 -2.96 20.75 4.39
C HIS H 199 -2.89 22.27 4.28
N SER H 200 -3.07 22.81 3.07
CA SER H 200 -3.00 24.26 2.91
C SER H 200 -4.09 24.96 3.71
N GLU H 201 -5.33 24.47 3.61
CA GLU H 201 -6.41 25.13 4.32
C GLU H 201 -6.29 24.97 5.83
N ILE H 202 -5.77 23.84 6.31
CA ILE H 202 -5.58 23.71 7.76
C ILE H 202 -4.44 24.59 8.23
N ILE H 203 -3.43 24.83 7.39
CA ILE H 203 -2.40 25.80 7.74
C ILE H 203 -3.00 27.20 7.80
N LYS H 204 -3.92 27.51 6.90
CA LYS H 204 -4.63 28.79 6.97
C LYS H 204 -5.42 28.90 8.27
N LEU H 205 -6.09 27.82 8.66
CA LEU H 205 -6.82 27.81 9.93
C LEU H 205 -5.87 28.02 11.11
N GLU H 206 -4.71 27.35 11.07
CA GLU H 206 -3.68 27.54 12.08
C GLU H 206 -3.30 29.01 12.20
N ASN H 207 -2.98 29.64 11.07
CA ASN H 207 -2.72 31.07 11.06
C ASN H 207 -3.85 31.82 11.76
N SER H 208 -5.07 31.70 11.23
CA SER H 208 -6.19 32.52 11.69
C SER H 208 -6.43 32.35 13.19
N ILE H 209 -6.40 31.11 13.68
CA ILE H 209 -6.64 30.89 15.10
C ILE H 209 -5.52 31.53 15.92
N ARG H 210 -4.28 31.47 15.43
CA ARG H 210 -3.20 32.10 16.16
C ARG H 210 -3.41 33.61 16.25
N GLU H 211 -3.81 34.24 15.15
CA GLU H 211 -4.05 35.69 15.21
C GLU H 211 -5.22 36.01 16.14
N LEU H 212 -6.26 35.19 16.13
CA LEU H 212 -7.39 35.44 17.03
C LEU H 212 -6.95 35.36 18.49
N HIS H 213 -6.16 34.35 18.83
CA HIS H 213 -5.66 34.21 20.19
C HIS H 213 -4.81 35.42 20.58
N ASP H 214 -3.92 35.85 19.67
CA ASP H 214 -3.08 37.01 19.95
C ASP H 214 -3.93 38.26 20.12
N MET H 215 -4.98 38.40 19.32
CA MET H 215 -5.85 39.56 19.44
C MET H 215 -6.55 39.60 20.79
N PHE H 216 -7.01 38.45 21.30
CA PHE H 216 -7.60 38.48 22.64
C PHE H 216 -6.55 38.86 23.67
N MET H 217 -5.35 38.28 23.55
CA MET H 217 -4.27 38.66 24.45
C MET H 217 -4.09 40.16 24.44
N ASP H 218 -4.30 40.79 23.28
CA ASP H 218 -4.23 42.24 23.17
C ASP H 218 -5.40 42.92 23.90
N MET H 219 -6.64 42.48 23.66
CA MET H 219 -7.77 43.18 24.25
C MET H 219 -7.71 43.18 25.77
N ALA H 220 -7.23 42.08 26.36
CA ALA H 220 -7.37 41.90 27.79
C ALA H 220 -6.73 43.05 28.57
N MET H 221 -5.46 43.36 28.29
CA MET H 221 -4.76 44.36 29.08
C MET H 221 -5.38 45.74 28.91
N LEU H 222 -5.77 46.09 27.69
CA LEU H 222 -6.40 47.38 27.46
C LEU H 222 -7.68 47.52 28.27
N VAL H 223 -8.50 46.47 28.28
CA VAL H 223 -9.75 46.54 29.05
C VAL H 223 -9.46 46.70 30.54
N GLU H 224 -8.48 45.93 31.04
CA GLU H 224 -8.15 46.04 32.46
C GLU H 224 -7.67 47.43 32.82
N SER H 225 -6.83 48.03 31.97
CA SER H 225 -6.34 49.38 32.24
C SER H 225 -7.49 50.39 32.23
N GLN H 226 -8.43 50.23 31.30
CA GLN H 226 -9.61 51.11 31.30
C GLN H 226 -10.34 51.03 32.63
N GLY H 227 -10.58 49.80 33.11
CA GLY H 227 -11.24 49.65 34.40
C GLY H 227 -10.47 50.31 35.53
N GLU H 228 -9.15 50.18 35.51
CA GLU H 228 -8.32 50.79 36.55
C GLU H 228 -8.48 52.30 36.53
N MET H 229 -8.50 52.90 35.35
CA MET H 229 -8.75 54.34 35.26
C MET H 229 -10.14 54.70 35.79
N ILE H 230 -11.14 53.87 35.46
CA ILE H 230 -12.52 54.15 35.85
C ILE H 230 -12.64 54.23 37.36
N ASP H 231 -12.01 53.29 38.07
CA ASP H 231 -12.15 53.28 39.52
C ASP H 231 -11.62 54.58 40.13
N ARG H 232 -10.45 55.02 39.67
CA ARG H 232 -9.84 56.24 40.22
C ARG H 232 -10.70 57.46 39.92
N ILE H 233 -11.20 57.58 38.69
CA ILE H 233 -12.01 58.74 38.36
C ILE H 233 -13.29 58.74 39.19
N GLU H 234 -13.87 57.56 39.42
CA GLU H 234 -15.06 57.47 40.26
C GLU H 234 -14.77 57.94 41.68
N TYR H 235 -13.67 57.47 42.26
CA TYR H 235 -13.29 57.92 43.60
C TYR H 235 -13.17 59.43 43.65
N ASN H 236 -12.45 60.00 42.68
CA ASN H 236 -12.20 61.44 42.71
C ASN H 236 -13.49 62.24 42.57
N VAL H 237 -14.40 61.80 41.69
CA VAL H 237 -15.64 62.53 41.51
C VAL H 237 -16.51 62.45 42.77
N GLU H 238 -16.53 61.28 43.42
CA GLU H 238 -17.29 61.19 44.67
C GLU H 238 -16.72 62.14 45.74
N HIS H 239 -15.40 62.18 45.86
CA HIS H 239 -14.79 63.13 46.79
C HIS H 239 -15.20 64.55 46.45
N ALA H 240 -15.15 64.90 45.16
CA ALA H 240 -15.47 66.26 44.75
C ALA H 240 -16.92 66.62 45.08
N VAL H 241 -17.85 65.71 44.80
CA VAL H 241 -19.26 66.00 45.07
C VAL H 241 -19.48 66.19 46.56
N ASP H 242 -18.91 65.31 47.38
CA ASP H 242 -19.10 65.43 48.83
C ASP H 242 -18.56 66.77 49.33
N TYR H 243 -17.35 67.12 48.91
CA TYR H 243 -16.73 68.36 49.36
C TYR H 243 -17.55 69.57 48.91
N VAL H 244 -17.97 69.58 47.65
CA VAL H 244 -18.75 70.71 47.14
C VAL H 244 -20.01 70.88 47.95
N GLU H 245 -20.77 69.79 48.12
CA GLU H 245 -22.05 69.89 48.83
C GLU H 245 -21.83 70.43 50.23
N ARG H 246 -20.94 69.81 51.00
CA ARG H 246 -20.79 70.23 52.39
C ARG H 246 -20.27 71.66 52.49
N ALA H 247 -19.25 72.00 51.70
CA ALA H 247 -18.69 73.34 51.78
C ALA H 247 -19.73 74.39 51.45
N VAL H 248 -20.45 74.22 50.34
CA VAL H 248 -21.42 75.23 49.94
C VAL H 248 -22.52 75.33 50.98
N SER H 249 -23.03 74.20 51.47
CA SER H 249 -24.11 74.25 52.44
C SER H 249 -23.69 74.97 53.71
N ASP H 250 -22.53 74.59 54.27
CA ASP H 250 -22.08 75.18 55.53
C ASP H 250 -21.81 76.67 55.36
N THR H 251 -21.12 77.05 54.28
CA THR H 251 -20.83 78.45 54.06
C THR H 251 -22.11 79.25 53.88
N LYS H 252 -23.09 78.68 53.18
CA LYS H 252 -24.35 79.40 52.95
C LYS H 252 -25.09 79.62 54.25
N LYS H 253 -25.18 78.59 55.10
CA LYS H 253 -25.85 78.77 56.38
C LYS H 253 -25.12 79.80 57.23
N ALA H 254 -23.78 79.74 57.25
CA ALA H 254 -23.01 80.65 58.07
C ALA H 254 -23.17 82.10 57.60
N VAL H 255 -23.22 82.31 56.29
CA VAL H 255 -23.31 83.67 55.75
C VAL H 255 -24.75 84.15 55.61
N LYS H 256 -25.73 83.28 55.82
CA LYS H 256 -27.13 83.69 55.82
C LYS H 256 -27.69 83.93 57.21
N TYR H 257 -27.21 83.22 58.23
CA TYR H 257 -27.82 83.34 59.55
C TYR H 257 -27.27 84.50 60.37
N GLN H 258 -26.04 84.96 60.11
CA GLN H 258 -25.46 86.00 60.94
C GLN H 258 -26.25 87.30 60.85
N SER H 259 -26.96 87.53 59.75
CA SER H 259 -27.76 88.74 59.59
C SER H 259 -29.04 88.66 60.42
N ALA I 191 -8.25 3.09 11.64
CA ALA I 191 -8.46 4.29 10.84
C ALA I 191 -9.91 4.77 10.96
N LEU I 192 -10.83 3.81 11.09
CA LEU I 192 -12.24 4.15 11.24
C LEU I 192 -12.46 4.96 12.52
N SER I 193 -11.85 4.52 13.62
CA SER I 193 -11.97 5.27 14.87
C SER I 193 -11.38 6.66 14.74
N GLU I 194 -10.29 6.79 13.99
CA GLU I 194 -9.69 8.10 13.78
C GLU I 194 -10.68 9.05 13.10
N ILE I 195 -11.29 8.61 12.01
CA ILE I 195 -12.22 9.48 11.30
C ILE I 195 -13.45 9.77 12.15
N GLU I 196 -13.90 8.81 12.95
CA GLU I 196 -15.02 9.09 13.86
C GLU I 196 -14.65 10.16 14.87
N THR I 197 -13.45 10.06 15.46
CA THR I 197 -13.01 11.08 16.40
C THR I 197 -12.91 12.45 15.72
N ARG I 198 -12.46 12.47 14.46
CA ARG I 198 -12.36 13.74 13.76
C ARG I 198 -13.74 14.32 13.45
N HIS I 199 -14.72 13.45 13.19
CA HIS I 199 -16.09 13.92 13.05
C HIS I 199 -16.58 14.56 14.35
N SER I 200 -16.32 13.90 15.48
CA SER I 200 -16.66 14.51 16.77
C SER I 200 -15.97 15.85 16.94
N GLU I 201 -14.71 15.93 16.54
CA GLU I 201 -13.96 17.18 16.66
C GLU I 201 -14.57 18.29 15.82
N ILE I 202 -15.00 17.97 14.59
CA ILE I 202 -15.58 19.01 13.74
C ILE I 202 -16.91 19.47 14.31
N ILE I 203 -17.69 18.55 14.89
CA ILE I 203 -18.93 18.96 15.55
C ILE I 203 -18.63 19.92 16.69
N LYS I 204 -17.63 19.58 17.52
CA LYS I 204 -17.27 20.44 18.63
C LYS I 204 -16.81 21.81 18.13
N LEU I 205 -16.04 21.83 17.04
CA LEU I 205 -15.55 23.08 16.49
C LEU I 205 -16.71 23.96 16.01
N GLU I 206 -17.69 23.35 15.33
CA GLU I 206 -18.88 24.10 14.92
C GLU I 206 -19.57 24.71 16.14
N ASN I 207 -19.79 23.91 17.17
CA ASN I 207 -20.46 24.41 18.37
C ASN I 207 -19.71 25.61 18.94
N SER I 208 -18.39 25.46 19.11
CA SER I 208 -17.60 26.50 19.76
C SER I 208 -17.58 27.77 18.91
N ILE I 209 -17.57 27.63 17.58
CA ILE I 209 -17.60 28.81 16.66
C ILE I 209 -19.05 29.32 16.60
N ARG I 210 -20.01 28.51 17.02
CA ARG I 210 -21.44 28.91 17.08
C ARG I 210 -21.69 29.63 18.41
N GLU I 211 -20.76 29.49 19.36
CA GLU I 211 -20.85 30.16 20.69
C GLU I 211 -20.03 31.45 20.66
N LEU I 212 -18.86 31.47 20.01
CA LEU I 212 -17.97 32.62 20.01
C LEU I 212 -18.52 33.74 19.15
N HIS I 213 -19.16 33.40 18.02
CA HIS I 213 -19.72 34.44 17.16
C HIS I 213 -20.81 35.23 17.88
N ASP I 214 -21.79 34.53 18.45
CA ASP I 214 -22.86 35.24 19.16
C ASP I 214 -22.29 36.02 20.34
N MET I 215 -21.33 35.42 21.04
CA MET I 215 -20.62 36.04 22.15
C MET I 215 -20.01 37.39 21.74
N PHE I 216 -19.28 37.39 20.61
CA PHE I 216 -18.66 38.61 20.15
C PHE I 216 -19.69 39.66 19.80
N MET I 217 -20.82 39.23 19.20
CA MET I 217 -21.87 40.21 18.91
C MET I 217 -22.37 40.89 20.18
N ASP I 218 -22.57 40.10 21.24
CA ASP I 218 -22.96 40.68 22.52
C ASP I 218 -21.94 41.71 22.98
N MET I 219 -20.66 41.34 22.99
CA MET I 219 -19.58 42.30 23.20
C MET I 219 -19.79 43.60 22.42
N ALA I 220 -19.93 43.48 21.10
CA ALA I 220 -19.97 44.67 20.26
C ALA I 220 -21.10 45.61 20.70
N MET I 221 -22.31 45.06 20.87
CA MET I 221 -23.43 45.93 21.20
C MET I 221 -23.23 46.60 22.56
N LEU I 222 -22.82 45.82 23.58
CA LEU I 222 -22.68 46.41 24.90
C LEU I 222 -21.62 47.50 24.92
N VAL I 223 -20.48 47.26 24.26
CA VAL I 223 -19.40 48.25 24.32
C VAL I 223 -19.77 49.48 23.50
N GLU I 224 -20.55 49.32 22.42
CA GLU I 224 -21.03 50.50 21.70
C GLU I 224 -21.92 51.37 22.60
N SER I 225 -22.80 50.73 23.37
CA SER I 225 -23.61 51.51 24.31
C SER I 225 -22.71 52.26 25.29
N GLN I 226 -21.71 51.56 25.84
CA GLN I 226 -20.78 52.22 26.76
C GLN I 226 -20.11 53.42 26.10
N GLY I 227 -19.71 53.28 24.83
CA GLY I 227 -19.06 54.39 24.15
C GLY I 227 -19.95 55.60 24.01
N GLU I 228 -21.19 55.39 23.58
CA GLU I 228 -22.14 56.49 23.49
C GLU I 228 -22.26 57.21 24.84
N MET I 229 -22.39 56.43 25.91
CA MET I 229 -22.68 57.05 27.20
C MET I 229 -21.45 57.78 27.75
N ILE I 230 -20.25 57.26 27.50
CA ILE I 230 -19.05 57.98 27.91
C ILE I 230 -18.93 59.29 27.14
N ASP I 231 -19.29 59.28 25.85
CA ASP I 231 -19.29 60.54 25.10
C ASP I 231 -20.19 61.56 25.77
N ARG I 232 -21.42 61.14 26.11
CA ARG I 232 -22.36 62.07 26.75
C ARG I 232 -21.79 62.64 28.04
N ILE I 233 -21.28 61.75 28.92
CA ILE I 233 -20.82 62.21 30.23
C ILE I 233 -19.61 63.14 30.06
N GLU I 234 -18.73 62.85 29.10
CA GLU I 234 -17.58 63.71 28.88
C GLU I 234 -18.02 65.11 28.47
N TYR I 235 -18.99 65.19 27.54
CA TYR I 235 -19.50 66.51 27.15
C TYR I 235 -20.02 67.26 28.37
N ASN I 236 -20.84 66.58 29.19
CA ASN I 236 -21.43 67.26 30.34
C ASN I 236 -20.34 67.72 31.31
N VAL I 237 -19.33 66.89 31.53
CA VAL I 237 -18.25 67.25 32.45
C VAL I 237 -17.52 68.50 31.95
N GLU I 238 -17.22 68.55 30.66
CA GLU I 238 -16.51 69.72 30.13
C GLU I 238 -17.34 70.99 30.27
N HIS I 239 -18.65 70.89 29.99
CA HIS I 239 -19.51 72.05 30.17
C HIS I 239 -19.52 72.51 31.63
N ALA I 240 -19.62 71.57 32.56
CA ALA I 240 -19.60 71.93 33.97
C ALA I 240 -18.29 72.61 34.35
N VAL I 241 -17.17 72.12 33.81
CA VAL I 241 -15.88 72.73 34.08
C VAL I 241 -15.88 74.19 33.66
N ASP I 242 -16.31 74.44 32.42
CA ASP I 242 -16.33 75.82 31.92
C ASP I 242 -17.23 76.69 32.79
N TYR I 243 -18.42 76.19 33.12
CA TYR I 243 -19.38 76.98 33.88
C TYR I 243 -18.82 77.34 35.26
N VAL I 244 -18.20 76.37 35.94
CA VAL I 244 -17.69 76.64 37.28
C VAL I 244 -16.51 77.61 37.22
N GLU I 245 -15.67 77.48 36.19
CA GLU I 245 -14.56 78.42 36.05
C GLU I 245 -15.06 79.85 35.92
N ARG I 246 -16.02 80.07 35.00
CA ARG I 246 -16.56 81.42 34.87
C ARG I 246 -17.29 81.85 36.13
N ALA I 247 -17.91 80.90 36.84
CA ALA I 247 -18.60 81.24 38.09
C ALA I 247 -17.62 81.80 39.11
N VAL I 248 -16.49 81.12 39.31
CA VAL I 248 -15.50 81.62 40.26
C VAL I 248 -14.94 82.96 39.80
N SER I 249 -14.69 83.11 38.50
CA SER I 249 -14.20 84.39 38.01
C SER I 249 -15.16 85.52 38.38
N ASP I 250 -16.44 85.34 38.07
CA ASP I 250 -17.43 86.39 38.34
C ASP I 250 -17.57 86.64 39.83
N THR I 251 -17.60 85.59 40.64
CA THR I 251 -17.75 85.76 42.09
C THR I 251 -16.56 86.52 42.68
N LYS I 252 -15.35 86.20 42.23
CA LYS I 252 -14.19 86.92 42.74
C LYS I 252 -14.20 88.37 42.30
N LYS I 253 -14.64 88.65 41.08
CA LYS I 253 -14.76 90.04 40.65
C LYS I 253 -15.78 90.79 41.51
N ALA I 254 -16.92 90.15 41.80
CA ALA I 254 -17.93 90.77 42.64
C ALA I 254 -17.39 91.06 44.03
N VAL I 255 -16.63 90.10 44.59
CA VAL I 255 -16.00 90.33 45.89
C VAL I 255 -15.04 91.52 45.81
N LYS I 256 -14.27 91.61 44.71
CA LYS I 256 -13.38 92.74 44.52
C LYS I 256 -14.15 94.05 44.54
N TYR I 257 -15.34 94.07 43.93
CA TYR I 257 -16.15 95.29 43.96
C TYR I 257 -16.41 95.75 45.39
N GLN I 258 -16.59 94.80 46.31
CA GLN I 258 -16.84 95.15 47.70
C GLN I 258 -15.67 95.92 48.29
N ARG J 33 1.71 5.93 3.92
CA ARG J 33 1.68 7.35 4.24
C ARG J 33 0.71 7.64 5.39
N ALA J 34 0.00 6.60 5.85
CA ALA J 34 -0.97 6.79 6.91
C ALA J 34 -0.34 7.27 8.21
N ASP J 35 0.97 7.04 8.40
CA ASP J 35 1.64 7.52 9.59
C ASP J 35 1.57 9.04 9.69
N GLN J 36 1.91 9.72 8.60
CA GLN J 36 1.84 11.19 8.59
C GLN J 36 0.39 11.66 8.71
N LEU J 37 -0.55 10.96 8.08
CA LEU J 37 -1.96 11.29 8.22
C LEU J 37 -2.35 11.29 9.69
N ALA J 38 -2.03 10.20 10.40
CA ALA J 38 -2.41 10.10 11.81
C ALA J 38 -1.70 11.16 12.65
N ASP J 39 -0.40 11.38 12.40
CA ASP J 39 0.34 12.35 13.19
C ASP J 39 -0.25 13.74 13.03
N GLU J 40 -0.49 14.15 11.78
CA GLU J 40 -1.04 15.48 11.53
C GLU J 40 -2.45 15.60 12.10
N SER J 41 -3.25 14.54 12.01
CA SER J 41 -4.59 14.58 12.56
C SER J 41 -4.57 14.75 14.07
N LEU J 42 -3.69 14.01 14.76
CA LEU J 42 -3.58 14.15 16.21
C LEU J 42 -3.13 15.55 16.58
N GLU J 43 -2.12 16.06 15.89
CA GLU J 43 -1.64 17.42 16.16
C GLU J 43 -2.75 18.43 15.95
N SER J 44 -3.49 18.30 14.84
CA SER J 44 -4.56 19.24 14.53
C SER J 44 -5.65 19.21 15.59
N THR J 45 -6.10 18.01 15.97
CA THR J 45 -7.16 17.93 16.96
C THR J 45 -6.72 18.54 18.29
N ARG J 46 -5.51 18.21 18.73
CA ARG J 46 -5.04 18.75 20.01
C ARG J 46 -5.00 20.27 19.96
N ARG J 47 -4.40 20.84 18.90
CA ARG J 47 -4.26 22.28 18.84
C ARG J 47 -5.61 22.96 18.73
N MET J 48 -6.51 22.43 17.90
CA MET J 48 -7.83 23.03 17.77
C MET J 48 -8.58 23.01 19.08
N LEU J 49 -8.56 21.87 19.78
CA LEU J 49 -9.25 21.79 21.07
C LEU J 49 -8.71 22.82 22.05
N GLN J 50 -7.38 22.86 22.22
CA GLN J 50 -6.80 23.74 23.23
C GLN J 50 -7.05 25.21 22.88
N LEU J 51 -6.77 25.61 21.64
CA LEU J 51 -6.98 27.01 21.25
C LEU J 51 -8.45 27.39 21.35
N VAL J 52 -9.36 26.53 20.90
CA VAL J 52 -10.79 26.84 20.94
C VAL J 52 -11.22 27.07 22.38
N GLU J 53 -10.88 26.14 23.27
CA GLU J 53 -11.31 26.29 24.66
C GLU J 53 -10.69 27.52 25.31
N GLU J 54 -9.42 27.80 25.00
CA GLU J 54 -8.78 28.96 25.60
C GLU J 54 -9.44 30.25 25.14
N SER J 55 -9.68 30.40 23.84
CA SER J 55 -10.35 31.59 23.34
C SER J 55 -11.75 31.72 23.93
N LYS J 56 -12.45 30.60 24.05
CA LYS J 56 -13.77 30.60 24.69
C LYS J 56 -13.66 31.20 26.09
N ASP J 57 -12.92 30.53 26.98
CA ASP J 57 -12.82 31.00 28.36
C ASP J 57 -12.35 32.45 28.45
N ALA J 58 -11.46 32.85 27.54
CA ALA J 58 -10.97 34.22 27.52
C ALA J 58 -12.12 35.20 27.30
N GLY J 59 -12.79 35.07 26.15
CA GLY J 59 -13.92 35.94 25.89
C GLY J 59 -14.95 35.85 27.01
N ILE J 60 -15.11 34.68 27.59
CA ILE J 60 -16.05 34.48 28.68
C ILE J 60 -15.72 35.41 29.85
N ARG J 61 -14.45 35.44 30.25
CA ARG J 61 -14.07 36.30 31.35
C ARG J 61 -14.27 37.77 30.99
N THR J 62 -14.03 38.13 29.73
CA THR J 62 -14.31 39.50 29.32
C THR J 62 -15.81 39.82 29.47
N LEU J 63 -16.67 38.90 29.03
CA LEU J 63 -18.10 39.07 29.20
C LEU J 63 -18.44 39.34 30.66
N VAL J 64 -17.95 38.47 31.55
CA VAL J 64 -18.24 38.64 32.97
C VAL J 64 -17.73 39.97 33.48
N MET J 65 -16.64 40.47 32.90
CA MET J 65 -15.99 41.66 33.44
C MET J 65 -16.74 42.93 33.06
N LEU J 66 -17.25 43.02 31.83
CA LEU J 66 -17.71 44.32 31.30
C LEU J 66 -18.78 44.98 32.17
N ASP J 67 -19.64 44.19 32.82
CA ASP J 67 -20.78 44.76 33.53
C ASP J 67 -20.34 45.67 34.67
N GLU J 68 -19.21 45.37 35.30
CA GLU J 68 -18.72 46.20 36.41
C GLU J 68 -18.43 47.61 35.92
N GLN J 69 -17.73 47.74 34.79
CA GLN J 69 -17.48 49.06 34.24
C GLN J 69 -18.77 49.73 33.81
N GLY J 70 -19.70 48.96 33.25
CA GLY J 70 -20.99 49.55 32.90
C GLY J 70 -21.67 50.22 34.10
N GLU J 71 -21.77 49.49 35.21
CA GLU J 71 -22.45 50.06 36.38
C GLU J 71 -21.64 51.17 37.03
N GLN J 72 -20.31 51.08 36.99
CA GLN J 72 -19.49 52.17 37.48
C GLN J 72 -19.75 53.44 36.69
N LEU J 73 -19.84 53.33 35.37
CA LEU J 73 -20.12 54.49 34.55
C LEU J 73 -21.49 55.07 34.87
N GLU J 74 -22.48 54.19 35.08
CA GLU J 74 -23.80 54.65 35.50
C GLU J 74 -23.72 55.48 36.79
N ARG J 75 -23.04 54.94 37.79
CA ARG J 75 -22.98 55.63 39.09
C ARG J 75 -22.27 56.98 38.96
N ILE J 76 -21.16 57.02 38.21
CA ILE J 76 -20.45 58.28 38.07
C ILE J 76 -21.30 59.30 37.30
N GLU J 77 -22.08 58.84 36.33
CA GLU J 77 -22.98 59.74 35.62
C GLU J 77 -23.99 60.35 36.59
N GLU J 78 -24.58 59.51 37.45
CA GLU J 78 -25.50 60.02 38.45
C GLU J 78 -24.83 61.08 39.31
N GLY J 79 -23.64 60.77 39.82
CA GLY J 79 -22.95 61.70 40.69
C GLY J 79 -22.64 63.03 40.01
N MET J 80 -22.16 62.98 38.77
CA MET J 80 -21.79 64.21 38.08
C MET J 80 -23.00 65.07 37.78
N ASP J 81 -24.13 64.46 37.37
CA ASP J 81 -25.31 65.29 37.14
C ASP J 81 -25.80 65.92 38.44
N GLN J 82 -25.72 65.17 39.55
CA GLN J 82 -26.07 65.75 40.84
C GLN J 82 -25.18 66.94 41.16
N ILE J 83 -23.87 66.80 40.92
CA ILE J 83 -22.93 67.91 41.15
C ILE J 83 -23.35 69.11 40.31
N ASN J 84 -23.62 68.89 39.03
CA ASN J 84 -23.95 69.98 38.13
C ASN J 84 -25.16 70.74 38.63
N LYS J 85 -26.25 70.01 38.94
CA LYS J 85 -27.44 70.68 39.45
C LYS J 85 -27.13 71.48 40.71
N ASP J 86 -26.47 70.84 41.67
CA ASP J 86 -26.24 71.50 42.96
C ASP J 86 -25.46 72.79 42.76
N MET J 87 -24.35 72.72 42.02
CA MET J 87 -23.51 73.90 41.84
C MET J 87 -24.24 74.98 41.06
N LYS J 88 -24.99 74.61 40.02
CA LYS J 88 -25.72 75.61 39.25
C LYS J 88 -26.73 76.35 40.11
N GLU J 89 -27.56 75.61 40.85
CA GLU J 89 -28.56 76.25 41.69
C GLU J 89 -27.90 77.10 42.77
N ALA J 90 -26.83 76.58 43.37
CA ALA J 90 -26.12 77.36 44.39
C ALA J 90 -25.64 78.68 43.82
N GLU J 91 -24.98 78.66 42.66
CA GLU J 91 -24.41 79.89 42.14
C GLU J 91 -25.49 80.87 41.71
N LYS J 92 -26.58 80.39 41.10
CA LYS J 92 -27.62 81.32 40.69
C LYS J 92 -28.29 81.97 41.90
N ASN J 93 -28.58 81.18 42.94
CA ASN J 93 -29.15 81.77 44.14
C ASN J 93 -28.16 82.73 44.80
N LEU J 94 -26.86 82.45 44.69
CA LEU J 94 -25.87 83.31 45.32
C LEU J 94 -25.72 84.63 44.57
N THR J 95 -25.79 84.59 43.24
CA THR J 95 -25.83 85.82 42.47
C THR J 95 -27.07 86.64 42.82
N ASP J 96 -28.22 85.96 42.99
CA ASP J 96 -29.41 86.67 43.42
C ASP J 96 -29.20 87.34 44.77
N LEU J 97 -28.62 86.61 45.72
CA LEU J 97 -28.38 87.16 47.05
C LEU J 97 -27.42 88.34 46.99
N GLY J 98 -26.34 88.22 46.21
CA GLY J 98 -25.42 89.33 46.08
C GLY J 98 -26.07 90.56 45.47
N LYS J 99 -26.92 90.36 44.46
CA LYS J 99 -27.65 91.49 43.90
C LYS J 99 -28.57 92.12 44.94
N PHE J 100 -29.23 91.29 45.74
CA PHE J 100 -30.08 91.83 46.80
C PHE J 100 -29.28 92.66 47.79
N ALA J 101 -28.10 92.17 48.17
CA ALA J 101 -27.27 92.91 49.13
C ALA J 101 -26.86 94.26 48.58
N GLY J 102 -26.48 94.31 47.30
CA GLY J 102 -26.07 95.56 46.67
C GLY J 102 -27.25 96.39 46.20
N GLY K 1 -28.76 39.62 67.08
CA GLY K 1 -27.39 40.17 66.91
C GLY K 1 -27.14 41.37 67.81
N MET K 2 -26.06 41.30 68.59
CA MET K 2 -25.73 42.40 69.50
C MET K 2 -25.48 43.69 68.73
N ASP K 3 -24.73 43.60 67.63
CA ASP K 3 -24.53 44.79 66.80
C ASP K 3 -25.86 45.35 66.31
N THR K 4 -26.71 44.50 65.75
CA THR K 4 -28.01 44.95 65.28
C THR K 4 -28.91 45.40 66.43
N SER K 5 -28.77 44.78 67.60
CA SER K 5 -29.58 45.19 68.75
C SER K 5 -29.24 46.62 69.17
N GLY K 6 -27.94 46.90 69.36
CA GLY K 6 -27.54 48.26 69.67
C GLY K 6 -27.87 49.23 68.55
N LYS K 7 -27.77 48.77 67.30
CA LYS K 7 -28.13 49.61 66.16
C LYS K 7 -29.60 50.01 66.24
N GLN K 8 -30.48 49.06 66.54
CA GLN K 8 -31.90 49.37 66.67
C GLN K 8 -32.17 50.25 67.88
N ALA K 9 -31.42 50.06 68.96
CA ALA K 9 -31.58 50.92 70.13
C ALA K 9 -31.26 52.37 69.78
N GLU K 10 -30.12 52.61 69.12
CA GLU K 10 -29.79 53.96 68.72
C GLU K 10 -30.76 54.48 67.66
N ALA K 11 -31.31 53.60 66.83
CA ALA K 11 -32.32 54.02 65.88
C ALA K 11 -33.57 54.51 66.59
N MET K 12 -33.99 53.81 67.64
CA MET K 12 -35.13 54.27 68.43
C MET K 12 -34.82 55.61 69.11
N ALA K 13 -33.60 55.76 69.63
CA ALA K 13 -33.22 57.04 70.21
C ALA K 13 -33.32 58.16 69.19
N LEU K 14 -32.83 57.92 67.97
CA LEU K 14 -32.91 58.93 66.92
C LEU K 14 -34.36 59.18 66.51
N LEU K 15 -35.22 58.16 66.58
CA LEU K 15 -36.65 58.39 66.32
C LEU K 15 -37.24 59.30 67.38
N ALA K 16 -36.87 59.11 68.64
CA ALA K 16 -37.32 60.02 69.69
C ALA K 16 -36.83 61.44 69.43
N GLU K 17 -35.57 61.58 69.01
CA GLU K 17 -35.06 62.91 68.67
C GLU K 17 -35.81 63.50 67.49
N ALA K 18 -36.21 62.67 66.53
CA ALA K 18 -36.99 63.15 65.39
C ALA K 18 -38.37 63.60 65.82
N GLU K 19 -38.97 62.91 66.78
CA GLU K 19 -40.23 63.38 67.35
C GLU K 19 -40.05 64.73 68.03
N ARG K 20 -38.96 64.88 68.78
CA ARG K 20 -38.64 66.18 69.37
C ARG K 20 -38.51 67.24 68.30
N LYS K 21 -37.86 66.91 67.18
CA LYS K 21 -37.64 67.89 66.13
C LYS K 21 -38.93 68.24 65.38
N VAL K 22 -39.84 67.28 65.22
CA VAL K 22 -41.10 67.62 64.56
C VAL K 22 -41.96 68.49 65.47
N LYS K 23 -41.96 68.22 66.78
CA LYS K 23 -42.68 69.13 67.67
C LYS K 23 -42.02 70.51 67.68
N ASN K 24 -40.69 70.55 67.56
CA ASN K 24 -39.99 71.82 67.41
C ASN K 24 -40.42 72.54 66.13
N SER K 25 -40.57 71.79 65.04
CA SER K 25 -41.01 72.39 63.78
C SER K 25 -42.39 72.99 63.92
N GLN K 26 -43.30 72.26 64.56
CA GLN K 26 -44.65 72.79 64.74
C GLN K 26 -44.65 74.03 65.64
N SER K 27 -43.80 74.03 66.67
CA SER K 27 -43.70 75.21 67.54
C SER K 27 -43.09 76.40 66.81
N PHE K 28 -42.14 76.15 65.91
CA PHE K 28 -41.51 77.25 65.18
C PHE K 28 -42.37 77.72 64.02
N PHE K 29 -43.32 76.91 63.58
CA PHE K 29 -44.29 77.33 62.57
C PHE K 29 -45.47 78.06 63.19
N SER K 30 -45.83 77.75 64.44
CA SER K 30 -46.95 78.40 65.11
C SER K 30 -46.54 79.26 66.29
N GLY K 31 -45.42 78.97 66.93
CA GLY K 31 -44.99 79.73 68.10
C GLY K 31 -43.85 80.69 67.84
N LEU K 32 -42.92 80.31 66.97
CA LEU K 32 -41.74 81.11 66.67
C LEU K 32 -41.72 81.45 65.18
N PHE K 33 -40.64 82.11 64.75
CA PHE K 33 -40.45 82.48 63.36
C PHE K 33 -39.05 82.05 62.92
N GLY K 34 -38.89 81.94 61.60
CA GLY K 34 -37.61 81.51 61.06
C GLY K 34 -37.29 80.05 61.29
N GLY K 35 -38.30 79.21 61.45
CA GLY K 35 -38.08 77.79 61.69
C GLY K 35 -37.54 77.04 60.50
N SER K 36 -37.43 77.70 59.34
CA SER K 36 -36.91 77.03 58.15
C SER K 36 -35.58 76.35 58.43
N SER K 37 -34.66 77.05 59.11
CA SER K 37 -33.40 76.43 59.48
C SER K 37 -33.60 75.29 60.47
N LYS K 38 -34.50 75.47 61.44
CA LYS K 38 -34.73 74.42 62.42
C LYS K 38 -35.32 73.18 61.77
N ILE K 39 -36.29 73.35 60.86
CA ILE K 39 -36.85 72.20 60.17
C ILE K 39 -35.87 71.62 59.17
N GLU K 40 -34.93 72.41 58.65
CA GLU K 40 -33.85 71.85 57.85
C GLU K 40 -32.96 70.96 58.69
N GLU K 41 -32.65 71.38 59.91
CA GLU K 41 -31.91 70.50 60.83
C GLU K 41 -32.71 69.25 61.14
N ALA K 42 -34.03 69.39 61.29
CA ALA K 42 -34.89 68.24 61.47
C ALA K 42 -34.77 67.29 60.29
N CYS K 43 -34.74 67.84 59.06
CA CYS K 43 -34.57 67.00 57.88
C CYS K 43 -33.21 66.31 57.89
N GLU K 44 -32.16 67.01 58.34
CA GLU K 44 -30.84 66.41 58.41
C GLU K 44 -30.84 65.21 59.35
N ILE K 45 -31.40 65.38 60.55
CA ILE K 45 -31.43 64.27 61.49
C ILE K 45 -32.34 63.16 60.97
N TYR K 46 -33.43 63.51 60.27
CA TYR K 46 -34.28 62.50 59.68
C TYR K 46 -33.52 61.67 58.66
N ALA K 47 -32.73 62.32 57.80
CA ALA K 47 -31.93 61.59 56.82
C ALA K 47 -30.90 60.71 57.49
N ARG K 48 -30.23 61.23 58.52
CA ARG K 48 -29.30 60.40 59.28
C ARG K 48 -29.98 59.15 59.82
N ALA K 49 -31.13 59.34 60.48
CA ALA K 49 -31.84 58.21 61.07
C ALA K 49 -32.29 57.22 60.00
N ALA K 50 -32.79 57.72 58.87
CA ALA K 50 -33.29 56.83 57.82
C ALA K 50 -32.15 56.03 57.20
N ASN K 51 -31.02 56.67 56.93
CA ASN K 51 -29.88 55.93 56.38
C ASN K 51 -29.37 54.89 57.38
N MET K 52 -29.36 55.25 58.67
CA MET K 52 -28.99 54.27 59.69
C MET K 52 -29.99 53.12 59.73
N PHE K 53 -31.27 53.42 59.59
CA PHE K 53 -32.29 52.36 59.48
C PHE K 53 -31.95 51.43 58.33
N LYS K 54 -31.63 52.00 57.17
CA LYS K 54 -31.26 51.18 56.01
C LYS K 54 -30.08 50.28 56.34
N MET K 55 -29.08 50.83 57.03
CA MET K 55 -27.97 50.01 57.51
C MET K 55 -28.43 48.96 58.53
N ALA K 56 -29.56 49.18 59.19
CA ALA K 56 -30.02 48.32 60.28
C ALA K 56 -30.91 47.18 59.79
N LYS K 57 -31.11 47.04 58.49
CA LYS K 57 -31.90 46.01 57.82
C LYS K 57 -33.40 46.30 57.94
N ASN K 58 -33.82 47.32 58.68
CA ASN K 58 -35.23 47.68 58.78
C ASN K 58 -35.60 48.53 57.58
N TRP K 59 -35.85 47.85 56.46
CA TRP K 59 -36.12 48.54 55.20
C TRP K 59 -37.38 49.38 55.30
N SER K 60 -38.44 48.84 55.92
CA SER K 60 -39.69 49.56 56.00
C SER K 60 -39.54 50.85 56.79
N ALA K 61 -38.85 50.78 57.94
CA ALA K 61 -38.64 51.97 58.75
C ALA K 61 -37.79 52.99 58.00
N ALA K 62 -36.73 52.53 57.33
CA ALA K 62 -35.89 53.46 56.57
C ALA K 62 -36.69 54.16 55.49
N GLY K 63 -37.49 53.41 54.74
CA GLY K 63 -38.29 54.01 53.68
C GLY K 63 -39.32 54.98 54.22
N ASN K 64 -39.98 54.62 55.32
CA ASN K 64 -40.95 55.52 55.93
C ASN K 64 -40.30 56.81 56.39
N ALA K 65 -39.14 56.70 57.03
CA ALA K 65 -38.42 57.91 57.47
C ALA K 65 -38.01 58.76 56.29
N PHE K 66 -37.53 58.13 55.21
CA PHE K 66 -37.14 58.90 54.03
C PHE K 66 -38.33 59.61 53.42
N CYS K 67 -39.48 58.92 53.32
CA CYS K 67 -40.67 59.55 52.75
C CYS K 67 -41.14 60.71 53.61
N GLN K 68 -41.12 60.54 54.93
CA GLN K 68 -41.53 61.62 55.83
C GLN K 68 -40.59 62.81 55.68
N ALA K 69 -39.29 62.56 55.62
CA ALA K 69 -38.33 63.64 55.45
C ALA K 69 -38.57 64.37 54.13
N ALA K 70 -38.84 63.61 53.06
CA ALA K 70 -39.09 64.23 51.76
C ALA K 70 -40.32 65.14 51.83
N GLN K 71 -41.43 64.61 52.33
CA GLN K 71 -42.66 65.41 52.35
C GLN K 71 -42.53 66.61 53.27
N LEU K 72 -41.77 66.50 54.37
CA LEU K 72 -41.52 67.65 55.22
C LEU K 72 -40.66 68.68 54.49
N HIS K 73 -39.66 68.23 53.74
CA HIS K 73 -38.76 69.14 53.04
C HIS K 73 -39.44 69.83 51.87
N LEU K 74 -40.51 69.24 51.33
CA LEU K 74 -41.18 69.82 50.17
C LEU K 74 -41.65 71.25 50.43
N GLN K 75 -41.85 71.62 51.69
CA GLN K 75 -42.43 72.92 52.02
C GLN K 75 -41.46 74.07 51.92
N LEU K 76 -40.17 73.82 51.69
CA LEU K 76 -39.14 74.86 51.72
C LEU K 76 -38.79 75.37 50.33
N GLN K 77 -39.71 75.32 49.38
CA GLN K 77 -39.50 75.85 48.04
C GLN K 77 -38.30 75.20 47.36
N SER K 78 -38.06 73.92 47.63
CA SER K 78 -36.97 73.17 47.03
C SER K 78 -37.52 71.88 46.44
N LYS K 79 -36.97 71.48 45.30
CA LYS K 79 -37.48 70.33 44.56
C LYS K 79 -36.46 69.23 44.34
N HIS K 80 -35.21 69.57 44.02
CA HIS K 80 -34.24 68.53 43.70
C HIS K 80 -33.92 67.68 44.93
N ASP K 81 -33.75 68.29 46.10
CA ASP K 81 -33.55 67.51 47.30
C ASP K 81 -34.74 66.59 47.55
N ALA K 82 -35.94 67.09 47.27
CA ALA K 82 -37.14 66.25 47.36
C ALA K 82 -37.05 65.09 46.38
N ALA K 83 -36.57 65.34 45.15
CA ALA K 83 -36.44 64.27 44.17
C ALA K 83 -35.45 63.22 44.65
N THR K 84 -34.31 63.64 45.19
CA THR K 84 -33.32 62.69 45.68
C THR K 84 -33.87 61.86 46.82
N CYS K 85 -34.55 62.50 47.78
CA CYS K 85 -35.09 61.75 48.90
C CYS K 85 -36.20 60.81 48.47
N PHE K 86 -37.03 61.23 47.50
CA PHE K 86 -38.09 60.36 46.99
C PHE K 86 -37.51 59.14 46.27
N VAL K 87 -36.48 59.34 45.44
CA VAL K 87 -35.88 58.20 44.77
C VAL K 87 -35.21 57.29 45.78
N ASP K 88 -34.63 57.86 46.84
CA ASP K 88 -34.06 57.04 47.90
C ASP K 88 -35.13 56.21 48.59
N ALA K 89 -36.28 56.81 48.88
CA ALA K 89 -37.39 56.07 49.48
C ALA K 89 -37.86 54.95 48.56
N GLY K 90 -37.96 55.24 47.27
CA GLY K 90 -38.36 54.19 46.33
C GLY K 90 -37.35 53.06 46.27
N ASN K 91 -36.06 53.39 46.29
CA ASN K 91 -35.02 52.37 46.29
C ASN K 91 -35.11 51.52 47.56
N ALA K 92 -35.35 52.16 48.71
CA ALA K 92 -35.51 51.41 49.95
C ALA K 92 -36.72 50.50 49.87
N PHE K 93 -37.81 50.97 49.26
CA PHE K 93 -39.03 50.19 49.13
C PHE K 93 -38.96 49.17 47.99
N LYS K 94 -37.93 49.23 47.15
CA LYS K 94 -37.82 48.27 46.06
C LYS K 94 -37.97 46.85 46.57
N LYS K 95 -37.23 46.50 47.62
CA LYS K 95 -37.43 45.24 48.31
C LYS K 95 -38.53 45.40 49.36
N ALA K 96 -38.94 44.27 49.94
CA ALA K 96 -40.03 44.27 50.92
C ALA K 96 -41.33 44.71 50.25
N ASP K 97 -41.73 45.97 50.47
CA ASP K 97 -42.98 46.49 49.91
C ASP K 97 -42.66 47.50 48.82
N PRO K 98 -42.81 47.15 47.54
CA PRO K 98 -42.52 48.10 46.46
C PRO K 98 -43.71 48.87 45.92
N GLN K 99 -44.93 48.66 46.43
CA GLN K 99 -46.09 49.34 45.88
C GLN K 99 -45.98 50.85 46.04
N GLU K 100 -45.71 51.32 47.26
CA GLU K 100 -45.51 52.75 47.47
C GLU K 100 -44.28 53.25 46.72
N ALA K 101 -43.32 52.35 46.46
CA ALA K 101 -42.19 52.73 45.61
C ALA K 101 -42.68 53.15 44.24
N ILE K 102 -43.70 52.47 43.71
CA ILE K 102 -44.24 52.84 42.40
C ILE K 102 -44.72 54.29 42.42
N ASN K 103 -45.52 54.64 43.42
CA ASN K 103 -46.10 55.98 43.46
C ASN K 103 -45.03 57.05 43.69
N CYS K 104 -44.10 56.79 44.61
CA CYS K 104 -43.03 57.76 44.83
C CYS K 104 -42.17 57.92 43.59
N LEU K 105 -41.96 56.84 42.84
CA LEU K 105 -41.22 56.93 41.59
C LEU K 105 -41.98 57.71 40.55
N MET K 106 -43.31 57.56 40.52
CA MET K 106 -44.12 58.40 39.63
C MET K 106 -43.96 59.87 39.98
N ARG K 107 -43.95 60.19 41.28
CA ARG K 107 -43.73 61.58 41.70
C ARG K 107 -42.36 62.07 41.26
N ALA K 108 -41.33 61.24 41.43
CA ALA K 108 -39.98 61.63 41.01
C ALA K 108 -39.93 61.85 39.50
N ILE K 109 -40.59 60.97 38.74
CA ILE K 109 -40.66 61.13 37.29
C ILE K 109 -41.31 62.47 36.94
N GLU K 110 -42.42 62.79 37.61
CA GLU K 110 -43.10 64.05 37.33
C GLU K 110 -42.19 65.24 37.61
N ILE K 111 -41.46 65.19 38.75
CA ILE K 111 -40.56 66.29 39.08
C ILE K 111 -39.46 66.41 38.04
N TYR K 112 -38.87 65.28 37.66
CA TYR K 112 -37.76 65.32 36.71
C TYR K 112 -38.20 65.84 35.36
N THR K 113 -39.35 65.36 34.86
CA THR K 113 -39.82 65.84 33.56
C THR K 113 -40.24 67.31 33.63
N ASP K 114 -40.73 67.76 34.80
CA ASP K 114 -40.98 69.19 34.97
C ASP K 114 -39.68 69.97 34.89
N MET K 115 -38.60 69.44 35.48
CA MET K 115 -37.32 70.13 35.44
C MET K 115 -36.72 70.10 34.04
N GLY K 116 -36.53 68.90 33.48
CA GLY K 116 -36.05 68.80 32.11
C GLY K 116 -35.11 67.66 31.81
N ARG K 117 -34.70 66.91 32.83
CA ARG K 117 -33.69 65.87 32.65
C ARG K 117 -34.38 64.61 32.12
N PHE K 118 -34.33 64.44 30.79
CA PHE K 118 -35.06 63.35 30.15
C PHE K 118 -34.42 61.99 30.41
N THR K 119 -33.10 61.91 30.30
CA THR K 119 -32.43 60.61 30.37
C THR K 119 -32.66 59.93 31.72
N ILE K 120 -32.56 60.68 32.82
CA ILE K 120 -32.81 60.09 34.13
C ILE K 120 -34.26 59.64 34.24
N ALA K 121 -35.19 60.43 33.68
CA ALA K 121 -36.60 60.03 33.68
C ALA K 121 -36.80 58.73 32.93
N ALA K 122 -36.14 58.57 31.79
CA ALA K 122 -36.26 57.33 31.01
C ALA K 122 -35.65 56.15 31.77
N LYS K 123 -34.52 56.38 32.44
CA LYS K 123 -33.93 55.31 33.25
C LYS K 123 -34.89 54.87 34.34
N HIS K 124 -35.53 55.83 35.02
CA HIS K 124 -36.50 55.48 36.05
C HIS K 124 -37.73 54.80 35.44
N HIS K 125 -38.12 55.21 34.22
CA HIS K 125 -39.24 54.57 33.54
C HIS K 125 -38.94 53.09 33.28
N ILE K 126 -37.73 52.78 32.82
CA ILE K 126 -37.39 51.39 32.55
C ILE K 126 -37.23 50.63 33.86
N SER K 127 -36.72 51.27 34.91
CA SER K 127 -36.67 50.62 36.21
C SER K 127 -38.07 50.26 36.70
N ILE K 128 -39.02 51.19 36.55
CA ILE K 128 -40.40 50.92 36.92
C ILE K 128 -40.93 49.74 36.10
N ALA K 129 -40.68 49.74 34.80
CA ALA K 129 -41.18 48.66 33.96
C ALA K 129 -40.60 47.32 34.39
N GLU K 130 -39.29 47.27 34.67
CA GLU K 130 -38.67 46.00 35.03
C GLU K 130 -39.16 45.50 36.38
N ILE K 131 -39.29 46.38 37.37
CA ILE K 131 -39.82 45.94 38.67
C ILE K 131 -41.26 45.48 38.50
N TYR K 132 -42.04 46.17 37.68
CA TYR K 132 -43.43 45.78 37.48
C TYR K 132 -43.53 44.42 36.82
N GLU K 133 -42.67 44.14 35.84
CA GLU K 133 -42.74 42.85 35.16
C GLU K 133 -42.21 41.72 36.05
N THR K 134 -41.19 42.00 36.85
CA THR K 134 -40.59 40.94 37.67
C THR K 134 -41.44 40.62 38.90
N GLU K 135 -42.06 41.62 39.51
CA GLU K 135 -42.76 41.43 40.77
C GLU K 135 -44.28 41.58 40.68
N LEU K 136 -44.79 42.24 39.64
CA LEU K 136 -46.23 42.34 39.41
C LEU K 136 -46.60 41.50 38.20
N VAL K 137 -47.65 40.69 38.35
CA VAL K 137 -48.09 39.79 37.27
C VAL K 137 -49.05 40.60 36.41
N ASP K 138 -48.48 41.37 35.49
CA ASP K 138 -49.24 42.17 34.53
C ASP K 138 -48.26 42.76 33.54
N VAL K 139 -48.67 42.83 32.28
CA VAL K 139 -47.73 43.09 31.18
C VAL K 139 -48.11 44.37 30.45
N GLU K 140 -49.40 44.71 30.42
CA GLU K 140 -49.82 45.87 29.63
C GLU K 140 -49.18 47.15 30.14
N LYS K 141 -49.14 47.33 31.47
CA LYS K 141 -48.44 48.49 32.02
C LYS K 141 -46.95 48.42 31.72
N ALA K 142 -46.37 47.22 31.71
CA ALA K 142 -44.98 47.08 31.29
C ALA K 142 -44.80 47.50 29.83
N ILE K 143 -45.71 47.05 28.97
CA ILE K 143 -45.64 47.34 27.50
C ILE K 143 -45.79 48.84 27.33
N ALA K 144 -46.56 49.50 28.21
CA ALA K 144 -46.77 50.96 28.17
C ALA K 144 -45.48 51.65 28.59
N HIS K 145 -44.93 51.33 29.76
CA HIS K 145 -43.73 51.93 30.30
C HIS K 145 -42.54 51.79 29.33
N TYR K 146 -42.41 50.61 28.73
CA TYR K 146 -41.37 50.43 27.74
C TYR K 146 -41.57 51.41 26.59
N GLU K 147 -42.83 51.64 26.19
CA GLU K 147 -43.08 52.57 25.09
C GLU K 147 -42.68 54.00 25.45
N GLN K 148 -43.03 54.49 26.65
CA GLN K 148 -42.61 55.85 26.97
C GLN K 148 -41.10 55.95 27.07
N SER K 149 -40.45 54.94 27.67
CA SER K 149 -38.99 54.98 27.76
C SER K 149 -38.37 55.00 26.36
N ALA K 150 -38.93 54.22 25.44
CA ALA K 150 -38.44 54.23 24.06
C ALA K 150 -38.64 55.59 23.41
N ASP K 151 -39.81 56.20 23.63
CA ASP K 151 -40.05 57.53 23.07
C ASP K 151 -39.05 58.54 23.62
N TYR K 152 -38.81 58.50 24.93
CA TYR K 152 -37.84 59.42 25.53
C TYR K 152 -36.46 59.20 24.95
N TYR K 153 -36.05 57.93 24.80
CA TYR K 153 -34.70 57.64 24.31
C TYR K 153 -34.54 58.10 22.86
N LYS K 154 -35.48 57.71 21.98
CA LYS K 154 -35.36 58.08 20.58
C LYS K 154 -35.58 59.55 20.34
N GLY K 155 -36.28 60.25 21.24
CA GLY K 155 -36.44 61.68 21.11
C GLY K 155 -35.18 62.46 21.42
N GLU K 156 -34.28 61.89 22.21
CA GLU K 156 -33.02 62.53 22.59
C GLU K 156 -31.84 62.00 21.79
N GLU K 157 -32.09 61.20 20.76
CA GLU K 157 -31.10 60.68 19.81
C GLU K 157 -30.33 59.48 20.37
N SER K 158 -30.61 59.03 21.59
CA SER K 158 -29.97 57.82 22.10
C SER K 158 -30.56 56.60 21.40
N ASN K 159 -29.90 56.15 20.33
CA ASN K 159 -30.52 55.19 19.42
C ASN K 159 -30.50 53.77 19.97
N SER K 160 -29.39 53.37 20.60
CA SER K 160 -29.24 51.96 20.98
C SER K 160 -30.25 51.57 22.07
N SER K 161 -30.39 52.39 23.11
CA SER K 161 -31.34 52.10 24.16
C SER K 161 -32.75 52.03 23.62
N ALA K 162 -33.12 52.98 22.75
CA ALA K 162 -34.44 52.97 22.15
C ALA K 162 -34.65 51.71 21.31
N ASN K 163 -33.63 51.32 20.55
CA ASN K 163 -33.76 50.13 19.70
C ASN K 163 -34.01 48.89 20.55
N LYS K 164 -33.22 48.71 21.61
CA LYS K 164 -33.42 47.53 22.46
C LYS K 164 -34.78 47.58 23.13
N CYS K 165 -35.22 48.77 23.56
CA CYS K 165 -36.53 48.89 24.20
C CYS K 165 -37.65 48.51 23.24
N LEU K 166 -37.60 49.03 22.01
CA LEU K 166 -38.59 48.67 21.00
C LEU K 166 -38.58 47.18 20.74
N LEU K 167 -37.39 46.59 20.60
CA LEU K 167 -37.30 45.17 20.32
C LEU K 167 -37.93 44.36 21.45
N LYS K 168 -37.63 44.71 22.70
CA LYS K 168 -38.16 43.95 23.83
C LYS K 168 -39.68 44.09 23.91
N VAL K 169 -40.19 45.33 23.77
CA VAL K 169 -41.63 45.52 23.88
C VAL K 169 -42.36 44.80 22.76
N ALA K 170 -41.83 44.88 21.53
CA ALA K 170 -42.47 44.19 20.42
C ALA K 170 -42.44 42.68 20.60
N GLY K 171 -41.30 42.14 21.05
CA GLY K 171 -41.23 40.71 21.28
C GLY K 171 -42.20 40.24 22.35
N TYR K 172 -42.36 41.03 23.41
CA TYR K 172 -43.31 40.65 24.45
C TYR K 172 -44.75 40.76 23.95
N ALA K 173 -45.05 41.81 23.18
CA ALA K 173 -46.40 41.96 22.65
C ALA K 173 -46.75 40.82 21.69
N ALA K 174 -45.77 40.36 20.92
CA ALA K 174 -46.03 39.29 19.97
C ALA K 174 -46.60 38.05 20.65
N GLN K 175 -46.17 37.78 21.89
CA GLN K 175 -46.62 36.57 22.56
C GLN K 175 -48.10 36.63 22.89
N LEU K 176 -48.57 37.74 23.46
CA LEU K 176 -49.93 37.86 23.96
C LEU K 176 -50.75 38.94 23.27
N GLU K 177 -50.20 39.67 22.30
CA GLU K 177 -50.90 40.75 21.63
C GLU K 177 -50.87 40.49 20.13
N GLN K 178 -51.67 41.27 19.39
CA GLN K 178 -51.74 41.10 17.94
C GLN K 178 -50.36 41.28 17.31
N TYR K 179 -50.13 40.53 16.23
CA TYR K 179 -48.80 40.40 15.64
C TYR K 179 -48.46 41.53 14.66
N GLN K 180 -49.42 42.42 14.36
CA GLN K 180 -49.11 43.53 13.45
C GLN K 180 -48.04 44.44 14.04
N LYS K 181 -48.14 44.75 15.34
CA LYS K 181 -47.10 45.55 15.98
C LYS K 181 -45.78 44.81 16.00
N ALA K 182 -45.80 43.51 16.28
CA ALA K 182 -44.57 42.73 16.23
C ALA K 182 -43.91 42.87 14.87
N ILE K 183 -44.70 42.69 13.80
CA ILE K 183 -44.17 42.83 12.45
C ILE K 183 -43.59 44.23 12.26
N ASP K 184 -44.33 45.26 12.66
CA ASP K 184 -43.90 46.63 12.39
C ASP K 184 -42.57 46.93 13.06
N ILE K 185 -42.47 46.67 14.36
CA ILE K 185 -41.23 47.00 15.08
C ILE K 185 -40.09 46.10 14.63
N TYR K 186 -40.34 44.81 14.38
CA TYR K 186 -39.26 43.96 13.93
C TYR K 186 -38.72 44.41 12.58
N GLU K 187 -39.62 44.74 11.65
CA GLU K 187 -39.18 45.23 10.34
C GLU K 187 -38.43 46.54 10.48
N GLN K 188 -38.93 47.45 11.32
CA GLN K 188 -38.27 48.74 11.49
C GLN K 188 -36.85 48.57 12.03
N VAL K 189 -36.70 47.77 13.08
CA VAL K 189 -35.39 47.58 13.67
C VAL K 189 -34.45 46.86 12.70
N GLY K 190 -34.96 45.86 11.98
CA GLY K 190 -34.13 45.18 11.00
C GLY K 190 -33.65 46.11 9.91
N THR K 191 -34.56 46.94 9.37
CA THR K 191 -34.17 47.87 8.32
C THR K 191 -33.18 48.91 8.83
N SER K 192 -33.39 49.42 10.05
CA SER K 192 -32.45 50.37 10.61
C SER K 192 -31.07 49.74 10.82
N ALA K 193 -31.05 48.48 11.24
CA ALA K 193 -29.78 47.81 11.50
C ALA K 193 -29.07 47.40 10.21
N MET K 194 -29.81 47.15 9.13
CA MET K 194 -29.20 46.68 7.90
C MET K 194 -28.07 47.60 7.46
N ASP K 195 -28.36 48.90 7.37
CA ASP K 195 -27.32 49.85 6.98
C ASP K 195 -26.20 49.92 8.02
N SER K 196 -26.57 49.90 9.30
CA SER K 196 -25.57 49.99 10.36
C SER K 196 -24.69 48.75 10.35
N PRO K 197 -23.36 48.88 10.40
CA PRO K 197 -22.50 47.69 10.38
C PRO K 197 -22.47 46.90 11.68
N LEU K 198 -23.21 47.32 12.71
CA LEU K 198 -23.22 46.58 13.97
C LEU K 198 -24.07 45.32 13.86
N LEU K 199 -25.36 45.48 13.62
CA LEU K 199 -26.31 44.38 13.63
C LEU K 199 -26.63 43.86 12.23
N LYS K 200 -25.87 44.28 11.22
CA LYS K 200 -26.22 43.93 9.84
C LYS K 200 -26.19 42.43 9.58
N TYR K 201 -25.19 41.74 10.12
CA TYR K 201 -25.09 40.29 9.99
C TYR K 201 -25.67 39.56 11.19
N SER K 202 -26.48 40.25 12.00
CA SER K 202 -27.34 39.61 12.99
C SER K 202 -28.80 39.95 12.80
N ALA K 203 -29.14 40.89 11.91
CA ALA K 203 -30.53 41.21 11.65
C ALA K 203 -31.28 40.05 11.02
N LYS K 204 -30.55 39.05 10.51
CA LYS K 204 -31.22 37.87 9.96
C LYS K 204 -32.14 37.23 10.99
N ASP K 205 -31.75 37.24 12.27
CA ASP K 205 -32.61 36.67 13.30
C ASP K 205 -33.88 37.49 13.47
N TYR K 206 -33.77 38.82 13.41
CA TYR K 206 -34.97 39.66 13.49
C TYR K 206 -35.88 39.41 12.30
N PHE K 207 -35.29 39.25 11.11
CA PHE K 207 -36.08 38.91 9.93
C PHE K 207 -36.74 37.54 10.12
N PHE K 208 -36.05 36.60 10.74
CA PHE K 208 -36.64 35.29 11.03
C PHE K 208 -37.85 35.44 11.95
N LYS K 209 -37.72 36.24 12.99
CA LYS K 209 -38.85 36.45 13.91
C LYS K 209 -40.02 37.10 13.19
N ALA K 210 -39.75 38.09 12.34
CA ALA K 210 -40.81 38.72 11.56
C ALA K 210 -41.46 37.72 10.63
N ALA K 211 -40.66 36.83 10.02
CA ALA K 211 -41.20 35.81 9.13
C ALA K 211 -42.09 34.84 9.89
N LEU K 212 -41.69 34.46 11.10
CA LEU K 212 -42.54 33.60 11.92
C LEU K 212 -43.85 34.31 12.28
N CYS K 213 -43.77 35.60 12.59
CA CYS K 213 -44.97 36.36 12.91
C CYS K 213 -45.92 36.41 11.71
N HIS K 214 -45.37 36.59 10.50
CA HIS K 214 -46.18 36.51 9.30
C HIS K 214 -46.76 35.11 9.13
N PHE K 215 -45.94 34.09 9.39
CA PHE K 215 -46.32 32.71 9.16
C PHE K 215 -47.47 32.30 10.07
N CYS K 216 -47.54 32.89 11.26
CA CYS K 216 -48.57 32.50 12.22
C CYS K 216 -49.97 32.81 11.71
N ILE K 217 -50.17 33.98 11.10
CA ILE K 217 -51.51 34.40 10.70
C ILE K 217 -51.97 33.63 9.47
N ASP K 218 -51.22 33.74 8.37
CA ASP K 218 -51.62 33.15 7.11
C ASP K 218 -50.40 32.79 6.30
N MET K 219 -50.60 31.94 5.30
CA MET K 219 -49.48 31.44 4.50
C MET K 219 -49.07 32.46 3.46
N LEU K 220 -50.02 32.89 2.61
CA LEU K 220 -49.69 33.72 1.46
C LEU K 220 -48.96 35.00 1.87
N ASN K 221 -49.45 35.68 2.91
CA ASN K 221 -48.78 36.88 3.39
C ASN K 221 -47.37 36.55 3.88
N ALA K 222 -47.19 35.39 4.50
CA ALA K 222 -45.85 35.00 4.96
C ALA K 222 -44.92 34.79 3.78
N LYS K 223 -45.39 34.11 2.72
CA LYS K 223 -44.58 33.93 1.53
C LYS K 223 -44.22 35.28 0.92
N LEU K 224 -45.18 36.19 0.82
CA LEU K 224 -44.90 37.52 0.28
C LEU K 224 -43.86 38.24 1.13
N ALA K 225 -44.01 38.17 2.46
CA ALA K 225 -43.07 38.86 3.33
C ALA K 225 -41.67 38.30 3.22
N VAL K 226 -41.54 36.97 3.19
CA VAL K 226 -40.20 36.38 3.10
C VAL K 226 -39.58 36.67 1.74
N GLN K 227 -40.38 36.65 0.68
CA GLN K 227 -39.86 37.01 -0.64
C GLN K 227 -39.39 38.46 -0.65
N LYS K 228 -40.15 39.36 -0.04
CA LYS K 228 -39.73 40.76 0.05
C LYS K 228 -38.44 40.88 0.85
N TYR K 229 -38.32 40.14 1.95
CA TYR K 229 -37.11 40.19 2.75
C TYR K 229 -35.91 39.74 1.95
N GLU K 230 -36.01 38.59 1.26
CA GLU K 230 -34.87 38.08 0.52
C GLU K 230 -34.56 38.96 -0.70
N GLU K 231 -35.56 39.63 -1.26
CA GLU K 231 -35.31 40.60 -2.32
C GLU K 231 -34.52 41.80 -1.79
N LEU K 232 -35.00 42.38 -0.68
CA LEU K 232 -34.33 43.55 -0.13
C LEU K 232 -32.95 43.19 0.42
N PHE K 233 -32.81 42.00 0.99
CA PHE K 233 -31.58 41.54 1.64
C PHE K 233 -31.11 40.28 0.92
N PRO K 234 -30.32 40.41 -0.14
CA PRO K 234 -29.93 39.21 -0.90
C PRO K 234 -29.21 38.17 -0.07
N ALA K 235 -28.39 38.59 0.91
CA ALA K 235 -27.66 37.64 1.73
C ALA K 235 -28.55 36.89 2.71
N PHE K 236 -29.86 37.16 2.72
CA PHE K 236 -30.78 36.40 3.56
C PHE K 236 -31.17 35.07 2.95
N SER K 237 -31.10 34.94 1.62
CA SER K 237 -31.49 33.69 0.97
C SER K 237 -30.61 32.54 1.42
N ASP K 238 -29.30 32.75 1.47
CA ASP K 238 -28.38 31.68 1.84
C ASP K 238 -28.46 31.33 3.33
N SER K 239 -29.05 32.22 4.12
CA SER K 239 -29.12 32.07 5.60
C SER K 239 -29.80 30.76 5.97
N ARG K 240 -29.39 30.15 7.09
CA ARG K 240 -29.99 28.88 7.59
C ARG K 240 -31.46 29.10 7.92
N GLU K 241 -31.87 30.35 8.18
CA GLU K 241 -33.27 30.67 8.58
C GLU K 241 -34.19 30.56 7.37
N CYS K 242 -33.71 30.82 6.15
CA CYS K 242 -34.55 30.83 4.96
C CYS K 242 -34.86 29.40 4.52
N LYS K 243 -33.85 28.52 4.52
CA LYS K 243 -34.10 27.12 4.19
C LYS K 243 -35.06 26.49 5.19
N LEU K 244 -34.87 26.82 6.46
CA LEU K 244 -35.80 26.36 7.50
C LEU K 244 -37.23 26.71 7.14
N MET K 245 -37.47 28.00 6.87
CA MET K 245 -38.84 28.43 6.62
C MET K 245 -39.39 27.83 5.33
N LYS K 246 -38.55 27.69 4.31
CA LYS K 246 -39.03 27.11 3.06
C LYS K 246 -39.45 25.66 3.25
N LYS K 247 -38.62 24.85 3.91
CA LYS K 247 -39.03 23.46 4.16
C LYS K 247 -40.26 23.41 5.06
N LEU K 248 -40.31 24.29 6.06
CA LEU K 248 -41.45 24.28 6.98
C LEU K 248 -42.75 24.58 6.25
N LEU K 249 -42.74 25.60 5.37
CA LEU K 249 -43.96 25.91 4.62
C LEU K 249 -44.29 24.83 3.61
N GLU K 250 -43.27 24.19 3.00
CA GLU K 250 -43.54 23.08 2.10
C GLU K 250 -44.25 21.95 2.84
N ALA K 251 -43.79 21.64 4.06
CA ALA K 251 -44.44 20.61 4.86
C ALA K 251 -45.85 21.03 5.25
N HIS K 252 -46.03 22.29 5.66
CA HIS K 252 -47.34 22.74 6.10
C HIS K 252 -48.36 22.70 4.97
N GLU K 253 -47.93 23.02 3.75
CA GLU K 253 -48.84 23.02 2.61
C GLU K 253 -49.41 21.62 2.38
N GLU K 254 -48.57 20.59 2.49
CA GLU K 254 -49.02 19.22 2.24
C GLU K 254 -49.76 18.60 3.41
N GLN K 255 -49.77 19.26 4.57
CA GLN K 255 -50.47 18.76 5.76
C GLN K 255 -49.94 17.37 6.15
N ASN K 256 -48.66 17.34 6.53
CA ASN K 256 -47.99 16.13 6.99
C ASN K 256 -47.27 16.45 8.29
N VAL K 257 -47.75 15.84 9.39
CA VAL K 257 -47.19 16.13 10.70
C VAL K 257 -45.75 15.63 10.81
N ASP K 258 -45.47 14.44 10.28
CA ASP K 258 -44.18 13.81 10.51
C ASP K 258 -43.04 14.65 9.93
N SER K 259 -43.22 15.17 8.71
CA SER K 259 -42.15 15.91 8.07
C SER K 259 -41.81 17.18 8.85
N TYR K 260 -42.83 17.94 9.24
CA TYR K 260 -42.58 19.16 10.02
C TYR K 260 -41.93 18.84 11.36
N THR K 261 -42.43 17.82 12.05
CA THR K 261 -41.90 17.47 13.36
C THR K 261 -40.43 17.05 13.26
N GLU K 262 -40.12 16.18 12.29
CA GLU K 262 -38.74 15.71 12.16
C GLU K 262 -37.82 16.83 11.70
N SER K 263 -38.32 17.74 10.85
CA SER K 263 -37.48 18.86 10.43
C SER K 263 -37.12 19.74 11.62
N VAL K 264 -38.11 20.09 12.45
CA VAL K 264 -37.81 20.94 13.59
C VAL K 264 -36.90 20.22 14.58
N LYS K 265 -37.09 18.91 14.75
CA LYS K 265 -36.22 18.14 15.62
C LYS K 265 -34.78 18.18 15.11
N GLU K 266 -34.60 18.04 13.79
CA GLU K 266 -33.25 18.12 13.24
C GLU K 266 -32.66 19.49 13.52
N TYR K 267 -33.30 20.56 13.03
CA TYR K 267 -32.73 21.93 13.16
C TYR K 267 -32.31 22.15 14.62
N ASP K 268 -33.01 21.53 15.57
CA ASP K 268 -32.68 21.62 17.02
C ASP K 268 -31.24 21.13 17.24
N SER K 269 -30.81 20.07 16.55
CA SER K 269 -29.43 19.51 16.66
C SER K 269 -28.42 20.66 16.70
N ILE K 270 -28.55 21.66 15.82
CA ILE K 270 -27.67 22.87 15.86
C ILE K 270 -28.09 23.69 17.08
N SER K 271 -27.21 23.89 18.05
CA SER K 271 -27.57 24.55 19.33
C SER K 271 -28.78 23.78 19.88
N ARG K 272 -29.88 24.45 20.28
CA ARG K 272 -31.13 23.77 20.74
C ARG K 272 -32.34 24.59 20.25
N LEU K 273 -33.11 25.23 21.14
CA LEU K 273 -34.28 26.09 20.80
C LEU K 273 -34.44 27.13 21.92
N ASP K 274 -35.49 27.98 21.92
CA ASP K 274 -35.70 28.93 23.00
C ASP K 274 -37.13 28.81 23.50
N GLN K 275 -37.39 29.46 24.64
CA GLN K 275 -38.71 29.36 25.26
C GLN K 275 -39.81 29.96 24.39
N TRP K 276 -39.44 30.90 23.51
CA TRP K 276 -40.43 31.57 22.67
C TRP K 276 -40.65 30.82 21.36
N LEU K 277 -39.57 30.37 20.71
CA LEU K 277 -39.71 29.75 19.39
C LEU K 277 -40.40 28.39 19.47
N THR K 278 -40.13 27.62 20.53
CA THR K 278 -40.82 26.34 20.69
C THR K 278 -42.32 26.54 20.85
N THR K 279 -42.72 27.47 21.71
CA THR K 279 -44.14 27.77 21.86
C THR K 279 -44.72 28.28 20.56
N MET K 280 -43.95 29.09 19.81
CA MET K 280 -44.42 29.61 18.53
C MET K 280 -44.73 28.47 17.57
N LEU K 281 -43.78 27.54 17.42
CA LEU K 281 -43.96 26.43 16.51
C LEU K 281 -45.12 25.55 16.95
N LEU K 282 -45.24 25.28 18.26
CA LEU K 282 -46.35 24.47 18.73
C LEU K 282 -47.68 25.14 18.44
N ARG K 283 -47.78 26.45 18.69
CA ARG K 283 -49.02 27.18 18.44
C ARG K 283 -49.42 27.11 16.98
N ILE K 284 -48.45 27.34 16.07
CA ILE K 284 -48.79 27.32 14.66
C ILE K 284 -49.10 25.91 14.19
N LYS K 285 -48.45 24.90 14.76
CA LYS K 285 -48.72 23.52 14.37
C LYS K 285 -50.12 23.09 14.81
N LYS K 286 -50.55 23.54 16.00
CA LYS K 286 -51.82 23.06 16.55
C LYS K 286 -53.00 23.33 15.61
N THR K 287 -52.88 24.34 14.74
CA THR K 287 -53.96 24.72 13.84
C THR K 287 -53.77 24.19 12.43
N ILE K 288 -53.02 23.09 12.28
CA ILE K 288 -52.83 22.50 10.96
C ILE K 288 -54.13 21.90 10.44
N GLN K 289 -54.93 21.31 11.33
CA GLN K 289 -56.17 20.66 10.93
C GLN K 289 -55.91 19.52 9.98
N GLY L 1 17.35 59.03 46.19
CA GLY L 1 18.74 59.43 46.56
C GLY L 1 18.82 60.82 47.16
N MET L 2 19.49 61.73 46.45
CA MET L 2 19.59 63.10 46.94
C MET L 2 18.22 63.75 47.04
N ASP L 3 17.33 63.45 46.10
CA ASP L 3 15.96 63.96 46.18
C ASP L 3 15.30 63.52 47.47
N THR L 4 15.40 62.23 47.81
CA THR L 4 14.78 61.74 49.03
C THR L 4 15.41 62.36 50.27
N SER L 5 16.74 62.49 50.27
CA SER L 5 17.42 63.08 51.43
C SER L 5 16.97 64.52 51.64
N GLY L 6 16.93 65.31 50.58
CA GLY L 6 16.42 66.66 50.69
C GLY L 6 14.99 66.68 51.19
N LYS L 7 14.11 65.96 50.50
CA LYS L 7 12.71 65.91 50.92
C LYS L 7 12.61 65.62 52.41
N GLN L 8 13.38 64.66 52.90
CA GLN L 8 13.35 64.34 54.33
C GLN L 8 13.85 65.51 55.17
N ALA L 9 14.91 66.19 54.73
CA ALA L 9 15.45 67.31 55.50
C ALA L 9 14.44 68.44 55.64
N GLU L 10 13.98 68.97 54.50
CA GLU L 10 12.98 70.03 54.57
C GLU L 10 11.66 69.53 55.17
N ALA L 11 11.41 68.23 55.16
CA ALA L 11 10.20 67.72 55.81
C ALA L 11 10.33 67.75 57.33
N MET L 12 11.50 67.35 57.85
CA MET L 12 11.74 67.53 59.28
C MET L 12 11.65 68.99 59.66
N ALA L 13 12.21 69.87 58.81
CA ALA L 13 12.06 71.30 59.04
C ALA L 13 10.59 71.69 59.12
N LEU L 14 9.79 71.23 58.17
CA LEU L 14 8.37 71.58 58.13
C LEU L 14 7.64 71.05 59.35
N LEU L 15 8.01 69.85 59.82
CA LEU L 15 7.41 69.33 61.05
C LEU L 15 7.77 70.20 62.25
N ALA L 16 9.00 70.72 62.28
CA ALA L 16 9.36 71.67 63.33
C ALA L 16 8.48 72.91 63.26
N GLU L 17 8.34 73.49 62.06
CA GLU L 17 7.47 74.66 61.94
C GLU L 17 6.01 74.30 62.20
N ALA L 18 5.63 73.05 62.01
CA ALA L 18 4.24 72.64 62.24
C ALA L 18 3.93 72.50 63.71
N GLU L 19 4.86 71.93 64.50
CA GLU L 19 4.67 71.91 65.94
C GLU L 19 4.70 73.33 66.49
N ARG L 20 5.60 74.18 65.97
CA ARG L 20 5.55 75.59 66.32
C ARG L 20 4.20 76.19 65.96
N LYS L 21 3.66 75.81 64.80
CA LYS L 21 2.37 76.35 64.36
C LYS L 21 1.27 75.98 65.34
N VAL L 22 1.17 74.71 65.71
CA VAL L 22 0.10 74.30 66.61
C VAL L 22 0.25 75.00 67.96
N LYS L 23 1.49 75.03 68.50
CA LYS L 23 1.68 75.65 69.80
C LYS L 23 1.34 77.14 69.77
N ASN L 24 1.93 77.87 68.83
CA ASN L 24 1.68 79.31 68.75
C ASN L 24 0.24 79.61 68.36
N SER L 25 -0.42 78.71 67.64
CA SER L 25 -1.80 78.94 67.25
C SER L 25 -2.74 78.77 68.43
N GLN L 26 -2.51 77.76 69.26
CA GLN L 26 -3.32 77.66 70.49
C GLN L 26 -3.03 78.84 71.41
N SER L 27 -1.76 79.26 71.49
CA SER L 27 -1.44 80.42 72.30
C SER L 27 -2.15 81.67 71.78
N PHE L 28 -2.15 81.89 70.47
CA PHE L 28 -2.81 83.05 69.89
C PHE L 28 -4.33 82.97 70.06
N PHE L 29 -4.89 81.77 69.97
CA PHE L 29 -6.32 81.62 70.21
C PHE L 29 -6.67 81.98 71.64
N SER L 30 -5.83 81.57 72.60
CA SER L 30 -6.08 81.91 73.99
C SER L 30 -5.93 83.41 74.25
N GLY L 31 -4.89 84.02 73.68
CA GLY L 31 -4.55 85.40 74.03
C GLY L 31 -5.20 86.48 73.20
N LEU L 32 -5.70 86.13 72.01
CA LEU L 32 -6.26 87.10 71.08
C LEU L 32 -7.59 86.69 70.47
N PHE L 33 -7.91 85.40 70.43
CA PHE L 33 -9.17 84.92 69.84
C PHE L 33 -9.26 85.34 68.37
N GLY L 34 -8.32 84.82 67.58
CA GLY L 34 -8.27 85.10 66.16
C GLY L 34 -9.17 84.26 65.29
N GLY L 35 -9.95 83.36 65.87
CA GLY L 35 -10.86 82.52 65.11
C GLY L 35 -10.39 81.09 64.99
N SER L 36 -10.50 80.52 63.79
CA SER L 36 -10.11 79.14 63.56
C SER L 36 -9.28 78.96 62.29
N SER L 37 -8.88 80.05 61.63
CA SER L 37 -8.09 79.94 60.41
C SER L 37 -6.74 79.29 60.68
N LYS L 38 -6.13 79.60 61.83
CA LYS L 38 -4.81 79.06 62.15
C LYS L 38 -4.85 77.54 62.29
N ILE L 39 -5.94 77.01 62.87
CA ILE L 39 -6.06 75.55 62.98
C ILE L 39 -6.13 74.92 61.60
N GLU L 40 -6.91 75.52 60.69
CA GLU L 40 -6.97 75.01 59.32
C GLU L 40 -5.60 75.07 58.66
N GLU L 41 -4.86 76.16 58.85
CA GLU L 41 -3.54 76.28 58.26
C GLU L 41 -2.61 75.19 58.80
N ALA L 42 -2.68 74.92 60.10
CA ALA L 42 -1.91 73.83 60.68
C ALA L 42 -2.31 72.49 60.06
N CYS L 43 -3.60 72.32 59.78
CA CYS L 43 -4.05 71.09 59.13
C CYS L 43 -3.43 70.93 57.75
N GLU L 44 -3.44 72.00 56.95
CA GLU L 44 -2.82 71.90 55.62
C GLU L 44 -1.32 71.70 55.72
N ILE L 45 -0.68 72.29 56.72
CA ILE L 45 0.75 72.05 56.92
C ILE L 45 0.99 70.59 57.23
N TYR L 46 0.16 70.00 58.09
CA TYR L 46 0.28 68.56 58.38
C TYR L 46 0.10 67.74 57.10
N ALA L 47 -0.89 68.11 56.29
CA ALA L 47 -1.16 67.36 55.07
C ALA L 47 0.03 67.40 54.13
N ARG L 48 0.58 68.59 53.88
CA ARG L 48 1.71 68.69 52.96
C ARG L 48 2.95 68.02 53.53
N ALA L 49 3.14 68.10 54.86
CA ALA L 49 4.25 67.41 55.48
C ALA L 49 4.13 65.90 55.31
N ALA L 50 2.93 65.36 55.49
CA ALA L 50 2.73 63.93 55.28
C ALA L 50 2.97 63.56 53.81
N ASN L 51 2.53 64.41 52.89
CA ASN L 51 2.72 64.12 51.48
C ASN L 51 4.21 64.09 51.12
N MET L 52 4.99 65.04 51.65
CA MET L 52 6.42 65.04 51.36
C MET L 52 7.15 63.91 52.10
N PHE L 53 6.63 63.48 53.25
CA PHE L 53 7.14 62.26 53.85
C PHE L 53 6.91 61.07 52.93
N LYS L 54 5.73 60.98 52.33
CA LYS L 54 5.47 59.91 51.37
C LYS L 54 6.42 60.01 50.18
N MET L 55 6.66 61.22 49.68
CA MET L 55 7.63 61.39 48.61
C MET L 55 9.03 60.98 49.07
N ALA L 56 9.31 61.10 50.37
CA ALA L 56 10.61 60.74 50.91
C ALA L 56 10.73 59.26 51.21
N LYS L 57 9.68 58.47 50.95
CA LYS L 57 9.73 57.02 51.14
C LYS L 57 9.85 56.65 52.61
N ASN L 58 9.02 57.30 53.43
CA ASN L 58 8.91 56.99 54.87
C ASN L 58 7.43 56.89 55.18
N TRP L 59 6.89 55.67 55.10
CA TRP L 59 5.45 55.48 55.17
C TRP L 59 4.91 55.55 56.59
N SER L 60 5.68 55.08 57.59
CA SER L 60 5.18 55.10 58.96
C SER L 60 4.91 56.51 59.43
N ALA L 61 5.88 57.40 59.26
CA ALA L 61 5.72 58.78 59.72
C ALA L 61 4.68 59.52 58.87
N ALA L 62 4.60 59.22 57.58
CA ALA L 62 3.57 59.83 56.75
C ALA L 62 2.18 59.43 57.24
N GLY L 63 1.98 58.15 57.56
CA GLY L 63 0.71 57.71 58.09
C GLY L 63 0.42 58.32 59.45
N ASN L 64 1.44 58.46 60.29
CA ASN L 64 1.26 59.13 61.57
C ASN L 64 0.79 60.57 61.38
N ALA L 65 1.42 61.29 60.46
CA ALA L 65 1.01 62.66 60.18
C ALA L 65 -0.41 62.71 59.63
N PHE L 66 -0.76 61.76 58.75
CA PHE L 66 -2.11 61.72 58.22
C PHE L 66 -3.14 61.49 59.33
N CYS L 67 -2.84 60.56 60.25
CA CYS L 67 -3.75 60.31 61.36
C CYS L 67 -3.87 61.54 62.26
N GLN L 68 -2.76 62.21 62.53
CA GLN L 68 -2.80 63.41 63.36
C GLN L 68 -3.64 64.50 62.70
N ALA L 69 -3.47 64.69 61.40
CA ALA L 69 -4.28 65.67 60.67
C ALA L 69 -5.75 65.29 60.72
N ALA L 70 -6.06 64.00 60.54
CA ALA L 70 -7.45 63.57 60.56
C ALA L 70 -8.09 63.83 61.91
N GLN L 71 -7.38 63.49 62.99
CA GLN L 71 -7.95 63.68 64.32
C GLN L 71 -8.11 65.16 64.64
N LEU L 72 -7.13 65.99 64.28
CA LEU L 72 -7.27 67.42 64.52
C LEU L 72 -8.42 68.01 63.71
N HIS L 73 -8.59 67.55 62.48
CA HIS L 73 -9.65 68.10 61.63
C HIS L 73 -11.02 67.69 62.15
N LEU L 74 -11.21 66.41 62.49
CA LEU L 74 -12.48 66.00 63.07
C LEU L 74 -12.72 66.68 64.42
N GLN L 75 -11.64 67.03 65.14
CA GLN L 75 -11.78 67.89 66.30
C GLN L 75 -12.27 69.27 65.88
N LEU L 76 -11.96 69.70 64.66
CA LEU L 76 -12.48 70.94 64.12
C LEU L 76 -13.91 70.80 63.59
N GLN L 77 -14.59 69.71 63.92
CA GLN L 77 -16.00 69.50 63.55
C GLN L 77 -16.17 69.36 62.04
N SER L 78 -15.34 68.51 61.44
CA SER L 78 -15.47 68.20 60.02
C SER L 78 -14.99 66.77 59.78
N LYS L 79 -15.83 65.98 59.12
CA LYS L 79 -15.65 64.53 59.00
C LYS L 79 -15.12 64.09 57.64
N HIS L 80 -15.77 64.51 56.55
CA HIS L 80 -15.38 64.04 55.22
C HIS L 80 -13.88 64.23 54.99
N ASP L 81 -13.36 65.41 55.30
CA ASP L 81 -11.91 65.61 55.20
C ASP L 81 -11.18 64.71 56.19
N ALA L 82 -11.72 64.57 57.40
CA ALA L 82 -11.11 63.67 58.37
C ALA L 82 -11.15 62.22 57.88
N ALA L 83 -12.26 61.81 57.27
CA ALA L 83 -12.36 60.47 56.73
C ALA L 83 -11.35 60.26 55.61
N THR L 84 -11.18 61.26 54.74
CA THR L 84 -10.19 61.17 53.68
C THR L 84 -8.79 61.02 54.26
N CYS L 85 -8.48 61.82 55.29
CA CYS L 85 -7.18 61.70 55.93
C CYS L 85 -6.99 60.33 56.57
N PHE L 86 -8.05 59.79 57.19
CA PHE L 86 -7.95 58.47 57.81
C PHE L 86 -7.70 57.38 56.78
N VAL L 87 -8.41 57.43 55.65
CA VAL L 87 -8.22 56.42 54.62
C VAL L 87 -6.84 56.56 54.00
N ASP L 88 -6.34 57.79 53.86
CA ASP L 88 -4.98 57.99 53.37
C ASP L 88 -3.96 57.40 54.34
N ALA L 89 -4.18 57.59 55.64
CA ALA L 89 -3.30 57.00 56.64
C ALA L 89 -3.34 55.48 56.56
N GLY L 90 -4.53 54.91 56.37
CA GLY L 90 -4.64 53.47 56.22
C GLY L 90 -3.90 52.96 55.01
N ASN L 91 -4.02 53.66 53.88
CA ASN L 91 -3.29 53.26 52.68
C ASN L 91 -1.78 53.36 52.90
N ALA L 92 -1.32 54.41 53.58
CA ALA L 92 0.10 54.53 53.89
C ALA L 92 0.57 53.39 54.80
N PHE L 93 -0.26 53.00 55.75
CA PHE L 93 0.09 51.92 56.67
C PHE L 93 -0.11 50.54 56.05
N LYS L 94 -0.77 50.45 54.91
CA LYS L 94 -1.00 49.16 54.25
C LYS L 94 0.30 48.36 54.18
N LYS L 95 1.33 48.95 53.60
CA LYS L 95 2.65 48.35 53.62
C LYS L 95 3.32 48.63 54.96
N ALA L 96 4.49 48.03 55.15
CA ALA L 96 5.22 48.15 56.42
C ALA L 96 4.36 47.58 57.55
N ASP L 97 3.75 48.44 58.36
CA ASP L 97 2.92 48.00 59.47
C ASP L 97 1.45 48.21 59.13
N PRO L 98 0.69 47.15 58.87
CA PRO L 98 -0.75 47.31 58.59
C PRO L 98 -1.66 47.13 59.79
N GLN L 99 -1.13 46.86 60.98
CA GLN L 99 -1.99 46.57 62.12
C GLN L 99 -2.85 47.78 62.48
N GLU L 100 -2.23 48.95 62.66
CA GLU L 100 -3.01 50.16 62.90
C GLU L 100 -3.81 50.58 61.68
N ALA L 101 -3.39 50.14 60.49
CA ALA L 101 -4.21 50.38 59.31
C ALA L 101 -5.57 49.73 59.47
N ILE L 102 -5.62 48.56 60.11
CA ILE L 102 -6.90 47.90 60.35
C ILE L 102 -7.82 48.81 61.16
N ASN L 103 -7.31 49.33 62.28
CA ASN L 103 -8.15 50.14 63.16
C ASN L 103 -8.58 51.44 62.48
N CYS L 104 -7.65 52.10 61.78
CA CYS L 104 -8.00 53.36 61.13
C CYS L 104 -9.01 53.13 60.00
N LEU L 105 -8.87 52.03 59.25
CA LEU L 105 -9.84 51.71 58.22
C LEU L 105 -11.20 51.37 58.83
N MET L 106 -11.20 50.70 59.99
CA MET L 106 -12.47 50.46 60.68
C MET L 106 -13.12 51.78 61.10
N ARG L 107 -12.32 52.73 61.57
CA ARG L 107 -12.87 54.04 61.92
C ARG L 107 -13.44 54.74 60.69
N ALA L 108 -12.73 54.66 59.57
CA ALA L 108 -13.24 55.25 58.33
C ALA L 108 -14.55 54.61 57.91
N ILE L 109 -14.64 53.28 58.01
CA ILE L 109 -15.88 52.57 57.70
C ILE L 109 -16.99 53.02 58.64
N GLU L 110 -16.67 53.19 59.93
CA GLU L 110 -17.67 53.58 60.91
C GLU L 110 -18.22 54.97 60.58
N ILE L 111 -17.35 55.92 60.25
CA ILE L 111 -17.83 57.26 59.93
C ILE L 111 -18.62 57.24 58.63
N TYR L 112 -18.20 56.43 57.66
CA TYR L 112 -18.93 56.35 56.40
C TYR L 112 -20.33 55.79 56.62
N THR L 113 -20.45 54.73 57.42
CA THR L 113 -21.77 54.15 57.68
C THR L 113 -22.62 55.09 58.53
N ASP L 114 -22.01 55.83 59.45
CA ASP L 114 -22.76 56.84 60.21
C ASP L 114 -23.32 57.89 59.27
N MET L 115 -22.52 58.34 58.30
CA MET L 115 -23.05 59.18 57.24
C MET L 115 -24.07 58.43 56.41
N GLY L 116 -23.81 57.15 56.12
CA GLY L 116 -24.79 56.28 55.52
C GLY L 116 -24.48 55.81 54.10
N ARG L 117 -23.26 56.00 53.61
CA ARG L 117 -22.88 55.52 52.30
C ARG L 117 -22.34 54.10 52.40
N PHE L 118 -22.88 53.20 51.58
CA PHE L 118 -22.67 51.76 51.74
C PHE L 118 -21.57 51.20 50.85
N THR L 119 -21.52 51.62 49.58
CA THR L 119 -20.58 51.01 48.63
C THR L 119 -19.15 51.17 49.10
N ILE L 120 -18.78 52.38 49.56
CA ILE L 120 -17.43 52.59 50.06
C ILE L 120 -17.18 51.76 51.31
N ALA L 121 -18.20 51.61 52.17
CA ALA L 121 -18.06 50.77 53.34
C ALA L 121 -17.77 49.33 52.95
N ALA L 122 -18.51 48.80 51.96
CA ALA L 122 -18.27 47.44 51.51
C ALA L 122 -16.88 47.29 50.88
N LYS L 123 -16.46 48.31 50.12
CA LYS L 123 -15.12 48.27 49.54
C LYS L 123 -14.05 48.21 50.63
N HIS L 124 -14.20 49.03 51.67
CA HIS L 124 -13.23 49.00 52.75
C HIS L 124 -13.29 47.68 53.52
N HIS L 125 -14.48 47.12 53.69
CA HIS L 125 -14.59 45.82 54.34
C HIS L 125 -13.85 44.75 53.55
N ILE L 126 -14.03 44.72 52.24
CA ILE L 126 -13.34 43.71 51.44
C ILE L 126 -11.84 43.97 51.45
N SER L 127 -11.42 45.24 51.48
CA SER L 127 -10.00 45.54 51.57
C SER L 127 -9.42 45.01 52.88
N ILE L 128 -10.13 45.21 53.99
CA ILE L 128 -9.66 44.69 55.27
C ILE L 128 -9.62 43.17 55.27
N ALA L 129 -10.62 42.54 54.63
CA ALA L 129 -10.62 41.09 54.51
C ALA L 129 -9.41 40.61 53.73
N GLU L 130 -9.07 41.31 52.65
CA GLU L 130 -7.88 40.97 51.87
C GLU L 130 -6.62 41.13 52.71
N ILE L 131 -6.56 42.20 53.51
CA ILE L 131 -5.40 42.39 54.38
C ILE L 131 -5.27 41.22 55.36
N TYR L 132 -6.37 40.84 56.00
CA TYR L 132 -6.34 39.73 56.92
C TYR L 132 -5.89 38.45 56.22
N GLU L 133 -6.44 38.20 55.03
CA GLU L 133 -6.13 36.96 54.32
C GLU L 133 -4.65 36.90 53.92
N THR L 134 -4.14 37.99 53.35
CA THR L 134 -2.78 37.98 52.82
C THR L 134 -1.74 38.04 53.93
N GLU L 135 -1.97 38.87 54.96
CA GLU L 135 -0.95 39.11 55.97
C GLU L 135 -1.14 38.27 57.23
N LEU L 136 -2.36 37.81 57.50
CA LEU L 136 -2.67 37.02 58.68
C LEU L 136 -3.31 35.70 58.27
N VAL L 137 -3.46 34.81 59.26
CA VAL L 137 -4.03 33.49 59.05
C VAL L 137 -5.40 33.35 59.67
N ASP L 138 -5.88 34.37 60.39
CA ASP L 138 -7.19 34.31 61.05
C ASP L 138 -8.27 34.44 59.98
N VAL L 139 -8.58 33.29 59.36
CA VAL L 139 -9.56 33.28 58.27
C VAL L 139 -10.95 33.63 58.75
N GLU L 140 -11.23 33.51 60.06
CA GLU L 140 -12.57 33.82 60.55
C GLU L 140 -12.90 35.29 60.38
N LYS L 141 -11.95 36.18 60.68
CA LYS L 141 -12.18 37.61 60.47
C LYS L 141 -12.36 37.92 58.99
N ALA L 142 -11.60 37.25 58.13
CA ALA L 142 -11.78 37.43 56.69
C ALA L 142 -13.18 36.99 56.28
N ILE L 143 -13.66 35.87 56.82
CA ILE L 143 -15.01 35.40 56.52
C ILE L 143 -16.03 36.44 56.97
N ALA L 144 -15.86 36.98 58.17
CA ALA L 144 -16.81 37.97 58.68
C ALA L 144 -16.85 39.20 57.78
N HIS L 145 -15.67 39.72 57.41
CA HIS L 145 -15.63 40.89 56.55
C HIS L 145 -16.23 40.59 55.18
N TYR L 146 -15.92 39.42 54.62
CA TYR L 146 -16.45 39.07 53.30
C TYR L 146 -17.96 38.94 53.33
N GLU L 147 -18.51 38.31 54.36
CA GLU L 147 -19.96 38.15 54.44
C GLU L 147 -20.64 39.49 54.70
N GLN L 148 -20.01 40.38 55.49
CA GLN L 148 -20.58 41.71 55.68
C GLN L 148 -20.59 42.49 54.36
N SER L 149 -19.50 42.41 53.61
CA SER L 149 -19.45 43.07 52.31
C SER L 149 -20.50 42.50 51.37
N ALA L 150 -20.66 41.17 51.36
CA ALA L 150 -21.68 40.55 50.53
C ALA L 150 -23.07 41.03 50.94
N ASP L 151 -23.32 41.14 52.24
CA ASP L 151 -24.61 41.65 52.71
C ASP L 151 -24.84 43.07 52.21
N TYR L 152 -23.81 43.92 52.30
CA TYR L 152 -23.95 45.29 51.82
C TYR L 152 -24.24 45.32 50.32
N TYR L 153 -23.47 44.56 49.53
CA TYR L 153 -23.65 44.58 48.09
C TYR L 153 -25.03 44.06 47.69
N LYS L 154 -25.47 42.97 48.32
CA LYS L 154 -26.78 42.41 48.02
C LYS L 154 -27.90 43.35 48.44
N GLY L 155 -27.75 44.00 49.60
CA GLY L 155 -28.77 44.94 50.03
C GLY L 155 -28.92 46.12 49.10
N GLU L 156 -27.81 46.56 48.49
CA GLU L 156 -27.84 47.62 47.51
C GLU L 156 -28.06 47.09 46.10
N GLU L 157 -28.64 45.89 45.96
CA GLU L 157 -29.01 45.29 44.69
C GLU L 157 -27.82 45.07 43.76
N SER L 158 -26.60 45.15 44.26
CA SER L 158 -25.41 44.86 43.47
C SER L 158 -25.16 43.35 43.52
N ASN L 159 -25.96 42.62 42.76
CA ASN L 159 -25.90 41.16 42.80
C ASN L 159 -24.54 40.64 42.37
N SER L 160 -23.97 41.23 41.31
CA SER L 160 -22.70 40.71 40.79
C SER L 160 -21.60 40.82 41.83
N SER L 161 -21.52 41.94 42.54
CA SER L 161 -20.50 42.09 43.57
C SER L 161 -20.73 41.10 44.71
N ALA L 162 -21.99 40.90 45.09
CA ALA L 162 -22.31 39.99 46.18
C ALA L 162 -21.92 38.56 45.83
N ASN L 163 -22.09 38.17 44.56
CA ASN L 163 -21.83 36.79 44.17
C ASN L 163 -20.36 36.42 44.35
N LYS L 164 -19.45 37.36 44.04
CA LYS L 164 -18.03 37.09 44.20
C LYS L 164 -17.70 36.82 45.67
N CYS L 165 -18.21 37.67 46.56
CA CYS L 165 -17.98 37.47 47.99
C CYS L 165 -18.58 36.16 48.46
N LEU L 166 -19.77 35.83 47.97
CA LEU L 166 -20.41 34.57 48.36
C LEU L 166 -19.57 33.37 47.92
N LEU L 167 -19.03 33.43 46.70
CA LEU L 167 -18.18 32.33 46.22
C LEU L 167 -16.91 32.22 47.06
N LYS L 168 -16.29 33.35 47.38
CA LYS L 168 -15.10 33.32 48.24
C LYS L 168 -15.42 32.69 49.58
N VAL L 169 -16.53 33.10 50.19
CA VAL L 169 -16.91 32.57 51.49
C VAL L 169 -17.21 31.08 51.41
N ALA L 170 -17.88 30.65 50.33
CA ALA L 170 -18.19 29.24 50.17
C ALA L 170 -16.92 28.42 50.03
N GLY L 171 -15.96 28.89 49.22
CA GLY L 171 -14.70 28.19 49.09
C GLY L 171 -13.96 28.08 50.41
N TYR L 172 -13.90 29.19 51.16
CA TYR L 172 -13.20 29.17 52.44
C TYR L 172 -13.89 28.24 53.42
N ALA L 173 -15.23 28.25 53.47
CA ALA L 173 -15.95 27.35 54.36
C ALA L 173 -15.71 25.90 53.99
N ALA L 174 -15.74 25.59 52.69
CA ALA L 174 -15.43 24.23 52.25
C ALA L 174 -14.00 23.85 52.64
N GLN L 175 -13.08 24.82 52.64
CA GLN L 175 -11.72 24.51 53.04
C GLN L 175 -11.67 24.03 54.49
N LEU L 176 -12.41 24.68 55.39
CA LEU L 176 -12.35 24.35 56.81
C LEU L 176 -13.38 23.27 57.19
N GLU L 177 -13.42 22.20 56.40
CA GLU L 177 -14.29 21.07 56.69
C GLU L 177 -15.70 21.44 57.15
N GLN L 178 -16.28 22.51 56.60
CA GLN L 178 -17.69 22.81 56.75
C GLN L 178 -18.30 22.90 55.36
N TYR L 179 -19.33 22.08 55.11
CA TYR L 179 -19.88 21.92 53.78
C TYR L 179 -21.31 22.44 53.63
N GLN L 180 -22.03 22.62 54.74
CA GLN L 180 -23.39 23.14 54.65
C GLN L 180 -23.40 24.52 54.00
N LYS L 181 -22.56 25.44 54.50
CA LYS L 181 -22.49 26.77 53.91
C LYS L 181 -22.01 26.70 52.47
N ALA L 182 -20.98 25.89 52.20
CA ALA L 182 -20.47 25.75 50.85
C ALA L 182 -21.53 25.19 49.92
N ILE L 183 -22.21 24.13 50.37
CA ILE L 183 -23.26 23.52 49.54
C ILE L 183 -24.34 24.54 49.23
N ASP L 184 -24.80 25.26 50.25
CA ASP L 184 -25.88 26.22 50.06
C ASP L 184 -25.47 27.31 49.08
N ILE L 185 -24.27 27.88 49.27
CA ILE L 185 -23.84 28.96 48.38
C ILE L 185 -23.67 28.45 46.95
N TYR L 186 -23.04 27.28 46.79
CA TYR L 186 -22.82 26.74 45.45
C TYR L 186 -24.15 26.51 44.73
N GLU L 187 -25.09 25.85 45.40
CA GLU L 187 -26.37 25.57 44.76
C GLU L 187 -27.15 26.85 44.48
N GLN L 188 -27.10 27.81 45.41
CA GLN L 188 -27.83 29.06 45.20
C GLN L 188 -27.27 29.81 44.00
N VAL L 189 -25.95 29.90 43.89
CA VAL L 189 -25.36 30.63 42.77
C VAL L 189 -25.60 29.88 41.47
N GLY L 190 -25.54 28.55 41.49
CA GLY L 190 -25.86 27.79 40.30
C GLY L 190 -27.28 28.02 39.83
N THR L 191 -28.23 28.04 40.76
CA THR L 191 -29.62 28.32 40.41
C THR L 191 -29.77 29.73 39.87
N SER L 192 -29.14 30.71 40.52
CA SER L 192 -29.23 32.10 40.07
C SER L 192 -28.59 32.31 38.72
N ALA L 193 -27.64 31.46 38.33
CA ALA L 193 -27.01 31.53 37.02
C ALA L 193 -27.77 30.73 35.97
N MET L 194 -28.91 30.14 36.33
CA MET L 194 -29.67 29.34 35.38
C MET L 194 -30.14 30.18 34.20
N ASP L 195 -30.83 31.27 34.48
CA ASP L 195 -31.52 32.05 33.45
C ASP L 195 -30.70 33.23 32.96
N SER L 196 -29.46 33.38 33.42
CA SER L 196 -28.62 34.44 32.92
C SER L 196 -28.34 34.20 31.43
N PRO L 197 -28.65 35.15 30.55
CA PRO L 197 -28.32 34.94 29.13
C PRO L 197 -26.82 34.79 28.91
N LEU L 198 -26.01 35.36 29.79
CA LEU L 198 -24.55 35.24 29.68
C LEU L 198 -24.00 34.08 30.51
N LEU L 199 -24.24 34.09 31.83
CA LEU L 199 -23.57 33.19 32.75
C LEU L 199 -24.04 31.74 32.64
N LYS L 200 -25.04 31.44 31.81
CA LYS L 200 -25.61 30.08 31.78
C LYS L 200 -24.53 29.03 31.56
N TYR L 201 -23.55 29.32 30.70
CA TYR L 201 -22.48 28.35 30.42
C TYR L 201 -21.87 27.82 31.72
N SER L 202 -21.65 28.70 32.69
CA SER L 202 -20.97 28.33 33.93
C SER L 202 -21.93 27.83 35.00
N ALA L 203 -23.24 27.85 34.74
CA ALA L 203 -24.17 27.30 35.72
C ALA L 203 -23.77 25.89 36.12
N LYS L 204 -23.34 25.08 35.14
CA LYS L 204 -22.89 23.74 35.43
C LYS L 204 -21.70 23.75 36.39
N ASP L 205 -20.73 24.62 36.13
CA ASP L 205 -19.46 24.58 36.87
C ASP L 205 -19.71 24.58 38.37
N TYR L 206 -20.35 25.65 38.87
CA TYR L 206 -20.65 25.72 40.29
C TYR L 206 -21.33 24.45 40.76
N PHE L 207 -22.37 24.02 40.03
CA PHE L 207 -23.09 22.81 40.43
C PHE L 207 -22.12 21.66 40.67
N PHE L 208 -21.21 21.43 39.71
CA PHE L 208 -20.26 20.33 39.87
C PHE L 208 -19.56 20.40 41.22
N LYS L 209 -19.01 21.58 41.54
CA LYS L 209 -18.30 21.73 42.79
C LYS L 209 -19.15 21.24 43.96
N ALA L 210 -20.41 21.71 44.01
CA ALA L 210 -21.28 21.32 45.11
C ALA L 210 -21.31 19.81 45.26
N ALA L 211 -21.57 19.09 44.16
CA ALA L 211 -21.66 17.65 44.24
C ALA L 211 -20.40 17.08 44.87
N LEU L 212 -19.23 17.52 44.41
CA LEU L 212 -17.99 17.03 44.97
C LEU L 212 -17.98 17.21 46.48
N CYS L 213 -18.25 18.43 46.94
CA CYS L 213 -18.28 18.66 48.38
C CYS L 213 -19.39 17.85 49.03
N HIS L 214 -20.54 17.75 48.36
CA HIS L 214 -21.62 16.93 48.90
C HIS L 214 -21.22 15.47 48.99
N PHE L 215 -20.27 15.03 48.14
CA PHE L 215 -19.82 13.65 48.23
C PHE L 215 -18.95 13.41 49.46
N CYS L 216 -18.47 14.47 50.12
CA CYS L 216 -17.64 14.31 51.30
C CYS L 216 -18.38 13.61 52.44
N ILE L 217 -19.71 13.60 52.41
CA ILE L 217 -20.49 12.98 53.48
C ILE L 217 -20.64 11.50 53.21
N ASP L 218 -21.28 11.14 52.10
CA ASP L 218 -21.57 9.74 51.80
C ASP L 218 -21.77 9.61 50.29
N MET L 219 -22.17 8.40 49.86
CA MET L 219 -22.32 8.08 48.44
C MET L 219 -23.73 8.33 47.94
N LEU L 220 -24.73 7.73 48.60
CA LEU L 220 -26.10 7.81 48.09
C LEU L 220 -26.58 9.25 48.02
N ASN L 221 -26.23 10.08 49.01
CA ASN L 221 -26.61 11.48 48.96
C ASN L 221 -26.00 12.17 47.76
N ALA L 222 -24.75 11.84 47.43
CA ALA L 222 -24.12 12.42 46.24
C ALA L 222 -24.87 12.00 44.97
N LYS L 223 -25.27 10.73 44.88
CA LYS L 223 -26.03 10.27 43.74
C LYS L 223 -27.35 11.02 43.61
N LEU L 224 -28.05 11.19 44.75
CA LEU L 224 -29.30 11.93 44.73
C LEU L 224 -29.08 13.37 44.29
N ALA L 225 -28.02 14.01 44.81
CA ALA L 225 -27.74 15.38 44.44
C ALA L 225 -27.46 15.51 42.95
N VAL L 226 -26.63 14.62 42.40
CA VAL L 226 -26.30 14.71 40.97
C VAL L 226 -27.54 14.50 40.12
N GLN L 227 -28.35 13.48 40.44
CA GLN L 227 -29.53 13.24 39.63
C GLN L 227 -30.50 14.41 39.72
N LYS L 228 -30.69 14.97 40.92
CA LYS L 228 -31.57 16.11 41.09
C LYS L 228 -31.08 17.30 40.28
N TYR L 229 -29.78 17.61 40.37
CA TYR L 229 -29.22 18.69 39.56
C TYR L 229 -29.41 18.41 38.07
N GLU L 230 -29.30 17.15 37.66
CA GLU L 230 -29.45 16.80 36.26
C GLU L 230 -30.87 17.08 35.79
N GLU L 231 -31.86 16.69 36.58
CA GLU L 231 -33.24 16.99 36.23
C GLU L 231 -33.48 18.49 36.23
N LEU L 232 -32.92 19.21 37.22
CA LEU L 232 -33.05 20.66 37.24
C LEU L 232 -32.36 21.29 36.04
N PHE L 233 -31.19 20.78 35.66
CA PHE L 233 -30.43 21.30 34.53
C PHE L 233 -30.39 20.18 33.48
N PRO L 234 -31.32 20.15 32.54
CA PRO L 234 -31.38 19.01 31.62
C PRO L 234 -30.11 18.81 30.81
N ALA L 235 -29.41 19.89 30.46
CA ALA L 235 -28.20 19.80 29.65
C ALA L 235 -26.96 19.46 30.45
N PHE L 236 -27.05 19.36 31.79
CA PHE L 236 -25.85 19.18 32.59
C PHE L 236 -25.12 17.90 32.22
N SER L 237 -25.85 16.86 31.81
CA SER L 237 -25.20 15.61 31.45
C SER L 237 -24.33 15.73 30.22
N ASP L 238 -24.52 16.76 29.40
CA ASP L 238 -23.74 16.87 28.16
C ASP L 238 -22.26 16.99 28.46
N SER L 239 -21.90 17.74 29.49
CA SER L 239 -20.51 17.93 29.84
C SER L 239 -19.91 16.65 30.41
N ARG L 240 -18.58 16.62 30.44
CA ARG L 240 -17.87 15.44 30.94
C ARG L 240 -17.95 15.31 32.46
N GLU L 241 -18.18 16.41 33.17
CA GLU L 241 -18.15 16.36 34.64
C GLU L 241 -19.05 15.26 35.17
N CYS L 242 -20.26 15.12 34.60
CA CYS L 242 -21.16 14.07 35.05
C CYS L 242 -20.57 12.69 34.77
N LYS L 243 -19.95 12.50 33.61
CA LYS L 243 -19.32 11.22 33.30
C LYS L 243 -18.19 10.92 34.29
N LEU L 244 -17.35 11.92 34.57
CA LEU L 244 -16.27 11.72 35.53
C LEU L 244 -16.82 11.35 36.90
N MET L 245 -17.87 12.04 37.34
CA MET L 245 -18.42 11.78 38.67
C MET L 245 -19.04 10.39 38.74
N LYS L 246 -19.72 9.97 37.67
CA LYS L 246 -20.24 8.61 37.62
C LYS L 246 -19.13 7.58 37.67
N LYS L 247 -18.03 7.84 36.96
CA LYS L 247 -16.87 6.96 37.04
C LYS L 247 -16.36 6.87 38.48
N LEU L 248 -16.25 8.01 39.15
CA LEU L 248 -15.77 8.01 40.53
C LEU L 248 -16.71 7.19 41.42
N LEU L 249 -18.01 7.41 41.28
CA LEU L 249 -18.98 6.70 42.11
C LEU L 249 -18.91 5.20 41.88
N GLU L 250 -18.93 4.78 40.62
CA GLU L 250 -18.92 3.34 40.33
C GLU L 250 -17.62 2.70 40.80
N ALA L 251 -16.48 3.38 40.60
CA ALA L 251 -15.21 2.81 41.04
C ALA L 251 -15.16 2.70 42.55
N HIS L 252 -15.60 3.74 43.26
CA HIS L 252 -15.59 3.71 44.72
C HIS L 252 -16.60 2.72 45.28
N GLU L 253 -17.63 2.37 44.52
CA GLU L 253 -18.62 1.41 45.00
C GLU L 253 -17.99 0.04 45.26
N GLU L 254 -17.10 -0.40 44.37
CA GLU L 254 -16.53 -1.74 44.42
C GLU L 254 -15.06 -1.72 44.81
N GLN L 255 -14.65 -0.72 45.59
CA GLN L 255 -13.29 -0.64 46.10
C GLN L 255 -12.27 -0.74 44.96
N ASN L 256 -12.58 -0.07 43.85
CA ASN L 256 -11.69 -0.05 42.69
C ASN L 256 -10.87 1.24 42.71
N VAL L 257 -9.90 1.26 43.62
CA VAL L 257 -9.08 2.44 43.82
C VAL L 257 -8.24 2.71 42.58
N ASP L 258 -7.73 1.67 41.94
CA ASP L 258 -6.85 1.84 40.79
C ASP L 258 -7.57 2.57 39.65
N SER L 259 -8.80 2.14 39.34
CA SER L 259 -9.56 2.82 38.31
C SER L 259 -9.89 4.26 38.70
N TYR L 260 -10.22 4.48 39.97
CA TYR L 260 -10.44 5.83 40.47
C TYR L 260 -9.25 6.73 40.18
N THR L 261 -8.06 6.28 40.60
CA THR L 261 -6.86 7.10 40.41
C THR L 261 -6.53 7.27 38.93
N GLU L 262 -6.70 6.21 38.14
CA GLU L 262 -6.38 6.32 36.71
C GLU L 262 -7.31 7.30 36.00
N SER L 263 -8.61 7.27 36.35
CA SER L 263 -9.54 8.22 35.77
C SER L 263 -9.19 9.65 36.19
N VAL L 264 -8.84 9.83 37.46
CA VAL L 264 -8.44 11.17 37.91
C VAL L 264 -7.22 11.64 37.15
N LYS L 265 -6.23 10.76 36.96
CA LYS L 265 -5.02 11.12 36.24
C LYS L 265 -5.32 11.44 34.78
N GLU L 266 -6.21 10.68 34.15
CA GLU L 266 -6.59 10.96 32.77
C GLU L 266 -7.27 12.32 32.65
N TYR L 267 -8.19 12.62 33.55
CA TYR L 267 -8.85 13.92 33.52
C TYR L 267 -7.85 15.04 33.75
N ASP L 268 -6.88 14.81 34.64
CA ASP L 268 -5.80 15.78 34.82
C ASP L 268 -5.01 15.97 33.53
N SER L 269 -4.70 14.88 32.84
CA SER L 269 -3.91 14.97 31.62
C SER L 269 -4.65 15.79 30.56
N ILE L 270 -5.93 15.48 30.33
CA ILE L 270 -6.69 16.27 29.36
C ILE L 270 -6.87 17.70 29.85
N SER L 271 -7.14 17.87 31.15
CA SER L 271 -7.31 19.20 31.73
C SER L 271 -6.80 19.16 33.16
N ARG L 272 -5.75 19.92 33.44
CA ARG L 272 -5.14 19.90 34.75
C ARG L 272 -6.03 20.61 35.78
N LEU L 273 -5.87 20.22 37.04
CA LEU L 273 -6.68 20.73 38.13
C LEU L 273 -5.90 21.78 38.92
N ASP L 274 -6.53 22.29 39.97
CA ASP L 274 -5.93 23.27 40.87
C ASP L 274 -5.68 22.62 42.23
N GLN L 275 -5.15 23.43 43.15
CA GLN L 275 -4.88 22.92 44.49
C GLN L 275 -6.16 22.50 45.20
N TRP L 276 -7.22 23.30 45.05
CA TRP L 276 -8.47 23.02 45.75
C TRP L 276 -9.05 21.68 45.34
N LEU L 277 -9.22 21.49 44.02
CA LEU L 277 -9.82 20.25 43.53
C LEU L 277 -8.92 19.05 43.83
N THR L 278 -7.61 19.20 43.66
CA THR L 278 -6.70 18.10 43.94
C THR L 278 -6.79 17.68 45.40
N THR L 279 -6.77 18.65 46.32
CA THR L 279 -6.86 18.34 47.73
C THR L 279 -8.19 17.68 48.07
N MET L 280 -9.29 18.19 47.50
CA MET L 280 -10.59 17.59 47.77
C MET L 280 -10.65 16.16 47.25
N LEU L 281 -10.12 15.91 46.06
CA LEU L 281 -10.14 14.56 45.50
C LEU L 281 -9.30 13.60 46.33
N LEU L 282 -8.12 14.02 46.78
CA LEU L 282 -7.30 13.14 47.61
C LEU L 282 -7.98 12.87 48.95
N ARG L 283 -8.60 13.90 49.54
CA ARG L 283 -9.34 13.69 50.78
C ARG L 283 -10.46 12.70 50.58
N ILE L 284 -11.18 12.81 49.46
CA ILE L 284 -12.25 11.86 49.17
C ILE L 284 -11.67 10.46 49.00
N LYS L 285 -10.53 10.36 48.31
CA LYS L 285 -9.89 9.07 48.09
C LYS L 285 -9.42 8.45 49.40
N LYS L 286 -9.25 9.26 50.45
CA LYS L 286 -8.77 8.71 51.71
C LYS L 286 -9.71 7.62 52.25
N THR L 287 -10.97 7.63 51.83
CA THR L 287 -11.93 6.62 52.26
C THR L 287 -12.56 5.95 51.04
N GLY M 1 -4.21 82.30 2.49
CA GLY M 1 -5.62 82.54 2.89
C GLY M 1 -5.80 83.84 3.65
N MET M 2 -6.95 84.49 3.44
CA MET M 2 -7.22 85.74 4.14
C MET M 2 -7.28 85.52 5.64
N ASP M 3 -7.89 84.40 6.07
CA ASP M 3 -8.03 84.13 7.50
C ASP M 3 -6.68 84.13 8.18
N THR M 4 -5.70 83.43 7.61
CA THR M 4 -4.36 83.38 8.19
C THR M 4 -3.79 84.78 8.36
N SER M 5 -3.60 85.49 7.24
CA SER M 5 -2.95 86.80 7.29
C SER M 5 -3.66 87.74 8.25
N GLY M 6 -4.99 87.76 8.22
CA GLY M 6 -5.73 88.56 9.17
C GLY M 6 -5.46 88.18 10.61
N LYS M 7 -5.38 86.87 10.88
CA LYS M 7 -5.12 86.42 12.24
C LYS M 7 -3.74 86.88 12.70
N GLN M 8 -2.73 86.75 11.84
CA GLN M 8 -1.39 87.19 12.21
C GLN M 8 -1.34 88.70 12.41
N ALA M 9 -2.02 89.46 11.55
CA ALA M 9 -2.02 90.91 11.71
C ALA M 9 -2.65 91.33 13.03
N GLU M 10 -3.83 90.80 13.32
CA GLU M 10 -4.49 91.13 14.59
C GLU M 10 -3.69 90.59 15.78
N ALA M 11 -2.97 89.48 15.60
CA ALA M 11 -2.13 88.97 16.69
C ALA M 11 -0.97 89.90 16.99
N MET M 12 -0.29 90.39 15.96
CA MET M 12 0.74 91.41 16.18
C MET M 12 0.15 92.65 16.83
N ALA M 13 -1.03 93.09 16.37
CA ALA M 13 -1.65 94.27 16.95
C ALA M 13 -1.92 94.06 18.44
N LEU M 14 -2.46 92.89 18.80
CA LEU M 14 -2.82 92.63 20.18
C LEU M 14 -1.59 92.34 21.05
N LEU M 15 -0.51 91.81 20.46
CA LEU M 15 0.73 91.68 21.20
C LEU M 15 1.32 93.05 21.54
N ALA M 16 1.30 93.97 20.58
CA ALA M 16 1.73 95.34 20.87
C ALA M 16 0.82 95.96 21.92
N GLU M 17 -0.49 95.70 21.82
CA GLU M 17 -1.42 96.21 22.81
C GLU M 17 -1.11 95.65 24.19
N ALA M 18 -0.77 94.37 24.28
CA ALA M 18 -0.41 93.77 25.56
C ALA M 18 0.87 94.37 26.13
N GLU M 19 1.86 94.60 25.27
CA GLU M 19 3.10 95.20 25.73
C GLU M 19 2.87 96.61 26.28
N ARG M 20 2.15 97.44 25.53
CA ARG M 20 1.85 98.78 26.02
C ARG M 20 0.96 98.72 27.25
N LYS M 21 0.08 97.72 27.32
CA LYS M 21 -0.78 97.58 28.50
C LYS M 21 0.04 97.26 29.73
N VAL M 22 1.03 96.38 29.62
CA VAL M 22 1.85 96.04 30.79
C VAL M 22 2.73 97.22 31.18
N LYS M 23 3.29 97.94 30.20
CA LYS M 23 4.10 99.11 30.57
C LYS M 23 3.25 100.18 31.24
N ASN M 24 2.06 100.46 30.68
CA ASN M 24 1.16 101.41 31.33
C ASN M 24 0.68 100.88 32.67
N SER M 25 0.63 99.55 32.80
CA SER M 25 0.24 98.88 34.07
C SER M 25 1.30 99.19 35.12
N GLN M 26 2.59 99.06 34.81
CA GLN M 26 3.66 99.41 35.73
C GLN M 26 3.60 100.89 36.08
N SER M 27 3.30 101.74 35.09
CA SER M 27 3.17 103.16 35.36
C SER M 27 2.02 103.43 36.33
N PHE M 28 0.87 102.80 36.10
CA PHE M 28 -0.33 103.12 36.86
C PHE M 28 -0.25 102.59 38.29
N PHE M 29 0.47 101.48 38.50
CA PHE M 29 0.57 100.94 39.86
C PHE M 29 1.07 102.01 40.82
N SER M 30 2.12 102.74 40.44
CA SER M 30 2.57 103.87 41.23
C SER M 30 1.68 105.10 41.03
N GLY M 31 1.23 105.34 39.80
CA GLY M 31 0.48 106.56 39.53
C GLY M 31 -0.87 106.62 40.23
N LEU M 32 -1.62 105.51 40.20
CA LEU M 32 -2.96 105.49 40.77
C LEU M 32 -3.12 104.36 41.77
N PHE M 33 -2.34 103.29 41.62
CA PHE M 33 -2.41 102.13 42.50
C PHE M 33 -3.82 101.52 42.48
N GLY M 34 -4.21 101.03 41.31
CA GLY M 34 -5.49 100.38 41.15
C GLY M 34 -5.54 98.95 41.64
N GLY M 35 -4.43 98.43 42.14
CA GLY M 35 -4.38 97.07 42.64
C GLY M 35 -3.58 96.14 41.75
N SER M 36 -4.23 95.09 41.24
CA SER M 36 -3.56 94.15 40.35
C SER M 36 -4.42 93.76 39.16
N SER M 37 -5.54 94.44 38.91
CA SER M 37 -6.37 94.12 37.76
C SER M 37 -5.58 94.32 36.47
N LYS M 38 -4.98 95.49 36.32
CA LYS M 38 -4.21 95.81 35.12
C LYS M 38 -3.39 94.62 34.62
N ILE M 39 -2.65 93.96 35.50
CA ILE M 39 -1.83 92.82 35.09
C ILE M 39 -2.71 91.64 34.66
N GLU M 40 -3.84 91.42 35.34
CA GLU M 40 -4.64 90.24 35.00
C GLU M 40 -5.33 90.42 33.65
N GLU M 41 -5.82 91.63 33.36
CA GLU M 41 -6.35 91.90 32.04
C GLU M 41 -5.25 91.81 30.98
N ALA M 42 -4.02 92.22 31.30
CA ALA M 42 -2.93 92.03 30.36
C ALA M 42 -2.71 90.55 30.08
N CYS M 43 -2.77 89.72 31.12
CA CYS M 43 -2.61 88.28 30.95
C CYS M 43 -3.74 87.70 30.10
N GLU M 44 -4.97 88.17 30.31
CA GLU M 44 -6.08 87.72 29.47
C GLU M 44 -5.85 88.08 28.01
N ILE M 45 -5.38 89.30 27.75
CA ILE M 45 -5.05 89.69 26.38
C ILE M 45 -4.00 88.76 25.81
N TYR M 46 -2.95 88.48 26.60
CA TYR M 46 -1.89 87.59 26.14
C TYR M 46 -2.44 86.21 25.78
N ALA M 47 -3.29 85.66 26.64
CA ALA M 47 -3.82 84.33 26.40
C ALA M 47 -4.70 84.29 25.16
N ARG M 48 -5.56 85.30 24.98
CA ARG M 48 -6.40 85.34 23.79
C ARG M 48 -5.56 85.46 22.53
N ALA M 49 -4.56 86.33 22.56
CA ALA M 49 -3.68 86.47 21.40
C ALA M 49 -2.97 85.16 21.10
N ALA M 50 -2.47 84.47 22.13
CA ALA M 50 -1.77 83.22 21.92
C ALA M 50 -2.68 82.17 21.31
N ASN M 51 -3.90 82.04 21.82
CA ASN M 51 -4.79 81.00 21.30
C ASN M 51 -5.17 81.28 19.85
N MET M 52 -5.58 82.52 19.55
CA MET M 52 -5.93 82.85 18.18
C MET M 52 -4.73 82.83 17.25
N PHE M 53 -3.52 83.00 17.79
CA PHE M 53 -2.31 82.92 16.98
C PHE M 53 -1.97 81.47 16.64
N LYS M 54 -2.13 80.56 17.60
CA LYS M 54 -1.96 79.14 17.28
C LYS M 54 -3.08 78.65 16.38
N MET M 55 -4.20 79.37 16.32
CA MET M 55 -5.13 79.18 15.21
C MET M 55 -4.59 79.75 13.91
N ALA M 56 -3.68 80.72 13.97
CA ALA M 56 -3.01 81.23 12.77
C ALA M 56 -2.00 80.24 12.18
N LYS M 57 -1.94 79.01 12.71
CA LYS M 57 -1.09 77.90 12.26
C LYS M 57 0.35 78.10 12.71
N ASN M 58 0.68 79.22 13.34
CA ASN M 58 2.03 79.49 13.81
C ASN M 58 2.12 79.11 15.29
N TRP M 59 3.15 78.35 15.65
CA TRP M 59 3.24 77.72 16.96
C TRP M 59 4.25 78.38 17.88
N SER M 60 5.48 78.63 17.40
CA SER M 60 6.56 79.04 18.30
C SER M 60 6.18 80.28 19.09
N ALA M 61 5.74 81.34 18.42
CA ALA M 61 5.37 82.56 19.13
C ALA M 61 4.13 82.35 19.98
N ALA M 62 3.24 81.45 19.57
CA ALA M 62 2.09 81.13 20.42
C ALA M 62 2.55 80.57 21.76
N GLY M 63 3.45 79.58 21.73
CA GLY M 63 3.97 79.03 22.96
C GLY M 63 4.78 80.04 23.75
N ASN M 64 5.51 80.92 23.07
CA ASN M 64 6.23 81.97 23.78
C ASN M 64 5.27 82.88 24.53
N ALA M 65 4.18 83.28 23.89
CA ALA M 65 3.17 84.10 24.56
C ALA M 65 2.54 83.34 25.72
N PHE M 66 2.30 82.04 25.54
CA PHE M 66 1.77 81.23 26.64
C PHE M 66 2.72 81.26 27.83
N CYS M 67 4.02 81.06 27.58
CA CYS M 67 4.99 81.05 28.66
C CYS M 67 5.07 82.42 29.35
N GLN M 68 5.06 83.50 28.56
CA GLN M 68 5.12 84.84 29.14
C GLN M 68 3.90 85.12 30.00
N ALA M 69 2.71 84.77 29.51
CA ALA M 69 1.50 84.98 30.30
C ALA M 69 1.52 84.14 31.56
N ALA M 70 2.00 82.90 31.46
CA ALA M 70 2.08 82.04 32.64
C ALA M 70 3.04 82.63 33.67
N GLN M 71 4.16 83.18 33.22
CA GLN M 71 5.10 83.80 34.15
C GLN M 71 4.49 85.03 34.81
N LEU M 72 3.82 85.88 34.02
CA LEU M 72 3.21 87.08 34.57
C LEU M 72 1.99 86.77 35.42
N HIS M 73 1.46 85.55 35.33
CA HIS M 73 0.39 85.10 36.22
C HIS M 73 0.95 84.49 37.49
N LEU M 74 2.06 83.76 37.37
CA LEU M 74 2.71 83.16 38.54
C LEU M 74 3.34 84.22 39.43
N GLN M 75 3.76 85.36 38.85
CA GLN M 75 4.29 86.43 39.67
C GLN M 75 3.23 87.09 40.53
N LEU M 76 1.95 86.76 40.32
CA LEU M 76 0.86 87.20 41.17
C LEU M 76 0.42 86.12 42.16
N GLN M 77 1.30 85.16 42.44
CA GLN M 77 1.07 84.09 43.41
C GLN M 77 0.03 83.07 42.96
N SER M 78 -0.36 83.08 41.68
CA SER M 78 -1.27 82.08 41.13
C SER M 78 -0.46 81.02 40.42
N LYS M 79 -0.60 79.77 40.86
CA LYS M 79 0.29 78.69 40.46
C LYS M 79 -0.36 77.67 39.54
N HIS M 80 -1.55 77.16 39.89
CA HIS M 80 -2.15 76.09 39.12
C HIS M 80 -2.43 76.53 37.68
N ASP M 81 -2.97 77.75 37.51
CA ASP M 81 -3.22 78.25 36.17
C ASP M 81 -1.91 78.43 35.41
N ALA M 82 -0.87 78.93 36.09
CA ALA M 82 0.42 79.07 35.45
C ALA M 82 0.97 77.71 35.04
N ALA M 83 0.77 76.68 35.86
CA ALA M 83 1.25 75.35 35.50
C ALA M 83 0.49 74.78 34.31
N THR M 84 -0.83 74.97 34.27
CA THR M 84 -1.60 74.52 33.11
C THR M 84 -1.15 75.25 31.84
N CYS M 85 -0.89 76.56 31.94
CA CYS M 85 -0.38 77.29 30.79
C CYS M 85 1.02 76.80 30.40
N PHE M 86 1.84 76.41 31.39
CA PHE M 86 3.13 75.82 31.08
C PHE M 86 2.97 74.54 30.28
N VAL M 87 2.03 73.69 30.68
CA VAL M 87 1.79 72.44 29.97
C VAL M 87 1.29 72.73 28.55
N ASP M 88 0.39 73.71 28.41
CA ASP M 88 -0.09 74.07 27.08
C ASP M 88 1.04 74.58 26.20
N ALA M 89 1.93 75.40 26.78
CA ALA M 89 3.08 75.90 26.02
C ALA M 89 4.00 74.76 25.61
N GLY M 90 4.18 73.78 26.49
CA GLY M 90 4.98 72.62 26.12
C GLY M 90 4.34 71.83 25.00
N ASN M 91 3.02 71.66 25.04
CA ASN M 91 2.33 70.98 23.95
C ASN M 91 2.51 71.74 22.64
N ALA M 92 2.40 73.06 22.67
CA ALA M 92 2.60 73.86 21.47
C ALA M 92 4.02 73.74 20.95
N PHE M 93 5.01 73.78 21.85
CA PHE M 93 6.41 73.69 21.45
C PHE M 93 6.79 72.30 20.98
N LYS M 94 6.00 71.28 21.33
CA LYS M 94 6.27 69.91 20.90
C LYS M 94 6.65 69.87 19.42
N LYS M 95 5.92 70.60 18.58
CA LYS M 95 6.18 70.66 17.16
C LYS M 95 7.07 71.83 16.75
N ALA M 96 7.49 72.66 17.70
CA ALA M 96 8.29 73.84 17.41
C ALA M 96 9.73 73.71 17.90
N ASP M 97 9.92 73.41 19.19
CA ASP M 97 11.26 73.25 19.75
C ASP M 97 11.21 72.26 20.91
N PRO M 98 11.78 71.06 20.75
CA PRO M 98 11.67 70.06 21.84
C PRO M 98 12.25 70.53 23.15
N GLN M 99 13.35 71.29 23.12
CA GLN M 99 14.00 71.69 24.37
C GLN M 99 13.09 72.58 25.21
N GLU M 100 12.47 73.58 24.59
CA GLU M 100 11.59 74.47 25.33
C GLU M 100 10.38 73.73 25.88
N ALA M 101 9.79 72.83 25.08
CA ALA M 101 8.67 72.03 25.56
C ALA M 101 9.09 71.19 26.75
N ILE M 102 10.26 70.56 26.67
CA ILE M 102 10.74 69.71 27.75
C ILE M 102 10.95 70.54 29.01
N ASN M 103 11.56 71.72 28.88
CA ASN M 103 11.79 72.57 30.05
C ASN M 103 10.47 73.00 30.69
N CYS M 104 9.53 73.46 29.86
CA CYS M 104 8.24 73.89 30.40
C CYS M 104 7.52 72.74 31.09
N LEU M 105 7.62 71.54 30.50
CA LEU M 105 6.93 70.39 31.09
C LEU M 105 7.61 69.94 32.37
N MET M 106 8.94 70.09 32.46
CA MET M 106 9.62 69.82 33.73
C MET M 106 9.18 70.81 34.81
N ARG M 107 9.05 72.09 34.44
CA ARG M 107 8.54 73.06 35.39
C ARG M 107 7.14 72.67 35.86
N ALA M 108 6.28 72.28 34.92
CA ALA M 108 4.93 71.87 35.27
C ALA M 108 4.95 70.65 36.19
N ILE M 109 5.83 69.68 35.89
CA ILE M 109 5.90 68.47 36.70
C ILE M 109 6.33 68.81 38.12
N GLU M 110 7.36 69.64 38.27
CA GLU M 110 7.85 69.96 39.59
C GLU M 110 6.79 70.73 40.39
N ILE M 111 6.12 71.69 39.75
CA ILE M 111 5.09 72.43 40.49
C ILE M 111 3.93 71.52 40.85
N TYR M 112 3.57 70.58 39.96
CA TYR M 112 2.48 69.66 40.25
C TYR M 112 2.82 68.76 41.43
N THR M 113 4.00 68.13 41.41
CA THR M 113 4.39 67.28 42.52
C THR M 113 4.53 68.08 43.80
N ASP M 114 4.91 69.36 43.70
CA ASP M 114 4.89 70.22 44.88
C ASP M 114 3.46 70.40 45.40
N MET M 115 2.50 70.56 44.49
CA MET M 115 1.10 70.59 44.90
C MET M 115 0.68 69.28 45.54
N GLY M 116 1.11 68.15 44.95
CA GLY M 116 0.85 66.86 45.54
C GLY M 116 0.14 65.88 44.61
N ARG M 117 0.10 66.21 43.33
CA ARG M 117 -0.57 65.38 42.33
C ARG M 117 0.49 64.49 41.66
N PHE M 118 0.42 63.19 41.94
CA PHE M 118 1.40 62.24 41.42
C PHE M 118 1.02 61.68 40.06
N THR M 119 -0.26 61.36 39.84
CA THR M 119 -0.67 60.77 38.57
C THR M 119 -0.39 61.70 37.39
N ILE M 120 -0.69 62.99 37.56
CA ILE M 120 -0.39 63.96 36.51
C ILE M 120 1.12 64.03 36.27
N ALA M 121 1.90 64.03 37.35
CA ALA M 121 3.36 64.07 37.20
C ALA M 121 3.87 62.86 36.44
N ALA M 122 3.35 61.68 36.76
CA ALA M 122 3.77 60.46 36.08
C ALA M 122 3.37 60.48 34.61
N LYS M 123 2.16 60.96 34.30
CA LYS M 123 1.75 61.08 32.91
C LYS M 123 2.66 62.03 32.15
N HIS M 124 3.02 63.16 32.77
CA HIS M 124 3.93 64.10 32.13
C HIS M 124 5.32 63.50 31.96
N HIS M 125 5.78 62.72 32.94
CA HIS M 125 7.06 62.03 32.79
C HIS M 125 7.04 61.05 31.63
N ILE M 126 5.94 60.31 31.48
CA ILE M 126 5.83 59.37 30.36
C ILE M 126 5.83 60.13 29.04
N SER M 127 5.11 61.24 28.98
CA SER M 127 5.11 62.06 27.76
C SER M 127 6.52 62.57 27.46
N ILE M 128 7.23 63.01 28.49
CA ILE M 128 8.60 63.49 28.31
C ILE M 128 9.48 62.38 27.74
N ALA M 129 9.40 61.19 28.33
CA ALA M 129 10.21 60.08 27.85
C ALA M 129 9.86 59.72 26.42
N GLU M 130 8.57 59.70 26.09
CA GLU M 130 8.15 59.34 24.74
C GLU M 130 8.66 60.34 23.72
N ILE M 131 8.49 61.64 23.99
CA ILE M 131 8.96 62.65 23.05
C ILE M 131 10.48 62.62 22.97
N TYR M 132 11.15 62.34 24.09
CA TYR M 132 12.60 62.32 24.12
C TYR M 132 13.14 61.17 23.26
N GLU M 133 12.52 60.00 23.35
CA GLU M 133 13.03 58.83 22.64
C GLU M 133 12.55 58.74 21.19
N THR M 134 11.39 59.29 20.86
CA THR M 134 10.85 59.14 19.51
C THR M 134 11.69 59.90 18.49
N GLU M 135 12.09 61.13 18.81
CA GLU M 135 12.84 61.99 17.90
C GLU M 135 14.32 62.13 18.26
N LEU M 136 14.67 62.26 19.54
CA LEU M 136 16.06 62.29 19.97
C LEU M 136 16.50 60.87 20.34
N VAL M 137 17.64 60.45 19.82
CA VAL M 137 18.12 59.08 19.96
C VAL M 137 18.87 59.00 21.28
N ASP M 138 18.18 58.49 22.31
CA ASP M 138 18.77 58.30 23.63
C ASP M 138 17.76 57.55 24.48
N VAL M 139 18.26 56.76 25.43
CA VAL M 139 17.46 55.82 26.20
C VAL M 139 17.57 56.08 27.70
N GLU M 140 18.80 56.19 28.21
CA GLU M 140 19.02 56.17 29.66
C GLU M 140 18.13 57.20 30.36
N LYS M 141 18.09 58.42 29.83
CA LYS M 141 17.18 59.42 30.40
C LYS M 141 15.73 58.97 30.27
N ALA M 142 15.37 58.36 29.13
CA ALA M 142 14.03 57.79 28.98
C ALA M 142 13.80 56.68 30.00
N ILE M 143 14.81 55.85 30.24
CA ILE M 143 14.68 54.79 31.24
C ILE M 143 14.40 55.40 32.61
N ALA M 144 15.15 56.44 32.98
CA ALA M 144 14.95 57.07 34.27
C ALA M 144 13.55 57.68 34.38
N HIS M 145 13.09 58.34 33.32
CA HIS M 145 11.75 58.93 33.35
C HIS M 145 10.68 57.86 33.48
N TYR M 146 10.82 56.74 32.75
CA TYR M 146 9.86 55.66 32.85
C TYR M 146 9.87 55.07 34.25
N GLU M 147 11.04 54.89 34.84
CA GLU M 147 11.12 54.37 36.20
C GLU M 147 10.46 55.32 37.19
N GLN M 148 10.67 56.63 37.03
CA GLN M 148 10.02 57.59 37.91
C GLN M 148 8.50 57.53 37.75
N SER M 149 8.02 57.43 36.52
CA SER M 149 6.57 57.32 36.31
C SER M 149 6.01 56.06 36.95
N ALA M 150 6.73 54.94 36.81
CA ALA M 150 6.28 53.70 37.43
C ALA M 150 6.27 53.82 38.94
N ASP M 151 7.29 54.47 39.52
CA ASP M 151 7.31 54.66 40.96
C ASP M 151 6.14 55.53 41.42
N TYR M 152 5.84 56.60 40.68
CA TYR M 152 4.71 57.45 41.04
C TYR M 152 3.41 56.68 40.97
N TYR M 153 3.24 55.84 39.94
CA TYR M 153 2.03 55.03 39.82
C TYR M 153 1.93 54.03 40.96
N LYS M 154 3.03 53.36 41.30
CA LYS M 154 3.01 52.40 42.39
C LYS M 154 2.73 53.08 43.73
N GLY M 155 3.12 54.35 43.86
CA GLY M 155 2.80 55.09 45.08
C GLY M 155 1.31 55.16 45.35
N GLU M 156 0.49 55.05 44.33
CA GLU M 156 -0.96 55.05 44.45
C GLU M 156 -1.57 53.78 43.86
N GLU M 157 -0.90 52.65 44.11
CA GLU M 157 -1.38 51.33 43.72
C GLU M 157 -2.02 51.31 42.33
N SER M 158 -1.39 51.96 41.36
CA SER M 158 -1.81 51.86 39.96
C SER M 158 -1.01 50.73 39.31
N ASN M 159 -1.47 49.51 39.58
CA ASN M 159 -0.69 48.33 39.24
C ASN M 159 -0.48 48.17 37.74
N SER M 160 -1.53 48.42 36.95
CA SER M 160 -1.45 48.15 35.52
C SER M 160 -0.45 49.08 34.82
N SER M 161 -0.54 50.39 35.10
CA SER M 161 0.37 51.33 34.47
C SER M 161 1.81 51.08 34.88
N ALA M 162 2.04 50.84 36.17
CA ALA M 162 3.38 50.54 36.63
C ALA M 162 3.90 49.25 36.01
N ASN M 163 3.03 48.24 35.86
CA ASN M 163 3.45 47.00 35.22
C ASN M 163 3.87 47.25 33.78
N LYS M 164 3.09 48.05 33.04
CA LYS M 164 3.42 48.31 31.65
C LYS M 164 4.73 49.08 31.54
N CYS M 165 4.94 50.04 32.45
CA CYS M 165 6.17 50.82 32.43
C CYS M 165 7.38 49.94 32.77
N LEU M 166 7.23 49.07 33.77
CA LEU M 166 8.34 48.17 34.14
C LEU M 166 8.64 47.20 33.00
N LEU M 167 7.60 46.70 32.32
CA LEU M 167 7.82 45.82 31.18
C LEU M 167 8.59 46.53 30.08
N LYS M 168 8.20 47.77 29.77
CA LYS M 168 8.91 48.52 28.75
C LYS M 168 10.36 48.78 29.17
N VAL M 169 10.57 49.13 30.43
CA VAL M 169 11.92 49.40 30.93
C VAL M 169 12.78 48.15 30.83
N ALA M 170 12.23 47.00 31.23
CA ALA M 170 12.98 45.76 31.17
C ALA M 170 13.29 45.38 29.72
N GLY M 171 12.35 45.60 28.80
CA GLY M 171 12.63 45.34 27.41
C GLY M 171 13.76 46.20 26.88
N TYR M 172 13.72 47.50 27.19
CA TYR M 172 14.79 48.40 26.78
C TYR M 172 16.12 47.95 27.37
N ALA M 173 16.12 47.59 28.65
CA ALA M 173 17.36 47.15 29.30
C ALA M 173 17.92 45.90 28.62
N ALA M 174 17.06 44.92 28.36
CA ALA M 174 17.50 43.69 27.72
C ALA M 174 18.06 43.97 26.33
N GLN M 175 17.42 44.87 25.58
CA GLN M 175 17.92 45.20 24.26
C GLN M 175 19.32 45.82 24.34
N LEU M 176 19.53 46.73 25.29
CA LEU M 176 20.80 47.43 25.42
C LEU M 176 21.50 47.18 26.75
N GLU M 177 20.81 47.37 27.87
CA GLU M 177 21.43 47.31 29.18
C GLU M 177 21.74 45.87 29.58
N GLN M 178 22.37 45.70 30.73
CA GLN M 178 22.68 44.37 31.23
C GLN M 178 21.40 43.61 31.60
N TYR M 179 21.51 42.29 31.64
CA TYR M 179 20.35 41.42 31.70
C TYR M 179 19.88 41.10 33.11
N GLN M 180 20.56 41.58 34.15
CA GLN M 180 20.10 41.29 35.51
C GLN M 180 18.79 42.01 35.81
N LYS M 181 18.73 43.30 35.51
CA LYS M 181 17.49 44.05 35.71
C LYS M 181 16.36 43.49 34.86
N ALA M 182 16.66 43.16 33.59
CA ALA M 182 15.65 42.57 32.72
C ALA M 182 15.14 41.26 33.31
N ILE M 183 16.05 40.39 33.74
CA ILE M 183 15.64 39.11 34.30
C ILE M 183 14.73 39.33 35.50
N ASP M 184 15.16 40.20 36.43
CA ASP M 184 14.37 40.41 37.64
C ASP M 184 12.98 40.94 37.31
N ILE M 185 12.90 41.99 36.48
CA ILE M 185 11.62 42.60 36.18
C ILE M 185 10.72 41.64 35.42
N TYR M 186 11.27 40.93 34.42
CA TYR M 186 10.47 40.01 33.64
C TYR M 186 9.94 38.89 34.51
N GLU M 187 10.79 38.31 35.37
CA GLU M 187 10.32 37.24 36.25
C GLU M 187 9.25 37.75 37.20
N GLN M 188 9.44 38.95 37.76
CA GLN M 188 8.47 39.47 38.72
C GLN M 188 7.13 39.73 38.03
N VAL M 189 7.14 40.31 36.83
CA VAL M 189 5.89 40.60 36.15
C VAL M 189 5.21 39.30 35.71
N GLY M 190 6.00 38.30 35.31
CA GLY M 190 5.42 37.02 34.95
C GLY M 190 4.79 36.30 36.14
N THR M 191 5.44 36.37 37.30
CA THR M 191 4.93 35.69 38.49
C THR M 191 3.86 36.50 39.21
N SER M 192 3.69 37.78 38.88
CA SER M 192 2.61 38.58 39.41
C SER M 192 1.35 38.50 38.57
N ALA M 193 1.21 37.46 37.75
CA ALA M 193 0.03 37.29 36.90
C ALA M 193 -0.47 35.86 36.91
N MET M 194 -0.16 35.08 37.94
CA MET M 194 -0.64 33.69 38.00
C MET M 194 -2.12 33.64 38.37
N ASP M 195 -2.60 34.63 39.13
CA ASP M 195 -4.01 34.73 39.49
C ASP M 195 -4.68 35.89 38.78
N SER M 196 -4.20 36.22 37.58
CA SER M 196 -4.78 37.32 36.83
C SER M 196 -6.21 36.99 36.46
N PRO M 197 -7.18 37.88 36.72
CA PRO M 197 -8.57 37.56 36.37
C PRO M 197 -8.76 37.29 34.89
N LEU M 198 -8.00 37.96 34.02
CA LEU M 198 -8.15 37.83 32.59
C LEU M 198 -6.87 37.40 31.87
N LEU M 199 -5.72 37.45 32.54
CA LEU M 199 -4.43 37.13 31.94
C LEU M 199 -3.81 35.90 32.61
N LYS M 200 -4.63 34.88 32.87
CA LYS M 200 -4.17 33.70 33.58
C LYS M 200 -3.22 32.85 32.75
N TYR M 201 -3.05 33.15 31.46
CA TYR M 201 -2.25 32.34 30.56
C TYR M 201 -1.24 33.13 29.75
N SER M 202 -1.19 34.45 29.90
CA SER M 202 -0.28 35.28 29.11
C SER M 202 1.12 35.35 29.69
N ALA M 203 1.28 35.06 30.99
CA ALA M 203 2.60 35.18 31.62
C ALA M 203 3.63 34.26 30.97
N LYS M 204 3.19 33.18 30.32
CA LYS M 204 4.12 32.24 29.71
C LYS M 204 5.14 32.97 28.83
N ASP M 205 4.65 33.87 27.96
CA ASP M 205 5.56 34.64 27.12
C ASP M 205 6.64 35.34 27.93
N TYR M 206 6.24 36.02 29.00
CA TYR M 206 7.20 36.70 29.88
C TYR M 206 8.23 35.70 30.40
N PHE M 207 7.76 34.57 30.93
CA PHE M 207 8.67 33.52 31.40
C PHE M 207 9.68 33.15 30.32
N PHE M 208 9.17 32.90 29.10
CA PHE M 208 10.04 32.58 27.97
C PHE M 208 11.10 33.65 27.78
N LYS M 209 10.69 34.92 27.78
CA LYS M 209 11.65 36.01 27.65
C LYS M 209 12.75 35.91 28.71
N ALA M 210 12.34 35.75 29.97
CA ALA M 210 13.31 35.58 31.05
C ALA M 210 14.28 34.45 30.72
N ALA M 211 13.74 33.31 30.30
CA ALA M 211 14.59 32.16 29.96
C ALA M 211 15.57 32.53 28.85
N LEU M 212 15.10 33.25 27.84
CA LEU M 212 15.97 33.70 26.76
C LEU M 212 17.13 34.53 27.31
N CYS M 213 16.83 35.47 28.20
CA CYS M 213 17.90 36.26 28.82
C CYS M 213 18.88 35.36 29.57
N HIS M 214 18.37 34.38 30.31
CA HIS M 214 19.24 33.45 31.00
C HIS M 214 20.14 32.72 30.02
N PHE M 215 19.58 32.29 28.89
CA PHE M 215 20.38 31.64 27.85
C PHE M 215 21.34 32.64 27.20
N CYS M 216 21.05 33.93 27.33
CA CYS M 216 22.00 34.95 26.90
C CYS M 216 23.19 34.98 27.84
N ILE M 217 22.97 34.62 29.10
CA ILE M 217 24.06 34.66 30.09
C ILE M 217 24.93 33.42 29.94
N ASP M 218 24.36 32.23 30.11
CA ASP M 218 25.11 31.00 29.96
C ASP M 218 24.15 29.84 29.76
N MET M 219 24.67 28.75 29.18
CA MET M 219 23.87 27.55 28.98
C MET M 219 23.48 26.93 30.32
N LEU M 220 24.42 26.91 31.28
CA LEU M 220 24.12 26.33 32.58
C LEU M 220 22.99 27.09 33.26
N ASN M 221 23.11 28.43 33.29
CA ASN M 221 22.02 29.24 33.83
C ASN M 221 20.74 29.04 33.02
N ALA M 222 20.87 28.88 31.70
CA ALA M 222 19.70 28.65 30.87
C ALA M 222 18.93 27.42 31.34
N LYS M 223 19.63 26.30 31.49
CA LYS M 223 18.95 25.06 31.87
C LYS M 223 18.44 25.13 33.30
N LEU M 224 19.24 25.69 34.21
CA LEU M 224 18.80 25.78 35.60
C LEU M 224 17.53 26.62 35.72
N ALA M 225 17.50 27.77 35.04
CA ALA M 225 16.31 28.62 35.09
C ALA M 225 15.13 27.95 34.41
N VAL M 226 15.36 27.27 33.28
CA VAL M 226 14.27 26.58 32.60
C VAL M 226 13.65 25.54 33.52
N GLN M 227 14.49 24.76 34.20
CA GLN M 227 13.99 23.79 35.17
C GLN M 227 13.21 24.48 36.28
N LYS M 228 13.81 25.51 36.89
CA LYS M 228 13.14 26.22 37.98
C LYS M 228 11.75 26.68 37.56
N TYR M 229 11.64 27.28 36.37
CA TYR M 229 10.33 27.71 35.89
C TYR M 229 9.43 26.53 35.58
N GLU M 230 10.00 25.41 35.12
CA GLU M 230 9.21 24.23 34.83
C GLU M 230 8.51 23.72 36.08
N GLU M 231 9.26 23.52 37.15
CA GLU M 231 8.66 23.05 38.39
C GLU M 231 7.77 24.11 39.04
N LEU M 232 8.24 25.35 39.10
CA LEU M 232 7.49 26.39 39.78
C LEU M 232 6.17 26.68 39.07
N PHE M 233 6.19 26.75 37.74
CA PHE M 233 4.99 27.01 36.95
C PHE M 233 4.67 25.79 36.11
N PRO M 234 3.79 24.89 36.57
CA PRO M 234 3.54 23.66 35.81
C PRO M 234 3.02 23.89 34.40
N ALA M 235 2.18 24.92 34.20
CA ALA M 235 1.55 25.11 32.90
C ALA M 235 2.59 25.35 31.81
N PHE M 236 3.60 26.18 32.09
CA PHE M 236 4.65 26.42 31.11
C PHE M 236 5.27 25.13 30.61
N SER M 237 5.10 24.03 31.36
CA SER M 237 5.64 22.74 30.92
C SER M 237 5.04 22.32 29.58
N ASP M 238 3.73 22.48 29.42
CA ASP M 238 3.05 22.06 28.20
C ASP M 238 3.06 23.14 27.13
N SER M 239 3.74 24.26 27.37
CA SER M 239 3.82 25.33 26.39
C SER M 239 4.73 24.93 25.23
N ARG M 240 4.39 25.42 24.05
CA ARG M 240 5.20 25.19 22.87
C ARG M 240 6.59 25.81 23.02
N GLU M 241 6.66 26.99 23.65
CA GLU M 241 7.94 27.64 23.87
C GLU M 241 8.89 26.75 24.64
N CYS M 242 8.37 25.95 25.59
CA CYS M 242 9.23 25.06 26.36
C CYS M 242 9.89 24.03 25.46
N LYS M 243 9.10 23.40 24.58
CA LYS M 243 9.67 22.41 23.65
C LYS M 243 10.67 23.06 22.72
N LEU M 244 10.35 24.25 22.21
CA LEU M 244 11.27 24.94 21.31
C LEU M 244 12.59 25.24 22.02
N MET M 245 12.51 25.73 23.25
CA MET M 245 13.73 26.04 24.00
C MET M 245 14.54 24.79 24.28
N LYS M 246 13.87 23.69 24.63
CA LYS M 246 14.60 22.45 24.87
C LYS M 246 15.32 21.99 23.60
N LYS M 247 14.64 22.05 22.47
CA LYS M 247 15.25 21.65 21.21
C LYS M 247 16.45 22.53 20.87
N LEU M 248 16.29 23.85 21.03
CA LEU M 248 17.39 24.76 20.73
C LEU M 248 18.58 24.52 21.65
N LEU M 249 18.33 24.32 22.95
CA LEU M 249 19.42 24.07 23.88
C LEU M 249 20.15 22.79 23.54
N GLU M 250 19.40 21.71 23.27
CA GLU M 250 20.05 20.44 22.97
C GLU M 250 20.82 20.51 21.66
N ALA M 251 20.31 21.25 20.67
CA ALA M 251 21.06 21.43 19.43
C ALA M 251 22.35 22.21 19.68
N HIS M 252 22.24 23.35 20.37
CA HIS M 252 23.44 24.15 20.67
C HIS M 252 24.44 23.37 21.49
N GLU M 253 23.98 22.37 22.27
CA GLU M 253 24.89 21.59 23.09
C GLU M 253 25.90 20.84 22.23
N GLU M 254 25.46 20.25 21.12
CA GLU M 254 26.30 19.39 20.31
C GLU M 254 26.96 20.13 19.15
N GLN M 255 26.78 21.44 19.05
CA GLN M 255 27.46 22.26 18.05
C GLN M 255 27.13 21.77 16.63
N ASN M 256 25.84 21.87 16.28
CA ASN M 256 25.35 21.56 14.95
C ASN M 256 24.48 22.74 14.52
N VAL M 257 25.09 23.68 13.78
CA VAL M 257 24.39 24.91 13.43
C VAL M 257 23.17 24.60 12.57
N ASP M 258 23.20 23.49 11.82
CA ASP M 258 22.06 23.16 10.97
C ASP M 258 20.81 22.93 11.80
N SER M 259 20.92 22.21 12.91
CA SER M 259 19.75 21.95 13.74
C SER M 259 19.17 23.25 14.30
N TYR M 260 20.03 24.14 14.79
CA TYR M 260 19.57 25.40 15.34
C TYR M 260 18.88 26.25 14.27
N THR M 261 19.51 26.33 13.10
CA THR M 261 18.94 27.14 12.02
C THR M 261 17.59 26.58 11.57
N GLU M 262 17.50 25.25 11.42
CA GLU M 262 16.24 24.66 11.00
C GLU M 262 15.17 24.85 12.07
N SER M 263 15.55 24.72 13.35
CA SER M 263 14.59 24.93 14.43
C SER M 263 14.03 26.35 14.39
N VAL M 264 14.91 27.35 14.29
CA VAL M 264 14.42 28.73 14.26
C VAL M 264 13.58 28.98 13.01
N LYS M 265 14.00 28.42 11.87
CA LYS M 265 13.25 28.62 10.63
C LYS M 265 11.86 28.03 10.72
N GLU M 266 11.74 26.80 11.24
CA GLU M 266 10.43 26.17 11.36
C GLU M 266 9.57 26.89 12.39
N TYR M 267 10.17 27.36 13.48
CA TYR M 267 9.43 28.14 14.46
C TYR M 267 8.85 29.40 13.82
N ASP M 268 9.68 30.12 13.05
CA ASP M 268 9.20 31.34 12.42
C ASP M 268 8.13 31.04 11.38
N SER M 269 8.30 29.97 10.61
CA SER M 269 7.28 29.60 9.63
C SER M 269 5.96 29.26 10.30
N ILE M 270 6.02 28.50 11.41
CA ILE M 270 4.80 28.17 12.14
C ILE M 270 4.15 29.44 12.68
N SER M 271 4.96 30.33 13.26
CA SER M 271 4.44 31.57 13.83
C SER M 271 5.38 32.71 13.50
N ARG M 272 4.80 33.86 13.16
CA ARG M 272 5.58 35.01 12.72
C ARG M 272 6.49 35.52 13.83
N LEU M 273 7.60 36.13 13.44
CA LEU M 273 8.54 36.70 14.39
C LEU M 273 7.96 37.98 15.00
N ASP M 274 8.75 38.63 15.84
CA ASP M 274 8.36 39.89 16.47
C ASP M 274 9.40 40.99 16.33
N GLN M 275 10.53 40.70 15.69
CA GLN M 275 11.64 41.61 15.42
C GLN M 275 12.49 41.85 16.66
N TRP M 276 12.08 41.35 17.84
CA TRP M 276 12.92 41.40 19.04
C TRP M 276 13.51 40.04 19.36
N LEU M 277 12.75 38.97 19.18
CA LEU M 277 13.29 37.63 19.38
C LEU M 277 14.29 37.27 18.29
N THR M 278 14.10 37.79 17.07
CA THR M 278 14.99 37.43 15.97
C THR M 278 16.41 37.93 16.22
N THR M 279 16.55 39.17 16.70
CA THR M 279 17.89 39.69 16.99
C THR M 279 18.55 38.91 18.11
N MET M 280 17.78 38.56 19.15
CA MET M 280 18.32 37.75 20.23
C MET M 280 18.81 36.40 19.72
N LEU M 281 18.01 35.76 18.87
CA LEU M 281 18.39 34.46 18.32
C LEU M 281 19.63 34.58 17.44
N LEU M 282 19.72 35.67 16.66
CA LEU M 282 20.91 35.89 15.84
C LEU M 282 22.14 36.08 16.70
N ARG M 283 22.01 36.82 17.81
CA ARG M 283 23.13 36.98 18.73
C ARG M 283 23.55 35.63 19.32
N ILE M 284 22.57 34.81 19.68
CA ILE M 284 22.88 33.47 20.20
C ILE M 284 23.63 32.66 19.16
N LYS M 285 23.15 32.70 17.90
CA LYS M 285 23.82 31.94 16.84
C LYS M 285 25.23 32.46 16.59
N LYS M 286 25.44 33.76 16.76
CA LYS M 286 26.77 34.33 16.55
C LYS M 286 27.81 33.75 17.50
N THR M 287 27.38 33.18 18.63
CA THR M 287 28.27 32.63 19.63
C THR M 287 28.18 31.10 19.67
N ILE M 288 28.06 30.49 18.48
CA ILE M 288 28.02 29.04 18.39
C ILE M 288 29.42 28.44 18.22
N GLN M 289 30.35 29.19 17.65
CA GLN M 289 31.70 28.73 17.38
C GLN M 289 31.73 27.29 16.86
N GLY N 1 -45.62 64.63 26.28
CA GLY N 1 -46.90 63.90 26.58
C GLY N 1 -48.00 64.22 25.59
N MET N 2 -48.70 63.19 25.14
CA MET N 2 -49.75 63.36 24.14
C MET N 2 -50.89 64.24 24.62
N ASP N 3 -51.07 64.36 25.94
CA ASP N 3 -52.14 65.15 26.52
C ASP N 3 -51.60 66.33 27.33
N THR N 4 -50.38 66.78 27.01
CA THR N 4 -49.75 67.92 27.67
C THR N 4 -49.88 69.20 26.86
N SER N 5 -50.92 69.33 26.03
CA SER N 5 -51.06 70.49 25.17
C SER N 5 -51.81 71.65 25.83
N GLY N 6 -52.47 71.40 26.96
CA GLY N 6 -53.09 72.50 27.67
C GLY N 6 -52.03 73.35 28.35
N LYS N 7 -51.04 72.71 28.95
CA LYS N 7 -49.95 73.47 29.53
C LYS N 7 -48.95 73.95 28.49
N GLN N 8 -48.94 73.38 27.27
CA GLN N 8 -48.15 74.02 26.23
C GLN N 8 -48.85 75.29 25.72
N ALA N 9 -50.18 75.32 25.72
CA ALA N 9 -50.87 76.58 25.49
C ALA N 9 -50.56 77.58 26.61
N GLU N 10 -50.62 77.10 27.86
CA GLU N 10 -50.17 77.94 28.97
C GLU N 10 -48.71 78.35 28.82
N ALA N 11 -47.90 77.58 28.09
CA ALA N 11 -46.50 77.91 27.88
C ALA N 11 -46.31 78.94 26.76
N MET N 12 -47.17 78.89 25.75
CA MET N 12 -47.27 80.05 24.85
C MET N 12 -47.61 81.30 25.66
N ALA N 13 -48.51 81.16 26.64
CA ALA N 13 -48.78 82.27 27.55
C ALA N 13 -47.57 82.63 28.40
N LEU N 14 -46.74 81.64 28.77
CA LEU N 14 -45.52 81.94 29.52
C LEU N 14 -44.54 82.76 28.67
N LEU N 15 -44.33 82.35 27.43
CA LEU N 15 -43.57 83.20 26.51
C LEU N 15 -44.26 84.55 26.35
N ALA N 16 -45.58 84.60 26.53
CA ALA N 16 -46.28 85.88 26.44
C ALA N 16 -45.95 86.77 27.63
N GLU N 17 -45.85 86.19 28.83
CA GLU N 17 -45.46 87.02 29.96
C GLU N 17 -43.98 87.35 29.91
N ALA N 18 -43.20 86.60 29.14
CA ALA N 18 -41.88 87.06 28.75
C ALA N 18 -41.99 88.28 27.83
N GLU N 19 -43.02 88.25 27.02
CA GLU N 19 -43.31 89.42 26.21
C GLU N 19 -43.67 90.59 27.11
N ARG N 20 -44.47 90.34 28.14
CA ARG N 20 -44.73 91.39 29.13
C ARG N 20 -43.44 91.88 29.76
N LYS N 21 -42.47 90.97 29.95
CA LYS N 21 -41.18 91.38 30.50
C LYS N 21 -40.45 92.33 29.56
N VAL N 22 -40.37 91.98 28.26
CA VAL N 22 -39.76 92.91 27.31
C VAL N 22 -40.55 94.22 27.24
N LYS N 23 -41.86 94.18 27.52
CA LYS N 23 -42.63 95.41 27.66
C LYS N 23 -42.12 96.21 28.87
N ASN N 24 -41.78 95.53 29.95
CA ASN N 24 -41.13 96.20 31.08
C ASN N 24 -39.83 96.84 30.62
N SER N 25 -39.02 96.09 29.88
CA SER N 25 -37.80 96.67 29.31
C SER N 25 -38.12 97.91 28.49
N GLN N 26 -39.27 97.93 27.82
CA GLN N 26 -39.65 99.08 27.02
C GLN N 26 -39.97 100.28 27.90
N SER N 27 -40.77 100.08 28.96
CA SER N 27 -41.31 101.17 29.74
C SER N 27 -40.99 101.11 31.22
N PHE N 28 -41.04 99.93 31.83
CA PHE N 28 -41.02 99.84 33.29
C PHE N 28 -39.61 99.78 33.87
N PHE N 29 -38.64 99.26 33.12
CA PHE N 29 -37.28 99.15 33.65
C PHE N 29 -36.63 100.50 33.92
N SER N 30 -37.22 101.60 33.44
CA SER N 30 -36.73 102.92 33.84
C SER N 30 -36.63 103.04 35.35
N GLY N 31 -37.64 102.55 36.06
CA GLY N 31 -37.60 102.52 37.52
C GLY N 31 -37.09 101.23 38.09
N LEU N 32 -37.01 100.19 37.26
CA LEU N 32 -36.50 98.88 37.66
C LEU N 32 -35.15 98.58 36.99
N PHE N 33 -34.35 99.62 36.74
CA PHE N 33 -33.09 99.43 36.03
C PHE N 33 -32.21 98.39 36.72
N GLY N 34 -32.31 98.27 38.05
CA GLY N 34 -31.58 97.25 38.77
C GLY N 34 -32.15 95.86 38.62
N GLY N 35 -33.21 95.71 37.84
CA GLY N 35 -33.86 94.43 37.64
C GLY N 35 -33.24 93.62 36.52
N SER N 36 -31.91 93.70 36.36
CA SER N 36 -31.25 92.82 35.40
C SER N 36 -31.53 91.35 35.71
N SER N 37 -31.58 91.00 37.00
CA SER N 37 -31.99 89.65 37.37
C SER N 37 -33.40 89.35 36.89
N LYS N 38 -34.25 90.37 36.81
CA LYS N 38 -35.58 90.16 36.27
C LYS N 38 -35.49 89.71 34.82
N ILE N 39 -34.61 90.35 34.04
CA ILE N 39 -34.42 89.89 32.67
C ILE N 39 -33.93 88.46 32.68
N GLU N 40 -33.05 88.13 33.64
CA GLU N 40 -32.55 86.78 33.70
C GLU N 40 -33.67 85.80 33.97
N GLU N 41 -34.57 86.13 34.90
CA GLU N 41 -35.67 85.20 35.15
C GLU N 41 -36.63 85.19 33.97
N ALA N 42 -36.72 86.32 33.24
CA ALA N 42 -37.49 86.27 32.01
C ALA N 42 -36.90 85.25 31.06
N CYS N 43 -35.57 85.25 30.92
CA CYS N 43 -34.96 84.24 30.08
C CYS N 43 -35.21 82.87 30.66
N GLU N 44 -35.22 82.77 31.99
CA GLU N 44 -35.47 81.47 32.60
C GLU N 44 -36.85 80.98 32.25
N ILE N 45 -37.87 81.86 32.32
CA ILE N 45 -39.20 81.39 31.94
C ILE N 45 -39.20 81.04 30.47
N TYR N 46 -38.52 81.85 29.65
CA TYR N 46 -38.38 81.50 28.24
C TYR N 46 -37.90 80.07 28.13
N ALA N 47 -36.81 79.74 28.83
CA ALA N 47 -36.20 78.44 28.62
C ALA N 47 -37.16 77.34 29.04
N ARG N 48 -37.82 77.49 30.19
CA ARG N 48 -38.66 76.40 30.63
C ARG N 48 -39.91 76.29 29.77
N ALA N 49 -40.41 77.42 29.26
CA ALA N 49 -41.50 77.29 28.31
C ALA N 49 -41.04 76.50 27.11
N ALA N 50 -39.85 76.83 26.59
CA ALA N 50 -39.33 76.07 25.46
C ALA N 50 -39.18 74.61 25.85
N ASN N 51 -38.76 74.35 27.08
CA ASN N 51 -38.53 72.97 27.48
C ASN N 51 -39.82 72.18 27.42
N MET N 52 -40.92 72.74 27.91
CA MET N 52 -42.15 71.97 27.83
C MET N 52 -42.71 71.94 26.43
N PHE N 53 -42.37 72.92 25.60
CA PHE N 53 -42.63 72.77 24.17
C PHE N 53 -41.92 71.54 23.65
N LYS N 54 -40.65 71.39 23.99
CA LYS N 54 -39.93 70.18 23.63
C LYS N 54 -40.67 68.95 24.17
N MET N 55 -41.14 69.02 25.41
CA MET N 55 -41.90 67.90 25.97
C MET N 55 -43.19 67.65 25.20
N ALA N 56 -43.78 68.69 24.63
CA ALA N 56 -45.02 68.55 23.86
C ALA N 56 -44.76 68.15 22.41
N LYS N 57 -43.50 67.96 22.02
CA LYS N 57 -43.13 67.50 20.69
C LYS N 57 -43.38 68.54 19.61
N ASN N 58 -43.46 69.81 19.99
CA ASN N 58 -43.60 70.91 19.03
C ASN N 58 -42.20 71.40 18.71
N TRP N 59 -41.56 70.74 17.74
CA TRP N 59 -40.15 71.00 17.46
C TRP N 59 -39.94 72.43 16.98
N SER N 60 -40.80 72.92 16.09
CA SER N 60 -40.64 74.28 15.57
C SER N 60 -40.78 75.30 16.69
N ALA N 61 -41.81 75.16 17.53
CA ALA N 61 -42.00 76.09 18.64
C ALA N 61 -40.86 76.00 19.64
N ALA N 62 -40.40 74.77 19.94
CA ALA N 62 -39.30 74.62 20.87
C ALA N 62 -38.04 75.30 20.35
N GLY N 63 -37.74 75.13 19.06
CA GLY N 63 -36.57 75.76 18.48
C GLY N 63 -36.69 77.28 18.44
N ASN N 64 -37.89 77.78 18.12
CA ASN N 64 -38.09 79.22 18.12
C ASN N 64 -37.90 79.80 19.51
N ALA N 65 -38.46 79.14 20.53
CA ALA N 65 -38.28 79.61 21.89
C ALA N 65 -36.81 79.54 22.32
N PHE N 66 -36.11 78.47 21.92
CA PHE N 66 -34.69 78.37 22.23
C PHE N 66 -33.91 79.53 21.61
N CYS N 67 -34.18 79.82 20.34
CA CYS N 67 -33.45 80.90 19.67
C CYS N 67 -33.78 82.25 20.29
N GLN N 68 -35.05 82.48 20.65
CA GLN N 68 -35.41 83.72 21.32
C GLN N 68 -34.71 83.86 22.65
N ALA N 69 -34.66 82.78 23.43
CA ALA N 69 -33.97 82.82 24.72
C ALA N 69 -32.48 83.09 24.52
N ALA N 70 -31.87 82.46 23.53
CA ALA N 70 -30.46 82.70 23.24
C ALA N 70 -30.22 84.16 22.89
N GLN N 71 -31.06 84.72 22.02
CA GLN N 71 -30.89 86.10 21.60
C GLN N 71 -31.05 87.05 22.78
N LEU N 72 -32.07 86.83 23.62
CA LEU N 72 -32.28 87.70 24.77
C LEU N 72 -31.14 87.59 25.76
N HIS N 73 -30.63 86.38 25.97
CA HIS N 73 -29.62 86.18 27.02
C HIS N 73 -28.23 86.66 26.59
N LEU N 74 -27.94 86.68 25.29
CA LEU N 74 -26.61 87.05 24.81
C LEU N 74 -26.44 88.57 24.81
N GLN N 75 -26.67 89.17 25.98
CA GLN N 75 -26.49 90.60 26.16
C GLN N 75 -25.04 90.94 26.47
N LEU N 76 -24.13 90.47 25.63
CA LEU N 76 -22.69 90.64 25.80
C LEU N 76 -22.19 90.03 27.11
N GLN N 77 -22.97 89.13 27.71
CA GLN N 77 -22.60 88.47 28.95
C GLN N 77 -23.11 87.04 28.93
N SER N 78 -22.42 86.18 29.66
CA SER N 78 -22.77 84.76 29.75
C SER N 78 -22.86 84.13 28.35
N LYS N 79 -21.78 84.30 27.59
CA LYS N 79 -21.76 83.79 26.21
C LYS N 79 -21.89 82.28 26.19
N HIS N 80 -21.40 81.59 27.22
CA HIS N 80 -21.53 80.13 27.28
C HIS N 80 -22.99 79.71 27.28
N ASP N 81 -23.82 80.42 28.06
CA ASP N 81 -25.24 80.09 28.09
C ASP N 81 -25.89 80.33 26.73
N ALA N 82 -25.50 81.39 26.05
CA ALA N 82 -26.02 81.65 24.71
C ALA N 82 -25.62 80.54 23.76
N ALA N 83 -24.36 80.08 23.83
CA ALA N 83 -23.92 79.00 22.96
C ALA N 83 -24.67 77.71 23.26
N THR N 84 -24.89 77.40 24.53
CA THR N 84 -25.65 76.21 24.88
C THR N 84 -27.08 76.30 24.36
N CYS N 85 -27.71 77.47 24.50
CA CYS N 85 -29.06 77.65 23.99
C CYS N 85 -29.10 77.50 22.47
N PHE N 86 -28.10 78.06 21.78
CA PHE N 86 -28.07 77.94 20.32
C PHE N 86 -27.90 76.50 19.89
N VAL N 87 -27.01 75.74 20.55
CA VAL N 87 -26.84 74.34 20.17
C VAL N 87 -28.08 73.54 20.51
N ASP N 88 -28.77 73.87 21.60
CA ASP N 88 -30.04 73.22 21.91
C ASP N 88 -31.07 73.50 20.82
N ALA N 89 -31.14 74.74 20.36
CA ALA N 89 -32.04 75.08 19.25
C ALA N 89 -31.67 74.29 18.00
N GLY N 90 -30.38 74.17 17.72
CA GLY N 90 -29.95 73.39 16.57
C GLY N 90 -30.34 71.93 16.67
N ASN N 91 -30.17 71.34 17.86
CA ASN N 91 -30.57 69.96 18.07
C ASN N 91 -32.08 69.79 17.90
N ALA N 92 -32.87 70.75 18.41
CA ALA N 92 -34.31 70.69 18.22
C ALA N 92 -34.67 70.79 16.75
N PHE N 93 -33.97 71.65 16.01
CA PHE N 93 -34.20 71.83 14.59
C PHE N 93 -33.65 70.69 13.74
N LYS N 94 -32.81 69.83 14.31
CA LYS N 94 -32.25 68.71 13.55
C LYS N 94 -33.36 67.93 12.86
N LYS N 95 -34.39 67.56 13.61
CA LYS N 95 -35.60 67.01 13.02
C LYS N 95 -36.48 68.15 12.50
N ALA N 96 -37.40 67.80 11.61
CA ALA N 96 -38.27 68.78 10.96
C ALA N 96 -37.45 69.67 10.03
N ASP N 97 -37.18 70.91 10.43
CA ASP N 97 -36.44 71.86 9.59
C ASP N 97 -35.02 72.02 10.12
N PRO N 98 -34.00 71.49 9.46
CA PRO N 98 -32.62 71.61 9.94
C PRO N 98 -31.80 72.76 9.36
N GLN N 99 -32.35 73.56 8.45
CA GLN N 99 -31.55 74.59 7.80
C GLN N 99 -31.07 75.62 8.81
N GLU N 100 -32.00 76.19 9.59
CA GLU N 100 -31.61 77.17 10.61
C GLU N 100 -30.71 76.55 11.66
N ALA N 101 -30.82 75.24 11.87
CA ALA N 101 -29.87 74.54 12.73
C ALA N 101 -28.45 74.76 12.23
N ILE N 102 -28.26 74.80 10.90
CA ILE N 102 -26.94 75.00 10.34
C ILE N 102 -26.37 76.35 10.78
N ASN N 103 -27.17 77.41 10.67
CA ASN N 103 -26.68 78.74 11.00
C ASN N 103 -26.44 78.88 12.50
N CYS N 104 -27.34 78.33 13.32
CA CYS N 104 -27.13 78.43 14.77
C CYS N 104 -25.91 77.63 15.20
N LEU N 105 -25.68 76.47 14.59
CA LEU N 105 -24.47 75.71 14.86
C LEU N 105 -23.23 76.47 14.41
N MET N 106 -23.32 77.17 13.28
CA MET N 106 -22.21 78.01 12.84
C MET N 106 -21.90 79.10 13.87
N ARG N 107 -22.94 79.72 14.41
CA ARG N 107 -22.74 80.75 15.43
C ARG N 107 -22.11 80.17 16.68
N ALA N 108 -22.58 78.99 17.12
CA ALA N 108 -21.96 78.35 18.28
C ALA N 108 -20.51 77.98 17.98
N ILE N 109 -20.23 77.56 16.76
CA ILE N 109 -18.86 77.24 16.35
C ILE N 109 -17.98 78.47 16.48
N GLU N 110 -18.47 79.61 15.97
CA GLU N 110 -17.70 80.84 16.08
C GLU N 110 -17.48 81.23 17.53
N ILE N 111 -18.51 81.09 18.36
CA ILE N 111 -18.38 81.44 19.78
C ILE N 111 -17.32 80.58 20.44
N TYR N 112 -17.35 79.27 20.17
CA TYR N 112 -16.38 78.36 20.79
C TYR N 112 -14.97 78.63 20.28
N THR N 113 -14.83 78.91 18.97
CA THR N 113 -13.51 79.23 18.43
C THR N 113 -12.95 80.50 19.08
N ASP N 114 -13.78 81.52 19.26
CA ASP N 114 -13.34 82.71 19.96
C ASP N 114 -12.95 82.37 21.40
N MET N 115 -13.77 81.57 22.08
CA MET N 115 -13.46 81.15 23.45
C MET N 115 -12.19 80.30 23.50
N GLY N 116 -12.05 79.38 22.56
CA GLY N 116 -10.92 78.48 22.51
C GLY N 116 -11.24 77.01 22.72
N ARG N 117 -12.50 76.60 22.60
CA ARG N 117 -12.90 75.22 22.76
C ARG N 117 -12.97 74.58 21.38
N PHE N 118 -12.20 73.51 21.18
CA PHE N 118 -11.91 72.97 19.86
C PHE N 118 -12.56 71.63 19.60
N THR N 119 -12.55 70.71 20.58
CA THR N 119 -13.15 69.40 20.37
C THR N 119 -14.64 69.53 20.11
N ILE N 120 -15.32 70.37 20.89
CA ILE N 120 -16.75 70.60 20.68
C ILE N 120 -16.97 71.24 19.32
N ALA N 121 -16.11 72.18 18.93
CA ALA N 121 -16.25 72.83 17.64
C ALA N 121 -16.11 71.82 16.50
N ALA N 122 -15.11 70.95 16.58
CA ALA N 122 -14.92 69.95 15.53
C ALA N 122 -16.05 68.92 15.54
N LYS N 123 -16.58 68.59 16.71
CA LYS N 123 -17.72 67.68 16.78
C LYS N 123 -18.95 68.29 16.11
N HIS N 124 -19.20 69.57 16.35
CA HIS N 124 -20.31 70.24 15.67
C HIS N 124 -20.06 70.36 14.18
N HIS N 125 -18.81 70.54 13.77
CA HIS N 125 -18.49 70.53 12.34
C HIS N 125 -18.82 69.18 11.72
N ILE N 126 -18.47 68.09 12.40
CA ILE N 126 -18.83 66.76 11.92
C ILE N 126 -20.34 66.60 11.89
N SER N 127 -21.03 67.16 12.89
CA SER N 127 -22.49 67.08 12.94
C SER N 127 -23.12 67.75 11.73
N ILE N 128 -22.64 68.95 11.38
CA ILE N 128 -23.18 69.64 10.22
C ILE N 128 -22.80 68.91 8.94
N ALA N 129 -21.60 68.34 8.88
CA ALA N 129 -21.23 67.56 7.70
C ALA N 129 -22.16 66.36 7.52
N GLU N 130 -22.46 65.65 8.60
CA GLU N 130 -23.31 64.46 8.48
C GLU N 130 -24.75 64.83 8.20
N ILE N 131 -25.24 65.95 8.75
CA ILE N 131 -26.59 66.37 8.43
C ILE N 131 -26.67 66.82 6.97
N TYR N 132 -25.60 67.42 6.43
CA TYR N 132 -25.54 67.68 5.00
C TYR N 132 -25.62 66.38 4.22
N GLU N 133 -24.86 65.38 4.62
CA GLU N 133 -24.80 64.12 3.89
C GLU N 133 -26.17 63.42 3.89
N THR N 134 -26.81 63.34 5.06
CA THR N 134 -28.00 62.51 5.20
C THR N 134 -29.27 63.22 4.74
N GLU N 135 -29.31 64.55 4.82
CA GLU N 135 -30.50 65.32 4.45
C GLU N 135 -30.35 65.99 3.10
N LEU N 136 -29.30 66.79 2.92
CA LEU N 136 -29.03 67.45 1.66
C LEU N 136 -28.11 66.58 0.80
N VAL N 137 -27.77 67.07 -0.39
CA VAL N 137 -26.93 66.32 -1.33
C VAL N 137 -25.54 66.93 -1.45
N ASP N 138 -25.32 68.15 -0.97
CA ASP N 138 -24.01 68.77 -1.07
C ASP N 138 -22.96 67.92 -0.36
N VAL N 139 -21.85 67.66 -1.04
CA VAL N 139 -20.78 66.84 -0.49
C VAL N 139 -19.52 67.68 -0.35
N GLU N 140 -19.34 68.66 -1.23
CA GLU N 140 -18.15 69.50 -1.17
C GLU N 140 -18.09 70.29 0.12
N LYS N 141 -19.23 70.85 0.55
CA LYS N 141 -19.27 71.52 1.84
C LYS N 141 -18.99 70.54 2.97
N ALA N 142 -19.54 69.33 2.87
CA ALA N 142 -19.22 68.29 3.85
C ALA N 142 -17.72 67.98 3.82
N ILE N 143 -17.12 67.94 2.63
CA ILE N 143 -15.69 67.69 2.52
C ILE N 143 -14.90 68.79 3.24
N ALA N 144 -15.29 70.04 3.03
CA ALA N 144 -14.61 71.14 3.68
C ALA N 144 -14.76 71.07 5.19
N HIS N 145 -15.96 70.76 5.66
CA HIS N 145 -16.19 70.63 7.11
C HIS N 145 -15.34 69.51 7.69
N TYR N 146 -15.26 68.37 7.00
CA TYR N 146 -14.44 67.27 7.48
C TYR N 146 -12.97 67.66 7.52
N GLU N 147 -12.50 68.37 6.48
CA GLU N 147 -11.12 68.83 6.46
C GLU N 147 -10.83 69.74 7.64
N GLN N 148 -11.73 70.70 7.89
CA GLN N 148 -11.53 71.64 8.99
C GLN N 148 -11.54 70.93 10.34
N SER N 149 -12.48 69.99 10.53
CA SER N 149 -12.55 69.26 11.79
C SER N 149 -11.30 68.41 12.00
N ALA N 150 -10.81 67.77 10.93
CA ALA N 150 -9.59 66.98 11.04
C ALA N 150 -8.40 67.87 11.37
N ASP N 151 -8.34 69.07 10.79
CA ASP N 151 -7.28 70.01 11.12
C ASP N 151 -7.33 70.38 12.59
N TYR N 152 -8.53 70.68 13.10
CA TYR N 152 -8.67 71.00 14.52
C TYR N 152 -8.22 69.83 15.40
N TYR N 153 -8.61 68.61 15.03
CA TYR N 153 -8.23 67.45 15.82
C TYR N 153 -6.72 67.25 15.81
N LYS N 154 -6.10 67.34 14.62
CA LYS N 154 -4.66 67.14 14.51
C LYS N 154 -3.88 68.26 15.18
N GLY N 155 -4.47 69.44 15.33
CA GLY N 155 -3.78 70.50 16.05
C GLY N 155 -3.40 70.10 17.46
N GLU N 156 -4.29 69.35 18.13
CA GLU N 156 -4.06 68.89 19.50
C GLU N 156 -3.68 67.42 19.54
N GLU N 157 -3.03 66.92 18.48
CA GLU N 157 -2.51 65.56 18.43
C GLU N 157 -3.60 64.50 18.52
N SER N 158 -4.86 64.86 18.26
CA SER N 158 -5.95 63.90 18.21
C SER N 158 -5.84 63.15 16.88
N ASN N 159 -4.96 62.14 16.87
CA ASN N 159 -4.59 61.50 15.62
C ASN N 159 -5.68 60.59 15.09
N SER N 160 -6.32 59.81 15.97
CA SER N 160 -7.25 58.78 15.49
C SER N 160 -8.50 59.39 14.87
N SER N 161 -9.08 60.40 15.52
CA SER N 161 -10.29 61.03 14.99
C SER N 161 -10.02 61.68 13.65
N ALA N 162 -8.90 62.42 13.54
CA ALA N 162 -8.54 63.04 12.28
C ALA N 162 -8.27 61.98 11.22
N ASN N 163 -7.66 60.86 11.61
CA ASN N 163 -7.39 59.79 10.66
C ASN N 163 -8.68 59.21 10.10
N LYS N 164 -9.67 58.98 10.98
CA LYS N 164 -10.95 58.44 10.49
C LYS N 164 -11.68 59.45 9.62
N CYS N 165 -11.66 60.73 10.01
CA CYS N 165 -12.29 61.75 9.18
C CYS N 165 -11.63 61.83 7.80
N LEU N 166 -10.29 61.74 7.78
CA LEU N 166 -9.58 61.76 6.50
C LEU N 166 -9.85 60.50 5.69
N LEU N 167 -10.03 59.35 6.35
CA LEU N 167 -10.40 58.14 5.62
C LEU N 167 -11.77 58.31 4.95
N LYS N 168 -12.73 58.87 5.68
CA LYS N 168 -14.04 59.15 5.07
C LYS N 168 -13.90 60.13 3.91
N VAL N 169 -13.09 61.17 4.10
CA VAL N 169 -12.88 62.15 3.03
C VAL N 169 -12.26 61.50 1.81
N ALA N 170 -11.29 60.62 2.01
CA ALA N 170 -10.65 59.92 0.90
C ALA N 170 -11.64 59.02 0.18
N GLY N 171 -12.49 58.32 0.94
CA GLY N 171 -13.52 57.51 0.30
C GLY N 171 -14.44 58.36 -0.55
N TYR N 172 -14.88 59.51 -0.02
CA TYR N 172 -15.75 60.39 -0.78
C TYR N 172 -15.05 60.92 -2.03
N ALA N 173 -13.78 61.31 -1.90
CA ALA N 173 -13.04 61.81 -3.05
C ALA N 173 -12.88 60.74 -4.12
N ALA N 174 -12.59 59.51 -3.71
CA ALA N 174 -12.53 58.41 -4.67
C ALA N 174 -13.88 58.23 -5.35
N GLN N 175 -14.97 58.30 -4.58
CA GLN N 175 -16.29 58.35 -5.18
C GLN N 175 -16.44 59.57 -6.08
N LEU N 176 -15.82 60.69 -5.70
CA LEU N 176 -15.80 61.90 -6.50
C LEU N 176 -14.64 61.93 -7.49
N GLU N 177 -13.94 60.81 -7.66
CA GLU N 177 -12.85 60.64 -8.61
C GLU N 177 -11.88 61.83 -8.58
N GLN N 178 -11.29 62.05 -7.41
CA GLN N 178 -10.09 62.87 -7.25
C GLN N 178 -9.06 61.94 -6.61
N TYR N 179 -8.35 61.19 -7.46
CA TYR N 179 -7.59 60.04 -6.99
C TYR N 179 -6.30 60.42 -6.28
N GLN N 180 -5.70 61.56 -6.60
CA GLN N 180 -4.45 61.93 -5.95
C GLN N 180 -4.65 62.12 -4.45
N LYS N 181 -5.68 62.88 -4.07
CA LYS N 181 -5.99 63.06 -2.66
C LYS N 181 -6.32 61.73 -2.00
N ALA N 182 -7.11 60.89 -2.68
CA ALA N 182 -7.50 59.61 -2.11
C ALA N 182 -6.29 58.74 -1.84
N ILE N 183 -5.38 58.63 -2.81
CA ILE N 183 -4.21 57.77 -2.62
C ILE N 183 -3.32 58.34 -1.51
N ASP N 184 -3.13 59.66 -1.51
CA ASP N 184 -2.30 60.27 -0.47
C ASP N 184 -2.86 59.97 0.91
N ILE N 185 -4.18 60.05 1.06
CA ILE N 185 -4.78 59.82 2.37
C ILE N 185 -4.73 58.35 2.74
N TYR N 186 -5.21 57.48 1.84
CA TYR N 186 -5.21 56.05 2.13
C TYR N 186 -3.82 55.54 2.50
N GLU N 187 -2.77 56.13 1.92
CA GLU N 187 -1.45 55.60 2.17
C GLU N 187 -0.78 56.30 3.34
N GLN N 188 -1.16 57.54 3.63
CA GLN N 188 -0.67 58.18 4.83
C GLN N 188 -1.25 57.48 6.06
N VAL N 189 -2.53 57.15 5.99
CA VAL N 189 -3.18 56.46 7.12
C VAL N 189 -2.67 55.03 7.23
N GLY N 190 -2.43 54.35 6.10
CA GLY N 190 -1.90 53.00 6.18
C GLY N 190 -0.51 52.97 6.79
N THR N 191 0.38 53.85 6.31
CA THR N 191 1.73 53.91 6.86
C THR N 191 1.74 54.37 8.31
N SER N 192 0.78 55.21 8.71
CA SER N 192 0.72 55.60 10.11
C SER N 192 0.21 54.46 10.99
N ALA N 193 -0.79 53.72 10.50
CA ALA N 193 -1.33 52.60 11.28
C ALA N 193 -0.30 51.50 11.45
N MET N 194 0.47 51.20 10.38
CA MET N 194 1.47 50.15 10.49
C MET N 194 2.57 50.49 11.49
N ASP N 195 2.71 51.77 11.87
CA ASP N 195 3.81 52.15 12.75
C ASP N 195 3.68 51.49 14.12
N SER N 196 2.45 51.48 14.69
CA SER N 196 2.28 50.96 16.04
C SER N 196 1.71 49.54 16.00
N PRO N 197 2.10 48.67 16.93
CA PRO N 197 1.58 47.29 16.87
C PRO N 197 0.07 47.20 16.93
N LEU N 198 -0.57 48.09 17.69
CA LEU N 198 -1.99 47.92 17.99
C LEU N 198 -2.85 47.96 16.75
N LEU N 199 -2.33 48.49 15.64
CA LEU N 199 -3.10 48.64 14.42
C LEU N 199 -2.39 48.02 13.22
N LYS N 200 -1.30 47.28 13.42
CA LYS N 200 -0.59 46.73 12.27
C LYS N 200 -1.44 45.75 11.48
N TYR N 201 -2.51 45.23 12.07
CA TYR N 201 -3.39 44.32 11.37
C TYR N 201 -4.31 45.02 10.37
N SER N 202 -4.39 46.35 10.39
CA SER N 202 -5.31 47.05 9.51
C SER N 202 -4.65 47.63 8.27
N ALA N 203 -3.31 47.76 8.27
CA ALA N 203 -2.67 48.48 7.18
C ALA N 203 -2.95 47.81 5.85
N LYS N 204 -3.12 46.49 5.86
CA LYS N 204 -3.30 45.78 4.60
C LYS N 204 -4.50 46.33 3.86
N ASP N 205 -5.61 46.55 4.57
CA ASP N 205 -6.80 47.01 3.88
C ASP N 205 -6.54 48.36 3.24
N TYR N 206 -5.93 49.27 3.99
CA TYR N 206 -5.65 50.58 3.42
C TYR N 206 -4.76 50.44 2.21
N PHE N 207 -3.73 49.61 2.32
CA PHE N 207 -2.83 49.46 1.18
C PHE N 207 -3.59 48.97 -0.03
N PHE N 208 -4.48 47.98 0.17
CA PHE N 208 -5.20 47.44 -0.97
C PHE N 208 -6.06 48.52 -1.58
N LYS N 209 -6.74 49.31 -0.75
CA LYS N 209 -7.57 50.36 -1.29
C LYS N 209 -6.72 51.36 -2.04
N ALA N 210 -5.58 51.74 -1.47
CA ALA N 210 -4.72 52.69 -2.15
C ALA N 210 -4.24 52.10 -3.47
N ALA N 211 -3.94 50.80 -3.47
CA ALA N 211 -3.48 50.20 -4.71
C ALA N 211 -4.55 50.30 -5.77
N LEU N 212 -5.81 50.06 -5.40
CA LEU N 212 -6.88 50.17 -6.38
C LEU N 212 -6.91 51.59 -6.95
N CYS N 213 -6.85 52.58 -6.06
CA CYS N 213 -6.89 53.95 -6.55
C CYS N 213 -5.74 54.20 -7.51
N HIS N 214 -4.55 53.70 -7.15
CA HIS N 214 -3.41 53.88 -8.03
C HIS N 214 -3.66 53.15 -9.34
N PHE N 215 -4.10 51.90 -9.26
CA PHE N 215 -4.39 51.12 -10.45
C PHE N 215 -5.47 51.79 -11.28
N CYS N 216 -6.30 52.65 -10.67
CA CYS N 216 -7.31 53.34 -11.45
C CYS N 216 -6.70 54.30 -12.46
N ILE N 217 -5.65 55.04 -12.06
CA ILE N 217 -5.14 56.08 -12.92
C ILE N 217 -4.18 55.52 -13.95
N ASP N 218 -3.07 54.94 -13.49
CA ASP N 218 -1.98 54.52 -14.37
C ASP N 218 -1.75 53.02 -14.19
N MET N 219 -2.12 52.25 -15.21
CA MET N 219 -1.85 50.81 -15.21
C MET N 219 -0.36 50.53 -15.14
N LEU N 220 0.44 51.24 -15.97
CA LEU N 220 1.86 50.94 -16.05
C LEU N 220 2.56 51.17 -14.72
N ASN N 221 2.12 52.16 -13.96
CA ASN N 221 2.69 52.45 -12.66
C ASN N 221 2.11 51.60 -11.54
N ALA N 222 1.00 50.90 -11.79
CA ALA N 222 0.38 50.09 -10.76
C ALA N 222 1.30 48.96 -10.30
N LYS N 223 1.98 48.33 -11.26
CA LYS N 223 2.93 47.27 -10.91
C LYS N 223 4.04 47.81 -10.03
N LEU N 224 4.59 48.97 -10.39
CA LEU N 224 5.65 49.57 -9.59
C LEU N 224 5.14 49.94 -8.20
N ALA N 225 3.93 50.48 -8.11
CA ALA N 225 3.38 50.84 -6.81
C ALA N 225 3.18 49.62 -5.93
N VAL N 226 2.64 48.54 -6.49
CA VAL N 226 2.41 47.34 -5.68
C VAL N 226 3.74 46.72 -5.27
N GLN N 227 4.74 46.76 -6.14
CA GLN N 227 6.08 46.29 -5.76
C GLN N 227 6.64 47.13 -4.63
N LYS N 228 6.47 48.46 -4.70
CA LYS N 228 6.95 49.33 -3.63
C LYS N 228 6.26 49.00 -2.31
N TYR N 229 4.95 48.77 -2.36
CA TYR N 229 4.23 48.40 -1.13
C TYR N 229 4.72 47.06 -0.59
N GLU N 230 4.94 46.08 -1.48
CA GLU N 230 5.39 44.77 -1.04
C GLU N 230 6.76 44.86 -0.37
N GLU N 231 7.70 45.58 -1.00
CA GLU N 231 9.03 45.71 -0.41
C GLU N 231 8.98 46.52 0.88
N LEU N 232 8.10 47.52 0.95
CA LEU N 232 7.97 48.30 2.19
C LEU N 232 7.49 47.43 3.33
N PHE N 233 6.52 46.56 3.07
CA PHE N 233 5.98 45.65 4.08
C PHE N 233 6.18 44.21 3.62
N PRO N 234 7.12 43.46 4.19
CA PRO N 234 7.34 42.08 3.71
C PRO N 234 6.11 41.21 3.80
N ALA N 235 5.25 41.43 4.79
CA ALA N 235 4.06 40.61 5.00
C ALA N 235 2.82 41.19 4.31
N PHE N 236 2.99 41.90 3.20
CA PHE N 236 1.86 42.39 2.42
C PHE N 236 1.47 41.42 1.32
N SER N 237 2.44 40.74 0.71
CA SER N 237 2.14 39.79 -0.35
C SER N 237 1.30 38.62 0.17
N ASP N 238 1.63 38.12 1.36
CA ASP N 238 0.93 36.96 1.89
C ASP N 238 -0.57 37.22 2.01
N SER N 239 -0.97 38.46 2.25
CA SER N 239 -2.38 38.77 2.35
C SER N 239 -3.07 38.52 1.02
N ARG N 240 -4.32 38.03 1.08
CA ARG N 240 -5.05 37.71 -0.14
C ARG N 240 -5.21 38.93 -1.04
N GLU N 241 -5.21 40.13 -0.46
CA GLU N 241 -5.43 41.33 -1.26
C GLU N 241 -4.33 41.50 -2.30
N CYS N 242 -3.07 41.32 -1.89
CA CYS N 242 -1.97 41.48 -2.84
C CYS N 242 -2.00 40.42 -3.92
N LYS N 243 -2.29 39.17 -3.56
CA LYS N 243 -2.38 38.11 -4.56
C LYS N 243 -3.49 38.38 -5.56
N LEU N 244 -4.66 38.82 -5.07
CA LEU N 244 -5.77 39.12 -5.97
C LEU N 244 -5.43 40.29 -6.88
N MET N 245 -4.78 41.31 -6.34
CA MET N 245 -4.37 42.44 -7.16
C MET N 245 -3.39 42.01 -8.24
N LYS N 246 -2.43 41.17 -7.88
CA LYS N 246 -1.48 40.66 -8.87
C LYS N 246 -2.19 39.87 -9.96
N LYS N 247 -3.15 39.03 -9.56
CA LYS N 247 -3.92 38.25 -10.54
C LYS N 247 -4.67 39.18 -11.49
N LEU N 248 -5.34 40.19 -10.94
CA LEU N 248 -6.09 41.13 -11.78
C LEU N 248 -5.18 41.84 -12.76
N LEU N 249 -4.07 42.39 -12.26
CA LEU N 249 -3.20 43.19 -13.13
C LEU N 249 -2.52 42.33 -14.18
N GLU N 250 -2.12 41.11 -13.83
CA GLU N 250 -1.45 40.25 -14.80
C GLU N 250 -2.43 39.70 -15.82
N ALA N 251 -3.68 39.47 -15.42
CA ALA N 251 -4.69 39.03 -16.40
C ALA N 251 -5.12 40.18 -17.30
N HIS N 252 -5.06 41.42 -16.81
CA HIS N 252 -5.45 42.57 -17.61
C HIS N 252 -4.51 42.80 -18.78
N GLU N 253 -3.31 42.23 -18.76
CA GLU N 253 -2.40 42.38 -19.89
C GLU N 253 -3.00 41.85 -21.18
N GLU N 254 -3.81 40.78 -21.09
CA GLU N 254 -4.48 40.20 -22.24
C GLU N 254 -5.98 40.34 -22.06
N GLN N 255 -6.69 40.50 -23.18
CA GLN N 255 -8.12 40.83 -23.17
C GLN N 255 -8.94 39.54 -23.05
N ASN N 256 -8.98 39.01 -21.83
CA ASN N 256 -9.83 37.88 -21.48
C ASN N 256 -10.70 38.29 -20.30
N VAL N 257 -11.99 38.51 -20.56
CA VAL N 257 -12.90 38.92 -19.50
C VAL N 257 -13.12 37.80 -18.49
N ASP N 258 -13.19 36.56 -18.98
CA ASP N 258 -13.50 35.43 -18.11
C ASP N 258 -12.53 35.36 -16.94
N SER N 259 -11.25 35.68 -17.16
CA SER N 259 -10.26 35.54 -16.10
C SER N 259 -10.59 36.41 -14.90
N TYR N 260 -10.77 37.72 -15.12
CA TYR N 260 -11.02 38.59 -13.98
C TYR N 260 -12.45 38.42 -13.45
N THR N 261 -13.41 38.09 -14.33
CA THR N 261 -14.75 37.82 -13.83
C THR N 261 -14.76 36.65 -12.87
N GLU N 262 -14.11 35.55 -13.24
CA GLU N 262 -14.08 34.39 -12.34
C GLU N 262 -13.24 34.67 -11.11
N SER N 263 -12.17 35.47 -11.23
CA SER N 263 -11.40 35.84 -10.05
C SER N 263 -12.26 36.60 -9.04
N VAL N 264 -13.01 37.59 -9.51
CA VAL N 264 -13.82 38.38 -8.59
C VAL N 264 -14.97 37.54 -8.03
N LYS N 265 -15.56 36.67 -8.86
CA LYS N 265 -16.61 35.80 -8.35
C LYS N 265 -16.07 34.86 -7.27
N GLU N 266 -14.89 34.28 -7.50
CA GLU N 266 -14.29 33.40 -6.51
C GLU N 266 -14.01 34.15 -5.21
N TYR N 267 -13.49 35.37 -5.31
CA TYR N 267 -13.24 36.15 -4.10
C TYR N 267 -14.54 36.45 -3.37
N ASP N 268 -15.60 36.81 -4.11
CA ASP N 268 -16.88 37.11 -3.49
C ASP N 268 -17.50 35.88 -2.84
N SER N 269 -17.17 34.69 -3.33
CA SER N 269 -17.72 33.46 -2.74
C SER N 269 -17.28 33.27 -1.31
N ILE N 270 -16.20 33.91 -0.88
CA ILE N 270 -15.72 33.75 0.49
C ILE N 270 -16.30 34.81 1.42
N SER N 271 -16.67 35.98 0.90
CA SER N 271 -17.24 37.04 1.72
C SER N 271 -17.87 38.08 0.82
N ARG N 272 -18.99 38.64 1.26
CA ARG N 272 -19.69 39.65 0.48
C ARG N 272 -18.88 40.93 0.37
N LEU N 273 -19.05 41.65 -0.72
CA LEU N 273 -18.38 42.90 -0.96
C LEU N 273 -19.29 44.07 -0.61
N ASP N 274 -18.74 45.28 -0.65
CA ASP N 274 -19.47 46.50 -0.34
C ASP N 274 -19.71 47.30 -1.62
N GLN N 275 -20.55 48.32 -1.50
CA GLN N 275 -20.93 49.11 -2.67
C GLN N 275 -19.73 49.83 -3.27
N TRP N 276 -18.84 50.35 -2.43
CA TRP N 276 -17.73 51.14 -2.95
C TRP N 276 -16.80 50.31 -3.82
N LEU N 277 -16.36 49.16 -3.31
CA LEU N 277 -15.44 48.32 -4.09
C LEU N 277 -16.11 47.79 -5.35
N THR N 278 -17.36 47.34 -5.23
CA THR N 278 -18.05 46.80 -6.39
C THR N 278 -18.24 47.86 -7.47
N THR N 279 -18.64 49.07 -7.07
CA THR N 279 -18.81 50.15 -8.03
C THR N 279 -17.48 50.54 -8.67
N MET N 280 -16.42 50.62 -7.86
CA MET N 280 -15.11 50.97 -8.39
C MET N 280 -14.65 49.93 -9.41
N LEU N 281 -14.82 48.65 -9.08
CA LEU N 281 -14.42 47.58 -10.00
C LEU N 281 -15.26 47.61 -11.27
N LEU N 282 -16.57 47.82 -11.13
CA LEU N 282 -17.42 47.84 -12.32
C LEU N 282 -17.04 48.99 -13.25
N ARG N 283 -16.77 50.16 -12.67
CA ARG N 283 -16.36 51.29 -13.50
C ARG N 283 -15.00 51.04 -14.17
N ILE N 284 -14.04 50.55 -13.39
CA ILE N 284 -12.66 50.50 -13.87
C ILE N 284 -12.47 49.36 -14.87
N LYS N 285 -12.98 48.17 -14.56
CA LYS N 285 -12.73 47.01 -15.39
C LYS N 285 -13.48 47.07 -16.72
N LYS N 286 -14.39 48.02 -16.90
CA LYS N 286 -15.01 48.21 -18.20
C LYS N 286 -13.97 48.48 -19.28
N THR N 287 -12.83 49.04 -18.90
CA THR N 287 -11.73 49.29 -19.83
C THR N 287 -10.39 49.13 -19.14
N UNK O 1 4.67 -17.25 -7.42
CA UNK O 1 5.35 -17.06 -8.72
C UNK O 1 4.59 -16.02 -9.54
N UNK O 2 3.28 -16.16 -9.69
CA UNK O 2 2.46 -15.24 -10.47
C UNK O 2 2.74 -13.81 -10.01
N UNK O 3 2.82 -12.85 -10.92
CA UNK O 3 3.05 -11.43 -10.59
C UNK O 3 1.79 -10.63 -10.89
N UNK O 4 1.21 -9.96 -9.89
CA UNK O 4 0.02 -9.10 -10.08
C UNK O 4 0.39 -7.66 -9.77
N UNK O 5 0.23 -6.75 -10.74
CA UNK O 5 0.54 -5.31 -10.57
C UNK O 5 -0.77 -4.52 -10.59
N UNK O 6 -1.23 -4.07 -9.43
CA UNK O 6 -2.53 -3.35 -9.31
C UNK O 6 -2.28 -1.96 -8.75
N UNK O 7 -2.39 -1.78 -7.44
CA UNK O 7 -2.26 -0.46 -6.80
C UNK O 7 -3.11 0.54 -7.59
N UNK O 8 -4.41 0.25 -7.77
CA UNK O 8 -5.34 1.19 -8.41
C UNK O 8 -5.83 2.09 -7.27
N UNK O 9 -4.92 2.82 -6.64
CA UNK O 9 -5.23 3.66 -5.46
C UNK O 9 -6.55 4.40 -5.66
N UNK O 10 -7.31 4.61 -4.59
CA UNK O 10 -8.59 5.36 -4.63
C UNK O 10 -8.43 6.60 -3.79
N UNK O 11 -8.28 7.76 -4.42
CA UNK O 11 -8.08 9.03 -3.70
C UNK O 11 -9.35 9.36 -2.93
N UNK O 12 -9.37 9.10 -1.62
CA UNK O 12 -10.52 9.45 -0.74
C UNK O 12 -10.27 10.84 -0.18
N UNK O 13 -9.06 11.37 -0.30
CA UNK O 13 -8.68 12.72 0.19
C UNK O 13 -7.66 13.33 -0.77
#